data_8P4P
#
_entry.id   8P4P
#
_cell.length_a   1.00
_cell.length_b   1.00
_cell.length_c   1.00
_cell.angle_alpha   90.00
_cell.angle_beta   90.00
_cell.angle_gamma   90.00
#
_symmetry.space_group_name_H-M   'P 1'
#
loop_
_entity.id
_entity.type
_entity.pdbx_description
1 polymer 'Chaperonin GroEL'
2 non-polymer "ADENOSINE-5'-TRIPHOSPHATE"
3 non-polymer 'MAGNESIUM ION'
4 non-polymer 'POTASSIUM ION'
5 non-polymer "ADENOSINE-5'-DIPHOSPHATE"
6 water water
#
_entity_poly.entity_id   1
_entity_poly.type   'polypeptide(L)'
_entity_poly.pdbx_seq_one_letter_code
;AAKDVKFGNDARVKMLRGVNVLADAVKVTLGPKGRNVVLDKSFGAPTITKDGVSVAREIELEDKFENMGAQMVKEVASKA
NDAAGDGTTTATVLAQAIITEGLKAVAAGMNPMDLKRGIDKAVTAAVEELKALSVPCSDSKAIAQVGTISANSDETVGKL
IAEAMDKVGKEGVITVEDGTGLQDELDVVEGMQFDRGYLSPYFINKPETGAVELESPFILLADKKISNIREMLPVLEAVA
KAGKPLLIIAEDVEGEALATLVVNTMRGIVKVAAVKAPGFGDRRKAMLQDIATLTGGTVISEEIGMELEKATLEDLGQAK
RVVINKDTTTIIDGVGEEAAIQGRVAQIRQQIEEATSDYDREKLQERVAKLAGGVAVIKVGAATEVEMKEKKARVEDALH
ATRAAVEEGVVAGGGVALIRVASKLADLRGQNEDQNVGIKVALRAMEAPLRQIVLNCGEEPSVVANTVKGGDGNYGYNAA
TEEYGNMIDMGILDPTKVTRSALQYAASVAGLMITTECMVTDLPKNDAADLGAAGGMGGMGGMGGMM
;
_entity_poly.pdbx_strand_id   A,B,C,D,E,F,G,H,I,J,K,L,M,N
#
loop_
_chem_comp.id
_chem_comp.type
_chem_comp.name
_chem_comp.formula
ADP non-polymer ADENOSINE-5'-DIPHOSPHATE 'C10 H15 N5 O10 P2'
ATP non-polymer ADENOSINE-5'-TRIPHOSPHATE 'C10 H16 N5 O13 P3'
K non-polymer 'POTASSIUM ION' 'K 1'
MG non-polymer 'MAGNESIUM ION' 'Mg 2'
#
# COMPACT_ATOMS: atom_id res chain seq x y z
N ALA A 1 19.21 21.73 -15.79
CA ALA A 1 18.03 21.11 -15.20
C ALA A 1 17.89 21.51 -13.74
N ALA A 2 17.21 20.67 -12.97
CA ALA A 2 17.03 20.93 -11.53
C ALA A 2 18.40 20.97 -10.85
N LYS A 3 18.73 22.12 -10.27
CA LYS A 3 20.05 22.36 -9.73
C LYS A 3 20.18 21.89 -8.29
N ASP A 4 21.37 21.39 -7.99
CA ASP A 4 21.81 21.05 -6.64
C ASP A 4 23.09 21.82 -6.39
N VAL A 5 23.02 22.83 -5.53
CA VAL A 5 24.16 23.68 -5.22
C VAL A 5 24.79 23.17 -3.94
N LYS A 6 26.00 22.62 -4.06
CA LYS A 6 26.70 22.04 -2.93
C LYS A 6 27.97 22.84 -2.71
N PHE A 7 28.13 23.37 -1.49
CA PHE A 7 29.15 24.37 -1.21
C PHE A 7 30.33 23.74 -0.49
N GLY A 8 31.53 24.10 -0.96
CA GLY A 8 32.73 23.92 -0.17
C GLY A 8 33.05 22.47 0.15
N ASN A 9 33.04 22.15 1.45
CA ASN A 9 33.62 20.91 1.93
C ASN A 9 32.89 19.69 1.38
N ASP A 10 31.57 19.79 1.18
CA ASP A 10 30.83 18.66 0.64
C ASP A 10 31.23 18.37 -0.80
N ALA A 11 31.36 19.42 -1.62
CA ALA A 11 31.86 19.23 -2.97
C ALA A 11 33.26 18.62 -2.94
N ARG A 12 34.11 19.11 -2.02
CA ARG A 12 35.47 18.58 -1.92
C ARG A 12 35.46 17.10 -1.55
N VAL A 13 34.61 16.71 -0.60
CA VAL A 13 34.60 15.32 -0.15
C VAL A 13 34.05 14.41 -1.24
N LYS A 14 33.08 14.89 -2.01
CA LYS A 14 32.62 14.10 -3.15
C LYS A 14 33.72 13.93 -4.19
N MET A 15 34.45 15.01 -4.49
CA MET A 15 35.53 14.92 -5.46
C MET A 15 36.58 13.93 -4.99
N LEU A 16 36.97 14.03 -3.72
CA LEU A 16 38.01 13.16 -3.18
C LEU A 16 37.54 11.72 -3.11
N ARG A 17 36.27 11.50 -2.79
CA ARG A 17 35.74 10.14 -2.80
C ARG A 17 35.81 9.55 -4.19
N GLY A 18 35.45 10.35 -5.21
CA GLY A 18 35.57 9.87 -6.58
C GLY A 18 36.99 9.51 -6.95
N VAL A 19 37.93 10.40 -6.65
CA VAL A 19 39.32 10.15 -7.03
C VAL A 19 39.87 8.96 -6.26
N ASN A 20 39.44 8.77 -5.00
CA ASN A 20 39.93 7.63 -4.23
C ASN A 20 39.35 6.32 -4.73
N VAL A 21 38.07 6.32 -5.12
CA VAL A 21 37.48 5.11 -5.70
C VAL A 21 38.21 4.73 -6.97
N LEU A 22 38.49 5.74 -7.82
CA LEU A 22 39.25 5.47 -9.03
C LEU A 22 40.64 4.95 -8.72
N ALA A 23 41.29 5.53 -7.71
CA ALA A 23 42.61 5.06 -7.31
C ALA A 23 42.57 3.62 -6.82
N ASP A 24 41.52 3.26 -6.07
CA ASP A 24 41.37 1.88 -5.64
C ASP A 24 41.24 0.96 -6.83
N ALA A 25 40.47 1.39 -7.83
CA ALA A 25 40.32 0.57 -9.04
C ALA A 25 41.65 0.42 -9.78
N VAL A 26 42.44 1.48 -9.82
CA VAL A 26 43.55 1.56 -10.78
C VAL A 26 44.87 1.08 -10.17
N LYS A 27 45.17 1.47 -8.93
CA LYS A 27 46.52 1.34 -8.39
C LYS A 27 47.03 -0.11 -8.40
N VAL A 28 46.14 -1.09 -8.45
CA VAL A 28 46.54 -2.49 -8.46
C VAL A 28 47.29 -2.80 -9.75
N THR A 29 47.40 -1.81 -10.64
CA THR A 29 48.01 -1.97 -11.96
C THR A 29 49.32 -1.21 -12.08
N LEU A 30 50.10 -1.12 -11.01
CA LEU A 30 51.30 -0.30 -10.98
C LEU A 30 52.51 -1.13 -10.58
N GLY A 31 53.60 -0.97 -11.33
CA GLY A 31 54.86 -1.59 -10.99
C GLY A 31 54.97 -3.00 -11.53
N PRO A 32 56.12 -3.65 -11.27
CA PRO A 32 56.28 -5.04 -11.72
C PRO A 32 55.26 -5.97 -11.10
N LYS A 33 54.82 -5.68 -9.88
CA LYS A 33 53.77 -6.45 -9.23
C LYS A 33 52.41 -5.81 -9.40
N GLY A 34 52.29 -4.79 -10.24
CA GLY A 34 50.98 -4.35 -10.65
C GLY A 34 50.23 -5.46 -11.37
N ARG A 35 48.93 -5.53 -11.11
CA ARG A 35 48.13 -6.67 -11.51
C ARG A 35 47.03 -6.21 -12.45
N ASN A 36 46.16 -7.13 -12.83
CA ASN A 36 45.29 -6.92 -13.98
C ASN A 36 43.96 -6.26 -13.61
N VAL A 37 43.41 -5.51 -14.56
CA VAL A 37 42.04 -5.02 -14.49
C VAL A 37 41.38 -5.26 -15.84
N VAL A 38 40.19 -5.85 -15.85
CA VAL A 38 39.53 -6.28 -17.07
C VAL A 38 38.30 -5.41 -17.28
N LEU A 39 38.24 -4.75 -18.43
CA LEU A 39 37.18 -3.81 -18.75
C LEU A 39 36.11 -4.53 -19.58
N ASP A 40 34.86 -4.47 -19.12
CA ASP A 40 33.76 -5.11 -19.82
C ASP A 40 33.24 -4.20 -20.92
N LYS A 41 32.84 -4.81 -22.04
CA LYS A 41 32.21 -4.10 -23.14
C LYS A 41 30.86 -4.74 -23.44
N SER A 42 29.86 -3.89 -23.73
CA SER A 42 28.51 -4.37 -23.93
C SER A 42 28.39 -5.33 -25.10
N PHE A 43 29.23 -5.16 -26.12
CA PHE A 43 29.24 -6.03 -27.29
C PHE A 43 30.58 -6.76 -27.32
N GLY A 44 30.61 -7.93 -26.67
CA GLY A 44 31.79 -8.75 -26.59
C GLY A 44 32.21 -8.98 -25.15
N ALA A 45 33.27 -9.75 -25.01
CA ALA A 45 33.77 -10.12 -23.69
C ALA A 45 34.64 -9.01 -23.12
N PRO A 46 34.73 -8.93 -21.79
CA PRO A 46 35.72 -8.03 -21.16
C PRO A 46 37.14 -8.37 -21.58
N THR A 47 37.94 -7.32 -21.72
CA THR A 47 39.33 -7.44 -22.16
C THR A 47 40.25 -6.97 -21.05
N ILE A 48 41.36 -7.67 -20.87
CA ILE A 48 42.29 -7.44 -19.76
C ILE A 48 43.22 -6.29 -20.13
N THR A 49 43.59 -5.48 -19.14
CA THR A 49 44.49 -4.36 -19.37
C THR A 49 45.14 -3.95 -18.04
N LYS A 50 46.22 -3.17 -18.17
CA LYS A 50 46.96 -2.62 -17.04
C LYS A 50 47.21 -1.13 -17.13
N ASP A 51 47.29 -0.55 -18.32
CA ASP A 51 47.60 0.86 -18.47
C ASP A 51 46.49 1.72 -17.87
N GLY A 52 46.89 2.92 -17.40
CA GLY A 52 45.95 3.78 -16.71
C GLY A 52 44.85 4.32 -17.63
N VAL A 53 45.22 4.73 -18.84
CA VAL A 53 44.27 5.44 -19.70
C VAL A 53 43.12 4.53 -20.11
N SER A 54 43.41 3.26 -20.36
CA SER A 54 42.38 2.33 -20.81
C SER A 54 41.22 2.26 -19.83
N VAL A 55 41.54 2.12 -18.54
CA VAL A 55 40.50 2.15 -17.52
C VAL A 55 39.95 3.56 -17.36
N ALA A 56 40.82 4.56 -17.43
CA ALA A 56 40.44 5.93 -17.09
C ALA A 56 39.35 6.46 -18.01
N ARG A 57 39.46 6.16 -19.31
CA ARG A 57 38.46 6.65 -20.25
C ARG A 57 37.09 6.04 -20.02
N GLU A 58 37.01 4.90 -19.32
CA GLU A 58 35.76 4.18 -19.14
C GLU A 58 35.13 4.41 -17.77
N ILE A 59 35.62 5.38 -17.02
CA ILE A 59 35.18 5.58 -15.65
C ILE A 59 33.83 6.29 -15.63
N GLU A 60 32.88 5.75 -14.87
CA GLU A 60 31.59 6.38 -14.64
C GLU A 60 31.13 6.06 -13.23
N LEU A 61 30.46 7.02 -12.60
CA LEU A 61 29.94 6.87 -11.26
C LEU A 61 28.47 7.29 -11.23
N GLU A 62 27.78 6.95 -10.14
CA GLU A 62 26.35 7.24 -10.05
C GLU A 62 26.09 8.65 -9.55
N ASP A 63 26.77 9.06 -8.48
CA ASP A 63 26.63 10.43 -7.99
C ASP A 63 27.17 11.39 -9.02
N LYS A 64 26.40 12.45 -9.26
CA LYS A 64 26.77 13.42 -10.28
C LYS A 64 28.06 14.15 -9.91
N PHE A 65 28.22 14.48 -8.63
CA PHE A 65 29.50 14.99 -8.17
C PHE A 65 30.62 13.99 -8.42
N GLU A 66 30.39 12.73 -8.06
CA GLU A 66 31.36 11.69 -8.38
C GLU A 66 31.56 11.60 -9.89
N ASN A 67 30.50 11.85 -10.66
CA ASN A 67 30.60 11.82 -12.11
C ASN A 67 31.59 12.88 -12.62
N MET A 68 31.43 14.13 -12.20
CA MET A 68 32.36 15.15 -12.68
C MET A 68 33.75 14.93 -12.10
N GLY A 69 33.84 14.38 -10.89
CA GLY A 69 35.16 14.02 -10.36
C GLY A 69 35.88 13.05 -11.28
N ALA A 70 35.16 12.01 -11.72
CA ALA A 70 35.72 11.09 -12.70
C ALA A 70 36.06 11.81 -14.01
N GLN A 71 35.21 12.76 -14.41
CA GLN A 71 35.45 13.45 -15.68
C GLN A 71 36.74 14.26 -15.66
N MET A 72 36.96 15.04 -14.60
CA MET A 72 38.20 15.82 -14.53
C MET A 72 39.41 14.98 -14.17
N VAL A 73 39.23 13.82 -13.55
CA VAL A 73 40.41 12.98 -13.33
C VAL A 73 40.75 12.18 -14.59
N LYS A 74 39.80 12.01 -15.51
CA LYS A 74 40.09 11.32 -16.75
C LYS A 74 40.97 12.14 -17.68
N GLU A 75 40.80 13.46 -17.70
CA GLU A 75 41.55 14.29 -18.63
C GLU A 75 43.03 14.38 -18.27
N VAL A 76 43.40 14.18 -17.00
CA VAL A 76 44.81 14.15 -16.64
C VAL A 76 45.49 12.96 -17.32
N ALA A 77 44.86 11.79 -17.22
CA ALA A 77 45.38 10.60 -17.91
C ALA A 77 45.33 10.80 -19.42
N SER A 78 44.31 11.50 -19.91
CA SER A 78 44.23 11.80 -21.33
C SER A 78 45.43 12.61 -21.80
N LYS A 79 45.79 13.64 -21.03
CA LYS A 79 46.97 14.44 -21.36
C LYS A 79 48.24 13.62 -21.24
N ALA A 80 48.35 12.80 -20.20
CA ALA A 80 49.54 11.97 -20.01
C ALA A 80 49.73 11.02 -21.19
N ASN A 81 48.64 10.41 -21.66
CA ASN A 81 48.72 9.58 -22.86
C ASN A 81 49.05 10.40 -24.09
N ASP A 82 48.47 11.60 -24.20
CA ASP A 82 48.74 12.45 -25.36
C ASP A 82 50.21 12.86 -25.41
N ALA A 83 50.89 12.87 -24.26
CA ALA A 83 52.31 13.18 -24.25
C ALA A 83 53.12 12.05 -24.88
N ALA A 84 53.08 10.87 -24.27
CA ALA A 84 53.82 9.72 -24.79
C ALA A 84 53.00 8.45 -24.86
N GLY A 85 52.13 8.19 -23.87
CA GLY A 85 51.37 6.97 -23.82
C GLY A 85 51.76 6.00 -22.73
N ASP A 86 52.67 6.36 -21.84
CA ASP A 86 53.05 5.52 -20.71
C ASP A 86 53.17 6.41 -19.48
N GLY A 87 53.52 5.80 -18.35
CA GLY A 87 53.59 6.54 -17.11
C GLY A 87 52.27 7.10 -16.64
N THR A 88 51.16 6.63 -17.21
CA THR A 88 49.85 7.15 -16.81
C THR A 88 49.52 6.75 -15.38
N THR A 89 49.83 5.52 -14.99
CA THR A 89 49.57 5.08 -13.62
C THR A 89 50.38 5.90 -12.62
N THR A 90 51.64 6.21 -12.97
CA THR A 90 52.45 7.08 -12.13
C THR A 90 51.83 8.47 -12.06
N ALA A 91 51.31 8.97 -13.17
CA ALA A 91 50.64 10.27 -13.17
C ALA A 91 49.44 10.26 -12.25
N THR A 92 48.66 9.17 -12.26
CA THR A 92 47.51 9.06 -11.37
C THR A 92 47.92 9.00 -9.91
N VAL A 93 48.99 8.26 -9.60
CA VAL A 93 49.48 8.19 -8.23
C VAL A 93 49.91 9.57 -7.74
N LEU A 94 50.67 10.29 -8.56
CA LEU A 94 51.09 11.62 -8.14
C LEU A 94 49.91 12.57 -8.05
N ALA A 95 48.94 12.43 -8.96
CA ALA A 95 47.77 13.30 -8.92
C ALA A 95 46.98 13.11 -7.64
N GLN A 96 46.72 11.84 -7.26
CA GLN A 96 45.99 11.60 -6.02
C GLN A 96 46.79 12.09 -4.82
N ALA A 97 48.11 11.84 -4.79
CA ALA A 97 48.91 12.31 -3.67
C ALA A 97 48.83 13.83 -3.54
N ILE A 98 49.04 14.54 -4.65
CA ILE A 98 49.08 16.00 -4.62
C ILE A 98 47.72 16.58 -4.28
N ILE A 99 46.65 16.05 -4.89
CA ILE A 99 45.33 16.58 -4.61
C ILE A 99 44.95 16.32 -3.17
N THR A 100 45.32 15.16 -2.63
CA THR A 100 45.03 14.88 -1.23
C THR A 100 45.78 15.83 -0.31
N GLU A 101 47.08 16.06 -0.59
CA GLU A 101 47.84 17.02 0.19
C GLU A 101 47.21 18.40 0.14
N GLY A 102 46.85 18.84 -1.06
CA GLY A 102 46.31 20.18 -1.22
C GLY A 102 44.94 20.36 -0.59
N LEU A 103 44.11 19.31 -0.63
CA LEU A 103 42.80 19.43 0.00
C LEU A 103 42.93 19.40 1.53
N LYS A 104 43.88 18.62 2.05
CA LYS A 104 44.17 18.76 3.48
C LYS A 104 44.66 20.16 3.80
N ALA A 105 45.44 20.77 2.89
CA ALA A 105 45.91 22.13 3.11
C ALA A 105 44.75 23.12 3.16
N VAL A 106 43.84 23.05 2.18
CA VAL A 106 42.70 23.96 2.15
C VAL A 106 41.67 23.62 3.21
N ALA A 107 41.74 22.43 3.82
CA ALA A 107 40.91 22.15 4.98
C ALA A 107 41.24 23.05 6.15
N ALA A 108 42.42 23.68 6.14
CA ALA A 108 42.79 24.68 7.13
C ALA A 108 42.36 26.09 6.73
N GLY A 109 41.77 26.24 5.54
CA GLY A 109 41.31 27.54 5.10
C GLY A 109 42.42 28.54 4.84
N MET A 110 43.53 28.06 4.28
CA MET A 110 44.69 28.90 4.03
C MET A 110 44.76 29.26 2.55
N ASN A 111 45.51 30.32 2.25
CA ASN A 111 45.49 30.97 0.94
C ASN A 111 45.83 29.96 -0.15
N PRO A 112 44.86 29.55 -0.97
CA PRO A 112 45.11 28.48 -1.94
C PRO A 112 45.92 28.92 -3.14
N MET A 113 45.70 30.15 -3.60
CA MET A 113 46.38 30.62 -4.80
C MET A 113 47.87 30.88 -4.56
N ASP A 114 48.26 31.27 -3.34
CA ASP A 114 49.68 31.33 -3.03
C ASP A 114 50.30 29.95 -3.06
N LEU A 115 49.59 28.95 -2.52
CA LEU A 115 50.04 27.57 -2.64
C LEU A 115 50.21 27.18 -4.10
N LYS A 116 49.25 27.55 -4.94
CA LYS A 116 49.33 27.19 -6.35
C LYS A 116 50.50 27.89 -7.02
N ARG A 117 50.76 29.14 -6.67
CA ARG A 117 51.91 29.85 -7.22
C ARG A 117 53.21 29.15 -6.83
N GLY A 118 53.38 28.84 -5.54
CA GLY A 118 54.57 28.13 -5.11
C GLY A 118 54.71 26.79 -5.78
N ILE A 119 53.59 26.10 -6.00
CA ILE A 119 53.61 24.80 -6.67
C ILE A 119 54.06 24.95 -8.12
N ASP A 120 53.56 25.99 -8.80
CA ASP A 120 53.94 26.20 -10.20
C ASP A 120 55.43 26.53 -10.31
N LYS A 121 55.94 27.37 -9.42
CA LYS A 121 57.38 27.64 -9.42
C LYS A 121 58.18 26.39 -9.12
N ALA A 122 57.70 25.57 -8.18
CA ALA A 122 58.36 24.30 -7.90
C ALA A 122 58.37 23.40 -9.12
N VAL A 123 57.27 23.38 -9.87
CA VAL A 123 57.19 22.55 -11.08
C VAL A 123 58.18 23.03 -12.13
N THR A 124 58.26 24.35 -12.31
CA THR A 124 59.22 24.89 -13.27
C THR A 124 60.65 24.52 -12.87
N ALA A 125 61.01 24.73 -11.61
CA ALA A 125 62.34 24.40 -11.14
C ALA A 125 62.60 22.91 -11.24
N ALA A 126 61.56 22.09 -11.03
CA ALA A 126 61.71 20.65 -11.14
C ALA A 126 61.98 20.23 -12.58
N VAL A 127 61.32 20.88 -13.53
CA VAL A 127 61.61 20.62 -14.94
C VAL A 127 63.05 21.00 -15.25
N GLU A 128 63.51 22.15 -14.72
CA GLU A 128 64.89 22.55 -14.92
C GLU A 128 65.86 21.51 -14.37
N GLU A 129 65.61 21.05 -13.15
CA GLU A 129 66.50 20.07 -12.53
C GLU A 129 66.46 18.73 -13.26
N LEU A 130 65.28 18.32 -13.73
CA LEU A 130 65.17 17.07 -14.48
C LEU A 130 65.96 17.16 -15.77
N LYS A 131 65.92 18.32 -16.44
CA LYS A 131 66.79 18.52 -17.59
C LYS A 131 68.26 18.42 -17.20
N ALA A 132 68.62 19.04 -16.06
CA ALA A 132 69.99 18.96 -15.58
C ALA A 132 70.41 17.54 -15.23
N LEU A 133 69.44 16.66 -14.95
CA LEU A 133 69.71 15.30 -14.52
C LEU A 133 69.42 14.25 -15.58
N SER A 134 68.63 14.59 -16.60
CA SER A 134 68.33 13.62 -17.63
C SER A 134 69.59 13.19 -18.36
N VAL A 135 69.71 11.89 -18.60
CA VAL A 135 70.88 11.34 -19.27
C VAL A 135 70.43 10.52 -20.46
N PRO A 136 71.19 10.50 -21.56
CA PRO A 136 70.76 9.80 -22.76
C PRO A 136 70.81 8.28 -22.59
N CYS A 137 70.01 7.61 -23.42
CA CYS A 137 70.04 6.15 -23.55
C CYS A 137 70.29 5.83 -25.01
N SER A 138 71.51 5.41 -25.32
CA SER A 138 71.96 5.27 -26.70
C SER A 138 72.30 3.84 -27.09
N ASP A 139 72.91 3.07 -26.19
CA ASP A 139 73.28 1.70 -26.52
C ASP A 139 72.05 0.90 -26.92
N SER A 140 72.16 0.23 -28.07
CA SER A 140 71.05 -0.58 -28.56
C SER A 140 70.68 -1.70 -27.59
N LYS A 141 71.62 -2.14 -26.76
CA LYS A 141 71.33 -3.19 -25.80
C LYS A 141 70.40 -2.68 -24.70
N ALA A 142 70.67 -1.49 -24.15
CA ALA A 142 69.76 -0.94 -23.15
C ALA A 142 68.43 -0.55 -23.76
N ILE A 143 68.42 -0.12 -25.03
CA ILE A 143 67.17 0.21 -25.70
C ILE A 143 66.34 -1.05 -25.94
N ALA A 144 67.01 -2.16 -26.27
CA ALA A 144 66.32 -3.43 -26.38
C ALA A 144 65.79 -3.88 -25.03
N GLN A 145 66.56 -3.66 -23.97
CA GLN A 145 66.08 -3.93 -22.62
C GLN A 145 64.83 -3.11 -22.31
N VAL A 146 64.82 -1.85 -22.74
CA VAL A 146 63.66 -0.99 -22.53
C VAL A 146 62.46 -1.51 -23.29
N GLY A 147 62.63 -1.86 -24.56
CA GLY A 147 61.54 -2.43 -25.33
C GLY A 147 61.04 -3.73 -24.72
N THR A 148 61.94 -4.49 -24.10
CA THR A 148 61.54 -5.71 -23.40
C THR A 148 60.69 -5.38 -22.17
N ILE A 149 61.18 -4.45 -21.34
CA ILE A 149 60.55 -4.20 -20.04
C ILE A 149 59.20 -3.51 -20.22
N SER A 150 59.15 -2.51 -21.11
CA SER A 150 57.88 -1.82 -21.34
C SER A 150 56.83 -2.75 -21.95
N ALA A 151 57.26 -3.81 -22.63
CA ALA A 151 56.37 -4.90 -23.02
C ALA A 151 56.17 -5.91 -21.91
N ASN A 152 56.42 -5.51 -20.66
CA ASN A 152 56.34 -6.37 -19.49
C ASN A 152 57.26 -7.58 -19.65
N SER A 153 58.56 -7.28 -19.80
CA SER A 153 59.62 -8.29 -19.88
C SER A 153 59.38 -9.28 -21.01
N ASP A 154 59.42 -8.77 -22.24
CA ASP A 154 59.36 -9.58 -23.45
C ASP A 154 60.63 -9.34 -24.25
N GLU A 155 61.61 -10.26 -24.10
CA GLU A 155 62.91 -10.07 -24.73
C GLU A 155 62.81 -10.10 -26.25
N THR A 156 61.91 -10.93 -26.79
CA THR A 156 61.72 -10.94 -28.23
C THR A 156 61.25 -9.58 -28.73
N VAL A 157 60.39 -8.90 -27.95
CA VAL A 157 59.90 -7.58 -28.35
C VAL A 157 61.06 -6.58 -28.43
N GLY A 158 61.87 -6.51 -27.38
CA GLY A 158 63.00 -5.60 -27.41
C GLY A 158 64.00 -5.93 -28.51
N LYS A 159 64.26 -7.23 -28.70
CA LYS A 159 65.16 -7.66 -29.75
C LYS A 159 64.68 -7.21 -31.12
N LEU A 160 63.42 -7.49 -31.45
CA LEU A 160 62.90 -7.13 -32.77
C LEU A 160 62.79 -5.63 -32.93
N ILE A 161 62.48 -4.89 -31.85
CA ILE A 161 62.41 -3.44 -31.94
C ILE A 161 63.79 -2.86 -32.23
N ALA A 162 64.82 -3.38 -31.56
CA ALA A 162 66.17 -2.95 -31.84
C ALA A 162 66.59 -3.29 -33.26
N GLU A 163 66.22 -4.49 -33.74
CA GLU A 163 66.52 -4.86 -35.12
C GLU A 163 65.85 -3.90 -36.09
N ALA A 164 64.58 -3.58 -35.84
CA ALA A 164 63.85 -2.69 -36.73
C ALA A 164 64.48 -1.30 -36.76
N MET A 165 64.83 -0.75 -35.60
CA MET A 165 65.45 0.57 -35.60
C MET A 165 66.81 0.54 -36.29
N ASP A 166 67.57 -0.54 -36.09
CA ASP A 166 68.87 -0.64 -36.73
C ASP A 166 68.74 -0.68 -38.24
N LYS A 167 67.85 -1.52 -38.76
CA LYS A 167 67.69 -1.61 -40.20
C LYS A 167 66.99 -0.39 -40.78
N VAL A 168 66.30 0.38 -39.93
CA VAL A 168 65.61 1.58 -40.37
C VAL A 168 66.45 2.83 -40.16
N GLY A 169 66.98 3.00 -38.96
CA GLY A 169 67.73 4.20 -38.62
C GLY A 169 66.86 5.24 -37.93
N LYS A 170 67.46 6.41 -37.74
CA LYS A 170 66.79 7.48 -37.01
C LYS A 170 65.59 8.03 -37.78
N GLU A 171 65.78 8.35 -39.05
CA GLU A 171 64.82 9.15 -39.79
C GLU A 171 63.73 8.33 -40.47
N GLY A 172 63.72 7.01 -40.28
CA GLY A 172 62.71 6.18 -40.88
C GLY A 172 61.46 6.06 -40.04
N VAL A 173 60.53 5.23 -40.53
CA VAL A 173 59.24 5.01 -39.88
C VAL A 173 59.06 3.53 -39.62
N ILE A 174 58.73 3.18 -38.39
CA ILE A 174 58.50 1.79 -37.99
C ILE A 174 57.05 1.64 -37.56
N THR A 175 56.35 0.68 -38.17
CA THR A 175 54.94 0.45 -37.90
C THR A 175 54.69 -1.02 -37.61
N VAL A 176 53.68 -1.27 -36.78
CA VAL A 176 53.29 -2.62 -36.37
C VAL A 176 51.83 -2.83 -36.75
N GLU A 177 51.56 -3.96 -37.41
CA GLU A 177 50.22 -4.29 -37.87
C GLU A 177 49.92 -5.74 -37.56
N ASP A 178 48.72 -6.17 -37.92
CA ASP A 178 48.29 -7.54 -37.69
C ASP A 178 49.01 -8.52 -38.59
N GLY A 179 49.13 -9.75 -38.13
CA GLY A 179 49.65 -10.83 -38.95
C GLY A 179 48.79 -12.07 -38.85
N THR A 180 49.10 -13.09 -39.64
CA THR A 180 48.36 -14.34 -39.62
C THR A 180 49.14 -15.51 -39.04
N GLY A 181 50.47 -15.45 -39.07
CA GLY A 181 51.28 -16.50 -38.52
C GLY A 181 51.27 -16.49 -37.00
N LEU A 182 51.93 -17.49 -36.43
CA LEU A 182 51.99 -17.65 -34.98
C LEU A 182 53.14 -16.89 -34.35
N GLN A 183 54.06 -16.33 -35.14
CA GLN A 183 55.16 -15.52 -34.66
C GLN A 183 55.22 -14.21 -35.41
N ASP A 184 55.87 -13.23 -34.79
CA ASP A 184 56.01 -11.91 -35.39
C ASP A 184 57.02 -11.94 -36.52
N GLU A 185 56.79 -11.10 -37.54
CA GLU A 185 57.69 -11.03 -38.68
C GLU A 185 57.99 -9.58 -39.02
N LEU A 186 59.14 -9.36 -39.65
CA LEU A 186 59.64 -8.03 -39.97
C LEU A 186 59.96 -7.93 -41.45
N ASP A 187 59.63 -6.78 -42.04
CA ASP A 187 60.03 -6.42 -43.39
C ASP A 187 60.52 -4.99 -43.38
N VAL A 188 61.81 -4.78 -43.63
CA VAL A 188 62.43 -3.46 -43.57
C VAL A 188 62.92 -3.09 -44.96
N VAL A 189 62.57 -1.88 -45.40
CA VAL A 189 62.93 -1.38 -46.72
C VAL A 189 63.34 0.09 -46.58
N GLU A 190 64.06 0.59 -47.58
CA GLU A 190 64.39 2.01 -47.67
C GLU A 190 63.16 2.72 -48.24
N GLY A 191 62.39 3.37 -47.37
CA GLY A 191 61.09 3.89 -47.71
C GLY A 191 61.05 5.39 -47.85
N MET A 192 59.83 5.94 -47.85
CA MET A 192 59.60 7.35 -48.12
C MET A 192 58.55 7.86 -47.15
N GLN A 193 58.52 9.18 -46.97
CA GLN A 193 57.49 9.81 -46.14
C GLN A 193 57.38 11.28 -46.51
N PHE A 194 56.14 11.77 -46.55
CA PHE A 194 55.91 13.20 -46.71
C PHE A 194 54.67 13.61 -45.92
N ASP A 195 54.67 14.86 -45.47
CA ASP A 195 53.64 15.35 -44.54
C ASP A 195 52.42 15.84 -45.31
N ARG A 196 51.55 14.88 -45.64
CA ARG A 196 50.24 15.17 -46.19
C ARG A 196 49.20 14.28 -45.54
N GLY A 197 48.01 14.82 -45.35
CA GLY A 197 46.90 14.07 -44.81
C GLY A 197 45.98 13.58 -45.90
N TYR A 198 45.21 12.54 -45.57
CA TYR A 198 44.22 12.04 -46.51
C TYR A 198 43.15 13.11 -46.74
N LEU A 199 42.72 13.24 -48.00
CA LEU A 199 41.76 14.26 -48.37
C LEU A 199 40.32 13.87 -48.05
N SER A 200 40.09 12.64 -47.58
CA SER A 200 38.75 12.20 -47.25
C SER A 200 38.79 11.20 -46.10
N PRO A 201 38.04 11.42 -45.02
CA PRO A 201 37.98 10.42 -43.95
C PRO A 201 37.38 9.10 -44.38
N TYR A 202 36.54 9.10 -45.42
CA TYR A 202 35.92 7.87 -45.88
C TYR A 202 36.91 6.94 -46.59
N PHE A 203 38.08 7.45 -46.99
CA PHE A 203 39.13 6.58 -47.51
C PHE A 203 39.75 5.71 -46.43
N ILE A 204 39.48 5.99 -45.16
CA ILE A 204 40.06 5.22 -44.06
C ILE A 204 39.51 3.81 -44.10
N ASN A 205 40.34 2.85 -44.47
CA ASN A 205 39.95 1.45 -44.53
C ASN A 205 40.02 0.76 -43.18
N LYS A 206 40.56 1.42 -42.16
CA LYS A 206 40.66 0.87 -40.81
C LYS A 206 40.04 1.89 -39.86
N PRO A 207 38.72 1.89 -39.72
CA PRO A 207 38.04 2.94 -38.94
C PRO A 207 38.51 3.05 -37.50
N GLU A 208 38.92 1.95 -36.86
CA GLU A 208 39.30 2.00 -35.46
C GLU A 208 40.51 2.90 -35.24
N THR A 209 41.28 3.18 -36.29
CA THR A 209 42.48 3.98 -36.19
C THR A 209 42.40 5.30 -36.94
N GLY A 210 41.44 5.46 -37.86
CA GLY A 210 41.36 6.68 -38.64
C GLY A 210 42.51 6.88 -39.59
N ALA A 211 43.02 5.80 -40.19
CA ALA A 211 44.13 5.87 -41.12
C ALA A 211 43.89 4.90 -42.26
N VAL A 212 44.62 5.10 -43.35
CA VAL A 212 44.45 4.34 -44.58
C VAL A 212 45.67 3.45 -44.78
N GLU A 213 45.43 2.15 -44.97
CA GLU A 213 46.47 1.18 -45.28
C GLU A 213 46.20 0.57 -46.64
N LEU A 214 47.25 0.46 -47.46
CA LEU A 214 47.13 -0.19 -48.76
C LEU A 214 48.31 -1.12 -48.98
N GLU A 215 48.03 -2.26 -49.63
CA GLU A 215 49.02 -3.30 -49.87
C GLU A 215 49.19 -3.49 -51.37
N SER A 216 50.44 -3.41 -51.84
CA SER A 216 50.80 -3.55 -53.24
C SER A 216 49.94 -2.69 -54.15
N PRO A 217 49.95 -1.35 -54.00
CA PRO A 217 49.10 -0.52 -54.85
C PRO A 217 49.79 -0.06 -56.13
N PHE A 218 49.09 0.77 -56.91
CA PHE A 218 49.68 1.51 -58.00
C PHE A 218 49.83 2.98 -57.60
N ILE A 219 50.77 3.65 -58.26
CA ILE A 219 51.10 5.04 -57.96
C ILE A 219 50.81 5.90 -59.18
N LEU A 220 49.99 6.93 -58.98
CA LEU A 220 49.65 7.89 -60.04
C LEU A 220 50.02 9.28 -59.51
N LEU A 221 51.21 9.75 -59.86
CA LEU A 221 51.72 11.04 -59.38
C LEU A 221 51.22 12.13 -60.31
N ALA A 222 50.11 12.76 -59.96
CA ALA A 222 49.52 13.80 -60.78
C ALA A 222 50.13 15.14 -60.36
N ASP A 223 51.01 15.68 -61.19
CA ASP A 223 51.46 17.05 -61.01
C ASP A 223 50.42 17.98 -61.64
N LYS A 224 49.16 17.77 -61.26
CA LYS A 224 48.05 18.47 -61.89
C LYS A 224 46.86 18.41 -60.95
N LYS A 225 45.86 19.23 -61.25
CA LYS A 225 44.64 19.30 -60.47
C LYS A 225 43.60 18.35 -61.05
N ILE A 226 43.21 17.35 -60.27
CA ILE A 226 42.16 16.41 -60.65
C ILE A 226 40.88 16.84 -59.94
N SER A 227 40.00 17.51 -60.67
CA SER A 227 38.74 17.99 -60.14
C SER A 227 37.55 17.18 -60.61
N ASN A 228 37.54 16.74 -61.85
CA ASN A 228 36.46 15.95 -62.41
C ASN A 228 36.85 14.49 -62.44
N ILE A 229 35.91 13.62 -62.08
CA ILE A 229 36.15 12.18 -62.14
C ILE A 229 36.31 11.68 -63.57
N ARG A 230 36.00 12.52 -64.56
CA ARG A 230 36.24 12.12 -65.96
C ARG A 230 37.71 11.85 -66.23
N GLU A 231 38.60 12.43 -65.42
CA GLU A 231 40.03 12.14 -65.55
C GLU A 231 40.40 10.77 -65.01
N MET A 232 39.42 9.98 -64.58
CA MET A 232 39.67 8.79 -63.78
C MET A 232 38.95 7.53 -64.26
N LEU A 233 37.94 7.64 -65.13
CA LEU A 233 37.15 6.47 -65.52
C LEU A 233 37.97 5.32 -66.07
N PRO A 234 38.92 5.50 -67.00
CA PRO A 234 39.67 4.33 -67.48
C PRO A 234 40.50 3.66 -66.39
N VAL A 235 41.39 4.41 -65.74
CA VAL A 235 42.29 3.82 -64.76
C VAL A 235 41.50 3.14 -63.64
N LEU A 236 40.43 3.78 -63.17
CA LEU A 236 39.57 3.15 -62.18
C LEU A 236 39.11 1.78 -62.65
N GLU A 237 38.57 1.70 -63.87
CA GLU A 237 38.17 0.40 -64.39
C GLU A 237 39.37 -0.54 -64.46
N ALA A 238 40.52 -0.03 -64.89
CA ALA A 238 41.74 -0.84 -64.88
C ALA A 238 42.06 -1.31 -63.48
N VAL A 239 41.90 -0.43 -62.48
CA VAL A 239 42.08 -0.86 -61.09
C VAL A 239 41.06 -1.93 -60.75
N ALA A 240 39.80 -1.74 -61.16
CA ALA A 240 38.81 -2.80 -60.99
C ALA A 240 39.25 -4.07 -61.68
N LYS A 241 39.95 -3.95 -62.79
CA LYS A 241 40.52 -5.12 -63.45
C LYS A 241 41.80 -5.56 -62.77
N ALA A 242 42.57 -4.62 -62.22
CA ALA A 242 43.86 -4.96 -61.64
C ALA A 242 43.70 -5.75 -60.34
N GLY A 243 42.79 -5.32 -59.47
CA GLY A 243 42.62 -5.92 -58.17
C GLY A 243 43.53 -5.38 -57.10
N LYS A 244 44.58 -4.65 -57.47
CA LYS A 244 45.45 -4.01 -56.50
C LYS A 244 45.17 -2.51 -56.47
N PRO A 245 45.38 -1.87 -55.33
CA PRO A 245 44.90 -0.49 -55.15
C PRO A 245 45.62 0.50 -56.05
N LEU A 246 45.06 1.71 -56.11
CA LEU A 246 45.67 2.84 -56.78
C LEU A 246 45.62 4.06 -55.87
N LEU A 247 46.74 4.76 -55.77
CA LEU A 247 46.87 5.96 -54.96
C LEU A 247 47.41 7.08 -55.83
N ILE A 248 46.79 8.24 -55.75
CA ILE A 248 46.99 9.32 -56.70
C ILE A 248 47.50 10.53 -55.92
N ILE A 249 48.76 10.87 -56.12
CA ILE A 249 49.38 12.03 -55.46
C ILE A 249 49.18 13.22 -56.39
N ALA A 250 48.01 13.85 -56.28
CA ALA A 250 47.65 14.96 -57.13
C ALA A 250 47.91 16.27 -56.40
N GLU A 251 47.79 17.38 -57.13
CA GLU A 251 47.91 18.69 -56.49
C GLU A 251 46.78 18.90 -55.48
N ASP A 252 45.56 18.55 -55.85
CA ASP A 252 44.39 18.58 -54.99
C ASP A 252 43.25 17.90 -55.74
N VAL A 253 42.19 17.56 -55.00
CA VAL A 253 41.03 16.89 -55.56
C VAL A 253 39.78 17.65 -55.13
N GLU A 254 38.89 17.91 -56.09
CA GLU A 254 37.68 18.68 -55.83
C GLU A 254 36.56 17.76 -55.36
N GLY A 255 35.35 18.32 -55.22
CA GLY A 255 34.26 17.57 -54.60
C GLY A 255 33.78 16.39 -55.42
N GLU A 256 33.59 16.60 -56.73
CA GLU A 256 32.92 15.58 -57.54
C GLU A 256 33.79 14.34 -57.74
N ALA A 257 35.05 14.54 -58.13
CA ALA A 257 35.94 13.39 -58.33
C ALA A 257 36.16 12.64 -57.03
N LEU A 258 36.39 13.37 -55.94
CA LEU A 258 36.61 12.72 -54.65
C LEU A 258 35.36 11.96 -54.21
N ALA A 259 34.18 12.54 -54.42
CA ALA A 259 32.93 11.87 -54.04
C ALA A 259 32.73 10.60 -54.85
N THR A 260 33.00 10.65 -56.16
CA THR A 260 32.88 9.44 -56.97
C THR A 260 33.88 8.38 -56.51
N LEU A 261 35.11 8.79 -56.19
CA LEU A 261 36.11 7.83 -55.70
C LEU A 261 35.66 7.16 -54.42
N VAL A 262 35.17 7.94 -53.45
CA VAL A 262 34.78 7.36 -52.17
C VAL A 262 33.52 6.51 -52.31
N VAL A 263 32.63 6.87 -53.23
CA VAL A 263 31.45 6.03 -53.48
C VAL A 263 31.86 4.70 -54.07
N ASN A 264 32.77 4.71 -55.05
CA ASN A 264 33.21 3.47 -55.66
C ASN A 264 34.03 2.61 -54.71
N THR A 265 34.76 3.21 -53.77
CA THR A 265 35.52 2.42 -52.80
C THR A 265 34.58 1.61 -51.92
N MET A 266 33.46 2.22 -51.48
CA MET A 266 32.53 1.54 -50.60
C MET A 266 31.58 0.61 -51.35
N ARG A 267 31.59 0.62 -52.69
CA ARG A 267 30.79 -0.32 -53.47
C ARG A 267 31.55 -1.56 -53.87
N GLY A 268 32.81 -1.70 -53.46
CA GLY A 268 33.60 -2.86 -53.80
C GLY A 268 34.14 -2.87 -55.21
N ILE A 269 34.02 -1.76 -55.94
CA ILE A 269 34.51 -1.72 -57.32
C ILE A 269 36.02 -1.57 -57.34
N VAL A 270 36.54 -0.51 -56.73
CA VAL A 270 37.97 -0.20 -56.77
C VAL A 270 38.44 0.24 -55.39
N LYS A 271 39.75 0.13 -55.17
CA LYS A 271 40.40 0.72 -54.01
C LYS A 271 41.33 1.81 -54.55
N VAL A 272 40.77 3.02 -54.75
CA VAL A 272 41.52 4.13 -55.29
C VAL A 272 41.37 5.33 -54.37
N ALA A 273 42.49 5.91 -53.96
CA ALA A 273 42.53 7.07 -53.10
C ALA A 273 43.35 8.17 -53.76
N ALA A 274 43.15 9.41 -53.28
CA ALA A 274 43.86 10.56 -53.81
C ALA A 274 44.23 11.50 -52.68
N VAL A 275 45.47 11.99 -52.69
CA VAL A 275 45.98 12.92 -51.69
C VAL A 275 46.66 14.08 -52.41
N LYS A 276 47.02 15.10 -51.63
CA LYS A 276 47.65 16.29 -52.17
C LYS A 276 49.16 16.11 -52.31
N ALA A 277 49.70 16.62 -53.41
CA ALA A 277 51.13 16.46 -53.68
C ALA A 277 51.94 17.31 -52.70
N PRO A 278 52.91 16.72 -52.00
CA PRO A 278 53.68 17.49 -51.02
C PRO A 278 54.54 18.55 -51.68
N GLY A 279 54.76 19.64 -50.95
CA GLY A 279 55.63 20.72 -51.39
C GLY A 279 54.86 21.87 -52.00
N PHE A 280 55.59 22.95 -52.26
CA PHE A 280 55.03 24.14 -52.89
C PHE A 280 56.00 24.66 -53.93
N GLY A 281 55.69 24.45 -55.20
CA GLY A 281 56.54 24.93 -56.27
C GLY A 281 57.50 23.88 -56.78
N ASP A 282 58.78 24.26 -56.91
CA ASP A 282 59.79 23.33 -57.41
C ASP A 282 59.95 22.13 -56.49
N ARG A 283 59.84 22.34 -55.17
CA ARG A 283 59.95 21.23 -54.23
C ARG A 283 58.86 20.20 -54.43
N ARG A 284 57.66 20.64 -54.82
CA ARG A 284 56.56 19.70 -55.03
C ARG A 284 56.83 18.80 -56.22
N LYS A 285 57.23 19.38 -57.35
CA LYS A 285 57.60 18.57 -58.50
C LYS A 285 58.79 17.69 -58.19
N ALA A 286 59.71 18.18 -57.36
CA ALA A 286 60.84 17.38 -56.93
C ALA A 286 60.39 16.14 -56.16
N MET A 287 59.46 16.31 -55.23
CA MET A 287 58.92 15.16 -54.51
C MET A 287 58.23 14.20 -55.46
N LEU A 288 57.46 14.74 -56.40
CA LEU A 288 56.72 13.88 -57.33
C LEU A 288 57.67 13.05 -58.18
N GLN A 289 58.75 13.66 -58.67
CA GLN A 289 59.69 12.91 -59.49
C GLN A 289 60.55 11.96 -58.66
N ASP A 290 60.82 12.31 -57.40
CA ASP A 290 61.49 11.36 -56.51
C ASP A 290 60.65 10.11 -56.35
N ILE A 291 59.35 10.28 -56.11
CA ILE A 291 58.45 9.14 -56.00
C ILE A 291 58.40 8.38 -57.32
N ALA A 292 58.41 9.10 -58.44
CA ALA A 292 58.39 8.45 -59.74
C ALA A 292 59.60 7.55 -59.94
N THR A 293 60.80 8.06 -59.68
CA THR A 293 62.00 7.26 -59.85
C THR A 293 62.05 6.10 -58.88
N LEU A 294 61.54 6.30 -57.65
CA LEU A 294 61.70 5.27 -56.62
C LEU A 294 60.83 4.05 -56.88
N THR A 295 59.56 4.25 -57.22
CA THR A 295 58.60 3.16 -57.30
C THR A 295 58.46 2.56 -58.69
N GLY A 296 59.27 3.01 -59.65
CA GLY A 296 59.05 2.58 -61.02
C GLY A 296 57.76 3.16 -61.58
N GLY A 297 57.46 4.41 -61.23
CA GLY A 297 56.30 5.10 -61.76
C GLY A 297 56.71 6.40 -62.41
N THR A 298 55.73 7.23 -62.74
CA THR A 298 55.99 8.49 -63.43
C THR A 298 55.01 9.55 -62.94
N VAL A 299 55.47 10.79 -62.90
CA VAL A 299 54.61 11.91 -62.52
C VAL A 299 53.73 12.30 -63.71
N ILE A 300 52.50 12.72 -63.41
CA ILE A 300 51.53 13.10 -64.43
C ILE A 300 51.38 14.62 -64.40
N SER A 301 51.81 15.27 -65.47
CA SER A 301 51.71 16.73 -65.59
C SER A 301 51.33 17.10 -67.01
N GLU A 302 50.90 18.35 -67.17
CA GLU A 302 50.50 18.84 -68.49
C GLU A 302 51.66 19.48 -69.26
N GLU A 303 52.85 19.58 -68.67
CA GLU A 303 53.98 20.21 -69.32
C GLU A 303 54.98 19.23 -69.92
N ILE A 304 54.65 17.94 -69.96
CA ILE A 304 55.54 16.94 -70.53
C ILE A 304 54.97 16.28 -71.78
N GLY A 305 53.67 16.38 -72.03
CA GLY A 305 53.06 15.78 -73.21
C GLY A 305 52.36 14.46 -72.98
N MET A 306 52.32 13.96 -71.75
CA MET A 306 51.62 12.73 -71.43
C MET A 306 50.41 13.09 -70.57
N GLU A 307 49.24 12.65 -71.00
CA GLU A 307 47.98 13.09 -70.43
C GLU A 307 47.48 12.07 -69.42
N LEU A 308 46.81 12.57 -68.37
CA LEU A 308 46.33 11.71 -67.29
C LEU A 308 45.37 10.67 -67.81
N GLU A 309 44.50 11.04 -68.75
CA GLU A 309 43.50 10.10 -69.27
C GLU A 309 44.17 8.94 -70.01
N LYS A 310 45.26 9.21 -70.71
CA LYS A 310 45.90 8.18 -71.53
C LYS A 310 47.03 7.45 -70.81
N ALA A 311 47.19 7.65 -69.50
CA ALA A 311 48.18 6.89 -68.75
C ALA A 311 47.77 5.41 -68.68
N THR A 312 48.78 4.54 -68.55
CA THR A 312 48.58 3.10 -68.55
C THR A 312 49.08 2.50 -67.23
N LEU A 313 49.03 1.16 -67.14
CA LEU A 313 49.41 0.48 -65.92
C LEU A 313 50.90 0.61 -65.62
N GLU A 314 51.75 0.52 -66.65
CA GLU A 314 53.18 0.68 -66.41
C GLU A 314 53.50 2.10 -65.96
N ASP A 315 52.75 3.09 -66.43
CA ASP A 315 52.83 4.44 -65.90
C ASP A 315 52.48 4.49 -64.42
N LEU A 316 51.73 3.51 -63.92
CA LEU A 316 51.44 3.39 -62.50
C LEU A 316 52.56 2.62 -61.83
N GLY A 317 53.31 3.30 -60.96
CA GLY A 317 54.35 2.61 -60.22
C GLY A 317 53.79 1.49 -59.36
N GLN A 318 54.67 0.59 -58.96
CA GLN A 318 54.27 -0.55 -58.15
C GLN A 318 55.04 -0.51 -56.84
N ALA A 319 54.35 -0.85 -55.76
CA ALA A 319 54.91 -0.77 -54.42
C ALA A 319 54.40 -1.95 -53.60
N LYS A 320 54.63 -1.88 -52.29
CA LYS A 320 54.24 -2.93 -51.36
C LYS A 320 53.28 -2.47 -50.28
N ARG A 321 53.57 -1.36 -49.60
CA ARG A 321 52.70 -0.92 -48.52
C ARG A 321 52.67 0.60 -48.46
N VAL A 322 51.52 1.16 -48.12
CA VAL A 322 51.33 2.59 -47.99
C VAL A 322 50.45 2.88 -46.79
N VAL A 323 50.86 3.86 -45.97
CA VAL A 323 50.11 4.28 -44.79
C VAL A 323 49.86 5.77 -44.89
N ILE A 324 48.63 6.20 -44.63
CA ILE A 324 48.25 7.60 -44.65
C ILE A 324 47.49 7.93 -43.37
N ASN A 325 47.85 9.05 -42.76
CA ASN A 325 47.14 9.53 -41.58
C ASN A 325 46.65 10.96 -41.79
N LYS A 326 46.17 11.61 -40.73
CA LYS A 326 45.62 12.94 -40.84
C LYS A 326 46.66 13.95 -41.33
N ASP A 327 47.94 13.65 -41.16
CA ASP A 327 48.99 14.63 -41.44
C ASP A 327 50.15 14.11 -42.29
N THR A 328 50.44 12.81 -42.28
CA THR A 328 51.63 12.28 -42.93
C THR A 328 51.30 11.01 -43.69
N THR A 329 52.14 10.70 -44.68
CA THR A 329 52.05 9.48 -45.46
C THR A 329 53.44 8.83 -45.53
N THR A 330 53.47 7.51 -45.34
CA THR A 330 54.68 6.71 -45.42
C THR A 330 54.52 5.65 -46.50
N ILE A 331 55.61 5.39 -47.22
CA ILE A 331 55.63 4.49 -48.37
C ILE A 331 56.70 3.44 -48.14
N ILE A 332 56.36 2.18 -48.41
CA ILE A 332 57.15 1.02 -48.04
C ILE A 332 57.33 0.14 -49.28
N ASP A 333 58.58 -0.04 -49.70
CA ASP A 333 58.97 -1.07 -50.67
C ASP A 333 58.27 -0.88 -52.02
N GLY A 334 58.62 0.23 -52.68
CA GLY A 334 58.20 0.45 -54.05
C GLY A 334 59.17 -0.18 -55.02
N VAL A 335 58.66 -1.11 -55.83
CA VAL A 335 59.51 -1.84 -56.77
C VAL A 335 59.75 -0.94 -57.97
N GLY A 336 60.83 -0.18 -57.90
CA GLY A 336 61.25 0.68 -58.99
C GLY A 336 62.71 0.47 -59.29
N GLU A 337 63.07 0.53 -60.57
CA GLU A 337 64.43 0.21 -60.97
C GLU A 337 65.42 1.18 -60.33
N GLU A 338 66.49 0.62 -59.78
CA GLU A 338 67.45 1.40 -59.02
C GLU A 338 68.18 2.43 -59.87
N ALA A 339 68.19 2.25 -61.19
CA ALA A 339 68.88 3.21 -62.05
C ALA A 339 68.26 4.60 -61.93
N ALA A 340 66.94 4.67 -62.04
CA ALA A 340 66.26 5.96 -61.91
C ALA A 340 66.44 6.52 -60.50
N ILE A 341 66.43 5.66 -59.48
CA ILE A 341 66.56 6.11 -58.11
C ILE A 341 67.92 6.76 -57.89
N GLN A 342 68.99 6.10 -58.34
CA GLN A 342 70.33 6.65 -58.16
C GLN A 342 70.56 7.86 -59.06
N GLY A 343 69.97 7.85 -60.25
CA GLY A 343 69.98 9.07 -61.05
C GLY A 343 69.37 10.23 -60.30
N ARG A 344 68.24 9.98 -59.63
CA ARG A 344 67.59 11.03 -58.86
C ARG A 344 68.45 11.50 -57.69
N VAL A 345 69.05 10.55 -56.96
CA VAL A 345 69.85 10.95 -55.80
C VAL A 345 71.08 11.74 -56.25
N ALA A 346 71.70 11.33 -57.36
CA ALA A 346 72.85 12.07 -57.87
C ALA A 346 72.45 13.45 -58.36
N GLN A 347 71.30 13.55 -59.02
CA GLN A 347 70.82 14.84 -59.49
C GLN A 347 70.56 15.78 -58.32
N ILE A 348 69.92 15.28 -57.26
CA ILE A 348 69.66 16.12 -56.10
C ILE A 348 70.95 16.48 -55.39
N ARG A 349 71.92 15.56 -55.35
CA ARG A 349 73.19 15.86 -54.71
C ARG A 349 73.96 16.93 -55.49
N GLN A 350 73.94 16.86 -56.82
CA GLN A 350 74.57 17.92 -57.60
C GLN A 350 73.78 19.22 -57.50
N GLN A 351 72.47 19.14 -57.28
CA GLN A 351 71.69 20.33 -57.01
C GLN A 351 72.08 20.95 -55.68
N ILE A 352 72.41 20.11 -54.69
CA ILE A 352 73.01 20.58 -53.45
C ILE A 352 74.32 21.28 -53.74
N GLU A 353 75.14 20.66 -54.60
CA GLU A 353 76.37 21.29 -55.06
C GLU A 353 76.09 22.62 -55.74
N GLU A 354 74.88 22.80 -56.26
CA GLU A 354 74.46 24.01 -56.97
C GLU A 354 73.45 24.80 -56.14
N ALA A 355 73.56 24.72 -54.81
CA ALA A 355 72.64 25.40 -53.91
C ALA A 355 73.41 26.37 -53.05
N THR A 356 72.98 27.64 -53.04
CA THR A 356 73.67 28.71 -52.34
C THR A 356 73.07 28.99 -50.96
N SER A 357 71.75 29.16 -50.89
CA SER A 357 71.10 29.42 -49.62
C SER A 357 71.15 28.17 -48.73
N ASP A 358 70.79 28.36 -47.47
CA ASP A 358 70.70 27.22 -46.57
C ASP A 358 69.39 26.45 -46.74
N TYR A 359 68.32 27.15 -47.08
CA TYR A 359 67.01 26.51 -47.20
C TYR A 359 66.99 25.47 -48.32
N ASP A 360 67.53 25.82 -49.49
CA ASP A 360 67.48 24.89 -50.61
C ASP A 360 68.41 23.71 -50.38
N ARG A 361 69.57 23.94 -49.77
CA ARG A 361 70.42 22.81 -49.39
C ARG A 361 69.71 21.89 -48.42
N GLU A 362 69.02 22.46 -47.43
CA GLU A 362 68.28 21.64 -46.47
C GLU A 362 67.20 20.83 -47.14
N LYS A 363 66.43 21.46 -48.04
CA LYS A 363 65.36 20.73 -48.73
C LYS A 363 65.91 19.63 -49.62
N LEU A 364 67.01 19.91 -50.33
CA LEU A 364 67.60 18.91 -51.21
C LEU A 364 68.20 17.76 -50.41
N GLN A 365 68.79 18.05 -49.26
CA GLN A 365 69.27 16.98 -48.39
C GLN A 365 68.10 16.15 -47.86
N GLU A 366 66.97 16.80 -47.57
CA GLU A 366 65.76 16.05 -47.25
C GLU A 366 65.37 15.12 -48.38
N ARG A 367 65.44 15.62 -49.62
CA ARG A 367 65.14 14.80 -50.79
C ARG A 367 66.05 13.57 -50.83
N VAL A 368 67.37 13.79 -50.71
CA VAL A 368 68.32 12.70 -50.80
C VAL A 368 68.10 11.68 -49.68
N ALA A 369 67.92 12.18 -48.45
CA ALA A 369 67.75 11.28 -47.31
C ALA A 369 66.47 10.47 -47.43
N LYS A 370 65.37 11.11 -47.83
CA LYS A 370 64.10 10.41 -47.92
C LYS A 370 64.04 9.49 -49.14
N LEU A 371 64.86 9.73 -50.16
CA LEU A 371 65.00 8.75 -51.23
C LEU A 371 65.53 7.43 -50.68
N ALA A 372 66.42 7.52 -49.69
CA ALA A 372 66.73 6.35 -48.86
C ALA A 372 65.66 6.18 -47.78
N GLY A 373 65.55 7.17 -46.90
CA GLY A 373 64.52 7.13 -45.87
C GLY A 373 64.63 5.90 -44.99
N GLY A 374 63.48 5.32 -44.67
CA GLY A 374 63.46 4.09 -43.89
C GLY A 374 62.05 3.70 -43.49
N VAL A 375 61.72 2.42 -43.64
CA VAL A 375 60.41 1.91 -43.26
C VAL A 375 60.58 0.48 -42.75
N ALA A 376 59.81 0.15 -41.71
CA ALA A 376 59.75 -1.20 -41.17
C ALA A 376 58.30 -1.57 -40.91
N VAL A 377 57.93 -2.80 -41.27
CA VAL A 377 56.60 -3.33 -41.03
C VAL A 377 56.74 -4.59 -40.19
N ILE A 378 56.13 -4.60 -39.01
CA ILE A 378 56.16 -5.74 -38.12
C ILE A 378 54.75 -6.30 -38.03
N LYS A 379 54.57 -7.52 -38.52
CA LYS A 379 53.28 -8.21 -38.48
C LYS A 379 53.25 -9.09 -37.24
N VAL A 380 52.21 -8.93 -36.43
CA VAL A 380 52.15 -9.58 -35.13
C VAL A 380 51.77 -11.04 -35.31
N GLY A 381 52.33 -11.91 -34.47
CA GLY A 381 51.99 -13.32 -34.50
C GLY A 381 51.20 -13.75 -33.28
N ALA A 382 49.92 -14.08 -33.48
CA ALA A 382 49.06 -14.53 -32.40
C ALA A 382 47.96 -15.41 -32.97
N ALA A 383 47.34 -16.20 -32.09
CA ALA A 383 46.30 -17.13 -32.48
C ALA A 383 44.89 -16.59 -32.29
N THR A 384 44.61 -15.95 -31.16
CA THR A 384 43.28 -15.40 -30.90
C THR A 384 43.37 -13.87 -30.83
N GLU A 385 42.22 -13.25 -30.61
CA GLU A 385 42.08 -11.80 -30.75
C GLU A 385 42.50 -11.05 -29.48
N VAL A 386 42.11 -11.56 -28.30
CA VAL A 386 42.43 -10.86 -27.06
C VAL A 386 43.93 -10.86 -26.82
N GLU A 387 44.57 -12.01 -27.01
CA GLU A 387 46.02 -12.08 -26.87
C GLU A 387 46.72 -11.20 -27.90
N MET A 388 46.19 -11.17 -29.13
CA MET A 388 46.81 -10.36 -30.17
C MET A 388 46.72 -8.87 -29.83
N LYS A 389 45.55 -8.40 -29.40
CA LYS A 389 45.42 -7.00 -29.02
C LYS A 389 46.26 -6.68 -27.79
N GLU A 390 46.37 -7.64 -26.86
CA GLU A 390 47.15 -7.39 -25.66
C GLU A 390 48.63 -7.24 -25.99
N LYS A 391 49.16 -8.15 -26.81
CA LYS A 391 50.55 -8.03 -27.21
C LYS A 391 50.75 -6.84 -28.13
N LYS A 392 49.71 -6.43 -28.87
CA LYS A 392 49.80 -5.21 -29.67
C LYS A 392 49.94 -3.99 -28.77
N ALA A 393 49.14 -3.92 -27.70
CA ALA A 393 49.27 -2.83 -26.74
C ALA A 393 50.64 -2.85 -26.07
N ARG A 394 51.13 -4.04 -25.71
CA ARG A 394 52.46 -4.16 -25.14
C ARG A 394 53.52 -3.64 -26.11
N VAL A 395 53.38 -4.00 -27.39
CA VAL A 395 54.34 -3.57 -28.41
C VAL A 395 54.31 -2.06 -28.57
N GLU A 396 53.11 -1.46 -28.59
CA GLU A 396 53.02 -0.02 -28.73
C GLU A 396 53.62 0.68 -27.51
N ASP A 397 53.37 0.17 -26.32
CA ASP A 397 53.97 0.77 -25.12
C ASP A 397 55.49 0.65 -25.16
N ALA A 398 55.99 -0.51 -25.59
CA ALA A 398 57.44 -0.69 -25.71
C ALA A 398 58.02 0.26 -26.75
N LEU A 399 57.32 0.46 -27.85
CA LEU A 399 57.80 1.37 -28.88
C LEU A 399 57.83 2.81 -28.36
N HIS A 400 56.79 3.21 -27.61
CA HIS A 400 56.77 4.53 -27.01
C HIS A 400 57.93 4.70 -26.04
N ALA A 401 58.18 3.69 -25.21
CA ALA A 401 59.27 3.78 -24.24
C ALA A 401 60.62 3.87 -24.94
N THR A 402 60.82 3.07 -26.01
CA THR A 402 62.06 3.15 -26.76
C THR A 402 62.22 4.53 -27.40
N ARG A 403 61.12 5.07 -27.94
CA ARG A 403 61.17 6.41 -28.53
C ARG A 403 61.61 7.44 -27.50
N ALA A 404 61.02 7.39 -26.30
CA ALA A 404 61.38 8.34 -25.26
C ALA A 404 62.84 8.16 -24.83
N ALA A 405 63.25 6.91 -24.61
CA ALA A 405 64.60 6.64 -24.15
C ALA A 405 65.64 7.05 -25.18
N VAL A 406 65.27 7.01 -26.46
CA VAL A 406 66.21 7.39 -27.51
C VAL A 406 66.26 8.90 -27.66
N GLU A 407 65.09 9.54 -27.81
CA GLU A 407 65.07 10.95 -28.14
C GLU A 407 65.40 11.85 -26.96
N GLU A 408 64.99 11.48 -25.74
CA GLU A 408 65.24 12.31 -24.57
C GLU A 408 66.00 11.55 -23.49
N GLY A 409 66.56 10.41 -23.83
CA GLY A 409 67.31 9.68 -22.84
C GLY A 409 66.42 9.09 -21.77
N VAL A 410 67.06 8.75 -20.64
CA VAL A 410 66.39 8.13 -19.52
C VAL A 410 66.79 8.84 -18.24
N VAL A 411 66.06 8.53 -17.17
CA VAL A 411 66.42 8.94 -15.82
C VAL A 411 66.40 7.70 -14.93
N ALA A 412 66.65 7.89 -13.64
CA ALA A 412 66.73 6.76 -12.72
C ALA A 412 65.38 6.05 -12.64
N GLY A 413 65.42 4.73 -12.70
CA GLY A 413 64.20 3.94 -12.68
C GLY A 413 63.72 3.66 -11.27
N GLY A 414 62.41 3.52 -11.12
CA GLY A 414 61.81 3.17 -9.85
C GLY A 414 61.41 4.35 -8.97
N GLY A 415 61.74 5.57 -9.36
CA GLY A 415 61.45 6.73 -8.55
C GLY A 415 62.52 7.12 -7.56
N VAL A 416 63.66 6.41 -7.54
CA VAL A 416 64.72 6.70 -6.59
C VAL A 416 65.20 8.14 -6.70
N ALA A 417 65.42 8.65 -7.92
CA ALA A 417 65.82 10.03 -8.08
C ALA A 417 64.81 10.98 -7.47
N LEU A 418 63.52 10.62 -7.55
CA LEU A 418 62.49 11.36 -6.82
C LEU A 418 62.95 11.66 -5.41
N ILE A 419 63.26 10.63 -4.64
CA ILE A 419 63.71 10.83 -3.28
C ILE A 419 64.95 11.72 -3.26
N ARG A 420 65.91 11.42 -4.13
CA ARG A 420 67.09 12.28 -4.24
C ARG A 420 66.69 13.72 -4.45
N VAL A 421 65.77 13.96 -5.40
CA VAL A 421 65.31 15.32 -5.65
C VAL A 421 64.74 15.92 -4.37
N ALA A 422 63.91 15.17 -3.66
CA ALA A 422 63.32 15.68 -2.43
C ALA A 422 64.41 16.06 -1.43
N SER A 423 65.49 15.29 -1.39
CA SER A 423 66.61 15.63 -0.52
C SER A 423 67.26 16.93 -0.96
N LYS A 424 67.45 17.11 -2.27
CA LYS A 424 68.10 18.32 -2.75
C LYS A 424 67.14 19.50 -2.75
N LEU A 425 65.87 19.26 -3.05
CA LEU A 425 64.90 20.33 -3.26
C LEU A 425 64.14 20.69 -1.99
N ALA A 426 64.61 20.25 -0.83
CA ALA A 426 63.99 20.66 0.43
C ALA A 426 64.26 22.13 0.75
N ASP A 427 65.14 22.79 0.00
CA ASP A 427 65.57 24.15 0.30
C ASP A 427 64.67 25.21 -0.33
N LEU A 428 63.60 24.79 -1.01
CA LEU A 428 62.76 25.75 -1.72
C LEU A 428 61.90 26.54 -0.74
N ARG A 429 61.88 27.86 -0.92
CA ARG A 429 61.09 28.76 -0.08
C ARG A 429 60.21 29.64 -0.95
N GLY A 430 59.04 29.98 -0.42
CA GLY A 430 58.14 30.90 -1.06
C GLY A 430 58.18 32.29 -0.43
N GLN A 431 57.51 33.23 -1.10
CA GLN A 431 57.46 34.60 -0.61
C GLN A 431 56.83 34.67 0.77
N ASN A 432 55.71 33.99 0.96
CA ASN A 432 55.05 33.89 2.24
C ASN A 432 55.17 32.46 2.76
N GLU A 433 54.64 32.24 3.95
CA GLU A 433 54.52 30.88 4.46
C GLU A 433 53.62 30.04 3.56
N ASP A 434 52.69 30.68 2.87
CA ASP A 434 51.74 29.96 2.04
C ASP A 434 52.43 29.26 0.89
N GLN A 435 53.31 29.97 0.20
CA GLN A 435 54.06 29.37 -0.90
C GLN A 435 55.09 28.38 -0.41
N ASN A 436 55.66 28.61 0.78
CA ASN A 436 56.50 27.60 1.40
C ASN A 436 55.73 26.31 1.60
N VAL A 437 54.49 26.42 2.10
CA VAL A 437 53.66 25.25 2.33
C VAL A 437 53.32 24.58 1.01
N GLY A 438 53.06 25.37 -0.03
CA GLY A 438 52.82 24.78 -1.34
C GLY A 438 54.02 24.00 -1.85
N ILE A 439 55.21 24.56 -1.70
CA ILE A 439 56.44 23.87 -2.05
C ILE A 439 56.54 22.55 -1.29
N LYS A 440 56.30 22.59 0.01
CA LYS A 440 56.46 21.40 0.82
C LYS A 440 55.37 20.37 0.52
N VAL A 441 54.19 20.83 0.14
CA VAL A 441 53.13 19.94 -0.32
C VAL A 441 53.59 19.20 -1.57
N ALA A 442 54.17 19.93 -2.51
CA ALA A 442 54.71 19.28 -3.70
C ALA A 442 55.78 18.27 -3.32
N LEU A 443 56.68 18.66 -2.41
CA LEU A 443 57.79 17.79 -2.02
C LEU A 443 57.29 16.51 -1.36
N ARG A 444 56.28 16.62 -0.51
CA ARG A 444 55.78 15.45 0.21
C ARG A 444 54.91 14.58 -0.69
N ALA A 445 54.16 15.20 -1.60
CA ALA A 445 53.27 14.42 -2.46
C ALA A 445 54.03 13.71 -3.57
N MET A 446 55.18 14.25 -3.98
CA MET A 446 55.92 13.64 -5.09
C MET A 446 56.59 12.33 -4.71
N GLU A 447 56.53 11.92 -3.45
CA GLU A 447 57.16 10.68 -3.01
C GLU A 447 56.27 9.46 -3.11
N ALA A 448 55.00 9.63 -3.50
CA ALA A 448 54.08 8.50 -3.57
C ALA A 448 54.51 7.40 -4.53
N PRO A 449 54.93 7.68 -5.78
CA PRO A 449 55.00 6.59 -6.77
C PRO A 449 55.82 5.39 -6.32
N LEU A 450 56.95 5.63 -5.66
CA LEU A 450 57.69 4.51 -5.09
C LEU A 450 56.86 3.80 -4.04
N ARG A 451 56.11 4.56 -3.23
CA ARG A 451 55.29 3.94 -2.20
C ARG A 451 54.26 2.99 -2.80
N GLN A 452 53.51 3.44 -3.80
CA GLN A 452 52.52 2.54 -4.40
C GLN A 452 53.17 1.42 -5.21
N ILE A 453 54.35 1.64 -5.80
CA ILE A 453 55.04 0.54 -6.45
C ILE A 453 55.37 -0.54 -5.43
N VAL A 454 55.90 -0.13 -4.28
CA VAL A 454 56.21 -1.07 -3.21
C VAL A 454 54.94 -1.77 -2.72
N LEU A 455 53.85 -1.01 -2.59
CA LEU A 455 52.60 -1.58 -2.10
C LEU A 455 52.04 -2.62 -3.05
N ASN A 456 52.13 -2.36 -4.36
CA ASN A 456 51.77 -3.39 -5.32
C ASN A 456 52.70 -4.59 -5.23
N CYS A 457 53.99 -4.33 -4.96
CA CYS A 457 54.88 -5.41 -4.59
C CYS A 457 54.48 -6.06 -3.28
N GLY A 458 53.68 -5.38 -2.47
CA GLY A 458 53.08 -5.96 -1.29
C GLY A 458 53.70 -5.61 0.03
N GLU A 459 54.89 -5.02 0.05
CA GLU A 459 55.59 -4.77 1.30
C GLU A 459 55.42 -3.31 1.72
N GLU A 460 56.01 -2.94 2.85
CA GLU A 460 55.78 -1.64 3.46
C GLU A 460 56.53 -0.57 2.68
N PRO A 461 55.86 0.47 2.20
CA PRO A 461 56.54 1.46 1.35
C PRO A 461 57.41 2.43 2.12
N SER A 462 57.05 2.73 3.37
CA SER A 462 57.83 3.68 4.16
C SER A 462 59.24 3.17 4.40
N VAL A 463 59.38 1.87 4.68
CA VAL A 463 60.69 1.30 4.92
C VAL A 463 61.55 1.39 3.66
N VAL A 464 60.98 1.08 2.50
CA VAL A 464 61.70 1.20 1.25
C VAL A 464 62.12 2.65 1.02
N ALA A 465 61.20 3.59 1.29
CA ALA A 465 61.52 5.00 1.13
C ALA A 465 62.70 5.40 2.01
N ASN A 466 62.69 5.00 3.28
CA ASN A 466 63.75 5.41 4.20
C ASN A 466 65.08 4.75 3.84
N THR A 467 65.04 3.47 3.46
CA THR A 467 66.27 2.79 3.09
C THR A 467 66.87 3.41 1.83
N VAL A 468 66.03 3.75 0.85
CA VAL A 468 66.53 4.35 -0.37
C VAL A 468 67.07 5.76 -0.10
N LYS A 469 66.34 6.56 0.68
CA LYS A 469 66.84 7.90 0.98
C LYS A 469 68.11 7.86 1.81
N GLY A 470 68.30 6.78 2.57
CA GLY A 470 69.59 6.57 3.21
C GLY A 470 70.73 6.50 2.20
N GLY A 471 70.49 5.85 1.07
CA GLY A 471 71.43 5.86 -0.02
C GLY A 471 71.26 7.08 -0.91
N ASP A 472 72.09 7.13 -1.95
CA ASP A 472 72.13 8.29 -2.83
C ASP A 472 72.20 7.84 -4.28
N GLY A 473 71.71 8.69 -5.17
CA GLY A 473 71.83 8.46 -6.59
C GLY A 473 71.18 7.16 -7.02
N ASN A 474 71.93 6.37 -7.78
CA ASN A 474 71.43 5.13 -8.38
C ASN A 474 71.02 4.10 -7.35
N TYR A 475 71.46 4.25 -6.10
CA TYR A 475 71.01 3.33 -5.06
C TYR A 475 69.51 3.46 -4.85
N GLY A 476 68.77 2.45 -5.27
CA GLY A 476 67.36 2.35 -4.98
C GLY A 476 67.05 0.92 -4.59
N TYR A 477 65.81 0.52 -4.86
CA TYR A 477 65.35 -0.83 -4.57
C TYR A 477 64.76 -1.46 -5.82
N ASN A 478 65.46 -2.41 -6.40
CA ASN A 478 64.93 -3.20 -7.51
C ASN A 478 63.76 -4.02 -7.00
N ALA A 479 62.56 -3.68 -7.50
CA ALA A 479 61.37 -4.43 -7.10
C ALA A 479 61.32 -5.79 -7.78
N ALA A 480 61.85 -5.91 -8.99
CA ALA A 480 61.94 -7.23 -9.63
C ALA A 480 62.95 -8.12 -8.91
N THR A 481 64.16 -7.59 -8.67
CA THR A 481 65.13 -8.31 -7.87
C THR A 481 64.84 -8.18 -6.38
N GLU A 482 64.02 -7.20 -5.99
CA GLU A 482 63.73 -6.92 -4.59
C GLU A 482 65.02 -6.70 -3.80
N GLU A 483 65.98 -6.00 -4.42
CA GLU A 483 67.27 -5.80 -3.81
C GLU A 483 67.69 -4.35 -3.95
N TYR A 484 68.19 -3.77 -2.87
CA TYR A 484 68.76 -2.44 -2.94
C TYR A 484 70.05 -2.47 -3.74
N GLY A 485 70.21 -1.48 -4.60
CA GLY A 485 71.39 -1.41 -5.46
C GLY A 485 71.17 -0.46 -6.61
N ASN A 486 71.98 -0.66 -7.65
CA ASN A 486 72.01 0.25 -8.79
C ASN A 486 70.81 0.01 -9.68
N MET A 487 69.94 1.01 -9.79
CA MET A 487 68.78 0.90 -10.65
C MET A 487 69.19 0.72 -12.11
N ILE A 488 70.06 1.60 -12.61
CA ILE A 488 70.42 1.58 -14.02
C ILE A 488 71.14 0.28 -14.36
N ASP A 489 72.09 -0.13 -13.51
CA ASP A 489 72.84 -1.36 -13.78
C ASP A 489 71.93 -2.58 -13.73
N MET A 490 70.91 -2.57 -12.87
CA MET A 490 69.91 -3.62 -12.89
C MET A 490 68.85 -3.41 -13.97
N GLY A 491 69.16 -2.63 -15.00
CA GLY A 491 68.29 -2.46 -16.12
C GLY A 491 67.05 -1.63 -15.86
N ILE A 492 66.99 -0.96 -14.72
CA ILE A 492 65.80 -0.22 -14.30
C ILE A 492 65.94 1.20 -14.84
N LEU A 493 65.17 1.51 -15.88
CA LEU A 493 65.27 2.77 -16.60
C LEU A 493 63.89 3.41 -16.73
N ASP A 494 63.86 4.73 -16.64
CA ASP A 494 62.64 5.50 -16.83
C ASP A 494 62.90 6.69 -17.73
N PRO A 495 61.94 7.06 -18.58
CA PRO A 495 62.12 8.19 -19.48
C PRO A 495 62.07 9.51 -18.73
N THR A 496 62.54 10.56 -19.41
CA THR A 496 62.52 11.91 -18.87
C THR A 496 61.24 12.64 -19.25
N LYS A 497 60.87 12.58 -20.54
CA LYS A 497 59.73 13.34 -21.03
C LYS A 497 58.42 12.86 -20.43
N VAL A 498 58.27 11.54 -20.25
CA VAL A 498 57.04 11.03 -19.65
C VAL A 498 56.86 11.58 -18.26
N THR A 499 57.90 11.51 -17.44
CA THR A 499 57.82 12.01 -16.08
C THR A 499 57.56 13.51 -16.06
N ARG A 500 58.27 14.27 -16.89
CA ARG A 500 58.12 15.72 -16.87
C ARG A 500 56.71 16.14 -17.32
N SER A 501 56.19 15.51 -18.37
CA SER A 501 54.88 15.86 -18.88
C SER A 501 53.79 15.48 -17.89
N ALA A 502 53.86 14.28 -17.33
CA ALA A 502 52.89 13.88 -16.31
C ALA A 502 52.95 14.81 -15.11
N LEU A 503 54.18 15.18 -14.70
CA LEU A 503 54.39 16.21 -13.70
C LEU A 503 53.56 17.45 -13.99
N GLN A 504 53.78 18.04 -15.15
CA GLN A 504 53.13 19.31 -15.45
C GLN A 504 51.62 19.16 -15.49
N TYR A 505 51.12 18.10 -16.14
CA TYR A 505 49.68 17.90 -16.25
C TYR A 505 49.04 17.75 -14.88
N ALA A 506 49.53 16.80 -14.08
CA ALA A 506 48.93 16.52 -12.78
C ALA A 506 49.06 17.71 -11.85
N ALA A 507 50.20 18.39 -11.87
CA ALA A 507 50.40 19.54 -11.00
C ALA A 507 49.46 20.68 -11.36
N SER A 508 49.31 20.97 -12.66
CA SER A 508 48.38 22.03 -13.06
C SER A 508 46.96 21.69 -12.62
N VAL A 509 46.53 20.45 -12.88
CA VAL A 509 45.15 20.08 -12.54
C VAL A 509 44.94 20.14 -11.03
N ALA A 510 45.89 19.62 -10.25
CA ALA A 510 45.76 19.64 -8.80
C ALA A 510 45.71 21.07 -8.27
N GLY A 511 46.63 21.92 -8.72
CA GLY A 511 46.64 23.30 -8.27
C GLY A 511 45.35 24.03 -8.62
N LEU A 512 44.79 23.74 -9.79
CA LEU A 512 43.48 24.29 -10.13
C LEU A 512 42.43 23.81 -9.15
N MET A 513 42.45 22.53 -8.79
CA MET A 513 41.45 21.99 -7.88
C MET A 513 41.62 22.55 -6.48
N ILE A 514 42.82 22.99 -6.13
CA ILE A 514 43.10 23.41 -4.75
C ILE A 514 42.31 24.66 -4.40
N THR A 515 42.31 25.65 -5.27
CA THR A 515 41.62 26.92 -5.04
C THR A 515 40.10 26.80 -5.16
N THR A 516 39.66 25.63 -5.62
CA THR A 516 38.26 25.38 -5.97
C THR A 516 37.51 24.79 -4.78
N GLU A 517 36.31 25.30 -4.51
CA GLU A 517 35.59 24.83 -3.34
C GLU A 517 34.13 24.41 -3.58
N CYS A 518 33.37 25.18 -4.38
CA CYS A 518 31.92 25.04 -4.40
C CYS A 518 31.39 24.68 -5.78
N MET A 519 30.48 23.72 -5.83
CA MET A 519 29.99 23.14 -7.08
C MET A 519 28.48 23.23 -7.17
N VAL A 520 27.98 22.92 -8.37
CA VAL A 520 26.56 22.74 -8.64
C VAL A 520 26.43 21.58 -9.60
N THR A 521 25.39 20.76 -9.43
CA THR A 521 25.14 19.64 -10.31
C THR A 521 23.64 19.61 -10.62
N ASP A 522 23.20 18.57 -11.30
CA ASP A 522 21.79 18.35 -11.56
C ASP A 522 21.15 17.53 -10.43
N LEU A 523 19.83 17.65 -10.32
CA LEU A 523 19.07 16.84 -9.38
C LEU A 523 18.58 15.59 -10.09
N PRO A 524 19.00 14.39 -9.67
CA PRO A 524 18.64 13.09 -10.29
C PRO A 524 17.14 12.86 -10.35
N ALA B 1 -2.35 28.68 -16.69
CA ALA B 1 -2.26 27.30 -16.20
C ALA B 1 -2.75 27.19 -14.77
N ALA B 2 -2.36 26.12 -14.10
CA ALA B 2 -2.70 25.99 -12.68
C ALA B 2 -2.04 27.08 -11.88
N LYS B 3 -2.84 28.04 -11.42
CA LYS B 3 -2.33 29.28 -10.85
C LYS B 3 -2.08 29.16 -9.36
N ASP B 4 -1.01 29.81 -8.93
CA ASP B 4 -0.67 30.00 -7.52
C ASP B 4 -0.54 31.50 -7.29
N VAL B 5 -1.51 32.09 -6.61
CA VAL B 5 -1.54 33.51 -6.35
C VAL B 5 -1.02 33.74 -4.95
N LYS B 6 0.24 34.15 -4.83
CA LYS B 6 0.87 34.35 -3.53
C LYS B 6 1.07 35.84 -3.33
N PHE B 7 0.43 36.39 -2.30
CA PHE B 7 0.30 37.82 -2.12
C PHE B 7 1.35 38.35 -1.17
N GLY B 8 1.87 39.53 -1.49
CA GLY B 8 2.58 40.35 -0.52
C GLY B 8 3.83 39.70 0.02
N ASN B 9 3.88 39.59 1.35
CA ASN B 9 5.12 39.29 2.05
C ASN B 9 5.69 37.93 1.67
N ASP B 10 4.82 36.98 1.31
CA ASP B 10 5.31 35.66 0.93
C ASP B 10 6.07 35.72 -0.39
N ALA B 11 5.53 36.46 -1.36
CA ALA B 11 6.27 36.68 -2.60
C ALA B 11 7.60 37.37 -2.32
N ARG B 12 7.59 38.36 -1.43
CA ARG B 12 8.81 39.08 -1.09
C ARG B 12 9.84 38.15 -0.48
N VAL B 13 9.42 37.28 0.45
CA VAL B 13 10.38 36.41 1.13
C VAL B 13 10.91 35.36 0.16
N LYS B 14 10.08 34.91 -0.78
CA LYS B 14 10.61 34.01 -1.81
C LYS B 14 11.65 34.70 -2.67
N MET B 15 11.37 35.94 -3.09
CA MET B 15 12.32 36.66 -3.91
C MET B 15 13.64 36.87 -3.16
N LEU B 16 13.53 37.26 -1.89
CA LEU B 16 14.72 37.52 -1.08
C LEU B 16 15.49 36.23 -0.82
N ARG B 17 14.79 35.12 -0.61
CA ARG B 17 15.48 33.85 -0.44
C ARG B 17 16.25 33.49 -1.69
N GLY B 18 15.65 33.71 -2.86
CA GLY B 18 16.37 33.45 -4.10
C GLY B 18 17.61 34.31 -4.24
N VAL B 19 17.48 35.61 -3.98
CA VAL B 19 18.62 36.50 -4.15
C VAL B 19 19.70 36.19 -3.12
N ASN B 20 19.29 35.75 -1.93
CA ASN B 20 20.28 35.41 -0.90
C ASN B 20 21.01 34.13 -1.23
N VAL B 21 20.30 33.13 -1.78
CA VAL B 21 20.97 31.90 -2.22
C VAL B 21 21.98 32.21 -3.31
N LEU B 22 21.57 33.05 -4.26
CA LEU B 22 22.51 33.44 -5.32
C LEU B 22 23.70 34.20 -4.75
N ALA B 23 23.45 35.07 -3.77
CA ALA B 23 24.54 35.79 -3.13
C ALA B 23 25.49 34.84 -2.42
N ASP B 24 24.96 33.82 -1.76
CA ASP B 24 25.80 32.82 -1.12
C ASP B 24 26.67 32.13 -2.15
N ALA B 25 26.09 31.81 -3.30
CA ALA B 25 26.87 31.18 -4.37
C ALA B 25 27.96 32.10 -4.89
N VAL B 26 27.67 33.39 -5.03
CA VAL B 26 28.49 34.27 -5.86
C VAL B 26 29.50 35.06 -5.04
N LYS B 27 29.11 35.56 -3.87
CA LYS B 27 29.91 36.55 -3.15
C LYS B 27 31.30 36.05 -2.80
N VAL B 28 31.49 34.73 -2.76
CA VAL B 28 32.79 34.15 -2.43
C VAL B 28 33.80 34.46 -3.52
N THR B 29 33.35 35.10 -4.60
CA THR B 29 34.20 35.41 -5.75
C THR B 29 34.46 36.91 -5.91
N LEU B 30 34.66 37.62 -4.81
CA LEU B 30 34.85 39.07 -4.84
C LEU B 30 36.12 39.46 -4.11
N GLY B 31 36.90 40.35 -4.72
CA GLY B 31 38.10 40.85 -4.09
C GLY B 31 39.30 39.98 -4.39
N PRO B 32 40.48 40.42 -3.96
CA PRO B 32 41.68 39.61 -4.18
C PRO B 32 41.61 38.25 -3.52
N LYS B 33 40.97 38.17 -2.36
CA LYS B 33 40.77 36.90 -1.68
C LYS B 33 39.38 36.33 -1.89
N GLY B 34 38.63 36.87 -2.84
CA GLY B 34 37.50 36.14 -3.37
C GLY B 34 37.99 34.88 -4.07
N ARG B 35 37.19 33.82 -3.98
CA ARG B 35 37.64 32.48 -4.35
C ARG B 35 36.75 31.94 -5.45
N ASN B 36 37.17 30.81 -6.03
CA ASN B 36 36.67 30.35 -7.31
C ASN B 36 35.33 29.62 -7.20
N VAL B 37 34.60 29.60 -8.30
CA VAL B 37 33.40 28.76 -8.44
C VAL B 37 33.45 28.12 -9.82
N VAL B 38 33.20 26.82 -9.88
CA VAL B 38 33.33 26.05 -11.12
C VAL B 38 31.93 25.61 -11.54
N LEU B 39 31.57 25.92 -12.79
CA LEU B 39 30.24 25.68 -13.32
C LEU B 39 30.26 24.39 -14.14
N ASP B 40 29.35 23.48 -13.80
CA ASP B 40 29.25 22.20 -14.52
C ASP B 40 28.44 22.36 -15.79
N LYS B 41 28.89 21.67 -16.84
CA LYS B 41 28.17 21.59 -18.10
C LYS B 41 27.91 20.14 -18.45
N SER B 42 26.73 19.87 -19.00
CA SER B 42 26.31 18.49 -19.27
C SER B 42 27.23 17.80 -20.27
N PHE B 43 27.67 18.52 -21.30
CA PHE B 43 28.56 17.97 -22.32
C PHE B 43 29.93 18.60 -22.11
N GLY B 44 30.76 17.92 -21.35
CA GLY B 44 32.09 18.40 -21.00
C GLY B 44 32.25 18.53 -19.51
N ALA B 45 33.39 19.08 -19.12
CA ALA B 45 33.74 19.22 -17.72
C ALA B 45 33.36 20.60 -17.19
N PRO B 46 33.10 20.71 -15.89
CA PRO B 46 32.91 22.04 -15.28
C PRO B 46 34.13 22.92 -15.47
N THR B 47 33.88 24.21 -15.66
CA THR B 47 34.89 25.21 -15.94
C THR B 47 34.93 26.23 -14.82
N ILE B 48 36.14 26.64 -14.43
CA ILE B 48 36.36 27.52 -13.29
C ILE B 48 36.10 28.95 -13.71
N THR B 49 35.52 29.75 -12.80
CA THR B 49 35.24 31.14 -13.08
C THR B 49 35.11 31.92 -11.78
N LYS B 50 35.23 33.24 -11.90
CA LYS B 50 35.06 34.19 -10.81
C LYS B 50 34.10 35.32 -11.12
N ASP B 51 33.95 35.72 -12.38
CA ASP B 51 33.10 36.85 -12.74
C ASP B 51 31.64 36.53 -12.44
N GLY B 52 30.88 37.59 -12.13
CA GLY B 52 29.50 37.41 -11.72
C GLY B 52 28.61 36.86 -12.82
N VAL B 53 28.74 37.39 -14.04
CA VAL B 53 27.80 37.07 -15.11
C VAL B 53 27.90 35.59 -15.50
N SER B 54 29.11 35.04 -15.49
CA SER B 54 29.31 33.66 -15.91
C SER B 54 28.46 32.72 -15.07
N VAL B 55 28.49 32.88 -13.76
CA VAL B 55 27.62 32.09 -12.89
C VAL B 55 26.17 32.53 -13.04
N ALA B 56 25.93 33.84 -13.15
CA ALA B 56 24.58 34.38 -13.07
C ALA B 56 23.70 33.86 -14.20
N ARG B 57 24.26 33.75 -15.41
CA ARG B 57 23.47 33.28 -16.54
C ARG B 57 23.01 31.84 -16.37
N GLU B 58 23.64 31.08 -15.47
CA GLU B 58 23.37 29.66 -15.31
C GLU B 58 22.55 29.34 -14.07
N ILE B 59 21.77 30.29 -13.58
CA ILE B 59 21.09 30.13 -12.29
C ILE B 59 19.64 29.74 -12.51
N GLU B 60 19.19 28.70 -11.80
CA GLU B 60 17.77 28.40 -11.65
C GLU B 60 17.59 27.76 -10.28
N LEU B 61 16.39 27.91 -9.73
CA LEU B 61 16.04 27.26 -8.47
C LEU B 61 14.78 26.44 -8.67
N GLU B 62 14.50 25.56 -7.71
CA GLU B 62 13.40 24.61 -7.87
C GLU B 62 12.04 25.31 -7.76
N ASP B 63 11.90 26.21 -6.80
CA ASP B 63 10.64 26.92 -6.64
C ASP B 63 10.46 27.92 -7.77
N LYS B 64 9.22 28.00 -8.28
CA LYS B 64 8.92 28.89 -9.38
C LYS B 64 9.07 30.35 -8.99
N PHE B 65 8.67 30.70 -7.77
CA PHE B 65 9.03 32.01 -7.24
C PHE B 65 10.54 32.20 -7.20
N GLU B 66 11.26 31.21 -6.67
CA GLU B 66 12.71 31.30 -6.67
C GLU B 66 13.25 31.32 -8.10
N ASN B 67 12.59 30.60 -9.01
CA ASN B 67 12.95 30.66 -10.43
C ASN B 67 12.90 32.08 -10.97
N MET B 68 11.78 32.76 -10.78
CA MET B 68 11.66 34.10 -11.34
C MET B 68 12.56 35.08 -10.60
N GLY B 69 12.77 34.88 -9.30
CA GLY B 69 13.74 35.70 -8.59
C GLY B 69 15.12 35.60 -9.21
N ALA B 70 15.55 34.38 -9.52
CA ALA B 70 16.81 34.19 -10.23
C ALA B 70 16.78 34.86 -11.60
N GLN B 71 15.64 34.78 -12.29
CA GLN B 71 15.55 35.35 -13.63
C GLN B 71 15.73 36.87 -13.61
N MET B 72 15.06 37.55 -12.67
CA MET B 72 15.22 39.00 -12.61
C MET B 72 16.53 39.44 -11.98
N VAL B 73 17.17 38.59 -11.16
CA VAL B 73 18.48 39.00 -10.68
C VAL B 73 19.56 38.74 -11.73
N LYS B 74 19.30 37.85 -12.69
CA LYS B 74 20.26 37.61 -13.76
C LYS B 74 20.40 38.80 -14.70
N GLU B 75 19.30 39.50 -14.98
CA GLU B 75 19.34 40.59 -15.95
C GLU B 75 20.13 41.80 -15.44
N VAL B 76 20.24 41.99 -14.13
CA VAL B 76 21.08 43.06 -13.60
C VAL B 76 22.53 42.83 -13.98
N ALA B 77 23.01 41.61 -13.74
CA ALA B 77 24.37 41.25 -14.16
C ALA B 77 24.49 41.28 -15.67
N SER B 78 23.42 40.93 -16.39
CA SER B 78 23.45 41.01 -17.84
C SER B 78 23.69 42.44 -18.30
N LYS B 79 22.97 43.40 -17.71
CA LYS B 79 23.17 44.80 -18.05
C LYS B 79 24.57 45.28 -17.64
N ALA B 80 25.04 44.87 -16.46
CA ALA B 80 26.36 45.26 -16.01
C ALA B 80 27.44 44.78 -16.96
N ASN B 81 27.32 43.54 -17.44
CA ASN B 81 28.24 43.03 -18.45
C ASN B 81 28.09 43.77 -19.77
N ASP B 82 26.85 44.07 -20.16
CA ASP B 82 26.61 44.79 -21.41
C ASP B 82 27.23 46.17 -21.37
N ALA B 83 27.41 46.74 -20.18
CA ALA B 83 28.06 48.04 -20.08
C ALA B 83 29.55 47.94 -20.40
N ALA B 84 30.30 47.19 -19.60
CA ALA B 84 31.73 47.03 -19.82
C ALA B 84 32.20 45.59 -19.76
N GLY B 85 31.66 44.78 -18.85
CA GLY B 85 32.10 43.42 -18.68
C GLY B 85 32.85 43.11 -17.39
N ASP B 86 32.95 44.07 -16.47
CA ASP B 86 33.58 43.84 -15.18
C ASP B 86 32.73 44.53 -14.12
N GLY B 87 33.19 44.45 -12.87
CA GLY B 87 32.43 45.01 -11.77
C GLY B 87 31.08 44.36 -11.55
N THR B 88 30.85 43.18 -12.14
CA THR B 88 29.55 42.53 -11.99
C THR B 88 29.32 42.08 -10.56
N THR B 89 30.34 41.52 -9.91
CA THR B 89 30.17 41.06 -8.54
C THR B 89 29.87 42.24 -7.62
N THR B 90 30.50 43.37 -7.86
CA THR B 90 30.16 44.59 -7.12
C THR B 90 28.73 45.01 -7.38
N ALA B 91 28.28 44.89 -8.63
CA ALA B 91 26.88 45.19 -8.95
C ALA B 91 25.94 44.30 -8.16
N THR B 92 26.27 43.01 -8.04
CA THR B 92 25.44 42.10 -7.27
C THR B 92 25.45 42.44 -5.79
N VAL B 93 26.61 42.80 -5.25
CA VAL B 93 26.69 43.21 -3.84
C VAL B 93 25.80 44.41 -3.57
N LEU B 94 25.87 45.41 -4.44
CA LEU B 94 25.03 46.58 -4.26
C LEU B 94 23.55 46.22 -4.45
N ALA B 95 23.25 45.35 -5.40
CA ALA B 95 21.86 44.98 -5.64
C ALA B 95 21.27 44.28 -4.41
N GLN B 96 22.00 43.31 -3.85
CA GLN B 96 21.50 42.62 -2.67
C GLN B 96 21.37 43.58 -1.49
N ALA B 97 22.37 44.43 -1.28
CA ALA B 97 22.30 45.38 -0.16
C ALA B 97 21.10 46.29 -0.30
N ILE B 98 20.92 46.90 -1.47
CA ILE B 98 19.85 47.86 -1.67
C ILE B 98 18.50 47.18 -1.60
N ILE B 99 18.35 46.02 -2.22
CA ILE B 99 17.05 45.35 -2.19
C ILE B 99 16.72 44.92 -0.78
N THR B 100 17.72 44.48 -0.01
CA THR B 100 17.47 44.10 1.37
C THR B 100 17.02 45.30 2.20
N GLU B 101 17.72 46.43 2.04
CA GLU B 101 17.33 47.64 2.74
C GLU B 101 15.91 48.04 2.36
N GLY B 102 15.59 48.00 1.06
CA GLY B 102 14.28 48.43 0.61
C GLY B 102 13.16 47.51 1.04
N LEU B 103 13.43 46.21 1.10
CA LEU B 103 12.39 45.29 1.56
C LEU B 103 12.17 45.42 3.05
N LYS B 104 13.23 45.68 3.82
CA LYS B 104 13.01 46.02 5.22
C LYS B 104 12.22 47.31 5.34
N ALA B 105 12.45 48.27 4.44
CA ALA B 105 11.69 49.51 4.47
C ALA B 105 10.21 49.26 4.20
N VAL B 106 9.91 48.49 3.15
CA VAL B 106 8.51 48.20 2.81
C VAL B 106 7.87 47.23 3.79
N ALA B 107 8.66 46.53 4.60
CA ALA B 107 8.11 45.74 5.69
C ALA B 107 7.41 46.62 6.73
N ALA B 108 7.72 47.91 6.75
CA ALA B 108 7.02 48.87 7.58
C ALA B 108 5.77 49.42 6.91
N GLY B 109 5.50 49.03 5.67
CA GLY B 109 4.31 49.47 4.97
C GLY B 109 4.30 50.95 4.66
N MET B 110 5.46 51.49 4.27
CA MET B 110 5.61 52.90 4.00
C MET B 110 5.68 53.15 2.49
N ASN B 111 5.42 54.40 2.11
CA ASN B 111 5.19 54.75 0.71
C ASN B 111 6.38 54.35 -0.15
N PRO B 112 6.26 53.31 -0.99
CA PRO B 112 7.43 52.80 -1.71
C PRO B 112 7.86 53.69 -2.87
N MET B 113 6.90 54.29 -3.57
CA MET B 113 7.25 55.07 -4.75
C MET B 113 7.92 56.40 -4.38
N ASP B 114 7.60 56.98 -3.23
CA ASP B 114 8.38 58.13 -2.77
C ASP B 114 9.82 57.73 -2.47
N LEU B 115 10.01 56.56 -1.84
CA LEU B 115 11.35 56.03 -1.67
C LEU B 115 12.05 55.87 -3.00
N LYS B 116 11.35 55.34 -4.00
CA LYS B 116 11.97 55.12 -5.31
C LYS B 116 12.32 56.45 -5.96
N ARG B 117 11.47 57.47 -5.82
CA ARG B 117 11.79 58.79 -6.33
C ARG B 117 13.04 59.35 -5.68
N GLY B 118 13.10 59.31 -4.35
CA GLY B 118 14.29 59.79 -3.65
C GLY B 118 15.54 59.04 -4.06
N ILE B 119 15.39 57.72 -4.29
CA ILE B 119 16.53 56.91 -4.71
C ILE B 119 16.99 57.29 -6.10
N ASP B 120 16.04 57.54 -7.01
CA ASP B 120 16.41 57.94 -8.37
C ASP B 120 17.12 59.28 -8.37
N LYS B 121 16.63 60.24 -7.58
CA LYS B 121 17.33 61.52 -7.48
C LYS B 121 18.71 61.34 -6.86
N ALA B 122 18.83 60.47 -5.86
CA ALA B 122 20.13 60.18 -5.28
C ALA B 122 21.07 59.58 -6.32
N VAL B 123 20.55 58.70 -7.17
CA VAL B 123 21.38 58.08 -8.21
C VAL B 123 21.85 59.13 -9.21
N THR B 124 20.95 60.02 -9.62
CA THR B 124 21.33 61.09 -10.55
C THR B 124 22.43 61.96 -9.93
N ALA B 125 22.22 62.41 -8.70
CA ALA B 125 23.23 63.24 -8.03
C ALA B 125 24.53 62.48 -7.84
N ALA B 126 24.44 61.16 -7.61
CA ALA B 126 25.64 60.35 -7.47
C ALA B 126 26.41 60.26 -8.76
N VAL B 127 25.71 60.15 -9.89
CA VAL B 127 26.37 60.18 -11.19
C VAL B 127 27.05 61.53 -11.39
N GLU B 128 26.37 62.61 -11.01
CA GLU B 128 26.98 63.94 -11.12
C GLU B 128 28.26 64.03 -10.30
N GLU B 129 28.20 63.57 -9.05
CA GLU B 129 29.37 63.65 -8.18
C GLU B 129 30.49 62.74 -8.66
N LEU B 130 30.16 61.56 -9.17
CA LEU B 130 31.17 60.66 -9.71
C LEU B 130 31.88 61.30 -10.90
N LYS B 131 31.11 62.00 -11.76
CA LYS B 131 31.74 62.77 -12.82
C LYS B 131 32.66 63.85 -12.24
N ALA B 132 32.19 64.54 -11.20
CA ALA B 132 33.00 65.57 -10.56
C ALA B 132 34.27 65.00 -9.93
N LEU B 133 34.27 63.71 -9.61
CA LEU B 133 35.39 63.08 -8.91
C LEU B 133 36.21 62.16 -9.80
N SER B 134 35.67 61.73 -10.94
CA SER B 134 36.41 60.84 -11.81
C SER B 134 37.68 61.53 -12.30
N VAL B 135 38.77 60.78 -12.31
CA VAL B 135 40.06 61.32 -12.73
C VAL B 135 40.65 60.42 -13.82
N PRO B 136 41.36 60.96 -14.79
CA PRO B 136 41.87 60.14 -15.90
C PRO B 136 43.02 59.24 -15.46
N CYS B 137 43.20 58.17 -16.23
CA CYS B 137 44.34 57.27 -16.09
C CYS B 137 45.05 57.21 -17.45
N SER B 138 46.16 57.92 -17.57
CA SER B 138 46.81 58.13 -18.85
C SER B 138 48.18 57.48 -18.94
N ASP B 139 48.95 57.49 -17.86
CA ASP B 139 50.28 56.89 -17.90
C ASP B 139 50.19 55.43 -18.28
N SER B 140 51.00 55.05 -19.28
CA SER B 140 51.02 53.66 -19.73
C SER B 140 51.42 52.70 -18.63
N LYS B 141 52.17 53.17 -17.64
CA LYS B 141 52.57 52.31 -16.53
C LYS B 141 51.37 51.95 -15.65
N ALA B 142 50.54 52.92 -15.31
CA ALA B 142 49.34 52.60 -14.52
C ALA B 142 48.34 51.80 -15.33
N ILE B 143 48.28 52.04 -16.65
CA ILE B 143 47.37 51.27 -17.50
C ILE B 143 47.85 49.83 -17.61
N ALA B 144 49.17 49.63 -17.68
CA ALA B 144 49.72 48.28 -17.65
C ALA B 144 49.47 47.62 -16.31
N GLN B 145 49.55 48.38 -15.22
CA GLN B 145 49.18 47.86 -13.91
C GLN B 145 47.72 47.43 -13.88
N VAL B 146 46.85 48.21 -14.52
CA VAL B 146 45.43 47.87 -14.59
C VAL B 146 45.23 46.58 -15.38
N GLY B 147 45.88 46.47 -16.54
CA GLY B 147 45.79 45.24 -17.32
C GLY B 147 46.33 44.05 -16.56
N THR B 148 47.34 44.27 -15.72
CA THR B 148 47.87 43.21 -14.87
C THR B 148 46.84 42.79 -13.83
N ILE B 149 46.27 43.76 -13.12
CA ILE B 149 45.42 43.47 -11.96
C ILE B 149 44.10 42.86 -12.40
N SER B 150 43.49 43.42 -13.44
CA SER B 150 42.23 42.88 -13.94
C SER B 150 42.38 41.46 -14.48
N ALA B 151 43.59 41.09 -14.90
CA ALA B 151 43.92 39.70 -15.21
C ALA B 151 44.32 38.93 -13.96
N ASN B 152 43.90 39.41 -12.79
CA ASN B 152 44.28 38.83 -11.49
C ASN B 152 45.79 38.79 -11.33
N SER B 153 46.39 39.98 -11.40
CA SER B 153 47.83 40.18 -11.18
C SER B 153 48.66 39.34 -12.14
N ASP B 154 48.55 39.65 -13.42
CA ASP B 154 49.37 39.04 -14.47
C ASP B 154 50.17 40.15 -15.15
N GLU B 155 51.42 40.32 -14.73
CA GLU B 155 52.23 41.42 -15.25
C GLU B 155 52.50 41.28 -16.74
N THR B 156 52.68 40.05 -17.22
CA THR B 156 52.85 39.85 -18.66
C THR B 156 51.64 40.34 -19.43
N VAL B 157 50.44 40.14 -18.88
CA VAL B 157 49.22 40.58 -19.55
C VAL B 157 49.21 42.10 -19.68
N GLY B 158 49.45 42.81 -18.58
CA GLY B 158 49.47 44.26 -18.65
C GLY B 158 50.57 44.78 -19.55
N LYS B 159 51.75 44.15 -19.50
CA LYS B 159 52.86 44.54 -20.35
C LYS B 159 52.50 44.43 -21.82
N LEU B 160 51.98 43.26 -22.23
CA LEU B 160 51.65 43.06 -23.63
C LEU B 160 50.48 43.93 -24.06
N ILE B 161 49.52 44.18 -23.17
CA ILE B 161 48.41 45.06 -23.50
C ILE B 161 48.92 46.48 -23.76
N ALA B 162 49.82 46.95 -22.89
CA ALA B 162 50.40 48.28 -23.09
C ALA B 162 51.20 48.34 -24.39
N GLU B 163 51.97 47.29 -24.68
CA GLU B 163 52.74 47.25 -25.91
C GLU B 163 51.82 47.31 -27.13
N ALA B 164 50.75 46.51 -27.12
CA ALA B 164 49.83 46.48 -28.25
C ALA B 164 49.15 47.83 -28.43
N MET B 165 48.72 48.46 -27.33
CA MET B 165 48.10 49.78 -27.45
C MET B 165 49.09 50.80 -28.01
N ASP B 166 50.33 50.77 -27.52
CA ASP B 166 51.32 51.72 -28.00
C ASP B 166 51.59 51.55 -29.48
N LYS B 167 51.79 50.32 -29.93
CA LYS B 167 52.06 50.10 -31.34
C LYS B 167 50.82 50.32 -32.19
N VAL B 168 49.64 50.28 -31.58
CA VAL B 168 48.39 50.51 -32.30
C VAL B 168 47.95 51.96 -32.19
N GLY B 169 47.91 52.50 -30.98
CA GLY B 169 47.41 53.84 -30.76
C GLY B 169 45.94 53.84 -30.38
N LYS B 170 45.39 55.05 -30.35
CA LYS B 170 44.01 55.23 -29.90
C LYS B 170 43.02 54.63 -30.88
N GLU B 171 43.15 54.93 -32.16
CA GLU B 171 42.10 54.69 -33.13
C GLU B 171 42.17 53.31 -33.77
N GLY B 172 43.11 52.46 -33.36
CA GLY B 172 43.24 51.13 -33.93
C GLY B 172 42.37 50.11 -33.21
N VAL B 173 42.50 48.86 -33.67
CA VAL B 173 41.72 47.75 -33.15
C VAL B 173 42.68 46.67 -32.65
N ILE B 174 42.48 46.22 -31.42
CA ILE B 174 43.31 45.18 -30.82
C ILE B 174 42.43 43.98 -30.54
N THR B 175 42.82 42.82 -31.06
CA THR B 175 42.06 41.58 -30.91
C THR B 175 42.95 40.47 -30.38
N VAL B 176 42.33 39.55 -29.64
CA VAL B 176 43.01 38.41 -29.04
C VAL B 176 42.36 37.13 -29.55
N GLU B 177 43.17 36.19 -30.01
CA GLU B 177 42.69 34.93 -30.56
C GLU B 177 43.55 33.80 -30.02
N ASP B 178 43.21 32.59 -30.43
CA ASP B 178 43.93 31.40 -29.98
C ASP B 178 45.30 31.30 -30.63
N GLY B 179 46.20 30.60 -29.96
CA GLY B 179 47.49 30.29 -30.51
C GLY B 179 47.87 28.83 -30.27
N THR B 180 48.99 28.41 -30.84
CA THR B 180 49.47 27.04 -30.66
C THR B 180 50.72 26.93 -29.81
N GLY B 181 51.49 28.01 -29.68
CA GLY B 181 52.67 28.01 -28.86
C GLY B 181 52.32 28.05 -27.38
N LEU B 182 53.37 27.94 -26.57
CA LEU B 182 53.22 27.94 -25.11
C LEU B 182 53.24 29.34 -24.50
N GLN B 183 53.57 30.36 -25.29
CA GLN B 183 53.56 31.74 -24.83
C GLN B 183 52.76 32.61 -25.79
N ASP B 184 52.32 33.75 -25.30
CA ASP B 184 51.53 34.68 -26.09
C ASP B 184 52.42 35.41 -27.10
N GLU B 185 51.86 35.73 -28.26
CA GLU B 185 52.59 36.44 -29.29
C GLU B 185 51.75 37.58 -29.85
N LEU B 186 52.44 38.59 -30.38
CA LEU B 186 51.81 39.81 -30.88
C LEU B 186 52.24 40.08 -32.32
N ASP B 187 51.29 40.52 -33.13
CA ASP B 187 51.56 41.03 -34.47
C ASP B 187 50.78 42.31 -34.66
N VAL B 188 51.49 43.44 -34.79
CA VAL B 188 50.87 44.75 -34.91
C VAL B 188 51.20 45.33 -36.27
N VAL B 189 50.16 45.81 -36.96
CA VAL B 189 50.30 46.38 -38.29
C VAL B 189 49.41 47.63 -38.36
N GLU B 190 49.70 48.49 -39.35
CA GLU B 190 48.84 49.63 -39.65
C GLU B 190 47.67 49.11 -40.48
N GLY B 191 46.51 48.95 -39.84
CA GLY B 191 45.39 48.27 -40.41
C GLY B 191 44.25 49.19 -40.82
N MET B 192 43.09 48.59 -41.07
CA MET B 192 41.94 49.29 -41.60
C MET B 192 40.69 48.83 -40.86
N GLN B 193 39.65 49.66 -40.90
CA GLN B 193 38.37 49.30 -40.31
C GLN B 193 37.27 50.13 -40.94
N PHE B 194 36.12 49.51 -41.18
CA PHE B 194 34.93 50.24 -41.61
C PHE B 194 33.70 49.56 -41.05
N ASP B 195 32.66 50.37 -40.83
CA ASP B 195 31.45 49.92 -40.11
C ASP B 195 30.47 49.27 -41.08
N ARG B 196 30.71 47.98 -41.32
CA ARG B 196 29.78 47.14 -42.06
C ARG B 196 29.67 45.79 -41.38
N GLY B 197 28.47 45.20 -41.47
CA GLY B 197 28.23 43.89 -40.92
C GLY B 197 28.24 42.82 -42.00
N TYR B 198 28.47 41.58 -41.58
CA TYR B 198 28.40 40.47 -42.52
C TYR B 198 26.99 40.31 -43.05
N LEU B 199 26.89 40.04 -44.36
CA LEU B 199 25.59 39.92 -45.00
C LEU B 199 24.94 38.56 -44.79
N SER B 200 25.63 37.62 -44.14
CA SER B 200 25.08 36.29 -43.89
C SER B 200 25.63 35.74 -42.59
N PRO B 201 24.76 35.34 -41.65
CA PRO B 201 25.25 34.70 -40.42
C PRO B 201 25.95 33.38 -40.69
N TYR B 202 25.62 32.70 -41.79
CA TYR B 202 26.26 31.42 -42.10
C TYR B 202 27.72 31.58 -42.52
N PHE B 203 28.16 32.79 -42.86
CA PHE B 203 29.58 33.03 -43.09
C PHE B 203 30.40 32.96 -41.82
N ILE B 204 29.75 32.99 -40.66
CA ILE B 204 30.47 32.98 -39.38
C ILE B 204 31.17 31.65 -39.22
N ASN B 205 32.50 31.66 -39.34
CA ASN B 205 33.30 30.45 -39.17
C ASN B 205 33.59 30.14 -37.71
N LYS B 206 33.24 31.04 -36.80
CA LYS B 206 33.45 30.84 -35.36
C LYS B 206 32.11 31.08 -34.68
N PRO B 207 31.20 30.10 -34.73
CA PRO B 207 29.82 30.33 -34.27
C PRO B 207 29.71 30.66 -32.79
N GLU B 208 30.71 30.29 -31.97
CA GLU B 208 30.64 30.59 -30.54
C GLU B 208 30.68 32.09 -30.29
N THR B 209 31.13 32.87 -31.27
CA THR B 209 31.22 34.32 -31.15
C THR B 209 30.35 35.07 -32.14
N GLY B 210 29.84 34.42 -33.17
CA GLY B 210 29.05 35.09 -34.18
C GLY B 210 29.82 36.10 -35.01
N ALA B 211 31.06 35.78 -35.35
CA ALA B 211 31.91 36.65 -36.16
C ALA B 211 32.73 35.81 -37.13
N VAL B 212 33.24 36.47 -38.16
CA VAL B 212 33.95 35.81 -39.25
C VAL B 212 35.43 36.17 -39.16
N GLU B 213 36.29 35.16 -39.14
CA GLU B 213 37.74 35.33 -39.16
C GLU B 213 38.30 34.67 -40.41
N LEU B 214 39.21 35.37 -41.09
CA LEU B 214 39.88 34.81 -42.26
C LEU B 214 41.37 35.12 -42.18
N GLU B 215 42.19 34.17 -42.62
CA GLU B 215 43.63 34.26 -42.54
C GLU B 215 44.22 34.25 -43.94
N SER B 216 45.05 35.25 -44.25
CA SER B 216 45.68 35.41 -45.55
C SER B 216 44.69 35.29 -46.71
N PRO B 217 43.66 36.15 -46.78
CA PRO B 217 42.68 36.00 -47.86
C PRO B 217 43.04 36.80 -49.11
N PHE B 218 42.14 36.78 -50.09
CA PHE B 218 42.17 37.70 -51.21
C PHE B 218 41.11 38.79 -51.02
N ILE B 219 41.31 39.90 -51.71
CA ILE B 219 40.42 41.05 -51.61
C ILE B 219 39.81 41.34 -52.96
N LEU B 220 38.48 41.40 -53.02
CA LEU B 220 37.73 41.67 -54.23
C LEU B 220 36.81 42.86 -53.93
N LEU B 221 37.29 44.07 -54.21
CA LEU B 221 36.53 45.29 -53.91
C LEU B 221 35.63 45.59 -55.11
N ALA B 222 34.35 45.31 -54.97
CA ALA B 222 33.40 45.52 -56.06
C ALA B 222 32.67 46.83 -55.83
N ASP B 223 32.98 47.83 -56.66
CA ASP B 223 32.15 49.03 -56.71
C ASP B 223 30.99 48.76 -57.65
N LYS B 224 30.31 47.63 -57.43
CA LYS B 224 29.24 47.17 -58.30
C LYS B 224 28.34 46.23 -57.52
N LYS B 225 27.19 45.94 -58.10
CA LYS B 225 26.21 45.06 -57.49
C LYS B 225 26.42 43.63 -57.98
N ILE B 226 26.69 42.72 -57.05
CA ILE B 226 26.92 41.31 -57.34
C ILE B 226 25.70 40.54 -56.88
N SER B 227 24.77 40.31 -57.80
CA SER B 227 23.50 39.66 -57.50
C SER B 227 23.43 38.22 -57.97
N ASN B 228 24.01 37.90 -59.12
CA ASN B 228 24.00 36.55 -59.65
C ASN B 228 25.36 35.90 -59.43
N ILE B 229 25.34 34.65 -58.99
CA ILE B 229 26.58 33.91 -58.81
C ILE B 229 27.27 33.60 -60.14
N ARG B 230 26.58 33.81 -61.26
CA ARG B 230 27.23 33.67 -62.56
C ARG B 230 28.41 34.61 -62.70
N GLU B 231 28.42 35.71 -61.93
CA GLU B 231 29.53 36.64 -61.94
C GLU B 231 30.77 36.06 -61.27
N MET B 232 30.70 34.85 -60.74
CA MET B 232 31.69 34.40 -59.76
C MET B 232 32.15 32.96 -59.93
N LEU B 233 31.68 32.23 -60.94
CA LEU B 233 32.13 30.85 -61.13
C LEU B 233 33.64 30.70 -61.27
N PRO B 234 34.34 31.47 -62.11
CA PRO B 234 35.79 31.27 -62.20
C PRO B 234 36.54 31.61 -60.92
N VAL B 235 36.33 32.82 -60.38
CA VAL B 235 37.10 33.26 -59.22
C VAL B 235 36.92 32.31 -58.05
N LEU B 236 35.68 31.87 -57.81
CA LEU B 236 35.43 30.87 -56.77
C LEU B 236 36.30 29.64 -57.01
N GLU B 237 36.26 29.08 -58.22
CA GLU B 237 37.13 27.96 -58.54
C GLU B 237 38.58 28.33 -58.31
N ALA B 238 38.97 29.55 -58.72
CA ALA B 238 40.32 30.01 -58.46
C ALA B 238 40.63 30.01 -56.97
N VAL B 239 39.69 30.50 -56.17
CA VAL B 239 39.85 30.41 -54.72
C VAL B 239 39.94 28.96 -54.29
N ALA B 240 39.08 28.11 -54.87
CA ALA B 240 39.19 26.67 -54.62
C ALA B 240 40.56 26.16 -55.02
N LYS B 241 41.12 26.72 -56.10
CA LYS B 241 42.48 26.38 -56.48
C LYS B 241 43.50 27.09 -55.60
N ALA B 242 43.17 28.30 -55.14
CA ALA B 242 44.13 29.08 -54.36
C ALA B 242 44.32 28.48 -52.96
N GLY B 243 43.24 28.08 -52.32
CA GLY B 243 43.30 27.58 -50.97
C GLY B 243 43.25 28.65 -49.90
N LYS B 244 43.43 29.92 -50.27
CA LYS B 244 43.31 31.02 -49.34
C LYS B 244 42.01 31.76 -49.56
N PRO B 245 41.44 32.37 -48.52
CA PRO B 245 40.08 32.88 -48.60
C PRO B 245 39.95 34.06 -49.55
N LEU B 246 38.70 34.48 -49.75
CA LEU B 246 38.36 35.66 -50.54
C LEU B 246 37.26 36.45 -49.83
N LEU B 247 37.46 37.75 -49.76
CA LEU B 247 36.51 38.68 -49.16
C LEU B 247 36.06 39.66 -50.24
N ILE B 248 34.75 39.80 -50.40
CA ILE B 248 34.15 40.51 -51.52
C ILE B 248 33.44 41.74 -50.96
N ILE B 249 34.12 42.88 -51.03
CA ILE B 249 33.58 44.14 -50.50
C ILE B 249 32.79 44.77 -51.63
N ALA B 250 31.55 44.33 -51.80
CA ALA B 250 30.71 44.76 -52.91
C ALA B 250 29.70 45.78 -52.42
N GLU B 251 28.96 46.36 -53.38
CA GLU B 251 27.88 47.27 -53.00
C GLU B 251 26.82 46.56 -52.20
N ASP B 252 26.43 45.36 -52.65
CA ASP B 252 25.48 44.50 -51.95
C ASP B 252 25.43 43.17 -52.70
N VAL B 253 24.83 42.16 -52.07
CA VAL B 253 24.67 40.85 -52.66
C VAL B 253 23.23 40.40 -52.46
N GLU B 254 22.61 39.90 -53.53
CA GLU B 254 21.22 39.45 -53.49
C GLU B 254 21.16 38.00 -53.04
N GLY B 255 19.97 37.40 -53.14
CA GLY B 255 19.73 36.10 -52.54
C GLY B 255 20.51 34.97 -53.20
N GLU B 256 20.52 34.92 -54.54
CA GLU B 256 21.02 33.75 -55.24
C GLU B 256 22.53 33.62 -55.12
N ALA B 257 23.27 34.70 -55.39
CA ALA B 257 24.72 34.65 -55.30
C ALA B 257 25.18 34.39 -53.87
N LEU B 258 24.54 35.05 -52.90
CA LEU B 258 24.89 34.84 -51.50
C LEU B 258 24.60 33.41 -51.06
N ALA B 259 23.46 32.87 -51.51
CA ALA B 259 23.11 31.49 -51.17
C ALA B 259 24.10 30.51 -51.76
N THR B 260 24.51 30.72 -53.01
CA THR B 260 25.51 29.83 -53.61
C THR B 260 26.84 29.94 -52.86
N LEU B 261 27.24 31.15 -52.47
CA LEU B 261 28.47 31.33 -51.72
C LEU B 261 28.42 30.58 -50.39
N VAL B 262 27.33 30.73 -49.65
CA VAL B 262 27.26 30.09 -48.33
C VAL B 262 27.14 28.58 -48.46
N VAL B 263 26.48 28.09 -49.52
CA VAL B 263 26.43 26.65 -49.75
C VAL B 263 27.82 26.10 -50.05
N ASN B 264 28.58 26.79 -50.90
CA ASN B 264 29.92 26.33 -51.22
C ASN B 264 30.88 26.43 -50.04
N THR B 265 30.67 27.40 -49.14
CA THR B 265 31.51 27.50 -47.96
C THR B 265 31.36 26.27 -47.06
N MET B 266 30.12 25.81 -46.88
CA MET B 266 29.88 24.68 -45.98
C MET B 266 30.10 23.34 -46.66
N ARG B 267 30.37 23.32 -47.97
CA ARG B 267 30.72 22.09 -48.66
C ARG B 267 32.22 21.87 -48.75
N GLY B 268 33.04 22.76 -48.18
CA GLY B 268 34.47 22.62 -48.23
C GLY B 268 35.11 23.04 -49.54
N ILE B 269 34.36 23.68 -50.44
CA ILE B 269 34.91 24.06 -51.73
C ILE B 269 35.75 25.32 -51.61
N VAL B 270 35.15 26.40 -51.10
CA VAL B 270 35.82 27.70 -51.03
C VAL B 270 35.52 28.35 -49.69
N LYS B 271 36.46 29.18 -49.23
CA LYS B 271 36.25 30.08 -48.11
C LYS B 271 36.07 31.48 -48.70
N VAL B 272 34.86 31.78 -49.14
CA VAL B 272 34.57 33.04 -49.83
C VAL B 272 33.37 33.71 -49.16
N ALA B 273 33.54 34.98 -48.78
CA ALA B 273 32.49 35.75 -48.14
C ALA B 273 32.31 37.07 -48.86
N ALA B 274 31.15 37.69 -48.66
CA ALA B 274 30.82 38.97 -49.30
C ALA B 274 30.11 39.87 -48.30
N VAL B 275 30.50 41.15 -48.29
CA VAL B 275 29.90 42.17 -47.43
C VAL B 275 29.66 43.42 -48.27
N LYS B 276 28.97 44.39 -47.67
CA LYS B 276 28.62 45.62 -48.35
C LYS B 276 29.74 46.65 -48.26
N ALA B 277 29.98 47.34 -49.37
CA ALA B 277 31.04 48.34 -49.42
C ALA B 277 30.66 49.54 -48.57
N PRO B 278 31.54 49.98 -47.67
CA PRO B 278 31.20 51.11 -46.80
C PRO B 278 31.06 52.41 -47.58
N GLY B 279 30.21 53.29 -47.08
CA GLY B 279 30.06 54.63 -47.64
C GLY B 279 28.81 54.76 -48.50
N PHE B 280 28.52 56.01 -48.87
CA PHE B 280 27.40 56.32 -49.74
C PHE B 280 27.83 57.41 -50.71
N GLY B 281 28.07 57.04 -51.96
CA GLY B 281 28.48 58.00 -52.97
C GLY B 281 29.98 57.99 -53.20
N ASP B 282 30.57 59.19 -53.29
CA ASP B 282 32.01 59.29 -53.52
C ASP B 282 32.81 58.65 -52.38
N ARG B 283 32.27 58.70 -51.15
CA ARG B 283 32.96 58.13 -50.01
C ARG B 283 33.09 56.61 -50.15
N ARG B 284 32.09 55.95 -50.74
CA ARG B 284 32.15 54.51 -50.87
C ARG B 284 33.27 54.08 -51.82
N LYS B 285 33.33 54.69 -53.00
CA LYS B 285 34.42 54.41 -53.93
C LYS B 285 35.75 54.84 -53.32
N ALA B 286 35.74 55.90 -52.51
CA ALA B 286 36.97 56.34 -51.86
C ALA B 286 37.51 55.29 -50.91
N MET B 287 36.63 54.72 -50.07
CA MET B 287 37.06 53.61 -49.21
C MET B 287 37.52 52.42 -50.04
N LEU B 288 36.79 52.10 -51.11
CA LEU B 288 37.15 50.95 -51.93
C LEU B 288 38.54 51.11 -52.53
N GLN B 289 38.86 52.29 -53.04
CA GLN B 289 40.17 52.52 -53.63
C GLN B 289 41.26 52.64 -52.56
N ASP B 290 40.91 53.15 -51.38
CA ASP B 290 41.86 53.10 -50.26
C ASP B 290 42.26 51.67 -49.97
N ILE B 291 41.28 50.77 -49.87
CA ILE B 291 41.57 49.36 -49.63
C ILE B 291 42.36 48.78 -50.79
N ALA B 292 42.04 49.21 -52.02
CA ALA B 292 42.78 48.73 -53.18
C ALA B 292 44.25 49.08 -53.10
N THR B 293 44.57 50.35 -52.80
CA THR B 293 45.97 50.76 -52.70
C THR B 293 46.66 50.08 -51.53
N LEU B 294 45.92 49.86 -50.43
CA LEU B 294 46.57 49.36 -49.21
C LEU B 294 47.00 47.90 -49.34
N THR B 295 46.14 47.04 -49.86
CA THR B 295 46.40 45.61 -49.87
C THR B 295 47.03 45.12 -51.16
N GLY B 296 47.38 46.01 -52.08
CA GLY B 296 47.82 45.57 -53.38
C GLY B 296 46.70 44.94 -54.17
N GLY B 297 45.49 45.49 -54.06
CA GLY B 297 44.35 45.02 -54.82
C GLY B 297 43.75 46.14 -55.65
N THR B 298 42.58 45.89 -56.23
CA THR B 298 41.92 46.87 -57.07
C THR B 298 40.42 46.77 -56.88
N VAL B 299 39.74 47.92 -56.96
CA VAL B 299 38.29 47.95 -56.85
C VAL B 299 37.67 47.58 -58.19
N ILE B 300 36.59 46.79 -58.12
CA ILE B 300 35.91 46.29 -59.31
C ILE B 300 34.71 47.18 -59.57
N SER B 301 34.69 47.85 -60.72
CA SER B 301 33.59 48.70 -61.11
C SER B 301 33.38 48.61 -62.61
N GLU B 302 32.21 49.06 -63.07
CA GLU B 302 31.89 49.03 -64.49
C GLU B 302 32.28 50.30 -65.22
N GLU B 303 32.79 51.31 -64.52
CA GLU B 303 33.13 52.59 -65.13
C GLU B 303 34.62 52.72 -65.46
N ILE B 304 35.40 51.66 -65.28
CA ILE B 304 36.83 51.69 -65.60
C ILE B 304 37.19 50.81 -66.79
N GLY B 305 36.31 49.91 -67.21
CA GLY B 305 36.59 49.03 -68.34
C GLY B 305 37.07 47.65 -67.99
N MET B 306 37.23 47.33 -66.70
CA MET B 306 37.66 46.02 -66.26
C MET B 306 36.49 45.35 -65.56
N GLU B 307 36.18 44.12 -65.98
CA GLU B 307 34.95 43.44 -65.60
C GLU B 307 35.21 42.47 -64.46
N LEU B 308 34.18 42.28 -63.62
CA LEU B 308 34.29 41.37 -62.48
C LEU B 308 34.62 39.95 -62.92
N GLU B 309 33.98 39.49 -64.01
CA GLU B 309 34.17 38.12 -64.46
C GLU B 309 35.61 37.86 -64.90
N LYS B 310 36.24 38.86 -65.53
CA LYS B 310 37.57 38.65 -66.10
C LYS B 310 38.70 39.05 -65.15
N ALA B 311 38.39 39.35 -63.89
CA ALA B 311 39.44 39.65 -62.92
C ALA B 311 40.27 38.40 -62.63
N THR B 312 41.52 38.63 -62.24
CA THR B 312 42.48 37.55 -62.00
C THR B 312 42.97 37.59 -60.55
N LEU B 313 43.93 36.72 -60.25
CA LEU B 313 44.43 36.60 -58.88
C LEU B 313 45.15 37.86 -58.42
N GLU B 314 45.99 38.45 -59.28
CA GLU B 314 46.68 39.67 -58.88
C GLU B 314 45.71 40.83 -58.71
N ASP B 315 44.59 40.82 -59.44
CA ASP B 315 43.50 41.74 -59.18
C ASP B 315 42.91 41.55 -57.79
N LEU B 316 43.10 40.38 -57.19
CA LEU B 316 42.71 40.14 -55.81
C LEU B 316 43.87 40.53 -54.91
N GLY B 317 43.68 41.56 -54.10
CA GLY B 317 44.70 41.94 -53.15
C GLY B 317 45.02 40.83 -52.18
N GLN B 318 46.18 40.93 -51.56
CA GLN B 318 46.61 39.92 -50.60
C GLN B 318 46.81 40.57 -49.24
N ALA B 319 46.39 39.85 -48.20
CA ALA B 319 46.40 40.38 -46.85
C ALA B 319 46.77 39.26 -45.88
N LYS B 320 46.59 39.53 -44.59
CA LYS B 320 46.93 38.60 -43.53
C LYS B 320 45.75 38.18 -42.68
N ARG B 321 44.92 39.12 -42.22
CA ARG B 321 43.80 38.76 -41.36
C ARG B 321 42.61 39.67 -41.62
N VAL B 322 41.43 39.08 -41.55
CA VAL B 322 40.17 39.79 -41.75
C VAL B 322 39.21 39.38 -40.64
N VAL B 323 38.59 40.38 -39.98
CA VAL B 323 37.60 40.16 -38.94
C VAL B 323 36.33 40.90 -39.31
N ILE B 324 35.18 40.21 -39.23
CA ILE B 324 33.88 40.81 -39.52
C ILE B 324 32.92 40.49 -38.39
N ASN B 325 32.17 41.49 -37.95
CA ASN B 325 31.12 41.27 -36.96
C ASN B 325 29.80 41.81 -37.47
N LYS B 326 28.79 41.89 -36.59
CA LYS B 326 27.47 42.31 -37.01
C LYS B 326 27.47 43.75 -37.52
N ASP B 327 28.47 44.55 -37.14
CA ASP B 327 28.46 45.98 -37.45
C ASP B 327 29.74 46.51 -38.06
N THR B 328 30.90 45.91 -37.79
CA THR B 328 32.18 46.47 -38.20
C THR B 328 33.07 45.37 -38.78
N THR B 329 34.03 45.80 -39.60
CA THR B 329 35.04 44.92 -40.18
C THR B 329 36.41 45.56 -39.99
N THR B 330 37.38 44.75 -39.60
CA THR B 330 38.77 45.16 -39.43
C THR B 330 39.68 44.34 -40.33
N ILE B 331 40.70 44.99 -40.88
CA ILE B 331 41.62 44.40 -41.84
C ILE B 331 43.03 44.56 -41.30
N ILE B 332 43.81 43.48 -41.34
CA ILE B 332 45.11 43.38 -40.68
C ILE B 332 46.15 42.94 -41.70
N ASP B 333 47.16 43.79 -41.93
CA ASP B 333 48.37 43.44 -42.65
C ASP B 333 48.08 42.98 -44.09
N GLY B 334 47.59 43.93 -44.88
CA GLY B 334 47.44 43.72 -46.30
C GLY B 334 48.74 44.04 -47.03
N VAL B 335 49.27 43.04 -47.75
CA VAL B 335 50.54 43.21 -48.44
C VAL B 335 50.28 43.98 -49.73
N GLY B 336 50.36 45.30 -49.64
CA GLY B 336 50.21 46.16 -50.80
C GLY B 336 51.40 47.08 -50.90
N GLU B 337 51.81 47.36 -52.13
CA GLU B 337 53.01 48.18 -52.33
C GLU B 337 52.78 49.57 -51.76
N GLU B 338 53.78 50.04 -51.00
CA GLU B 338 53.64 51.30 -50.29
C GLU B 338 53.50 52.50 -51.22
N ALA B 339 53.91 52.37 -52.48
CA ALA B 339 53.78 53.47 -53.41
C ALA B 339 52.31 53.86 -53.60
N ALA B 340 51.45 52.88 -53.85
CA ALA B 340 50.03 53.17 -54.00
C ALA B 340 49.43 53.69 -52.70
N ILE B 341 49.89 53.16 -51.57
CA ILE B 341 49.35 53.58 -50.28
C ILE B 341 49.65 55.05 -50.03
N GLN B 342 50.91 55.45 -50.24
CA GLN B 342 51.27 56.85 -50.02
C GLN B 342 50.69 57.75 -51.09
N GLY B 343 50.56 57.26 -52.32
CA GLY B 343 49.83 58.01 -53.32
C GLY B 343 48.42 58.31 -52.85
N ARG B 344 47.75 57.30 -52.29
CA ARG B 344 46.39 57.49 -51.78
C ARG B 344 46.36 58.48 -50.63
N VAL B 345 47.29 58.36 -49.68
CA VAL B 345 47.27 59.26 -48.52
C VAL B 345 47.51 60.70 -48.97
N ALA B 346 48.45 60.91 -49.89
CA ALA B 346 48.71 62.25 -50.38
C ALA B 346 47.54 62.80 -51.18
N GLN B 347 46.92 61.97 -52.01
CA GLN B 347 45.75 62.41 -52.77
C GLN B 347 44.64 62.85 -51.83
N ILE B 348 44.37 62.07 -50.79
CA ILE B 348 43.33 62.44 -49.84
C ILE B 348 43.76 63.68 -49.06
N ARG B 349 45.06 63.85 -48.79
CA ARG B 349 45.50 65.02 -48.06
C ARG B 349 45.30 66.30 -48.87
N GLN B 350 45.62 66.27 -50.17
CA GLN B 350 45.31 67.44 -50.98
C GLN B 350 43.81 67.58 -51.23
N GLN B 351 43.06 66.48 -51.19
CA GLN B 351 41.61 66.60 -51.20
C GLN B 351 41.11 67.31 -49.94
N ILE B 352 41.76 67.06 -48.81
CA ILE B 352 41.54 67.85 -47.61
C ILE B 352 41.86 69.31 -47.89
N GLU B 353 42.99 69.56 -48.56
CA GLU B 353 43.38 70.91 -48.93
C GLU B 353 42.32 71.58 -49.80
N GLU B 354 41.50 70.80 -50.52
CA GLU B 354 40.58 71.31 -51.51
C GLU B 354 39.13 71.21 -51.05
N ALA B 355 38.93 71.05 -49.74
CA ALA B 355 37.63 70.80 -49.16
C ALA B 355 37.16 72.03 -48.39
N THR B 356 35.96 72.51 -48.75
CA THR B 356 35.38 73.73 -48.20
C THR B 356 34.62 73.50 -46.91
N SER B 357 33.76 72.50 -46.89
CA SER B 357 32.84 72.28 -45.78
C SER B 357 33.56 71.66 -44.59
N ASP B 358 32.78 71.24 -43.62
CA ASP B 358 33.38 70.55 -42.48
C ASP B 358 33.30 69.02 -42.60
N TYR B 359 32.13 68.52 -42.99
CA TYR B 359 31.93 67.08 -43.15
C TYR B 359 32.96 66.49 -44.10
N ASP B 360 33.33 67.27 -45.12
CA ASP B 360 34.26 66.80 -46.13
C ASP B 360 35.66 66.59 -45.57
N ARG B 361 36.21 67.56 -44.82
CA ARG B 361 37.51 67.25 -44.21
C ARG B 361 37.37 66.15 -43.18
N GLU B 362 36.24 66.10 -42.48
CA GLU B 362 36.05 65.08 -41.47
C GLU B 362 36.18 63.70 -42.08
N LYS B 363 35.48 63.46 -43.19
CA LYS B 363 35.56 62.16 -43.86
C LYS B 363 36.93 61.92 -44.45
N LEU B 364 37.54 62.96 -45.05
CA LEU B 364 38.85 62.77 -45.67
C LEU B 364 39.93 62.47 -44.64
N GLN B 365 39.87 63.11 -43.47
CA GLN B 365 40.83 62.80 -42.41
C GLN B 365 40.57 61.41 -41.85
N GLU B 366 39.30 60.98 -41.81
CA GLU B 366 39.04 59.57 -41.52
C GLU B 366 39.74 58.67 -42.53
N ARG B 367 39.66 59.02 -43.82
CA ARG B 367 40.33 58.24 -44.85
C ARG B 367 41.84 58.18 -44.61
N VAL B 368 42.47 59.33 -44.37
CA VAL B 368 43.91 59.37 -44.17
C VAL B 368 44.31 58.58 -42.94
N ALA B 369 43.62 58.79 -41.82
CA ALA B 369 43.96 58.10 -40.59
C ALA B 369 43.77 56.59 -40.72
N LYS B 370 42.67 56.16 -41.34
CA LYS B 370 42.42 54.74 -41.48
C LYS B 370 43.32 54.10 -42.52
N LEU B 371 43.87 54.88 -43.46
CA LEU B 371 44.92 54.36 -44.32
C LEU B 371 46.13 53.93 -43.49
N ALA B 372 46.44 54.68 -42.44
CA ALA B 372 47.33 54.17 -41.40
C ALA B 372 46.56 53.27 -40.44
N GLY B 373 45.57 53.83 -39.74
CA GLY B 373 44.74 53.02 -38.86
C GLY B 373 45.56 52.36 -37.78
N GLY B 374 45.19 51.12 -37.47
CA GLY B 374 45.92 50.33 -36.49
C GLY B 374 45.24 49.03 -36.16
N VAL B 375 46.01 47.95 -36.12
CA VAL B 375 45.50 46.62 -35.79
C VAL B 375 46.57 45.86 -35.02
N ALA B 376 46.13 45.08 -34.04
CA ALA B 376 47.01 44.20 -33.29
C ALA B 376 46.31 42.85 -33.11
N VAL B 377 47.08 41.77 -33.28
CA VAL B 377 46.60 40.42 -33.09
C VAL B 377 47.46 39.74 -32.03
N ILE B 378 46.83 39.30 -30.94
CA ILE B 378 47.53 38.61 -29.86
C ILE B 378 47.06 37.18 -29.84
N LYS B 379 47.98 36.25 -30.12
CA LYS B 379 47.68 34.83 -30.10
C LYS B 379 48.08 34.28 -28.74
N VAL B 380 47.12 33.63 -28.07
CA VAL B 380 47.32 33.20 -26.69
C VAL B 380 48.20 31.95 -26.67
N GLY B 381 49.03 31.84 -25.63
CA GLY B 381 49.88 30.68 -25.46
C GLY B 381 49.48 29.83 -24.28
N ALA B 382 48.96 28.63 -24.56
CA ALA B 382 48.55 27.71 -23.51
C ALA B 382 48.63 26.29 -24.03
N ALA B 383 48.65 25.33 -23.10
CA ALA B 383 48.79 23.92 -23.44
C ALA B 383 47.47 23.19 -23.50
N THR B 384 46.57 23.41 -22.55
CA THR B 384 45.28 22.75 -22.54
C THR B 384 44.16 23.78 -22.73
N GLU B 385 42.92 23.30 -22.76
CA GLU B 385 41.78 24.11 -23.16
C GLU B 385 41.21 24.94 -22.01
N VAL B 386 41.10 24.36 -20.82
CA VAL B 386 40.52 25.09 -19.69
C VAL B 386 41.41 26.24 -19.29
N GLU B 387 42.72 26.00 -19.19
CA GLU B 387 43.63 27.09 -18.88
C GLU B 387 43.62 28.15 -19.96
N MET B 388 43.54 27.74 -21.22
CA MET B 388 43.54 28.70 -22.32
C MET B 388 42.30 29.58 -22.26
N LYS B 389 41.12 28.99 -22.07
CA LYS B 389 39.91 29.78 -21.97
C LYS B 389 39.93 30.66 -20.73
N GLU B 390 40.52 30.17 -19.64
CA GLU B 390 40.55 30.96 -18.41
C GLU B 390 41.44 32.19 -18.59
N LYS B 391 42.64 31.99 -19.15
CA LYS B 391 43.49 33.14 -19.41
C LYS B 391 42.92 34.04 -20.50
N LYS B 392 42.12 33.47 -21.41
CA LYS B 392 41.42 34.28 -22.40
C LYS B 392 40.40 35.20 -21.72
N ALA B 393 39.64 34.65 -20.78
CA ALA B 393 38.69 35.46 -20.03
C ALA B 393 39.41 36.53 -19.21
N ARG B 394 40.54 36.16 -18.60
CA ARG B 394 41.34 37.12 -17.86
C ARG B 394 41.82 38.24 -18.77
N VAL B 395 42.28 37.88 -19.97
CA VAL B 395 42.77 38.87 -20.93
C VAL B 395 41.65 39.80 -21.36
N GLU B 396 40.47 39.25 -21.63
CA GLU B 396 39.34 40.11 -22.02
C GLU B 396 38.95 41.05 -20.89
N ASP B 397 38.92 40.55 -19.65
CA ASP B 397 38.60 41.42 -18.52
C ASP B 397 39.65 42.52 -18.38
N ALA B 398 40.93 42.17 -18.53
CA ALA B 398 41.99 43.16 -18.44
C ALA B 398 41.87 44.19 -19.56
N LEU B 399 41.51 43.74 -20.76
CA LEU B 399 41.34 44.66 -21.88
C LEU B 399 40.17 45.61 -21.61
N HIS B 400 39.07 45.08 -21.08
CA HIS B 400 37.94 45.93 -20.73
C HIS B 400 38.33 46.95 -19.67
N ALA B 401 39.07 46.53 -18.66
CA ALA B 401 39.50 47.44 -17.59
C ALA B 401 40.42 48.53 -18.14
N THR B 402 41.35 48.15 -19.02
CA THR B 402 42.23 49.15 -19.62
C THR B 402 41.43 50.12 -20.47
N ARG B 403 40.45 49.61 -21.23
CA ARG B 403 39.60 50.48 -22.04
C ARG B 403 38.88 51.50 -21.15
N ALA B 404 38.30 51.04 -20.05
CA ALA B 404 37.59 51.94 -19.14
C ALA B 404 38.55 52.96 -18.54
N ALA B 405 39.70 52.50 -18.04
CA ALA B 405 40.65 53.38 -17.38
C ALA B 405 41.21 54.41 -18.35
N VAL B 406 41.25 54.07 -19.64
CA VAL B 406 41.77 55.01 -20.62
C VAL B 406 40.69 56.01 -21.03
N GLU B 407 39.52 55.51 -21.42
CA GLU B 407 38.50 56.38 -22.00
C GLU B 407 37.79 57.24 -20.97
N GLU B 408 37.57 56.71 -19.76
CA GLU B 408 36.86 57.47 -18.73
C GLU B 408 37.68 57.59 -17.46
N GLY B 409 38.97 57.29 -17.54
CA GLY B 409 39.79 57.43 -16.36
C GLY B 409 39.47 56.40 -15.30
N VAL B 410 39.87 56.73 -14.08
CA VAL B 410 39.70 55.84 -12.93
C VAL B 410 39.13 56.63 -11.76
N VAL B 411 38.71 55.90 -10.73
CA VAL B 411 38.35 56.48 -9.45
C VAL B 411 39.08 55.70 -8.37
N ALA B 412 38.83 56.06 -7.11
CA ALA B 412 39.53 55.43 -6.01
C ALA B 412 39.23 53.94 -5.95
N GLY B 413 40.27 53.14 -5.76
CA GLY B 413 40.11 51.69 -5.75
C GLY B 413 39.75 51.19 -4.35
N GLY B 414 38.98 50.09 -4.33
CA GLY B 414 38.60 49.44 -3.10
C GLY B 414 37.29 49.90 -2.49
N GLY B 415 36.64 50.90 -3.07
CA GLY B 415 35.42 51.44 -2.51
C GLY B 415 35.59 52.53 -1.49
N VAL B 416 36.82 52.95 -1.22
CA VAL B 416 37.08 53.99 -0.21
C VAL B 416 36.30 55.27 -0.53
N ALA B 417 36.32 55.73 -1.78
CA ALA B 417 35.56 56.92 -2.14
C ALA B 417 34.09 56.75 -1.81
N LEU B 418 33.55 55.54 -1.99
CA LEU B 418 32.21 55.21 -1.52
C LEU B 418 31.98 55.79 -0.13
N ILE B 419 32.81 55.38 0.83
CA ILE B 419 32.66 55.87 2.19
C ILE B 419 32.75 57.39 2.20
N ARG B 420 33.76 57.93 1.51
CA ARG B 420 33.87 59.38 1.40
C ARG B 420 32.55 59.98 0.90
N VAL B 421 32.00 59.40 -0.18
CA VAL B 421 30.74 59.89 -0.71
C VAL B 421 29.67 59.87 0.36
N ALA B 422 29.58 58.78 1.11
CA ALA B 422 28.56 58.67 2.15
C ALA B 422 28.74 59.78 3.18
N SER B 423 29.99 60.14 3.49
CA SER B 423 30.22 61.25 4.40
C SER B 423 29.74 62.56 3.80
N LYS B 424 30.00 62.78 2.51
CA LYS B 424 29.59 64.03 1.89
C LYS B 424 28.10 64.04 1.58
N LEU B 425 27.55 62.89 1.19
CA LEU B 425 26.18 62.81 0.69
C LEU B 425 25.16 62.51 1.78
N ALA B 426 25.56 62.62 3.05
CA ALA B 426 24.61 62.44 4.13
C ALA B 426 23.62 63.60 4.23
N ASP B 427 23.83 64.67 3.49
CA ASP B 427 23.03 65.88 3.58
C ASP B 427 21.79 65.85 2.68
N LEU B 428 21.58 64.76 1.96
CA LEU B 428 20.49 64.70 1.00
C LEU B 428 19.14 64.57 1.71
N ARG B 429 18.18 65.40 1.31
CA ARG B 429 16.85 65.39 1.89
C ARG B 429 15.80 65.27 0.79
N GLY B 430 14.71 64.59 1.10
CA GLY B 430 13.58 64.47 0.21
C GLY B 430 12.44 65.40 0.59
N GLN B 431 11.44 65.45 -0.30
CA GLN B 431 10.27 66.29 -0.06
C GLN B 431 9.55 65.87 1.21
N ASN B 432 9.33 64.58 1.38
CA ASN B 432 8.72 64.03 2.57
C ASN B 432 9.77 63.22 3.34
N GLU B 433 9.34 62.70 4.48
CA GLU B 433 10.19 61.77 5.21
C GLU B 433 10.44 60.52 4.38
N ASP B 434 9.53 60.20 3.46
CA ASP B 434 9.66 58.97 2.69
C ASP B 434 10.87 59.03 1.77
N GLN B 435 11.02 60.15 1.07
CA GLN B 435 12.17 60.31 0.18
C GLN B 435 13.46 60.48 0.96
N ASN B 436 13.39 61.11 2.13
CA ASN B 436 14.55 61.14 3.03
C ASN B 436 14.98 59.72 3.38
N VAL B 437 14.02 58.87 3.71
CA VAL B 437 14.32 57.48 4.04
C VAL B 437 14.92 56.76 2.85
N GLY B 438 14.38 57.02 1.64
CA GLY B 438 14.95 56.40 0.46
C GLY B 438 16.40 56.83 0.23
N ILE B 439 16.67 58.12 0.41
CA ILE B 439 18.04 58.62 0.33
C ILE B 439 18.93 57.88 1.31
N LYS B 440 18.47 57.74 2.55
CA LYS B 440 19.30 57.09 3.56
C LYS B 440 19.45 55.61 3.29
N VAL B 441 18.44 54.98 2.70
CA VAL B 441 18.55 53.59 2.26
C VAL B 441 19.67 53.44 1.24
N ALA B 442 19.69 54.34 0.26
CA ALA B 442 20.78 54.32 -0.71
C ALA B 442 22.12 54.52 -0.04
N LEU B 443 22.19 55.49 0.87
CA LEU B 443 23.45 55.82 1.53
C LEU B 443 23.97 54.65 2.35
N ARG B 444 23.06 53.93 3.02
CA ARG B 444 23.46 52.80 3.84
C ARG B 444 23.86 51.61 2.98
N ALA B 445 23.05 51.31 1.96
CA ALA B 445 23.28 50.09 1.19
C ALA B 445 24.48 50.23 0.27
N MET B 446 24.89 51.45 -0.07
CA MET B 446 26.03 51.62 -0.96
C MET B 446 27.36 51.32 -0.29
N GLU B 447 27.39 51.04 1.00
CA GLU B 447 28.63 50.75 1.72
C GLU B 447 29.01 49.28 1.71
N ALA B 448 28.12 48.39 1.24
CA ALA B 448 28.41 46.96 1.28
C ALA B 448 29.67 46.55 0.53
N PRO B 449 29.94 47.02 -0.70
CA PRO B 449 31.02 46.39 -1.49
C PRO B 449 32.34 46.27 -0.76
N LEU B 450 32.76 47.31 -0.03
CA LEU B 450 33.96 47.16 0.79
C LEU B 450 33.76 46.09 1.84
N ARG B 451 32.56 45.99 2.41
CA ARG B 451 32.30 45.00 3.45
C ARG B 451 32.51 43.58 2.93
N GLN B 452 31.86 43.24 1.82
CA GLN B 452 32.05 41.88 1.29
C GLN B 452 33.44 41.65 0.69
N ILE B 453 34.09 42.68 0.14
CA ILE B 453 35.48 42.52 -0.25
C ILE B 453 36.31 42.10 0.96
N VAL B 454 36.14 42.82 2.06
CA VAL B 454 36.85 42.50 3.30
C VAL B 454 36.51 41.10 3.78
N LEU B 455 35.23 40.72 3.67
CA LEU B 455 34.81 39.42 4.15
C LEU B 455 35.42 38.29 3.33
N ASN B 456 35.50 38.43 2.01
CA ASN B 456 36.26 37.47 1.22
C ASN B 456 37.72 37.49 1.60
N CYS B 457 38.25 38.66 1.95
CA CYS B 457 39.56 38.72 2.56
C CYS B 457 39.59 38.08 3.94
N GLY B 458 38.43 37.89 4.56
CA GLY B 458 38.31 37.10 5.77
C GLY B 458 38.13 37.85 7.06
N GLU B 459 38.34 39.16 7.08
CA GLU B 459 38.34 39.92 8.33
C GLU B 459 37.02 40.65 8.50
N GLU B 460 36.89 41.38 9.62
CA GLU B 460 35.63 42.02 9.98
C GLU B 460 35.43 43.28 9.15
N PRO B 461 34.30 43.40 8.45
CA PRO B 461 34.14 44.53 7.52
C PRO B 461 33.79 45.84 8.20
N SER B 462 33.09 45.78 9.33
CA SER B 462 32.71 47.01 10.03
C SER B 462 33.93 47.77 10.50
N VAL B 463 34.94 47.06 11.02
CA VAL B 463 36.15 47.71 11.49
C VAL B 463 36.87 48.40 10.33
N VAL B 464 36.96 47.73 9.18
CA VAL B 464 37.56 48.35 8.01
C VAL B 464 36.78 49.59 7.61
N ALA B 465 35.45 49.49 7.60
CA ALA B 465 34.63 50.65 7.26
C ALA B 465 34.91 51.82 8.18
N ASN B 466 34.94 51.58 9.49
CA ASN B 466 35.13 52.66 10.44
C ASN B 466 36.53 53.25 10.36
N THR B 467 37.55 52.40 10.21
CA THR B 467 38.91 52.90 10.10
C THR B 467 39.09 53.73 8.84
N VAL B 468 38.49 53.28 7.72
CA VAL B 468 38.62 54.03 6.49
C VAL B 468 37.86 55.35 6.56
N LYS B 469 36.63 55.32 7.10
CA LYS B 469 35.87 56.57 7.22
C LYS B 469 36.55 57.53 8.19
N GLY B 470 37.32 57.00 9.14
CA GLY B 470 38.15 57.87 9.95
C GLY B 470 39.12 58.68 9.11
N GLY B 471 39.70 58.06 8.07
CA GLY B 471 40.50 58.77 7.12
C GLY B 471 39.67 59.40 6.02
N ASP B 472 40.37 60.04 5.09
CA ASP B 472 39.71 60.79 4.04
C ASP B 472 40.39 60.53 2.70
N GLY B 473 39.62 60.69 1.63
CA GLY B 473 40.18 60.59 0.30
C GLY B 473 40.81 59.25 0.03
N ASN B 474 42.04 59.28 -0.49
CA ASN B 474 42.75 58.08 -0.91
C ASN B 474 43.04 57.14 0.24
N TYR B 475 42.94 57.60 1.48
CA TYR B 475 43.15 56.71 2.61
C TYR B 475 42.09 55.62 2.60
N GLY B 476 42.51 54.41 2.22
CA GLY B 476 41.65 53.25 2.28
C GLY B 476 42.44 52.11 2.86
N TYR B 477 41.96 50.89 2.59
CA TYR B 477 42.60 49.68 3.08
C TYR B 477 42.91 48.76 1.92
N ASN B 478 44.20 48.59 1.63
CA ASN B 478 44.65 47.61 0.65
C ASN B 478 44.39 46.21 1.19
N ALA B 479 43.56 45.45 0.47
CA ALA B 479 43.31 44.08 0.84
C ALA B 479 44.48 43.17 0.48
N ALA B 480 45.15 43.45 -0.65
CA ALA B 480 46.34 42.67 -1.01
C ALA B 480 47.48 42.94 -0.04
N THR B 481 47.80 44.21 0.19
CA THR B 481 48.78 44.57 1.20
C THR B 481 48.19 44.52 2.60
N GLU B 482 46.85 44.54 2.71
CA GLU B 482 46.16 44.58 4.00
C GLU B 482 46.65 45.76 4.84
N GLU B 483 46.83 46.91 4.19
CA GLU B 483 47.39 48.08 4.86
C GLU B 483 46.59 49.32 4.50
N TYR B 484 46.28 50.11 5.50
CA TYR B 484 45.67 51.41 5.27
C TYR B 484 46.68 52.35 4.64
N GLY B 485 46.21 53.16 3.70
CA GLY B 485 47.08 54.12 3.04
C GLY B 485 46.49 54.59 1.73
N ASN B 486 47.37 55.09 0.87
CA ASN B 486 46.96 55.69 -0.40
C ASN B 486 46.68 54.57 -1.40
N MET B 487 45.40 54.35 -1.70
CA MET B 487 45.00 53.25 -2.56
C MET B 487 45.54 53.43 -3.98
N ILE B 488 45.44 54.64 -4.52
CA ILE B 488 45.89 54.88 -5.89
C ILE B 488 47.39 54.66 -6.01
N ASP B 489 48.17 55.20 -5.08
CA ASP B 489 49.62 55.07 -5.17
C ASP B 489 50.07 53.63 -5.07
N MET B 490 49.40 52.83 -4.25
CA MET B 490 49.75 51.43 -4.13
C MET B 490 49.07 50.57 -5.20
N GLY B 491 48.71 51.17 -6.33
CA GLY B 491 48.29 50.44 -7.51
C GLY B 491 46.86 49.98 -7.52
N ILE B 492 46.02 50.47 -6.61
CA ILE B 492 44.63 50.05 -6.55
C ILE B 492 43.80 51.10 -7.29
N LEU B 493 43.22 50.71 -8.42
CA LEU B 493 42.48 51.61 -9.29
C LEU B 493 41.16 50.95 -9.68
N ASP B 494 40.12 51.78 -9.83
CA ASP B 494 38.82 51.32 -10.28
C ASP B 494 38.26 52.27 -11.33
N PRO B 495 37.55 51.73 -12.32
CA PRO B 495 36.98 52.57 -13.38
C PRO B 495 35.80 53.39 -12.88
N THR B 496 35.44 54.40 -13.66
CA THR B 496 34.30 55.25 -13.38
C THR B 496 33.02 54.71 -14.02
N LYS B 497 33.10 54.37 -15.31
CA LYS B 497 31.91 53.98 -16.05
C LYS B 497 31.33 52.67 -15.54
N VAL B 498 32.18 51.72 -15.16
CA VAL B 498 31.67 50.45 -14.64
C VAL B 498 30.85 50.68 -13.39
N THR B 499 31.40 51.46 -12.45
CA THR B 499 30.69 51.75 -11.22
C THR B 499 29.39 52.50 -11.48
N ARG B 500 29.44 53.52 -12.34
CA ARG B 500 28.24 54.31 -12.60
C ARG B 500 27.14 53.48 -13.27
N SER B 501 27.51 52.66 -14.25
CA SER B 501 26.53 51.85 -14.95
C SER B 501 25.92 50.80 -14.04
N ALA B 502 26.76 50.11 -13.26
CA ALA B 502 26.24 49.13 -12.30
C ALA B 502 25.34 49.82 -11.29
N LEU B 503 25.74 51.00 -10.83
CA LEU B 503 24.89 51.84 -10.00
C LEU B 503 23.50 51.98 -10.59
N GLN B 504 23.43 52.50 -11.81
CA GLN B 504 22.12 52.79 -12.41
C GLN B 504 21.31 51.52 -12.59
N TYR B 505 21.93 50.45 -13.09
CA TYR B 505 21.19 49.21 -13.32
C TYR B 505 20.62 48.66 -12.02
N ALA B 506 21.48 48.46 -11.02
CA ALA B 506 21.04 47.86 -9.77
C ALA B 506 20.03 48.74 -9.06
N ALA B 507 20.24 50.06 -9.07
CA ALA B 507 19.31 50.96 -8.40
C ALA B 507 17.95 50.94 -9.07
N SER B 508 17.91 50.98 -10.40
CA SER B 508 16.62 50.91 -11.08
C SER B 508 15.90 49.61 -10.76
N VAL B 509 16.61 48.48 -10.82
CA VAL B 509 15.96 47.19 -10.57
C VAL B 509 15.46 47.10 -9.13
N ALA B 510 16.29 47.54 -8.18
CA ALA B 510 15.89 47.49 -6.78
C ALA B 510 14.68 48.38 -6.51
N GLY B 511 14.70 49.61 -7.02
CA GLY B 511 13.57 50.50 -6.82
C GLY B 511 12.29 49.95 -7.43
N LEU B 512 12.41 49.30 -8.60
CA LEU B 512 11.25 48.62 -9.17
C LEU B 512 10.75 47.52 -8.24
N MET B 513 11.67 46.75 -7.66
CA MET B 513 11.25 45.67 -6.76
C MET B 513 10.64 46.22 -5.48
N ILE B 514 10.95 47.47 -5.12
CA ILE B 514 10.49 48.02 -3.86
C ILE B 514 8.96 48.16 -3.85
N THR B 515 8.40 48.66 -4.93
CA THR B 515 6.97 48.89 -5.04
C THR B 515 6.19 47.64 -5.39
N THR B 516 6.89 46.51 -5.47
CA THR B 516 6.35 45.25 -5.92
C THR B 516 6.05 44.34 -4.73
N GLU B 517 4.80 43.85 -4.65
CA GLU B 517 4.43 43.08 -3.47
C GLU B 517 3.84 41.69 -3.76
N CYS B 518 2.95 41.56 -4.75
CA CYS B 518 2.10 40.38 -4.85
C CYS B 518 2.30 39.67 -6.18
N MET B 519 2.60 38.37 -6.12
CA MET B 519 3.02 37.61 -7.29
C MET B 519 2.07 36.46 -7.58
N VAL B 520 2.23 35.90 -8.77
CA VAL B 520 1.51 34.70 -9.20
C VAL B 520 2.51 33.83 -9.96
N THR B 521 2.40 32.52 -9.78
CA THR B 521 3.20 31.59 -10.55
C THR B 521 2.30 30.42 -10.96
N ASP B 522 2.91 29.38 -11.53
CA ASP B 522 2.19 28.17 -11.87
C ASP B 522 2.25 27.17 -10.72
N LEU B 523 1.31 26.22 -10.76
CA LEU B 523 1.30 25.14 -9.79
C LEU B 523 2.11 23.97 -10.34
N PRO B 524 3.22 23.59 -9.70
CA PRO B 524 4.10 22.49 -10.13
C PRO B 524 3.38 21.16 -10.28
N ALA C 1 -18.32 16.99 -21.60
CA ALA C 1 -17.72 15.85 -20.92
C ALA C 1 -18.55 15.44 -19.71
N ALA C 2 -17.88 14.88 -18.70
CA ALA C 2 -18.56 14.48 -17.49
C ALA C 2 -19.12 15.71 -16.77
N LYS C 3 -20.44 15.79 -16.68
CA LYS C 3 -21.12 16.97 -16.20
C LYS C 3 -21.22 16.99 -14.68
N ASP C 4 -21.09 18.21 -14.15
CA ASP C 4 -21.34 18.54 -12.75
C ASP C 4 -22.38 19.63 -12.73
N VAL C 5 -23.59 19.29 -12.29
CA VAL C 5 -24.71 20.23 -12.29
C VAL C 5 -24.81 20.85 -10.90
N LYS C 6 -24.46 22.13 -10.79
CA LYS C 6 -24.46 22.82 -9.52
C LYS C 6 -25.56 23.88 -9.55
N PHE C 7 -26.48 23.80 -8.60
CA PHE C 7 -27.71 24.57 -8.63
C PHE C 7 -27.64 25.73 -7.66
N GLY C 8 -28.08 26.89 -8.12
CA GLY C 8 -28.45 27.98 -7.23
C GLY C 8 -27.30 28.47 -6.38
N ASN C 9 -27.44 28.30 -5.06
CA ASN C 9 -26.59 28.99 -4.10
C ASN C 9 -25.14 28.56 -4.21
N ASP C 10 -24.89 27.28 -4.47
CA ASP C 10 -23.51 26.81 -4.61
C ASP C 10 -22.84 27.43 -5.82
N ALA C 11 -23.56 27.49 -6.94
CA ALA C 11 -23.03 28.17 -8.12
C ALA C 11 -22.76 29.64 -7.82
N ARG C 12 -23.69 30.29 -7.11
CA ARG C 12 -23.51 31.70 -6.77
C ARG C 12 -22.29 31.91 -5.89
N VAL C 13 -22.10 31.04 -4.89
CA VAL C 13 -21.00 31.24 -3.97
C VAL C 13 -19.67 30.97 -4.67
N LYS C 14 -19.63 30.03 -5.60
CA LYS C 14 -18.42 29.86 -6.40
C LYS C 14 -18.14 31.09 -7.25
N MET C 15 -19.18 31.64 -7.88
CA MET C 15 -18.97 32.83 -8.69
C MET C 15 -18.44 33.99 -7.85
N LEU C 16 -19.05 34.19 -6.68
CA LEU C 16 -18.66 35.29 -5.81
C LEU C 16 -17.26 35.07 -5.25
N ARG C 17 -16.92 33.83 -4.93
CA ARG C 17 -15.56 33.55 -4.46
C ARG C 17 -14.55 33.89 -5.55
N GLY C 18 -14.85 33.52 -6.80
CA GLY C 18 -13.95 33.88 -7.89
C GLY C 18 -13.79 35.38 -8.04
N VAL C 19 -14.91 36.11 -8.03
CA VAL C 19 -14.83 37.55 -8.23
C VAL C 19 -14.11 38.21 -7.05
N ASN C 20 -14.28 37.67 -5.85
CA ASN C 20 -13.60 38.25 -4.69
C ASN C 20 -12.12 37.96 -4.72
N VAL C 21 -11.71 36.77 -5.15
CA VAL C 21 -10.29 36.48 -5.28
C VAL C 21 -9.66 37.42 -6.29
N LEU C 22 -10.34 37.62 -7.42
CA LEU C 22 -9.84 38.56 -8.42
C LEU C 22 -9.76 39.98 -7.85
N ALA C 23 -10.78 40.38 -7.07
CA ALA C 23 -10.76 41.69 -6.45
C ALA C 23 -9.58 41.83 -5.49
N ASP C 24 -9.30 40.78 -4.72
CA ASP C 24 -8.14 40.79 -3.84
C ASP C 24 -6.86 40.99 -4.63
N ALA C 25 -6.77 40.31 -5.78
CA ALA C 25 -5.59 40.46 -6.63
C ALA C 25 -5.46 41.89 -7.17
N VAL C 26 -6.59 42.49 -7.56
CA VAL C 26 -6.55 43.67 -8.41
C VAL C 26 -6.65 44.97 -7.62
N LYS C 27 -7.51 45.02 -6.60
CA LYS C 27 -7.89 46.29 -5.96
C LYS C 27 -6.70 47.03 -5.37
N VAL C 28 -5.60 46.33 -5.09
CA VAL C 28 -4.43 46.97 -4.51
C VAL C 28 -3.79 47.93 -5.51
N THR C 29 -4.35 48.02 -6.71
CA THR C 29 -3.82 48.82 -7.80
C THR C 29 -4.74 49.97 -8.19
N LEU C 30 -5.38 50.63 -7.22
CA LEU C 30 -6.35 51.68 -7.50
C LEU C 30 -6.01 52.94 -6.71
N GLY C 31 -6.06 54.08 -7.39
CA GLY C 31 -5.83 55.35 -6.74
C GLY C 31 -4.37 55.72 -6.70
N PRO C 32 -4.07 56.91 -6.17
CA PRO C 32 -2.67 57.35 -6.08
C PRO C 32 -1.82 56.42 -5.24
N LYS C 33 -2.38 55.85 -4.19
CA LYS C 33 -1.68 54.88 -3.36
C LYS C 33 -2.08 53.44 -3.66
N GLY C 34 -2.78 53.22 -4.77
CA GLY C 34 -2.82 51.89 -5.34
C GLY C 34 -1.43 51.45 -5.76
N ARG C 35 -1.14 50.17 -5.57
CA ARG C 35 0.22 49.68 -5.64
C ARG C 35 0.33 48.63 -6.75
N ASN C 36 1.53 48.10 -6.94
CA ASN C 36 1.88 47.37 -8.16
C ASN C 36 1.50 45.91 -8.09
N VAL C 37 1.29 45.31 -9.26
CA VAL C 37 1.18 43.86 -9.40
C VAL C 37 1.99 43.46 -10.63
N VAL C 38 2.82 42.43 -10.48
CA VAL C 38 3.74 42.04 -11.54
C VAL C 38 3.30 40.68 -12.08
N LEU C 39 3.06 40.63 -13.39
CA LEU C 39 2.50 39.44 -14.04
C LEU C 39 3.63 38.61 -14.65
N ASP C 40 3.67 37.33 -14.32
CA ASP C 40 4.70 36.44 -14.82
C ASP C 40 4.34 35.92 -16.22
N LYS C 41 5.38 35.69 -17.02
CA LYS C 41 5.24 35.03 -18.31
C LYS C 41 6.26 33.89 -18.40
N SER C 42 5.84 32.78 -19.01
CA SER C 42 6.67 31.59 -19.04
C SER C 42 7.98 31.84 -19.80
N PHE C 43 7.93 32.63 -20.87
CA PHE C 43 9.11 32.95 -21.67
C PHE C 43 9.44 34.41 -21.41
N GLY C 44 10.26 34.65 -20.39
CA GLY C 44 10.66 35.99 -20.00
C GLY C 44 10.36 36.25 -18.54
N ALA C 45 10.58 37.49 -18.14
CA ALA C 45 10.41 37.89 -16.76
C ALA C 45 9.04 38.51 -16.54
N PRO C 46 8.51 38.42 -15.32
CA PRO C 46 7.27 39.14 -14.98
C PRO C 46 7.44 40.64 -15.18
N THR C 47 6.36 41.26 -15.64
CA THR C 47 6.32 42.68 -15.94
C THR C 47 5.36 43.37 -15.00
N ILE C 48 5.76 44.53 -14.48
CA ILE C 48 5.00 45.27 -13.48
C ILE C 48 3.88 46.02 -14.16
N THR C 49 2.73 46.11 -13.50
CA THR C 49 1.56 46.79 -14.06
C THR C 49 0.61 47.19 -12.96
N LYS C 50 -0.30 48.11 -13.30
CA LYS C 50 -1.34 48.60 -12.42
C LYS C 50 -2.73 48.58 -13.03
N ASP C 51 -2.86 48.66 -14.36
CA ASP C 51 -4.16 48.71 -15.00
C ASP C 51 -4.91 47.40 -14.82
N GLY C 52 -6.25 47.50 -14.82
CA GLY C 52 -7.06 46.34 -14.56
C GLY C 52 -6.99 45.28 -15.65
N VAL C 53 -7.02 45.71 -16.91
CA VAL C 53 -7.15 44.76 -18.02
C VAL C 53 -5.91 43.87 -18.12
N SER C 54 -4.74 44.43 -17.85
CA SER C 54 -3.50 43.66 -17.98
C SER C 54 -3.53 42.43 -17.10
N VAL C 55 -3.93 42.59 -15.84
CA VAL C 55 -4.08 41.44 -14.95
C VAL C 55 -5.31 40.62 -15.37
N ALA C 56 -6.38 41.29 -15.77
CA ALA C 56 -7.66 40.61 -15.98
C ALA C 56 -7.57 39.58 -17.10
N ARG C 57 -6.86 39.89 -18.16
CA ARG C 57 -6.74 38.95 -19.28
C ARG C 57 -5.98 37.69 -18.90
N GLU C 58 -5.19 37.73 -17.83
CA GLU C 58 -4.33 36.62 -17.44
C GLU C 58 -4.92 35.80 -16.30
N ILE C 59 -6.19 36.01 -15.95
CA ILE C 59 -6.77 35.37 -14.77
C ILE C 59 -7.16 33.94 -15.08
N GLU C 60 -6.74 33.02 -14.21
CA GLU C 60 -7.12 31.62 -14.30
C GLU C 60 -7.21 31.06 -12.89
N LEU C 61 -8.13 30.12 -12.69
CA LEU C 61 -8.35 29.46 -11.41
C LEU C 61 -8.40 27.95 -11.62
N GLU C 62 -8.41 27.21 -10.52
CA GLU C 62 -8.43 25.75 -10.61
C GLU C 62 -9.85 25.22 -10.71
N ASP C 63 -10.75 25.70 -9.85
CA ASP C 63 -12.14 25.27 -9.92
C ASP C 63 -12.78 25.74 -11.21
N LYS C 64 -13.53 24.84 -11.83
CA LYS C 64 -14.12 25.12 -13.14
C LYS C 64 -15.20 26.20 -13.04
N PHE C 65 -16.00 26.17 -11.99
CA PHE C 65 -16.88 27.30 -11.72
C PHE C 65 -16.09 28.58 -11.50
N GLU C 66 -15.01 28.50 -10.71
CA GLU C 66 -14.14 29.65 -10.53
C GLU C 66 -13.51 30.06 -11.87
N ASN C 67 -13.15 29.07 -12.69
CA ASN C 67 -12.60 29.37 -14.01
C ASN C 67 -13.57 30.19 -14.85
N MET C 68 -14.81 29.72 -14.97
CA MET C 68 -15.76 30.43 -15.82
C MET C 68 -16.17 31.76 -15.19
N GLY C 69 -16.19 31.85 -13.86
CA GLY C 69 -16.41 33.13 -13.22
C GLY C 69 -15.33 34.14 -13.60
N ALA C 70 -14.07 33.71 -13.59
CA ALA C 70 -13.00 34.54 -14.10
C ALA C 70 -13.23 34.90 -15.56
N GLN C 71 -13.75 33.95 -16.34
CA GLN C 71 -13.99 34.21 -17.76
C GLN C 71 -15.02 35.33 -17.95
N MET C 72 -16.14 35.27 -17.23
CA MET C 72 -17.14 36.33 -17.37
C MET C 72 -16.70 37.65 -16.75
N VAL C 73 -15.86 37.63 -15.71
CA VAL C 73 -15.42 38.91 -15.18
C VAL C 73 -14.32 39.53 -16.05
N LYS C 74 -13.63 38.72 -16.86
CA LYS C 74 -12.61 39.28 -17.75
C LYS C 74 -13.22 40.13 -18.85
N GLU C 75 -14.37 39.73 -19.39
CA GLU C 75 -14.95 40.47 -20.50
C GLU C 75 -15.47 41.85 -20.10
N VAL C 76 -15.79 42.06 -18.83
CA VAL C 76 -16.18 43.40 -18.38
C VAL C 76 -15.00 44.36 -18.54
N ALA C 77 -13.83 43.94 -18.06
CA ALA C 77 -12.63 44.75 -18.23
C ALA C 77 -12.26 44.85 -19.71
N SER C 78 -12.53 43.79 -20.47
CA SER C 78 -12.29 43.84 -21.92
C SER C 78 -13.12 44.94 -22.57
N LYS C 79 -14.40 45.02 -22.23
CA LYS C 79 -15.26 46.08 -22.75
C LYS C 79 -14.82 47.44 -22.26
N ALA C 80 -14.44 47.55 -20.99
CA ALA C 80 -13.99 48.83 -20.45
C ALA C 80 -12.75 49.33 -21.18
N ASN C 81 -11.81 48.43 -21.46
CA ASN C 81 -10.64 48.81 -22.26
C ASN C 81 -11.04 49.14 -23.69
N ASP C 82 -11.97 48.38 -24.27
CA ASP C 82 -12.41 48.63 -25.64
C ASP C 82 -13.06 49.99 -25.76
N ALA C 83 -13.61 50.51 -24.67
CA ALA C 83 -14.21 51.85 -24.71
C ALA C 83 -13.14 52.92 -24.85
N ALA C 84 -12.24 53.03 -23.86
CA ALA C 84 -11.17 54.01 -23.91
C ALA C 84 -9.80 53.45 -23.55
N GLY C 85 -9.74 52.55 -22.57
CA GLY C 85 -8.48 52.00 -22.10
C GLY C 85 -8.06 52.41 -20.70
N ASP C 86 -8.90 53.12 -19.96
CA ASP C 86 -8.60 53.47 -18.58
C ASP C 86 -9.87 53.28 -17.75
N GLY C 87 -9.78 53.60 -16.46
CA GLY C 87 -10.91 53.39 -15.58
C GLY C 87 -11.31 51.95 -15.40
N THR C 88 -10.46 51.01 -15.81
CA THR C 88 -10.81 49.60 -15.70
C THR C 88 -10.92 49.16 -14.25
N THR C 89 -9.99 49.63 -13.40
CA THR C 89 -10.04 49.25 -11.99
C THR C 89 -11.31 49.78 -11.33
N THR C 90 -11.72 50.99 -11.70
CA THR C 90 -13.00 51.51 -11.22
C THR C 90 -14.17 50.67 -11.72
N ALA C 91 -14.09 50.21 -12.97
CA ALA C 91 -15.12 49.33 -13.51
C ALA C 91 -15.21 48.05 -12.69
N THR C 92 -14.05 47.49 -12.30
CA THR C 92 -14.04 46.31 -11.45
C THR C 92 -14.62 46.58 -10.07
N VAL C 93 -14.30 47.75 -9.50
CA VAL C 93 -14.85 48.11 -8.20
C VAL C 93 -16.37 48.15 -8.25
N LEU C 94 -16.92 48.82 -9.27
CA LEU C 94 -18.37 48.84 -9.41
C LEU C 94 -18.92 47.45 -9.69
N ALA C 95 -18.21 46.65 -10.49
CA ALA C 95 -18.70 45.32 -10.80
C ALA C 95 -18.84 44.48 -9.54
N GLN C 96 -17.78 44.44 -8.72
CA GLN C 96 -17.85 43.67 -7.50
C GLN C 96 -18.90 44.22 -6.54
N ALA C 97 -18.96 45.54 -6.39
CA ALA C 97 -19.95 46.12 -5.48
C ALA C 97 -21.37 45.76 -5.91
N ILE C 98 -21.68 45.99 -7.19
CA ILE C 98 -23.04 45.76 -7.67
C ILE C 98 -23.38 44.28 -7.64
N ILE C 99 -22.46 43.41 -8.06
CA ILE C 99 -22.77 41.99 -8.05
C ILE C 99 -22.98 41.50 -6.63
N THR C 100 -22.18 42.01 -5.69
CA THR C 100 -22.35 41.60 -4.30
C THR C 100 -23.71 42.05 -3.76
N GLU C 101 -24.07 43.31 -4.03
CA GLU C 101 -25.37 43.81 -3.58
C GLU C 101 -26.49 42.97 -4.19
N GLY C 102 -26.41 42.70 -5.48
CA GLY C 102 -27.47 41.96 -6.14
C GLY C 102 -27.57 40.51 -5.71
N LEU C 103 -26.44 39.88 -5.42
CA LEU C 103 -26.49 38.50 -4.96
C LEU C 103 -27.02 38.42 -3.54
N LYS C 104 -26.69 39.40 -2.69
CA LYS C 104 -27.36 39.46 -1.39
C LYS C 104 -28.86 39.70 -1.57
N ALA C 105 -29.24 40.47 -2.59
CA ALA C 105 -30.66 40.70 -2.85
C ALA C 105 -31.37 39.41 -3.24
N VAL C 106 -30.77 38.66 -4.18
CA VAL C 106 -31.38 37.40 -4.62
C VAL C 106 -31.24 36.30 -3.57
N ALA C 107 -30.37 36.48 -2.58
CA ALA C 107 -30.35 35.56 -1.44
C ALA C 107 -31.64 35.61 -0.66
N ALA C 108 -32.42 36.68 -0.80
CA ALA C 108 -33.75 36.77 -0.22
C ALA C 108 -34.82 36.16 -1.12
N GLY C 109 -34.44 35.68 -2.29
CA GLY C 109 -35.39 35.04 -3.20
C GLY C 109 -36.44 35.99 -3.74
N MET C 110 -36.01 37.20 -4.09
CA MET C 110 -36.92 38.23 -4.58
C MET C 110 -36.75 38.40 -6.09
N ASN C 111 -37.76 39.02 -6.71
CA ASN C 111 -37.90 39.03 -8.16
C ASN C 111 -36.67 39.66 -8.81
N PRO C 112 -35.80 38.87 -9.46
CA PRO C 112 -34.52 39.41 -9.95
C PRO C 112 -34.68 40.28 -11.19
N MET C 113 -35.59 39.91 -12.09
CA MET C 113 -35.73 40.64 -13.34
C MET C 113 -36.36 42.02 -13.13
N ASP C 114 -37.24 42.18 -12.13
CA ASP C 114 -37.69 43.52 -11.79
C ASP C 114 -36.54 44.38 -11.28
N LEU C 115 -35.68 43.78 -10.44
CA LEU C 115 -34.47 44.48 -10.03
C LEU C 115 -33.64 44.89 -11.24
N LYS C 116 -33.48 43.98 -12.20
CA LYS C 116 -32.68 44.29 -13.37
C LYS C 116 -33.31 45.40 -14.20
N ARG C 117 -34.63 45.40 -14.32
CA ARG C 117 -35.32 46.47 -15.01
C ARG C 117 -35.08 47.81 -14.34
N GLY C 118 -35.29 47.86 -13.02
CA GLY C 118 -35.05 49.10 -12.29
C GLY C 118 -33.61 49.56 -12.42
N ILE C 119 -32.67 48.61 -12.43
CA ILE C 119 -31.26 48.95 -12.57
C ILE C 119 -30.98 49.52 -13.95
N ASP C 120 -31.58 48.93 -15.00
CA ASP C 120 -31.37 49.44 -16.35
C ASP C 120 -31.93 50.85 -16.50
N LYS C 121 -33.12 51.09 -15.95
CA LYS C 121 -33.66 52.45 -15.98
C LYS C 121 -32.78 53.41 -15.20
N ALA C 122 -32.25 52.97 -14.06
CA ALA C 122 -31.34 53.80 -13.29
C ALA C 122 -30.08 54.12 -14.10
N VAL C 123 -29.58 53.13 -14.85
CA VAL C 123 -28.39 53.36 -15.67
C VAL C 123 -28.67 54.36 -16.77
N THR C 124 -29.82 54.24 -17.42
CA THR C 124 -30.20 55.20 -18.45
C THR C 124 -30.28 56.62 -17.87
N ALA C 125 -30.99 56.77 -16.75
CA ALA C 125 -31.12 58.07 -16.13
C ALA C 125 -29.76 58.60 -15.67
N ALA C 126 -28.88 57.70 -15.22
CA ALA C 126 -27.54 58.11 -14.80
C ALA C 126 -26.74 58.63 -15.98
N VAL C 127 -26.86 57.98 -17.13
CA VAL C 127 -26.20 58.48 -18.33
C VAL C 127 -26.74 59.86 -18.69
N GLU C 128 -28.06 60.05 -18.59
CA GLU C 128 -28.65 61.35 -18.85
C GLU C 128 -28.09 62.41 -17.91
N GLU C 129 -28.02 62.11 -16.62
CA GLU C 129 -27.53 63.06 -15.64
C GLU C 129 -26.06 63.35 -15.83
N LEU C 130 -25.27 62.32 -16.16
CA LEU C 130 -23.85 62.53 -16.42
C LEU C 130 -23.64 63.44 -17.61
N LYS C 131 -24.46 63.28 -18.66
CA LYS C 131 -24.42 64.23 -19.76
C LYS C 131 -24.78 65.63 -19.29
N ALA C 132 -25.81 65.74 -18.44
CA ALA C 132 -26.19 67.04 -17.90
C ALA C 132 -25.10 67.66 -17.04
N LEU C 133 -24.20 66.84 -16.50
CA LEU C 133 -23.17 67.32 -15.58
C LEU C 133 -21.78 67.34 -16.20
N SER C 134 -21.57 66.62 -17.30
CA SER C 134 -20.25 66.61 -17.93
C SER C 134 -19.86 68.02 -18.37
N VAL C 135 -18.61 68.38 -18.12
CA VAL C 135 -18.11 69.70 -18.47
C VAL C 135 -16.84 69.54 -19.30
N PRO C 136 -16.59 70.43 -20.26
CA PRO C 136 -15.43 70.27 -21.15
C PRO C 136 -14.12 70.56 -20.42
N CYS C 137 -13.04 70.01 -20.98
CA CYS C 137 -11.68 70.31 -20.57
C CYS C 137 -10.90 70.77 -21.79
N SER C 138 -10.71 72.07 -21.92
CA SER C 138 -10.19 72.67 -23.13
C SER C 138 -8.82 73.31 -22.97
N ASP C 139 -8.56 73.94 -21.83
CA ASP C 139 -7.26 74.59 -21.63
C ASP C 139 -6.13 73.57 -21.76
N SER C 140 -5.14 73.92 -22.57
CA SER C 140 -4.00 73.05 -22.76
C SER C 140 -3.24 72.78 -21.47
N LYS C 141 -3.36 73.68 -20.49
CA LYS C 141 -2.69 73.48 -19.21
C LYS C 141 -3.34 72.35 -18.41
N ALA C 142 -4.67 72.34 -18.33
CA ALA C 142 -5.35 71.25 -17.65
C ALA C 142 -5.20 69.95 -18.42
N ILE C 143 -5.16 70.02 -19.75
CA ILE C 143 -4.97 68.81 -20.54
C ILE C 143 -3.56 68.26 -20.35
N ALA C 144 -2.57 69.14 -20.23
CA ALA C 144 -1.22 68.70 -19.90
C ALA C 144 -1.17 68.10 -18.50
N GLN C 145 -1.91 68.70 -17.56
CA GLN C 145 -2.02 68.11 -16.23
C GLN C 145 -2.62 66.71 -16.30
N VAL C 146 -3.62 66.52 -17.16
CA VAL C 146 -4.25 65.21 -17.33
C VAL C 146 -3.25 64.22 -17.90
N GLY C 147 -2.52 64.62 -18.94
CA GLY C 147 -1.49 63.74 -19.50
C GLY C 147 -0.41 63.40 -18.49
N THR C 148 -0.12 64.34 -17.60
CA THR C 148 0.81 64.08 -16.51
C THR C 148 0.26 63.05 -15.54
N ILE C 149 -0.97 63.25 -15.08
CA ILE C 149 -1.52 62.45 -14.01
C ILE C 149 -1.81 61.02 -14.48
N SER C 150 -2.41 60.89 -15.67
CA SER C 150 -2.70 59.56 -16.20
C SER C 150 -1.43 58.77 -16.48
N ALA C 151 -0.31 59.45 -16.69
CA ALA C 151 1.00 58.81 -16.71
C ALA C 151 1.58 58.65 -15.32
N ASN C 152 0.73 58.65 -14.30
CA ASN C 152 1.14 58.59 -12.89
C ASN C 152 2.10 59.73 -12.56
N SER C 153 1.60 60.95 -12.74
CA SER C 153 2.32 62.19 -12.39
C SER C 153 3.68 62.27 -13.09
N ASP C 154 3.63 62.35 -14.42
CA ASP C 154 4.82 62.58 -15.24
C ASP C 154 4.63 63.88 -16.00
N GLU C 155 5.20 64.97 -15.48
CA GLU C 155 4.98 66.28 -16.07
C GLU C 155 5.57 66.37 -17.48
N THR C 156 6.71 65.71 -17.71
CA THR C 156 7.26 65.69 -19.07
C THR C 156 6.30 65.05 -20.05
N VAL C 157 5.58 64.02 -19.62
CA VAL C 157 4.63 63.35 -20.50
C VAL C 157 3.51 64.31 -20.89
N GLY C 158 2.89 64.97 -19.92
CA GLY C 158 1.83 65.91 -20.22
C GLY C 158 2.31 67.08 -21.05
N LYS C 159 3.51 67.58 -20.75
CA LYS C 159 4.10 68.68 -21.51
C LYS C 159 4.27 68.29 -22.97
N LEU C 160 4.90 67.15 -23.24
CA LEU C 160 5.14 66.75 -24.62
C LEU C 160 3.85 66.39 -25.33
N ILE C 161 2.87 65.84 -24.61
CA ILE C 161 1.57 65.53 -25.22
C ILE C 161 0.87 66.81 -25.65
N ALA C 162 0.88 67.82 -24.79
CA ALA C 162 0.29 69.11 -25.14
C ALA C 162 1.03 69.74 -26.31
N GLU C 163 2.36 69.65 -26.32
CA GLU C 163 3.12 70.17 -27.45
C GLU C 163 2.73 69.46 -28.75
N ALA C 164 2.62 68.14 -28.69
CA ALA C 164 2.28 67.37 -29.87
C ALA C 164 0.90 67.75 -30.41
N MET C 165 -0.10 67.86 -29.51
CA MET C 165 -1.42 68.23 -29.98
C MET C 165 -1.43 69.65 -30.54
N ASP C 166 -0.69 70.57 -29.90
CA ASP C 166 -0.66 71.94 -30.39
C ASP C 166 -0.05 72.02 -31.79
N LYS C 167 1.08 71.34 -31.99
CA LYS C 167 1.71 71.38 -33.31
C LYS C 167 0.93 70.55 -34.32
N VAL C 168 0.09 69.64 -33.86
CA VAL C 168 -0.71 68.79 -34.74
C VAL C 168 -2.10 69.37 -34.96
N GLY C 169 -2.79 69.71 -33.90
CA GLY C 169 -4.16 70.18 -34.00
C GLY C 169 -5.16 69.07 -33.77
N LYS C 170 -6.43 69.42 -33.99
CA LYS C 170 -7.52 68.48 -33.72
C LYS C 170 -7.52 67.31 -34.71
N GLU C 171 -7.38 67.61 -36.00
CA GLU C 171 -7.64 66.62 -37.03
C GLU C 171 -6.43 65.78 -37.41
N GLY C 172 -5.29 65.97 -36.73
CA GLY C 172 -4.10 65.21 -37.03
C GLY C 172 -4.03 63.91 -36.26
N VAL C 173 -2.91 63.19 -36.48
CA VAL C 173 -2.68 61.90 -35.87
C VAL C 173 -1.37 61.96 -35.09
N ILE C 174 -1.40 61.55 -33.83
CA ILE C 174 -0.23 61.52 -32.96
C ILE C 174 0.05 60.07 -32.58
N THR C 175 1.28 59.62 -32.86
CA THR C 175 1.67 58.25 -32.60
C THR C 175 2.96 58.22 -31.78
N VAL C 176 3.10 57.17 -30.98
CA VAL C 176 4.26 56.97 -30.11
C VAL C 176 4.90 55.64 -30.46
N GLU C 177 6.21 55.65 -30.64
CA GLU C 177 6.96 54.46 -31.01
C GLU C 177 8.25 54.41 -30.19
N ASP C 178 9.02 53.36 -30.42
CA ASP C 178 10.28 53.16 -29.71
C ASP C 178 11.34 54.15 -30.17
N GLY C 179 12.28 54.42 -29.28
CA GLY C 179 13.45 55.22 -29.63
C GLY C 179 14.71 54.59 -29.11
N THR C 180 15.86 55.16 -29.46
CA THR C 180 17.16 54.66 -29.02
C THR C 180 17.85 55.56 -28.02
N GLY C 181 17.52 56.85 -27.99
CA GLY C 181 18.11 57.77 -27.05
C GLY C 181 17.56 57.56 -25.65
N LEU C 182 18.13 58.30 -24.70
CA LEU C 182 17.76 58.22 -23.31
C LEU C 182 16.59 59.13 -22.95
N GLN C 183 16.18 60.02 -23.84
CA GLN C 183 15.05 60.90 -23.63
C GLN C 183 14.09 60.82 -24.81
N ASP C 184 12.85 61.22 -24.56
CA ASP C 184 11.81 61.20 -25.59
C ASP C 184 12.04 62.32 -26.59
N GLU C 185 11.67 62.07 -27.84
CA GLU C 185 11.81 63.08 -28.89
C GLU C 185 10.54 63.15 -29.73
N LEU C 186 10.31 64.31 -30.34
CA LEU C 186 9.11 64.58 -31.12
C LEU C 186 9.48 65.08 -32.51
N ASP C 187 8.74 64.60 -33.51
CA ASP C 187 8.83 65.11 -34.86
C ASP C 187 7.40 65.34 -35.36
N VAL C 188 7.04 66.59 -35.60
CA VAL C 188 5.69 66.96 -36.01
C VAL C 188 5.75 67.54 -37.42
N VAL C 189 4.87 67.05 -38.29
CA VAL C 189 4.82 67.47 -39.68
C VAL C 189 3.34 67.60 -40.07
N GLU C 190 3.09 68.34 -41.16
CA GLU C 190 1.77 68.41 -41.76
C GLU C 190 1.59 67.14 -42.60
N GLY C 191 0.80 66.19 -42.09
CA GLY C 191 0.73 64.87 -42.66
C GLY C 191 -0.59 64.59 -43.35
N MET C 192 -0.83 63.31 -43.61
CA MET C 192 -1.97 62.85 -44.40
C MET C 192 -2.57 61.62 -43.73
N GLN C 193 -3.84 61.35 -44.05
CA GLN C 193 -4.49 60.13 -43.56
C GLN C 193 -5.67 59.81 -44.44
N PHE C 194 -5.86 58.52 -44.71
CA PHE C 194 -7.07 58.06 -45.38
C PHE C 194 -7.45 56.68 -44.87
N ASP C 195 -8.76 56.40 -44.90
CA ASP C 195 -9.32 55.21 -44.27
C ASP C 195 -9.24 54.01 -45.21
N ARG C 196 -8.08 53.37 -45.21
CA ARG C 196 -7.89 52.10 -45.88
C ARG C 196 -7.08 51.17 -45.00
N GLY C 197 -7.39 49.88 -45.09
CA GLY C 197 -6.66 48.86 -44.36
C GLY C 197 -5.63 48.17 -45.23
N TYR C 198 -4.64 47.58 -44.57
CA TYR C 198 -3.65 46.81 -45.31
C TYR C 198 -4.31 45.61 -45.98
N LEU C 199 -3.91 45.34 -47.22
CA LEU C 199 -4.50 44.25 -47.99
C LEU C 199 -3.95 42.89 -47.62
N SER C 200 -2.94 42.82 -46.74
CA SER C 200 -2.37 41.54 -46.33
C SER C 200 -1.87 41.64 -44.90
N PRO C 201 -2.32 40.74 -44.01
CA PRO C 201 -1.76 40.72 -42.64
C PRO C 201 -0.28 40.39 -42.60
N TYR C 202 0.25 39.70 -43.61
CA TYR C 202 1.66 39.36 -43.63
C TYR C 202 2.56 40.57 -43.90
N PHE C 203 1.99 41.68 -44.40
CA PHE C 203 2.75 42.92 -44.50
C PHE C 203 3.06 43.53 -43.14
N ILE C 204 2.38 43.08 -42.08
CA ILE C 204 2.58 43.65 -40.76
C ILE C 204 3.99 43.32 -40.29
N ASN C 205 4.85 44.34 -40.25
CA ASN C 205 6.21 44.19 -39.79
C ASN C 205 6.34 44.25 -38.27
N LYS C 206 5.25 44.57 -37.57
CA LYS C 206 5.22 44.64 -36.11
C LYS C 206 4.06 43.77 -35.64
N PRO C 207 4.24 42.45 -35.65
CA PRO C 207 3.10 41.55 -35.41
C PRO C 207 2.49 41.68 -34.03
N GLU C 208 3.22 42.20 -33.04
CA GLU C 208 2.65 42.34 -31.71
C GLU C 208 1.49 43.32 -31.69
N THR C 209 1.37 44.16 -32.71
CA THR C 209 0.32 45.15 -32.81
C THR C 209 -0.59 44.95 -34.01
N GLY C 210 -0.19 44.14 -34.99
CA GLY C 210 -0.99 43.97 -36.19
C GLY C 210 -1.07 45.20 -37.06
N ALA C 211 0.02 45.95 -37.19
CA ALA C 211 0.06 47.16 -38.00
C ALA C 211 1.40 47.23 -38.72
N VAL C 212 1.44 48.03 -39.79
CA VAL C 212 2.61 48.13 -40.66
C VAL C 212 3.24 49.51 -40.47
N GLU C 213 4.55 49.52 -40.19
CA GLU C 213 5.33 50.74 -40.08
C GLU C 213 6.42 50.74 -41.14
N LEU C 214 6.60 51.86 -41.82
CA LEU C 214 7.69 52.01 -42.79
C LEU C 214 8.37 53.36 -42.58
N GLU C 215 9.69 53.36 -42.77
CA GLU C 215 10.52 54.54 -42.54
C GLU C 215 11.17 54.93 -43.86
N SER C 216 11.00 56.19 -44.27
CA SER C 216 11.54 56.73 -45.50
C SER C 216 11.24 55.84 -46.71
N PRO C 217 9.95 55.62 -47.05
CA PRO C 217 9.65 54.74 -48.18
C PRO C 217 9.55 55.47 -49.50
N PHE C 218 9.21 54.74 -50.55
CA PHE C 218 8.79 55.33 -51.82
C PHE C 218 7.28 55.18 -51.99
N ILE C 219 6.71 56.06 -52.80
CA ILE C 219 5.28 56.12 -53.02
C ILE C 219 4.99 55.83 -54.48
N LEU C 220 4.15 54.83 -54.75
CA LEU C 220 3.73 54.48 -56.11
C LEU C 220 2.21 54.51 -56.13
N LEU C 221 1.64 55.64 -56.52
CA LEU C 221 0.20 55.84 -56.52
C LEU C 221 -0.37 55.29 -57.83
N ALA C 222 -0.83 54.05 -57.81
CA ALA C 222 -1.38 53.41 -58.98
C ALA C 222 -2.88 53.71 -59.04
N ASP C 223 -3.27 54.60 -59.95
CA ASP C 223 -4.69 54.77 -60.25
C ASP C 223 -5.10 53.69 -61.23
N LYS C 224 -4.78 52.44 -60.89
CA LYS C 224 -4.96 51.32 -61.79
C LYS C 224 -4.99 50.05 -60.96
N LYS C 225 -5.47 48.97 -61.59
CA LYS C 225 -5.54 47.67 -60.96
C LYS C 225 -4.27 46.88 -61.25
N ILE C 226 -3.57 46.48 -60.20
CA ILE C 226 -2.37 45.67 -60.31
C ILE C 226 -2.72 44.26 -59.85
N SER C 227 -2.88 43.35 -60.81
CA SER C 227 -3.24 41.97 -60.51
C SER C 227 -2.06 41.02 -60.67
N ASN C 228 -1.22 41.24 -61.67
CA ASN C 228 -0.05 40.40 -61.90
C ASN C 228 1.19 41.08 -61.35
N ILE C 229 2.06 40.29 -60.72
CA ILE C 229 3.33 40.81 -60.22
C ILE C 229 4.24 41.29 -61.33
N ARG C 230 3.93 40.97 -62.59
CA ARG C 230 4.76 41.45 -63.70
C ARG C 230 4.80 42.97 -63.76
N GLU C 231 3.80 43.64 -63.17
CA GLU C 231 3.79 45.09 -63.13
C GLU C 231 4.75 45.66 -62.09
N MET C 232 5.51 44.81 -61.40
CA MET C 232 6.33 45.24 -60.28
C MET C 232 7.76 44.73 -60.30
N LEU C 233 8.12 43.79 -61.19
CA LEU C 233 9.47 43.22 -61.20
C LEU C 233 10.59 44.26 -61.27
N PRO C 234 10.55 45.26 -62.16
CA PRO C 234 11.65 46.25 -62.16
C PRO C 234 11.73 47.05 -60.87
N VAL C 235 10.65 47.72 -60.48
CA VAL C 235 10.70 48.59 -59.30
C VAL C 235 11.09 47.79 -58.06
N LEU C 236 10.55 46.58 -57.92
CA LEU C 236 10.96 45.71 -56.81
C LEU C 236 12.47 45.56 -56.78
N GLU C 237 13.07 45.19 -57.91
CA GLU C 237 14.53 45.09 -57.95
C GLU C 237 15.17 46.43 -57.61
N ALA C 238 14.62 47.52 -58.14
CA ALA C 238 15.11 48.84 -57.77
C ALA C 238 14.98 49.07 -56.28
N VAL C 239 13.87 48.65 -55.69
CA VAL C 239 13.74 48.72 -54.24
C VAL C 239 14.80 47.88 -53.57
N ALA C 240 15.05 46.67 -54.08
CA ALA C 240 16.15 45.87 -53.57
C ALA C 240 17.47 46.62 -53.72
N LYS C 241 17.60 47.43 -54.77
CA LYS C 241 18.77 48.28 -54.93
C LYS C 241 18.66 49.53 -54.07
N ALA C 242 17.44 50.03 -53.86
CA ALA C 242 17.27 51.29 -53.14
C ALA C 242 17.57 51.13 -51.67
N GLY C 243 17.08 50.06 -51.05
CA GLY C 243 17.22 49.86 -49.63
C GLY C 243 16.16 50.52 -48.78
N LYS C 244 15.38 51.44 -49.36
CA LYS C 244 14.28 52.05 -48.65
C LYS C 244 12.95 51.52 -49.20
N PRO C 245 11.91 51.47 -48.37
CA PRO C 245 10.70 50.75 -48.75
C PRO C 245 9.97 51.39 -49.93
N LEU C 246 9.01 50.63 -50.46
CA LEU C 246 8.09 51.11 -51.47
C LEU C 246 6.68 50.65 -51.14
N LEU C 247 5.73 51.57 -51.25
CA LEU C 247 4.33 51.30 -50.95
C LEU C 247 3.49 51.79 -52.11
N ILE C 248 2.54 50.97 -52.53
CA ILE C 248 1.83 51.13 -53.79
C ILE C 248 0.35 51.32 -53.48
N ILE C 249 -0.16 52.53 -53.73
CA ILE C 249 -1.56 52.86 -53.47
C ILE C 249 -2.31 52.57 -54.76
N ALA C 250 -2.70 51.31 -54.95
CA ALA C 250 -3.36 50.88 -56.17
C ALA C 250 -4.86 50.84 -55.95
N GLU C 251 -5.60 50.61 -57.03
CA GLU C 251 -7.05 50.42 -56.90
C GLU C 251 -7.36 49.17 -56.09
N ASP C 252 -6.65 48.08 -56.37
CA ASP C 252 -6.72 46.83 -55.62
C ASP C 252 -5.61 45.94 -56.13
N VAL C 253 -5.31 44.89 -55.38
CA VAL C 253 -4.26 43.93 -55.73
C VAL C 253 -4.84 42.53 -55.63
N GLU C 254 -4.62 41.72 -56.67
CA GLU C 254 -5.17 40.38 -56.75
C GLU C 254 -4.23 39.39 -56.04
N GLY C 255 -4.52 38.10 -56.17
CA GLY C 255 -3.81 37.10 -55.38
C GLY C 255 -2.34 36.95 -55.73
N GLU C 256 -2.02 36.90 -57.03
CA GLU C 256 -0.67 36.52 -57.43
C GLU C 256 0.35 37.62 -57.11
N ALA C 257 0.04 38.87 -57.48
CA ALA C 257 0.97 39.96 -57.20
C ALA C 257 1.16 40.16 -55.71
N LEU C 258 0.05 40.12 -54.95
CA LEU C 258 0.15 40.29 -53.50
C LEU C 258 0.94 39.15 -52.87
N ALA C 259 0.72 37.92 -53.34
CA ALA C 259 1.45 36.78 -52.81
C ALA C 259 2.94 36.89 -53.10
N THR C 260 3.31 37.30 -54.31
CA THR C 260 4.72 37.48 -54.63
C THR C 260 5.34 38.59 -53.77
N LEU C 261 4.59 39.67 -53.55
CA LEU C 261 5.09 40.75 -52.69
C LEU C 261 5.34 40.27 -51.28
N VAL C 262 4.38 39.54 -50.70
CA VAL C 262 4.56 39.09 -49.31
C VAL C 262 5.64 38.03 -49.20
N VAL C 263 5.82 37.21 -50.23
CA VAL C 263 6.91 36.23 -50.23
C VAL C 263 8.26 36.95 -50.26
N ASN C 264 8.39 37.96 -51.13
CA ASN C 264 9.65 38.69 -51.22
C ASN C 264 9.94 39.51 -49.97
N THR C 265 8.90 40.00 -49.29
CA THR C 265 9.13 40.75 -48.05
C THR C 265 9.75 39.86 -46.98
N MET C 266 9.27 38.62 -46.86
CA MET C 266 9.78 37.73 -45.82
C MET C 266 11.06 37.02 -46.24
N ARG C 267 11.52 37.18 -47.47
CA ARG C 267 12.81 36.64 -47.91
C ARG C 267 13.94 37.65 -47.77
N GLY C 268 13.66 38.85 -47.28
CA GLY C 268 14.69 39.87 -47.15
C GLY C 268 15.08 40.57 -48.42
N ILE C 269 14.33 40.35 -49.51
CA ILE C 269 14.68 40.96 -50.78
C ILE C 269 14.27 42.43 -50.79
N VAL C 270 12.98 42.70 -50.57
CA VAL C 270 12.43 44.05 -50.66
C VAL C 270 11.46 44.29 -49.53
N LYS C 271 11.21 45.57 -49.25
CA LYS C 271 10.13 45.99 -48.36
C LYS C 271 9.13 46.77 -49.21
N VAL C 272 8.22 46.05 -49.85
CA VAL C 272 7.23 46.65 -50.74
C VAL C 272 5.85 46.16 -50.34
N ALA C 273 4.94 47.10 -50.11
CA ALA C 273 3.57 46.80 -49.76
C ALA C 273 2.61 47.45 -50.75
N ALA C 274 1.35 47.02 -50.72
CA ALA C 274 0.33 47.53 -51.62
C ALA C 274 -1.00 47.63 -50.88
N VAL C 275 -1.68 48.76 -51.04
CA VAL C 275 -2.98 49.02 -50.42
C VAL C 275 -3.94 49.53 -51.49
N LYS C 276 -5.22 49.61 -51.11
CA LYS C 276 -6.25 50.08 -52.01
C LYS C 276 -6.35 51.59 -51.99
N ALA C 277 -6.53 52.17 -53.18
CA ALA C 277 -6.60 53.62 -53.31
C ALA C 277 -7.89 54.15 -52.67
N PRO C 278 -7.81 55.11 -51.76
CA PRO C 278 -9.02 55.61 -51.10
C PRO C 278 -9.92 56.35 -52.08
N GLY C 279 -11.22 56.27 -51.81
CA GLY C 279 -12.21 56.99 -52.59
C GLY C 279 -12.91 56.11 -53.61
N PHE C 280 -13.97 56.66 -54.20
CA PHE C 280 -14.73 55.98 -55.24
C PHE C 280 -15.06 56.99 -56.34
N GLY C 281 -14.38 56.88 -57.47
CA GLY C 281 -14.62 57.78 -58.57
C GLY C 281 -13.64 58.93 -58.63
N ASP C 282 -14.15 60.14 -58.85
CA ASP C 282 -13.28 61.32 -58.93
C ASP C 282 -12.55 61.56 -57.62
N ARG C 283 -13.20 61.26 -56.49
CA ARG C 283 -12.56 61.44 -55.20
C ARG C 283 -11.33 60.57 -55.05
N ARG C 284 -11.35 59.37 -55.63
CA ARG C 284 -10.22 58.46 -55.50
C ARG C 284 -8.98 59.03 -56.19
N LYS C 285 -9.15 59.44 -57.46
CA LYS C 285 -8.05 60.09 -58.16
C LYS C 285 -7.67 61.40 -57.49
N ALA C 286 -8.64 62.07 -56.86
CA ALA C 286 -8.34 63.30 -56.15
C ALA C 286 -7.39 63.07 -54.99
N MET C 287 -7.69 62.08 -54.14
CA MET C 287 -6.74 61.69 -53.09
C MET C 287 -5.41 61.26 -53.68
N LEU C 288 -5.44 60.50 -54.77
CA LEU C 288 -4.19 60.00 -55.35
C LEU C 288 -3.29 61.14 -55.79
N GLN C 289 -3.86 62.14 -56.47
CA GLN C 289 -3.05 63.26 -56.93
C GLN C 289 -2.69 64.20 -55.79
N ASP C 290 -3.53 64.28 -54.74
CA ASP C 290 -3.12 64.99 -53.53
C ASP C 290 -1.84 64.38 -52.96
N ILE C 291 -1.82 63.06 -52.84
CA ILE C 291 -0.63 62.38 -52.35
C ILE C 291 0.54 62.59 -53.31
N ALA C 292 0.26 62.62 -54.61
CA ALA C 292 1.31 62.85 -55.60
C ALA C 292 1.97 64.21 -55.38
N THR C 293 1.16 65.27 -55.27
CA THR C 293 1.73 66.60 -55.07
C THR C 293 2.43 66.71 -53.72
N LEU C 294 1.91 66.02 -52.71
CA LEU C 294 2.43 66.23 -51.35
C LEU C 294 3.82 65.62 -51.18
N THR C 295 4.03 64.40 -51.64
CA THR C 295 5.28 63.68 -51.37
C THR C 295 6.31 63.83 -52.47
N GLY C 296 6.06 64.67 -53.47
CA GLY C 296 6.95 64.71 -54.61
C GLY C 296 6.88 63.42 -55.41
N GLY C 297 5.68 62.86 -55.54
CA GLY C 297 5.47 61.68 -56.34
C GLY C 297 4.41 61.93 -57.40
N THR C 298 3.97 60.87 -58.07
CA THR C 298 3.00 61.00 -59.14
C THR C 298 2.07 59.79 -59.12
N VAL C 299 0.80 60.02 -59.47
CA VAL C 299 -0.17 58.94 -59.54
C VAL C 299 -0.04 58.20 -60.88
N ILE C 300 -0.13 56.88 -60.82
CA ILE C 300 0.08 56.03 -61.99
C ILE C 300 -1.27 55.59 -62.51
N SER C 301 -1.59 56.01 -63.73
CA SER C 301 -2.85 55.66 -64.38
C SER C 301 -2.60 55.38 -65.86
N GLU C 302 -3.58 54.74 -66.49
CA GLU C 302 -3.48 54.43 -67.92
C GLU C 302 -4.03 55.54 -68.81
N GLU C 303 -4.56 56.62 -68.24
CA GLU C 303 -5.14 57.70 -69.02
C GLU C 303 -4.22 58.91 -69.16
N ILE C 304 -2.97 58.81 -68.72
CA ILE C 304 -2.02 59.92 -68.85
C ILE C 304 -0.88 59.61 -69.82
N GLY C 305 -0.63 58.35 -70.13
CA GLY C 305 0.43 57.99 -71.06
C GLY C 305 1.71 57.51 -70.43
N MET C 306 1.79 57.42 -69.11
CA MET C 306 2.97 56.92 -68.42
C MET C 306 2.60 55.58 -67.81
N GLU C 307 3.38 54.55 -68.13
CA GLU C 307 3.03 53.18 -67.81
C GLU C 307 3.70 52.73 -66.52
N LEU C 308 2.97 51.94 -65.74
CA LEU C 308 3.47 51.50 -64.44
C LEU C 308 4.80 50.78 -64.55
N GLU C 309 4.97 50.00 -65.62
CA GLU C 309 6.22 49.25 -65.79
C GLU C 309 7.41 50.18 -66.00
N LYS C 310 7.21 51.30 -66.69
CA LYS C 310 8.32 52.18 -67.03
C LYS C 310 8.51 53.32 -66.04
N ALA C 311 7.82 53.29 -64.89
CA ALA C 311 8.05 54.29 -63.85
C ALA C 311 9.44 54.14 -63.26
N THR C 312 9.98 55.25 -62.77
CA THR C 312 11.34 55.31 -62.24
C THR C 312 11.32 55.74 -60.77
N LEU C 313 12.52 55.91 -60.20
CA LEU C 313 12.64 56.26 -58.79
C LEU C 313 12.11 57.65 -58.50
N GLU C 314 12.37 58.63 -59.38
CA GLU C 314 11.84 59.97 -59.15
C GLU C 314 10.32 59.97 -59.25
N ASP C 315 9.76 59.10 -60.10
CA ASP C 315 8.32 58.88 -60.10
C ASP C 315 7.81 58.35 -58.77
N LEU C 316 8.68 57.73 -57.98
CA LEU C 316 8.34 57.28 -56.64
C LEU C 316 8.56 58.44 -55.68
N GLY C 317 7.47 58.92 -55.09
CA GLY C 317 7.59 59.97 -54.09
C GLY C 317 8.43 59.51 -52.91
N GLN C 318 8.96 60.48 -52.19
CA GLN C 318 9.80 60.20 -51.04
C GLN C 318 9.17 60.80 -49.80
N ALA C 319 9.25 60.04 -48.71
CA ALA C 319 8.59 60.42 -47.46
C ALA C 319 9.47 60.02 -46.29
N LYS C 320 8.89 60.08 -45.09
CA LYS C 320 9.60 59.78 -43.85
C LYS C 320 9.00 58.63 -43.06
N ARG C 321 7.69 58.63 -42.82
CA ARG C 321 7.08 57.58 -42.03
C ARG C 321 5.69 57.26 -42.54
N VAL C 322 5.32 55.99 -42.50
CA VAL C 322 4.00 55.55 -42.92
C VAL C 322 3.49 54.49 -41.94
N VAL C 323 2.24 54.63 -41.51
CA VAL C 323 1.59 53.71 -40.60
C VAL C 323 0.31 53.21 -41.24
N ILE C 324 0.07 51.90 -41.20
CA ILE C 324 -1.13 51.28 -41.74
C ILE C 324 -1.72 50.35 -40.70
N ASN C 325 -3.05 50.42 -40.52
CA ASN C 325 -3.75 49.49 -39.65
C ASN C 325 -4.86 48.79 -40.41
N LYS C 326 -5.74 48.08 -39.70
CA LYS C 326 -6.80 47.33 -40.35
C LYS C 326 -7.76 48.23 -41.12
N ASP C 327 -7.81 49.52 -40.78
CA ASP C 327 -8.81 50.41 -41.33
C ASP C 327 -8.28 51.74 -41.88
N THR C 328 -7.17 52.25 -41.37
CA THR C 328 -6.69 53.58 -41.73
C THR C 328 -5.19 53.56 -41.99
N THR C 329 -4.73 54.55 -42.76
CA THR C 329 -3.33 54.77 -43.05
C THR C 329 -2.99 56.24 -42.81
N THR C 330 -1.85 56.48 -42.16
CA THR C 330 -1.34 57.82 -41.89
C THR C 330 0.05 57.97 -42.51
N ILE C 331 0.31 59.16 -43.05
CA ILE C 331 1.53 59.48 -43.78
C ILE C 331 2.18 60.68 -43.12
N ILE C 332 3.50 60.60 -42.91
CA ILE C 332 4.26 61.54 -42.10
C ILE C 332 5.45 62.01 -42.91
N ASP C 333 5.51 63.33 -43.17
CA ASP C 333 6.70 64.01 -43.67
C ASP C 333 7.14 63.46 -45.03
N GLY C 334 6.29 63.68 -46.03
CA GLY C 334 6.66 63.39 -47.41
C GLY C 334 7.38 64.58 -48.03
N VAL C 335 8.60 64.33 -48.51
CA VAL C 335 9.41 65.39 -49.08
C VAL C 335 8.92 65.66 -50.50
N GLY C 336 7.96 66.56 -50.61
CA GLY C 336 7.44 66.98 -51.89
C GLY C 336 7.52 68.48 -52.04
N GLU C 337 7.81 68.95 -53.24
CA GLU C 337 7.98 70.37 -53.45
C GLU C 337 6.68 71.10 -53.17
N GLU C 338 6.79 72.18 -52.38
CA GLU C 338 5.61 72.89 -51.91
C GLU C 338 4.82 73.54 -53.04
N ALA C 339 5.44 73.75 -54.20
CA ALA C 339 4.72 74.34 -55.31
C ALA C 339 3.55 73.47 -55.74
N ALA C 340 3.80 72.17 -55.93
CA ALA C 340 2.73 71.26 -56.31
C ALA C 340 1.68 71.14 -55.20
N ILE C 341 2.13 71.17 -53.94
CA ILE C 341 1.21 71.04 -52.82
C ILE C 341 0.25 72.23 -52.77
N GLN C 342 0.78 73.45 -52.89
CA GLN C 342 -0.08 74.62 -52.87
C GLN C 342 -0.91 74.75 -54.13
N GLY C 343 -0.36 74.31 -55.28
CA GLY C 343 -1.18 74.22 -56.46
C GLY C 343 -2.38 73.32 -56.24
N ARG C 344 -2.16 72.17 -55.59
CA ARG C 344 -3.25 71.26 -55.29
C ARG C 344 -4.26 71.89 -54.34
N VAL C 345 -3.79 72.54 -53.27
CA VAL C 345 -4.72 73.10 -52.31
C VAL C 345 -5.55 74.21 -52.95
N ALA C 346 -4.92 75.04 -53.80
CA ALA C 346 -5.66 76.10 -54.47
C ALA C 346 -6.65 75.53 -55.47
N GLN C 347 -6.25 74.50 -56.22
CA GLN C 347 -7.17 73.87 -57.16
C GLN C 347 -8.38 73.31 -56.43
N ILE C 348 -8.17 72.65 -55.30
CA ILE C 348 -9.30 72.11 -54.55
C ILE C 348 -10.13 73.25 -53.96
N ARG C 349 -9.50 74.35 -53.57
CA ARG C 349 -10.26 75.46 -53.01
C ARG C 349 -11.16 76.11 -54.06
N GLN C 350 -10.65 76.33 -55.26
CA GLN C 350 -11.53 76.81 -56.32
C GLN C 350 -12.53 75.74 -56.76
N GLN C 351 -12.20 74.47 -56.59
CA GLN C 351 -13.20 73.43 -56.81
C GLN C 351 -14.33 73.53 -55.81
N ILE C 352 -14.00 73.88 -54.56
CA ILE C 352 -15.02 74.22 -53.56
C ILE C 352 -15.82 75.41 -54.05
N GLU C 353 -15.13 76.43 -54.54
CA GLU C 353 -15.79 77.61 -55.11
C GLU C 353 -16.73 77.23 -56.24
N GLU C 354 -16.46 76.11 -56.91
CA GLU C 354 -17.22 75.66 -58.07
C GLU C 354 -18.03 74.41 -57.75
N ALA C 355 -18.54 74.33 -56.52
CA ALA C 355 -19.31 73.18 -56.06
C ALA C 355 -20.63 73.64 -55.48
N THR C 356 -21.72 73.03 -55.94
CA THR C 356 -23.08 73.42 -55.58
C THR C 356 -23.61 72.66 -54.38
N SER C 357 -23.51 71.34 -54.38
CA SER C 357 -24.09 70.53 -53.32
C SER C 357 -23.30 70.69 -52.02
N ASP C 358 -23.66 69.84 -51.05
CA ASP C 358 -22.99 69.89 -49.76
C ASP C 358 -21.91 68.82 -49.65
N TYR C 359 -22.18 67.63 -50.20
CA TYR C 359 -21.24 66.53 -50.11
C TYR C 359 -19.95 66.84 -50.85
N ASP C 360 -20.06 67.50 -52.00
CA ASP C 360 -18.88 67.80 -52.79
C ASP C 360 -17.95 68.77 -52.06
N ARG C 361 -18.51 69.85 -51.49
CA ARG C 361 -17.66 70.77 -50.74
C ARG C 361 -17.12 70.11 -49.48
N GLU C 362 -17.92 69.22 -48.87
CA GLU C 362 -17.43 68.49 -47.71
C GLU C 362 -16.19 67.67 -48.06
N LYS C 363 -16.26 66.90 -49.15
CA LYS C 363 -15.12 66.09 -49.58
C LYS C 363 -13.93 66.98 -49.96
N LEU C 364 -14.19 68.08 -50.64
CA LEU C 364 -13.10 68.96 -51.08
C LEU C 364 -12.43 69.63 -49.89
N GLN C 365 -13.20 70.01 -48.87
CA GLN C 365 -12.60 70.55 -47.65
C GLN C 365 -11.82 69.47 -46.92
N GLU C 366 -12.29 68.23 -46.96
CA GLU C 366 -11.49 67.12 -46.46
C GLU C 366 -10.15 67.07 -47.18
N ARG C 367 -10.17 67.20 -48.51
CA ARG C 367 -8.94 67.22 -49.29
C ARG C 367 -8.01 68.34 -48.84
N VAL C 368 -8.54 69.55 -48.74
CA VAL C 368 -7.72 70.70 -48.38
C VAL C 368 -7.12 70.52 -46.98
N ALA C 369 -7.95 70.11 -46.02
CA ALA C 369 -7.48 69.97 -44.65
C ALA C 369 -6.43 68.88 -44.54
N LYS C 370 -6.66 67.73 -45.19
CA LYS C 370 -5.71 66.64 -45.09
C LYS C 370 -4.44 66.88 -45.89
N LEU C 371 -4.48 67.77 -46.89
CA LEU C 371 -3.25 68.21 -47.51
C LEU C 371 -2.33 68.88 -46.49
N ALA C 372 -2.92 69.66 -45.59
CA ALA C 372 -2.20 70.05 -44.38
C ALA C 372 -2.23 68.92 -43.36
N GLY C 373 -3.42 68.55 -42.90
CA GLY C 373 -3.55 67.43 -41.98
C GLY C 373 -2.77 67.66 -40.70
N GLY C 374 -2.12 66.60 -40.23
CA GLY C 374 -1.28 66.70 -39.07
C GLY C 374 -0.78 65.33 -38.60
N VAL C 375 0.51 65.24 -38.30
CA VAL C 375 1.11 64.01 -37.81
C VAL C 375 2.20 64.35 -36.82
N ALA C 376 2.29 63.54 -35.77
CA ALA C 376 3.35 63.65 -34.77
C ALA C 376 3.88 62.26 -34.47
N VAL C 377 5.20 62.16 -34.36
CA VAL C 377 5.88 60.92 -34.01
C VAL C 377 6.70 61.17 -32.76
N ILE C 378 6.41 60.43 -31.69
CA ILE C 378 7.13 60.55 -30.42
C ILE C 378 7.91 59.27 -30.21
N LYS C 379 9.23 59.38 -30.22
CA LYS C 379 10.11 58.24 -29.99
C LYS C 379 10.49 58.22 -28.52
N VAL C 380 10.27 57.09 -27.87
CA VAL C 380 10.42 56.99 -26.42
C VAL C 380 11.90 56.89 -26.07
N GLY C 381 12.27 57.49 -24.94
CA GLY C 381 13.64 57.41 -24.46
C GLY C 381 13.78 56.55 -23.22
N ALA C 382 14.41 55.39 -23.35
CA ALA C 382 14.62 54.49 -22.22
C ALA C 382 15.85 53.63 -22.49
N ALA C 383 16.38 53.06 -21.42
CA ALA C 383 17.61 52.26 -21.51
C ALA C 383 17.33 50.76 -21.59
N THR C 384 16.40 50.23 -20.80
CA THR C 384 16.07 48.82 -20.83
C THR C 384 14.64 48.63 -21.33
N GLU C 385 14.23 47.37 -21.42
CA GLU C 385 12.98 47.00 -22.08
C GLU C 385 11.76 47.12 -21.17
N VAL C 386 11.89 46.70 -19.92
CA VAL C 386 10.74 46.73 -19.01
C VAL C 386 10.35 48.18 -18.71
N GLU C 387 11.34 49.02 -18.43
CA GLU C 387 11.04 50.43 -18.19
C GLU C 387 10.46 51.08 -19.43
N MET C 388 10.99 50.71 -20.61
CA MET C 388 10.48 51.30 -21.85
C MET C 388 9.03 50.93 -22.08
N LYS C 389 8.69 49.64 -21.93
CA LYS C 389 7.30 49.23 -22.11
C LYS C 389 6.41 49.85 -21.04
N GLU C 390 6.93 50.01 -19.83
CA GLU C 390 6.12 50.58 -18.75
C GLU C 390 5.80 52.03 -19.03
N LYS C 391 6.80 52.82 -19.40
CA LYS C 391 6.54 54.20 -19.75
C LYS C 391 5.72 54.30 -21.03
N LYS C 392 5.84 53.31 -21.93
CA LYS C 392 4.99 53.27 -23.11
C LYS C 392 3.52 53.09 -22.73
N ALA C 393 3.25 52.17 -21.80
CA ALA C 393 1.89 51.97 -21.32
C ALA C 393 1.38 53.22 -20.61
N ARG C 394 2.25 53.86 -19.81
CA ARG C 394 1.86 55.10 -19.16
C ARG C 394 1.53 56.18 -20.18
N VAL C 395 2.33 56.28 -21.24
CA VAL C 395 2.09 57.28 -22.28
C VAL C 395 0.78 57.00 -23.00
N GLU C 396 0.50 55.73 -23.30
CA GLU C 396 -0.76 55.42 -23.97
C GLU C 396 -1.95 55.71 -23.08
N ASP C 397 -1.85 55.41 -21.79
CA ASP C 397 -2.93 55.74 -20.86
C ASP C 397 -3.13 57.25 -20.78
N ALA C 398 -2.03 58.00 -20.72
CA ALA C 398 -2.13 59.45 -20.69
C ALA C 398 -2.76 59.99 -21.97
N LEU C 399 -2.40 59.41 -23.11
CA LEU C 399 -2.97 59.84 -24.38
C LEU C 399 -4.47 59.55 -24.42
N HIS C 400 -4.87 58.38 -23.93
CA HIS C 400 -6.29 58.05 -23.87
C HIS C 400 -7.03 59.04 -22.97
N ALA C 401 -6.45 59.36 -21.81
CA ALA C 401 -7.09 60.29 -20.89
C ALA C 401 -7.21 61.68 -21.50
N THR C 402 -6.16 62.13 -22.19
CA THR C 402 -6.23 63.43 -22.85
C THR C 402 -7.28 63.42 -23.95
N ARG C 403 -7.37 62.32 -24.71
CA ARG C 403 -8.39 62.20 -25.74
C ARG C 403 -9.78 62.33 -25.14
N ALA C 404 -10.03 61.62 -24.04
CA ALA C 404 -11.33 61.68 -23.39
C ALA C 404 -11.62 63.09 -22.86
N ALA C 405 -10.65 63.69 -22.18
CA ALA C 405 -10.84 65.01 -21.58
C ALA C 405 -11.05 66.07 -22.65
N VAL C 406 -10.52 65.84 -23.85
CA VAL C 406 -10.69 66.82 -24.92
C VAL C 406 -12.03 66.61 -25.61
N GLU C 407 -12.32 65.38 -26.04
CA GLU C 407 -13.50 65.15 -26.87
C GLU C 407 -14.79 65.18 -26.07
N GLU C 408 -14.79 64.69 -24.83
CA GLU C 408 -16.00 64.65 -24.04
C GLU C 408 -15.84 65.38 -22.72
N GLY C 409 -14.78 66.18 -22.58
CA GLY C 409 -14.60 66.93 -21.36
C GLY C 409 -14.25 66.03 -20.19
N VAL C 410 -14.49 66.58 -19.00
CA VAL C 410 -14.18 65.91 -17.74
C VAL C 410 -15.36 66.01 -16.80
N VAL C 411 -15.30 65.24 -15.73
CA VAL C 411 -16.23 65.37 -14.62
C VAL C 411 -15.41 65.43 -13.34
N ALA C 412 -16.10 65.50 -12.20
CA ALA C 412 -15.41 65.63 -10.91
C ALA C 412 -14.51 64.43 -10.65
N GLY C 413 -13.31 64.70 -10.16
CA GLY C 413 -12.34 63.64 -9.94
C GLY C 413 -12.48 63.04 -8.55
N GLY C 414 -12.13 61.75 -8.45
CA GLY C 414 -12.14 61.04 -7.19
C GLY C 414 -13.43 60.36 -6.81
N GLY C 415 -14.49 60.54 -7.58
CA GLY C 415 -15.78 59.96 -7.26
C GLY C 415 -16.70 60.83 -6.43
N VAL C 416 -16.29 62.07 -6.11
CA VAL C 416 -17.10 62.95 -5.29
C VAL C 416 -18.48 63.17 -5.91
N ALA C 417 -18.55 63.44 -7.21
CA ALA C 417 -19.85 63.62 -7.86
C ALA C 417 -20.71 62.39 -7.69
N LEU C 418 -20.09 61.20 -7.71
CA LEU C 418 -20.80 59.98 -7.35
C LEU C 418 -21.67 60.19 -6.12
N ILE C 419 -21.05 60.58 -5.01
CA ILE C 419 -21.81 60.83 -3.79
C ILE C 419 -22.87 61.87 -4.04
N ARG C 420 -22.50 62.98 -4.69
CA ARG C 420 -23.48 63.99 -5.04
C ARG C 420 -24.64 63.37 -5.79
N VAL C 421 -24.34 62.55 -6.81
CA VAL C 421 -25.40 61.90 -7.56
C VAL C 421 -26.28 61.08 -6.65
N ALA C 422 -25.67 60.30 -5.74
CA ALA C 422 -26.45 59.49 -4.83
C ALA C 422 -27.36 60.36 -3.97
N SER C 423 -26.88 61.54 -3.58
CA SER C 423 -27.74 62.46 -2.83
C SER C 423 -28.90 62.93 -3.68
N LYS C 424 -28.65 63.25 -4.96
CA LYS C 424 -29.72 63.73 -5.81
C LYS C 424 -30.61 62.59 -6.29
N LEU C 425 -30.01 61.42 -6.54
CA LEU C 425 -30.72 60.31 -7.18
C LEU C 425 -31.35 59.36 -6.17
N ALA C 426 -31.46 59.76 -4.91
CA ALA C 426 -32.14 58.95 -3.92
C ALA C 426 -33.66 58.92 -4.14
N ASP C 427 -34.18 59.74 -5.04
CA ASP C 427 -35.61 59.90 -5.25
C ASP C 427 -36.17 58.91 -6.27
N LEU C 428 -35.33 58.01 -6.80
CA LEU C 428 -35.78 57.12 -7.85
C LEU C 428 -36.66 56.02 -7.29
N ARG C 429 -37.81 55.79 -7.94
CA ARG C 429 -38.76 54.78 -7.52
C ARG C 429 -39.09 53.88 -8.69
N GLY C 430 -39.32 52.59 -8.38
CA GLY C 430 -39.75 51.62 -9.37
C GLY C 430 -41.25 51.35 -9.28
N GLN C 431 -41.73 50.63 -10.29
CA GLN C 431 -43.15 50.29 -10.34
C GLN C 431 -43.56 49.49 -9.10
N ASN C 432 -42.79 48.47 -8.76
CA ASN C 432 -43.02 47.69 -7.56
C ASN C 432 -41.91 47.99 -6.56
N GLU C 433 -42.02 47.37 -5.40
CA GLU C 433 -40.93 47.44 -4.43
C GLU C 433 -39.66 46.80 -5.00
N ASP C 434 -39.82 45.87 -5.93
CA ASP C 434 -38.66 45.15 -6.46
C ASP C 434 -37.76 46.10 -7.25
N GLN C 435 -38.36 46.92 -8.12
CA GLN C 435 -37.58 47.88 -8.89
C GLN C 435 -37.05 49.00 -8.01
N ASN C 436 -37.80 49.37 -6.96
CA ASN C 436 -37.28 50.30 -5.97
C ASN C 436 -36.00 49.74 -5.34
N VAL C 437 -36.02 48.47 -4.98
CA VAL C 437 -34.85 47.83 -4.38
C VAL C 437 -33.71 47.78 -5.39
N GLY C 438 -34.01 47.52 -6.66
CA GLY C 438 -32.97 47.54 -7.67
C GLY C 438 -32.32 48.91 -7.79
N ILE C 439 -33.14 49.96 -7.79
CA ILE C 439 -32.64 51.32 -7.80
C ILE C 439 -31.71 51.54 -6.61
N LYS C 440 -32.15 51.12 -5.43
CA LYS C 440 -31.37 51.38 -4.22
C LYS C 440 -30.10 50.54 -4.19
N VAL C 441 -30.13 49.35 -4.78
CA VAL C 441 -28.93 48.54 -4.95
C VAL C 441 -27.92 49.27 -5.82
N ALA C 442 -28.40 49.84 -6.93
CA ALA C 442 -27.50 50.64 -7.76
C ALA C 442 -26.92 51.81 -6.97
N LEU C 443 -27.78 52.50 -6.22
CA LEU C 443 -27.35 53.68 -5.47
C LEU C 443 -26.31 53.31 -4.43
N ARG C 444 -26.49 52.19 -3.74
CA ARG C 444 -25.56 51.82 -2.68
C ARG C 444 -24.26 51.26 -3.26
N ALA C 445 -24.34 50.51 -4.36
CA ALA C 445 -23.15 49.88 -4.89
C ALA C 445 -22.28 50.86 -5.67
N MET C 446 -22.87 51.95 -6.17
CA MET C 446 -22.09 52.92 -6.93
C MET C 446 -21.15 53.76 -6.07
N GLU C 447 -21.23 53.64 -4.74
CA GLU C 447 -20.39 54.44 -3.86
C GLU C 447 -19.03 53.83 -3.55
N ALA C 448 -18.80 52.59 -3.97
CA ALA C 448 -17.56 51.90 -3.64
C ALA C 448 -16.30 52.62 -4.13
N PRO C 449 -16.21 53.12 -5.37
CA PRO C 449 -14.90 53.53 -5.89
C PRO C 449 -14.13 54.48 -4.99
N LEU C 450 -14.81 55.47 -4.40
CA LEU C 450 -14.13 56.31 -3.42
C LEU C 450 -13.66 55.47 -2.25
N ARG C 451 -14.47 54.49 -1.81
CA ARG C 451 -14.09 53.67 -0.67
C ARG C 451 -12.79 52.93 -0.93
N GLN C 452 -12.71 52.20 -2.05
CA GLN C 452 -11.47 51.48 -2.33
C GLN C 452 -10.30 52.41 -2.67
N ILE C 453 -10.55 53.59 -3.25
CA ILE C 453 -9.46 54.55 -3.42
C ILE C 453 -8.89 54.93 -2.07
N VAL C 454 -9.78 55.24 -1.12
CA VAL C 454 -9.34 55.57 0.24
C VAL C 454 -8.60 54.39 0.86
N LEU C 455 -9.08 53.18 0.62
CA LEU C 455 -8.48 52.01 1.24
C LEU C 455 -7.07 51.75 0.69
N ASN C 456 -6.86 51.94 -0.61
CA ASN C 456 -5.50 51.90 -1.13
C ASN C 456 -4.68 53.05 -0.59
N CYS C 457 -5.29 54.20 -0.37
CA CYS C 457 -4.64 55.25 0.41
C CYS C 457 -4.41 54.82 1.85
N GLY C 458 -5.15 53.81 2.33
CA GLY C 458 -4.88 53.18 3.60
C GLY C 458 -5.82 53.53 4.74
N GLU C 459 -6.61 54.59 4.60
CA GLU C 459 -7.41 55.07 5.72
C GLU C 459 -8.86 54.60 5.57
N GLU C 460 -9.70 54.97 6.54
CA GLU C 460 -11.06 54.46 6.62
C GLU C 460 -11.93 55.10 5.56
N PRO C 461 -12.59 54.32 4.70
CA PRO C 461 -13.33 54.92 3.58
C PRO C 461 -14.67 55.51 3.99
N SER C 462 -15.31 54.95 5.02
CA SER C 462 -16.62 55.44 5.43
C SER C 462 -16.54 56.89 5.91
N VAL C 463 -15.49 57.22 6.66
CA VAL C 463 -15.33 58.58 7.15
C VAL C 463 -15.15 59.55 5.99
N VAL C 464 -14.34 59.16 4.99
CA VAL C 464 -14.19 60.00 3.81
C VAL C 464 -15.53 60.18 3.10
N ALA C 465 -16.28 59.09 2.96
CA ALA C 465 -17.59 59.17 2.32
C ALA C 465 -18.50 60.14 3.04
N ASN C 466 -18.57 60.05 4.36
CA ASN C 466 -19.48 60.90 5.13
C ASN C 466 -19.03 62.36 5.11
N THR C 467 -17.72 62.60 5.24
CA THR C 467 -17.23 63.96 5.20
C THR C 467 -17.47 64.60 3.84
N VAL C 468 -17.28 63.83 2.76
CA VAL C 468 -17.51 64.36 1.42
C VAL C 468 -18.98 64.61 1.18
N LYS C 469 -19.85 63.67 1.57
CA LYS C 469 -21.29 63.87 1.39
C LYS C 469 -21.79 65.03 2.24
N GLY C 470 -21.12 65.32 3.35
CA GLY C 470 -21.41 66.53 4.09
C GLY C 470 -21.23 67.77 3.24
N GLY C 471 -20.18 67.78 2.41
CA GLY C 471 -20.00 68.84 1.45
C GLY C 471 -20.76 68.58 0.16
N ASP C 472 -20.60 69.51 -0.77
CA ASP C 472 -21.36 69.47 -2.01
C ASP C 472 -20.45 69.78 -3.19
N GLY C 473 -20.84 69.26 -4.35
CA GLY C 473 -20.14 69.57 -5.58
C GLY C 473 -18.68 69.20 -5.55
N ASN C 474 -17.84 70.16 -5.92
CA ASN C 474 -16.41 69.95 -6.05
C ASN C 474 -15.73 69.59 -4.73
N TYR C 475 -16.40 69.85 -3.61
CA TYR C 475 -15.83 69.46 -2.33
C TYR C 475 -15.72 67.94 -2.24
N GLY C 476 -14.50 67.45 -2.32
CA GLY C 476 -14.21 66.05 -2.09
C GLY C 476 -12.98 65.95 -1.22
N TYR C 477 -12.27 64.84 -1.36
CA TYR C 477 -11.04 64.60 -0.61
C TYR C 477 -9.91 64.28 -1.58
N ASN C 478 -8.98 65.22 -1.73
CA ASN C 478 -7.76 64.98 -2.49
C ASN C 478 -6.94 63.91 -1.79
N ALA C 479 -6.80 62.75 -2.44
CA ALA C 479 -6.01 61.67 -1.86
C ALA C 479 -4.52 61.96 -1.96
N ALA C 480 -4.08 62.63 -3.02
CA ALA C 480 -2.68 63.03 -3.11
C ALA C 480 -2.36 64.09 -2.07
N THR C 481 -3.16 65.14 -2.00
CA THR C 481 -3.01 66.15 -0.95
C THR C 481 -3.59 65.66 0.38
N GLU C 482 -4.45 64.65 0.34
CA GLU C 482 -5.13 64.14 1.53
C GLU C 482 -5.87 65.27 2.23
N GLU C 483 -6.50 66.13 1.45
CA GLU C 483 -7.18 67.30 2.00
C GLU C 483 -8.55 67.45 1.35
N TYR C 484 -9.55 67.70 2.18
CA TYR C 484 -10.86 68.03 1.64
C TYR C 484 -10.81 69.40 0.97
N GLY C 485 -11.45 69.48 -0.19
CA GLY C 485 -11.46 70.72 -0.94
C GLY C 485 -11.87 70.48 -2.38
N ASN C 486 -11.47 71.42 -3.24
CA ASN C 486 -11.92 71.44 -4.63
C ASN C 486 -11.13 70.42 -5.43
N MET C 487 -11.82 69.39 -5.94
CA MET C 487 -11.15 68.38 -6.75
C MET C 487 -10.57 69.00 -8.02
N ILE C 488 -11.39 69.75 -8.76
CA ILE C 488 -10.94 70.29 -10.04
C ILE C 488 -9.80 71.27 -9.84
N ASP C 489 -9.92 72.16 -8.87
CA ASP C 489 -8.87 73.14 -8.63
C ASP C 489 -7.58 72.47 -8.16
N MET C 490 -7.68 71.36 -7.44
CA MET C 490 -6.50 70.58 -7.11
C MET C 490 -6.09 69.65 -8.24
N GLY C 491 -6.51 69.93 -9.47
CA GLY C 491 -6.08 69.18 -10.63
C GLY C 491 -6.67 67.80 -10.75
N ILE C 492 -7.67 67.48 -9.93
CA ILE C 492 -8.24 66.15 -9.89
C ILE C 492 -9.38 66.10 -10.90
N LEU C 493 -9.15 65.42 -12.02
CA LEU C 493 -10.07 65.40 -13.15
C LEU C 493 -10.32 63.96 -13.57
N ASP C 494 -11.56 63.68 -13.96
CA ASP C 494 -11.94 62.37 -14.48
C ASP C 494 -12.78 62.53 -15.74
N PRO C 495 -12.62 61.63 -16.70
CA PRO C 495 -13.37 61.71 -17.95
C PRO C 495 -14.85 61.35 -17.73
N THR C 496 -15.65 61.72 -18.73
CA THR C 496 -17.07 61.38 -18.72
C THR C 496 -17.34 60.04 -19.41
N LYS C 497 -16.76 59.86 -20.60
CA LYS C 497 -17.05 58.68 -21.40
C LYS C 497 -16.55 57.40 -20.73
N VAL C 498 -15.37 57.45 -20.11
CA VAL C 498 -14.84 56.27 -19.43
C VAL C 498 -15.81 55.82 -18.35
N THR C 499 -16.22 56.76 -17.50
CA THR C 499 -17.15 56.43 -16.41
C THR C 499 -18.47 55.91 -16.95
N ARG C 500 -19.03 56.57 -17.96
CA ARG C 500 -20.33 56.16 -18.48
C ARG C 500 -20.27 54.76 -19.11
N SER C 501 -19.21 54.51 -19.90
CA SER C 501 -19.09 53.22 -20.57
C SER C 501 -18.86 52.10 -19.56
N ALA C 502 -17.97 52.32 -18.59
CA ALA C 502 -17.75 51.31 -17.55
C ALA C 502 -19.04 51.07 -16.77
N LEU C 503 -19.78 52.15 -16.48
CA LEU C 503 -21.11 52.06 -15.90
C LEU C 503 -21.97 51.06 -16.67
N GLN C 504 -22.16 51.30 -17.96
CA GLN C 504 -23.07 50.49 -18.73
C GLN C 504 -22.60 49.03 -18.80
N TYR C 505 -21.30 48.82 -19.02
CA TYR C 505 -20.77 47.47 -19.12
C TYR C 505 -20.98 46.70 -17.82
N ALA C 506 -20.50 47.25 -16.71
CA ALA C 506 -20.58 46.55 -15.44
C ALA C 506 -22.03 46.36 -15.01
N ALA C 507 -22.88 47.36 -15.23
CA ALA C 507 -24.28 47.24 -14.85
C ALA C 507 -24.99 46.15 -15.65
N SER C 508 -24.77 46.11 -16.97
CA SER C 508 -25.37 45.07 -17.77
C SER C 508 -24.92 43.69 -17.31
N VAL C 509 -23.61 43.51 -17.10
CA VAL C 509 -23.11 42.20 -16.72
C VAL C 509 -23.65 41.80 -15.35
N ALA C 510 -23.64 42.73 -14.39
CA ALA C 510 -24.14 42.42 -13.05
C ALA C 510 -25.62 42.07 -13.08
N GLY C 511 -26.43 42.86 -13.78
CA GLY C 511 -27.85 42.56 -13.86
C GLY C 511 -28.12 41.22 -14.51
N LEU C 512 -27.33 40.86 -15.53
CA LEU C 512 -27.44 39.52 -16.10
C LEU C 512 -27.12 38.45 -15.07
N MET C 513 -26.06 38.67 -14.28
CA MET C 513 -25.69 37.67 -13.28
C MET C 513 -26.73 37.57 -12.17
N ILE C 514 -27.48 38.65 -11.93
CA ILE C 514 -28.43 38.66 -10.82
C ILE C 514 -29.53 37.65 -11.03
N THR C 515 -30.06 37.58 -12.25
CA THR C 515 -31.14 36.66 -12.56
C THR C 515 -30.65 35.23 -12.79
N THR C 516 -29.35 35.03 -12.68
CA THR C 516 -28.71 33.74 -12.90
C THR C 516 -28.54 33.02 -11.57
N GLU C 517 -28.87 31.71 -11.56
CA GLU C 517 -28.73 30.95 -10.32
C GLU C 517 -27.95 29.65 -10.48
N CYS C 518 -28.16 28.92 -11.56
CA CYS C 518 -27.71 27.53 -11.66
C CYS C 518 -26.82 27.35 -12.88
N MET C 519 -25.73 26.59 -12.71
CA MET C 519 -24.86 26.29 -13.84
C MET C 519 -24.43 24.82 -13.81
N VAL C 520 -23.66 24.46 -14.83
CA VAL C 520 -23.06 23.14 -14.97
C VAL C 520 -21.64 23.33 -15.47
N THR C 521 -20.73 22.49 -14.98
CA THR C 521 -19.36 22.51 -15.47
C THR C 521 -18.93 21.08 -15.75
N ASP C 522 -17.65 20.89 -16.03
CA ASP C 522 -17.10 19.57 -16.26
C ASP C 522 -16.63 18.93 -14.96
N LEU C 523 -16.52 17.62 -14.98
CA LEU C 523 -15.94 16.89 -13.86
C LEU C 523 -14.44 16.71 -14.09
N PRO C 524 -13.57 17.28 -13.24
CA PRO C 524 -12.12 17.22 -13.38
C PRO C 524 -11.57 15.79 -13.40
N ALA D 1 -19.98 -5.28 -26.13
CA ALA D 1 -18.94 -4.94 -25.17
C ALA D 1 -19.22 -5.58 -23.82
N ALA D 2 -18.57 -5.06 -22.78
CA ALA D 2 -18.86 -5.52 -21.43
C ALA D 2 -20.27 -5.14 -21.06
N LYS D 3 -21.16 -6.12 -21.05
CA LYS D 3 -22.60 -5.88 -20.96
C LYS D 3 -23.07 -5.81 -19.52
N ASP D 4 -24.10 -5.01 -19.32
CA ASP D 4 -24.78 -4.82 -18.05
C ASP D 4 -26.27 -4.94 -18.30
N VAL D 5 -26.83 -6.13 -18.05
CA VAL D 5 -28.24 -6.39 -18.25
C VAL D 5 -28.97 -6.12 -16.95
N LYS D 6 -29.65 -4.98 -16.89
CA LYS D 6 -30.41 -4.55 -15.73
C LYS D 6 -31.89 -4.70 -16.04
N PHE D 7 -32.58 -5.53 -15.28
CA PHE D 7 -33.92 -5.96 -15.62
C PHE D 7 -34.98 -5.13 -14.89
N GLY D 8 -36.03 -4.79 -15.63
CA GLY D 8 -37.26 -4.33 -15.01
C GLY D 8 -37.13 -3.03 -14.25
N ASN D 9 -37.53 -3.09 -12.98
CA ASN D 9 -37.77 -1.87 -12.21
C ASN D 9 -36.49 -1.05 -12.03
N ASP D 10 -35.33 -1.70 -12.11
CA ASP D 10 -34.09 -0.96 -11.94
C ASP D 10 -33.80 -0.07 -13.15
N ALA D 11 -34.00 -0.60 -14.34
CA ALA D 11 -33.92 0.24 -15.54
C ALA D 11 -34.92 1.38 -15.46
N ARG D 12 -36.13 1.09 -14.99
CA ARG D 12 -37.16 2.12 -14.88
C ARG D 12 -36.75 3.21 -13.89
N VAL D 13 -36.19 2.83 -12.75
CA VAL D 13 -35.82 3.83 -11.75
C VAL D 13 -34.64 4.66 -12.23
N LYS D 14 -33.73 4.04 -13.00
CA LYS D 14 -32.66 4.84 -13.60
C LYS D 14 -33.21 5.84 -14.59
N MET D 15 -34.14 5.41 -15.44
CA MET D 15 -34.73 6.32 -16.42
C MET D 15 -35.42 7.48 -15.72
N LEU D 16 -36.21 7.16 -14.69
CA LEU D 16 -36.96 8.18 -13.97
C LEU D 16 -36.02 9.11 -13.21
N ARG D 17 -34.94 8.59 -12.66
CA ARG D 17 -33.97 9.44 -12.00
C ARG D 17 -33.37 10.43 -12.99
N GLY D 18 -33.03 9.96 -14.19
CA GLY D 18 -32.51 10.86 -15.20
C GLY D 18 -33.51 11.94 -15.58
N VAL D 19 -34.77 11.54 -15.82
CA VAL D 19 -35.75 12.52 -16.25
C VAL D 19 -36.04 13.50 -15.12
N ASN D 20 -35.99 13.04 -13.87
CA ASN D 20 -36.25 13.95 -12.76
C ASN D 20 -35.10 14.92 -12.56
N VAL D 21 -33.86 14.46 -12.72
CA VAL D 21 -32.72 15.37 -12.64
C VAL D 21 -32.82 16.44 -13.71
N LEU D 22 -33.17 16.04 -14.93
CA LEU D 22 -33.34 17.01 -16.00
C LEU D 22 -34.49 17.97 -15.69
N ALA D 23 -35.57 17.45 -15.11
CA ALA D 23 -36.69 18.31 -14.73
C ALA D 23 -36.27 19.33 -13.67
N ASP D 24 -35.44 18.89 -12.71
CA ASP D 24 -34.92 19.81 -11.72
C ASP D 24 -34.10 20.90 -12.38
N ALA D 25 -33.29 20.53 -13.36
CA ALA D 25 -32.49 21.51 -14.08
C ALA D 25 -33.37 22.49 -14.84
N VAL D 26 -34.45 22.01 -15.45
CA VAL D 26 -35.14 22.78 -16.47
C VAL D 26 -36.32 23.57 -15.91
N LYS D 27 -37.12 22.97 -15.02
CA LYS D 27 -38.42 23.53 -14.66
C LYS D 27 -38.33 24.94 -14.12
N VAL D 28 -37.19 25.34 -13.59
CA VAL D 28 -37.01 26.70 -13.06
C VAL D 28 -37.12 27.72 -14.18
N THR D 29 -37.29 27.24 -15.42
CA THR D 29 -37.33 28.09 -16.60
C THR D 29 -38.72 28.12 -17.24
N LEU D 30 -39.78 28.07 -16.43
CA LEU D 30 -41.15 27.95 -16.93
C LEU D 30 -42.02 29.06 -16.39
N GLY D 31 -42.78 29.69 -17.28
CA GLY D 31 -43.75 30.69 -16.88
C GLY D 31 -43.15 32.07 -16.77
N PRO D 32 -43.97 33.06 -16.41
CA PRO D 32 -43.45 34.43 -16.23
C PRO D 32 -42.39 34.50 -15.15
N LYS D 33 -42.50 33.66 -14.13
CA LYS D 33 -41.50 33.57 -13.08
C LYS D 33 -40.50 32.45 -13.33
N GLY D 34 -40.54 31.84 -14.52
CA GLY D 34 -39.44 30.99 -14.93
C GLY D 34 -38.14 31.77 -14.96
N ARG D 35 -37.09 31.14 -14.47
CA ARG D 35 -35.84 31.82 -14.20
C ARG D 35 -34.74 31.24 -15.08
N ASN D 36 -33.51 31.69 -14.85
CA ASN D 36 -32.44 31.48 -15.82
C ASN D 36 -31.65 30.21 -15.54
N VAL D 37 -31.11 29.63 -16.62
CA VAL D 37 -30.14 28.55 -16.54
C VAL D 37 -29.03 28.86 -17.53
N VAL D 38 -27.78 28.75 -17.09
CA VAL D 38 -26.64 29.17 -17.90
C VAL D 38 -25.86 27.94 -18.33
N LEU D 39 -25.64 27.80 -19.63
CA LEU D 39 -24.95 26.66 -20.21
C LEU D 39 -23.50 27.04 -20.47
N ASP D 40 -22.58 26.23 -19.93
CA ASP D 40 -21.16 26.47 -20.14
C ASP D 40 -20.70 25.86 -21.46
N LYS D 41 -19.79 26.56 -22.13
CA LYS D 41 -19.13 26.05 -23.33
C LYS D 41 -17.63 26.06 -23.12
N SER D 42 -16.97 25.01 -23.61
CA SER D 42 -15.54 24.85 -23.37
C SER D 42 -14.73 25.98 -24.00
N PHE D 43 -15.19 26.52 -25.12
CA PHE D 43 -14.51 27.61 -25.81
C PHE D 43 -15.41 28.84 -25.72
N GLY D 44 -15.18 29.65 -24.70
CA GLY D 44 -15.94 30.86 -24.46
C GLY D 44 -16.65 30.80 -23.12
N ALA D 45 -17.37 31.87 -22.83
CA ALA D 45 -18.06 31.98 -21.55
C ALA D 45 -19.42 31.30 -21.61
N PRO D 46 -19.91 30.79 -20.48
CA PRO D 46 -21.28 30.29 -20.42
C PRO D 46 -22.30 31.35 -20.79
N THR D 47 -23.37 30.90 -21.44
CA THR D 47 -24.43 31.78 -21.93
C THR D 47 -25.74 31.45 -21.24
N ILE D 48 -26.49 32.49 -20.89
CA ILE D 48 -27.73 32.36 -20.13
C ILE D 48 -28.86 32.04 -21.09
N THR D 49 -29.81 31.21 -20.66
CA THR D 49 -30.92 30.80 -21.51
C THR D 49 -32.08 30.32 -20.63
N LYS D 50 -33.25 30.23 -21.28
CA LYS D 50 -34.48 29.77 -20.64
C LYS D 50 -35.22 28.68 -21.42
N ASP D 51 -35.10 28.63 -22.74
CA ASP D 51 -35.86 27.68 -23.54
C ASP D 51 -35.42 26.25 -23.24
N GLY D 52 -36.36 25.32 -23.40
CA GLY D 52 -36.08 23.94 -23.04
C GLY D 52 -35.04 23.28 -23.91
N VAL D 53 -35.12 23.48 -25.23
CA VAL D 53 -34.27 22.74 -26.16
C VAL D 53 -32.80 23.10 -25.96
N SER D 54 -32.53 24.37 -25.69
CA SER D 54 -31.14 24.82 -25.54
C SER D 54 -30.42 24.03 -24.46
N VAL D 55 -31.06 23.87 -23.31
CA VAL D 55 -30.48 23.05 -22.25
C VAL D 55 -30.54 21.57 -22.64
N ALA D 56 -31.65 21.14 -23.24
CA ALA D 56 -31.92 19.73 -23.45
C ALA D 56 -30.86 19.09 -24.36
N ARG D 57 -30.44 19.80 -25.40
CA ARG D 57 -29.47 19.24 -26.32
C ARG D 57 -28.12 18.99 -25.67
N GLU D 58 -27.85 19.62 -24.52
CA GLU D 58 -26.55 19.57 -23.88
C GLU D 58 -26.51 18.66 -22.67
N ILE D 59 -27.44 17.70 -22.57
CA ILE D 59 -27.59 16.92 -21.35
C ILE D 59 -26.86 15.59 -21.49
N GLU D 60 -26.05 15.27 -20.47
CA GLU D 60 -25.53 13.92 -20.30
C GLU D 60 -25.38 13.68 -18.81
N LEU D 61 -25.46 12.42 -18.40
CA LEU D 61 -25.27 12.03 -17.02
C LEU D 61 -24.14 10.99 -16.95
N GLU D 62 -23.64 10.77 -15.73
CA GLU D 62 -22.49 9.88 -15.59
C GLU D 62 -22.87 8.42 -15.80
N ASP D 63 -23.99 7.99 -15.24
CA ASP D 63 -24.44 6.62 -15.42
C ASP D 63 -24.92 6.39 -16.84
N LYS D 64 -24.56 5.23 -17.38
CA LYS D 64 -24.90 4.91 -18.77
C LYS D 64 -26.40 4.73 -18.96
N PHE D 65 -27.07 4.09 -18.00
CA PHE D 65 -28.53 4.11 -18.02
C PHE D 65 -29.05 5.54 -17.97
N GLU D 66 -28.52 6.35 -17.06
CA GLU D 66 -28.92 7.76 -17.02
C GLU D 66 -28.54 8.47 -18.31
N ASN D 67 -27.43 8.04 -18.93
CA ASN D 67 -27.05 8.61 -20.23
C ASN D 67 -28.14 8.38 -21.27
N MET D 68 -28.58 7.14 -21.44
CA MET D 68 -29.58 6.89 -22.46
C MET D 68 -30.94 7.46 -22.05
N GLY D 69 -31.17 7.61 -20.74
CA GLY D 69 -32.38 8.33 -20.31
C GLY D 69 -32.37 9.77 -20.75
N ALA D 70 -31.24 10.45 -20.57
CA ALA D 70 -31.10 11.82 -21.07
C ALA D 70 -31.25 11.87 -22.58
N GLN D 71 -30.71 10.87 -23.28
CA GLN D 71 -30.87 10.82 -24.73
C GLN D 71 -32.34 10.68 -25.13
N MET D 72 -33.08 9.82 -24.43
CA MET D 72 -34.49 9.63 -24.70
C MET D 72 -35.31 10.89 -24.43
N VAL D 73 -34.97 11.63 -23.37
CA VAL D 73 -35.74 12.83 -23.09
C VAL D 73 -35.34 14.00 -23.97
N LYS D 74 -34.14 13.97 -24.56
CA LYS D 74 -33.73 15.06 -25.44
C LYS D 74 -34.51 15.07 -26.75
N GLU D 75 -34.84 13.91 -27.30
CA GLU D 75 -35.50 13.86 -28.60
C GLU D 75 -36.94 14.38 -28.56
N VAL D 76 -37.60 14.29 -27.40
CA VAL D 76 -38.94 14.87 -27.29
C VAL D 76 -38.88 16.38 -27.48
N ALA D 77 -37.94 17.03 -26.79
CA ALA D 77 -37.74 18.45 -26.98
C ALA D 77 -37.26 18.77 -28.38
N SER D 78 -36.48 17.86 -28.97
CA SER D 78 -36.06 18.03 -30.36
C SER D 78 -37.26 18.09 -31.29
N LYS D 79 -38.20 17.16 -31.11
CA LYS D 79 -39.42 17.16 -31.93
C LYS D 79 -40.27 18.38 -31.66
N ALA D 80 -40.38 18.78 -30.39
CA ALA D 80 -41.18 19.96 -30.05
C ALA D 80 -40.61 21.21 -30.71
N ASN D 81 -39.28 21.35 -30.70
CA ASN D 81 -38.66 22.46 -31.42
C ASN D 81 -38.85 22.33 -32.92
N ASP D 82 -38.74 21.11 -33.46
CA ASP D 82 -38.92 20.90 -34.89
C ASP D 82 -40.33 21.27 -35.34
N ALA D 83 -41.30 21.21 -34.43
CA ALA D 83 -42.65 21.62 -34.76
C ALA D 83 -42.75 23.12 -34.94
N ALA D 84 -42.47 23.89 -33.89
CA ALA D 84 -42.53 25.34 -33.96
C ALA D 84 -41.32 26.03 -33.35
N GLY D 85 -40.80 25.53 -32.23
CA GLY D 85 -39.70 26.16 -31.53
C GLY D 85 -40.04 26.80 -30.20
N ASP D 86 -41.25 26.62 -29.70
CA ASP D 86 -41.63 27.12 -28.38
C ASP D 86 -42.45 26.04 -27.68
N GLY D 87 -42.90 26.35 -26.47
CA GLY D 87 -43.64 25.37 -25.70
C GLY D 87 -42.85 24.14 -25.32
N THR D 88 -41.52 24.19 -25.46
CA THR D 88 -40.70 23.04 -25.13
C THR D 88 -40.74 22.72 -23.65
N THR D 89 -40.69 23.75 -22.80
CA THR D 89 -40.76 23.52 -21.36
C THR D 89 -42.10 22.90 -20.96
N THR D 90 -43.18 23.34 -21.61
CA THR D 90 -44.48 22.72 -21.39
C THR D 90 -44.46 21.25 -21.83
N ALA D 91 -43.81 20.97 -22.97
CA ALA D 91 -43.68 19.60 -23.43
C ALA D 91 -42.93 18.75 -22.41
N THR D 92 -41.88 19.31 -21.81
CA THR D 92 -41.13 18.59 -20.78
C THR D 92 -41.98 18.34 -19.54
N VAL D 93 -42.78 19.34 -19.14
CA VAL D 93 -43.65 19.18 -17.99
C VAL D 93 -44.65 18.05 -18.22
N LEU D 94 -45.30 18.05 -19.38
CA LEU D 94 -46.23 16.97 -19.69
C LEU D 94 -45.52 15.64 -19.81
N ALA D 95 -44.31 15.64 -20.37
CA ALA D 95 -43.57 14.38 -20.51
C ALA D 95 -43.27 13.78 -19.16
N GLN D 96 -42.73 14.58 -18.23
CA GLN D 96 -42.43 14.06 -16.91
C GLN D 96 -43.70 13.62 -16.19
N ALA D 97 -44.76 14.41 -16.27
CA ALA D 97 -46.00 14.05 -15.60
C ALA D 97 -46.54 12.72 -16.14
N ILE D 98 -46.63 12.60 -17.46
CA ILE D 98 -47.22 11.41 -18.07
C ILE D 98 -46.35 10.19 -17.81
N ILE D 99 -45.03 10.32 -17.97
CA ILE D 99 -44.18 9.17 -17.75
C ILE D 99 -44.22 8.75 -16.30
N THR D 100 -44.29 9.70 -15.37
CA THR D 100 -44.39 9.36 -13.96
C THR D 100 -45.69 8.62 -13.67
N GLU D 101 -46.81 9.14 -14.19
CA GLU D 101 -48.08 8.45 -13.99
C GLU D 101 -48.04 7.05 -14.57
N GLY D 102 -47.50 6.90 -15.78
CA GLY D 102 -47.47 5.60 -16.42
C GLY D 102 -46.54 4.62 -15.74
N LEU D 103 -45.42 5.08 -15.21
CA LEU D 103 -44.53 4.17 -14.50
C LEU D 103 -45.12 3.76 -13.16
N LYS D 104 -45.82 4.67 -12.48
CA LYS D 104 -46.56 4.23 -11.31
C LYS D 104 -47.65 3.24 -11.68
N ALA D 105 -48.25 3.39 -12.87
CA ALA D 105 -49.26 2.44 -13.33
C ALA D 105 -48.65 1.06 -13.57
N VAL D 106 -47.52 1.00 -14.27
CA VAL D 106 -46.86 -0.27 -14.53
C VAL D 106 -46.18 -0.84 -13.30
N ALA D 107 -45.98 -0.03 -12.26
CA ALA D 107 -45.53 -0.56 -10.98
C ALA D 107 -46.54 -1.53 -10.38
N ALA D 108 -47.79 -1.47 -10.81
CA ALA D 108 -48.80 -2.44 -10.42
C ALA D 108 -48.82 -3.66 -11.34
N GLY D 109 -47.96 -3.69 -12.35
CA GLY D 109 -47.88 -4.83 -13.25
C GLY D 109 -49.14 -5.04 -14.08
N MET D 110 -49.71 -3.94 -14.56
CA MET D 110 -50.95 -4.00 -15.32
C MET D 110 -50.65 -3.79 -16.80
N ASN D 111 -51.62 -4.19 -17.64
CA ASN D 111 -51.41 -4.30 -19.08
C ASN D 111 -50.96 -2.98 -19.67
N PRO D 112 -49.69 -2.84 -20.07
CA PRO D 112 -49.20 -1.52 -20.49
C PRO D 112 -49.69 -1.12 -21.87
N MET D 113 -49.81 -2.07 -22.79
CA MET D 113 -50.20 -1.74 -24.15
C MET D 113 -51.66 -1.35 -24.26
N ASP D 114 -52.54 -1.90 -23.41
CA ASP D 114 -53.90 -1.38 -23.36
C ASP D 114 -53.92 0.06 -22.87
N LEU D 115 -53.11 0.37 -21.85
CA LEU D 115 -52.95 1.76 -21.43
C LEU D 115 -52.48 2.62 -22.58
N LYS D 116 -51.52 2.14 -23.35
CA LYS D 116 -50.99 2.94 -24.46
C LYS D 116 -52.05 3.14 -25.53
N ARG D 117 -52.86 2.11 -25.80
CA ARG D 117 -53.96 2.26 -26.75
C ARG D 117 -54.95 3.31 -26.29
N GLY D 118 -55.38 3.23 -25.03
CA GLY D 118 -56.29 4.23 -24.50
C GLY D 118 -55.70 5.62 -24.55
N ILE D 119 -54.40 5.73 -24.30
CA ILE D 119 -53.72 7.02 -24.34
C ILE D 119 -53.71 7.56 -25.76
N ASP D 120 -53.44 6.71 -26.74
CA ASP D 120 -53.41 7.15 -28.14
C ASP D 120 -54.79 7.62 -28.59
N LYS D 121 -55.84 6.89 -28.21
CA LYS D 121 -57.19 7.34 -28.53
C LYS D 121 -57.51 8.65 -27.83
N ALA D 122 -57.07 8.81 -26.58
CA ALA D 122 -57.27 10.07 -25.88
C ALA D 122 -56.54 11.20 -26.59
N VAL D 123 -55.34 10.94 -27.10
CA VAL D 123 -54.59 11.96 -27.83
C VAL D 123 -55.31 12.37 -29.10
N THR D 124 -55.82 11.38 -29.84
CA THR D 124 -56.57 11.68 -31.05
C THR D 124 -57.79 12.55 -30.73
N ALA D 125 -58.58 12.12 -29.74
CA ALA D 125 -59.77 12.89 -29.37
C ALA D 125 -59.40 14.28 -28.86
N ALA D 126 -58.25 14.38 -28.18
CA ALA D 126 -57.81 15.68 -27.68
C ALA D 126 -57.43 16.60 -28.83
N VAL D 127 -56.79 16.06 -29.87
CA VAL D 127 -56.53 16.87 -31.06
C VAL D 127 -57.82 17.32 -31.70
N GLU D 128 -58.82 16.43 -31.78
CA GLU D 128 -60.11 16.80 -32.32
C GLU D 128 -60.74 17.94 -31.52
N GLU D 129 -60.73 17.82 -30.19
CA GLU D 129 -61.34 18.84 -29.35
C GLU D 129 -60.58 20.15 -29.41
N LEU D 130 -59.25 20.09 -29.48
CA LEU D 130 -58.46 21.31 -29.61
C LEU D 130 -58.78 22.02 -30.91
N LYS D 131 -58.96 21.26 -31.99
CA LYS D 131 -59.44 21.86 -33.23
C LYS D 131 -60.80 22.50 -33.04
N ALA D 132 -61.70 21.81 -32.34
CA ALA D 132 -63.03 22.35 -32.08
C ALA D 132 -62.99 23.60 -31.22
N LEU D 133 -61.91 23.80 -30.46
CA LEU D 133 -61.81 24.91 -29.53
C LEU D 133 -60.82 25.97 -29.96
N SER D 134 -59.92 25.66 -30.90
CA SER D 134 -58.95 26.65 -31.34
C SER D 134 -59.66 27.83 -31.98
N VAL D 135 -59.19 29.04 -31.65
CA VAL D 135 -59.79 30.25 -32.17
C VAL D 135 -58.71 31.11 -32.82
N PRO D 136 -59.01 31.83 -33.88
CA PRO D 136 -57.99 32.60 -34.59
C PRO D 136 -57.53 33.82 -33.80
N CYS D 137 -56.32 34.27 -34.11
CA CYS D 137 -55.77 35.52 -33.61
C CYS D 137 -55.39 36.38 -34.80
N SER D 138 -56.24 37.34 -35.14
CA SER D 138 -56.10 38.09 -36.38
C SER D 138 -55.76 39.56 -36.16
N ASP D 139 -56.29 40.17 -35.11
CA ASP D 139 -56.00 41.58 -34.84
C ASP D 139 -54.50 41.79 -34.68
N SER D 140 -53.97 42.75 -35.43
CA SER D 140 -52.55 43.07 -35.35
C SER D 140 -52.13 43.51 -33.96
N LYS D 141 -53.07 44.02 -33.17
CA LYS D 141 -52.75 44.44 -31.80
C LYS D 141 -52.48 43.24 -30.91
N ALA D 142 -53.31 42.20 -30.98
CA ALA D 142 -53.04 41.00 -30.20
C ALA D 142 -51.82 40.28 -30.73
N ILE D 143 -51.56 40.36 -32.03
CA ILE D 143 -50.37 39.74 -32.60
C ILE D 143 -49.11 40.46 -32.12
N ALA D 144 -49.18 41.79 -32.03
CA ALA D 144 -48.08 42.56 -31.46
C ALA D 144 -47.90 42.22 -29.98
N GLN D 145 -49.01 42.04 -29.26
CA GLN D 145 -48.93 41.59 -27.88
C GLN D 145 -48.23 40.24 -27.78
N VAL D 146 -48.53 39.33 -28.71
CA VAL D 146 -47.90 38.02 -28.73
C VAL D 146 -46.40 38.14 -28.99
N GLY D 147 -46.03 38.94 -29.99
CA GLY D 147 -44.62 39.16 -30.27
C GLY D 147 -43.91 39.80 -29.08
N THR D 148 -44.61 40.63 -28.34
CA THR D 148 -44.06 41.21 -27.12
C THR D 148 -43.83 40.15 -26.06
N ILE D 149 -44.86 39.34 -25.79
CA ILE D 149 -44.83 38.41 -24.66
C ILE D 149 -43.84 37.28 -24.92
N SER D 150 -43.87 36.71 -26.13
CA SER D 150 -42.94 35.63 -26.45
C SER D 150 -41.50 36.09 -26.43
N ALA D 151 -41.25 37.39 -26.63
CA ALA D 151 -39.95 37.99 -26.40
C ALA D 151 -39.75 38.37 -24.94
N ASN D 152 -40.51 37.74 -24.04
CA ASN D 152 -40.50 38.04 -22.60
C ASN D 152 -40.81 39.52 -22.36
N SER D 153 -42.00 39.92 -22.80
CA SER D 153 -42.54 41.26 -22.60
C SER D 153 -41.60 42.34 -23.15
N ASP D 154 -41.44 42.32 -24.47
CA ASP D 154 -40.68 43.35 -25.18
C ASP D 154 -41.62 44.01 -26.18
N GLU D 155 -42.18 45.17 -25.79
CA GLU D 155 -43.18 45.83 -26.63
C GLU D 155 -42.59 46.30 -27.95
N THR D 156 -41.32 46.74 -27.94
CA THR D 156 -40.68 47.12 -29.20
C THR D 156 -40.62 45.94 -30.15
N VAL D 157 -40.38 44.73 -29.63
CA VAL D 157 -40.31 43.54 -30.48
C VAL D 157 -41.65 43.30 -31.16
N GLY D 158 -42.73 43.27 -30.39
CA GLY D 158 -44.04 43.04 -30.98
C GLY D 158 -44.43 44.15 -31.94
N LYS D 159 -44.12 45.40 -31.58
CA LYS D 159 -44.41 46.52 -32.45
C LYS D 159 -43.72 46.38 -33.81
N LEU D 160 -42.41 46.13 -33.78
CA LEU D 160 -41.68 46.03 -35.04
C LEU D 160 -42.06 44.79 -35.83
N ILE D 161 -42.41 43.70 -35.14
CA ILE D 161 -42.86 42.48 -35.84
C ILE D 161 -44.18 42.75 -36.56
N ALA D 162 -45.11 43.43 -35.88
CA ALA D 162 -46.37 43.80 -36.52
C ALA D 162 -46.15 44.75 -37.69
N GLU D 163 -45.25 45.72 -37.52
CA GLU D 163 -44.93 46.62 -38.62
C GLU D 163 -44.37 45.85 -39.81
N ALA D 164 -43.45 44.91 -39.55
CA ALA D 164 -42.86 44.14 -40.63
C ALA D 164 -43.90 43.32 -41.37
N MET D 165 -44.78 42.64 -40.64
CA MET D 165 -45.80 41.84 -41.33
C MET D 165 -46.77 42.74 -42.09
N ASP D 166 -47.09 43.91 -41.54
CA ASP D 166 -47.99 44.82 -42.24
C ASP D 166 -47.39 45.30 -43.54
N LYS D 167 -46.13 45.73 -43.52
CA LYS D 167 -45.49 46.22 -44.73
C LYS D 167 -45.15 45.08 -45.67
N VAL D 168 -45.12 43.85 -45.17
CA VAL D 168 -44.82 42.67 -45.98
C VAL D 168 -46.09 41.98 -46.45
N GLY D 169 -46.98 41.67 -45.53
CA GLY D 169 -48.18 40.92 -45.85
C GLY D 169 -48.01 39.45 -45.56
N LYS D 170 -49.04 38.69 -45.97
CA LYS D 170 -49.07 37.25 -45.69
C LYS D 170 -47.97 36.51 -46.44
N GLU D 171 -47.86 36.74 -47.74
CA GLU D 171 -47.07 35.88 -48.61
C GLU D 171 -45.60 36.26 -48.69
N GLY D 172 -45.17 37.27 -47.94
CA GLY D 172 -43.78 37.69 -47.97
C GLY D 172 -42.92 36.92 -46.98
N VAL D 173 -41.64 37.32 -46.93
CA VAL D 173 -40.65 36.68 -46.08
C VAL D 173 -40.04 37.73 -45.16
N ILE D 174 -40.04 37.45 -43.86
CA ILE D 174 -39.47 38.35 -42.87
C ILE D 174 -38.27 37.65 -42.22
N THR D 175 -37.11 38.31 -42.25
CA THR D 175 -35.87 37.76 -41.72
C THR D 175 -35.21 38.75 -40.78
N VAL D 176 -34.51 38.21 -39.79
CA VAL D 176 -33.80 39.00 -38.78
C VAL D 176 -32.33 38.63 -38.83
N GLU D 177 -31.46 39.62 -38.84
CA GLU D 177 -30.02 39.42 -38.93
C GLU D 177 -29.33 40.39 -37.98
N ASP D 178 -28.00 40.30 -37.94
CA ASP D 178 -27.19 41.15 -37.08
C ASP D 178 -27.19 42.59 -37.59
N GLY D 179 -27.01 43.52 -36.66
CA GLY D 179 -26.81 44.91 -37.01
C GLY D 179 -25.63 45.50 -36.28
N THR D 180 -25.30 46.76 -36.57
CA THR D 180 -24.19 47.43 -35.92
C THR D 180 -24.61 48.56 -35.00
N GLY D 181 -25.78 49.15 -35.22
CA GLY D 181 -26.27 50.21 -34.38
C GLY D 181 -26.76 49.69 -33.04
N LEU D 182 -27.13 50.64 -32.19
CA LEU D 182 -27.60 50.32 -30.84
C LEU D 182 -29.10 50.02 -30.78
N GLN D 183 -29.83 50.23 -31.87
CA GLN D 183 -31.25 49.94 -31.94
C GLN D 183 -31.55 49.12 -33.18
N ASP D 184 -32.68 48.42 -33.15
CA ASP D 184 -33.10 47.59 -34.27
C ASP D 184 -33.59 48.46 -35.42
N GLU D 185 -33.37 47.99 -36.65
CA GLU D 185 -33.81 48.72 -37.83
C GLU D 185 -34.49 47.77 -38.81
N LEU D 186 -35.37 48.33 -39.63
CA LEU D 186 -36.19 47.58 -40.57
C LEU D 186 -36.03 48.13 -41.97
N ASP D 187 -35.94 47.22 -42.95
CA ASP D 187 -35.99 47.57 -44.36
C ASP D 187 -36.96 46.61 -45.04
N VAL D 188 -38.07 47.15 -45.54
CA VAL D 188 -39.12 46.34 -46.15
C VAL D 188 -39.24 46.73 -47.62
N VAL D 189 -39.23 45.71 -48.49
CA VAL D 189 -39.31 45.90 -49.94
C VAL D 189 -40.26 44.85 -50.50
N GLU D 190 -40.74 45.09 -51.71
CA GLU D 190 -41.51 44.11 -52.46
C GLU D 190 -40.50 43.15 -53.09
N GLY D 191 -40.37 41.96 -52.50
CA GLY D 191 -39.32 41.03 -52.85
C GLY D 191 -39.80 39.83 -53.63
N MET D 192 -38.94 38.82 -53.69
CA MET D 192 -39.16 37.64 -54.52
C MET D 192 -38.76 36.39 -53.73
N GLN D 193 -39.28 35.24 -54.13
CA GLN D 193 -38.88 33.98 -53.52
C GLN D 193 -39.21 32.84 -54.48
N PHE D 194 -38.31 31.86 -54.54
CA PHE D 194 -38.59 30.63 -55.26
C PHE D 194 -37.91 29.46 -54.56
N ASP D 195 -38.52 28.29 -54.69
CA ASP D 195 -38.11 27.10 -53.92
C ASP D 195 -36.98 26.37 -54.64
N ARG D 196 -35.77 26.84 -54.38
CA ARG D 196 -34.56 26.16 -54.81
C ARG D 196 -33.53 26.20 -53.68
N GLY D 197 -32.74 25.14 -53.60
CA GLY D 197 -31.67 25.06 -52.62
C GLY D 197 -30.33 25.39 -53.23
N TYR D 198 -29.39 25.78 -52.38
CA TYR D 198 -28.03 26.03 -52.84
C TYR D 198 -27.42 24.73 -53.37
N LEU D 199 -26.69 24.84 -54.48
CA LEU D 199 -26.10 23.66 -55.10
C LEU D 199 -24.81 23.22 -54.44
N SER D 200 -24.30 23.98 -53.46
CA SER D 200 -23.07 23.61 -52.77
C SER D 200 -23.11 24.09 -51.33
N PRO D 201 -22.90 23.20 -50.36
CA PRO D 201 -22.83 23.65 -48.97
C PRO D 201 -21.66 24.59 -48.69
N TYR D 202 -20.60 24.52 -49.49
CA TYR D 202 -19.45 25.39 -49.28
C TYR D 202 -19.75 26.84 -49.65
N PHE D 203 -20.81 27.11 -50.40
CA PHE D 203 -21.24 28.49 -50.63
C PHE D 203 -21.80 29.15 -49.39
N ILE D 204 -22.10 28.37 -48.35
CA ILE D 204 -22.67 28.93 -47.12
C ILE D 204 -21.64 29.82 -46.46
N ASN D 205 -21.88 31.12 -46.49
CA ASN D 205 -21.00 32.09 -45.85
C ASN D 205 -21.29 32.27 -44.37
N LYS D 206 -22.36 31.66 -43.86
CA LYS D 206 -22.72 31.71 -42.45
C LYS D 206 -22.89 30.28 -41.98
N PRO D 207 -21.79 29.58 -41.72
CA PRO D 207 -21.86 28.13 -41.45
C PRO D 207 -22.64 27.77 -40.20
N GLU D 208 -22.78 28.70 -39.25
CA GLU D 208 -23.53 28.38 -38.03
C GLU D 208 -24.99 28.10 -38.33
N THR D 209 -25.49 28.56 -39.48
CA THR D 209 -26.87 28.37 -39.88
C THR D 209 -27.04 27.51 -41.12
N GLY D 210 -25.97 27.28 -41.89
CA GLY D 210 -26.10 26.53 -43.12
C GLY D 210 -26.89 27.22 -44.20
N ALA D 211 -26.74 28.54 -44.34
CA ALA D 211 -27.44 29.31 -45.34
C ALA D 211 -26.51 30.37 -45.90
N VAL D 212 -26.86 30.88 -47.08
CA VAL D 212 -26.02 31.82 -47.81
C VAL D 212 -26.69 33.18 -47.80
N GLU D 213 -25.94 34.21 -47.38
CA GLU D 213 -26.39 35.59 -47.41
C GLU D 213 -25.46 36.41 -48.30
N LEU D 214 -26.05 37.25 -49.13
CA LEU D 214 -25.29 38.17 -49.97
C LEU D 214 -25.90 39.56 -49.93
N GLU D 215 -25.04 40.57 -50.00
CA GLU D 215 -25.45 41.97 -49.91
C GLU D 215 -25.02 42.68 -51.19
N SER D 216 -25.98 43.37 -51.82
CA SER D 216 -25.77 44.10 -53.07
C SER D 216 -25.08 43.25 -54.13
N PRO D 217 -25.64 42.11 -54.53
CA PRO D 217 -24.96 41.27 -55.52
C PRO D 217 -25.30 41.62 -56.96
N PHE D 218 -24.75 40.85 -57.90
CA PHE D 218 -25.17 40.86 -59.28
C PHE D 218 -25.98 39.61 -59.60
N ILE D 219 -26.86 39.73 -60.58
CA ILE D 219 -27.77 38.66 -60.98
C ILE D 219 -27.45 38.22 -62.40
N LEU D 220 -27.15 36.94 -62.57
CA LEU D 220 -26.87 36.34 -63.88
C LEU D 220 -27.87 35.20 -64.07
N LEU D 221 -28.99 35.50 -64.71
CA LEU D 221 -30.05 34.51 -64.91
C LEU D 221 -29.73 33.69 -66.15
N ALA D 222 -29.11 32.55 -65.97
CA ALA D 222 -28.73 31.69 -67.08
C ALA D 222 -29.88 30.73 -67.37
N ASP D 223 -30.61 30.99 -68.45
CA ASP D 223 -31.57 30.02 -68.95
C ASP D 223 -30.82 28.99 -69.78
N LYS D 224 -29.76 28.44 -69.19
CA LYS D 224 -28.85 27.57 -69.91
C LYS D 224 -28.08 26.74 -68.88
N LYS D 225 -27.43 25.69 -69.38
CA LYS D 225 -26.63 24.81 -68.55
C LYS D 225 -25.18 25.26 -68.55
N ILE D 226 -24.65 25.59 -67.38
CA ILE D 226 -23.25 25.98 -67.23
C ILE D 226 -22.52 24.82 -66.58
N SER D 227 -21.69 24.14 -67.36
CA SER D 227 -20.93 22.99 -66.89
C SER D 227 -19.46 23.30 -66.67
N ASN D 228 -18.87 24.11 -67.54
CA ASN D 228 -17.46 24.46 -67.45
C ASN D 228 -17.33 25.89 -66.90
N ILE D 229 -16.32 26.09 -66.05
CA ILE D 229 -16.03 27.42 -65.54
C ILE D 229 -15.60 28.39 -66.62
N ARG D 230 -15.24 27.89 -67.81
CA ARG D 230 -14.89 28.76 -68.92
C ARG D 230 -16.04 29.69 -69.26
N GLU D 231 -17.28 29.30 -68.93
CA GLU D 231 -18.41 30.19 -69.14
C GLU D 231 -18.50 31.28 -68.09
N MET D 232 -17.64 31.26 -67.07
CA MET D 232 -17.71 32.19 -65.97
C MET D 232 -16.45 33.01 -65.73
N LEU D 233 -15.35 32.73 -66.41
CA LEU D 233 -14.10 33.48 -66.18
C LEU D 233 -14.26 34.99 -66.35
N PRO D 234 -14.85 35.51 -67.43
CA PRO D 234 -14.97 36.98 -67.54
C PRO D 234 -15.82 37.59 -66.45
N VAL D 235 -17.00 37.02 -66.17
CA VAL D 235 -17.85 37.55 -65.11
C VAL D 235 -17.18 37.39 -63.75
N LEU D 236 -16.44 36.30 -63.55
CA LEU D 236 -15.71 36.12 -62.29
C LEU D 236 -14.67 37.22 -62.10
N GLU D 237 -13.87 37.49 -63.14
CA GLU D 237 -12.87 38.56 -63.02
C GLU D 237 -13.52 39.91 -62.82
N ALA D 238 -14.62 40.18 -63.54
CA ALA D 238 -15.31 41.46 -63.39
C ALA D 238 -15.87 41.64 -61.99
N VAL D 239 -16.44 40.57 -61.42
CA VAL D 239 -17.00 40.64 -60.07
C VAL D 239 -15.89 40.78 -59.04
N ALA D 240 -14.76 40.12 -59.26
CA ALA D 240 -13.61 40.31 -58.38
C ALA D 240 -13.14 41.75 -58.39
N LYS D 241 -13.10 42.36 -59.59
CA LYS D 241 -12.70 43.76 -59.69
C LYS D 241 -13.73 44.68 -59.02
N ALA D 242 -15.01 44.42 -59.23
CA ALA D 242 -16.05 45.29 -58.68
C ALA D 242 -16.18 45.11 -57.18
N GLY D 243 -16.09 43.88 -56.70
CA GLY D 243 -16.22 43.60 -55.28
C GLY D 243 -17.61 43.27 -54.79
N LYS D 244 -18.65 43.60 -55.58
CA LYS D 244 -19.94 43.16 -55.09
C LYS D 244 -20.28 41.79 -55.67
N PRO D 245 -21.04 40.98 -54.93
CA PRO D 245 -21.17 39.56 -55.28
C PRO D 245 -21.88 39.33 -56.60
N LEU D 246 -21.81 38.09 -57.06
CA LEU D 246 -22.53 37.62 -58.24
C LEU D 246 -23.17 36.28 -57.94
N LEU D 247 -24.41 36.11 -58.40
CA LEU D 247 -25.15 34.88 -58.24
C LEU D 247 -25.81 34.54 -59.58
N ILE D 248 -25.71 33.26 -59.95
CA ILE D 248 -26.09 32.79 -61.28
C ILE D 248 -27.22 31.79 -61.12
N ILE D 249 -28.40 32.19 -61.61
CA ILE D 249 -29.59 31.32 -61.58
C ILE D 249 -29.57 30.54 -62.90
N ALA D 250 -28.82 29.45 -62.91
CA ALA D 250 -28.65 28.64 -64.11
C ALA D 250 -29.61 27.46 -64.06
N GLU D 251 -29.69 26.72 -65.16
CA GLU D 251 -30.48 25.49 -65.17
C GLU D 251 -29.90 24.48 -64.20
N ASP D 252 -28.58 24.32 -64.21
CA ASP D 252 -27.84 23.48 -63.28
C ASP D 252 -26.36 23.73 -63.51
N VAL D 253 -25.54 23.28 -62.56
CA VAL D 253 -24.09 23.43 -62.64
C VAL D 253 -23.44 22.08 -62.37
N GLU D 254 -22.48 21.71 -63.21
CA GLU D 254 -21.79 20.43 -63.08
C GLU D 254 -20.60 20.57 -62.12
N GLY D 255 -19.77 19.53 -62.05
CA GLY D 255 -18.74 19.47 -61.03
C GLY D 255 -17.64 20.50 -61.20
N GLU D 256 -17.14 20.69 -62.42
CA GLU D 256 -15.92 21.47 -62.60
C GLU D 256 -16.17 22.97 -62.36
N ALA D 257 -17.22 23.52 -62.97
CA ALA D 257 -17.50 24.95 -62.78
C ALA D 257 -17.84 25.25 -61.33
N LEU D 258 -18.66 24.40 -60.71
CA LEU D 258 -19.02 24.60 -59.31
C LEU D 258 -17.81 24.49 -58.40
N ALA D 259 -16.93 23.53 -58.67
CA ALA D 259 -15.72 23.38 -57.88
C ALA D 259 -14.80 24.59 -58.01
N THR D 260 -14.64 25.11 -59.23
CA THR D 260 -13.84 26.30 -59.40
C THR D 260 -14.45 27.49 -58.67
N LEU D 261 -15.78 27.62 -58.72
CA LEU D 261 -16.46 28.70 -58.00
C LEU D 261 -16.20 28.61 -56.50
N VAL D 262 -16.37 27.42 -55.93
CA VAL D 262 -16.22 27.29 -54.47
C VAL D 262 -14.76 27.44 -54.06
N VAL D 263 -13.82 27.03 -54.91
CA VAL D 263 -12.41 27.25 -54.61
C VAL D 263 -12.09 28.74 -54.61
N ASN D 264 -12.58 29.47 -55.62
CA ASN D 264 -12.30 30.90 -55.68
C ASN D 264 -13.00 31.68 -54.58
N THR D 265 -14.16 31.22 -54.12
CA THR D 265 -14.85 31.91 -53.02
C THR D 265 -14.01 31.85 -51.74
N MET D 266 -13.42 30.69 -51.44
CA MET D 266 -12.65 30.54 -50.22
C MET D 266 -11.23 31.08 -50.36
N ARG D 267 -10.82 31.50 -51.55
CA ARG D 267 -9.53 32.14 -51.73
C ARG D 267 -9.61 33.66 -51.67
N GLY D 268 -10.81 34.22 -51.47
CA GLY D 268 -10.97 35.66 -51.39
C GLY D 268 -11.00 36.36 -52.73
N ILE D 269 -11.02 35.63 -53.84
CA ILE D 269 -11.01 36.25 -55.16
C ILE D 269 -12.38 36.81 -55.49
N VAL D 270 -13.41 35.98 -55.40
CA VAL D 270 -14.76 36.36 -55.80
C VAL D 270 -15.76 35.91 -54.75
N LYS D 271 -16.92 36.55 -54.75
CA LYS D 271 -18.11 36.05 -54.06
C LYS D 271 -19.14 35.75 -55.14
N VAL D 272 -19.05 34.55 -55.72
CA VAL D 272 -19.90 34.15 -56.83
C VAL D 272 -20.49 32.79 -56.53
N ALA D 273 -21.81 32.68 -56.64
CA ALA D 273 -22.54 31.45 -56.38
C ALA D 273 -23.41 31.09 -57.57
N ALA D 274 -23.87 29.85 -57.60
CA ALA D 274 -24.72 29.36 -58.67
C ALA D 274 -25.79 28.44 -58.10
N VAL D 275 -27.04 28.65 -58.55
CA VAL D 275 -28.18 27.83 -58.13
C VAL D 275 -28.97 27.41 -59.36
N LYS D 276 -29.91 26.51 -59.15
CA LYS D 276 -30.73 25.99 -60.23
C LYS D 276 -31.93 26.90 -60.49
N ALA D 277 -32.24 27.08 -61.77
CA ALA D 277 -33.34 27.96 -62.16
C ALA D 277 -34.67 27.32 -61.79
N PRO D 278 -35.53 28.02 -61.06
CA PRO D 278 -36.81 27.43 -60.65
C PRO D 278 -37.72 27.19 -61.84
N GLY D 279 -38.56 26.15 -61.71
CA GLY D 279 -39.56 25.83 -62.71
C GLY D 279 -39.13 24.70 -63.62
N PHE D 280 -40.09 24.23 -64.42
CA PHE D 280 -39.84 23.17 -65.40
C PHE D 280 -40.58 23.54 -66.67
N GLY D 281 -39.84 23.98 -67.68
CA GLY D 281 -40.44 24.33 -68.95
C GLY D 281 -40.68 25.82 -69.10
N ASP D 282 -41.87 26.18 -69.58
CA ASP D 282 -42.20 27.60 -69.75
C ASP D 282 -42.19 28.35 -68.43
N ARG D 283 -42.59 27.69 -67.34
CA ARG D 283 -42.58 28.33 -66.03
C ARG D 283 -41.17 28.71 -65.61
N ARG D 284 -40.17 27.92 -65.99
CA ARG D 284 -38.81 28.23 -65.59
C ARG D 284 -38.32 29.52 -66.23
N LYS D 285 -38.47 29.63 -67.56
CA LYS D 285 -38.12 30.87 -68.24
C LYS D 285 -38.99 32.02 -67.76
N ALA D 286 -40.24 31.72 -67.38
CA ALA D 286 -41.12 32.76 -66.86
C ALA D 286 -40.57 33.35 -65.57
N MET D 287 -40.18 32.50 -64.61
CA MET D 287 -39.52 32.99 -63.41
C MET D 287 -38.24 33.73 -63.73
N LEU D 288 -37.45 33.20 -64.67
CA LEU D 288 -36.17 33.82 -64.99
C LEU D 288 -36.37 35.23 -65.53
N GLN D 289 -37.33 35.42 -66.43
CA GLN D 289 -37.58 36.75 -66.99
C GLN D 289 -38.28 37.66 -65.99
N ASP D 290 -39.09 37.09 -65.08
CA ASP D 290 -39.61 37.90 -63.98
C ASP D 290 -38.48 38.49 -63.16
N ILE D 291 -37.49 37.67 -62.80
CA ILE D 291 -36.32 38.15 -62.07
C ILE D 291 -35.55 39.17 -62.91
N ALA D 292 -35.47 38.94 -64.21
CA ALA D 292 -34.78 39.88 -65.09
C ALA D 292 -35.42 41.26 -65.05
N THR D 293 -36.74 41.31 -65.21
CA THR D 293 -37.43 42.60 -65.17
C THR D 293 -37.34 43.24 -63.80
N LEU D 294 -37.36 42.43 -62.74
CA LEU D 294 -37.47 42.99 -61.39
C LEU D 294 -36.16 43.67 -60.95
N THR D 295 -35.02 43.04 -61.19
CA THR D 295 -33.75 43.52 -60.65
C THR D 295 -32.98 44.41 -61.62
N GLY D 296 -33.55 44.73 -62.77
CA GLY D 296 -32.78 45.42 -63.78
C GLY D 296 -31.70 44.54 -64.36
N GLY D 297 -32.01 43.26 -64.55
CA GLY D 297 -31.09 42.33 -65.18
C GLY D 297 -31.73 41.65 -66.37
N THR D 298 -31.08 40.61 -66.90
CA THR D 298 -31.57 39.92 -68.07
C THR D 298 -31.25 38.44 -67.95
N VAL D 299 -32.16 37.60 -68.46
CA VAL D 299 -31.95 36.16 -68.44
C VAL D 299 -31.04 35.76 -69.60
N ILE D 300 -30.13 34.84 -69.32
CA ILE D 300 -29.11 34.43 -70.29
C ILE D 300 -29.53 33.10 -70.89
N SER D 301 -29.80 33.10 -72.19
CA SER D 301 -30.19 31.90 -72.92
C SER D 301 -29.53 31.88 -74.29
N GLU D 302 -29.53 30.71 -74.92
CA GLU D 302 -28.94 30.57 -76.24
C GLU D 302 -29.93 30.83 -77.37
N GLU D 303 -31.20 31.09 -77.06
CA GLU D 303 -32.21 31.31 -78.09
C GLU D 303 -32.49 32.78 -78.34
N ILE D 304 -31.75 33.70 -77.73
CA ILE D 304 -31.94 35.12 -77.94
C ILE D 304 -30.79 35.78 -78.69
N GLY D 305 -29.62 35.13 -78.77
CA GLY D 305 -28.49 35.67 -79.48
C GLY D 305 -27.44 36.36 -78.64
N MET D 306 -27.64 36.43 -77.32
CA MET D 306 -26.67 37.04 -76.43
C MET D 306 -26.02 35.91 -75.62
N GLU D 307 -24.69 35.84 -75.69
CA GLU D 307 -23.95 34.70 -75.19
C GLU D 307 -23.46 34.97 -73.77
N LEU D 308 -23.47 33.92 -72.94
CA LEU D 308 -23.09 34.05 -71.55
C LEU D 308 -21.69 34.61 -71.39
N GLU D 309 -20.77 34.23 -72.28
CA GLU D 309 -19.40 34.69 -72.18
C GLU D 309 -19.30 36.20 -72.40
N LYS D 310 -20.11 36.74 -73.30
CA LYS D 310 -20.01 38.15 -73.66
C LYS D 310 -20.95 39.05 -72.87
N ALA D 311 -21.58 38.54 -71.81
CA ALA D 311 -22.40 39.38 -70.96
C ALA D 311 -21.54 40.38 -70.19
N THR D 312 -22.14 41.52 -69.85
CA THR D 312 -21.45 42.62 -69.19
C THR D 312 -22.09 42.90 -67.83
N LEU D 313 -21.60 43.97 -67.18
CA LEU D 313 -22.07 44.31 -65.84
C LEU D 313 -23.53 44.75 -65.83
N GLU D 314 -23.94 45.55 -66.80
CA GLU D 314 -25.34 45.98 -66.84
C GLU D 314 -26.26 44.80 -67.15
N ASP D 315 -25.75 43.81 -67.89
CA ASP D 315 -26.46 42.55 -68.03
C ASP D 315 -26.64 41.83 -66.70
N LEU D 316 -25.83 42.16 -65.71
CA LEU D 316 -25.98 41.63 -64.36
C LEU D 316 -26.91 42.57 -63.59
N GLY D 317 -28.07 42.05 -63.20
CA GLY D 317 -28.98 42.83 -62.39
C GLY D 317 -28.35 43.24 -61.08
N GLN D 318 -28.91 44.28 -60.48
CA GLN D 318 -28.39 44.79 -59.23
C GLN D 318 -29.48 44.73 -58.18
N ALA D 319 -29.10 44.35 -56.96
CA ALA D 319 -30.06 44.11 -55.89
C ALA D 319 -29.44 44.56 -54.58
N LYS D 320 -30.10 44.19 -53.47
CA LYS D 320 -29.68 44.57 -52.13
C LYS D 320 -29.36 43.40 -51.23
N ARG D 321 -30.23 42.39 -51.15
CA ARG D 321 -29.99 41.28 -50.26
C ARG D 321 -30.51 39.99 -50.88
N VAL D 322 -29.80 38.89 -50.65
CA VAL D 322 -30.18 37.58 -51.15
C VAL D 322 -29.95 36.55 -50.05
N VAL D 323 -30.93 35.68 -49.84
CA VAL D 323 -30.86 34.61 -48.85
C VAL D 323 -31.16 33.29 -49.55
N ILE D 324 -30.33 32.27 -49.29
CA ILE D 324 -30.51 30.95 -49.86
C ILE D 324 -30.40 29.91 -48.74
N ASN D 325 -31.33 28.95 -48.74
CA ASN D 325 -31.25 27.84 -47.81
C ASN D 325 -31.29 26.52 -48.57
N LYS D 326 -31.45 25.41 -47.84
CA LYS D 326 -31.43 24.09 -48.47
C LYS D 326 -32.57 23.91 -49.48
N ASP D 327 -33.63 24.72 -49.36
CA ASP D 327 -34.82 24.51 -50.17
C ASP D 327 -35.36 25.74 -50.86
N THR D 328 -35.14 26.95 -50.33
CA THR D 328 -35.76 28.15 -50.86
C THR D 328 -34.74 29.29 -50.95
N THR D 329 -35.06 30.25 -51.81
CA THR D 329 -34.26 31.46 -51.97
C THR D 329 -35.18 32.67 -51.96
N THR D 330 -34.78 33.71 -51.23
CA THR D 330 -35.51 34.96 -51.13
C THR D 330 -34.62 36.10 -51.61
N ILE D 331 -35.24 37.07 -52.30
CA ILE D 331 -34.56 38.19 -52.93
C ILE D 331 -35.18 39.48 -52.42
N ILE D 332 -34.32 40.43 -52.04
CA ILE D 332 -34.72 41.64 -51.32
C ILE D 332 -34.15 42.85 -52.06
N ASP D 333 -35.04 43.72 -52.53
CA ASP D 333 -34.71 45.06 -53.01
C ASP D 333 -33.73 45.01 -54.19
N GLY D 334 -34.22 44.47 -55.30
CA GLY D 334 -33.50 44.52 -56.56
C GLY D 334 -33.81 45.80 -57.31
N VAL D 335 -32.76 46.56 -57.61
CA VAL D 335 -32.93 47.86 -58.26
C VAL D 335 -33.15 47.61 -59.75
N GLY D 336 -34.41 47.46 -60.12
CA GLY D 336 -34.79 47.30 -61.51
C GLY D 336 -35.82 48.32 -61.89
N GLU D 337 -35.74 48.83 -63.12
CA GLU D 337 -36.66 49.87 -63.54
C GLU D 337 -38.09 49.35 -63.55
N GLU D 338 -38.98 50.14 -62.95
CA GLU D 338 -40.36 49.70 -62.73
C GLU D 338 -41.11 49.47 -64.04
N ALA D 339 -40.64 50.06 -65.15
CA ALA D 339 -41.31 49.87 -66.43
C ALA D 339 -41.30 48.40 -66.83
N ALA D 340 -40.13 47.76 -66.76
CA ALA D 340 -40.04 46.34 -67.10
C ALA D 340 -40.85 45.49 -66.12
N ILE D 341 -40.84 45.87 -64.84
CA ILE D 341 -41.55 45.10 -63.83
C ILE D 341 -43.06 45.12 -64.10
N GLN D 342 -43.61 46.31 -64.36
CA GLN D 342 -45.05 46.40 -64.63
C GLN D 342 -45.39 45.82 -65.99
N GLY D 343 -44.49 45.94 -66.97
CA GLY D 343 -44.70 45.22 -68.21
C GLY D 343 -44.83 43.74 -67.98
N ARG D 344 -43.96 43.18 -67.12
CA ARG D 344 -44.02 41.77 -66.80
C ARG D 344 -45.32 41.41 -66.10
N VAL D 345 -45.74 42.22 -65.10
CA VAL D 345 -46.94 41.87 -64.36
C VAL D 345 -48.16 41.95 -65.28
N ALA D 346 -48.21 42.94 -66.18
CA ALA D 346 -49.33 43.04 -67.11
C ALA D 346 -49.32 41.88 -68.10
N GLN D 347 -48.14 41.51 -68.60
CA GLN D 347 -48.05 40.37 -69.52
C GLN D 347 -48.57 39.10 -68.85
N ILE D 348 -48.16 38.87 -67.60
CA ILE D 348 -48.64 37.69 -66.89
C ILE D 348 -50.13 37.79 -66.62
N ARG D 349 -50.64 38.99 -66.36
CA ARG D 349 -52.07 39.14 -66.09
C ARG D 349 -52.90 38.84 -67.32
N GLN D 350 -52.49 39.33 -68.48
CA GLN D 350 -53.19 38.95 -69.70
C GLN D 350 -52.93 37.49 -70.06
N GLN D 351 -51.80 36.92 -69.64
CA GLN D 351 -51.62 35.48 -69.79
C GLN D 351 -52.62 34.71 -68.95
N ILE D 352 -52.92 35.21 -67.75
CA ILE D 352 -54.02 34.68 -66.95
C ILE D 352 -55.33 34.82 -67.71
N GLU D 353 -55.55 35.99 -68.31
CA GLU D 353 -56.72 36.22 -69.14
C GLU D 353 -56.80 35.23 -70.29
N GLU D 354 -55.66 34.70 -70.72
CA GLU D 354 -55.55 33.80 -71.85
C GLU D 354 -55.21 32.39 -71.40
N ALA D 355 -55.72 31.97 -70.25
CA ALA D 355 -55.44 30.66 -69.69
C ALA D 355 -56.75 29.97 -69.35
N THR D 356 -56.89 28.72 -69.82
CA THR D 356 -58.11 27.95 -69.68
C THR D 356 -58.13 27.07 -68.43
N SER D 357 -57.05 26.32 -68.20
CA SER D 357 -57.02 25.37 -67.09
C SER D 357 -56.92 26.09 -65.75
N ASP D 358 -56.70 25.31 -64.71
CA ASP D 358 -56.58 25.87 -63.37
C ASP D 358 -55.12 26.02 -62.96
N TYR D 359 -54.30 25.03 -63.31
CA TYR D 359 -52.88 25.05 -62.94
C TYR D 359 -52.16 26.24 -63.57
N ASP D 360 -52.48 26.53 -64.83
CA ASP D 360 -51.80 27.62 -65.52
C ASP D 360 -52.09 28.96 -64.86
N ARG D 361 -53.36 29.25 -64.54
CA ARG D 361 -53.66 30.52 -63.89
C ARG D 361 -53.11 30.53 -62.48
N GLU D 362 -53.06 29.37 -61.82
CA GLU D 362 -52.46 29.30 -60.49
C GLU D 362 -50.99 29.72 -60.55
N LYS D 363 -50.23 29.14 -61.50
CA LYS D 363 -48.83 29.49 -61.64
C LYS D 363 -48.66 30.95 -62.03
N LEU D 364 -49.51 31.45 -62.92
CA LEU D 364 -49.39 32.83 -63.37
C LEU D 364 -49.71 33.82 -62.25
N GLN D 365 -50.69 33.49 -61.42
CA GLN D 365 -50.98 34.32 -60.25
C GLN D 365 -49.83 34.26 -59.25
N GLU D 366 -49.19 33.10 -59.12
CA GLU D 366 -47.96 33.03 -58.35
C GLU D 366 -46.92 34.00 -58.90
N ARG D 367 -46.77 34.03 -60.22
CA ARG D 367 -45.84 34.96 -60.85
C ARG D 367 -46.18 36.40 -60.50
N VAL D 368 -47.46 36.78 -60.67
CA VAL D 368 -47.87 38.16 -60.42
C VAL D 368 -47.66 38.53 -58.95
N ALA D 369 -48.07 37.66 -58.03
CA ALA D 369 -47.93 37.96 -56.61
C ALA D 369 -46.47 38.07 -56.21
N LYS D 370 -45.63 37.14 -56.67
CA LYS D 370 -44.23 37.16 -56.27
C LYS D 370 -43.45 38.28 -56.95
N LEU D 371 -43.92 38.79 -58.08
CA LEU D 371 -43.33 40.00 -58.63
C LEU D 371 -43.49 41.16 -57.65
N ALA D 372 -44.61 41.21 -56.95
CA ALA D 372 -44.70 42.05 -55.76
C ALA D 372 -44.09 41.33 -54.56
N GLY D 373 -44.66 40.19 -54.17
CA GLY D 373 -44.10 39.40 -53.09
C GLY D 373 -44.04 40.18 -51.80
N GLY D 374 -42.93 40.01 -51.08
CA GLY D 374 -42.69 40.75 -49.86
C GLY D 374 -41.46 40.27 -49.14
N VAL D 375 -40.64 41.22 -48.68
CA VAL D 375 -39.43 40.90 -47.92
C VAL D 375 -39.23 41.97 -46.86
N ALA D 376 -38.79 41.55 -45.68
CA ALA D 376 -38.42 42.45 -44.60
C ALA D 376 -37.11 41.97 -43.99
N VAL D 377 -36.22 42.92 -43.73
CA VAL D 377 -34.94 42.64 -43.10
C VAL D 377 -34.85 43.49 -41.82
N ILE D 378 -34.70 42.81 -40.68
CA ILE D 378 -34.59 43.48 -39.39
C ILE D 378 -33.17 43.26 -38.87
N LYS D 379 -32.41 44.34 -38.76
CA LYS D 379 -31.06 44.28 -38.24
C LYS D 379 -31.10 44.61 -36.75
N VAL D 380 -30.54 43.71 -35.94
CA VAL D 380 -30.67 43.80 -34.50
C VAL D 380 -29.73 44.88 -33.96
N GLY D 381 -30.17 45.58 -32.92
CA GLY D 381 -29.35 46.58 -32.28
C GLY D 381 -28.88 46.15 -30.90
N ALA D 382 -27.58 45.93 -30.76
CA ALA D 382 -27.01 45.54 -29.47
C ALA D 382 -25.55 45.95 -29.44
N ALA D 383 -24.99 46.01 -28.22
CA ALA D 383 -23.61 46.44 -28.01
C ALA D 383 -22.65 45.27 -27.89
N THR D 384 -23.01 44.22 -27.15
CA THR D 384 -22.14 43.07 -26.98
C THR D 384 -22.79 41.84 -27.60
N GLU D 385 -22.09 40.71 -27.50
CA GLU D 385 -22.46 39.50 -28.24
C GLU D 385 -23.49 38.66 -27.51
N VAL D 386 -23.35 38.49 -26.19
CA VAL D 386 -24.28 37.65 -25.45
C VAL D 386 -25.67 38.27 -25.43
N GLU D 387 -25.74 39.57 -25.17
CA GLU D 387 -27.03 40.25 -25.22
C GLU D 387 -27.64 40.20 -26.62
N MET D 388 -26.80 40.34 -27.64
CA MET D 388 -27.30 40.31 -29.01
C MET D 388 -27.88 38.95 -29.34
N LYS D 389 -27.16 37.88 -29.00
CA LYS D 389 -27.69 36.54 -29.28
C LYS D 389 -28.92 36.26 -28.44
N GLU D 390 -28.97 36.78 -27.21
CA GLU D 390 -30.13 36.54 -26.36
C GLU D 390 -31.37 37.21 -26.93
N LYS D 391 -31.24 38.49 -27.32
CA LYS D 391 -32.36 39.17 -27.93
C LYS D 391 -32.68 38.58 -29.29
N LYS D 392 -31.69 38.02 -29.98
CA LYS D 392 -31.97 37.31 -31.23
C LYS D 392 -32.83 36.08 -30.99
N ALA D 393 -32.51 35.32 -29.95
CA ALA D 393 -33.33 34.15 -29.59
C ALA D 393 -34.73 34.59 -29.18
N ARG D 394 -34.82 35.68 -28.42
CA ARG D 394 -36.13 36.21 -28.04
C ARG D 394 -36.93 36.61 -29.28
N VAL D 395 -36.28 37.26 -30.24
CA VAL D 395 -36.94 37.70 -31.46
C VAL D 395 -37.42 36.49 -32.26
N GLU D 396 -36.59 35.46 -32.37
CA GLU D 396 -37.01 34.27 -33.11
C GLU D 396 -38.18 33.58 -32.43
N ASP D 397 -38.15 33.48 -31.10
CA ASP D 397 -39.28 32.89 -30.38
C ASP D 397 -40.55 33.71 -30.57
N ALA D 398 -40.43 35.04 -30.53
CA ALA D 398 -41.58 35.90 -30.76
C ALA D 398 -42.11 35.74 -32.17
N LEU D 399 -41.21 35.61 -33.14
CA LEU D 399 -41.64 35.42 -34.53
C LEU D 399 -42.36 34.08 -34.68
N HIS D 400 -41.84 33.03 -34.05
CA HIS D 400 -42.51 31.74 -34.09
C HIS D 400 -43.90 31.82 -33.47
N ALA D 401 -44.01 32.50 -32.33
CA ALA D 401 -45.30 32.63 -31.65
C ALA D 401 -46.28 33.42 -32.51
N THR D 402 -45.82 34.50 -33.14
CA THR D 402 -46.69 35.26 -34.03
C THR D 402 -47.13 34.42 -35.22
N ARG D 403 -46.21 33.63 -35.77
CA ARG D 403 -46.55 32.75 -36.88
C ARG D 403 -47.65 31.78 -36.47
N ALA D 404 -47.51 31.15 -35.30
CA ALA D 404 -48.51 30.22 -34.83
C ALA D 404 -49.85 30.91 -34.59
N ALA D 405 -49.82 32.05 -33.92
CA ALA D 405 -51.05 32.75 -33.58
C ALA D 405 -51.76 33.25 -34.83
N VAL D 406 -51.01 33.49 -35.91
CA VAL D 406 -51.62 33.96 -37.13
C VAL D 406 -52.17 32.79 -37.94
N GLU D 407 -51.35 31.76 -38.17
CA GLU D 407 -51.75 30.69 -39.08
C GLU D 407 -52.76 29.74 -38.46
N GLU D 408 -52.65 29.47 -37.16
CA GLU D 408 -53.56 28.53 -36.50
C GLU D 408 -54.29 29.17 -35.33
N GLY D 409 -54.22 30.49 -35.21
CA GLY D 409 -54.91 31.13 -34.13
C GLY D 409 -54.28 30.83 -32.78
N VAL D 410 -55.08 31.03 -31.74
CA VAL D 410 -54.64 30.87 -30.37
C VAL D 410 -55.66 30.04 -29.60
N VAL D 411 -55.26 29.64 -28.39
CA VAL D 411 -56.18 29.03 -27.44
C VAL D 411 -56.01 29.74 -26.11
N ALA D 412 -56.71 29.29 -25.08
CA ALA D 412 -56.65 29.95 -23.78
C ALA D 412 -55.24 29.88 -23.21
N GLY D 413 -54.77 31.00 -22.67
CA GLY D 413 -53.43 31.07 -22.14
C GLY D 413 -53.37 30.64 -20.68
N GLY D 414 -52.22 30.10 -20.29
CA GLY D 414 -51.98 29.70 -18.91
C GLY D 414 -52.35 28.27 -18.58
N GLY D 415 -52.91 27.52 -19.51
CA GLY D 415 -53.34 26.16 -19.26
C GLY D 415 -54.74 26.02 -18.70
N VAL D 416 -55.48 27.12 -18.56
CA VAL D 416 -56.83 27.06 -18.00
C VAL D 416 -57.72 26.13 -18.79
N ALA D 417 -57.71 26.23 -20.13
CA ALA D 417 -58.50 25.32 -20.94
C ALA D 417 -58.16 23.87 -20.66
N LEU D 418 -56.88 23.59 -20.39
CA LEU D 418 -56.47 22.27 -19.92
C LEU D 418 -57.44 21.76 -18.86
N ILE D 419 -57.58 22.52 -17.77
CA ILE D 419 -58.48 22.10 -16.71
C ILE D 419 -59.89 21.93 -17.25
N ARG D 420 -60.35 22.90 -18.04
CA ARG D 420 -61.66 22.78 -18.68
C ARG D 420 -61.77 21.46 -19.42
N VAL D 421 -60.76 21.15 -20.24
CA VAL D 421 -60.77 19.90 -20.99
C VAL D 421 -60.90 18.72 -20.04
N ALA D 422 -60.14 18.71 -18.96
CA ALA D 422 -60.21 17.61 -18.01
C ALA D 422 -61.61 17.48 -17.44
N SER D 423 -62.29 18.62 -17.22
CA SER D 423 -63.67 18.56 -16.75
C SER D 423 -64.57 17.96 -17.81
N LYS D 424 -64.38 18.33 -19.07
CA LYS D 424 -65.24 17.79 -20.13
C LYS D 424 -64.84 16.38 -20.50
N LEU D 425 -63.55 16.07 -20.47
CA LEU D 425 -63.02 14.81 -20.99
C LEU D 425 -62.91 13.74 -19.91
N ALA D 426 -63.53 13.95 -18.75
CA ALA D 426 -63.56 12.92 -17.72
C ALA D 426 -64.45 11.74 -18.09
N ASP D 427 -65.22 11.85 -19.18
CA ASP D 427 -66.19 10.84 -19.56
C ASP D 427 -65.60 9.78 -20.46
N LEU D 428 -64.31 9.83 -20.74
CA LEU D 428 -63.70 8.88 -21.66
C LEU D 428 -63.56 7.51 -21.02
N ARG D 429 -63.97 6.47 -21.74
CA ARG D 429 -63.89 5.10 -21.27
C ARG D 429 -63.18 4.25 -22.31
N GLY D 430 -62.40 3.28 -21.81
CA GLY D 430 -61.74 2.30 -22.65
C GLY D 430 -62.50 0.98 -22.70
N GLN D 431 -62.04 0.11 -23.61
CA GLN D 431 -62.66 -1.19 -23.77
C GLN D 431 -62.60 -1.98 -22.47
N ASN D 432 -61.44 -2.05 -21.85
CA ASN D 432 -61.25 -2.68 -20.56
C ASN D 432 -61.00 -1.63 -19.51
N GLU D 433 -60.85 -2.07 -18.27
CA GLU D 433 -60.42 -1.17 -17.21
C GLU D 433 -59.03 -0.62 -17.50
N ASP D 434 -58.23 -1.36 -18.28
CA ASP D 434 -56.86 -0.94 -18.54
C ASP D 434 -56.84 0.34 -19.35
N GLN D 435 -57.64 0.39 -20.42
CA GLN D 435 -57.70 1.59 -21.25
C GLN D 435 -58.40 2.73 -20.53
N ASN D 436 -59.36 2.41 -19.65
CA ASN D 436 -59.93 3.43 -18.79
C ASN D 436 -58.85 4.08 -17.93
N VAL D 437 -57.98 3.24 -17.36
CA VAL D 437 -56.90 3.74 -16.53
C VAL D 437 -55.94 4.57 -17.36
N GLY D 438 -55.66 4.14 -18.60
CA GLY D 438 -54.80 4.94 -19.46
C GLY D 438 -55.39 6.30 -19.75
N ILE D 439 -56.70 6.34 -20.03
CA ILE D 439 -57.39 7.60 -20.22
C ILE D 439 -57.23 8.49 -19.00
N LYS D 440 -57.44 7.91 -17.82
CA LYS D 440 -57.38 8.72 -16.60
C LYS D 440 -55.96 9.16 -16.29
N VAL D 441 -54.97 8.34 -16.65
CA VAL D 441 -53.57 8.73 -16.54
C VAL D 441 -53.30 9.95 -17.40
N ALA D 442 -53.79 9.93 -18.64
CA ALA D 442 -53.65 11.11 -19.50
C ALA D 442 -54.32 12.31 -18.86
N LEU D 443 -55.53 12.12 -18.35
CA LEU D 443 -56.29 13.23 -17.78
C LEU D 443 -55.58 13.84 -16.58
N ARG D 444 -55.00 12.99 -15.72
CA ARG D 444 -54.36 13.50 -14.52
C ARG D 444 -53.00 14.11 -14.83
N ALA D 445 -52.27 13.53 -15.79
CA ALA D 445 -50.93 14.02 -16.07
C ALA D 445 -50.95 15.30 -16.90
N MET D 446 -52.01 15.53 -17.66
CA MET D 446 -52.09 16.74 -18.48
C MET D 446 -52.29 18.01 -17.67
N GLU D 447 -52.54 17.91 -16.36
CA GLU D 447 -52.80 19.07 -15.52
C GLU D 447 -51.54 19.70 -14.95
N ALA D 448 -50.37 19.09 -15.15
CA ALA D 448 -49.15 19.61 -14.57
C ALA D 448 -48.79 21.04 -15.00
N PRO D 449 -48.85 21.41 -16.29
CA PRO D 449 -48.20 22.68 -16.70
C PRO D 449 -48.63 23.89 -15.89
N LEU D 450 -49.92 24.00 -15.57
CA LEU D 450 -50.33 25.07 -14.68
C LEU D 450 -49.67 24.92 -13.32
N ARG D 451 -49.55 23.68 -12.83
CA ARG D 451 -48.94 23.45 -11.53
C ARG D 451 -47.51 23.97 -11.51
N GLN D 452 -46.69 23.57 -12.49
CA GLN D 452 -45.31 24.05 -12.48
C GLN D 452 -45.19 25.53 -12.80
N ILE D 453 -46.11 26.10 -13.60
CA ILE D 453 -46.10 27.55 -13.78
C ILE D 453 -46.31 28.25 -12.46
N VAL D 454 -47.31 27.78 -11.69
CA VAL D 454 -47.58 28.34 -10.37
C VAL D 454 -46.37 28.16 -9.45
N LEU D 455 -45.75 26.99 -9.51
CA LEU D 455 -44.61 26.72 -8.63
C LEU D 455 -43.43 27.62 -8.96
N ASN D 456 -43.18 27.88 -10.24
CA ASN D 456 -42.17 28.86 -10.61
C ASN D 456 -42.57 30.25 -10.14
N CYS D 457 -43.86 30.57 -10.21
CA CYS D 457 -44.35 31.76 -9.53
C CYS D 457 -44.20 31.67 -8.02
N GLY D 458 -44.02 30.47 -7.48
CA GLY D 458 -43.66 30.29 -6.10
C GLY D 458 -44.77 29.84 -5.16
N GLU D 459 -46.02 29.90 -5.58
CA GLU D 459 -47.14 29.62 -4.69
C GLU D 459 -47.65 28.20 -4.92
N GLU D 460 -48.67 27.81 -4.16
CA GLU D 460 -49.15 26.43 -4.15
C GLU D 460 -49.96 26.15 -5.42
N PRO D 461 -49.60 25.13 -6.19
CA PRO D 461 -50.29 24.93 -7.48
C PRO D 461 -51.65 24.28 -7.35
N SER D 462 -51.86 23.45 -6.34
CA SER D 462 -53.14 22.77 -6.17
C SER D 462 -54.26 23.77 -5.93
N VAL D 463 -53.99 24.81 -5.14
CA VAL D 463 -55.00 25.82 -4.87
C VAL D 463 -55.37 26.56 -6.14
N VAL D 464 -54.38 26.92 -6.96
CA VAL D 464 -54.65 27.58 -8.23
C VAL D 464 -55.48 26.67 -9.12
N ALA D 465 -55.11 25.39 -9.18
CA ALA D 465 -55.87 24.43 -9.99
C ALA D 465 -57.32 24.37 -9.54
N ASN D 466 -57.55 24.28 -8.23
CA ASN D 466 -58.92 24.15 -7.72
C ASN D 466 -59.72 25.41 -7.95
N THR D 467 -59.11 26.57 -7.73
CA THR D 467 -59.82 27.82 -7.95
C THR D 467 -60.16 28.00 -9.42
N VAL D 468 -59.25 27.63 -10.31
CA VAL D 468 -59.51 27.78 -11.74
C VAL D 468 -60.59 26.79 -12.19
N LYS D 469 -60.51 25.53 -11.74
CA LYS D 469 -61.53 24.56 -12.11
C LYS D 469 -62.88 24.94 -11.53
N GLY D 470 -62.90 25.66 -10.41
CA GLY D 470 -64.14 26.24 -9.93
C GLY D 470 -64.78 27.15 -10.95
N GLY D 471 -63.97 27.94 -11.66
CA GLY D 471 -64.44 28.73 -12.77
C GLY D 471 -64.46 27.94 -14.06
N ASP D 472 -64.85 28.62 -15.13
CA ASP D 472 -65.03 27.97 -16.42
C ASP D 472 -64.46 28.85 -17.53
N GLY D 473 -64.06 28.20 -18.61
CA GLY D 473 -63.61 28.91 -19.80
C GLY D 473 -62.43 29.81 -19.51
N ASN D 474 -62.56 31.07 -19.97
CA ASN D 474 -61.48 32.04 -19.90
C ASN D 474 -61.07 32.35 -18.47
N TYR D 475 -61.91 32.06 -17.49
CA TYR D 475 -61.51 32.27 -16.11
C TYR D 475 -60.34 31.38 -15.75
N GLY D 476 -59.17 32.00 -15.60
CA GLY D 476 -58.01 31.32 -15.09
C GLY D 476 -57.32 32.22 -14.08
N TYR D 477 -56.01 32.04 -13.96
CA TYR D 477 -55.21 32.83 -13.04
C TYR D 477 -54.06 33.47 -13.81
N ASN D 478 -54.12 34.79 -13.99
CA ASN D 478 -53.02 35.54 -14.55
C ASN D 478 -51.84 35.50 -13.59
N ALA D 479 -50.77 34.83 -14.00
CA ALA D 479 -49.58 34.76 -13.15
C ALA D 479 -48.82 36.07 -13.15
N ALA D 480 -48.85 36.82 -14.25
CA ALA D 480 -48.23 38.14 -14.26
C ALA D 480 -49.02 39.11 -13.39
N THR D 481 -50.33 39.17 -13.58
CA THR D 481 -51.18 39.95 -12.69
C THR D 481 -51.46 39.23 -11.39
N GLU D 482 -51.23 37.92 -11.35
CA GLU D 482 -51.54 37.10 -10.18
C GLU D 482 -52.99 37.27 -9.75
N GLU D 483 -53.89 37.34 -10.74
CA GLU D 483 -55.29 37.58 -10.47
C GLU D 483 -56.14 36.62 -11.29
N TYR D 484 -57.13 36.03 -10.64
CA TYR D 484 -58.09 35.23 -11.37
C TYR D 484 -58.95 36.13 -12.25
N GLY D 485 -59.18 35.69 -13.48
CA GLY D 485 -59.94 36.47 -14.43
C GLY D 485 -59.74 35.96 -15.84
N ASN D 486 -60.05 36.84 -16.79
CA ASN D 486 -60.06 36.47 -18.21
C ASN D 486 -58.64 36.40 -18.74
N MET D 487 -58.21 35.19 -19.12
CA MET D 487 -56.88 35.03 -19.68
C MET D 487 -56.71 35.83 -20.97
N ILE D 488 -57.63 35.67 -21.91
CA ILE D 488 -57.48 36.31 -23.21
C ILE D 488 -57.53 37.82 -23.06
N ASP D 489 -58.49 38.34 -22.27
CA ASP D 489 -58.59 39.78 -22.10
C ASP D 489 -57.38 40.36 -21.39
N MET D 490 -56.75 39.60 -20.50
CA MET D 490 -55.49 40.02 -19.92
C MET D 490 -54.30 39.71 -20.81
N GLY D 491 -54.53 39.52 -22.12
CA GLY D 491 -53.46 39.34 -23.07
C GLY D 491 -52.78 37.99 -23.01
N ILE D 492 -53.33 37.06 -22.25
CA ILE D 492 -52.72 35.75 -22.03
C ILE D 492 -53.19 34.82 -23.14
N LEU D 493 -52.30 34.54 -24.09
CA LEU D 493 -52.64 33.79 -25.29
C LEU D 493 -51.63 32.66 -25.47
N ASP D 494 -52.12 31.52 -25.97
CA ASP D 494 -51.27 30.38 -26.30
C ASP D 494 -51.65 29.81 -27.65
N PRO D 495 -50.67 29.34 -28.42
CA PRO D 495 -50.94 28.78 -29.74
C PRO D 495 -51.64 27.43 -29.64
N THR D 496 -52.21 27.01 -30.76
CA THR D 496 -52.86 25.71 -30.87
C THR D 496 -51.89 24.63 -31.34
N LYS D 497 -51.15 24.93 -32.41
CA LYS D 497 -50.28 23.93 -33.02
C LYS D 497 -49.15 23.51 -32.09
N VAL D 498 -48.58 24.46 -31.35
CA VAL D 498 -47.49 24.12 -30.43
C VAL D 498 -47.98 23.12 -29.39
N THR D 499 -49.12 23.42 -28.78
CA THR D 499 -49.68 22.53 -27.76
C THR D 499 -50.01 21.17 -28.35
N ARG D 500 -50.65 21.14 -29.52
CA ARG D 500 -51.05 19.87 -30.10
C ARG D 500 -49.84 19.02 -30.47
N SER D 501 -48.82 19.64 -31.06
CA SER D 501 -47.64 18.89 -31.48
C SER D 501 -46.86 18.37 -30.29
N ALA D 502 -46.66 19.21 -29.27
CA ALA D 502 -45.99 18.75 -28.06
C ALA D 502 -46.78 17.63 -27.40
N LEU D 503 -48.11 17.78 -27.38
CA LEU D 503 -49.00 16.70 -26.95
C LEU D 503 -48.64 15.38 -27.61
N GLN D 504 -48.69 15.37 -28.95
CA GLN D 504 -48.49 14.12 -29.66
C GLN D 504 -47.10 13.55 -29.42
N TYR D 505 -46.07 14.40 -29.48
CA TYR D 505 -44.71 13.93 -29.28
C TYR D 505 -44.53 13.31 -27.89
N ALA D 506 -44.85 14.07 -26.84
CA ALA D 506 -44.63 13.59 -25.48
C ALA D 506 -45.48 12.37 -25.18
N ALA D 507 -46.73 12.36 -25.65
CA ALA D 507 -47.61 11.23 -25.39
C ALA D 507 -47.09 9.97 -26.07
N SER D 508 -46.67 10.07 -27.34
CA SER D 508 -46.13 8.90 -28.02
C SER D 508 -44.89 8.37 -27.29
N VAL D 509 -43.98 9.27 -26.92
CA VAL D 509 -42.75 8.83 -26.27
C VAL D 509 -43.05 8.19 -24.92
N ALA D 510 -43.94 8.80 -24.13
CA ALA D 510 -44.27 8.24 -22.83
C ALA D 510 -44.95 6.89 -22.97
N GLY D 511 -45.91 6.76 -23.88
CA GLY D 511 -46.57 5.48 -24.08
C GLY D 511 -45.60 4.40 -24.51
N LEU D 512 -44.62 4.76 -25.35
CA LEU D 512 -43.57 3.81 -25.69
C LEU D 512 -42.78 3.40 -24.46
N MET D 513 -42.46 4.37 -23.60
CA MET D 513 -41.68 4.06 -22.40
C MET D 513 -42.48 3.24 -21.40
N ILE D 514 -43.81 3.25 -21.53
CA ILE D 514 -44.65 2.57 -20.54
C ILE D 514 -44.46 1.05 -20.64
N THR D 515 -44.43 0.53 -21.85
CA THR D 515 -44.25 -0.90 -22.09
C THR D 515 -42.79 -1.36 -21.95
N THR D 516 -41.93 -0.48 -21.46
CA THR D 516 -40.48 -0.68 -21.40
C THR D 516 -40.06 -1.12 -20.01
N GLU D 517 -39.32 -2.24 -19.92
CA GLU D 517 -38.99 -2.74 -18.60
C GLU D 517 -37.54 -3.15 -18.41
N CYS D 518 -36.98 -3.99 -19.28
CA CYS D 518 -35.70 -4.64 -19.01
C CYS D 518 -34.66 -4.22 -20.05
N MET D 519 -33.52 -3.68 -19.58
CA MET D 519 -32.66 -2.94 -20.48
C MET D 519 -31.21 -3.20 -20.17
N VAL D 520 -30.36 -2.86 -21.13
CA VAL D 520 -28.95 -3.21 -21.06
C VAL D 520 -28.15 -1.95 -21.31
N THR D 521 -26.93 -1.91 -20.77
CA THR D 521 -25.96 -0.88 -21.10
C THR D 521 -24.59 -1.54 -21.15
N ASP D 522 -23.55 -0.73 -21.29
CA ASP D 522 -22.18 -1.22 -21.22
C ASP D 522 -21.64 -1.11 -19.80
N LEU D 523 -20.59 -1.88 -19.53
CA LEU D 523 -19.92 -1.81 -18.24
C LEU D 523 -18.81 -0.76 -18.30
N PRO D 524 -18.88 0.31 -17.49
CA PRO D 524 -17.87 1.39 -17.47
C PRO D 524 -16.48 0.88 -17.14
N ALA E 1 -3.30 -19.19 -26.88
CA ALA E 1 -2.93 -18.19 -25.88
C ALA E 1 -2.94 -18.80 -24.48
N ALA E 2 -3.10 -17.96 -23.48
CA ALA E 2 -3.21 -18.45 -22.11
C ALA E 2 -4.47 -19.28 -21.98
N LYS E 3 -4.30 -20.59 -21.86
CA LYS E 3 -5.39 -21.55 -21.97
C LYS E 3 -6.05 -21.81 -20.62
N ASP E 4 -7.36 -21.99 -20.68
CA ASP E 4 -8.19 -22.46 -19.57
C ASP E 4 -8.93 -23.68 -20.05
N VAL E 5 -8.50 -24.86 -19.61
CA VAL E 5 -9.09 -26.13 -20.01
C VAL E 5 -10.08 -26.55 -18.94
N LYS E 6 -11.37 -26.45 -19.26
CA LYS E 6 -12.44 -26.73 -18.32
C LYS E 6 -13.20 -27.95 -18.81
N PHE E 7 -13.29 -28.97 -17.96
CA PHE E 7 -13.75 -30.29 -18.36
C PHE E 7 -15.18 -30.55 -17.89
N GLY E 8 -15.98 -31.10 -18.79
CA GLY E 8 -17.23 -31.73 -18.40
C GLY E 8 -18.22 -30.78 -17.77
N ASN E 9 -18.56 -31.07 -16.50
CA ASN E 9 -19.72 -30.46 -15.85
C ASN E 9 -19.56 -28.96 -15.70
N ASP E 10 -18.34 -28.47 -15.48
CA ASP E 10 -18.14 -27.04 -15.32
C ASP E 10 -18.40 -26.30 -16.63
N ALA E 11 -17.89 -26.82 -17.74
CA ALA E 11 -18.21 -26.26 -19.04
C ALA E 11 -19.72 -26.29 -19.28
N ARG E 12 -20.37 -27.41 -18.93
CA ARG E 12 -21.80 -27.54 -19.13
C ARG E 12 -22.57 -26.50 -18.31
N VAL E 13 -22.19 -26.30 -17.05
CA VAL E 13 -22.92 -25.38 -16.20
C VAL E 13 -22.70 -23.94 -16.66
N LYS E 14 -21.51 -23.63 -17.18
CA LYS E 14 -21.32 -22.31 -17.76
C LYS E 14 -22.20 -22.12 -18.99
N MET E 15 -22.27 -23.13 -19.85
CA MET E 15 -23.11 -23.02 -21.03
C MET E 15 -24.56 -22.82 -20.66
N LEU E 16 -25.03 -23.60 -19.69
CA LEU E 16 -26.42 -23.52 -19.25
C LEU E 16 -26.71 -22.19 -18.57
N ARG E 17 -25.75 -21.67 -17.80
CA ARG E 17 -25.95 -20.36 -17.20
C ARG E 17 -26.08 -19.30 -18.27
N GLY E 18 -25.25 -19.38 -19.32
CA GLY E 18 -25.39 -18.43 -20.41
C GLY E 18 -26.74 -18.51 -21.10
N VAL E 19 -27.18 -19.73 -21.41
CA VAL E 19 -28.44 -19.87 -22.11
C VAL E 19 -29.60 -19.44 -21.22
N ASN E 20 -29.49 -19.66 -19.91
CA ASN E 20 -30.55 -19.25 -19.01
C ASN E 20 -30.60 -17.73 -18.85
N VAL E 21 -29.44 -17.08 -18.79
CA VAL E 21 -29.42 -15.62 -18.74
C VAL E 21 -30.07 -15.05 -20.00
N LEU E 22 -29.72 -15.62 -21.16
CA LEU E 22 -30.34 -15.18 -22.40
C LEU E 22 -31.85 -15.42 -22.38
N ALA E 23 -32.27 -16.57 -21.86
CA ALA E 23 -33.70 -16.85 -21.78
C ALA E 23 -34.41 -15.86 -20.87
N ASP E 24 -33.77 -15.50 -19.75
CA ASP E 24 -34.34 -14.49 -18.87
C ASP E 24 -34.50 -13.17 -19.59
N ALA E 25 -33.50 -12.79 -20.38
CA ALA E 25 -33.60 -11.55 -21.15
C ALA E 25 -34.72 -11.62 -22.18
N VAL E 26 -34.90 -12.78 -22.80
CA VAL E 26 -35.71 -12.86 -24.03
C VAL E 26 -37.16 -13.23 -23.76
N LYS E 27 -37.41 -14.19 -22.87
CA LYS E 27 -38.72 -14.83 -22.76
C LYS E 27 -39.84 -13.83 -22.49
N VAL E 28 -39.53 -12.68 -21.91
CA VAL E 28 -40.53 -11.66 -21.62
C VAL E 28 -41.14 -11.13 -22.90
N THR E 29 -40.64 -11.61 -24.05
CA THR E 29 -41.05 -11.13 -25.36
C THR E 29 -41.82 -12.19 -26.15
N LEU E 30 -42.61 -13.02 -25.47
CA LEU E 30 -43.29 -14.15 -26.11
C LEU E 30 -44.79 -14.11 -25.87
N GLY E 31 -45.56 -14.29 -26.94
CA GLY E 31 -46.99 -14.40 -26.85
C GLY E 31 -47.68 -13.05 -26.91
N PRO E 32 -49.01 -13.06 -26.84
CA PRO E 32 -49.75 -11.78 -26.83
C PRO E 32 -49.38 -10.90 -25.67
N LYS E 33 -49.02 -11.49 -24.53
CA LYS E 33 -48.54 -10.76 -23.38
C LYS E 33 -47.01 -10.73 -23.32
N GLY E 34 -46.34 -11.17 -24.38
CA GLY E 34 -44.94 -10.87 -24.51
C GLY E 34 -44.71 -9.37 -24.57
N ARG E 35 -43.67 -8.93 -23.88
CA ARG E 35 -43.47 -7.52 -23.60
C ARG E 35 -42.15 -7.07 -24.24
N ASN E 36 -41.82 -5.80 -24.03
CA ASN E 36 -40.80 -5.14 -24.84
C ASN E 36 -39.41 -5.25 -24.24
N VAL E 37 -38.40 -5.21 -25.11
CA VAL E 37 -37.00 -5.04 -24.73
C VAL E 37 -36.37 -4.04 -25.68
N VAL E 38 -35.65 -3.05 -25.14
CA VAL E 38 -35.08 -1.98 -25.94
C VAL E 38 -33.57 -2.14 -25.96
N LEU E 39 -33.01 -2.23 -27.15
CA LEU E 39 -31.59 -2.48 -27.37
C LEU E 39 -30.89 -1.16 -27.61
N ASP E 40 -29.86 -0.88 -26.82
CA ASP E 40 -29.11 0.35 -26.99
C ASP E 40 -28.08 0.19 -28.10
N LYS E 41 -27.78 1.31 -28.77
CA LYS E 41 -26.67 1.37 -29.72
C LYS E 41 -25.78 2.55 -29.36
N SER E 42 -24.46 2.34 -29.48
CA SER E 42 -23.49 3.31 -29.02
C SER E 42 -23.63 4.65 -29.74
N PHE E 43 -24.06 4.63 -30.98
CA PHE E 43 -24.26 5.84 -31.77
C PHE E 43 -25.74 5.91 -32.14
N GLY E 44 -26.51 6.63 -31.34
CA GLY E 44 -27.93 6.79 -31.58
C GLY E 44 -28.75 6.26 -30.43
N ALA E 45 -30.05 6.20 -30.67
CA ALA E 45 -31.01 5.88 -29.63
C ALA E 45 -31.18 4.36 -29.49
N PRO E 46 -31.40 3.88 -28.27
CA PRO E 46 -31.94 2.52 -28.10
C PRO E 46 -33.28 2.38 -28.79
N THR E 47 -33.50 1.19 -29.34
CA THR E 47 -34.66 0.89 -30.17
C THR E 47 -35.45 -0.27 -29.56
N ILE E 48 -36.78 -0.12 -29.54
CA ILE E 48 -37.67 -1.08 -28.90
C ILE E 48 -37.88 -2.25 -29.84
N THR E 49 -37.94 -3.46 -29.30
CA THR E 49 -38.13 -4.66 -30.10
C THR E 49 -38.69 -5.79 -29.25
N LYS E 50 -39.22 -6.80 -29.94
CA LYS E 50 -39.76 -8.02 -29.34
C LYS E 50 -39.26 -9.30 -29.98
N ASP E 51 -38.84 -9.28 -31.25
CA ASP E 51 -38.42 -10.49 -31.93
C ASP E 51 -37.14 -11.05 -31.33
N GLY E 52 -36.99 -12.37 -31.44
CA GLY E 52 -35.85 -13.03 -30.81
C GLY E 52 -34.52 -12.67 -31.44
N VAL E 53 -34.47 -12.60 -32.78
CA VAL E 53 -33.20 -12.44 -33.47
C VAL E 53 -32.57 -11.09 -33.16
N SER E 54 -33.40 -10.05 -33.05
CA SER E 54 -32.88 -8.71 -32.82
C SER E 54 -32.04 -8.66 -31.56
N VAL E 55 -32.55 -9.22 -30.47
CA VAL E 55 -31.76 -9.31 -29.24
C VAL E 55 -30.64 -10.33 -29.39
N ALA E 56 -30.92 -11.45 -30.08
CA ALA E 56 -29.98 -12.57 -30.11
C ALA E 56 -28.66 -12.18 -30.76
N ARG E 57 -28.73 -11.40 -31.84
CA ARG E 57 -27.50 -10.99 -32.53
C ARG E 57 -26.63 -10.10 -31.66
N GLU E 58 -27.20 -9.45 -30.65
CA GLU E 58 -26.49 -8.47 -29.84
C GLU E 58 -26.04 -9.03 -28.50
N ILE E 59 -26.09 -10.34 -28.31
CA ILE E 59 -25.81 -10.94 -27.01
C ILE E 59 -24.31 -11.00 -26.79
N GLU E 60 -23.86 -10.49 -25.64
CA GLU E 60 -22.47 -10.60 -25.22
C GLU E 60 -22.42 -10.73 -23.71
N LEU E 61 -21.47 -11.50 -23.21
CA LEU E 61 -21.29 -11.74 -21.78
C LEU E 61 -19.83 -11.53 -21.42
N GLU E 62 -19.55 -11.55 -20.12
CA GLU E 62 -18.19 -11.28 -19.66
C GLU E 62 -17.33 -12.54 -19.63
N ASP E 63 -17.85 -13.62 -19.06
CA ASP E 63 -17.12 -14.88 -19.04
C ASP E 63 -16.95 -15.41 -20.45
N LYS E 64 -15.75 -15.87 -20.76
CA LYS E 64 -15.45 -16.39 -22.08
C LYS E 64 -16.27 -17.63 -22.40
N PHE E 65 -16.49 -18.50 -21.42
CA PHE E 65 -17.45 -19.58 -21.60
C PHE E 65 -18.85 -19.04 -21.84
N GLU E 66 -19.28 -18.06 -21.05
CA GLU E 66 -20.59 -17.46 -21.28
C GLU E 66 -20.63 -16.78 -22.65
N ASN E 67 -19.51 -16.17 -23.06
CA ASN E 67 -19.43 -15.55 -24.38
C ASN E 67 -19.64 -16.60 -25.47
N MET E 68 -18.92 -17.71 -25.41
CA MET E 68 -19.02 -18.71 -26.46
C MET E 68 -20.39 -19.40 -26.44
N GLY E 69 -20.95 -19.60 -25.25
CA GLY E 69 -22.31 -20.10 -25.17
C GLY E 69 -23.30 -19.19 -25.85
N ALA E 70 -23.15 -17.88 -25.65
CA ALA E 70 -23.97 -16.92 -26.39
C ALA E 70 -23.72 -17.04 -27.88
N GLN E 71 -22.48 -17.28 -28.28
CA GLN E 71 -22.15 -17.40 -29.70
C GLN E 71 -22.88 -18.58 -30.34
N MET E 72 -22.86 -19.75 -29.69
CA MET E 72 -23.57 -20.90 -30.25
C MET E 72 -25.08 -20.78 -30.15
N VAL E 73 -25.61 -20.07 -29.15
CA VAL E 73 -27.06 -19.93 -29.11
C VAL E 73 -27.55 -18.88 -30.10
N LYS E 74 -26.69 -17.95 -30.51
CA LYS E 74 -27.10 -16.95 -31.49
C LYS E 74 -27.38 -17.54 -32.86
N GLU E 75 -26.59 -18.54 -33.28
CA GLU E 75 -26.77 -19.09 -34.62
C GLU E 75 -28.07 -19.88 -34.77
N VAL E 76 -28.65 -20.38 -33.67
CA VAL E 76 -29.96 -21.03 -33.76
C VAL E 76 -31.01 -20.03 -34.19
N ALA E 77 -31.05 -18.86 -33.53
CA ALA E 77 -31.96 -17.80 -33.93
C ALA E 77 -31.61 -17.28 -35.32
N SER E 78 -30.32 -17.29 -35.66
CA SER E 78 -29.91 -16.89 -37.01
C SER E 78 -30.54 -17.81 -38.06
N LYS E 79 -30.46 -19.11 -37.83
CA LYS E 79 -31.07 -20.07 -38.76
C LYS E 79 -32.59 -19.92 -38.78
N ALA E 80 -33.20 -19.72 -37.61
CA ALA E 80 -34.66 -19.57 -37.55
C ALA E 80 -35.11 -18.36 -38.35
N ASN E 81 -34.38 -17.24 -38.24
CA ASN E 81 -34.67 -16.07 -39.06
C ASN E 81 -34.41 -16.35 -40.53
N ASP E 82 -33.32 -17.05 -40.83
CA ASP E 82 -32.99 -17.35 -42.22
C ASP E 82 -34.06 -18.21 -42.87
N ALA E 83 -34.80 -18.98 -42.08
CA ALA E 83 -35.88 -19.77 -42.62
C ALA E 83 -37.05 -18.90 -43.07
N ALA E 84 -37.66 -18.17 -42.14
CA ALA E 84 -38.77 -17.29 -42.46
C ALA E 84 -38.65 -15.91 -41.85
N GLY E 85 -38.16 -15.79 -40.61
CA GLY E 85 -38.09 -14.53 -39.93
C GLY E 85 -39.04 -14.36 -38.76
N ASP E 86 -39.78 -15.39 -38.38
CA ASP E 86 -40.66 -15.34 -37.23
C ASP E 86 -40.52 -16.65 -36.46
N GLY E 87 -41.27 -16.78 -35.37
CA GLY E 87 -41.16 -17.96 -34.54
C GLY E 87 -39.81 -18.13 -33.87
N THR E 88 -38.99 -17.08 -33.86
CA THR E 88 -37.67 -17.19 -33.25
C THR E 88 -37.77 -17.37 -31.75
N THR E 89 -38.70 -16.66 -31.10
CA THR E 89 -38.87 -16.82 -29.66
C THR E 89 -39.32 -18.23 -29.32
N THR E 90 -40.20 -18.80 -30.14
CA THR E 90 -40.59 -20.19 -29.96
C THR E 90 -39.40 -21.13 -30.14
N ALA E 91 -38.55 -20.82 -31.12
CA ALA E 91 -37.33 -21.61 -31.31
C ALA E 91 -36.44 -21.54 -30.08
N THR E 92 -36.31 -20.36 -29.47
CA THR E 92 -35.52 -20.23 -28.25
C THR E 92 -36.12 -21.01 -27.10
N VAL E 93 -37.45 -20.98 -26.97
CA VAL E 93 -38.12 -21.73 -25.91
C VAL E 93 -37.86 -23.22 -26.06
N LEU E 94 -38.04 -23.74 -27.27
CA LEU E 94 -37.76 -25.16 -27.50
C LEU E 94 -36.28 -25.47 -27.29
N ALA E 95 -35.40 -24.57 -27.71
CA ALA E 95 -33.98 -24.82 -27.55
C ALA E 95 -33.61 -24.94 -26.08
N GLN E 96 -34.06 -23.99 -25.26
CA GLN E 96 -33.75 -24.04 -23.83
C GLN E 96 -34.37 -25.27 -23.19
N ALA E 97 -35.63 -25.59 -23.53
CA ALA E 97 -36.26 -26.77 -22.94
C ALA E 97 -35.50 -28.03 -23.29
N ILE E 98 -35.19 -28.21 -24.58
CA ILE E 98 -34.54 -29.43 -25.03
C ILE E 98 -33.12 -29.54 -24.48
N ILE E 99 -32.36 -28.44 -24.50
CA ILE E 99 -31.00 -28.51 -23.99
C ILE E 99 -31.02 -28.79 -22.49
N THR E 100 -31.97 -28.21 -21.76
CA THR E 100 -32.07 -28.47 -20.34
C THR E 100 -32.40 -29.93 -20.08
N GLU E 101 -33.38 -30.48 -20.81
CA GLU E 101 -33.72 -31.88 -20.65
C GLU E 101 -32.52 -32.77 -20.95
N GLY E 102 -31.81 -32.48 -22.05
CA GLY E 102 -30.69 -33.30 -22.44
C GLY E 102 -29.52 -33.22 -21.49
N LEU E 103 -29.26 -32.03 -20.92
CA LEU E 103 -28.17 -31.92 -19.97
C LEU E 103 -28.52 -32.60 -18.66
N LYS E 104 -29.78 -32.54 -18.23
CA LYS E 104 -30.17 -33.36 -17.10
C LYS E 104 -30.04 -34.85 -17.41
N ALA E 105 -30.28 -35.23 -18.67
CA ALA E 105 -30.11 -36.63 -19.06
C ALA E 105 -28.64 -37.05 -18.98
N VAL E 106 -27.74 -36.24 -19.54
CA VAL E 106 -26.32 -36.56 -19.50
C VAL E 106 -25.71 -36.36 -18.12
N ALA E 107 -26.41 -35.68 -17.22
CA ALA E 107 -25.98 -35.64 -15.83
C ALA E 107 -26.00 -37.02 -15.20
N ALA E 108 -26.75 -37.97 -15.76
CA ALA E 108 -26.69 -39.35 -15.36
C ALA E 108 -25.58 -40.13 -16.05
N GLY E 109 -24.88 -39.51 -16.99
CA GLY E 109 -23.77 -40.15 -17.67
C GLY E 109 -24.19 -41.33 -18.52
N MET E 110 -25.33 -41.20 -19.18
CA MET E 110 -25.87 -42.25 -20.04
C MET E 110 -25.62 -41.89 -21.50
N ASN E 111 -25.72 -42.89 -22.37
CA ASN E 111 -25.21 -42.81 -23.74
C ASN E 111 -25.80 -41.62 -24.48
N PRO E 112 -25.03 -40.56 -24.75
CA PRO E 112 -25.60 -39.34 -25.34
C PRO E 112 -25.91 -39.48 -26.82
N MET E 113 -25.07 -40.19 -27.56
CA MET E 113 -25.27 -40.26 -29.01
C MET E 113 -26.44 -41.16 -29.39
N ASP E 114 -26.76 -42.17 -28.58
CA ASP E 114 -28.01 -42.90 -28.79
C ASP E 114 -29.21 -41.99 -28.55
N LEU E 115 -29.14 -41.17 -27.51
CA LEU E 115 -30.18 -40.16 -27.30
C LEU E 115 -30.31 -39.26 -28.52
N LYS E 116 -29.18 -38.82 -29.07
CA LYS E 116 -29.22 -37.94 -30.23
C LYS E 116 -29.82 -38.66 -31.44
N ARG E 117 -29.49 -39.94 -31.62
CA ARG E 117 -30.08 -40.71 -32.71
C ARG E 117 -31.60 -40.79 -32.56
N GLY E 118 -32.06 -41.17 -31.36
CA GLY E 118 -33.50 -41.23 -31.14
C GLY E 118 -34.17 -39.89 -31.35
N ILE E 119 -33.48 -38.81 -30.96
CA ILE E 119 -34.03 -37.46 -31.13
C ILE E 119 -34.13 -37.11 -32.61
N ASP E 120 -33.11 -37.48 -33.40
CA ASP E 120 -33.14 -37.20 -34.83
C ASP E 120 -34.27 -37.96 -35.51
N LYS E 121 -34.44 -39.23 -35.15
CA LYS E 121 -35.56 -39.98 -35.70
C LYS E 121 -36.89 -39.38 -35.28
N ALA E 122 -36.99 -38.92 -34.03
CA ALA E 122 -38.20 -38.26 -33.58
C ALA E 122 -38.46 -36.99 -34.38
N VAL E 123 -37.41 -36.24 -34.69
CA VAL E 123 -37.56 -35.01 -35.47
C VAL E 123 -38.04 -35.33 -36.88
N THR E 124 -37.46 -36.36 -37.50
CA THR E 124 -37.91 -36.77 -38.82
C THR E 124 -39.38 -37.15 -38.82
N ALA E 125 -39.76 -38.01 -37.87
CA ALA E 125 -41.16 -38.43 -37.78
C ALA E 125 -42.07 -37.25 -37.47
N ALA E 126 -41.58 -36.28 -36.69
CA ALA E 126 -42.37 -35.10 -36.38
C ALA E 126 -42.59 -34.25 -37.62
N VAL E 127 -41.57 -34.12 -38.46
CA VAL E 127 -41.75 -33.42 -39.72
C VAL E 127 -42.78 -34.14 -40.59
N GLU E 128 -42.71 -35.48 -40.62
CA GLU E 128 -43.69 -36.25 -41.38
C GLU E 128 -45.11 -35.98 -40.87
N GLU E 129 -45.29 -36.03 -39.55
CA GLU E 129 -46.61 -35.83 -38.97
C GLU E 129 -47.10 -34.40 -39.18
N LEU E 130 -46.20 -33.42 -39.07
CA LEU E 130 -46.58 -32.03 -39.32
C LEU E 130 -47.05 -31.85 -40.76
N LYS E 131 -46.38 -32.50 -41.70
CA LYS E 131 -46.87 -32.50 -43.08
C LYS E 131 -48.25 -33.14 -43.15
N ALA E 132 -48.43 -34.27 -42.47
CA ALA E 132 -49.72 -34.94 -42.47
C ALA E 132 -50.82 -34.09 -41.83
N LEU E 133 -50.45 -33.14 -40.98
CA LEU E 133 -51.42 -32.34 -40.24
C LEU E 133 -51.52 -30.90 -40.73
N SER E 134 -50.53 -30.42 -41.49
CA SER E 134 -50.59 -29.05 -41.98
C SER E 134 -51.79 -28.86 -42.90
N VAL E 135 -52.45 -27.72 -42.75
CA VAL E 135 -53.63 -27.42 -43.55
C VAL E 135 -53.45 -26.06 -44.20
N PRO E 136 -53.97 -25.85 -45.41
CA PRO E 136 -53.74 -24.59 -46.12
C PRO E 136 -54.53 -23.44 -45.50
N CYS E 137 -54.04 -22.23 -45.78
CA CYS E 137 -54.72 -20.99 -45.43
C CYS E 137 -54.88 -20.17 -46.70
N SER E 138 -56.07 -20.18 -47.28
CA SER E 138 -56.31 -19.61 -48.60
C SER E 138 -57.23 -18.42 -48.60
N ASP E 139 -58.26 -18.41 -47.74
CA ASP E 139 -59.19 -17.30 -47.70
C ASP E 139 -58.45 -16.00 -47.40
N SER E 140 -58.70 -14.98 -48.23
CA SER E 140 -58.06 -13.69 -48.04
C SER E 140 -58.42 -13.08 -46.70
N LYS E 141 -59.56 -13.45 -46.12
CA LYS E 141 -59.93 -12.92 -44.81
C LYS E 141 -59.03 -13.46 -43.70
N ALA E 142 -58.77 -14.77 -43.70
CA ALA E 142 -57.86 -15.31 -42.70
C ALA E 142 -56.43 -14.84 -42.94
N ILE E 143 -56.05 -14.64 -44.21
CA ILE E 143 -54.71 -14.14 -44.51
C ILE E 143 -54.57 -12.71 -44.04
N ALA E 144 -55.63 -11.91 -44.19
CA ALA E 144 -55.63 -10.55 -43.65
C ALA E 144 -55.57 -10.57 -42.13
N GLN E 145 -56.28 -11.52 -41.51
CA GLN E 145 -56.18 -11.69 -40.07
C GLN E 145 -54.75 -12.02 -39.66
N VAL E 146 -54.07 -12.87 -40.45
CA VAL E 146 -52.68 -13.22 -40.16
C VAL E 146 -51.78 -12.01 -40.28
N GLY E 147 -51.94 -11.23 -41.35
CA GLY E 147 -51.15 -10.01 -41.49
C GLY E 147 -51.41 -9.03 -40.38
N THR E 148 -52.65 -9.01 -39.88
CA THR E 148 -52.98 -8.18 -38.73
C THR E 148 -52.25 -8.66 -37.48
N ILE E 149 -52.36 -9.96 -37.19
CA ILE E 149 -51.89 -10.49 -35.91
C ILE E 149 -50.36 -10.47 -35.85
N SER E 150 -49.70 -10.89 -36.94
CA SER E 150 -48.24 -10.88 -36.96
C SER E 150 -47.68 -9.47 -36.86
N ALA E 151 -48.45 -8.46 -37.25
CA ALA E 151 -48.13 -7.07 -36.98
C ALA E 151 -48.59 -6.65 -35.59
N ASN E 152 -48.79 -7.60 -34.68
CA ASN E 152 -49.31 -7.37 -33.34
C ASN E 152 -50.65 -6.66 -33.40
N SER E 153 -51.61 -7.33 -34.04
CA SER E 153 -53.00 -6.87 -34.14
C SER E 153 -53.10 -5.47 -34.75
N ASP E 154 -52.71 -5.38 -36.02
CA ASP E 154 -52.88 -4.15 -36.80
C ASP E 154 -53.76 -4.48 -38.00
N GLU E 155 -55.05 -4.16 -37.88
CA GLU E 155 -56.01 -4.53 -38.92
C GLU E 155 -55.71 -3.80 -40.24
N THR E 156 -55.26 -2.55 -40.16
CA THR E 156 -54.89 -1.84 -41.39
C THR E 156 -53.77 -2.57 -42.11
N VAL E 157 -52.82 -3.15 -41.36
CA VAL E 157 -51.72 -3.87 -41.99
C VAL E 157 -52.24 -5.07 -42.76
N GLY E 158 -53.07 -5.90 -42.13
CA GLY E 158 -53.61 -7.06 -42.82
C GLY E 158 -54.47 -6.68 -43.99
N LYS E 159 -55.28 -5.62 -43.83
CA LYS E 159 -56.13 -5.15 -44.91
C LYS E 159 -55.30 -4.74 -46.12
N LEU E 160 -54.29 -3.90 -45.91
CA LEU E 160 -53.49 -3.43 -47.04
C LEU E 160 -52.66 -4.55 -47.63
N ILE E 161 -52.20 -5.50 -46.82
CA ILE E 161 -51.44 -6.63 -47.34
C ILE E 161 -52.33 -7.49 -48.24
N ALA E 162 -53.56 -7.75 -47.81
CA ALA E 162 -54.50 -8.50 -48.63
C ALA E 162 -54.82 -7.75 -49.92
N GLU E 163 -55.00 -6.44 -49.83
CA GLU E 163 -55.24 -5.65 -51.03
C GLU E 163 -54.07 -5.75 -51.99
N ALA E 164 -52.84 -5.63 -51.47
CA ALA E 164 -51.66 -5.69 -52.31
C ALA E 164 -51.53 -7.03 -53.00
N MET E 165 -51.74 -8.13 -52.26
CA MET E 165 -51.64 -9.44 -52.89
C MET E 165 -52.73 -9.63 -53.93
N ASP E 166 -53.95 -9.15 -53.65
CA ASP E 166 -55.03 -9.30 -54.60
C ASP E 166 -54.74 -8.56 -55.90
N LYS E 167 -54.29 -7.31 -55.79
CA LYS E 167 -54.00 -6.55 -57.00
C LYS E 167 -52.72 -7.04 -57.67
N VAL E 168 -51.88 -7.76 -56.94
CA VAL E 168 -50.64 -8.28 -57.48
C VAL E 168 -50.80 -9.71 -57.97
N GLY E 169 -51.32 -10.58 -57.13
CA GLY E 169 -51.44 -11.99 -57.47
C GLY E 169 -50.29 -12.81 -56.89
N LYS E 170 -50.28 -14.07 -57.28
CA LYS E 170 -49.30 -15.02 -56.75
C LYS E 170 -47.89 -14.70 -57.23
N GLU E 171 -47.73 -14.46 -58.53
CA GLU E 171 -46.42 -14.42 -59.15
C GLU E 171 -45.76 -13.05 -59.12
N GLY E 172 -46.41 -12.05 -58.51
CA GLY E 172 -45.85 -10.73 -58.45
C GLY E 172 -44.92 -10.52 -57.26
N VAL E 173 -44.43 -9.28 -57.13
CA VAL E 173 -43.50 -8.89 -56.08
C VAL E 173 -44.09 -7.72 -55.32
N ILE E 174 -44.16 -7.84 -54.00
CA ILE E 174 -44.68 -6.78 -53.13
C ILE E 174 -43.55 -6.31 -52.24
N THR E 175 -43.29 -5.00 -52.27
CA THR E 175 -42.21 -4.40 -51.50
C THR E 175 -42.73 -3.23 -50.67
N VAL E 176 -42.10 -3.02 -49.52
CA VAL E 176 -42.46 -1.95 -48.59
C VAL E 176 -41.24 -1.06 -48.39
N GLU E 177 -41.44 0.25 -48.50
CA GLU E 177 -40.38 1.22 -48.36
C GLU E 177 -40.87 2.39 -47.52
N ASP E 178 -40.00 3.37 -47.32
CA ASP E 178 -40.32 4.54 -46.53
C ASP E 178 -41.28 5.46 -47.26
N GLY E 179 -42.03 6.24 -46.49
CA GLY E 179 -42.87 7.28 -47.05
C GLY E 179 -42.72 8.58 -46.28
N THR E 180 -43.37 9.64 -46.77
CA THR E 180 -43.31 10.94 -46.11
C THR E 180 -44.63 11.34 -45.46
N GLY E 181 -45.74 10.80 -45.93
CA GLY E 181 -47.03 11.10 -45.35
C GLY E 181 -47.22 10.43 -44.01
N LEU E 182 -48.34 10.75 -43.37
CA LEU E 182 -48.66 10.22 -42.06
C LEU E 182 -49.40 8.88 -42.12
N GLN E 183 -49.80 8.44 -43.30
CA GLN E 183 -50.46 7.15 -43.47
C GLN E 183 -49.80 6.39 -44.61
N ASP E 184 -49.97 5.08 -44.59
CA ASP E 184 -49.39 4.20 -45.60
C ASP E 184 -50.11 4.36 -46.93
N GLU E 185 -49.37 4.17 -48.02
CA GLU E 185 -49.95 4.25 -49.35
C GLU E 185 -49.46 3.08 -50.20
N LEU E 186 -50.27 2.73 -51.20
CA LEU E 186 -50.00 1.59 -52.07
C LEU E 186 -50.09 1.99 -53.53
N ASP E 187 -49.13 1.51 -54.32
CA ASP E 187 -49.15 1.66 -55.78
C ASP E 187 -48.88 0.29 -56.39
N VAL E 188 -49.88 -0.24 -57.09
CA VAL E 188 -49.80 -1.58 -57.67
C VAL E 188 -49.84 -1.45 -59.19
N VAL E 189 -48.89 -2.12 -59.86
CA VAL E 189 -48.79 -2.08 -61.31
C VAL E 189 -48.47 -3.50 -61.79
N GLU E 190 -48.72 -3.75 -63.07
CA GLU E 190 -48.31 -5.00 -63.71
C GLU E 190 -46.83 -4.86 -64.07
N GLY E 191 -45.97 -5.49 -63.28
CA GLY E 191 -44.54 -5.26 -63.35
C GLY E 191 -43.78 -6.44 -63.93
N MET E 192 -42.46 -6.42 -63.73
CA MET E 192 -41.54 -7.37 -64.34
C MET E 192 -40.52 -7.82 -63.29
N GLN E 193 -39.91 -8.96 -63.55
CA GLN E 193 -38.84 -9.45 -62.69
C GLN E 193 -37.98 -10.45 -63.45
N PHE E 194 -36.68 -10.37 -63.24
CA PHE E 194 -35.78 -11.39 -63.76
C PHE E 194 -34.63 -11.60 -62.79
N ASP E 195 -34.10 -12.82 -62.79
CA ASP E 195 -33.12 -13.25 -61.78
C ASP E 195 -31.71 -12.86 -62.22
N ARG E 196 -31.35 -11.62 -61.92
CA ARG E 196 -29.99 -11.13 -62.08
C ARG E 196 -29.60 -10.29 -60.87
N GLY E 197 -28.33 -10.35 -60.51
CA GLY E 197 -27.81 -9.56 -59.42
C GLY E 197 -27.09 -8.33 -59.93
N TYR E 198 -26.97 -7.33 -59.05
CA TYR E 198 -26.21 -6.14 -59.40
C TYR E 198 -24.75 -6.50 -59.62
N LEU E 199 -24.15 -5.90 -60.64
CA LEU E 199 -22.76 -6.20 -60.99
C LEU E 199 -21.76 -5.46 -60.12
N SER E 200 -22.20 -4.58 -59.23
CA SER E 200 -21.30 -3.86 -58.35
C SER E 200 -21.98 -3.56 -57.03
N PRO E 201 -21.38 -3.94 -55.90
CA PRO E 201 -21.96 -3.57 -54.59
C PRO E 201 -21.97 -2.07 -54.35
N TYR E 202 -21.10 -1.32 -55.02
CA TYR E 202 -21.06 0.13 -54.83
C TYR E 202 -22.25 0.84 -55.47
N PHE E 203 -22.98 0.17 -56.37
CA PHE E 203 -24.22 0.72 -56.89
C PHE E 203 -25.32 0.74 -55.84
N ILE E 204 -25.15 0.04 -54.73
CA ILE E 204 -26.17 -0.02 -53.69
C ILE E 204 -26.34 1.35 -53.07
N ASN E 205 -27.46 1.99 -53.36
CA ASN E 205 -27.77 3.30 -52.80
C ASN E 205 -28.39 3.22 -51.41
N LYS E 206 -28.71 2.03 -50.94
CA LYS E 206 -29.28 1.81 -49.61
C LYS E 206 -28.42 0.78 -48.92
N PRO E 207 -27.24 1.18 -48.43
CA PRO E 207 -26.26 0.20 -47.92
C PRO E 207 -26.72 -0.60 -46.72
N GLU E 208 -27.71 -0.10 -45.97
CA GLU E 208 -28.18 -0.84 -44.80
C GLU E 208 -28.84 -2.15 -45.20
N THR E 209 -29.23 -2.28 -46.47
CA THR E 209 -29.88 -3.48 -46.97
C THR E 209 -29.10 -4.18 -48.07
N GLY E 210 -28.10 -3.53 -48.66
CA GLY E 210 -27.35 -4.12 -49.75
C GLY E 210 -28.15 -4.32 -51.02
N ALA E 211 -29.02 -3.36 -51.35
CA ALA E 211 -29.83 -3.44 -52.55
C ALA E 211 -29.93 -2.05 -53.18
N VAL E 212 -30.28 -2.02 -54.47
CA VAL E 212 -30.32 -0.79 -55.24
C VAL E 212 -31.76 -0.44 -55.55
N GLU E 213 -32.16 0.80 -55.23
CA GLU E 213 -33.47 1.33 -55.55
C GLU E 213 -33.30 2.54 -56.45
N LEU E 214 -34.11 2.63 -57.50
CA LEU E 214 -34.12 3.82 -58.35
C LEU E 214 -35.56 4.19 -58.70
N GLU E 215 -35.79 5.50 -58.80
CA GLU E 215 -37.12 6.06 -59.00
C GLU E 215 -37.13 6.80 -60.33
N SER E 216 -38.11 6.48 -61.18
CA SER E 216 -38.28 7.08 -62.50
C SER E 216 -36.98 7.08 -63.30
N PRO E 217 -36.37 5.93 -63.57
CA PRO E 217 -35.11 5.92 -64.32
C PRO E 217 -35.32 5.83 -65.82
N PHE E 218 -34.22 5.74 -66.58
CA PHE E 218 -34.24 5.38 -67.98
C PHE E 218 -33.77 3.95 -68.15
N ILE E 219 -34.19 3.33 -69.25
CA ILE E 219 -33.87 1.94 -69.54
C ILE E 219 -33.05 1.88 -70.83
N LEU E 220 -31.87 1.27 -70.74
CA LEU E 220 -30.98 1.07 -71.88
C LEU E 220 -30.70 -0.42 -71.97
N LEU E 221 -31.47 -1.13 -72.79
CA LEU E 221 -31.35 -2.58 -72.93
C LEU E 221 -30.27 -2.87 -73.96
N ALA E 222 -29.06 -3.16 -73.50
CA ALA E 222 -27.94 -3.44 -74.39
C ALA E 222 -27.90 -4.95 -74.63
N ASP E 223 -28.30 -5.37 -75.83
CA ASP E 223 -28.06 -6.73 -76.25
C ASP E 223 -26.63 -6.82 -76.78
N LYS E 224 -25.69 -6.34 -75.99
CA LYS E 224 -24.31 -6.20 -76.41
C LYS E 224 -23.43 -6.11 -75.17
N LYS E 225 -22.12 -6.26 -75.39
CA LYS E 225 -21.15 -6.19 -74.31
C LYS E 225 -20.63 -4.77 -74.19
N ILE E 226 -20.83 -4.16 -73.02
CA ILE E 226 -20.32 -2.82 -72.74
C ILE E 226 -19.12 -2.98 -71.82
N SER E 227 -17.93 -2.84 -72.39
CA SER E 227 -16.69 -3.00 -71.65
C SER E 227 -15.96 -1.69 -71.43
N ASN E 228 -16.01 -0.78 -72.40
CA ASN E 228 -15.39 0.53 -72.29
C ASN E 228 -16.44 1.59 -72.01
N ILE E 229 -16.11 2.49 -71.08
CA ILE E 229 -17.00 3.61 -70.79
C ILE E 229 -17.19 4.52 -71.99
N ARG E 230 -16.30 4.47 -72.98
CA ARG E 230 -16.45 5.31 -74.17
C ARG E 230 -17.78 5.08 -74.86
N GLU E 231 -18.35 3.88 -74.72
CA GLU E 231 -19.65 3.60 -75.31
C GLU E 231 -20.76 4.34 -74.59
N MET E 232 -20.44 5.02 -73.49
CA MET E 232 -21.45 5.38 -72.51
C MET E 232 -21.35 6.83 -72.05
N LEU E 233 -20.34 7.60 -72.50
CA LEU E 233 -20.25 9.01 -72.14
C LEU E 233 -21.46 9.85 -72.57
N PRO E 234 -21.96 9.77 -73.81
CA PRO E 234 -23.10 10.63 -74.17
C PRO E 234 -24.34 10.37 -73.33
N VAL E 235 -24.69 9.10 -73.12
CA VAL E 235 -25.85 8.79 -72.29
C VAL E 235 -25.60 9.22 -70.84
N LEU E 236 -24.35 9.12 -70.38
CA LEU E 236 -24.01 9.58 -69.04
C LEU E 236 -24.25 11.08 -68.89
N GLU E 237 -23.76 11.88 -69.85
CA GLU E 237 -23.98 13.31 -69.78
C GLU E 237 -25.45 13.67 -69.89
N ALA E 238 -26.18 12.97 -70.79
CA ALA E 238 -27.61 13.24 -70.93
C ALA E 238 -28.38 12.93 -69.66
N VAL E 239 -28.03 11.83 -68.99
CA VAL E 239 -28.70 11.47 -67.74
C VAL E 239 -28.34 12.45 -66.63
N ALA E 240 -27.08 12.91 -66.60
CA ALA E 240 -26.69 13.93 -65.64
C ALA E 240 -27.49 15.21 -65.86
N LYS E 241 -27.69 15.60 -67.12
CA LYS E 241 -28.47 16.80 -67.41
C LYS E 241 -29.93 16.61 -67.04
N ALA E 242 -30.52 15.46 -67.40
CA ALA E 242 -31.92 15.21 -67.11
C ALA E 242 -32.17 15.06 -65.62
N GLY E 243 -31.28 14.36 -64.92
CA GLY E 243 -31.42 14.12 -63.50
C GLY E 243 -32.17 12.85 -63.13
N LYS E 244 -32.89 12.24 -64.07
CA LYS E 244 -33.48 10.98 -63.66
C LYS E 244 -32.54 9.82 -64.00
N PRO E 245 -32.57 8.74 -63.22
CA PRO E 245 -31.51 7.73 -63.32
C PRO E 245 -31.52 7.00 -64.66
N LEU E 246 -30.46 6.20 -64.86
CA LEU E 246 -30.34 5.33 -66.02
C LEU E 246 -29.87 3.96 -65.57
N LEU E 247 -30.47 2.93 -66.15
CA LEU E 247 -30.14 1.54 -65.86
C LEU E 247 -29.95 0.81 -67.18
N ILE E 248 -28.87 0.04 -67.27
CA ILE E 248 -28.41 -0.54 -68.53
C ILE E 248 -28.37 -2.05 -68.38
N ILE E 249 -29.27 -2.73 -69.07
CA ILE E 249 -29.35 -4.19 -69.03
C ILE E 249 -28.48 -4.69 -70.18
N ALA E 250 -27.19 -4.82 -69.93
CA ALA E 250 -26.24 -5.24 -70.93
C ALA E 250 -25.97 -6.74 -70.79
N GLU E 251 -25.25 -7.30 -71.76
CA GLU E 251 -24.82 -8.68 -71.64
C GLU E 251 -23.89 -8.87 -70.45
N ASP E 252 -22.94 -7.95 -70.28
CA ASP E 252 -22.03 -7.91 -69.13
C ASP E 252 -21.26 -6.60 -69.21
N VAL E 253 -20.59 -6.26 -68.11
CA VAL E 253 -19.80 -5.04 -68.03
C VAL E 253 -18.43 -5.38 -67.48
N GLU E 254 -17.39 -4.87 -68.14
CA GLU E 254 -16.01 -5.17 -67.74
C GLU E 254 -15.55 -4.17 -66.68
N GLY E 255 -14.25 -4.21 -66.36
CA GLY E 255 -13.74 -3.45 -65.23
C GLY E 255 -13.80 -1.94 -65.41
N GLU E 256 -13.39 -1.45 -66.59
CA GLU E 256 -13.18 -0.01 -66.74
C GLU E 256 -14.49 0.78 -66.75
N ALA E 257 -15.46 0.33 -67.55
CA ALA E 257 -16.74 1.04 -67.62
C ALA E 257 -17.46 0.98 -66.28
N LEU E 258 -17.45 -0.18 -65.63
CA LEU E 258 -18.09 -0.32 -64.33
C LEU E 258 -17.40 0.56 -63.28
N ALA E 259 -16.07 0.61 -63.32
CA ALA E 259 -15.33 1.47 -62.40
C ALA E 259 -15.65 2.94 -62.62
N THR E 260 -15.75 3.35 -63.89
CA THR E 260 -16.13 4.73 -64.16
C THR E 260 -17.55 5.03 -63.65
N LEU E 261 -18.46 4.09 -63.84
CA LEU E 261 -19.83 4.29 -63.36
C LEU E 261 -19.87 4.41 -61.84
N VAL E 262 -19.13 3.57 -61.13
CA VAL E 262 -19.15 3.62 -59.67
C VAL E 262 -18.46 4.88 -59.17
N VAL E 263 -17.43 5.36 -59.88
CA VAL E 263 -16.79 6.62 -59.49
C VAL E 263 -17.75 7.79 -59.69
N ASN E 264 -18.43 7.83 -60.84
CA ASN E 264 -19.31 8.96 -61.12
C ASN E 264 -20.56 8.95 -60.26
N THR E 265 -21.06 7.79 -59.86
CA THR E 265 -22.23 7.74 -58.98
C THR E 265 -21.93 8.38 -57.63
N MET E 266 -20.74 8.12 -57.09
CA MET E 266 -20.40 8.67 -55.78
C MET E 266 -19.88 10.10 -55.86
N ARG E 267 -19.71 10.65 -57.07
CA ARG E 267 -19.35 12.05 -57.23
C ARG E 267 -20.55 12.95 -57.43
N GLY E 268 -21.77 12.40 -57.46
CA GLY E 268 -22.96 13.19 -57.66
C GLY E 268 -23.22 13.58 -59.10
N ILE E 269 -22.47 13.04 -60.05
CA ILE E 269 -22.65 13.41 -61.45
C ILE E 269 -23.87 12.70 -62.04
N VAL E 270 -23.90 11.38 -61.94
CA VAL E 270 -24.94 10.58 -62.57
C VAL E 270 -25.44 9.53 -61.59
N LYS E 271 -26.66 9.05 -61.85
CA LYS E 271 -27.17 7.82 -61.25
C LYS E 271 -27.37 6.83 -62.39
N VAL E 272 -26.29 6.14 -62.76
CA VAL E 272 -26.32 5.19 -63.87
C VAL E 272 -25.76 3.87 -63.38
N ALA E 273 -26.52 2.80 -63.58
CA ALA E 273 -26.11 1.45 -63.19
C ALA E 273 -26.21 0.52 -64.39
N ALA E 274 -25.54 -0.63 -64.28
CA ALA E 274 -25.52 -1.62 -65.33
C ALA E 274 -25.59 -3.02 -64.73
N VAL E 275 -26.42 -3.88 -65.32
CA VAL E 275 -26.60 -5.26 -64.90
C VAL E 275 -26.51 -6.16 -66.12
N LYS E 276 -26.46 -7.47 -65.86
CA LYS E 276 -26.35 -8.46 -66.92
C LYS E 276 -27.73 -8.82 -67.47
N ALA E 277 -27.80 -8.97 -68.79
CA ALA E 277 -29.06 -9.27 -69.44
C ALA E 277 -29.50 -10.70 -69.12
N PRO E 278 -30.72 -10.89 -68.62
CA PRO E 278 -31.16 -12.24 -68.26
C PRO E 278 -31.31 -13.13 -69.48
N GLY E 279 -31.07 -14.42 -69.28
CA GLY E 279 -31.24 -15.42 -70.32
C GLY E 279 -29.93 -15.81 -70.98
N PHE E 280 -30.01 -16.84 -71.81
CA PHE E 280 -28.85 -17.33 -72.56
C PHE E 280 -29.31 -17.70 -73.97
N GLY E 281 -29.00 -16.85 -74.94
CA GLY E 281 -29.39 -17.11 -76.31
C GLY E 281 -30.63 -16.36 -76.73
N ASP E 282 -31.54 -17.05 -77.42
CA ASP E 282 -32.78 -16.43 -77.87
C ASP E 282 -33.61 -15.92 -76.70
N ARG E 283 -33.57 -16.63 -75.58
CA ARG E 283 -34.31 -16.21 -74.40
C ARG E 283 -33.82 -14.86 -73.88
N ARG E 284 -32.52 -14.60 -73.98
CA ARG E 284 -31.98 -13.35 -73.47
C ARG E 284 -32.50 -12.16 -74.27
N LYS E 285 -32.39 -12.22 -75.59
CA LYS E 285 -32.94 -11.18 -76.43
C LYS E 285 -34.45 -11.10 -76.28
N ALA E 286 -35.09 -12.24 -76.01
CA ALA E 286 -36.54 -12.25 -75.80
C ALA E 286 -36.92 -11.42 -74.57
N MET E 287 -36.24 -11.64 -73.45
CA MET E 287 -36.46 -10.80 -72.28
C MET E 287 -36.14 -9.34 -72.58
N LEU E 288 -35.05 -9.11 -73.30
CA LEU E 288 -34.64 -7.72 -73.58
C LEU E 288 -35.71 -6.99 -74.38
N GLN E 289 -36.27 -7.64 -75.40
CA GLN E 289 -37.32 -7.00 -76.20
C GLN E 289 -38.64 -6.94 -75.46
N ASP E 290 -38.91 -7.89 -74.56
CA ASP E 290 -40.07 -7.76 -73.69
C ASP E 290 -39.98 -6.49 -72.86
N ILE E 291 -38.82 -6.25 -72.26
CA ILE E 291 -38.60 -5.03 -71.50
C ILE E 291 -38.72 -3.80 -72.40
N ALA E 292 -38.21 -3.91 -73.63
CA ALA E 292 -38.29 -2.80 -74.57
C ALA E 292 -39.74 -2.43 -74.85
N THR E 293 -40.59 -3.41 -75.16
CA THR E 293 -41.99 -3.12 -75.45
C THR E 293 -42.71 -2.61 -74.20
N LEU E 294 -42.33 -3.12 -73.02
CA LEU E 294 -43.09 -2.81 -71.81
C LEU E 294 -42.88 -1.37 -71.36
N THR E 295 -41.63 -0.89 -71.35
CA THR E 295 -41.32 0.40 -70.76
C THR E 295 -41.29 1.55 -71.78
N GLY E 296 -41.66 1.29 -73.03
CA GLY E 296 -41.48 2.30 -74.05
C GLY E 296 -40.02 2.55 -74.33
N GLY E 297 -39.21 1.50 -74.32
CA GLY E 297 -37.81 1.59 -74.65
C GLY E 297 -37.44 0.65 -75.77
N THR E 298 -36.15 0.46 -76.02
CA THR E 298 -35.68 -0.39 -77.11
C THR E 298 -34.40 -1.09 -76.68
N VAL E 299 -34.23 -2.33 -77.13
CA VAL E 299 -33.02 -3.08 -76.84
C VAL E 299 -31.93 -2.68 -77.83
N ILE E 300 -30.71 -2.54 -77.33
CA ILE E 300 -29.57 -2.06 -78.11
C ILE E 300 -28.71 -3.27 -78.49
N SER E 301 -28.58 -3.51 -79.79
CA SER E 301 -27.77 -4.60 -80.31
C SER E 301 -27.04 -4.14 -81.56
N GLU E 302 -26.05 -4.92 -81.98
CA GLU E 302 -25.27 -4.60 -83.17
C GLU E 302 -25.86 -5.21 -84.44
N GLU E 303 -26.94 -5.98 -84.34
CA GLU E 303 -27.53 -6.65 -85.48
C GLU E 303 -28.78 -5.96 -86.01
N ILE E 304 -29.11 -4.77 -85.51
CA ILE E 304 -30.28 -4.04 -85.97
C ILE E 304 -29.93 -2.74 -86.70
N GLY E 305 -28.71 -2.22 -86.52
CA GLY E 305 -28.30 -1.01 -87.19
C GLY E 305 -28.34 0.25 -86.35
N MET E 306 -28.73 0.16 -85.08
CA MET E 306 -28.75 1.30 -84.19
C MET E 306 -27.64 1.10 -83.17
N GLU E 307 -26.76 2.08 -83.05
CA GLU E 307 -25.53 1.95 -82.29
C GLU E 307 -25.70 2.53 -80.89
N LEU E 308 -25.07 1.88 -79.92
CA LEU E 308 -25.20 2.28 -78.52
C LEU E 308 -24.79 3.73 -78.32
N GLU E 309 -23.75 4.17 -79.03
CA GLU E 309 -23.26 5.54 -78.85
C GLU E 309 -24.29 6.56 -79.32
N LYS E 310 -25.03 6.25 -80.39
CA LYS E 310 -25.94 7.23 -80.97
C LYS E 310 -27.36 7.10 -80.45
N ALA E 311 -27.60 6.32 -79.40
CA ALA E 311 -28.92 6.24 -78.81
C ALA E 311 -29.29 7.56 -78.14
N THR E 312 -30.59 7.83 -78.07
CA THR E 312 -31.10 9.09 -77.54
C THR E 312 -32.00 8.83 -76.33
N LEU E 313 -32.63 9.90 -75.82
CA LEU E 313 -33.45 9.79 -74.62
C LEU E 313 -34.71 8.96 -74.86
N GLU E 314 -35.37 9.14 -76.01
CA GLU E 314 -36.55 8.33 -76.28
C GLU E 314 -36.19 6.87 -76.47
N ASP E 315 -34.99 6.59 -76.95
CA ASP E 315 -34.46 5.23 -76.94
C ASP E 315 -34.32 4.68 -75.54
N LEU E 316 -34.25 5.55 -74.53
CA LEU E 316 -34.23 5.14 -73.14
C LEU E 316 -35.67 5.04 -72.65
N GLY E 317 -36.11 3.82 -72.33
CA GLY E 317 -37.43 3.64 -71.79
C GLY E 317 -37.61 4.40 -70.49
N GLN E 318 -38.86 4.68 -70.17
CA GLN E 318 -39.18 5.43 -68.96
C GLN E 318 -40.05 4.56 -68.05
N ALA E 319 -39.76 4.64 -66.75
CA ALA E 319 -40.41 3.80 -65.77
C ALA E 319 -40.63 4.60 -64.49
N LYS E 320 -41.00 3.89 -63.43
CA LYS E 320 -41.29 4.48 -62.13
C LYS E 320 -40.39 3.99 -61.01
N ARG E 321 -40.20 2.68 -60.88
CA ARG E 321 -39.39 2.16 -59.79
C ARG E 321 -38.67 0.90 -60.24
N VAL E 322 -37.43 0.73 -59.75
CA VAL E 322 -36.66 -0.49 -60.00
C VAL E 322 -35.92 -0.86 -58.72
N VAL E 323 -35.91 -2.17 -58.42
CA VAL E 323 -35.20 -2.72 -57.27
C VAL E 323 -34.29 -3.83 -57.76
N ILE E 324 -33.05 -3.83 -57.27
CA ILE E 324 -32.06 -4.85 -57.62
C ILE E 324 -31.44 -5.40 -56.34
N ASN E 325 -31.31 -6.72 -56.27
CA ASN E 325 -30.62 -7.35 -55.15
C ASN E 325 -29.49 -8.25 -55.66
N LYS E 326 -28.93 -9.06 -54.77
CA LYS E 326 -27.79 -9.90 -55.15
C LYS E 326 -28.16 -10.91 -56.23
N ASP E 327 -29.45 -11.22 -56.39
CA ASP E 327 -29.88 -12.28 -57.27
C ASP E 327 -31.00 -11.92 -58.23
N THR E 328 -31.87 -10.98 -57.91
CA THR E 328 -33.05 -10.69 -58.70
C THR E 328 -33.25 -9.19 -58.87
N THR E 329 -33.98 -8.82 -59.93
CA THR E 329 -34.36 -7.45 -60.20
C THR E 329 -35.84 -7.40 -60.50
N THR E 330 -36.52 -6.41 -59.92
CA THR E 330 -37.95 -6.17 -60.13
C THR E 330 -38.15 -4.76 -60.69
N ILE E 331 -39.11 -4.65 -61.61
CA ILE E 331 -39.39 -3.43 -62.35
C ILE E 331 -40.86 -3.07 -62.15
N ILE E 332 -41.13 -1.80 -61.85
CA ILE E 332 -42.42 -1.32 -61.40
C ILE E 332 -42.81 -0.12 -62.25
N ASP E 333 -43.93 -0.25 -62.97
CA ASP E 333 -44.63 0.86 -63.63
C ASP E 333 -43.73 1.56 -64.66
N GLY E 334 -43.41 0.80 -65.72
CA GLY E 334 -42.74 1.37 -66.87
C GLY E 334 -43.74 1.94 -67.86
N VAL E 335 -43.59 3.23 -68.16
CA VAL E 335 -44.53 3.90 -69.05
C VAL E 335 -44.17 3.53 -70.49
N GLY E 336 -44.78 2.45 -70.96
CA GLY E 336 -44.60 2.04 -72.34
C GLY E 336 -45.95 1.87 -73.01
N GLU E 337 -46.02 2.24 -74.28
CA GLU E 337 -47.28 2.20 -74.99
C GLU E 337 -47.79 0.77 -75.06
N GLU E 338 -49.07 0.60 -74.73
CA GLU E 338 -49.65 -0.72 -74.61
C GLU E 338 -49.68 -1.48 -75.94
N ALA E 339 -49.59 -0.76 -77.07
CA ALA E 339 -49.60 -1.43 -78.36
C ALA E 339 -48.41 -2.38 -78.50
N ALA E 340 -47.21 -1.89 -78.17
CA ALA E 340 -46.04 -2.75 -78.24
C ALA E 340 -46.13 -3.90 -77.23
N ILE E 341 -46.69 -3.62 -76.06
CA ILE E 341 -46.79 -4.64 -75.02
C ILE E 341 -47.70 -5.78 -75.47
N GLN E 342 -48.87 -5.44 -76.00
CA GLN E 342 -49.79 -6.48 -76.45
C GLN E 342 -49.29 -7.15 -77.73
N GLY E 343 -48.59 -6.42 -78.60
CA GLY E 343 -47.91 -7.07 -79.70
C GLY E 343 -46.95 -8.12 -79.20
N ARG E 344 -46.17 -7.79 -78.17
CA ARG E 344 -45.22 -8.73 -77.61
C ARG E 344 -45.93 -9.94 -77.00
N VAL E 345 -47.00 -9.71 -76.23
CA VAL E 345 -47.67 -10.84 -75.59
C VAL E 345 -48.29 -11.75 -76.63
N ALA E 346 -48.88 -11.17 -77.69
CA ALA E 346 -49.47 -11.99 -78.74
C ALA E 346 -48.39 -12.74 -79.51
N GLN E 347 -47.25 -12.11 -79.77
CA GLN E 347 -46.16 -12.78 -80.46
C GLN E 347 -45.65 -13.96 -79.64
N ILE E 348 -45.47 -13.77 -78.33
CA ILE E 348 -44.99 -14.87 -77.50
C ILE E 348 -46.05 -15.95 -77.39
N ARG E 349 -47.33 -15.58 -77.36
CA ARG E 349 -48.38 -16.59 -77.29
C ARG E 349 -48.43 -17.42 -78.56
N GLN E 350 -48.29 -16.78 -79.72
CA GLN E 350 -48.21 -17.54 -80.96
C GLN E 350 -46.92 -18.35 -81.05
N GLN E 351 -45.84 -17.87 -80.42
CA GLN E 351 -44.63 -18.67 -80.33
C GLN E 351 -44.85 -19.90 -79.48
N ILE E 352 -45.65 -19.78 -78.42
CA ILE E 352 -46.12 -20.94 -77.68
C ILE E 352 -46.88 -21.87 -78.60
N GLU E 353 -47.77 -21.30 -79.41
CA GLU E 353 -48.48 -22.08 -80.43
C GLU E 353 -47.52 -22.78 -81.37
N GLU E 354 -46.32 -22.25 -81.50
CA GLU E 354 -45.30 -22.78 -82.41
C GLU E 354 -44.17 -23.44 -81.64
N ALA E 355 -44.45 -23.88 -80.41
CA ALA E 355 -43.46 -24.47 -79.52
C ALA E 355 -43.85 -25.92 -79.26
N THR E 356 -42.87 -26.83 -79.38
CA THR E 356 -43.12 -28.27 -79.25
C THR E 356 -42.72 -28.82 -77.89
N SER E 357 -41.47 -28.59 -77.49
CA SER E 357 -40.92 -29.23 -76.29
C SER E 357 -41.53 -28.64 -75.03
N ASP E 358 -41.13 -29.17 -73.89
CA ASP E 358 -41.63 -28.60 -72.65
C ASP E 358 -40.94 -27.30 -72.29
N TYR E 359 -39.63 -27.21 -72.56
CA TYR E 359 -38.84 -26.06 -72.15
C TYR E 359 -39.32 -24.79 -72.83
N ASP E 360 -39.57 -24.85 -74.14
CA ASP E 360 -39.94 -23.64 -74.86
C ASP E 360 -41.33 -23.15 -74.47
N ARG E 361 -42.30 -24.06 -74.29
CA ARG E 361 -43.60 -23.57 -73.81
C ARG E 361 -43.48 -22.97 -72.42
N GLU E 362 -42.73 -23.60 -71.51
CA GLU E 362 -42.67 -23.06 -70.16
C GLU E 362 -41.95 -21.70 -70.15
N LYS E 363 -40.87 -21.57 -70.92
CA LYS E 363 -40.18 -20.29 -70.99
C LYS E 363 -41.05 -19.21 -71.61
N LEU E 364 -41.76 -19.53 -72.70
CA LEU E 364 -42.58 -18.53 -73.35
C LEU E 364 -43.79 -18.14 -72.50
N GLN E 365 -44.35 -19.10 -71.75
CA GLN E 365 -45.41 -18.77 -70.81
C GLN E 365 -44.88 -17.89 -69.69
N GLU E 366 -43.64 -18.14 -69.25
CA GLU E 366 -43.01 -17.22 -68.31
C GLU E 366 -42.88 -15.83 -68.89
N ARG E 367 -42.50 -15.74 -70.17
CA ARG E 367 -42.43 -14.45 -70.85
C ARG E 367 -43.78 -13.74 -70.82
N VAL E 368 -44.84 -14.44 -71.21
CA VAL E 368 -46.18 -13.85 -71.26
C VAL E 368 -46.62 -13.41 -69.86
N ALA E 369 -46.43 -14.28 -68.87
CA ALA E 369 -46.88 -13.96 -67.52
C ALA E 369 -46.12 -12.78 -66.95
N LYS E 370 -44.80 -12.74 -67.14
CA LYS E 370 -44.01 -11.63 -66.61
C LYS E 370 -44.23 -10.35 -67.38
N LEU E 371 -44.68 -10.43 -68.64
CA LEU E 371 -45.12 -9.22 -69.32
C LEU E 371 -46.28 -8.57 -68.58
N ALA E 372 -47.17 -9.38 -68.01
CA ALA E 372 -48.09 -8.88 -67.01
C ALA E 372 -47.41 -8.80 -65.65
N GLY E 373 -46.96 -9.96 -65.14
CA GLY E 373 -46.22 -9.98 -63.89
C GLY E 373 -47.04 -9.42 -62.74
N GLY E 374 -46.37 -8.66 -61.88
CA GLY E 374 -47.04 -7.99 -60.78
C GLY E 374 -46.06 -7.34 -59.83
N VAL E 375 -46.35 -6.10 -59.45
CA VAL E 375 -45.51 -5.36 -58.51
C VAL E 375 -46.40 -4.47 -57.65
N ALA E 376 -46.03 -4.34 -56.39
CA ALA E 376 -46.70 -3.44 -55.46
C ALA E 376 -45.64 -2.71 -54.63
N VAL E 377 -45.84 -1.41 -54.44
CA VAL E 377 -44.97 -0.58 -53.62
C VAL E 377 -45.81 0.05 -52.53
N ILE E 378 -45.48 -0.26 -51.27
CA ILE E 378 -46.20 0.29 -50.12
C ILE E 378 -45.26 1.22 -49.38
N LYS E 379 -45.61 2.50 -49.33
CA LYS E 379 -44.81 3.51 -48.65
C LYS E 379 -45.40 3.71 -47.26
N VAL E 380 -44.54 3.60 -46.24
CA VAL E 380 -44.99 3.59 -44.85
C VAL E 380 -45.31 5.02 -44.41
N GLY E 381 -46.33 5.16 -43.58
CA GLY E 381 -46.70 6.45 -43.03
C GLY E 381 -46.37 6.58 -41.55
N ALA E 382 -45.42 7.44 -41.22
CA ALA E 382 -45.03 7.66 -39.82
C ALA E 382 -44.42 9.05 -39.70
N ALA E 383 -44.37 9.53 -38.46
CA ALA E 383 -43.86 10.87 -38.17
C ALA E 383 -42.40 10.87 -37.73
N THR E 384 -42.01 9.96 -36.84
CA THR E 384 -40.64 9.89 -36.36
C THR E 384 -39.99 8.58 -36.82
N GLU E 385 -38.73 8.41 -36.47
CA GLU E 385 -37.90 7.34 -37.01
C GLU E 385 -38.08 6.01 -36.27
N VAL E 386 -38.15 6.05 -34.94
CA VAL E 386 -38.27 4.82 -34.17
C VAL E 386 -39.62 4.14 -34.44
N GLU E 387 -40.69 4.93 -34.43
CA GLU E 387 -42.00 4.37 -34.74
C GLU E 387 -42.04 3.85 -36.17
N MET E 388 -41.41 4.55 -37.11
CA MET E 388 -41.41 4.12 -38.49
C MET E 388 -40.69 2.79 -38.65
N LYS E 389 -39.50 2.67 -38.05
CA LYS E 389 -38.77 1.40 -38.14
C LYS E 389 -39.52 0.28 -37.41
N GLU E 390 -40.20 0.62 -36.32
CA GLU E 390 -40.91 -0.41 -35.57
C GLU E 390 -42.09 -0.94 -36.38
N LYS E 391 -42.87 -0.04 -36.97
CA LYS E 391 -43.97 -0.50 -37.82
C LYS E 391 -43.44 -1.14 -39.09
N LYS E 392 -42.25 -0.77 -39.53
CA LYS E 392 -41.62 -1.44 -40.67
C LYS E 392 -41.30 -2.89 -40.31
N ALA E 393 -40.72 -3.11 -39.13
CA ALA E 393 -40.44 -4.47 -38.68
C ALA E 393 -41.73 -5.27 -38.50
N ARG E 394 -42.76 -4.62 -37.96
CA ARG E 394 -44.06 -5.28 -37.84
C ARG E 394 -44.61 -5.68 -39.20
N VAL E 395 -44.49 -4.77 -40.19
CA VAL E 395 -44.98 -5.05 -41.52
C VAL E 395 -44.21 -6.20 -42.15
N GLU E 396 -42.89 -6.23 -41.99
CA GLU E 396 -42.11 -7.32 -42.54
C GLU E 396 -42.47 -8.66 -41.89
N ASP E 397 -42.66 -8.65 -40.56
CA ASP E 397 -43.08 -9.88 -39.89
C ASP E 397 -44.44 -10.34 -40.38
N ALA E 398 -45.38 -9.40 -40.55
CA ALA E 398 -46.70 -9.75 -41.05
C ALA E 398 -46.61 -10.29 -42.47
N LEU E 399 -45.76 -9.70 -43.30
CA LEU E 399 -45.60 -10.18 -44.67
C LEU E 399 -45.01 -11.59 -44.68
N HIS E 400 -44.03 -11.84 -43.81
CA HIS E 400 -43.47 -13.19 -43.72
C HIS E 400 -44.52 -14.19 -43.28
N ALA E 401 -45.34 -13.81 -42.29
CA ALA E 401 -46.38 -14.72 -41.81
C ALA E 401 -47.41 -14.99 -42.89
N THR E 402 -47.82 -13.96 -43.64
CA THR E 402 -48.75 -14.16 -44.74
C THR E 402 -48.15 -15.06 -45.81
N ARG E 403 -46.86 -14.86 -46.12
CA ARG E 403 -46.18 -15.71 -47.08
C ARG E 403 -46.22 -17.17 -46.66
N ALA E 404 -45.89 -17.43 -45.39
CA ALA E 404 -45.90 -18.80 -44.89
C ALA E 404 -47.30 -19.38 -44.91
N ALA E 405 -48.29 -18.62 -44.44
CA ALA E 405 -49.65 -19.11 -44.37
C ALA E 405 -50.22 -19.37 -45.75
N VAL E 406 -49.75 -18.65 -46.76
CA VAL E 406 -50.23 -18.86 -48.12
C VAL E 406 -49.53 -20.06 -48.75
N GLU E 407 -48.19 -20.08 -48.71
CA GLU E 407 -47.45 -21.08 -49.46
C GLU E 407 -47.48 -22.45 -48.81
N GLU E 408 -47.48 -22.53 -47.48
CA GLU E 408 -47.46 -23.81 -46.80
C GLU E 408 -48.64 -23.94 -45.84
N GLY E 409 -49.63 -23.08 -45.95
CA GLY E 409 -50.77 -23.19 -45.07
C GLY E 409 -50.43 -22.84 -43.64
N VAL E 410 -51.29 -23.31 -42.74
CA VAL E 410 -51.17 -23.02 -41.32
C VAL E 410 -51.36 -24.30 -40.52
N VAL E 411 -51.04 -24.22 -39.24
CA VAL E 411 -51.35 -25.29 -38.29
C VAL E 411 -52.03 -24.64 -37.09
N ALA E 412 -52.35 -25.45 -36.08
CA ALA E 412 -53.06 -24.95 -34.92
C ALA E 412 -52.24 -23.89 -34.19
N GLY E 413 -52.90 -22.81 -33.79
CA GLY E 413 -52.21 -21.71 -33.13
C GLY E 413 -52.14 -21.91 -31.63
N GLY E 414 -51.05 -21.39 -31.04
CA GLY E 414 -50.87 -21.42 -29.61
C GLY E 414 -50.12 -22.62 -29.07
N GLY E 415 -49.80 -23.60 -29.90
CA GLY E 415 -49.13 -24.79 -29.46
C GLY E 415 -50.02 -25.94 -29.06
N VAL E 416 -51.34 -25.78 -29.19
CA VAL E 416 -52.28 -26.83 -28.78
C VAL E 416 -52.00 -28.14 -29.51
N ALA E 417 -51.78 -28.10 -30.82
CA ALA E 417 -51.44 -29.31 -31.55
C ALA E 417 -50.20 -29.97 -30.98
N LEU E 418 -49.23 -29.15 -30.54
CA LEU E 418 -48.09 -29.67 -29.79
C LEU E 418 -48.54 -30.72 -28.78
N ILE E 419 -49.43 -30.32 -27.87
CA ILE E 419 -49.90 -31.24 -26.85
C ILE E 419 -50.55 -32.45 -27.52
N ARG E 420 -51.41 -32.21 -28.51
CA ARG E 420 -52.00 -33.30 -29.26
C ARG E 420 -50.92 -34.23 -29.79
N VAL E 421 -49.89 -33.66 -30.41
CA VAL E 421 -48.80 -34.47 -30.93
C VAL E 421 -48.19 -35.31 -29.82
N ALA E 422 -47.93 -34.68 -28.67
CA ALA E 422 -47.35 -35.42 -27.55
C ALA E 422 -48.23 -36.58 -27.14
N SER E 423 -49.55 -36.39 -27.20
CA SER E 423 -50.47 -37.49 -26.89
C SER E 423 -50.33 -38.60 -27.92
N LYS E 424 -50.24 -38.25 -29.20
CA LYS E 424 -50.16 -39.27 -30.23
C LYS E 424 -48.76 -39.87 -30.31
N LEU E 425 -47.73 -39.07 -30.07
CA LEU E 425 -46.35 -39.46 -30.30
C LEU E 425 -45.69 -40.05 -29.05
N ALA E 426 -46.48 -40.34 -28.01
CA ALA E 426 -45.94 -41.00 -26.84
C ALA E 426 -45.55 -42.46 -27.10
N ASP E 427 -45.92 -43.00 -28.26
CA ASP E 427 -45.72 -44.40 -28.57
C ASP E 427 -44.36 -44.68 -29.20
N LEU E 428 -43.52 -43.66 -29.34
CA LEU E 428 -42.23 -43.84 -30.02
C LEU E 428 -41.25 -44.58 -29.12
N ARG E 429 -40.60 -45.59 -29.68
CA ARG E 429 -39.61 -46.39 -28.97
C ARG E 429 -38.30 -46.40 -29.74
N GLY E 430 -37.20 -46.43 -28.99
CA GLY E 430 -35.88 -46.55 -29.57
C GLY E 430 -35.34 -47.97 -29.44
N GLN E 431 -34.22 -48.19 -30.14
CA GLN E 431 -33.57 -49.50 -30.12
C GLN E 431 -33.18 -49.90 -28.70
N ASN E 432 -32.54 -48.99 -27.98
CA ASN E 432 -32.18 -49.21 -26.59
C ASN E 432 -33.02 -48.30 -25.71
N GLU E 433 -32.80 -48.42 -24.40
CA GLU E 433 -33.42 -47.48 -23.47
C GLU E 433 -32.93 -46.06 -23.73
N ASP E 434 -31.72 -45.92 -24.26
CA ASP E 434 -31.16 -44.60 -24.49
C ASP E 434 -31.96 -43.83 -25.54
N GLN E 435 -32.29 -44.49 -26.64
CA GLN E 435 -33.06 -43.83 -27.69
C GLN E 435 -34.50 -43.60 -27.25
N ASN E 436 -35.05 -44.51 -26.44
CA ASN E 436 -36.35 -44.27 -25.82
C ASN E 436 -36.32 -43.00 -24.99
N VAL E 437 -35.27 -42.84 -24.18
CA VAL E 437 -35.15 -41.66 -23.33
C VAL E 437 -34.99 -40.41 -24.17
N GLY E 438 -34.24 -40.50 -25.27
CA GLY E 438 -34.11 -39.36 -26.16
C GLY E 438 -35.45 -38.96 -26.76
N ILE E 439 -36.23 -39.94 -27.20
CA ILE E 439 -37.56 -39.68 -27.71
C ILE E 439 -38.40 -38.97 -26.65
N LYS E 440 -38.37 -39.50 -25.43
CA LYS E 440 -39.22 -38.95 -24.38
C LYS E 440 -38.74 -37.57 -23.94
N VAL E 441 -37.43 -37.34 -24.01
CA VAL E 441 -36.88 -36.00 -23.76
C VAL E 441 -37.41 -35.02 -24.78
N ALA E 442 -37.42 -35.41 -26.05
CA ALA E 442 -38.03 -34.57 -27.06
C ALA E 442 -39.49 -34.30 -26.74
N LEU E 443 -40.21 -35.36 -26.35
CA LEU E 443 -41.64 -35.24 -26.08
C LEU E 443 -41.92 -34.27 -24.94
N ARG E 444 -41.11 -34.34 -23.88
CA ARG E 444 -41.34 -33.46 -22.73
C ARG E 444 -40.91 -32.03 -23.05
N ALA E 445 -39.78 -31.87 -23.73
CA ALA E 445 -39.24 -30.53 -23.94
C ALA E 445 -40.02 -29.76 -25.00
N MET E 446 -40.73 -30.46 -25.88
CA MET E 446 -41.51 -29.77 -26.91
C MET E 446 -42.77 -29.11 -26.37
N GLU E 447 -43.11 -29.32 -25.10
CA GLU E 447 -44.32 -28.76 -24.51
C GLU E 447 -44.12 -27.38 -23.91
N ALA E 448 -42.88 -26.87 -23.88
CA ALA E 448 -42.62 -25.58 -23.25
C ALA E 448 -43.37 -24.41 -23.88
N PRO E 449 -43.41 -24.24 -25.22
CA PRO E 449 -43.87 -22.95 -25.77
C PRO E 449 -45.21 -22.49 -25.24
N LEU E 450 -46.17 -23.39 -25.09
CA LEU E 450 -47.42 -23.01 -24.46
C LEU E 450 -47.19 -22.56 -23.03
N ARG E 451 -46.28 -23.25 -22.33
CA ARG E 451 -46.00 -22.89 -20.95
C ARG E 451 -45.48 -21.45 -20.84
N GLN E 452 -44.48 -21.11 -21.64
CA GLN E 452 -43.96 -19.73 -21.56
C GLN E 452 -44.93 -18.71 -22.12
N ILE E 453 -45.77 -19.08 -23.11
CA ILE E 453 -46.80 -18.15 -23.54
C ILE E 453 -47.75 -17.83 -22.39
N VAL E 454 -48.18 -18.87 -21.68
CA VAL E 454 -49.04 -18.68 -20.51
C VAL E 454 -48.35 -17.85 -19.45
N LEU E 455 -47.06 -18.13 -19.22
CA LEU E 455 -46.32 -17.40 -18.19
C LEU E 455 -46.19 -15.92 -18.53
N ASN E 456 -45.95 -15.60 -19.80
CA ASN E 456 -45.98 -14.20 -20.21
C ASN E 456 -47.37 -13.62 -20.04
N CYS E 457 -48.41 -14.41 -20.31
CA CYS E 457 -49.75 -14.02 -19.93
C CYS E 457 -49.91 -13.91 -18.42
N GLY E 458 -49.01 -14.54 -17.66
CA GLY E 458 -48.94 -14.34 -16.22
C GLY E 458 -49.50 -15.44 -15.36
N GLU E 459 -50.26 -16.37 -15.93
CA GLU E 459 -50.92 -17.39 -15.13
C GLU E 459 -50.13 -18.70 -15.16
N GLU E 460 -50.62 -19.70 -14.45
CA GLU E 460 -49.89 -20.95 -14.26
C GLU E 460 -49.93 -21.78 -15.54
N PRO E 461 -48.78 -22.17 -16.10
CA PRO E 461 -48.79 -22.85 -17.39
C PRO E 461 -49.17 -24.32 -17.30
N SER E 462 -48.89 -24.97 -16.18
CA SER E 462 -49.21 -26.39 -16.04
C SER E 462 -50.71 -26.62 -16.11
N VAL E 463 -51.49 -25.74 -15.48
CA VAL E 463 -52.95 -25.87 -15.51
C VAL E 463 -53.47 -25.73 -16.94
N VAL E 464 -52.93 -24.77 -17.69
CA VAL E 464 -53.32 -24.60 -19.08
C VAL E 464 -52.96 -25.86 -19.88
N ALA E 465 -51.76 -26.39 -19.64
CA ALA E 465 -51.34 -27.61 -20.33
C ALA E 465 -52.32 -28.75 -20.07
N ASN E 466 -52.67 -28.96 -18.80
CA ASN E 466 -53.55 -30.08 -18.46
C ASN E 466 -54.96 -29.88 -18.99
N THR E 467 -55.48 -28.65 -18.90
CA THR E 467 -56.82 -28.39 -19.42
C THR E 467 -56.87 -28.58 -20.93
N VAL E 468 -55.84 -28.13 -21.64
CA VAL E 468 -55.81 -28.27 -23.09
C VAL E 468 -55.66 -29.74 -23.47
N LYS E 469 -54.75 -30.47 -22.81
CA LYS E 469 -54.58 -31.88 -23.11
C LYS E 469 -55.83 -32.68 -22.76
N GLY E 470 -56.63 -32.20 -21.81
CA GLY E 470 -57.93 -32.79 -21.60
C GLY E 470 -58.80 -32.72 -22.83
N GLY E 471 -58.74 -31.60 -23.55
CA GLY E 471 -59.41 -31.49 -24.83
C GLY E 471 -58.58 -32.03 -25.96
N ASP E 472 -59.12 -31.93 -27.16
CA ASP E 472 -58.50 -32.50 -28.33
C ASP E 472 -58.57 -31.53 -29.50
N GLY E 473 -57.60 -31.67 -30.41
CA GLY E 473 -57.62 -30.90 -31.64
C GLY E 473 -57.60 -29.40 -31.40
N ASN E 474 -58.53 -28.71 -32.05
CA ASN E 474 -58.59 -27.25 -32.02
C ASN E 474 -58.86 -26.71 -30.63
N TYR E 475 -59.35 -27.53 -29.71
CA TYR E 475 -59.53 -27.08 -28.34
C TYR E 475 -58.19 -26.71 -27.72
N GLY E 476 -57.96 -25.42 -27.56
CA GLY E 476 -56.82 -24.92 -26.83
C GLY E 476 -57.27 -23.80 -25.92
N TYR E 477 -56.33 -22.90 -25.62
CA TYR E 477 -56.61 -21.76 -24.78
C TYR E 477 -56.22 -20.48 -25.50
N ASN E 478 -57.21 -19.70 -25.91
CA ASN E 478 -56.98 -18.38 -26.48
C ASN E 478 -56.41 -17.48 -25.39
N ALA E 479 -55.15 -17.08 -25.56
CA ALA E 479 -54.52 -16.20 -24.58
C ALA E 479 -55.03 -14.77 -24.73
N ALA E 480 -55.39 -14.35 -25.94
CA ALA E 480 -56.00 -13.03 -26.11
C ALA E 480 -57.39 -13.00 -25.50
N THR E 481 -58.22 -13.99 -25.84
CA THR E 481 -59.53 -14.12 -25.20
C THR E 481 -59.41 -14.76 -23.82
N GLU E 482 -58.29 -15.41 -23.54
CA GLU E 482 -58.09 -16.14 -22.29
C GLU E 482 -59.22 -17.14 -22.07
N GLU E 483 -59.63 -17.81 -23.14
CA GLU E 483 -60.75 -18.74 -23.08
C GLU E 483 -60.40 -20.02 -23.81
N TYR E 484 -60.72 -21.15 -23.20
CA TYR E 484 -60.57 -22.42 -23.90
C TYR E 484 -61.61 -22.52 -25.01
N GLY E 485 -61.16 -23.01 -26.15
CA GLY E 485 -62.03 -23.13 -27.30
C GLY E 485 -61.23 -23.33 -28.57
N ASN E 486 -61.88 -23.00 -29.69
CA ASN E 486 -61.34 -23.28 -31.02
C ASN E 486 -60.27 -22.23 -31.36
N MET E 487 -59.02 -22.69 -31.48
CA MET E 487 -57.94 -21.78 -31.85
C MET E 487 -58.17 -21.17 -33.22
N ILE E 488 -58.45 -22.01 -34.22
CA ILE E 488 -58.59 -21.52 -35.58
C ILE E 488 -59.78 -20.59 -35.71
N ASP E 489 -60.92 -20.97 -35.13
CA ASP E 489 -62.10 -20.13 -35.22
C ASP E 489 -61.91 -18.80 -34.50
N MET E 490 -61.15 -18.80 -33.41
CA MET E 490 -60.77 -17.55 -32.77
C MET E 490 -59.60 -16.87 -33.47
N GLY E 491 -59.34 -17.22 -34.72
CA GLY E 491 -58.34 -16.55 -35.51
C GLY E 491 -56.91 -16.87 -35.15
N ILE E 492 -56.70 -17.87 -34.30
CA ILE E 492 -55.36 -18.19 -33.80
C ILE E 492 -54.74 -19.17 -34.77
N LEU E 493 -53.78 -18.69 -35.55
CA LEU E 493 -53.17 -19.46 -36.63
C LEU E 493 -51.65 -19.40 -36.51
N ASP E 494 -51.00 -20.51 -36.84
CA ASP E 494 -49.54 -20.57 -36.87
C ASP E 494 -49.08 -21.27 -38.15
N PRO E 495 -47.94 -20.85 -38.69
CA PRO E 495 -47.43 -21.45 -39.92
C PRO E 495 -46.87 -22.85 -39.66
N THR E 496 -46.70 -23.58 -40.75
CA THR E 496 -46.11 -24.92 -40.70
C THR E 496 -44.59 -24.88 -40.85
N LYS E 497 -44.12 -24.15 -41.86
CA LYS E 497 -42.70 -24.14 -42.18
C LYS E 497 -41.88 -23.51 -41.07
N VAL E 498 -42.39 -22.45 -40.44
CA VAL E 498 -41.66 -21.82 -39.34
C VAL E 498 -41.42 -22.81 -38.22
N THR E 499 -42.49 -23.49 -37.79
CA THR E 499 -42.38 -24.47 -36.73
C THR E 499 -41.44 -25.60 -37.11
N ARG E 500 -41.59 -26.13 -38.33
CA ARG E 500 -40.76 -27.27 -38.73
C ARG E 500 -39.28 -26.89 -38.80
N SER E 501 -38.98 -25.72 -39.37
CA SER E 501 -37.59 -25.30 -39.50
C SER E 501 -36.96 -25.01 -38.14
N ALA E 502 -37.69 -24.29 -37.28
CA ALA E 502 -37.18 -24.04 -35.94
C ALA E 502 -36.97 -25.36 -35.19
N LEU E 503 -37.91 -26.30 -35.34
CA LEU E 503 -37.75 -27.65 -34.85
C LEU E 503 -36.40 -28.22 -35.24
N GLN E 504 -36.14 -28.29 -36.54
CA GLN E 504 -34.93 -28.95 -37.00
C GLN E 504 -33.68 -28.24 -36.50
N TYR E 505 -33.67 -26.91 -36.57
CA TYR E 505 -32.49 -26.15 -36.14
C TYR E 505 -32.20 -26.38 -34.66
N ALA E 506 -33.20 -26.14 -33.81
CA ALA E 506 -32.99 -26.24 -32.38
C ALA E 506 -32.67 -27.67 -31.97
N ALA E 507 -33.34 -28.65 -32.58
CA ALA E 507 -33.09 -30.04 -32.25
C ALA E 507 -31.67 -30.47 -32.64
N SER E 508 -31.22 -30.08 -33.83
CA SER E 508 -29.87 -30.40 -34.23
C SER E 508 -28.85 -29.79 -33.28
N VAL E 509 -29.03 -28.50 -32.95
CA VAL E 509 -28.07 -27.85 -32.08
C VAL E 509 -28.06 -28.46 -30.69
N ALA E 510 -29.25 -28.75 -30.14
CA ALA E 510 -29.32 -29.35 -28.82
C ALA E 510 -28.70 -30.73 -28.80
N GLY E 511 -29.01 -31.57 -29.80
CA GLY E 511 -28.42 -32.89 -29.84
C GLY E 511 -26.91 -32.84 -29.97
N LEU E 512 -26.39 -31.88 -30.74
CA LEU E 512 -24.94 -31.70 -30.79
C LEU E 512 -24.38 -31.33 -29.43
N MET E 513 -25.07 -30.43 -28.72
CA MET E 513 -24.57 -30.01 -27.41
C MET E 513 -24.64 -31.15 -26.39
N ILE E 514 -25.56 -32.09 -26.60
CA ILE E 514 -25.77 -33.16 -25.61
C ILE E 514 -24.54 -34.04 -25.52
N THR E 515 -23.96 -34.40 -26.65
CA THR E 515 -22.80 -35.27 -26.66
C THR E 515 -21.50 -34.53 -26.37
N THR E 516 -21.57 -33.22 -26.11
CA THR E 516 -20.40 -32.39 -25.81
C THR E 516 -20.25 -32.27 -24.31
N GLU E 517 -19.01 -32.41 -23.82
CA GLU E 517 -18.76 -32.30 -22.38
C GLU E 517 -17.67 -31.30 -22.03
N CYS E 518 -16.58 -31.26 -22.80
CA CYS E 518 -15.37 -30.56 -22.38
C CYS E 518 -15.11 -29.36 -23.28
N MET E 519 -14.44 -28.35 -22.72
CA MET E 519 -14.26 -27.08 -23.42
C MET E 519 -12.96 -26.44 -22.97
N VAL E 520 -12.51 -25.47 -23.78
CA VAL E 520 -11.29 -24.71 -23.52
C VAL E 520 -11.56 -23.26 -23.91
N THR E 521 -10.96 -22.33 -23.19
CA THR E 521 -11.05 -20.92 -23.51
C THR E 521 -9.70 -20.25 -23.27
N ASP E 522 -9.68 -18.94 -23.40
CA ASP E 522 -8.51 -18.14 -23.07
C ASP E 522 -8.56 -17.67 -21.62
N LEU E 523 -7.39 -17.34 -21.08
CA LEU E 523 -7.32 -16.77 -19.74
C LEU E 523 -7.43 -15.25 -19.83
N PRO E 524 -8.45 -14.64 -19.21
CA PRO E 524 -8.67 -13.19 -19.24
C PRO E 524 -7.47 -12.38 -18.73
N ALA F 1 17.85 -15.58 -23.41
CA ALA F 1 17.14 -14.64 -22.56
C ALA F 1 17.31 -14.98 -21.09
N ALA F 2 16.38 -14.53 -20.27
CA ALA F 2 16.41 -14.90 -18.86
C ALA F 2 16.22 -16.40 -18.71
N LYS F 3 17.28 -17.10 -18.35
CA LYS F 3 17.32 -18.55 -18.42
C LYS F 3 16.84 -19.19 -17.13
N ASP F 4 16.14 -20.31 -17.30
CA ASP F 4 15.73 -21.22 -16.25
C ASP F 4 16.24 -22.59 -16.61
N VAL F 5 17.29 -23.04 -15.91
CA VAL F 5 17.93 -24.31 -16.19
C VAL F 5 17.35 -25.34 -15.23
N LYS F 6 16.53 -26.25 -15.76
CA LYS F 6 15.86 -27.25 -14.94
C LYS F 6 16.43 -28.62 -15.27
N PHE F 7 16.94 -29.30 -14.25
CA PHE F 7 17.73 -30.50 -14.42
C PHE F 7 16.92 -31.74 -14.07
N GLY F 8 17.07 -32.78 -14.88
CA GLY F 8 16.69 -34.12 -14.47
C GLY F 8 15.23 -34.25 -14.13
N ASN F 9 14.98 -34.62 -12.86
CA ASN F 9 13.65 -35.07 -12.44
C ASN F 9 12.61 -33.97 -12.56
N ASP F 10 12.99 -32.72 -12.28
CA ASP F 10 12.03 -31.63 -12.40
C ASP F 10 11.60 -31.43 -13.84
N ALA F 11 12.56 -31.45 -14.76
CA ALA F 11 12.21 -31.36 -16.18
C ALA F 11 11.33 -32.53 -16.59
N ARG F 12 11.67 -33.73 -16.13
CA ARG F 12 10.88 -34.92 -16.48
C ARG F 12 9.45 -34.80 -15.95
N VAL F 13 9.29 -34.33 -14.71
CA VAL F 13 7.96 -34.27 -14.12
C VAL F 13 7.13 -33.19 -14.79
N LYS F 14 7.75 -32.09 -15.21
CA LYS F 14 7.02 -31.11 -16.01
C LYS F 14 6.57 -31.69 -17.34
N MET F 15 7.46 -32.43 -18.00
CA MET F 15 7.08 -33.04 -19.28
C MET F 15 5.92 -34.01 -19.09
N LEU F 16 6.00 -34.85 -18.06
CA LEU F 16 4.97 -35.84 -17.82
C LEU F 16 3.66 -35.19 -17.42
N ARG F 17 3.73 -34.11 -16.63
CA ARG F 17 2.51 -33.39 -16.29
C ARG F 17 1.84 -32.83 -17.53
N GLY F 18 2.63 -32.26 -18.44
CA GLY F 18 2.06 -31.77 -19.68
C GLY F 18 1.40 -32.87 -20.49
N VAL F 19 2.10 -34.00 -20.66
CA VAL F 19 1.55 -35.07 -21.48
C VAL F 19 0.32 -35.67 -20.81
N ASN F 20 0.29 -35.71 -19.48
CA ASN F 20 -0.88 -36.25 -18.78
C ASN F 20 -2.06 -35.31 -18.89
N VAL F 21 -1.84 -33.99 -18.80
CA VAL F 21 -2.93 -33.04 -19.00
C VAL F 21 -3.50 -33.19 -20.40
N LEU F 22 -2.62 -33.31 -21.40
CA LEU F 22 -3.09 -33.52 -22.76
C LEU F 22 -3.88 -34.82 -22.89
N ALA F 23 -3.39 -35.89 -22.23
CA ALA F 23 -4.09 -37.16 -22.28
C ALA F 23 -5.46 -37.05 -21.63
N ASP F 24 -5.57 -36.31 -20.52
CA ASP F 24 -6.87 -36.08 -19.90
C ASP F 24 -7.80 -35.36 -20.87
N ALA F 25 -7.27 -34.38 -21.59
CA ALA F 25 -8.08 -33.67 -22.57
C ALA F 25 -8.55 -34.60 -23.69
N VAL F 26 -7.67 -35.51 -24.13
CA VAL F 26 -7.88 -36.19 -25.40
C VAL F 26 -8.58 -37.53 -25.24
N LYS F 27 -8.22 -38.32 -24.23
CA LYS F 27 -8.59 -39.73 -24.18
C LYS F 27 -10.09 -39.94 -24.21
N VAL F 28 -10.88 -38.94 -23.83
CA VAL F 28 -12.34 -39.06 -23.83
C VAL F 28 -12.86 -39.23 -25.25
N THR F 29 -11.95 -39.19 -26.22
CA THR F 29 -12.29 -39.24 -27.64
C THR F 29 -11.82 -40.53 -28.31
N LEU F 30 -11.84 -41.64 -27.59
CA LEU F 30 -11.28 -42.90 -28.07
C LEU F 30 -12.31 -44.01 -28.02
N GLY F 31 -12.42 -44.76 -29.11
CA GLY F 31 -13.27 -45.92 -29.16
C GLY F 31 -14.70 -45.58 -29.54
N PRO F 32 -15.55 -46.60 -29.63
CA PRO F 32 -16.96 -46.35 -29.94
C PRO F 32 -17.63 -45.47 -28.90
N LYS F 33 -17.21 -45.56 -27.65
CA LYS F 33 -17.71 -44.69 -26.60
C LYS F 33 -16.81 -43.49 -26.35
N GLY F 34 -15.82 -43.28 -27.22
CA GLY F 34 -15.14 -42.01 -27.23
C GLY F 34 -16.11 -40.87 -27.50
N ARG F 35 -15.92 -39.77 -26.78
CA ARG F 35 -16.91 -38.71 -26.72
C ARG F 35 -16.28 -37.43 -27.26
N ASN F 36 -17.04 -36.33 -27.18
CA ASN F 36 -16.73 -35.14 -27.96
C ASN F 36 -15.81 -34.18 -27.21
N VAL F 37 -15.01 -33.44 -27.99
CA VAL F 37 -14.24 -32.31 -27.48
C VAL F 37 -14.39 -31.16 -28.47
N VAL F 38 -14.71 -29.97 -27.97
CA VAL F 38 -15.04 -28.84 -28.83
C VAL F 38 -13.92 -27.81 -28.71
N LEU F 39 -13.32 -27.47 -29.85
CA LEU F 39 -12.20 -26.53 -29.92
C LEU F 39 -12.71 -25.14 -30.25
N ASP F 40 -12.32 -24.16 -29.44
CA ASP F 40 -12.74 -22.79 -29.66
C ASP F 40 -11.83 -22.08 -30.65
N LYS F 41 -12.43 -21.21 -31.47
CA LYS F 41 -11.70 -20.33 -32.35
C LYS F 41 -12.09 -18.88 -32.06
N SER F 42 -11.09 -18.00 -32.06
CA SER F 42 -11.32 -16.61 -31.66
C SER F 42 -12.31 -15.92 -32.59
N PHE F 43 -12.36 -16.31 -33.86
CA PHE F 43 -13.28 -15.73 -34.83
C PHE F 43 -14.26 -16.83 -35.24
N GLY F 44 -15.37 -16.89 -34.53
CA GLY F 44 -16.42 -17.87 -34.77
C GLY F 44 -16.66 -18.72 -33.54
N ALA F 45 -17.60 -19.64 -33.68
CA ALA F 45 -17.98 -20.50 -32.57
C ALA F 45 -17.06 -21.72 -32.49
N PRO F 46 -16.87 -22.26 -31.29
CA PRO F 46 -16.16 -23.53 -31.15
C PRO F 46 -16.83 -24.64 -31.94
N THR F 47 -15.99 -25.52 -32.49
CA THR F 47 -16.42 -26.63 -33.34
C THR F 47 -16.08 -27.96 -32.69
N ILE F 48 -16.99 -28.92 -32.80
CA ILE F 48 -16.87 -30.20 -32.13
C ILE F 48 -15.97 -31.11 -32.96
N THR F 49 -15.22 -31.98 -32.28
CA THR F 49 -14.30 -32.90 -32.95
C THR F 49 -13.96 -34.05 -32.01
N LYS F 50 -13.39 -35.11 -32.61
CA LYS F 50 -12.96 -36.30 -31.89
C LYS F 50 -11.56 -36.76 -32.25
N ASP F 51 -11.06 -36.48 -33.46
CA ASP F 51 -9.75 -36.96 -33.87
C ASP F 51 -8.64 -36.32 -33.04
N GLY F 52 -7.54 -37.05 -32.89
CA GLY F 52 -6.47 -36.59 -32.02
C GLY F 52 -5.77 -35.36 -32.54
N VAL F 53 -5.49 -35.30 -33.85
CA VAL F 53 -4.65 -34.23 -34.39
C VAL F 53 -5.35 -32.88 -34.27
N SER F 54 -6.67 -32.86 -34.46
CA SER F 54 -7.41 -31.60 -34.42
C SER F 54 -7.20 -30.89 -33.09
N VAL F 55 -7.32 -31.62 -31.98
CA VAL F 55 -7.04 -31.05 -30.68
C VAL F 55 -5.55 -30.83 -30.50
N ALA F 56 -4.74 -31.77 -30.98
CA ALA F 56 -3.31 -31.76 -30.69
C ALA F 56 -2.63 -30.51 -31.23
N ARG F 57 -2.99 -30.09 -32.43
CA ARG F 57 -2.38 -28.91 -33.02
C ARG F 57 -2.69 -27.64 -32.25
N GLU F 58 -3.74 -27.64 -31.44
CA GLU F 58 -4.20 -26.45 -30.74
C GLU F 58 -3.80 -26.43 -29.27
N ILE F 59 -2.88 -27.29 -28.85
CA ILE F 59 -2.54 -27.42 -27.44
C ILE F 59 -1.55 -26.33 -27.05
N GLU F 60 -1.85 -25.65 -25.94
CA GLU F 60 -0.97 -24.65 -25.37
C GLU F 60 -1.09 -24.67 -23.85
N LEU F 61 0.01 -24.45 -23.16
CA LEU F 61 0.05 -24.43 -21.71
C LEU F 61 0.76 -23.15 -21.24
N GLU F 62 0.66 -22.88 -19.94
CA GLU F 62 1.24 -21.65 -19.41
C GLU F 62 2.71 -21.85 -19.03
N ASP F 63 3.01 -22.93 -18.32
CA ASP F 63 4.40 -23.21 -17.96
C ASP F 63 5.21 -23.51 -19.21
N LYS F 64 6.40 -22.91 -19.27
CA LYS F 64 7.24 -23.02 -20.45
C LYS F 64 7.71 -24.46 -20.67
N PHE F 65 8.08 -25.16 -19.61
CA PHE F 65 8.35 -26.59 -19.75
C PHE F 65 7.10 -27.34 -20.19
N GLU F 66 5.95 -27.03 -19.60
CA GLU F 66 4.70 -27.57 -20.10
C GLU F 66 4.47 -27.17 -21.56
N ASN F 67 4.91 -25.96 -21.93
CA ASN F 67 4.75 -25.51 -23.31
C ASN F 67 5.53 -26.39 -24.27
N MET F 68 6.82 -26.61 -24.01
CA MET F 68 7.59 -27.44 -24.92
C MET F 68 7.14 -28.90 -24.86
N GLY F 69 6.66 -29.35 -23.69
CA GLY F 69 6.13 -30.70 -23.62
C GLY F 69 4.93 -30.89 -24.53
N ALA F 70 3.99 -29.93 -24.49
CA ALA F 70 2.85 -29.99 -25.39
C ALA F 70 3.27 -29.88 -26.84
N GLN F 71 4.22 -29.00 -27.14
CA GLN F 71 4.67 -28.85 -28.52
C GLN F 71 5.31 -30.12 -29.05
N MET F 72 6.12 -30.80 -28.21
CA MET F 72 6.84 -31.97 -28.68
C MET F 72 6.00 -33.24 -28.60
N VAL F 73 4.86 -33.19 -27.91
CA VAL F 73 3.91 -34.30 -28.05
C VAL F 73 2.96 -34.04 -29.22
N LYS F 74 2.83 -32.79 -29.66
CA LYS F 74 2.02 -32.49 -30.84
C LYS F 74 2.61 -33.11 -32.10
N GLU F 75 3.94 -33.14 -32.23
CA GLU F 75 4.56 -33.63 -33.44
C GLU F 75 4.36 -35.14 -33.65
N VAL F 76 4.15 -35.91 -32.58
CA VAL F 76 3.84 -37.33 -32.75
C VAL F 76 2.52 -37.49 -33.48
N ALA F 77 1.49 -36.74 -33.05
CA ALA F 77 0.21 -36.77 -33.73
C ALA F 77 0.34 -36.19 -35.14
N SER F 78 1.21 -35.20 -35.30
CA SER F 78 1.45 -34.65 -36.64
C SER F 78 1.99 -35.72 -37.58
N LYS F 79 2.96 -36.50 -37.12
CA LYS F 79 3.50 -37.58 -37.93
C LYS F 79 2.45 -38.66 -38.18
N ALA F 80 1.68 -39.01 -37.16
CA ALA F 80 0.65 -40.03 -37.32
C ALA F 80 -0.38 -39.61 -38.36
N ASN F 81 -0.79 -38.34 -38.34
CA ASN F 81 -1.67 -37.82 -39.39
C ASN F 81 -0.98 -37.82 -40.74
N ASP F 82 0.29 -37.43 -40.78
CA ASP F 82 1.03 -37.40 -42.04
C ASP F 82 1.13 -38.78 -42.66
N ALA F 83 1.07 -39.83 -41.84
CA ALA F 83 1.10 -41.18 -42.37
C ALA F 83 -0.19 -41.52 -43.11
N ALA F 84 -1.32 -41.50 -42.40
CA ALA F 84 -2.61 -41.80 -43.01
C ALA F 84 -3.71 -40.81 -42.65
N GLY F 85 -3.75 -40.34 -41.41
CA GLY F 85 -4.80 -39.46 -40.95
C GLY F 85 -5.77 -40.04 -39.96
N ASP F 86 -5.55 -41.28 -39.49
CA ASP F 86 -6.40 -41.88 -38.47
C ASP F 86 -5.49 -42.60 -37.47
N GLY F 87 -6.10 -43.24 -36.48
CA GLY F 87 -5.34 -43.89 -35.44
C GLY F 87 -4.50 -42.97 -34.60
N THR F 88 -4.77 -41.65 -34.67
CA THR F 88 -3.97 -40.71 -33.90
C THR F 88 -4.20 -40.88 -32.41
N THR F 89 -5.46 -41.11 -32.00
CA THR F 89 -5.74 -41.30 -30.58
C THR F 89 -5.04 -42.54 -30.05
N THR F 90 -5.01 -43.61 -30.85
CA THR F 90 -4.26 -44.80 -30.47
C THR F 90 -2.78 -44.50 -30.35
N ALA F 91 -2.24 -43.69 -31.28
CA ALA F 91 -0.85 -43.28 -31.20
C ALA F 91 -0.58 -42.53 -29.90
N THR F 92 -1.50 -41.64 -29.50
CA THR F 92 -1.35 -40.91 -28.25
C THR F 92 -1.39 -41.85 -27.05
N VAL F 93 -2.30 -42.83 -27.07
CA VAL F 93 -2.38 -43.79 -25.98
C VAL F 93 -1.08 -44.55 -25.83
N LEU F 94 -0.55 -45.07 -26.94
CA LEU F 94 0.73 -45.77 -26.87
C LEU F 94 1.85 -44.84 -26.45
N ALA F 95 1.83 -43.59 -26.93
CA ALA F 95 2.89 -42.65 -26.57
C ALA F 95 2.91 -42.39 -25.07
N GLN F 96 1.75 -42.11 -24.49
CA GLN F 96 1.69 -41.86 -23.06
C GLN F 96 2.09 -43.11 -22.27
N ALA F 97 1.60 -44.28 -22.69
CA ALA F 97 1.95 -45.51 -21.98
C ALA F 97 3.45 -45.75 -22.01
N ILE F 98 4.05 -45.66 -23.20
CA ILE F 98 5.47 -45.97 -23.35
C ILE F 98 6.32 -44.94 -22.64
N ILE F 99 5.99 -43.65 -22.77
CA ILE F 99 6.79 -42.63 -22.10
C ILE F 99 6.68 -42.78 -20.60
N THR F 100 5.49 -43.13 -20.09
CA THR F 100 5.34 -43.32 -18.66
C THR F 100 6.17 -44.51 -18.17
N GLU F 101 6.11 -45.63 -18.90
CA GLU F 101 6.92 -46.78 -18.53
C GLU F 101 8.41 -46.43 -18.55
N GLY F 102 8.85 -45.73 -19.59
CA GLY F 102 10.25 -45.41 -19.71
C GLY F 102 10.73 -44.41 -18.68
N LEU F 103 9.89 -43.46 -18.30
CA LEU F 103 10.31 -42.50 -17.28
C LEU F 103 10.33 -43.17 -15.90
N LYS F 104 9.40 -44.09 -15.64
CA LYS F 104 9.55 -44.89 -14.42
C LYS F 104 10.81 -45.73 -14.46
N ALA F 105 11.21 -46.20 -15.65
CA ALA F 105 12.45 -46.96 -15.77
C ALA F 105 13.66 -46.09 -15.46
N VAL F 106 13.73 -44.90 -16.05
CA VAL F 106 14.86 -44.00 -15.81
C VAL F 106 14.82 -43.38 -14.43
N ALA F 107 13.68 -43.45 -13.74
CA ALA F 107 13.64 -43.06 -12.33
C ALA F 107 14.52 -43.96 -11.48
N ALA F 108 14.87 -45.14 -11.96
CA ALA F 108 15.81 -46.03 -11.29
C ALA F 108 17.26 -45.72 -11.67
N GLY F 109 17.49 -44.77 -12.56
CA GLY F 109 18.84 -44.41 -12.97
C GLY F 109 19.54 -45.51 -13.72
N MET F 110 18.80 -46.24 -14.54
CA MET F 110 19.33 -47.37 -15.30
C MET F 110 19.51 -46.96 -16.76
N ASN F 111 20.34 -47.74 -17.46
CA ASN F 111 20.93 -47.31 -18.73
C ASN F 111 19.86 -47.02 -19.76
N PRO F 112 19.64 -45.75 -20.13
CA PRO F 112 18.52 -45.41 -21.01
C PRO F 112 18.75 -45.79 -22.47
N MET F 113 19.98 -45.62 -22.96
CA MET F 113 20.24 -45.89 -24.38
C MET F 113 20.21 -47.38 -24.69
N ASP F 114 20.59 -48.24 -23.76
CA ASP F 114 20.37 -49.67 -23.96
C ASP F 114 18.87 -49.99 -24.05
N LEU F 115 18.07 -49.35 -23.19
CA LEU F 115 16.63 -49.49 -23.31
C LEU F 115 16.15 -49.05 -24.67
N LYS F 116 16.66 -47.92 -25.16
CA LYS F 116 16.24 -47.42 -26.46
C LYS F 116 16.65 -48.37 -27.59
N ARG F 117 17.84 -48.95 -27.49
CA ARG F 117 18.26 -49.95 -28.46
C ARG F 117 17.33 -51.15 -28.47
N GLY F 118 17.05 -51.70 -27.28
CA GLY F 118 16.13 -52.84 -27.21
C GLY F 118 14.76 -52.49 -27.75
N ILE F 119 14.31 -51.25 -27.49
CA ILE F 119 13.00 -50.81 -27.96
C ILE F 119 12.99 -50.72 -29.48
N ASP F 120 14.07 -50.19 -30.07
CA ASP F 120 14.15 -50.08 -31.52
C ASP F 120 14.15 -51.45 -32.17
N LYS F 121 14.91 -52.39 -31.61
CA LYS F 121 14.88 -53.76 -32.13
C LYS F 121 13.49 -54.38 -31.98
N ALA F 122 12.84 -54.13 -30.85
CA ALA F 122 11.47 -54.62 -30.66
C ALA F 122 10.53 -54.02 -31.70
N VAL F 123 10.69 -52.74 -32.02
CA VAL F 123 9.85 -52.09 -33.01
C VAL F 123 10.07 -52.70 -34.39
N THR F 124 11.34 -52.94 -34.74
CA THR F 124 11.64 -53.58 -36.02
C THR F 124 11.00 -54.96 -36.11
N ALA F 125 11.20 -55.78 -35.08
CA ALA F 125 10.61 -57.11 -35.08
C ALA F 125 9.09 -57.05 -35.09
N ALA F 126 8.52 -56.03 -34.43
CA ALA F 126 7.07 -55.88 -34.43
C ALA F 126 6.55 -55.53 -35.82
N VAL F 127 7.27 -54.69 -36.55
CA VAL F 127 6.90 -54.42 -37.93
C VAL F 127 6.97 -55.70 -38.75
N GLU F 128 8.02 -56.50 -38.55
CA GLU F 128 8.13 -57.77 -39.26
C GLU F 128 6.94 -58.67 -38.96
N GLU F 129 6.59 -58.80 -37.69
CA GLU F 129 5.49 -59.68 -37.32
C GLU F 129 4.15 -59.15 -37.82
N LEU F 130 3.96 -57.83 -37.79
CA LEU F 130 2.73 -57.25 -38.31
C LEU F 130 2.59 -57.52 -39.80
N LYS F 131 3.70 -57.43 -40.53
CA LYS F 131 3.69 -57.85 -41.93
C LYS F 131 3.32 -59.32 -42.05
N ALA F 132 3.89 -60.17 -41.20
CA ALA F 132 3.58 -61.58 -41.23
C ALA F 132 2.12 -61.86 -40.89
N LEU F 133 1.45 -60.95 -40.19
CA LEU F 133 0.10 -61.16 -39.72
C LEU F 133 -0.94 -60.34 -40.47
N SER F 134 -0.52 -59.28 -41.16
CA SER F 134 -1.49 -58.44 -41.87
C SER F 134 -2.19 -59.25 -42.94
N VAL F 135 -3.50 -59.02 -43.09
CA VAL F 135 -4.30 -59.75 -44.06
C VAL F 135 -5.07 -58.75 -44.91
N PRO F 136 -5.30 -59.03 -46.19
CA PRO F 136 -5.96 -58.06 -47.07
C PRO F 136 -7.44 -57.91 -46.74
N CYS F 137 -7.98 -56.75 -47.14
CA CYS F 137 -9.40 -56.48 -47.09
C CYS F 137 -9.86 -56.12 -48.50
N SER F 138 -10.45 -57.08 -49.20
CA SER F 138 -10.74 -56.95 -50.62
C SER F 138 -12.23 -56.89 -50.93
N ASP F 139 -13.05 -57.65 -50.20
CA ASP F 139 -14.48 -57.65 -50.47
C ASP F 139 -15.05 -56.25 -50.33
N SER F 140 -15.80 -55.82 -51.35
CA SER F 140 -16.42 -54.50 -51.31
C SER F 140 -17.39 -54.35 -50.16
N LYS F 141 -17.94 -55.46 -49.66
CA LYS F 141 -18.84 -55.39 -48.53
C LYS F 141 -18.12 -55.00 -47.25
N ALA F 142 -16.97 -55.63 -46.96
CA ALA F 142 -16.20 -55.23 -45.80
C ALA F 142 -15.60 -53.84 -45.98
N ILE F 143 -15.28 -53.46 -47.22
CA ILE F 143 -14.76 -52.13 -47.46
C ILE F 143 -15.84 -51.07 -47.23
N ALA F 144 -17.08 -51.37 -47.64
CA ALA F 144 -18.20 -50.49 -47.33
C ALA F 144 -18.45 -50.43 -45.82
N GLN F 145 -18.30 -51.57 -45.14
CA GLN F 145 -18.39 -51.58 -43.68
C GLN F 145 -17.33 -50.67 -43.06
N VAL F 146 -16.12 -50.71 -43.60
CA VAL F 146 -15.04 -49.87 -43.11
C VAL F 146 -15.36 -48.40 -43.33
N GLY F 147 -15.81 -48.06 -44.53
CA GLY F 147 -16.20 -46.68 -44.80
C GLY F 147 -17.33 -46.22 -43.91
N THR F 148 -18.23 -47.14 -43.55
CA THR F 148 -19.29 -46.83 -42.60
C THR F 148 -18.72 -46.56 -41.22
N ILE F 149 -17.88 -47.46 -40.72
CA ILE F 149 -17.45 -47.41 -39.33
C ILE F 149 -16.51 -46.23 -39.10
N SER F 150 -15.56 -46.02 -40.01
CA SER F 150 -14.65 -44.90 -39.86
C SER F 150 -15.35 -43.55 -39.95
N ALA F 151 -16.52 -43.51 -40.60
CA ALA F 151 -17.40 -42.36 -40.53
C ALA F 151 -18.30 -42.40 -39.30
N ASN F 152 -17.89 -43.15 -38.28
CA ASN F 152 -18.68 -43.36 -37.05
C ASN F 152 -20.06 -43.94 -37.39
N SER F 153 -20.02 -45.12 -38.01
CA SER F 153 -21.21 -45.90 -38.34
C SER F 153 -22.20 -45.10 -39.19
N ASP F 154 -21.77 -44.77 -40.41
CA ASP F 154 -22.61 -44.12 -41.41
C ASP F 154 -22.68 -45.03 -42.63
N GLU F 155 -23.75 -45.82 -42.72
CA GLU F 155 -23.88 -46.80 -43.80
C GLU F 155 -23.95 -46.14 -45.16
N THR F 156 -24.61 -44.98 -45.25
CA THR F 156 -24.65 -44.25 -46.51
C THR F 156 -23.25 -43.88 -46.96
N VAL F 157 -22.37 -43.50 -46.03
CA VAL F 157 -21.00 -43.14 -46.37
C VAL F 157 -20.27 -44.31 -46.98
N GLY F 158 -20.31 -45.47 -46.30
CA GLY F 158 -19.64 -46.65 -46.83
C GLY F 158 -20.22 -47.09 -48.17
N LYS F 159 -21.54 -47.04 -48.28
CA LYS F 159 -22.20 -47.40 -49.53
C LYS F 159 -21.72 -46.53 -50.68
N LEU F 160 -21.76 -45.20 -50.50
CA LEU F 160 -21.36 -44.31 -51.58
C LEU F 160 -19.87 -44.40 -51.87
N ILE F 161 -19.05 -44.64 -50.86
CA ILE F 161 -17.61 -44.80 -51.08
C ILE F 161 -17.34 -46.04 -51.92
N ALA F 162 -18.01 -47.15 -51.58
CA ALA F 162 -17.87 -48.37 -52.37
C ALA F 162 -18.36 -48.17 -53.79
N GLU F 163 -19.49 -47.47 -53.96
CA GLU F 163 -19.98 -47.19 -55.31
C GLU F 163 -18.97 -46.37 -56.09
N ALA F 164 -18.40 -45.35 -55.46
CA ALA F 164 -17.44 -44.49 -56.13
C ALA F 164 -16.21 -45.28 -56.57
N MET F 165 -15.67 -46.12 -55.69
CA MET F 165 -14.49 -46.89 -56.08
C MET F 165 -14.84 -47.90 -57.16
N ASP F 166 -16.04 -48.49 -57.10
CA ASP F 166 -16.44 -49.45 -58.13
C ASP F 166 -16.54 -48.79 -59.49
N LYS F 167 -17.20 -47.62 -59.56
CA LYS F 167 -17.33 -46.95 -60.85
C LYS F 167 -16.03 -46.31 -61.28
N VAL F 168 -15.11 -46.10 -60.36
CA VAL F 168 -13.81 -45.50 -60.68
C VAL F 168 -12.76 -46.55 -60.92
N GLY F 169 -12.60 -47.49 -59.99
CA GLY F 169 -11.56 -48.50 -60.09
C GLY F 169 -10.34 -48.14 -59.26
N LYS F 170 -9.30 -48.95 -59.44
CA LYS F 170 -8.09 -48.82 -58.63
C LYS F 170 -7.32 -47.54 -58.98
N GLU F 171 -7.13 -47.28 -60.27
CA GLU F 171 -6.19 -46.26 -60.71
C GLU F 171 -6.82 -44.87 -60.84
N GLY F 172 -8.09 -44.71 -60.49
CA GLY F 172 -8.75 -43.43 -60.60
C GLY F 172 -8.57 -42.56 -59.36
N VAL F 173 -9.23 -41.41 -59.39
CA VAL F 173 -9.15 -40.42 -58.33
C VAL F 173 -10.56 -40.12 -57.84
N ILE F 174 -10.76 -40.21 -56.53
CA ILE F 174 -12.05 -39.92 -55.91
C ILE F 174 -11.89 -38.71 -55.00
N THR F 175 -12.72 -37.69 -55.22
CA THR F 175 -12.64 -36.45 -54.48
C THR F 175 -14.01 -36.08 -53.93
N VAL F 176 -14.02 -35.40 -52.79
CA VAL F 176 -15.23 -34.97 -52.10
C VAL F 176 -15.16 -33.46 -51.92
N GLU F 177 -16.25 -32.78 -52.27
CA GLU F 177 -16.33 -31.33 -52.19
C GLU F 177 -17.69 -30.94 -51.64
N ASP F 178 -17.91 -29.63 -51.51
CA ASP F 178 -19.15 -29.10 -50.96
C ASP F 178 -20.29 -29.26 -51.96
N GLY F 179 -21.50 -29.29 -51.41
CA GLY F 179 -22.69 -29.29 -52.23
C GLY F 179 -23.74 -28.35 -51.66
N THR F 180 -24.82 -28.12 -52.40
CA THR F 180 -25.90 -27.25 -51.96
C THR F 180 -27.16 -28.01 -51.56
N GLY F 181 -27.36 -29.22 -52.08
CA GLY F 181 -28.51 -30.01 -51.73
C GLY F 181 -28.40 -30.56 -50.31
N LEU F 182 -29.49 -31.17 -49.87
CA LEU F 182 -29.58 -31.74 -48.53
C LEU F 182 -29.03 -33.15 -48.44
N GLN F 183 -28.73 -33.79 -49.57
CA GLN F 183 -28.15 -35.12 -49.59
C GLN F 183 -26.90 -35.13 -50.47
N ASP F 184 -26.05 -36.13 -50.24
CA ASP F 184 -24.82 -36.27 -51.00
C ASP F 184 -25.12 -36.77 -52.41
N GLU F 185 -24.29 -36.34 -53.36
CA GLU F 185 -24.45 -36.78 -54.74
C GLU F 185 -23.10 -37.17 -55.33
N LEU F 186 -23.16 -38.03 -56.35
CA LEU F 186 -21.97 -38.59 -56.98
C LEU F 186 -22.02 -38.37 -58.49
N ASP F 187 -20.86 -38.04 -59.06
CA ASP F 187 -20.67 -37.97 -60.50
C ASP F 187 -19.36 -38.66 -60.84
N VAL F 188 -19.44 -39.78 -61.56
CA VAL F 188 -18.27 -40.58 -61.90
C VAL F 188 -18.07 -40.55 -63.41
N VAL F 189 -16.84 -40.26 -63.83
CA VAL F 189 -16.49 -40.17 -65.24
C VAL F 189 -15.14 -40.87 -65.44
N GLU F 190 -14.84 -41.22 -66.68
CA GLU F 190 -13.53 -41.72 -67.05
C GLU F 190 -12.61 -40.52 -67.22
N GLY F 191 -11.77 -40.26 -66.23
CA GLY F 191 -11.01 -39.04 -66.14
C GLY F 191 -9.54 -39.21 -66.45
N MET F 192 -8.77 -38.17 -66.09
CA MET F 192 -7.35 -38.09 -66.43
C MET F 192 -6.59 -37.57 -65.22
N GLN F 193 -5.29 -37.83 -65.19
CA GLN F 193 -4.43 -37.30 -64.15
C GLN F 193 -2.98 -37.31 -64.62
N PHE F 194 -2.25 -36.25 -64.28
CA PHE F 194 -0.82 -36.22 -64.51
C PHE F 194 -0.13 -35.46 -63.40
N ASP F 195 1.11 -35.84 -63.12
CA ASP F 195 1.85 -35.34 -61.95
C ASP F 195 2.54 -34.02 -62.28
N ARG F 196 1.76 -32.94 -62.17
CA ARG F 196 2.30 -31.59 -62.25
C ARG F 196 1.65 -30.73 -61.18
N GLY F 197 2.42 -29.78 -60.67
CA GLY F 197 1.93 -28.84 -59.69
C GLY F 197 1.58 -27.50 -60.31
N TYR F 198 0.74 -26.75 -59.62
CA TYR F 198 0.40 -25.41 -60.08
C TYR F 198 1.64 -24.53 -60.05
N LEU F 199 1.79 -23.70 -61.09
CA LEU F 199 2.97 -22.85 -61.22
C LEU F 199 2.89 -21.59 -60.37
N SER F 200 1.76 -21.34 -59.70
CA SER F 200 1.61 -20.16 -58.87
C SER F 200 0.69 -20.46 -57.70
N PRO F 201 1.13 -20.21 -56.46
CA PRO F 201 0.22 -20.40 -55.32
C PRO F 201 -0.98 -19.47 -55.34
N TYR F 202 -0.86 -18.31 -55.99
CA TYR F 202 -1.98 -17.36 -56.04
C TYR F 202 -3.11 -17.84 -56.94
N PHE F 203 -2.88 -18.84 -57.80
CA PHE F 203 -3.97 -19.46 -58.54
C PHE F 203 -4.91 -20.26 -57.65
N ILE F 204 -4.50 -20.57 -56.42
CA ILE F 204 -5.32 -21.37 -55.53
C ILE F 204 -6.58 -20.59 -55.17
N ASN F 205 -7.71 -21.03 -55.71
CA ASN F 205 -8.99 -20.40 -55.43
C ASN F 205 -9.61 -20.90 -54.13
N LYS F 206 -9.02 -21.90 -53.49
CA LYS F 206 -9.51 -22.44 -52.22
C LYS F 206 -8.32 -22.45 -51.26
N PRO F 207 -7.96 -21.29 -50.71
CA PRO F 207 -6.71 -21.18 -49.94
C PRO F 207 -6.67 -22.03 -48.68
N GLU F 208 -7.82 -22.42 -48.13
CA GLU F 208 -7.81 -23.24 -46.92
C GLU F 208 -7.18 -24.60 -47.18
N THR F 209 -7.08 -25.00 -48.45
CA THR F 209 -6.51 -26.28 -48.83
C THR F 209 -5.26 -26.16 -49.68
N GLY F 210 -4.98 -24.99 -50.25
CA GLY F 210 -3.82 -24.84 -51.12
C GLY F 210 -3.94 -25.61 -52.42
N ALA F 211 -5.13 -25.65 -53.02
CA ALA F 211 -5.35 -26.35 -54.27
C ALA F 211 -6.32 -25.54 -55.13
N VAL F 212 -6.30 -25.81 -56.43
CA VAL F 212 -7.08 -25.06 -57.41
C VAL F 212 -8.19 -25.95 -57.94
N GLU F 213 -9.42 -25.44 -57.88
CA GLU F 213 -10.58 -26.11 -58.45
C GLU F 213 -11.21 -25.24 -59.53
N LEU F 214 -11.55 -25.85 -60.66
CA LEU F 214 -12.25 -25.15 -61.72
C LEU F 214 -13.41 -25.99 -62.24
N GLU F 215 -14.50 -25.32 -62.59
CA GLU F 215 -15.73 -25.95 -63.04
C GLU F 215 -16.02 -25.51 -64.46
N SER F 216 -16.25 -26.48 -65.35
CA SER F 216 -16.52 -26.25 -66.76
C SER F 216 -15.53 -25.30 -67.41
N PRO F 217 -14.22 -25.61 -67.41
CA PRO F 217 -13.25 -24.67 -67.98
C PRO F 217 -13.01 -24.91 -69.47
N PHE F 218 -12.10 -24.13 -70.05
CA PHE F 218 -11.53 -24.40 -71.35
C PHE F 218 -10.12 -24.95 -71.20
N ILE F 219 -9.68 -25.67 -72.23
CA ILE F 219 -8.37 -26.33 -72.22
C ILE F 219 -7.54 -25.76 -73.36
N LEU F 220 -6.36 -25.24 -73.01
CA LEU F 220 -5.40 -24.73 -74.00
C LEU F 220 -4.10 -25.50 -73.80
N LEU F 221 -3.90 -26.54 -74.61
CA LEU F 221 -2.72 -27.39 -74.50
C LEU F 221 -1.60 -26.78 -75.34
N ALA F 222 -0.69 -26.07 -74.69
CA ALA F 222 0.40 -25.41 -75.39
C ALA F 222 1.61 -26.33 -75.38
N ASP F 223 1.91 -26.93 -76.53
CA ASP F 223 3.18 -27.62 -76.70
C ASP F 223 4.23 -26.58 -77.06
N LYS F 224 4.30 -25.52 -76.26
CA LYS F 224 5.14 -24.37 -76.56
C LYS F 224 5.36 -23.60 -75.26
N LYS F 225 6.29 -22.65 -75.32
CA LYS F 225 6.65 -21.84 -74.17
C LYS F 225 5.86 -20.52 -74.21
N ILE F 226 5.07 -20.29 -73.17
CA ILE F 226 4.30 -19.05 -73.03
C ILE F 226 4.99 -18.20 -71.98
N SER F 227 5.74 -17.20 -72.42
CA SER F 227 6.49 -16.33 -71.53
C SER F 227 5.92 -14.93 -71.45
N ASN F 228 5.39 -14.42 -72.56
CA ASN F 228 4.84 -13.07 -72.60
C ASN F 228 3.31 -13.12 -72.61
N ILE F 229 2.70 -12.19 -71.88
CA ILE F 229 1.24 -12.09 -71.88
C ILE F 229 0.70 -11.65 -73.23
N ARG F 230 1.57 -11.18 -74.13
CA ARG F 230 1.13 -10.86 -75.48
C ARG F 230 0.58 -12.09 -76.19
N GLU F 231 1.01 -13.29 -75.77
CA GLU F 231 0.44 -14.52 -76.29
C GLU F 231 -0.90 -14.85 -75.66
N MET F 232 -1.46 -13.96 -74.84
CA MET F 232 -2.56 -14.29 -73.96
C MET F 232 -3.75 -13.36 -74.06
N LEU F 233 -3.59 -12.14 -74.59
CA LEU F 233 -4.67 -11.15 -74.59
C LEU F 233 -5.94 -11.61 -75.29
N PRO F 234 -5.90 -12.17 -76.52
CA PRO F 234 -7.18 -12.58 -77.14
C PRO F 234 -7.90 -13.69 -76.38
N VAL F 235 -7.17 -14.73 -75.97
CA VAL F 235 -7.81 -15.81 -75.23
C VAL F 235 -8.29 -15.33 -73.87
N LEU F 236 -7.53 -14.42 -73.24
CA LEU F 236 -7.97 -13.86 -71.96
C LEU F 236 -9.27 -13.08 -72.11
N GLU F 237 -9.35 -12.22 -73.12
CA GLU F 237 -10.57 -11.45 -73.34
C GLU F 237 -11.75 -12.38 -73.67
N ALA F 238 -11.49 -13.41 -74.49
CA ALA F 238 -12.56 -14.34 -74.84
C ALA F 238 -13.06 -15.10 -73.61
N VAL F 239 -12.15 -15.50 -72.72
CA VAL F 239 -12.54 -16.22 -71.51
C VAL F 239 -13.29 -15.30 -70.56
N ALA F 240 -12.86 -14.03 -70.47
CA ALA F 240 -13.59 -13.06 -69.66
C ALA F 240 -15.02 -12.88 -70.19
N LYS F 241 -15.16 -12.81 -71.51
CA LYS F 241 -16.49 -12.66 -72.11
C LYS F 241 -17.34 -13.90 -71.88
N ALA F 242 -16.78 -15.08 -72.08
CA ALA F 242 -17.54 -16.31 -71.93
C ALA F 242 -17.90 -16.58 -70.47
N GLY F 243 -16.97 -16.31 -69.56
CA GLY F 243 -17.19 -16.53 -68.15
C GLY F 243 -16.77 -17.89 -67.64
N LYS F 244 -16.56 -18.87 -68.52
CA LYS F 244 -16.07 -20.12 -67.98
C LYS F 244 -14.55 -20.14 -68.01
N PRO F 245 -13.91 -20.85 -67.08
CA PRO F 245 -12.47 -20.71 -66.89
C PRO F 245 -11.66 -21.21 -68.09
N LEU F 246 -10.37 -20.93 -68.04
CA LEU F 246 -9.40 -21.44 -69.00
C LEU F 246 -8.15 -21.91 -68.27
N LEU F 247 -7.67 -23.08 -68.65
CA LEU F 247 -6.48 -23.68 -68.07
C LEU F 247 -5.56 -24.10 -69.20
N ILE F 248 -4.28 -23.78 -69.06
CA ILE F 248 -3.32 -23.83 -70.15
C ILE F 248 -2.20 -24.78 -69.74
N ILE F 249 -2.13 -25.93 -70.41
CA ILE F 249 -1.09 -26.93 -70.13
C ILE F 249 0.06 -26.61 -71.09
N ALA F 250 0.92 -25.69 -70.67
CA ALA F 250 2.03 -25.23 -71.48
C ALA F 250 3.31 -25.94 -71.06
N GLU F 251 4.38 -25.72 -71.83
CA GLU F 251 5.67 -26.27 -71.45
C GLU F 251 6.16 -25.66 -70.14
N ASP F 252 6.05 -24.34 -70.02
CA ASP F 252 6.36 -23.59 -68.82
C ASP F 252 5.89 -22.16 -69.02
N VAL F 253 5.84 -21.40 -67.93
CA VAL F 253 5.42 -20.00 -67.96
C VAL F 253 6.44 -19.17 -67.19
N GLU F 254 6.87 -18.06 -67.79
CA GLU F 254 7.86 -17.19 -67.17
C GLU F 254 7.17 -16.16 -66.27
N GLY F 255 7.93 -15.18 -65.78
CA GLY F 255 7.44 -14.29 -64.75
C GLY F 255 6.32 -13.37 -65.22
N GLU F 256 6.47 -12.76 -66.39
CA GLU F 256 5.58 -11.67 -66.78
C GLU F 256 4.18 -12.16 -67.11
N ALA F 257 4.07 -13.20 -67.94
CA ALA F 257 2.75 -13.72 -68.30
C ALA F 257 2.05 -14.30 -67.08
N LEU F 258 2.78 -15.03 -66.24
CA LEU F 258 2.19 -15.61 -65.04
C LEU F 258 1.72 -14.52 -64.09
N ALA F 259 2.52 -13.46 -63.94
CA ALA F 259 2.14 -12.36 -63.05
C ALA F 259 0.90 -11.64 -63.57
N THR F 260 0.82 -11.42 -64.88
CA THR F 260 -0.37 -10.78 -65.43
C THR F 260 -1.60 -11.66 -65.24
N LEU F 261 -1.45 -12.97 -65.44
CA LEU F 261 -2.57 -13.88 -65.20
C LEU F 261 -3.03 -13.82 -63.75
N VAL F 262 -2.07 -13.82 -62.81
CA VAL F 262 -2.41 -13.76 -61.40
C VAL F 262 -3.13 -12.45 -61.06
N VAL F 263 -2.64 -11.33 -61.59
CA VAL F 263 -3.26 -10.04 -61.32
C VAL F 263 -4.68 -10.02 -61.86
N ASN F 264 -4.87 -10.52 -63.09
CA ASN F 264 -6.22 -10.53 -63.67
C ASN F 264 -7.16 -11.48 -62.95
N THR F 265 -6.66 -12.59 -62.39
CA THR F 265 -7.52 -13.50 -61.65
C THR F 265 -8.09 -12.82 -60.40
N MET F 266 -7.25 -12.06 -59.68
CA MET F 266 -7.71 -11.43 -58.46
C MET F 266 -8.46 -10.13 -58.71
N ARG F 267 -8.50 -9.64 -59.95
CA ARG F 267 -9.30 -8.48 -60.29
C ARG F 267 -10.69 -8.84 -60.79
N GLY F 268 -11.02 -10.12 -60.88
CA GLY F 268 -12.32 -10.54 -61.35
C GLY F 268 -12.49 -10.52 -62.86
N ILE F 269 -11.42 -10.31 -63.61
CA ILE F 269 -11.53 -10.23 -65.06
C ILE F 269 -11.64 -11.63 -65.67
N VAL F 270 -10.69 -12.51 -65.35
CA VAL F 270 -10.62 -13.83 -65.95
C VAL F 270 -10.34 -14.87 -64.87
N LYS F 271 -10.68 -16.12 -65.17
CA LYS F 271 -10.22 -17.28 -64.41
C LYS F 271 -9.36 -18.11 -65.36
N VAL F 272 -8.09 -17.75 -65.47
CA VAL F 272 -7.17 -18.42 -66.37
C VAL F 272 -5.92 -18.82 -65.59
N ALA F 273 -5.57 -20.10 -65.67
CA ALA F 273 -4.40 -20.64 -65.01
C ALA F 273 -3.51 -21.33 -66.04
N ALA F 274 -2.25 -21.54 -65.65
CA ALA F 274 -1.27 -22.19 -66.53
C ALA F 274 -0.38 -23.12 -65.71
N VAL F 275 -0.19 -24.34 -66.22
CA VAL F 275 0.66 -25.34 -65.60
C VAL F 275 1.63 -25.88 -66.64
N LYS F 276 2.61 -26.66 -66.16
CA LYS F 276 3.63 -27.23 -67.02
C LYS F 276 3.12 -28.53 -67.65
N ALA F 277 3.44 -28.71 -68.94
CA ALA F 277 2.98 -29.88 -69.66
C ALA F 277 3.69 -31.13 -69.15
N PRO F 278 2.96 -32.18 -68.76
CA PRO F 278 3.61 -33.37 -68.22
C PRO F 278 4.44 -34.09 -69.27
N GLY F 279 5.51 -34.74 -68.82
CA GLY F 279 6.36 -35.54 -69.67
C GLY F 279 7.61 -34.79 -70.10
N PHE F 280 8.50 -35.54 -70.76
CA PHE F 280 9.75 -34.98 -71.28
C PHE F 280 9.99 -35.56 -72.66
N GLY F 281 9.75 -34.75 -73.69
CA GLY F 281 9.98 -35.20 -75.06
C GLY F 281 8.73 -35.73 -75.73
N ASP F 282 8.84 -36.91 -76.34
CA ASP F 282 7.71 -37.52 -77.03
C ASP F 282 6.55 -37.78 -76.08
N ARG F 283 6.85 -38.20 -74.85
CA ARG F 283 5.80 -38.45 -73.86
C ARG F 283 5.01 -37.19 -73.54
N ARG F 284 5.66 -36.04 -73.57
CA ARG F 284 4.97 -34.80 -73.24
C ARG F 284 3.93 -34.44 -74.30
N LYS F 285 4.34 -34.45 -75.57
CA LYS F 285 3.39 -34.22 -76.65
C LYS F 285 2.33 -35.31 -76.68
N ALA F 286 2.71 -36.53 -76.29
CA ALA F 286 1.74 -37.61 -76.19
C ALA F 286 0.64 -37.29 -75.19
N MET F 287 1.03 -36.82 -74.00
CA MET F 287 0.05 -36.41 -73.00
C MET F 287 -0.80 -35.26 -73.52
N LEU F 288 -0.16 -34.29 -74.18
CA LEU F 288 -0.89 -33.13 -74.67
C LEU F 288 -1.94 -33.54 -75.69
N GLN F 289 -1.60 -34.43 -76.62
CA GLN F 289 -2.56 -34.86 -77.63
C GLN F 289 -3.60 -35.80 -77.04
N ASP F 290 -3.24 -36.59 -76.03
CA ASP F 290 -4.25 -37.37 -75.31
C ASP F 290 -5.32 -36.46 -74.73
N ILE F 291 -4.88 -35.40 -74.04
CA ILE F 291 -5.83 -34.43 -73.49
C ILE F 291 -6.62 -33.76 -74.60
N ALA F 292 -5.97 -33.50 -75.74
CA ALA F 292 -6.66 -32.90 -76.88
C ALA F 292 -7.81 -33.77 -77.36
N THR F 293 -7.54 -35.06 -77.59
CA THR F 293 -8.58 -35.95 -78.07
C THR F 293 -9.66 -36.15 -77.01
N LEU F 294 -9.29 -36.16 -75.73
CA LEU F 294 -10.25 -36.50 -74.69
C LEU F 294 -11.29 -35.40 -74.48
N THR F 295 -10.86 -34.15 -74.40
CA THR F 295 -11.76 -33.05 -74.02
C THR F 295 -12.36 -32.33 -75.21
N GLY F 296 -12.13 -32.80 -76.43
CA GLY F 296 -12.54 -32.03 -77.59
C GLY F 296 -11.73 -30.77 -77.73
N GLY F 297 -10.44 -30.83 -77.45
CA GLY F 297 -9.55 -29.70 -77.62
C GLY F 297 -8.39 -30.05 -78.53
N THR F 298 -7.38 -29.17 -78.59
CA THR F 298 -6.24 -29.39 -79.47
C THR F 298 -5.00 -28.84 -78.79
N VAL F 299 -3.87 -29.50 -79.02
CA VAL F 299 -2.59 -29.05 -78.48
C VAL F 299 -2.02 -27.95 -79.38
N ILE F 300 -1.46 -26.93 -78.74
CA ILE F 300 -0.94 -25.76 -79.44
C ILE F 300 0.58 -25.90 -79.53
N SER F 301 1.10 -25.98 -80.75
CA SER F 301 2.52 -26.09 -81.00
C SER F 301 2.89 -25.28 -82.22
N GLU F 302 4.19 -25.01 -82.38
CA GLU F 302 4.68 -24.26 -83.52
C GLU F 302 5.04 -25.14 -84.71
N GLU F 303 4.93 -26.46 -84.58
CA GLU F 303 5.30 -27.38 -85.65
C GLU F 303 4.10 -27.89 -86.44
N ILE F 304 2.89 -27.37 -86.18
CA ILE F 304 1.71 -27.79 -86.91
C ILE F 304 1.13 -26.68 -87.79
N GLY F 305 1.48 -25.42 -87.54
CA GLY F 305 1.01 -24.33 -88.36
C GLY F 305 -0.14 -23.53 -87.78
N MET F 306 -0.60 -23.86 -86.58
CA MET F 306 -1.67 -23.12 -85.92
C MET F 306 -1.05 -22.39 -84.73
N GLU F 307 -1.25 -21.08 -84.68
CA GLU F 307 -0.53 -20.22 -83.76
C GLU F 307 -1.36 -19.94 -82.51
N LEU F 308 -0.67 -19.86 -81.37
CA LEU F 308 -1.33 -19.67 -80.09
C LEU F 308 -2.19 -18.42 -80.09
N GLU F 309 -1.73 -17.35 -80.74
CA GLU F 309 -2.48 -16.10 -80.77
C GLU F 309 -3.80 -16.25 -81.52
N LYS F 310 -3.80 -17.02 -82.61
CA LYS F 310 -4.99 -17.12 -83.45
C LYS F 310 -5.90 -18.29 -83.08
N ALA F 311 -5.65 -18.97 -81.96
CA ALA F 311 -6.55 -20.01 -81.52
C ALA F 311 -7.91 -19.43 -81.11
N THR F 312 -8.95 -20.24 -81.26
CA THR F 312 -10.32 -19.81 -81.01
C THR F 312 -10.94 -20.66 -79.90
N LEU F 313 -12.24 -20.44 -79.66
CA LEU F 313 -12.93 -21.12 -78.57
C LEU F 313 -13.04 -22.62 -78.80
N GLU F 314 -13.35 -23.05 -80.03
CA GLU F 314 -13.44 -24.48 -80.30
C GLU F 314 -12.07 -25.14 -80.17
N ASP F 315 -11.00 -24.40 -80.44
CA ASP F 315 -9.65 -24.87 -80.14
C ASP F 315 -9.45 -25.08 -78.64
N LEU F 316 -10.28 -24.45 -77.80
CA LEU F 316 -10.26 -24.69 -76.37
C LEU F 316 -11.21 -25.82 -76.05
N GLY F 317 -10.66 -26.94 -75.57
CA GLY F 317 -11.49 -28.05 -75.17
C GLY F 317 -12.44 -27.66 -74.05
N GLN F 318 -13.51 -28.43 -73.92
CA GLN F 318 -14.51 -28.17 -72.90
C GLN F 318 -14.59 -29.36 -71.96
N ALA F 319 -14.73 -29.05 -70.67
CA ALA F 319 -14.69 -30.07 -69.63
C ALA F 319 -15.68 -29.70 -68.54
N LYS F 320 -15.58 -30.42 -67.42
CA LYS F 320 -16.49 -30.24 -66.28
C LYS F 320 -15.80 -29.85 -64.99
N ARG F 321 -14.75 -30.57 -64.58
CA ARG F 321 -14.09 -30.25 -63.33
C ARG F 321 -12.60 -30.52 -63.45
N VAL F 322 -11.80 -29.65 -62.81
CA VAL F 322 -10.35 -29.80 -62.82
C VAL F 322 -9.82 -29.46 -61.43
N VAL F 323 -8.90 -30.29 -60.92
CA VAL F 323 -8.28 -30.11 -59.62
C VAL F 323 -6.77 -30.10 -59.82
N ILE F 324 -6.09 -29.15 -59.18
CA ILE F 324 -4.63 -29.05 -59.22
C ILE F 324 -4.10 -28.89 -57.80
N ASN F 325 -3.03 -29.64 -57.49
CA ASN F 325 -2.38 -29.50 -56.20
C ASN F 325 -0.90 -29.22 -56.40
N LYS F 326 -0.11 -29.30 -55.31
CA LYS F 326 1.31 -28.98 -55.40
C LYS F 326 2.05 -29.91 -56.35
N ASP F 327 1.51 -31.10 -56.60
CA ASP F 327 2.23 -32.12 -57.35
C ASP F 327 1.44 -32.78 -58.47
N THR F 328 0.11 -32.83 -58.41
CA THR F 328 -0.68 -33.58 -59.37
C THR F 328 -1.89 -32.76 -59.82
N THR F 329 -2.40 -33.11 -61.00
CA THR F 329 -3.61 -32.52 -61.55
C THR F 329 -4.53 -33.64 -62.04
N THR F 330 -5.81 -33.51 -61.72
CA THR F 330 -6.85 -34.45 -62.12
C THR F 330 -7.91 -33.74 -62.95
N ILE F 331 -8.42 -34.42 -63.97
CA ILE F 331 -9.35 -33.88 -64.93
C ILE F 331 -10.59 -34.76 -64.97
N ILE F 332 -11.77 -34.15 -64.93
CA ILE F 332 -13.05 -34.83 -64.74
C ILE F 332 -14.01 -34.38 -65.83
N ASP F 333 -14.46 -35.33 -66.64
CA ASP F 333 -15.59 -35.14 -67.56
C ASP F 333 -15.34 -34.03 -68.58
N GLY F 334 -14.36 -34.29 -69.44
CA GLY F 334 -14.12 -33.43 -70.60
C GLY F 334 -14.97 -33.86 -71.78
N VAL F 335 -15.79 -32.94 -72.27
CA VAL F 335 -16.71 -33.26 -73.37
C VAL F 335 -15.92 -33.24 -74.67
N GLY F 336 -15.37 -34.40 -75.02
CA GLY F 336 -14.68 -34.57 -76.28
C GLY F 336 -15.26 -35.73 -77.04
N GLU F 337 -15.33 -35.59 -78.36
CA GLU F 337 -15.97 -36.62 -79.17
C GLU F 337 -15.19 -37.92 -79.05
N GLU F 338 -15.93 -39.00 -78.84
CA GLU F 338 -15.33 -40.30 -78.56
C GLU F 338 -14.52 -40.83 -79.74
N ALA F 339 -14.77 -40.33 -80.96
CA ALA F 339 -14.00 -40.79 -82.11
C ALA F 339 -12.53 -40.51 -81.95
N ALA F 340 -12.18 -39.26 -81.58
CA ALA F 340 -10.78 -38.92 -81.37
C ALA F 340 -10.20 -39.68 -80.19
N ILE F 341 -10.99 -39.90 -79.14
CA ILE F 341 -10.52 -40.60 -77.96
C ILE F 341 -10.14 -42.04 -78.32
N GLN F 342 -11.02 -42.74 -79.03
CA GLN F 342 -10.72 -44.12 -79.40
C GLN F 342 -9.64 -44.20 -80.47
N GLY F 343 -9.58 -43.21 -81.37
CA GLY F 343 -8.43 -43.13 -82.25
C GLY F 343 -7.13 -43.05 -81.47
N ARG F 344 -7.11 -42.21 -80.43
CA ARG F 344 -5.93 -42.09 -79.60
C ARG F 344 -5.59 -43.39 -78.87
N VAL F 345 -6.60 -44.04 -78.30
CA VAL F 345 -6.32 -45.27 -77.55
C VAL F 345 -5.82 -46.36 -78.49
N ALA F 346 -6.40 -46.46 -79.69
CA ALA F 346 -5.93 -47.46 -80.65
C ALA F 346 -4.53 -47.14 -81.14
N GLN F 347 -4.24 -45.87 -81.37
CA GLN F 347 -2.89 -45.47 -81.81
C GLN F 347 -1.86 -45.82 -80.74
N ILE F 348 -2.16 -45.53 -79.48
CA ILE F 348 -1.21 -45.84 -78.42
C ILE F 348 -1.10 -47.35 -78.23
N ARG F 349 -2.20 -48.09 -78.43
CA ARG F 349 -2.13 -49.54 -78.30
C ARG F 349 -1.28 -50.15 -79.41
N GLN F 350 -1.41 -49.64 -80.64
CA GLN F 350 -0.54 -50.11 -81.70
C GLN F 350 0.90 -49.65 -81.49
N GLN F 351 1.10 -48.52 -80.81
CA GLN F 351 2.44 -48.12 -80.43
C GLN F 351 3.01 -49.07 -79.38
N ILE F 352 2.15 -49.57 -78.50
CA ILE F 352 2.55 -50.66 -77.61
C ILE F 352 2.95 -51.88 -78.42
N GLU F 353 2.15 -52.21 -79.43
CA GLU F 353 2.50 -53.26 -80.37
C GLU F 353 3.84 -52.99 -81.03
N GLU F 354 4.23 -51.73 -81.12
CA GLU F 354 5.49 -51.30 -81.70
C GLU F 354 6.46 -50.84 -80.62
N ALA F 355 6.30 -51.35 -79.40
CA ALA F 355 7.14 -50.99 -78.27
C ALA F 355 7.98 -52.18 -77.86
N THR F 356 9.30 -51.98 -77.82
CA THR F 356 10.25 -53.06 -77.55
C THR F 356 10.78 -53.05 -76.13
N SER F 357 11.17 -51.88 -75.63
CA SER F 357 11.75 -51.80 -74.29
C SER F 357 10.66 -51.95 -73.23
N ASP F 358 11.09 -52.00 -71.97
CA ASP F 358 10.11 -51.99 -70.89
C ASP F 358 9.54 -50.61 -70.66
N TYR F 359 10.40 -49.58 -70.74
CA TYR F 359 9.96 -48.21 -70.46
C TYR F 359 8.91 -47.76 -71.45
N ASP F 360 9.13 -47.98 -72.75
CA ASP F 360 8.19 -47.46 -73.73
C ASP F 360 6.84 -48.15 -73.62
N ARG F 361 6.83 -49.49 -73.46
CA ARG F 361 5.55 -50.18 -73.32
C ARG F 361 4.82 -49.77 -72.04
N GLU F 362 5.55 -49.62 -70.93
CA GLU F 362 4.86 -49.25 -69.69
C GLU F 362 4.31 -47.83 -69.77
N LYS F 363 5.07 -46.91 -70.39
CA LYS F 363 4.57 -45.55 -70.57
C LYS F 363 3.34 -45.53 -71.47
N LEU F 364 3.37 -46.30 -72.56
CA LEU F 364 2.24 -46.31 -73.48
C LEU F 364 1.01 -46.95 -72.85
N GLN F 365 1.22 -47.98 -72.03
CA GLN F 365 0.10 -48.56 -71.29
C GLN F 365 -0.46 -47.55 -70.28
N GLU F 366 0.41 -46.76 -69.66
CA GLU F 366 -0.07 -45.67 -68.82
C GLU F 366 -0.91 -44.68 -69.62
N ARG F 367 -0.45 -44.36 -70.84
CA ARG F 367 -1.23 -43.50 -71.73
C ARG F 367 -2.63 -44.06 -71.97
N VAL F 368 -2.69 -45.33 -72.36
CA VAL F 368 -3.98 -45.97 -72.66
C VAL F 368 -4.86 -45.99 -71.42
N ALA F 369 -4.30 -46.38 -70.27
CA ALA F 369 -5.10 -46.49 -69.05
C ALA F 369 -5.63 -45.14 -68.61
N LYS F 370 -4.78 -44.10 -68.66
CA LYS F 370 -5.22 -42.78 -68.24
C LYS F 370 -6.15 -42.14 -69.25
N LEU F 371 -6.13 -42.58 -70.51
CA LEU F 371 -7.16 -42.16 -71.45
C LEU F 371 -8.53 -42.60 -70.96
N ALA F 372 -8.61 -43.79 -70.36
CA ALA F 372 -9.79 -44.15 -69.58
C ALA F 372 -9.71 -43.54 -68.19
N GLY F 373 -8.69 -43.94 -67.42
CA GLY F 373 -8.49 -43.36 -66.10
C GLY F 373 -9.68 -43.60 -65.20
N GLY F 374 -9.98 -42.58 -64.38
CA GLY F 374 -11.13 -42.64 -63.50
C GLY F 374 -11.20 -41.47 -62.55
N VAL F 375 -12.38 -40.87 -62.43
CA VAL F 375 -12.60 -39.74 -61.52
C VAL F 375 -14.00 -39.85 -60.94
N ALA F 376 -14.11 -39.49 -59.67
CA ALA F 376 -15.40 -39.40 -58.97
C ALA F 376 -15.44 -38.10 -58.19
N VAL F 377 -16.60 -37.43 -58.25
CA VAL F 377 -16.83 -36.20 -57.50
C VAL F 377 -18.04 -36.42 -56.61
N ILE F 378 -17.86 -36.28 -55.30
CA ILE F 378 -18.94 -36.45 -54.33
C ILE F 378 -19.22 -35.08 -53.70
N LYS F 379 -20.40 -34.55 -53.96
CA LYS F 379 -20.81 -33.28 -53.38
C LYS F 379 -21.61 -33.55 -52.12
N VAL F 380 -21.18 -32.94 -51.01
CA VAL F 380 -21.75 -33.25 -49.70
C VAL F 380 -23.11 -32.56 -49.56
N GLY F 381 -24.02 -33.22 -48.86
CA GLY F 381 -25.32 -32.64 -48.60
C GLY F 381 -25.53 -32.30 -47.13
N ALA F 382 -25.61 -31.01 -46.82
CA ALA F 382 -25.84 -30.55 -45.47
C ALA F 382 -26.51 -29.18 -45.49
N ALA F 383 -27.11 -28.82 -44.37
CA ALA F 383 -27.85 -27.56 -44.25
C ALA F 383 -27.03 -26.43 -43.65
N THR F 384 -26.27 -26.70 -42.60
CA THR F 384 -25.45 -25.67 -41.97
C THR F 384 -23.97 -26.03 -42.11
N GLU F 385 -23.11 -25.16 -41.58
CA GLU F 385 -21.68 -25.23 -41.83
C GLU F 385 -20.96 -26.20 -40.90
N VAL F 386 -21.30 -26.20 -39.61
CA VAL F 386 -20.61 -27.06 -38.66
C VAL F 386 -20.91 -28.53 -38.95
N GLU F 387 -22.17 -28.84 -39.22
CA GLU F 387 -22.52 -30.22 -39.57
C GLU F 387 -21.85 -30.62 -40.88
N MET F 388 -21.79 -29.70 -41.84
CA MET F 388 -21.18 -30.01 -43.12
C MET F 388 -19.70 -30.31 -42.97
N LYS F 389 -18.99 -29.48 -42.21
CA LYS F 389 -17.56 -29.73 -42.00
C LYS F 389 -17.35 -31.00 -41.18
N GLU F 390 -18.24 -31.29 -40.24
CA GLU F 390 -18.09 -32.48 -39.43
C GLU F 390 -18.27 -33.73 -40.26
N LYS F 391 -19.32 -33.77 -41.08
CA LYS F 391 -19.51 -34.92 -41.96
C LYS F 391 -18.42 -34.97 -43.03
N LYS F 392 -17.86 -33.83 -43.41
CA LYS F 392 -16.74 -33.82 -44.33
C LYS F 392 -15.52 -34.48 -43.70
N ALA F 393 -15.25 -34.16 -42.43
CA ALA F 393 -14.14 -34.80 -41.71
C ALA F 393 -14.40 -36.30 -41.56
N ARG F 394 -15.64 -36.67 -41.26
CA ARG F 394 -16.00 -38.09 -41.17
C ARG F 394 -15.77 -38.78 -42.51
N VAL F 395 -16.16 -38.14 -43.61
CA VAL F 395 -15.99 -38.72 -44.93
C VAL F 395 -14.51 -38.88 -45.26
N GLU F 396 -13.69 -37.88 -44.93
CA GLU F 396 -12.27 -38.00 -45.21
C GLU F 396 -11.63 -39.11 -44.38
N ASP F 397 -12.01 -39.23 -43.10
CA ASP F 397 -11.50 -40.31 -42.28
C ASP F 397 -11.92 -41.67 -42.84
N ALA F 398 -13.18 -41.79 -43.26
CA ALA F 398 -13.65 -43.03 -43.84
C ALA F 398 -12.90 -43.35 -45.13
N LEU F 399 -12.62 -42.34 -45.94
CA LEU F 399 -11.89 -42.56 -47.18
C LEU F 399 -10.47 -43.01 -46.89
N HIS F 400 -9.83 -42.39 -45.88
CA HIS F 400 -8.49 -42.82 -45.49
C HIS F 400 -8.49 -44.26 -45.01
N ALA F 401 -9.49 -44.62 -44.20
CA ALA F 401 -9.57 -45.98 -43.69
C ALA F 401 -9.80 -46.99 -44.82
N THR F 402 -10.67 -46.64 -45.77
CA THR F 402 -10.88 -47.52 -46.92
C THR F 402 -9.61 -47.67 -47.74
N ARG F 403 -8.88 -46.56 -47.94
CA ARG F 403 -7.62 -46.61 -48.66
C ARG F 403 -6.65 -47.56 -47.98
N ALA F 404 -6.50 -47.43 -46.67
CA ALA F 404 -5.58 -48.31 -45.94
C ALA F 404 -6.02 -49.76 -46.02
N ALA F 405 -7.31 -50.02 -45.80
CA ALA F 405 -7.82 -51.38 -45.80
C ALA F 405 -7.70 -52.02 -47.17
N VAL F 406 -7.75 -51.22 -48.23
CA VAL F 406 -7.62 -51.76 -49.57
C VAL F 406 -6.15 -52.01 -49.91
N GLU F 407 -5.30 -51.00 -49.72
CA GLU F 407 -3.93 -51.09 -50.20
C GLU F 407 -3.06 -51.97 -49.33
N GLU F 408 -3.27 -51.98 -48.01
CA GLU F 408 -2.44 -52.78 -47.11
C GLU F 408 -3.28 -53.74 -46.28
N GLY F 409 -4.53 -53.95 -46.65
CA GLY F 409 -5.34 -54.89 -45.91
C GLY F 409 -5.70 -54.37 -44.53
N VAL F 410 -6.09 -55.31 -43.68
CA VAL F 410 -6.52 -55.00 -42.32
C VAL F 410 -5.85 -55.96 -41.35
N VAL F 411 -5.97 -55.64 -40.07
CA VAL F 411 -5.57 -56.54 -39.00
C VAL F 411 -6.73 -56.63 -38.01
N ALA F 412 -6.53 -57.36 -36.93
CA ALA F 412 -7.60 -57.56 -35.95
C ALA F 412 -8.01 -56.24 -35.32
N GLY F 413 -9.32 -56.01 -35.22
CA GLY F 413 -9.82 -54.76 -34.69
C GLY F 413 -9.94 -54.79 -33.18
N GLY F 414 -9.79 -53.62 -32.56
CA GLY F 414 -9.93 -53.47 -31.13
C GLY F 414 -8.67 -53.64 -30.32
N GLY F 415 -7.56 -54.03 -30.93
CA GLY F 415 -6.33 -54.26 -30.20
C GLY F 415 -6.12 -55.68 -29.72
N VAL F 416 -7.04 -56.59 -30.02
CA VAL F 416 -6.93 -57.97 -29.54
C VAL F 416 -5.62 -58.61 -29.99
N ALA F 417 -5.24 -58.45 -31.26
CA ALA F 417 -3.98 -59.00 -31.73
C ALA F 417 -2.82 -58.44 -30.93
N LEU F 418 -2.91 -57.18 -30.51
CA LEU F 418 -1.95 -56.62 -29.56
C LEU F 418 -1.66 -57.61 -28.45
N ILE F 419 -2.71 -58.00 -27.72
CA ILE F 419 -2.52 -58.95 -26.62
C ILE F 419 -1.91 -60.23 -27.14
N ARG F 420 -2.42 -60.75 -28.25
CA ARG F 420 -1.84 -61.93 -28.87
C ARG F 420 -0.35 -61.73 -29.10
N VAL F 421 0.02 -60.59 -29.68
CA VAL F 421 1.43 -60.31 -29.92
C VAL F 421 2.20 -60.36 -28.61
N ALA F 422 1.66 -59.72 -27.57
CA ALA F 422 2.35 -59.72 -26.27
C ALA F 422 2.54 -61.14 -25.77
N SER F 423 1.56 -62.02 -26.03
CA SER F 423 1.72 -63.41 -25.64
C SER F 423 2.83 -64.09 -26.42
N LYS F 424 2.92 -63.80 -27.72
CA LYS F 424 3.95 -64.44 -28.54
C LYS F 424 5.30 -63.76 -28.35
N LEU F 425 5.31 -62.44 -28.14
CA LEU F 425 6.54 -61.66 -28.14
C LEU F 425 7.12 -61.50 -26.74
N ALA F 426 6.66 -62.29 -25.77
CA ALA F 426 7.25 -62.27 -24.45
C ALA F 426 8.65 -62.88 -24.42
N ASP F 427 9.08 -63.52 -25.50
CA ASP F 427 10.34 -64.25 -25.55
C ASP F 427 11.52 -63.37 -25.95
N LEU F 428 11.29 -62.07 -26.16
CA LEU F 428 12.34 -61.20 -26.64
C LEU F 428 13.34 -60.90 -25.53
N ARG F 429 14.63 -61.05 -25.85
CA ARG F 429 15.71 -60.79 -24.90
C ARG F 429 16.71 -59.83 -25.50
N GLY F 430 17.31 -59.01 -24.63
CA GLY F 430 18.37 -58.11 -25.01
C GLY F 430 19.74 -58.63 -24.61
N GLN F 431 20.77 -57.94 -25.12
CA GLN F 431 22.15 -58.32 -24.81
C GLN F 431 22.40 -58.25 -23.31
N ASN F 432 22.00 -57.16 -22.68
CA ASN F 432 22.09 -56.99 -21.24
C ASN F 432 20.70 -57.04 -20.64
N GLU F 433 20.65 -56.95 -19.31
CA GLU F 433 19.36 -56.82 -18.65
C GLU F 433 18.68 -55.52 -19.06
N ASP F 434 19.45 -54.52 -19.47
CA ASP F 434 18.88 -53.22 -19.80
C ASP F 434 17.99 -53.32 -21.02
N GLN F 435 18.47 -53.99 -22.07
CA GLN F 435 17.68 -54.16 -23.28
C GLN F 435 16.52 -55.12 -23.06
N ASN F 436 16.70 -56.11 -22.17
CA ASN F 436 15.57 -56.92 -21.76
C ASN F 436 14.47 -56.07 -21.14
N VAL F 437 14.87 -55.14 -20.27
CA VAL F 437 13.91 -54.24 -19.63
C VAL F 437 13.25 -53.36 -20.68
N GLY F 438 14.01 -52.87 -21.66
CA GLY F 438 13.41 -52.09 -22.72
C GLY F 438 12.38 -52.87 -23.51
N ILE F 439 12.70 -54.12 -23.83
CA ILE F 439 11.75 -55.00 -24.50
C ILE F 439 10.48 -55.14 -23.68
N LYS F 440 10.64 -55.38 -22.38
CA LYS F 440 9.47 -55.61 -21.55
C LYS F 440 8.67 -54.33 -21.34
N VAL F 441 9.35 -53.19 -21.33
CA VAL F 441 8.66 -51.90 -21.30
C VAL F 441 7.79 -51.73 -22.53
N ALA F 442 8.34 -52.06 -23.70
CA ALA F 442 7.55 -52.03 -24.92
C ALA F 442 6.34 -52.95 -24.80
N LEU F 443 6.58 -54.18 -24.32
CA LEU F 443 5.52 -55.18 -24.23
C LEU F 443 4.41 -54.72 -23.29
N ARG F 444 4.77 -54.11 -22.17
CA ARG F 444 3.76 -53.71 -21.19
C ARG F 444 3.03 -52.45 -21.65
N ALA F 445 3.74 -51.53 -22.30
CA ALA F 445 3.12 -50.26 -22.67
C ALA F 445 2.28 -50.39 -23.93
N MET F 446 2.51 -51.43 -24.74
CA MET F 446 1.72 -51.60 -25.95
C MET F 446 0.31 -52.12 -25.67
N GLU F 447 -0.02 -52.46 -24.43
CA GLU F 447 -1.33 -53.00 -24.09
C GLU F 447 -2.36 -51.95 -23.72
N ALA F 448 -1.97 -50.68 -23.65
CA ALA F 448 -2.89 -49.63 -23.23
C ALA F 448 -4.12 -49.48 -24.14
N PRO F 449 -3.99 -49.45 -25.48
CA PRO F 449 -5.14 -48.99 -26.29
C PRO F 449 -6.44 -49.70 -26.01
N LEU F 450 -6.41 -51.01 -25.82
CA LEU F 450 -7.62 -51.71 -25.41
C LEU F 450 -8.09 -51.21 -24.05
N ARG F 451 -7.15 -50.93 -23.15
CA ARG F 451 -7.51 -50.46 -21.82
C ARG F 451 -8.29 -49.14 -21.91
N GLN F 452 -7.74 -48.16 -22.63
CA GLN F 452 -8.46 -46.89 -22.73
C GLN F 452 -9.72 -46.99 -23.58
N ILE F 453 -9.78 -47.88 -24.57
CA ILE F 453 -11.03 -48.10 -25.28
C ILE F 453 -12.11 -48.59 -24.32
N VAL F 454 -11.75 -49.58 -23.48
CA VAL F 454 -12.67 -50.09 -22.48
C VAL F 454 -13.08 -48.99 -21.51
N LEU F 455 -12.11 -48.17 -21.09
CA LEU F 455 -12.40 -47.13 -20.11
C LEU F 455 -13.35 -46.08 -20.69
N ASN F 456 -13.18 -45.73 -21.96
CA ASN F 456 -14.15 -44.86 -22.61
C ASN F 456 -15.51 -45.54 -22.71
N CYS F 457 -15.51 -46.85 -22.96
CA CYS F 457 -16.74 -47.63 -22.81
C CYS F 457 -17.22 -47.65 -21.36
N GLY F 458 -16.34 -47.34 -20.40
CA GLY F 458 -16.74 -47.12 -19.03
C GLY F 458 -16.44 -48.24 -18.06
N GLU F 459 -16.11 -49.44 -18.55
CA GLU F 459 -15.94 -50.59 -17.67
C GLU F 459 -14.45 -50.81 -17.39
N GLU F 460 -14.16 -51.84 -16.59
CA GLU F 460 -12.81 -52.07 -16.10
C GLU F 460 -11.94 -52.66 -17.20
N PRO F 461 -10.80 -52.03 -17.53
CA PRO F 461 -10.02 -52.50 -18.67
C PRO F 461 -9.19 -53.73 -18.38
N SER F 462 -8.75 -53.92 -17.14
CA SER F 462 -7.92 -55.07 -16.80
C SER F 462 -8.70 -56.37 -17.00
N VAL F 463 -9.98 -56.38 -16.63
CA VAL F 463 -10.79 -57.58 -16.80
C VAL F 463 -10.95 -57.93 -18.28
N VAL F 464 -11.18 -56.91 -19.12
CA VAL F 464 -11.28 -57.15 -20.55
C VAL F 464 -9.95 -57.69 -21.08
N ALA F 465 -8.85 -57.10 -20.64
CA ALA F 465 -7.53 -57.58 -21.05
C ALA F 465 -7.34 -59.05 -20.71
N ASN F 466 -7.66 -59.43 -19.47
CA ASN F 466 -7.44 -60.79 -19.04
C ASN F 466 -8.37 -61.76 -19.76
N THR F 467 -9.64 -61.38 -19.94
CA THR F 467 -10.56 -62.27 -20.64
C THR F 467 -10.15 -62.45 -22.09
N VAL F 468 -9.68 -61.38 -22.74
CA VAL F 468 -9.25 -61.49 -24.12
C VAL F 468 -7.98 -62.32 -24.23
N LYS F 469 -7.00 -62.08 -23.36
CA LYS F 469 -5.77 -62.88 -23.41
C LYS F 469 -6.04 -64.34 -23.07
N GLY F 470 -7.09 -64.61 -22.29
CA GLY F 470 -7.52 -65.99 -22.13
C GLY F 470 -7.88 -66.64 -23.45
N GLY F 471 -8.52 -65.89 -24.35
CA GLY F 471 -8.77 -66.36 -25.68
C GLY F 471 -7.60 -66.09 -26.61
N ASP F 472 -7.78 -66.46 -27.86
CA ASP F 472 -6.70 -66.39 -28.84
C ASP F 472 -7.23 -65.84 -30.15
N GLY F 473 -6.33 -65.21 -30.90
CA GLY F 473 -6.65 -64.76 -32.25
C GLY F 473 -7.81 -63.78 -32.27
N ASN F 474 -8.77 -64.06 -33.15
CA ASN F 474 -9.90 -63.18 -33.39
C ASN F 474 -10.78 -62.99 -32.15
N TYR F 475 -10.68 -63.89 -31.18
CA TYR F 475 -11.42 -63.70 -29.94
C TYR F 475 -10.97 -62.43 -29.24
N GLY F 476 -11.84 -61.43 -29.23
CA GLY F 476 -11.62 -60.23 -28.47
C GLY F 476 -12.94 -59.84 -27.82
N TYR F 477 -13.08 -58.54 -27.57
CA TYR F 477 -14.29 -57.99 -26.98
C TYR F 477 -14.84 -56.88 -27.86
N ASN F 478 -15.95 -57.16 -28.53
CA ASN F 478 -16.68 -56.13 -29.28
C ASN F 478 -17.20 -55.10 -28.30
N ALA F 479 -16.66 -53.88 -28.38
CA ALA F 479 -17.12 -52.80 -27.52
C ALA F 479 -18.49 -52.28 -27.96
N ALA F 480 -18.77 -52.31 -29.26
CA ALA F 480 -20.10 -51.94 -29.72
C ALA F 480 -21.14 -52.96 -29.29
N THR F 481 -20.87 -54.24 -29.56
CA THR F 481 -21.74 -55.30 -29.06
C THR F 481 -21.47 -55.61 -27.60
N GLU F 482 -20.33 -55.16 -27.07
CA GLU F 482 -19.92 -55.46 -25.69
C GLU F 482 -19.92 -56.96 -25.45
N GLU F 483 -19.46 -57.73 -26.43
CA GLU F 483 -19.50 -59.18 -26.33
C GLU F 483 -18.17 -59.76 -26.79
N TYR F 484 -17.66 -60.71 -26.02
CA TYR F 484 -16.48 -61.43 -26.46
C TYR F 484 -16.83 -62.31 -27.65
N GLY F 485 -15.94 -62.30 -28.64
CA GLY F 485 -16.18 -63.07 -29.85
C GLY F 485 -15.25 -62.62 -30.96
N ASN F 486 -15.66 -62.94 -32.19
CA ASN F 486 -14.84 -62.73 -33.37
C ASN F 486 -14.87 -61.25 -33.76
N MET F 487 -13.72 -60.59 -33.66
CA MET F 487 -13.63 -59.19 -34.06
C MET F 487 -13.95 -59.01 -35.52
N ILE F 488 -13.29 -59.78 -36.39
CA ILE F 488 -13.46 -59.59 -37.83
C ILE F 488 -14.89 -59.91 -38.25
N ASP F 489 -15.44 -61.02 -37.75
CA ASP F 489 -16.81 -61.38 -38.11
C ASP F 489 -17.81 -60.37 -37.59
N MET F 490 -17.55 -59.75 -36.44
CA MET F 490 -18.37 -58.64 -36.00
C MET F 490 -17.99 -57.32 -36.65
N GLY F 491 -17.34 -57.37 -37.81
CA GLY F 491 -17.04 -56.18 -38.58
C GLY F 491 -15.98 -55.30 -38.00
N ILE F 492 -15.26 -55.76 -36.98
CA ILE F 492 -14.29 -54.95 -36.27
C ILE F 492 -12.95 -55.12 -36.99
N LEU F 493 -12.54 -54.09 -37.73
CA LEU F 493 -11.36 -54.13 -38.58
C LEU F 493 -10.48 -52.93 -38.29
N ASP F 494 -9.17 -53.15 -38.35
CA ASP F 494 -8.20 -52.07 -38.21
C ASP F 494 -7.12 -52.19 -39.28
N PRO F 495 -6.61 -51.06 -39.74
CA PRO F 495 -5.57 -51.07 -40.78
C PRO F 495 -4.24 -51.56 -40.22
N THR F 496 -3.35 -51.91 -41.15
CA THR F 496 -1.99 -52.33 -40.81
C THR F 496 -1.03 -51.14 -40.79
N LYS F 497 -1.07 -50.34 -41.85
CA LYS F 497 -0.10 -49.25 -42.01
C LYS F 497 -0.29 -48.18 -40.94
N VAL F 498 -1.53 -47.87 -40.57
CA VAL F 498 -1.77 -46.88 -39.53
C VAL F 498 -1.12 -47.30 -38.23
N THR F 499 -1.38 -48.55 -37.83
CA THR F 499 -0.81 -49.06 -36.59
C THR F 499 0.71 -49.08 -36.65
N ARG F 500 1.28 -49.57 -37.76
CA ARG F 500 2.72 -49.68 -37.85
C ARG F 500 3.39 -48.30 -37.83
N SER F 501 2.83 -47.33 -38.55
CA SER F 501 3.42 -45.99 -38.60
C SER F 501 3.32 -45.30 -37.26
N ALA F 502 2.14 -45.37 -36.62
CA ALA F 502 2.00 -44.79 -35.29
C ALA F 502 2.96 -45.45 -34.30
N LEU F 503 3.10 -46.77 -34.40
CA LEU F 503 4.11 -47.51 -33.66
C LEU F 503 5.48 -46.85 -33.79
N GLN F 504 5.95 -46.72 -35.02
CA GLN F 504 7.31 -46.23 -35.23
C GLN F 504 7.46 -44.81 -34.72
N TYR F 505 6.49 -43.94 -35.02
CA TYR F 505 6.58 -42.55 -34.58
C TYR F 505 6.63 -42.44 -33.07
N ALA F 506 5.64 -43.03 -32.40
CA ALA F 506 5.55 -42.90 -30.95
C ALA F 506 6.74 -43.56 -30.26
N ALA F 507 7.18 -44.72 -30.77
CA ALA F 507 8.31 -45.41 -30.16
C ALA F 507 9.59 -44.61 -30.31
N SER F 508 9.84 -44.04 -31.50
CA SER F 508 11.02 -43.22 -31.68
C SER F 508 11.01 -42.02 -30.74
N VAL F 509 9.86 -41.33 -30.66
CA VAL F 509 9.80 -40.14 -29.81
C VAL F 509 9.98 -40.52 -28.34
N ALA F 510 9.32 -41.59 -27.90
CA ALA F 510 9.45 -42.00 -26.50
C ALA F 510 10.88 -42.40 -26.18
N GLY F 511 11.51 -43.21 -27.04
CA GLY F 511 12.89 -43.60 -26.79
C GLY F 511 13.83 -42.42 -26.75
N LEU F 512 13.60 -41.42 -27.60
CA LEU F 512 14.37 -40.18 -27.50
C LEU F 512 14.16 -39.51 -26.16
N MET F 513 12.92 -39.44 -25.70
CA MET F 513 12.64 -38.79 -24.42
C MET F 513 13.23 -39.56 -23.25
N ILE F 514 13.43 -40.87 -23.42
CA ILE F 514 13.90 -41.69 -22.31
C ILE F 514 15.32 -41.29 -21.91
N THR F 515 16.17 -41.05 -22.88
CA THR F 515 17.55 -40.67 -22.62
C THR F 515 17.71 -39.19 -22.27
N THR F 516 16.61 -38.44 -22.31
CA THR F 516 16.59 -37.02 -22.03
C THR F 516 16.28 -36.79 -20.56
N GLU F 517 17.04 -35.89 -19.93
CA GLU F 517 16.80 -35.60 -18.51
C GLU F 517 16.66 -34.10 -18.22
N CYS F 518 17.41 -33.25 -18.90
CA CYS F 518 17.57 -31.86 -18.48
C CYS F 518 17.20 -30.92 -19.61
N MET F 519 16.50 -29.84 -19.27
CA MET F 519 16.21 -28.80 -20.26
C MET F 519 16.40 -27.41 -19.65
N VAL F 520 16.21 -26.41 -20.49
CA VAL F 520 16.29 -25.00 -20.10
C VAL F 520 15.16 -24.28 -20.81
N THR F 521 14.57 -23.28 -20.15
CA THR F 521 13.56 -22.44 -20.77
C THR F 521 13.84 -20.99 -20.42
N ASP F 522 12.90 -20.12 -20.78
CA ASP F 522 13.00 -18.71 -20.44
C ASP F 522 12.32 -18.43 -19.11
N LEU F 523 12.72 -17.33 -18.49
CA LEU F 523 12.09 -16.88 -17.27
C LEU F 523 10.90 -15.98 -17.61
N PRO F 524 9.67 -16.36 -17.25
CA PRO F 524 8.44 -15.61 -17.57
C PRO F 524 8.46 -14.17 -17.07
N ALA G 1 27.68 3.26 -18.18
CA ALA G 1 26.34 3.34 -17.60
C ALA G 1 26.40 3.30 -16.08
N ALA G 2 25.30 2.89 -15.45
CA ALA G 2 25.29 2.72 -14.00
C ALA G 2 26.27 1.61 -13.62
N LYS G 3 27.40 2.00 -13.03
CA LYS G 3 28.51 1.10 -12.82
C LYS G 3 28.41 0.35 -11.51
N ASP G 4 28.87 -0.89 -11.54
CA ASP G 4 29.05 -1.75 -10.38
C ASP G 4 30.48 -2.25 -10.42
N VAL G 5 31.34 -1.65 -9.60
CA VAL G 5 32.75 -1.98 -9.55
C VAL G 5 32.95 -3.01 -8.46
N LYS G 6 33.24 -4.25 -8.84
CA LYS G 6 33.38 -5.33 -7.88
C LYS G 6 34.81 -5.84 -7.94
N PHE G 7 35.46 -5.90 -6.78
CA PHE G 7 36.90 -6.07 -6.71
C PHE G 7 37.24 -7.48 -6.26
N GLY G 8 38.24 -8.07 -6.93
CA GLY G 8 38.94 -9.21 -6.38
C GLY G 8 38.05 -10.42 -6.17
N ASN G 9 37.95 -10.82 -4.90
CA ASN G 9 37.40 -12.13 -4.56
C ASN G 9 35.94 -12.26 -4.98
N ASP G 10 35.17 -11.18 -4.90
CA ASP G 10 33.77 -11.25 -5.29
C ASP G 10 33.62 -11.48 -6.79
N ALA G 11 34.40 -10.75 -7.60
CA ALA G 11 34.40 -11.01 -9.03
C ALA G 11 34.83 -12.44 -9.32
N ARG G 12 35.86 -12.91 -8.62
CA ARG G 12 36.33 -14.28 -8.81
C ARG G 12 35.25 -15.30 -8.48
N VAL G 13 34.55 -15.10 -7.37
CA VAL G 13 33.55 -16.08 -6.95
C VAL G 13 32.36 -16.06 -7.90
N LYS G 14 32.01 -14.88 -8.43
CA LYS G 14 30.96 -14.86 -9.46
C LYS G 14 31.40 -15.60 -10.71
N MET G 15 32.65 -15.40 -11.14
CA MET G 15 33.14 -16.09 -12.33
C MET G 15 33.12 -17.60 -12.12
N LEU G 16 33.60 -18.04 -10.95
CA LEU G 16 33.65 -19.46 -10.66
C LEU G 16 32.26 -20.06 -10.52
N ARG G 17 31.33 -19.31 -9.94
CA ARG G 17 29.96 -19.79 -9.86
C ARG G 17 29.38 -19.97 -11.26
N GLY G 18 29.66 -19.02 -12.15
CA GLY G 18 29.20 -19.18 -13.52
C GLY G 18 29.77 -20.41 -14.20
N VAL G 19 31.09 -20.60 -14.08
CA VAL G 19 31.71 -21.73 -14.75
C VAL G 19 31.23 -23.05 -14.13
N ASN G 20 30.97 -23.05 -12.82
CA ASN G 20 30.49 -24.27 -12.19
C ASN G 20 29.06 -24.59 -12.59
N VAL G 21 28.20 -23.57 -12.71
CA VAL G 21 26.85 -23.81 -13.19
C VAL G 21 26.87 -24.38 -14.59
N LEU G 22 27.72 -23.80 -15.44
CA LEU G 22 27.86 -24.33 -16.80
C LEU G 22 28.38 -25.76 -16.78
N ALA G 23 29.34 -26.05 -15.90
CA ALA G 23 29.85 -27.41 -15.80
C ALA G 23 28.76 -28.38 -15.35
N ASP G 24 27.92 -27.94 -14.41
CA ASP G 24 26.79 -28.77 -13.99
C ASP G 24 25.87 -29.07 -15.16
N ALA G 25 25.62 -28.05 -15.98
CA ALA G 25 24.78 -28.25 -17.15
C ALA G 25 25.41 -29.23 -18.14
N VAL G 26 26.73 -29.14 -18.32
CA VAL G 26 27.37 -29.77 -19.47
C VAL G 26 27.92 -31.15 -19.16
N LYS G 27 28.56 -31.33 -18.00
CA LYS G 27 29.39 -32.51 -17.75
C LYS G 27 28.63 -33.81 -17.91
N VAL G 28 27.31 -33.80 -17.75
CA VAL G 28 26.50 -35.00 -17.88
C VAL G 28 26.59 -35.55 -19.30
N THR G 29 27.28 -34.83 -20.18
CA THR G 29 27.38 -35.17 -21.60
C THR G 29 28.79 -35.65 -21.97
N LEU G 30 29.46 -36.37 -21.08
CA LEU G 30 30.86 -36.75 -21.29
C LEU G 30 31.04 -38.25 -21.16
N GLY G 31 31.73 -38.84 -22.13
CA GLY G 31 32.09 -40.24 -22.08
C GLY G 31 31.03 -41.15 -22.65
N PRO G 32 31.29 -42.45 -22.64
CA PRO G 32 30.29 -43.40 -23.14
C PRO G 32 28.99 -43.35 -22.37
N LYS G 33 29.06 -43.04 -21.08
CA LYS G 33 27.87 -42.82 -20.27
C LYS G 33 27.53 -41.34 -20.15
N GLY G 34 28.16 -40.49 -20.95
CA GLY G 34 27.67 -39.14 -21.12
C GLY G 34 26.25 -39.15 -21.64
N ARG G 35 25.43 -38.26 -21.08
CA ARG G 35 23.99 -38.32 -21.27
C ARG G 35 23.54 -37.05 -21.98
N ASN G 36 22.22 -36.89 -22.10
CA ASN G 36 21.66 -35.92 -23.03
C ASN G 36 21.34 -34.59 -22.35
N VAL G 37 21.45 -33.52 -23.13
CA VAL G 37 20.97 -32.20 -22.74
C VAL G 37 20.20 -31.62 -23.92
N VAL G 38 19.00 -31.11 -23.67
CA VAL G 38 18.11 -30.65 -24.72
C VAL G 38 18.04 -29.12 -24.69
N LEU G 39 18.38 -28.50 -25.80
CA LEU G 39 18.35 -27.05 -25.96
C LEU G 39 17.05 -26.66 -26.66
N ASP G 40 16.17 -25.99 -25.94
CA ASP G 40 14.93 -25.51 -26.53
C ASP G 40 15.19 -24.22 -27.32
N LYS G 41 14.41 -24.04 -28.38
CA LYS G 41 14.44 -22.82 -29.18
C LYS G 41 13.04 -22.24 -29.27
N SER G 42 12.97 -20.91 -29.30
CA SER G 42 11.69 -20.22 -29.26
C SER G 42 10.83 -20.57 -30.47
N PHE G 43 11.42 -20.64 -31.64
CA PHE G 43 10.70 -20.96 -32.88
C PHE G 43 11.15 -22.33 -33.35
N GLY G 44 10.46 -23.36 -32.88
CA GLY G 44 10.71 -24.72 -33.29
C GLY G 44 10.89 -25.66 -32.12
N ALA G 45 11.47 -26.81 -32.41
CA ALA G 45 11.58 -27.91 -31.47
C ALA G 45 12.83 -27.80 -30.60
N PRO G 46 12.72 -28.16 -29.33
CA PRO G 46 13.93 -28.42 -28.54
C PRO G 46 14.73 -29.58 -29.15
N THR G 47 16.04 -29.44 -29.11
CA THR G 47 16.94 -30.37 -29.77
C THR G 47 17.84 -31.05 -28.76
N ILE G 48 17.90 -32.37 -28.81
CA ILE G 48 18.71 -33.16 -27.90
C ILE G 48 20.14 -33.18 -28.44
N THR G 49 21.11 -33.02 -27.55
CA THR G 49 22.51 -32.92 -27.97
C THR G 49 23.42 -33.34 -26.82
N LYS G 50 24.69 -33.59 -27.19
CA LYS G 50 25.74 -33.99 -26.26
C LYS G 50 27.03 -33.19 -26.41
N ASP G 51 27.33 -32.64 -27.58
CA ASP G 51 28.57 -31.93 -27.78
C ASP G 51 28.61 -30.65 -26.96
N GLY G 52 29.82 -30.25 -26.58
CA GLY G 52 29.98 -29.10 -25.71
C GLY G 52 29.58 -27.79 -26.36
N VAL G 53 29.97 -27.58 -27.61
CA VAL G 53 29.81 -26.27 -28.24
C VAL G 53 28.34 -25.94 -28.44
N SER G 54 27.52 -26.95 -28.75
CA SER G 54 26.10 -26.71 -29.00
C SER G 54 25.45 -26.05 -27.80
N VAL G 55 25.69 -26.58 -26.61
CA VAL G 55 25.19 -25.96 -25.40
C VAL G 55 25.92 -24.67 -25.11
N ALA G 56 27.24 -24.65 -25.34
CA ALA G 56 28.07 -23.52 -24.91
C ALA G 56 27.66 -22.22 -25.59
N ARG G 57 27.33 -22.29 -26.88
CA ARG G 57 26.95 -21.08 -27.60
C ARG G 57 25.64 -20.49 -27.10
N GLU G 58 24.82 -21.29 -26.41
CA GLU G 58 23.49 -20.87 -25.99
C GLU G 58 23.43 -20.48 -24.52
N ILE G 59 24.59 -20.31 -23.87
CA ILE G 59 24.62 -20.08 -22.43
C ILE G 59 24.30 -18.62 -22.14
N GLU G 60 23.40 -18.40 -21.19
CA GLU G 60 23.07 -17.07 -20.69
C GLU G 60 22.69 -17.17 -19.22
N LEU G 61 23.05 -16.16 -18.45
CA LEU G 61 22.76 -16.11 -17.02
C LEU G 61 22.18 -14.74 -16.67
N GLU G 62 21.59 -14.65 -15.48
CA GLU G 62 20.92 -13.41 -15.08
C GLU G 62 21.90 -12.39 -14.52
N ASP G 63 22.77 -12.82 -13.61
CA ASP G 63 23.79 -11.93 -13.08
C ASP G 63 24.73 -11.51 -14.20
N LYS G 64 25.03 -10.21 -14.25
CA LYS G 64 25.89 -9.68 -15.28
C LYS G 64 27.29 -10.26 -15.16
N PHE G 65 27.77 -10.42 -13.93
CA PHE G 65 29.04 -11.12 -13.72
C PHE G 65 28.95 -12.55 -14.23
N GLU G 66 27.88 -13.25 -13.89
CA GLU G 66 27.65 -14.57 -14.46
C GLU G 66 27.55 -14.51 -15.98
N ASN G 67 26.99 -13.40 -16.50
CA ASN G 67 26.88 -13.24 -17.94
C ASN G 67 28.26 -13.19 -18.60
N MET G 68 29.16 -12.34 -18.11
CA MET G 68 30.48 -12.29 -18.72
C MET G 68 31.25 -13.57 -18.46
N GLY G 69 31.03 -14.22 -17.32
CA GLY G 69 31.64 -15.52 -17.10
C GLY G 69 31.26 -16.50 -18.18
N ALA G 70 29.97 -16.56 -18.50
CA ALA G 70 29.52 -17.38 -19.62
C ALA G 70 30.15 -16.93 -20.93
N GLN G 71 30.30 -15.62 -21.12
CA GLN G 71 30.85 -15.12 -22.37
C GLN G 71 32.29 -15.58 -22.57
N MET G 72 33.13 -15.46 -21.54
CA MET G 72 34.51 -15.92 -21.68
C MET G 72 34.64 -17.43 -21.68
N VAL G 73 33.72 -18.17 -21.04
CA VAL G 73 33.84 -19.61 -21.12
C VAL G 73 33.34 -20.15 -22.45
N LYS G 74 32.48 -19.40 -23.15
CA LYS G 74 31.99 -19.84 -24.45
C LYS G 74 33.08 -19.84 -25.51
N GLU G 75 33.98 -18.85 -25.48
CA GLU G 75 35.00 -18.75 -26.52
C GLU G 75 36.04 -19.87 -26.45
N VAL G 76 36.24 -20.48 -25.27
CA VAL G 76 37.13 -21.63 -25.19
C VAL G 76 36.58 -22.78 -26.01
N ALA G 77 35.29 -23.08 -25.83
CA ALA G 77 34.64 -24.11 -26.65
C ALA G 77 34.59 -23.68 -28.11
N SER G 78 34.44 -22.38 -28.36
CA SER G 78 34.46 -21.89 -29.73
C SER G 78 35.80 -22.21 -30.40
N LYS G 79 36.90 -21.94 -29.71
CA LYS G 79 38.22 -22.26 -30.24
C LYS G 79 38.41 -23.77 -30.40
N ALA G 80 37.95 -24.54 -29.42
CA ALA G 80 38.09 -26.00 -29.49
C ALA G 80 37.35 -26.55 -30.71
N ASN G 81 36.15 -26.04 -30.97
CA ASN G 81 35.41 -26.43 -32.17
C ASN G 81 36.12 -25.95 -33.43
N ASP G 82 36.65 -24.72 -33.40
CA ASP G 82 37.33 -24.18 -34.57
C ASP G 82 38.57 -25.00 -34.91
N ALA G 83 39.16 -25.68 -33.93
CA ALA G 83 40.30 -26.53 -34.19
C ALA G 83 39.88 -27.77 -34.99
N ALA G 84 39.03 -28.61 -34.42
CA ALA G 84 38.57 -29.82 -35.09
C ALA G 84 37.06 -30.01 -35.03
N GLY G 85 36.43 -29.70 -33.90
CA GLY G 85 35.01 -29.92 -33.72
C GLY G 85 34.62 -31.02 -32.74
N ASP G 86 35.58 -31.62 -32.06
CA ASP G 86 35.29 -32.62 -31.04
C ASP G 86 36.19 -32.37 -29.84
N GLY G 87 36.07 -33.21 -28.82
CA GLY G 87 36.83 -33.00 -27.61
C GLY G 87 36.47 -31.74 -26.86
N THR G 88 35.35 -31.11 -27.20
CA THR G 88 34.98 -29.87 -26.53
C THR G 88 34.63 -30.10 -25.07
N THR G 89 33.92 -31.20 -24.78
CA THR G 89 33.58 -31.51 -23.39
C THR G 89 34.84 -31.77 -22.57
N THR G 90 35.82 -32.44 -23.16
CA THR G 90 37.10 -32.62 -22.48
C THR G 90 37.79 -31.29 -22.26
N ALA G 91 37.70 -30.39 -23.23
CA ALA G 91 38.26 -29.05 -23.06
C ALA G 91 37.60 -28.32 -21.91
N THR G 92 36.28 -28.44 -21.79
CA THR G 92 35.56 -27.80 -20.68
C THR G 92 35.96 -28.39 -19.33
N VAL G 93 36.10 -29.72 -19.27
CA VAL G 93 36.52 -30.36 -18.03
C VAL G 93 37.91 -29.88 -17.62
N LEU G 94 38.84 -29.86 -18.55
CA LEU G 94 40.18 -29.39 -18.22
C LEU G 94 40.17 -27.91 -17.86
N ALA G 95 39.36 -27.11 -18.54
CA ALA G 95 39.30 -25.69 -18.25
C ALA G 95 38.79 -25.44 -16.84
N GLN G 96 37.71 -26.12 -16.45
CA GLN G 96 37.19 -25.95 -15.10
C GLN G 96 38.20 -26.43 -14.07
N ALA G 97 38.84 -27.58 -14.31
CA ALA G 97 39.83 -28.07 -13.37
C ALA G 97 40.97 -27.08 -13.20
N ILE G 98 41.51 -26.58 -14.31
CA ILE G 98 42.67 -25.70 -14.24
C ILE G 98 42.30 -24.36 -13.63
N ILE G 99 41.15 -23.79 -14.01
CA ILE G 99 40.76 -22.51 -13.45
C ILE G 99 40.50 -22.64 -11.97
N THR G 100 39.89 -23.76 -11.55
CA THR G 100 39.64 -23.96 -10.12
C THR G 100 40.95 -24.07 -9.37
N GLU G 101 41.91 -24.85 -9.90
CA GLU G 101 43.21 -24.96 -9.25
C GLU G 101 43.89 -23.60 -9.15
N GLY G 102 43.87 -22.84 -10.24
CA GLY G 102 44.54 -21.56 -10.25
C GLY G 102 43.89 -20.53 -9.34
N LEU G 103 42.56 -20.55 -9.23
CA LEU G 103 41.91 -19.61 -8.33
C LEU G 103 42.13 -19.99 -6.88
N LYS G 104 42.19 -21.29 -6.57
CA LYS G 104 42.62 -21.67 -5.24
C LYS G 104 44.06 -21.23 -4.98
N ALA G 105 44.90 -21.25 -6.02
CA ALA G 105 46.28 -20.80 -5.87
C ALA G 105 46.33 -19.30 -5.56
N VAL G 106 45.60 -18.49 -6.34
CA VAL G 106 45.59 -17.04 -6.11
C VAL G 106 44.82 -16.66 -4.87
N ALA G 107 44.02 -17.57 -4.31
CA ALA G 107 43.42 -17.33 -3.01
C ALA G 107 44.48 -17.19 -1.93
N ALA G 108 45.67 -17.72 -2.16
CA ALA G 108 46.81 -17.51 -1.28
C ALA G 108 47.55 -16.20 -1.57
N GLY G 109 47.16 -15.49 -2.63
CA GLY G 109 47.77 -14.22 -2.96
C GLY G 109 49.23 -14.32 -3.34
N MET G 110 49.58 -15.36 -4.09
CA MET G 110 50.95 -15.59 -4.51
C MET G 110 51.07 -15.26 -6.00
N ASN G 111 52.32 -15.03 -6.43
CA ASN G 111 52.60 -14.38 -7.70
C ASN G 111 51.89 -15.09 -8.86
N PRO G 112 50.87 -14.48 -9.46
CA PRO G 112 50.07 -15.20 -10.47
C PRO G 112 50.76 -15.31 -11.81
N MET G 113 51.49 -14.28 -12.23
CA MET G 113 52.10 -14.31 -13.56
C MET G 113 53.29 -15.27 -13.63
N ASP G 114 54.00 -15.49 -12.51
CA ASP G 114 54.99 -16.56 -12.50
C ASP G 114 54.32 -17.92 -12.66
N LEU G 115 53.19 -18.13 -11.98
CA LEU G 115 52.41 -19.33 -12.19
C LEU G 115 52.03 -19.47 -13.65
N LYS G 116 51.59 -18.37 -14.28
CA LYS G 116 51.19 -18.43 -15.68
C LYS G 116 52.37 -18.76 -16.58
N ARG G 117 53.55 -18.20 -16.28
CA ARG G 117 54.75 -18.54 -17.04
C ARG G 117 55.07 -20.03 -16.92
N GLY G 118 55.08 -20.55 -15.69
CA GLY G 118 55.34 -21.97 -15.51
C GLY G 118 54.33 -22.83 -16.25
N ILE G 119 53.06 -22.41 -16.23
CA ILE G 119 52.01 -23.15 -16.91
C ILE G 119 52.23 -23.13 -18.43
N ASP G 120 52.59 -21.98 -18.98
CA ASP G 120 52.83 -21.89 -20.43
C ASP G 120 54.01 -22.75 -20.85
N LYS G 121 55.08 -22.73 -20.07
CA LYS G 121 56.22 -23.59 -20.37
C LYS G 121 55.83 -25.06 -20.27
N ALA G 122 55.02 -25.41 -19.26
CA ALA G 122 54.53 -26.77 -19.15
C ALA G 122 53.69 -27.16 -20.36
N VAL G 123 52.87 -26.23 -20.85
CA VAL G 123 52.05 -26.51 -22.03
C VAL G 123 52.92 -26.74 -23.25
N THR G 124 53.94 -25.91 -23.43
CA THR G 124 54.84 -26.08 -24.56
C THR G 124 55.53 -27.44 -24.50
N ALA G 125 56.10 -27.78 -23.33
CA ALA G 125 56.76 -29.08 -23.19
C ALA G 125 55.78 -30.22 -23.36
N ALA G 126 54.52 -30.03 -22.94
CA ALA G 126 53.50 -31.05 -23.12
C ALA G 126 53.21 -31.27 -24.59
N VAL G 127 53.13 -30.19 -25.37
CA VAL G 127 52.97 -30.34 -26.81
C VAL G 127 54.15 -31.09 -27.40
N GLU G 128 55.37 -30.77 -26.95
CA GLU G 128 56.55 -31.46 -27.46
C GLU G 128 56.48 -32.96 -27.18
N GLU G 129 56.19 -33.33 -25.92
CA GLU G 129 56.20 -34.74 -25.57
C GLU G 129 55.00 -35.47 -26.18
N LEU G 130 53.88 -34.76 -26.38
CA LEU G 130 52.75 -35.36 -27.07
C LEU G 130 53.10 -35.68 -28.52
N LYS G 131 53.82 -34.77 -29.18
CA LYS G 131 54.35 -35.08 -30.50
C LYS G 131 55.28 -36.28 -30.44
N ALA G 132 56.13 -36.34 -29.41
CA ALA G 132 57.01 -37.49 -29.23
C ALA G 132 56.24 -38.78 -29.02
N LEU G 133 55.01 -38.70 -28.51
CA LEU G 133 54.22 -39.88 -28.20
C LEU G 133 53.11 -40.14 -29.20
N SER G 134 52.71 -39.15 -29.98
CA SER G 134 51.62 -39.35 -30.94
C SER G 134 51.99 -40.43 -31.94
N VAL G 135 51.03 -41.30 -32.23
CA VAL G 135 51.26 -42.42 -33.14
C VAL G 135 50.20 -42.40 -34.23
N PRO G 136 50.51 -42.84 -35.44
CA PRO G 136 49.55 -42.75 -36.55
C PRO G 136 48.43 -43.77 -36.42
N CYS G 137 47.33 -43.47 -37.12
CA CYS G 137 46.21 -44.40 -37.28
C CYS G 137 45.93 -44.54 -38.77
N SER G 138 46.35 -45.64 -39.36
CA SER G 138 46.35 -45.80 -40.80
C SER G 138 45.45 -46.92 -41.29
N ASP G 139 45.36 -48.03 -40.56
CA ASP G 139 44.53 -49.14 -40.99
C ASP G 139 43.08 -48.70 -41.15
N SER G 140 42.50 -49.02 -42.30
CA SER G 140 41.13 -48.64 -42.58
C SER G 140 40.15 -49.24 -41.58
N LYS G 141 40.51 -50.37 -40.96
CA LYS G 141 39.63 -50.98 -39.97
C LYS G 141 39.55 -50.17 -38.69
N ALA G 142 40.69 -49.70 -38.19
CA ALA G 142 40.67 -48.83 -37.01
C ALA G 142 40.04 -47.49 -37.33
N ILE G 143 40.23 -46.99 -38.55
CA ILE G 143 39.60 -45.73 -38.94
C ILE G 143 38.09 -45.89 -39.03
N ALA G 144 37.63 -47.04 -39.53
CA ALA G 144 36.20 -47.34 -39.53
C ALA G 144 35.67 -47.46 -38.10
N GLN G 145 36.47 -48.06 -37.22
CA GLN G 145 36.10 -48.11 -35.81
C GLN G 145 35.96 -46.70 -35.24
N VAL G 146 36.87 -45.81 -35.62
CA VAL G 146 36.82 -44.42 -35.16
C VAL G 146 35.57 -43.72 -35.67
N GLY G 147 35.27 -43.89 -36.96
CA GLY G 147 34.05 -43.30 -37.51
C GLY G 147 32.81 -43.86 -36.84
N THR G 148 32.87 -45.13 -36.44
CA THR G 148 31.77 -45.72 -35.70
C THR G 148 31.62 -45.08 -34.31
N ILE G 149 32.73 -45.00 -33.58
CA ILE G 149 32.67 -44.60 -32.18
C ILE G 149 32.33 -43.11 -32.05
N SER G 150 32.95 -42.28 -32.88
CA SER G 150 32.66 -40.85 -32.83
C SER G 150 31.22 -40.55 -33.22
N ALA G 151 30.58 -41.43 -33.98
CA ALA G 151 29.14 -41.38 -34.21
C ALA G 151 28.37 -42.06 -33.10
N ASN G 152 28.98 -42.20 -31.92
CA ASN G 152 28.41 -42.91 -30.78
C ASN G 152 28.05 -44.35 -31.16
N SER G 153 29.09 -45.09 -31.56
CA SER G 153 28.99 -46.52 -31.89
C SER G 153 27.95 -46.78 -32.97
N ASP G 154 28.22 -46.26 -34.17
CA ASP G 154 27.40 -46.53 -35.35
C ASP G 154 28.29 -47.19 -36.39
N GLU G 155 28.22 -48.52 -36.47
CA GLU G 155 29.10 -49.27 -37.36
C GLU G 155 28.84 -48.94 -38.82
N THR G 156 27.59 -48.72 -39.19
CA THR G 156 27.28 -48.33 -40.56
C THR G 156 27.98 -47.02 -40.91
N VAL G 157 28.05 -46.09 -39.96
CA VAL G 157 28.71 -44.80 -40.21
C VAL G 157 30.19 -45.01 -40.52
N GLY G 158 30.88 -45.76 -39.67
CA GLY G 158 32.30 -46.00 -39.91
C GLY G 158 32.54 -46.78 -41.19
N LYS G 159 31.68 -47.76 -41.46
CA LYS G 159 31.79 -48.56 -42.68
C LYS G 159 31.68 -47.67 -43.91
N LEU G 160 30.63 -46.86 -43.97
CA LEU G 160 30.44 -46.02 -45.16
C LEU G 160 31.50 -44.93 -45.26
N ILE G 161 32.00 -44.43 -44.12
CA ILE G 161 33.06 -43.44 -44.15
C ILE G 161 34.34 -44.04 -44.72
N ALA G 162 34.67 -45.26 -44.29
CA ALA G 162 35.83 -45.95 -44.84
C ALA G 162 35.66 -46.23 -46.32
N GLU G 163 34.46 -46.64 -46.73
CA GLU G 163 34.19 -46.87 -48.15
C GLU G 163 34.39 -45.58 -48.95
N ALA G 164 33.86 -44.47 -48.43
CA ALA G 164 33.97 -43.20 -49.14
C ALA G 164 35.42 -42.78 -49.27
N MET G 165 36.21 -42.88 -48.20
CA MET G 165 37.61 -42.49 -48.31
C MET G 165 38.36 -43.41 -49.26
N ASP G 166 38.06 -44.72 -49.24
CA ASP G 166 38.74 -45.64 -50.13
C ASP G 166 38.44 -45.32 -51.59
N LYS G 167 37.17 -45.10 -51.93
CA LYS G 167 36.83 -44.79 -53.31
C LYS G 167 37.24 -43.39 -53.69
N VAL G 168 37.50 -42.53 -52.71
CA VAL G 168 37.93 -41.16 -52.98
C VAL G 168 39.44 -41.03 -52.92
N GLY G 169 40.05 -41.49 -51.83
CA GLY G 169 41.48 -41.34 -51.64
C GLY G 169 41.79 -40.14 -50.77
N LYS G 170 43.10 -39.87 -50.65
CA LYS G 170 43.57 -38.81 -49.77
C LYS G 170 43.13 -37.43 -50.27
N GLU G 171 43.36 -37.15 -51.55
CA GLU G 171 43.28 -35.78 -52.05
C GLU G 171 41.88 -35.38 -52.51
N GLY G 172 40.89 -36.25 -52.35
CA GLY G 172 39.53 -35.93 -52.75
C GLY G 172 38.75 -35.23 -51.67
N VAL G 173 37.48 -34.97 -51.97
CA VAL G 173 36.57 -34.25 -51.08
C VAL G 173 35.35 -35.12 -50.84
N ILE G 174 35.01 -35.34 -49.57
CA ILE G 174 33.85 -36.12 -49.17
C ILE G 174 32.87 -35.20 -48.46
N THR G 175 31.63 -35.16 -48.96
CA THR G 175 30.60 -34.29 -48.42
C THR G 175 29.35 -35.10 -48.10
N VAL G 176 28.61 -34.64 -47.08
CA VAL G 176 27.39 -35.28 -46.61
C VAL G 176 26.26 -34.28 -46.70
N GLU G 177 25.14 -34.69 -47.29
CA GLU G 177 23.98 -33.83 -47.48
C GLU G 177 22.71 -34.62 -47.15
N ASP G 178 21.58 -33.95 -47.27
CA ASP G 178 20.29 -34.56 -46.98
C ASP G 178 19.92 -35.58 -48.06
N GLY G 179 19.09 -36.54 -47.65
CA GLY G 179 18.51 -37.48 -48.60
C GLY G 179 17.03 -37.65 -48.35
N THR G 180 16.35 -38.40 -49.22
CA THR G 180 14.92 -38.65 -49.08
C THR G 180 14.60 -40.08 -48.69
N GLY G 181 15.48 -41.02 -48.98
CA GLY G 181 15.25 -42.41 -48.61
C GLY G 181 15.43 -42.63 -47.13
N LEU G 182 15.15 -43.86 -46.70
CA LEU G 182 15.25 -44.24 -45.31
C LEU G 182 16.64 -44.71 -44.91
N GLN G 183 17.54 -44.91 -45.86
CA GLN G 183 18.91 -45.30 -45.59
C GLN G 183 19.87 -44.38 -46.33
N ASP G 184 21.10 -44.34 -45.85
CA ASP G 184 22.13 -43.48 -46.42
C ASP G 184 22.62 -44.07 -47.75
N GLU G 185 22.99 -43.19 -48.68
CA GLU G 185 23.49 -43.61 -49.97
C GLU G 185 24.75 -42.84 -50.34
N LEU G 186 25.58 -43.46 -51.17
CA LEU G 186 26.88 -42.92 -51.56
C LEU G 186 27.00 -42.84 -53.07
N ASP G 187 27.58 -41.74 -53.55
CA ASP G 187 27.94 -41.59 -54.95
C ASP G 187 29.36 -41.03 -55.01
N VAL G 188 30.30 -41.83 -55.51
CA VAL G 188 31.71 -41.46 -55.56
C VAL G 188 32.14 -41.35 -57.02
N VAL G 189 32.79 -40.23 -57.35
CA VAL G 189 33.25 -39.97 -58.70
C VAL G 189 34.65 -39.35 -58.61
N GLU G 190 35.37 -39.39 -59.73
CA GLU G 190 36.65 -38.70 -59.85
C GLU G 190 36.35 -37.23 -60.15
N GLY G 191 36.47 -36.38 -59.13
CA GLY G 191 36.01 -35.02 -59.19
C GLY G 191 37.12 -34.00 -59.28
N MET G 192 36.76 -32.74 -59.05
CA MET G 192 37.65 -31.60 -59.22
C MET G 192 37.50 -30.65 -58.04
N GLN G 193 38.51 -29.83 -57.83
CA GLN G 193 38.44 -28.81 -56.79
C GLN G 193 39.45 -27.70 -57.09
N PHE G 194 39.03 -26.46 -56.87
CA PHE G 194 39.97 -25.35 -56.92
C PHE G 194 39.58 -24.30 -55.88
N ASP G 195 40.59 -23.58 -55.41
CA ASP G 195 40.43 -22.67 -54.27
C ASP G 195 39.95 -21.30 -54.74
N ARG G 196 38.63 -21.20 -54.90
CA ARG G 196 37.97 -19.94 -55.16
C ARG G 196 36.70 -19.85 -54.32
N GLY G 197 36.37 -18.64 -53.90
CA GLY G 197 35.15 -18.39 -53.16
C GLY G 197 34.06 -17.84 -54.05
N TYR G 198 32.82 -17.98 -53.60
CA TYR G 198 31.70 -17.40 -54.32
C TYR G 198 31.81 -15.88 -54.30
N LEU G 199 31.51 -15.27 -55.45
CA LEU G 199 31.63 -13.82 -55.58
C LEU G 199 30.45 -13.06 -55.00
N SER G 200 29.41 -13.76 -54.52
CA SER G 200 28.26 -13.11 -53.93
C SER G 200 27.66 -13.99 -52.83
N PRO G 201 27.50 -13.47 -51.62
CA PRO G 201 26.83 -14.26 -50.58
C PRO G 201 25.37 -14.57 -50.91
N TYR G 202 24.73 -13.76 -51.74
CA TYR G 202 23.33 -14.01 -52.10
C TYR G 202 23.17 -15.22 -53.02
N PHE G 203 24.25 -15.71 -53.63
CA PHE G 203 24.19 -16.97 -54.37
C PHE G 203 24.01 -18.17 -53.46
N ILE G 204 24.23 -18.01 -52.16
CA ILE G 204 24.12 -19.12 -51.22
C ILE G 204 22.68 -19.58 -51.16
N ASN G 205 22.41 -20.76 -51.73
CA ASN G 205 21.07 -21.35 -51.71
C ASN G 205 20.78 -22.11 -50.43
N LYS G 206 21.78 -22.27 -49.55
CA LYS G 206 21.63 -22.96 -48.28
C LYS G 206 22.17 -22.02 -47.21
N PRO G 207 21.38 -21.01 -46.83
CA PRO G 207 21.91 -19.96 -45.95
C PRO G 207 22.34 -20.44 -44.57
N GLU G 208 21.81 -21.56 -44.08
CA GLU G 208 22.19 -22.05 -42.77
C GLU G 208 23.66 -22.43 -42.72
N THR G 209 24.28 -22.63 -43.89
CA THR G 209 25.68 -23.02 -43.98
C THR G 209 26.55 -21.99 -44.69
N GLY G 210 25.96 -21.04 -45.40
CA GLY G 210 26.75 -20.07 -46.14
C GLY G 210 27.52 -20.66 -47.30
N ALA G 211 26.92 -21.61 -48.02
CA ALA G 211 27.58 -22.27 -49.14
C ALA G 211 26.55 -22.51 -50.24
N VAL G 212 27.04 -22.72 -51.45
CA VAL G 212 26.20 -22.86 -52.63
C VAL G 212 26.26 -24.31 -53.11
N GLU G 213 25.10 -24.94 -53.28
CA GLU G 213 24.98 -26.28 -53.84
C GLU G 213 24.15 -26.22 -55.12
N LEU G 214 24.62 -26.91 -56.15
CA LEU G 214 23.89 -27.02 -57.41
C LEU G 214 23.89 -28.47 -57.89
N GLU G 215 22.78 -28.88 -58.47
CA GLU G 215 22.58 -30.25 -58.92
C GLU G 215 22.37 -30.25 -60.43
N SER G 216 23.17 -31.06 -61.13
CA SER G 216 23.13 -31.18 -62.59
C SER G 216 23.16 -29.83 -63.29
N PRO G 217 24.21 -29.01 -63.09
CA PRO G 217 24.21 -27.68 -63.72
C PRO G 217 24.85 -27.67 -65.09
N PHE G 218 24.96 -26.48 -65.67
CA PHE G 218 25.79 -26.24 -66.84
C PHE G 218 27.06 -25.50 -66.43
N ILE G 219 28.09 -25.63 -67.27
CA ILE G 219 29.39 -25.04 -67.01
C ILE G 219 29.71 -24.06 -68.13
N LEU G 220 30.01 -22.81 -67.76
CA LEU G 220 30.41 -21.78 -68.70
C LEU G 220 31.76 -21.24 -68.24
N LEU G 221 32.84 -21.81 -68.77
CA LEU G 221 34.20 -21.43 -68.39
C LEU G 221 34.59 -20.21 -69.21
N ALA G 222 34.51 -19.02 -68.62
CA ALA G 222 34.86 -17.80 -69.31
C ALA G 222 36.31 -17.46 -68.98
N ASP G 223 37.20 -17.65 -69.95
CA ASP G 223 38.56 -17.14 -69.82
C ASP G 223 38.54 -15.67 -70.23
N LYS G 224 37.62 -14.91 -69.64
CA LYS G 224 37.39 -13.54 -70.03
C LYS G 224 36.70 -12.82 -68.87
N LYS G 225 36.71 -11.50 -68.94
CA LYS G 225 36.09 -10.66 -67.93
C LYS G 225 34.64 -10.36 -68.33
N ILE G 226 33.70 -10.76 -67.48
CA ILE G 226 32.28 -10.48 -67.71
C ILE G 226 31.87 -9.38 -66.75
N SER G 227 31.72 -8.17 -67.28
CA SER G 227 31.34 -7.02 -66.47
C SER G 227 29.88 -6.62 -66.66
N ASN G 228 29.38 -6.68 -67.89
CA ASN G 228 28.01 -6.32 -68.19
C ASN G 228 27.15 -7.58 -68.31
N ILE G 229 25.93 -7.51 -67.77
CA ILE G 229 25.00 -8.62 -67.89
C ILE G 229 24.57 -8.86 -69.33
N ARG G 230 24.86 -7.92 -70.24
CA ARG G 230 24.53 -8.13 -71.65
C ARG G 230 25.21 -9.37 -72.21
N GLU G 231 26.30 -9.81 -71.59
CA GLU G 231 26.99 -11.01 -72.04
C GLU G 231 26.27 -12.29 -71.62
N MET G 232 25.12 -12.18 -70.95
CA MET G 232 24.45 -13.32 -70.35
C MET G 232 22.97 -13.43 -70.67
N LEU G 233 22.34 -12.41 -71.28
CA LEU G 233 20.90 -12.45 -71.53
C LEU G 233 20.43 -13.69 -72.28
N PRO G 234 21.06 -14.12 -73.38
CA PRO G 234 20.56 -15.35 -74.03
C PRO G 234 20.69 -16.59 -73.16
N VAL G 235 21.91 -16.90 -72.69
CA VAL G 235 22.13 -18.13 -71.94
C VAL G 235 21.24 -18.17 -70.70
N LEU G 236 21.12 -17.04 -70.00
CA LEU G 236 20.21 -16.98 -68.86
C LEU G 236 18.81 -17.44 -69.25
N GLU G 237 18.25 -16.87 -70.33
CA GLU G 237 16.95 -17.31 -70.80
C GLU G 237 16.98 -18.79 -71.13
N ALA G 238 18.05 -19.25 -71.79
CA ALA G 238 18.20 -20.67 -72.06
C ALA G 238 18.21 -21.47 -70.76
N VAL G 239 18.91 -20.97 -69.74
CA VAL G 239 18.87 -21.62 -68.43
C VAL G 239 17.44 -21.61 -67.90
N ALA G 240 16.74 -20.48 -68.03
CA ALA G 240 15.34 -20.43 -67.66
C ALA G 240 14.54 -21.46 -68.46
N LYS G 241 14.93 -21.68 -69.73
CA LYS G 241 14.32 -22.73 -70.52
C LYS G 241 14.86 -24.10 -70.13
N ALA G 242 16.12 -24.18 -69.73
CA ALA G 242 16.73 -25.47 -69.44
C ALA G 242 16.18 -26.06 -68.14
N GLY G 243 16.05 -25.24 -67.11
CA GLY G 243 15.63 -25.72 -65.81
C GLY G 243 16.75 -26.26 -64.95
N LYS G 244 17.92 -26.52 -65.52
CA LYS G 244 19.08 -26.92 -64.75
C LYS G 244 20.06 -25.75 -64.62
N PRO G 245 20.83 -25.71 -63.53
CA PRO G 245 21.60 -24.51 -63.23
C PRO G 245 22.72 -24.25 -64.23
N LEU G 246 23.33 -23.08 -64.09
CA LEU G 246 24.51 -22.69 -64.86
C LEU G 246 25.48 -21.95 -63.96
N LEU G 247 26.75 -22.33 -64.02
CA LEU G 247 27.80 -21.71 -63.23
C LEU G 247 28.88 -21.23 -64.18
N ILE G 248 29.29 -19.98 -63.99
CA ILE G 248 30.15 -19.27 -64.93
C ILE G 248 31.50 -19.03 -64.25
N ILE G 249 32.51 -19.79 -64.66
CA ILE G 249 33.86 -19.68 -64.12
C ILE G 249 34.58 -18.63 -64.95
N ALA G 250 34.38 -17.37 -64.61
CA ALA G 250 34.94 -16.25 -65.36
C ALA G 250 36.21 -15.75 -64.66
N GLU G 251 36.88 -14.80 -65.31
CA GLU G 251 38.02 -14.15 -64.67
C GLU G 251 37.58 -13.36 -63.45
N ASP G 252 36.49 -12.61 -63.57
CA ASP G 252 35.86 -11.87 -62.48
C ASP G 252 34.54 -11.32 -63.00
N VAL G 253 33.70 -10.86 -62.09
CA VAL G 253 32.42 -10.28 -62.43
C VAL G 253 32.27 -8.96 -61.68
N GLU G 254 31.86 -7.92 -62.40
CA GLU G 254 31.70 -6.58 -61.83
C GLU G 254 30.31 -6.44 -61.21
N GLY G 255 29.96 -5.22 -60.81
CA GLY G 255 28.75 -5.01 -60.03
C GLY G 255 27.47 -5.28 -60.77
N GLU G 256 27.35 -4.79 -62.00
CA GLU G 256 26.05 -4.79 -62.69
C GLU G 256 25.64 -6.21 -63.09
N ALA G 257 26.54 -6.96 -63.72
CA ALA G 257 26.20 -8.32 -64.15
C ALA G 257 25.91 -9.20 -62.94
N LEU G 258 26.74 -9.10 -61.89
CA LEU G 258 26.53 -9.91 -60.70
C LEU G 258 25.21 -9.54 -60.02
N ALA G 259 24.89 -8.25 -59.97
CA ALA G 259 23.63 -7.81 -59.36
C ALA G 259 22.43 -8.32 -60.14
N THR G 260 22.49 -8.27 -61.47
CA THR G 260 21.40 -8.81 -62.27
C THR G 260 21.26 -10.32 -62.06
N LEU G 261 22.38 -11.03 -61.98
CA LEU G 261 22.34 -12.47 -61.72
C LEU G 261 21.68 -12.79 -60.39
N VAL G 262 22.08 -12.08 -59.32
CA VAL G 262 21.54 -12.39 -58.01
C VAL G 262 20.07 -11.96 -57.91
N VAL G 263 19.68 -10.91 -58.63
CA VAL G 263 18.27 -10.51 -58.65
C VAL G 263 17.43 -11.58 -59.35
N ASN G 264 17.91 -12.08 -60.49
CA ASN G 264 17.16 -13.10 -61.22
C ASN G 264 17.12 -14.43 -60.47
N THR G 265 18.16 -14.76 -59.71
CA THR G 265 18.14 -15.99 -58.92
C THR G 265 17.03 -15.95 -57.88
N MET G 266 16.86 -14.80 -57.22
CA MET G 266 15.85 -14.68 -56.18
C MET G 266 14.45 -14.44 -56.73
N ARG G 267 14.32 -14.21 -58.04
CA ARG G 267 13.00 -14.08 -58.65
C ARG G 267 12.48 -15.39 -59.23
N GLY G 268 13.22 -16.49 -59.09
CA GLY G 268 12.80 -17.75 -59.62
C GLY G 268 12.98 -17.92 -61.11
N ILE G 269 13.67 -17.00 -61.77
CA ILE G 269 13.85 -17.09 -63.22
C ILE G 269 14.91 -18.13 -63.56
N VAL G 270 16.12 -17.97 -63.01
CA VAL G 270 17.24 -18.82 -63.33
C VAL G 270 18.01 -19.17 -62.07
N LYS G 271 18.78 -20.25 -62.14
CA LYS G 271 19.78 -20.58 -61.12
C LYS G 271 21.14 -20.48 -61.80
N VAL G 272 21.70 -19.28 -61.84
CA VAL G 272 22.98 -19.02 -62.49
C VAL G 272 23.89 -18.28 -61.52
N ALA G 273 25.09 -18.81 -61.33
CA ALA G 273 26.09 -18.21 -60.46
C ALA G 273 27.34 -17.90 -61.26
N ALA G 274 28.21 -17.08 -60.69
CA ALA G 274 29.46 -16.69 -61.33
C ALA G 274 30.57 -16.64 -60.29
N VAL G 275 31.72 -17.24 -60.61
CA VAL G 275 32.88 -17.27 -59.73
C VAL G 275 34.12 -16.90 -60.55
N LYS G 276 35.23 -16.69 -59.85
CA LYS G 276 36.48 -16.30 -60.47
C LYS G 276 37.27 -17.53 -60.91
N ALA G 277 37.87 -17.42 -62.10
CA ALA G 277 38.64 -18.54 -62.64
C ALA G 277 39.91 -18.74 -61.84
N PRO G 278 40.20 -19.94 -61.36
CA PRO G 278 41.40 -20.16 -60.54
C PRO G 278 42.66 -19.99 -61.36
N GLY G 279 43.73 -19.56 -60.69
CA GLY G 279 45.04 -19.44 -61.30
C GLY G 279 45.37 -18.00 -61.71
N PHE G 280 46.62 -17.80 -62.07
CA PHE G 280 47.10 -16.50 -62.54
C PHE G 280 48.02 -16.73 -63.73
N GLY G 281 47.53 -16.41 -64.92
CA GLY G 281 48.33 -16.56 -66.12
C GLY G 281 48.02 -17.85 -66.87
N ASP G 282 49.08 -18.55 -67.29
CA ASP G 282 48.89 -19.81 -68.01
C ASP G 282 48.17 -20.85 -67.17
N ARG G 283 48.42 -20.84 -65.86
CA ARG G 283 47.77 -21.80 -64.97
C ARG G 283 46.26 -21.61 -64.95
N ARG G 284 45.79 -20.37 -65.08
CA ARG G 284 44.36 -20.13 -65.05
C ARG G 284 43.65 -20.74 -66.25
N LYS G 285 44.16 -20.46 -67.45
CA LYS G 285 43.62 -21.08 -68.65
C LYS G 285 43.80 -22.60 -68.61
N ALA G 286 44.89 -23.06 -67.98
CA ALA G 286 45.12 -24.49 -67.85
C ALA G 286 44.01 -25.16 -67.02
N MET G 287 43.69 -24.57 -65.86
CA MET G 287 42.56 -25.08 -65.08
C MET G 287 41.26 -25.00 -65.86
N LEU G 288 41.06 -23.88 -66.57
CA LEU G 288 39.81 -23.70 -67.31
C LEU G 288 39.63 -24.78 -68.37
N GLN G 289 40.70 -25.08 -69.11
CA GLN G 289 40.60 -26.11 -70.15
C GLN G 289 40.56 -27.51 -69.55
N ASP G 290 41.18 -27.72 -68.39
CA ASP G 290 41.01 -28.97 -67.68
C ASP G 290 39.53 -29.21 -67.36
N ILE G 291 38.87 -28.18 -66.82
CA ILE G 291 37.43 -28.28 -66.54
C ILE G 291 36.65 -28.50 -67.83
N ALA G 292 37.08 -27.83 -68.91
CA ALA G 292 36.40 -27.99 -70.20
C ALA G 292 36.44 -29.44 -70.68
N THR G 293 37.63 -30.05 -70.67
CA THR G 293 37.74 -31.44 -71.11
C THR G 293 36.99 -32.38 -70.17
N LEU G 294 37.00 -32.09 -68.87
CA LEU G 294 36.44 -33.03 -67.90
C LEU G 294 34.91 -33.13 -68.01
N THR G 295 34.23 -31.99 -68.09
CA THR G 295 32.77 -31.98 -68.01
C THR G 295 32.09 -32.02 -69.37
N GLY G 296 32.85 -32.17 -70.45
CA GLY G 296 32.26 -32.06 -71.77
C GLY G 296 31.82 -30.64 -72.06
N GLY G 297 32.61 -29.66 -71.62
CA GLY G 297 32.35 -28.27 -71.92
C GLY G 297 33.53 -27.61 -72.57
N THR G 298 33.52 -26.29 -72.66
CA THR G 298 34.59 -25.55 -73.33
C THR G 298 34.80 -24.23 -72.61
N VAL G 299 36.06 -23.78 -72.55
CA VAL G 299 36.38 -22.49 -71.95
C VAL G 299 36.14 -21.38 -72.96
N ILE G 300 35.56 -20.28 -72.48
CA ILE G 300 35.18 -19.16 -73.33
C ILE G 300 36.24 -18.07 -73.20
N SER G 301 36.90 -17.76 -74.32
CA SER G 301 37.91 -16.72 -74.36
C SER G 301 37.79 -15.95 -75.68
N GLU G 302 38.45 -14.80 -75.74
CA GLU G 302 38.42 -13.97 -76.94
C GLU G 302 39.56 -14.27 -77.90
N GLU G 303 40.44 -15.22 -77.58
CA GLU G 303 41.57 -15.55 -78.43
C GLU G 303 41.38 -16.81 -79.25
N ILE G 304 40.18 -17.40 -79.24
CA ILE G 304 39.91 -18.60 -80.01
C ILE G 304 38.88 -18.37 -81.13
N GLY G 305 38.10 -17.30 -81.06
CA GLY G 305 37.13 -17.00 -82.09
C GLY G 305 35.69 -17.36 -81.78
N MET G 306 35.42 -17.88 -80.58
CA MET G 306 34.07 -18.21 -80.18
C MET G 306 33.67 -17.21 -79.09
N GLU G 307 32.56 -16.51 -79.33
CA GLU G 307 32.16 -15.39 -78.50
C GLU G 307 31.17 -15.83 -77.43
N LEU G 308 31.32 -15.24 -76.24
CA LEU G 308 30.49 -15.62 -75.10
C LEU G 308 29.00 -15.47 -75.41
N GLU G 309 28.64 -14.44 -76.18
CA GLU G 309 27.24 -14.21 -76.50
C GLU G 309 26.67 -15.33 -77.36
N LYS G 310 27.47 -15.87 -78.28
CA LYS G 310 26.97 -16.85 -79.23
C LYS G 310 27.19 -18.29 -78.78
N ALA G 311 27.59 -18.52 -77.54
CA ALA G 311 27.72 -19.88 -77.03
C ALA G 311 26.35 -20.54 -76.91
N THR G 312 26.34 -21.86 -77.04
CA THR G 312 25.11 -22.65 -77.03
C THR G 312 25.10 -23.61 -75.84
N LEU G 313 24.06 -24.45 -75.79
CA LEU G 313 23.91 -25.38 -74.66
C LEU G 313 25.00 -26.43 -74.62
N GLU G 314 25.37 -26.99 -75.77
CA GLU G 314 26.43 -28.00 -75.79
C GLU G 314 27.77 -27.38 -75.42
N ASP G 315 27.95 -26.09 -75.72
CA ASP G 315 29.09 -25.34 -75.21
C ASP G 315 29.10 -25.27 -73.69
N LEU G 316 27.94 -25.45 -73.06
CA LEU G 316 27.85 -25.54 -71.61
C LEU G 316 28.05 -26.99 -71.20
N GLY G 317 29.14 -27.26 -70.49
CA GLY G 317 29.38 -28.60 -70.00
C GLY G 317 28.26 -29.06 -69.09
N GLN G 318 28.15 -30.37 -68.94
CA GLN G 318 27.12 -30.95 -68.10
C GLN G 318 27.77 -31.75 -66.98
N ALA G 319 27.19 -31.65 -65.79
CA ALA G 319 27.77 -32.25 -64.59
C ALA G 319 26.64 -32.74 -63.70
N LYS G 320 27.00 -33.09 -62.47
CA LYS G 320 26.06 -33.63 -61.49
C LYS G 320 25.94 -32.79 -60.22
N ARG G 321 27.05 -32.38 -59.61
CA ARG G 321 26.96 -31.64 -58.38
C ARG G 321 28.08 -30.61 -58.30
N VAL G 322 27.78 -29.45 -57.73
CA VAL G 322 28.75 -28.38 -57.54
C VAL G 322 28.58 -27.82 -56.13
N VAL G 323 29.70 -27.64 -55.43
CA VAL G 323 29.71 -27.04 -54.09
C VAL G 323 30.68 -25.87 -54.09
N ILE G 324 30.24 -24.75 -53.51
CA ILE G 324 31.09 -23.57 -53.36
C ILE G 324 31.02 -23.08 -51.92
N ASN G 325 32.19 -22.75 -51.36
CA ASN G 325 32.23 -22.09 -50.06
C ASN G 325 32.97 -20.76 -50.17
N LYS G 326 33.29 -20.16 -49.02
CA LYS G 326 33.95 -18.86 -49.03
C LYS G 326 35.32 -18.91 -49.70
N ASP G 327 35.92 -20.09 -49.79
CA ASP G 327 37.31 -20.21 -50.25
C ASP G 327 37.54 -21.25 -51.34
N THR G 328 36.73 -22.30 -51.42
CA THR G 328 37.00 -23.41 -52.33
C THR G 328 35.73 -23.83 -53.05
N THR G 329 35.90 -24.47 -54.20
CA THR G 329 34.83 -25.05 -54.98
C THR G 329 35.18 -26.48 -55.36
N THR G 330 34.21 -27.38 -55.23
CA THR G 330 34.36 -28.78 -55.60
C THR G 330 33.31 -29.15 -56.65
N ILE G 331 33.72 -29.99 -57.60
CA ILE G 331 32.92 -30.39 -58.74
C ILE G 331 32.82 -31.91 -58.75
N ILE G 332 31.60 -32.42 -58.94
CA ILE G 332 31.28 -33.83 -58.76
C ILE G 332 30.58 -34.33 -60.01
N ASP G 333 31.18 -35.32 -60.68
CA ASP G 333 30.55 -36.10 -61.74
C ASP G 333 30.10 -35.23 -62.91
N GLY G 334 31.09 -34.66 -63.59
CA GLY G 334 30.84 -33.97 -64.85
C GLY G 334 30.86 -34.94 -66.01
N VAL G 335 29.75 -34.98 -66.75
CA VAL G 335 29.62 -35.92 -67.86
C VAL G 335 30.37 -35.34 -69.06
N GLY G 336 31.65 -35.68 -69.14
CA GLY G 336 32.47 -35.27 -70.26
C GLY G 336 33.14 -36.46 -70.89
N GLU G 337 33.28 -36.43 -72.21
CA GLU G 337 33.82 -37.58 -72.91
C GLU G 337 35.26 -37.82 -72.48
N GLU G 338 35.56 -39.09 -72.17
CA GLU G 338 36.86 -39.45 -71.60
C GLU G 338 38.01 -39.18 -72.57
N ALA G 339 37.73 -39.08 -73.88
CA ALA G 339 38.80 -38.82 -74.84
C ALA G 339 39.47 -37.48 -74.55
N ALA G 340 38.67 -36.43 -74.38
CA ALA G 340 39.24 -35.12 -74.07
C ALA G 340 39.93 -35.12 -72.72
N ILE G 341 39.38 -35.84 -71.75
CA ILE G 341 39.97 -35.87 -70.41
C ILE G 341 41.35 -36.52 -70.46
N GLN G 342 41.47 -37.66 -71.11
CA GLN G 342 42.77 -38.33 -71.19
C GLN G 342 43.73 -37.59 -72.11
N GLY G 343 43.22 -36.94 -73.16
CA GLY G 343 44.07 -36.05 -73.91
C GLY G 343 44.66 -34.96 -73.03
N ARG G 344 43.83 -34.39 -72.16
CA ARG G 344 44.31 -33.36 -71.24
C ARG G 344 45.34 -33.92 -70.26
N VAL G 345 45.08 -35.09 -69.68
CA VAL G 345 46.02 -35.64 -68.71
C VAL G 345 47.35 -35.96 -69.38
N ALA G 346 47.32 -36.50 -70.60
CA ALA G 346 48.55 -36.81 -71.31
C ALA G 346 49.29 -35.54 -71.68
N GLN G 347 48.57 -34.51 -72.11
CA GLN G 347 49.20 -33.24 -72.44
C GLN G 347 49.89 -32.63 -71.23
N ILE G 348 49.21 -32.65 -70.07
CA ILE G 348 49.83 -32.09 -68.87
C ILE G 348 51.00 -32.95 -68.41
N ARG G 349 50.92 -34.27 -68.59
CA ARG G 349 52.02 -35.14 -68.22
C ARG G 349 53.24 -34.89 -69.10
N GLN G 350 53.04 -34.71 -70.40
CA GLN G 350 54.15 -34.36 -71.27
C GLN G 350 54.65 -32.96 -70.98
N GLN G 351 53.77 -32.06 -70.51
CA GLN G 351 54.23 -30.75 -70.08
C GLN G 351 55.11 -30.87 -68.83
N ILE G 352 54.77 -31.80 -67.94
CA ILE G 352 55.67 -32.14 -66.84
C ILE G 352 57.00 -32.62 -67.38
N GLU G 353 56.94 -33.49 -68.39
CA GLU G 353 58.16 -33.92 -69.08
C GLU G 353 58.93 -32.75 -69.65
N GLU G 354 58.25 -31.64 -69.94
CA GLU G 354 58.84 -30.45 -70.54
C GLU G 354 58.94 -29.31 -69.53
N ALA G 355 58.94 -29.65 -68.25
CA ALA G 355 59.01 -28.69 -67.16
C ALA G 355 60.32 -28.86 -66.42
N THR G 356 61.03 -27.74 -66.18
CA THR G 356 62.34 -27.78 -65.57
C THR G 356 62.34 -27.41 -64.09
N SER G 357 61.66 -26.32 -63.73
CA SER G 357 61.72 -25.81 -62.37
C SER G 357 60.83 -26.63 -61.44
N ASP G 358 60.93 -26.38 -60.15
CA ASP G 358 60.08 -27.15 -59.26
C ASP G 358 58.62 -26.72 -59.34
N TYR G 359 58.38 -25.41 -59.54
CA TYR G 359 57.02 -24.87 -59.49
C TYR G 359 56.15 -25.47 -60.58
N ASP G 360 56.66 -25.54 -61.82
CA ASP G 360 55.84 -26.00 -62.92
C ASP G 360 55.57 -27.51 -62.83
N ARG G 361 56.56 -28.31 -62.41
CA ARG G 361 56.25 -29.72 -62.18
C ARG G 361 55.18 -29.89 -61.11
N GLU G 362 55.29 -29.17 -59.98
CA GLU G 362 54.30 -29.38 -58.94
C GLU G 362 52.91 -28.90 -59.37
N LYS G 363 52.85 -27.77 -60.09
CA LYS G 363 51.56 -27.29 -60.58
C LYS G 363 50.94 -28.24 -61.58
N LEU G 364 51.75 -28.75 -62.54
CA LEU G 364 51.21 -29.64 -63.56
C LEU G 364 50.82 -30.98 -62.96
N GLN G 365 51.56 -31.47 -61.96
CA GLN G 365 51.15 -32.67 -61.25
C GLN G 365 49.84 -32.43 -60.51
N GLU G 366 49.66 -31.23 -59.94
CA GLU G 366 48.37 -30.89 -59.36
C GLU G 366 47.27 -30.93 -60.41
N ARG G 367 47.56 -30.42 -61.61
CA ARG G 367 46.60 -30.49 -62.70
C ARG G 367 46.21 -31.93 -63.01
N VAL G 368 47.21 -32.81 -63.18
CA VAL G 368 46.94 -34.20 -63.51
C VAL G 368 46.15 -34.87 -62.40
N ALA G 369 46.57 -34.68 -61.15
CA ALA G 369 45.91 -35.33 -60.02
C ALA G 369 44.46 -34.86 -59.90
N LYS G 370 44.23 -33.55 -60.02
CA LYS G 370 42.88 -33.03 -59.88
C LYS G 370 42.00 -33.37 -61.08
N LEU G 371 42.60 -33.65 -62.24
CA LEU G 371 41.82 -34.19 -63.34
C LEU G 371 41.20 -35.53 -62.95
N ALA G 372 41.94 -36.33 -62.17
CA ALA G 372 41.30 -37.44 -61.47
C ALA G 372 40.64 -36.95 -60.19
N GLY G 373 41.41 -36.38 -59.27
CA GLY G 373 40.85 -35.82 -58.06
C GLY G 373 40.09 -36.84 -57.25
N GLY G 374 38.96 -36.41 -56.70
CA GLY G 374 38.10 -37.30 -55.96
C GLY G 374 36.96 -36.57 -55.27
N VAL G 375 35.76 -37.12 -55.38
CA VAL G 375 34.58 -36.54 -54.74
C VAL G 375 33.65 -37.67 -54.30
N ALA G 376 33.03 -37.48 -53.15
CA ALA G 376 32.01 -38.40 -52.64
C ALA G 376 30.84 -37.58 -52.09
N VAL G 377 29.64 -38.05 -52.38
CA VAL G 377 28.41 -37.43 -51.88
C VAL G 377 27.63 -38.49 -51.11
N ILE G 378 27.37 -38.23 -49.84
CA ILE G 378 26.60 -39.15 -49.00
C ILE G 378 25.29 -38.48 -48.63
N LYS G 379 24.19 -39.06 -49.10
CA LYS G 379 22.86 -38.55 -48.81
C LYS G 379 22.30 -39.31 -47.62
N VAL G 380 21.87 -38.58 -46.60
CA VAL G 380 21.49 -39.18 -45.33
C VAL G 380 20.11 -39.80 -45.45
N GLY G 381 19.89 -40.91 -44.76
CA GLY G 381 18.60 -41.56 -44.74
C GLY G 381 17.90 -41.47 -43.40
N ALA G 382 16.83 -40.69 -43.34
CA ALA G 382 16.06 -40.52 -42.11
C ALA G 382 14.62 -40.17 -42.46
N ALA G 383 13.74 -40.36 -41.49
CA ALA G 383 12.31 -40.13 -41.68
C ALA G 383 11.85 -38.76 -41.19
N THR G 384 12.29 -38.33 -40.01
CA THR G 384 11.90 -37.04 -39.47
C THR G 384 13.13 -36.13 -39.40
N GLU G 385 12.90 -34.90 -38.93
CA GLU G 385 13.90 -33.83 -39.01
C GLU G 385 14.90 -33.87 -37.84
N VAL G 386 14.41 -34.09 -36.63
CA VAL G 386 15.30 -34.08 -35.47
C VAL G 386 16.27 -35.25 -35.54
N GLU G 387 15.78 -36.44 -35.87
CA GLU G 387 16.67 -37.58 -36.02
C GLU G 387 17.66 -37.36 -37.16
N MET G 388 17.20 -36.74 -38.26
CA MET G 388 18.08 -36.50 -39.38
C MET G 388 19.20 -35.55 -39.00
N LYS G 389 18.86 -34.44 -38.34
CA LYS G 389 19.91 -33.51 -37.92
C LYS G 389 20.83 -34.13 -36.89
N GLU G 390 20.28 -34.98 -36.01
CA GLU G 390 21.11 -35.61 -34.99
C GLU G 390 22.11 -36.56 -35.62
N LYS G 391 21.65 -37.41 -36.54
CA LYS G 391 22.58 -38.31 -37.21
C LYS G 391 23.51 -37.54 -38.13
N LYS G 392 23.08 -36.37 -38.63
CA LYS G 392 23.97 -35.52 -39.40
C LYS G 392 25.11 -35.00 -38.53
N ALA G 393 24.78 -34.54 -37.32
CA ALA G 393 25.81 -34.10 -36.39
C ALA G 393 26.74 -35.25 -36.01
N ARG G 394 26.17 -36.43 -35.78
CA ARG G 394 26.99 -37.60 -35.49
C ARG G 394 27.94 -37.91 -36.64
N VAL G 395 27.43 -37.83 -37.88
CA VAL G 395 28.25 -38.11 -39.04
C VAL G 395 29.37 -37.09 -39.18
N GLU G 396 29.07 -35.81 -38.95
CA GLU G 396 30.11 -34.79 -39.04
C GLU G 396 31.16 -34.99 -37.96
N ASP G 397 30.75 -35.31 -36.74
CA ASP G 397 31.72 -35.58 -35.68
C ASP G 397 32.58 -36.79 -36.02
N ALA G 398 31.97 -37.85 -36.56
CA ALA G 398 32.73 -39.02 -36.96
C ALA G 398 33.71 -38.69 -38.08
N LEU G 399 33.28 -37.86 -39.03
CA LEU G 399 34.16 -37.46 -40.12
C LEU G 399 35.34 -36.65 -39.59
N HIS G 400 35.07 -35.74 -38.65
CA HIS G 400 36.15 -34.97 -38.03
C HIS G 400 37.13 -35.88 -37.31
N ALA G 401 36.60 -36.86 -36.57
CA ALA G 401 37.47 -37.79 -35.84
C ALA G 401 38.32 -38.61 -36.79
N THR G 402 37.71 -39.09 -37.89
CA THR G 402 38.48 -39.84 -38.87
C THR G 402 39.55 -38.97 -39.52
N ARG G 403 39.21 -37.73 -39.81
CA ARG G 403 40.19 -36.79 -40.38
C ARG G 403 41.37 -36.63 -39.44
N ALA G 404 41.11 -36.41 -38.15
CA ALA G 404 42.18 -36.24 -37.18
C ALA G 404 43.02 -37.50 -37.06
N ALA G 405 42.36 -38.66 -36.95
CA ALA G 405 43.07 -39.92 -36.76
C ALA G 405 43.92 -40.26 -37.98
N VAL G 406 43.49 -39.80 -39.16
CA VAL G 406 44.26 -40.08 -40.37
C VAL G 406 45.43 -39.11 -40.49
N GLU G 407 45.16 -37.81 -40.38
CA GLU G 407 46.18 -36.82 -40.68
C GLU G 407 47.22 -36.68 -39.58
N GLU G 408 46.82 -36.86 -38.31
CA GLU G 408 47.76 -36.69 -37.20
C GLU G 408 47.79 -37.93 -36.32
N GLY G 409 47.23 -39.04 -36.78
CA GLY G 409 47.28 -40.23 -35.97
C GLY G 409 46.38 -40.12 -34.75
N VAL G 410 46.68 -40.98 -33.78
CA VAL G 410 45.90 -41.07 -32.55
C VAL G 410 46.85 -41.14 -31.36
N VAL G 411 46.28 -40.96 -30.17
CA VAL G 411 46.97 -41.21 -28.92
C VAL G 411 46.11 -42.14 -28.08
N ALA G 412 46.56 -42.44 -26.87
CA ALA G 412 45.84 -43.37 -26.00
C ALA G 412 44.45 -42.84 -25.68
N GLY G 413 43.45 -43.71 -25.77
CA GLY G 413 42.08 -43.29 -25.52
C GLY G 413 41.72 -43.40 -24.05
N GLY G 414 40.80 -42.52 -23.63
CA GLY G 414 40.29 -42.51 -22.27
C GLY G 414 41.04 -41.64 -21.30
N GLY G 415 42.13 -41.01 -21.72
CA GLY G 415 42.93 -40.19 -20.83
C GLY G 415 44.02 -40.92 -20.09
N VAL G 416 44.19 -42.23 -20.33
CA VAL G 416 45.19 -43.01 -19.62
C VAL G 416 46.59 -42.44 -19.77
N ALA G 417 46.98 -42.06 -21.00
CA ALA G 417 48.29 -41.45 -21.19
C ALA G 417 48.44 -40.19 -20.36
N LEU G 418 47.35 -39.44 -20.19
CA LEU G 418 47.34 -38.33 -19.24
C LEU G 418 48.00 -38.72 -17.94
N ILE G 419 47.49 -39.77 -17.30
CA ILE G 419 48.07 -40.23 -16.05
C ILE G 419 49.54 -40.58 -16.24
N ARG G 420 49.85 -41.32 -17.31
CA ARG G 420 51.23 -41.62 -17.62
C ARG G 420 52.05 -40.34 -17.69
N VAL G 421 51.52 -39.34 -18.40
CA VAL G 421 52.22 -38.06 -18.50
C VAL G 421 52.50 -37.50 -17.12
N ALA G 422 51.50 -37.52 -16.25
CA ALA G 422 51.69 -36.98 -14.90
C ALA G 422 52.81 -37.73 -14.18
N SER G 423 52.92 -39.03 -14.41
CA SER G 423 54.01 -39.80 -13.82
C SER G 423 55.35 -39.35 -14.38
N LYS G 424 55.42 -39.12 -15.70
CA LYS G 424 56.69 -38.73 -16.31
C LYS G 424 57.00 -37.26 -16.08
N LEU G 425 55.96 -36.42 -16.06
CA LEU G 425 56.14 -34.97 -16.05
C LEU G 425 56.12 -34.38 -14.65
N ALA G 426 56.21 -35.22 -13.61
CA ALA G 426 56.30 -34.71 -12.25
C ALA G 426 57.63 -34.04 -11.96
N ASP G 427 58.60 -34.15 -12.86
CA ASP G 427 59.95 -33.65 -12.63
C ASP G 427 60.13 -32.20 -13.04
N LEU G 428 59.07 -31.55 -13.50
CA LEU G 428 59.18 -30.18 -14.00
C LEU G 428 59.34 -29.20 -12.86
N ARG G 429 60.32 -28.31 -12.98
CA ARG G 429 60.60 -27.29 -11.97
C ARG G 429 60.60 -25.91 -12.62
N GLY G 430 60.13 -24.92 -11.86
CA GLY G 430 60.17 -23.54 -12.28
C GLY G 430 61.32 -22.77 -11.63
N GLN G 431 61.51 -21.54 -12.14
CA GLN G 431 62.58 -20.69 -11.61
C GLN G 431 62.38 -20.41 -10.13
N ASN G 432 61.17 -20.03 -9.74
CA ASN G 432 60.83 -19.80 -8.36
C ASN G 432 59.86 -20.89 -7.90
N GLU G 433 59.47 -20.81 -6.64
CA GLU G 433 58.42 -21.68 -6.14
C GLU G 433 57.11 -21.42 -6.88
N ASP G 434 56.91 -20.19 -7.35
CA ASP G 434 55.66 -19.86 -8.04
C ASP G 434 55.52 -20.66 -9.33
N GLN G 435 56.58 -20.73 -10.13
CA GLN G 435 56.50 -21.48 -11.38
C GLN G 435 56.45 -22.97 -11.12
N ASN G 436 57.12 -23.45 -10.08
CA ASN G 436 56.96 -24.83 -9.65
C ASN G 436 55.50 -25.14 -9.34
N VAL G 437 54.85 -24.24 -8.60
CA VAL G 437 53.45 -24.44 -8.22
C VAL G 437 52.57 -24.39 -9.46
N GLY G 438 52.88 -23.50 -10.41
CA GLY G 438 52.12 -23.47 -11.64
C GLY G 438 52.22 -24.77 -12.41
N ILE G 439 53.44 -25.31 -12.50
CA ILE G 439 53.65 -26.61 -13.14
C ILE G 439 52.81 -27.68 -12.45
N LYS G 440 52.87 -27.71 -11.12
CA LYS G 440 52.17 -28.77 -10.40
C LYS G 440 50.67 -28.59 -10.45
N VAL G 441 50.21 -27.34 -10.52
CA VAL G 441 48.79 -27.06 -10.72
C VAL G 441 48.34 -27.61 -12.07
N ALA G 442 49.13 -27.39 -13.10
CA ALA G 442 48.83 -27.99 -14.39
C ALA G 442 48.78 -29.50 -14.27
N LEU G 443 49.75 -30.09 -13.57
CA LEU G 443 49.83 -31.54 -13.45
C LEU G 443 48.62 -32.12 -12.74
N ARG G 444 48.15 -31.45 -11.68
CA ARG G 444 47.00 -31.96 -10.95
C ARG G 444 45.71 -31.74 -11.74
N ALA G 445 45.57 -30.57 -12.36
CA ALA G 445 44.31 -30.24 -13.03
C ALA G 445 44.14 -31.04 -14.31
N MET G 446 45.23 -31.50 -14.93
CA MET G 446 45.12 -32.25 -16.17
C MET G 446 44.59 -33.66 -15.99
N GLU G 447 44.36 -34.09 -14.75
CA GLU G 447 43.87 -35.44 -14.49
C GLU G 447 42.35 -35.53 -14.42
N ALA G 448 41.65 -34.41 -14.51
CA ALA G 448 40.19 -34.42 -14.40
C ALA G 448 39.49 -35.28 -15.46
N PRO G 449 39.82 -35.18 -16.76
CA PRO G 449 38.92 -35.76 -17.78
C PRO G 449 38.57 -37.22 -17.54
N LEU G 450 39.53 -38.02 -17.12
CA LEU G 450 39.22 -39.39 -16.75
C LEU G 450 38.27 -39.42 -15.56
N ARG G 451 38.46 -38.51 -14.60
CA ARG G 451 37.59 -38.47 -13.43
C ARG G 451 36.14 -38.22 -13.83
N GLN G 452 35.91 -37.19 -14.64
CA GLN G 452 34.52 -36.92 -15.05
C GLN G 452 33.98 -37.97 -16.00
N ILE G 453 34.82 -38.61 -16.82
CA ILE G 453 34.33 -39.72 -17.63
C ILE G 453 33.82 -40.84 -16.73
N VAL G 454 34.61 -41.18 -15.70
CA VAL G 454 34.21 -42.19 -14.74
C VAL G 454 32.93 -41.78 -14.02
N LEU G 455 32.83 -40.50 -13.65
CA LEU G 455 31.67 -40.03 -12.91
C LEU G 455 30.41 -40.10 -13.76
N ASN G 456 30.51 -39.78 -15.05
CA ASN G 456 29.37 -40.00 -15.93
C ASN G 456 29.07 -41.48 -16.07
N CYS G 457 30.11 -42.31 -16.08
CA CYS G 457 29.89 -43.75 -15.94
C CYS G 457 29.30 -44.09 -14.57
N GLY G 458 29.42 -43.20 -13.59
CA GLY G 458 28.72 -43.34 -12.33
C GLY G 458 29.55 -43.81 -11.16
N GLU G 459 30.73 -44.35 -11.39
CA GLU G 459 31.52 -44.93 -10.31
C GLU G 459 32.57 -43.94 -9.82
N GLU G 460 33.35 -44.35 -8.83
CA GLU G 460 34.29 -43.46 -8.15
C GLU G 460 35.49 -43.20 -9.03
N PRO G 461 35.81 -41.94 -9.33
CA PRO G 461 36.90 -41.67 -10.30
C PRO G 461 38.29 -41.79 -9.70
N SER G 462 38.43 -41.52 -8.40
CA SER G 462 39.75 -41.59 -7.77
C SER G 462 40.29 -43.01 -7.81
N VAL G 463 39.42 -44.00 -7.58
CA VAL G 463 39.85 -45.40 -7.63
C VAL G 463 40.31 -45.77 -9.03
N VAL G 464 39.57 -45.31 -10.05
CA VAL G 464 39.98 -45.56 -11.43
C VAL G 464 41.34 -44.92 -11.70
N ALA G 465 41.52 -43.68 -11.23
CA ALA G 465 42.80 -43.00 -11.41
C ALA G 465 43.94 -43.78 -10.78
N ASN G 466 43.76 -44.23 -9.54
CA ASN G 466 44.84 -44.94 -8.85
C ASN G 466 45.11 -46.29 -9.49
N THR G 467 44.08 -47.02 -9.89
CA THR G 467 44.28 -48.31 -10.52
C THR G 467 44.99 -48.15 -11.87
N VAL G 468 44.62 -47.13 -12.62
CA VAL G 468 45.26 -46.91 -13.92
C VAL G 468 46.71 -46.47 -13.74
N LYS G 469 46.97 -45.54 -12.81
CA LYS G 469 48.34 -45.12 -12.57
C LYS G 469 49.19 -46.25 -12.02
N GLY G 470 48.56 -47.22 -11.35
CA GLY G 470 49.29 -48.43 -11.00
C GLY G 470 49.82 -49.15 -12.22
N GLY G 471 49.05 -49.19 -13.30
CA GLY G 471 49.53 -49.70 -14.56
C GLY G 471 50.25 -48.65 -15.37
N ASP G 472 50.69 -49.05 -16.55
CA ASP G 472 51.50 -48.19 -17.40
C ASP G 472 51.03 -48.28 -18.84
N GLY G 473 51.28 -47.20 -19.58
CA GLY G 473 51.01 -47.20 -21.00
C GLY G 473 49.55 -47.47 -21.32
N ASN G 474 49.34 -48.41 -22.25
CA ASN G 474 48.02 -48.73 -22.76
C ASN G 474 47.08 -49.25 -21.68
N TYR G 475 47.61 -49.71 -20.55
CA TYR G 475 46.74 -50.14 -19.46
C TYR G 475 45.92 -48.96 -18.94
N GLY G 476 44.64 -49.00 -19.26
CA GLY G 476 43.70 -48.05 -18.70
C GLY G 476 42.46 -48.78 -18.28
N TYR G 477 41.34 -48.06 -18.28
CA TYR G 477 40.04 -48.64 -17.94
C TYR G 477 39.05 -48.38 -19.05
N ASN G 478 38.69 -49.43 -19.77
CA ASN G 478 37.62 -49.36 -20.77
C ASN G 478 36.31 -49.10 -20.05
N ALA G 479 35.74 -47.92 -20.25
CA ALA G 479 34.47 -47.59 -19.64
C ALA G 479 33.32 -48.30 -20.32
N ALA G 480 33.42 -48.56 -21.62
CA ALA G 480 32.41 -49.36 -22.30
C ALA G 480 32.45 -50.80 -21.84
N THR G 481 33.64 -51.41 -21.84
CA THR G 481 33.81 -52.74 -21.29
C THR G 481 33.90 -52.72 -19.77
N GLU G 482 34.17 -51.54 -19.19
CA GLU G 482 34.36 -51.40 -17.75
C GLU G 482 35.43 -52.34 -17.24
N GLU G 483 36.50 -52.49 -18.02
CA GLU G 483 37.57 -53.42 -17.69
C GLU G 483 38.92 -52.76 -17.87
N TYR G 484 39.79 -52.94 -16.90
CA TYR G 484 41.16 -52.50 -17.06
C TYR G 484 41.87 -53.37 -18.10
N GLY G 485 42.62 -52.71 -18.97
CA GLY G 485 43.31 -53.41 -20.03
C GLY G 485 43.77 -52.44 -21.11
N ASN G 486 43.98 -53.00 -22.30
CA ASN G 486 44.58 -52.26 -23.40
C ASN G 486 43.53 -51.36 -24.04
N MET G 487 43.74 -50.04 -23.93
CA MET G 487 42.82 -49.10 -24.55
C MET G 487 42.78 -49.25 -26.06
N ILE G 488 43.96 -49.27 -26.69
CA ILE G 488 44.01 -49.31 -28.16
C ILE G 488 43.44 -50.63 -28.67
N ASP G 489 43.82 -51.75 -28.05
CA ASP G 489 43.31 -53.03 -28.50
C ASP G 489 41.81 -53.15 -28.30
N MET G 490 41.27 -52.53 -27.25
CA MET G 490 39.83 -52.46 -27.10
C MET G 490 39.21 -51.34 -27.93
N GLY G 491 39.90 -50.89 -28.98
CA GLY G 491 39.35 -49.93 -29.91
C GLY G 491 39.23 -48.52 -29.38
N ILE G 492 39.82 -48.24 -28.22
CA ILE G 492 39.69 -46.95 -27.57
C ILE G 492 40.81 -46.05 -28.09
N LEU G 493 40.46 -45.09 -28.94
CA LEU G 493 41.41 -44.24 -29.63
C LEU G 493 41.01 -42.78 -29.47
N ASP G 494 42.00 -41.90 -29.34
CA ASP G 494 41.79 -40.47 -29.27
C ASP G 494 42.80 -39.75 -30.15
N PRO G 495 42.38 -38.67 -30.80
CA PRO G 495 43.28 -37.91 -31.68
C PRO G 495 44.33 -37.15 -30.87
N THR G 496 45.38 -36.72 -31.57
CA THR G 496 46.42 -35.92 -30.97
C THR G 496 46.12 -34.42 -31.07
N LYS G 497 45.70 -33.97 -32.26
CA LYS G 497 45.52 -32.55 -32.49
C LYS G 497 44.38 -31.98 -31.67
N VAL G 498 43.30 -32.73 -31.49
CA VAL G 498 42.19 -32.25 -30.68
C VAL G 498 42.65 -31.98 -29.25
N THR G 499 43.34 -32.95 -28.67
CA THR G 499 43.84 -32.80 -27.31
C THR G 499 44.81 -31.64 -27.20
N ARG G 500 45.75 -31.54 -28.14
CA ARG G 500 46.76 -30.49 -28.06
C ARG G 500 46.14 -29.11 -28.20
N SER G 501 45.21 -28.95 -29.15
CA SER G 501 44.58 -27.65 -29.36
C SER G 501 43.72 -27.24 -28.18
N ALA G 502 42.90 -28.17 -27.66
CA ALA G 502 42.10 -27.88 -26.49
C ALA G 502 43.00 -27.54 -25.30
N LEU G 503 44.11 -28.28 -25.15
CA LEU G 503 45.14 -27.95 -24.18
C LEU G 503 45.53 -26.48 -24.27
N GLN G 504 45.99 -26.06 -25.44
CA GLN G 504 46.51 -24.71 -25.57
C GLN G 504 45.43 -23.67 -25.30
N TYR G 505 44.23 -23.88 -25.85
CA TYR G 505 43.15 -22.91 -25.66
C TYR G 505 42.79 -22.77 -24.20
N ALA G 506 42.48 -23.88 -23.53
CA ALA G 506 42.04 -23.84 -22.15
C ALA G 506 43.15 -23.32 -21.24
N ALA G 507 44.39 -23.73 -21.49
CA ALA G 507 45.51 -23.27 -20.67
C ALA G 507 45.72 -21.77 -20.80
N SER G 508 45.68 -21.25 -22.03
CA SER G 508 45.83 -19.81 -22.22
C SER G 508 44.72 -19.06 -21.50
N VAL G 509 43.48 -19.50 -21.67
CA VAL G 509 42.37 -18.77 -21.06
C VAL G 509 42.45 -18.84 -19.54
N ALA G 510 42.76 -20.01 -18.98
CA ALA G 510 42.87 -20.14 -17.53
C ALA G 510 44.00 -19.28 -16.99
N GLY G 511 45.17 -19.32 -17.62
CA GLY G 511 46.28 -18.50 -17.16
C GLY G 511 45.96 -17.03 -17.21
N LEU G 512 45.25 -16.60 -18.25
CA LEU G 512 44.79 -15.21 -18.29
C LEU G 512 43.87 -14.89 -17.13
N MET G 513 42.95 -15.80 -16.81
CA MET G 513 42.02 -15.57 -15.71
C MET G 513 42.75 -15.56 -14.37
N ILE G 514 43.88 -16.27 -14.28
CA ILE G 514 44.55 -16.43 -12.99
C ILE G 514 45.10 -15.10 -12.49
N THR G 515 45.73 -14.34 -13.37
CA THR G 515 46.28 -13.04 -12.99
C THR G 515 45.22 -11.94 -12.91
N THR G 516 43.97 -12.29 -13.20
CA THR G 516 42.86 -11.35 -13.22
C THR G 516 42.09 -11.42 -11.91
N GLU G 517 41.72 -10.24 -11.38
CA GLU G 517 41.06 -10.22 -10.07
C GLU G 517 39.77 -9.40 -10.04
N CYS G 518 39.70 -8.29 -10.76
CA CYS G 518 38.65 -7.29 -10.55
C CYS G 518 37.79 -7.10 -11.80
N MET G 519 36.52 -6.72 -11.58
CA MET G 519 35.61 -6.46 -12.68
C MET G 519 34.82 -5.18 -12.43
N VAL G 520 34.16 -4.73 -13.50
CA VAL G 520 33.10 -3.72 -13.44
C VAL G 520 31.99 -4.19 -14.37
N THR G 521 30.74 -3.97 -13.96
CA THR G 521 29.59 -4.31 -14.78
C THR G 521 28.61 -3.16 -14.72
N ASP G 522 27.44 -3.35 -15.32
CA ASP G 522 26.36 -2.39 -15.24
C ASP G 522 25.44 -2.70 -14.07
N LEU G 523 24.69 -1.68 -13.65
CA LEU G 523 23.69 -1.86 -12.61
C LEU G 523 22.36 -2.20 -13.25
N PRO G 524 21.79 -3.38 -12.98
CA PRO G 524 20.52 -3.85 -13.56
C PRO G 524 19.36 -2.90 -13.31
N ALA H 1 21.95 -6.34 28.58
CA ALA H 1 21.00 -5.92 27.55
C ALA H 1 21.71 -5.58 26.25
N ALA H 2 21.08 -5.93 25.13
CA ALA H 2 21.67 -5.69 23.83
C ALA H 2 22.00 -4.22 23.65
N LYS H 3 23.17 -3.94 23.11
CA LYS H 3 23.76 -2.61 23.16
C LYS H 3 23.92 -2.02 21.77
N ASP H 4 23.68 -0.71 21.68
CA ASP H 4 24.05 0.08 20.51
C ASP H 4 25.49 0.55 20.70
N VAL H 5 26.39 0.08 19.85
CA VAL H 5 27.81 0.36 19.96
C VAL H 5 28.19 1.31 18.84
N LYS H 6 28.92 2.38 19.18
CA LYS H 6 29.37 3.34 18.20
C LYS H 6 30.88 3.48 18.27
N PHE H 7 31.48 3.75 17.12
CA PHE H 7 32.92 3.88 16.99
C PHE H 7 33.26 5.20 16.31
N GLY H 8 34.20 5.93 16.92
CA GLY H 8 34.73 7.12 16.29
C GLY H 8 33.68 8.18 16.04
N ASN H 9 33.69 8.70 14.80
CA ASN H 9 32.84 9.84 14.47
C ASN H 9 31.36 9.50 14.61
N ASP H 10 31.02 8.22 14.50
CA ASP H 10 29.64 7.80 14.72
C ASP H 10 29.14 8.24 16.08
N ALA H 11 29.92 7.95 17.12
CA ALA H 11 29.60 8.43 18.46
C ALA H 11 29.85 9.92 18.57
N ARG H 12 30.87 10.42 17.87
CA ARG H 12 31.33 11.80 18.10
C ARG H 12 30.29 12.82 17.65
N VAL H 13 29.75 12.65 16.45
CA VAL H 13 28.71 13.58 15.98
C VAL H 13 27.48 13.46 16.87
N LYS H 14 27.16 12.24 17.30
CA LYS H 14 26.07 12.01 18.22
C LYS H 14 26.26 12.82 19.50
N MET H 15 27.47 12.79 20.06
CA MET H 15 27.74 13.57 21.25
C MET H 15 27.61 15.05 20.96
N LEU H 16 28.21 15.48 19.85
CA LEU H 16 28.41 16.90 19.59
C LEU H 16 27.10 17.61 19.32
N ARG H 17 26.17 16.94 18.64
CA ARG H 17 24.87 17.55 18.40
C ARG H 17 24.15 17.84 19.70
N GLY H 18 24.17 16.88 20.64
CA GLY H 18 23.58 17.12 21.94
C GLY H 18 24.28 18.23 22.70
N VAL H 19 25.61 18.26 22.64
CA VAL H 19 26.38 19.31 23.32
C VAL H 19 26.00 20.68 22.78
N ASN H 20 25.94 20.79 21.45
CA ASN H 20 25.67 22.07 20.82
C ASN H 20 24.25 22.53 21.09
N VAL H 21 23.29 21.60 21.08
CA VAL H 21 21.91 21.96 21.39
C VAL H 21 21.80 22.42 22.84
N LEU H 22 22.44 21.68 23.75
CA LEU H 22 22.47 22.05 25.16
C LEU H 22 22.96 23.48 25.34
N ALA H 23 24.10 23.79 24.73
CA ALA H 23 24.64 25.14 24.90
C ALA H 23 23.84 26.18 24.14
N ASP H 24 23.22 25.80 23.02
CA ASP H 24 22.36 26.74 22.31
C ASP H 24 21.19 27.16 23.19
N ALA H 25 20.68 26.23 24.00
CA ALA H 25 19.64 26.55 24.96
C ALA H 25 20.16 27.28 26.19
N VAL H 26 21.40 27.02 26.63
CA VAL H 26 21.92 27.56 27.88
C VAL H 26 22.50 28.97 27.70
N LYS H 27 23.27 29.19 26.64
CA LYS H 27 24.08 30.40 26.52
C LYS H 27 23.22 31.66 26.40
N VAL H 28 21.95 31.52 26.03
CA VAL H 28 21.08 32.69 25.94
C VAL H 28 20.90 33.35 27.30
N THR H 29 21.18 32.64 28.39
CA THR H 29 21.07 33.18 29.74
C THR H 29 22.37 33.76 30.27
N LEU H 30 23.44 33.70 29.50
CA LEU H 30 24.74 34.18 29.98
C LEU H 30 24.75 35.70 30.05
N GLY H 31 25.39 36.23 31.08
CA GLY H 31 25.47 37.66 31.27
C GLY H 31 24.43 38.17 32.25
N PRO H 32 24.56 39.43 32.65
CA PRO H 32 23.53 40.02 33.53
C PRO H 32 22.18 40.16 32.86
N LYS H 33 22.14 40.11 31.53
CA LYS H 33 20.91 40.30 30.77
C LYS H 33 20.59 39.08 29.92
N GLY H 34 20.65 37.89 30.51
CA GLY H 34 20.39 36.68 29.76
C GLY H 34 18.98 36.64 29.22
N ARG H 35 18.78 35.85 28.16
CA ARG H 35 17.50 35.81 27.48
C ARG H 35 16.48 34.98 28.26
N ASN H 36 15.21 35.33 28.09
CA ASN H 36 14.13 34.63 28.78
C ASN H 36 14.01 33.20 28.26
N VAL H 37 13.83 32.26 29.17
CA VAL H 37 13.56 30.87 28.81
C VAL H 37 12.39 30.38 29.65
N VAL H 38 11.38 29.82 28.99
CA VAL H 38 10.18 29.32 29.66
C VAL H 38 10.34 27.80 29.78
N LEU H 39 10.93 27.37 30.89
CA LEU H 39 10.92 25.95 31.24
C LEU H 39 9.47 25.51 31.42
N ASP H 40 9.09 24.42 30.77
CA ASP H 40 7.71 23.97 30.88
C ASP H 40 7.49 23.26 32.20
N LYS H 41 6.27 23.35 32.71
CA LYS H 41 5.87 22.65 33.92
C LYS H 41 4.79 21.62 33.60
N SER H 42 4.71 20.60 34.45
CA SER H 42 3.77 19.51 34.22
C SER H 42 2.33 19.99 34.25
N PHE H 43 2.07 21.13 34.89
CA PHE H 43 0.72 21.66 35.02
C PHE H 43 0.76 23.17 35.14
N GLY H 44 -0.37 23.79 34.80
CA GLY H 44 -0.58 25.21 34.99
C GLY H 44 0.46 26.07 34.29
N ALA H 45 0.92 27.08 35.00
CA ALA H 45 1.85 28.04 34.46
C ALA H 45 3.27 27.48 34.45
N PRO H 46 3.96 27.52 33.33
CA PRO H 46 5.39 27.16 33.32
C PRO H 46 6.25 28.17 34.05
N THR H 47 7.56 27.94 34.05
CA THR H 47 8.51 28.72 34.85
C THR H 47 9.41 29.50 33.91
N ILE H 48 9.34 30.83 34.01
CA ILE H 48 10.21 31.72 33.25
C ILE H 48 11.46 31.99 34.06
N THR H 49 12.62 31.72 33.48
CA THR H 49 13.89 31.86 34.17
C THR H 49 14.92 32.45 33.22
N LYS H 50 16.03 32.92 33.81
CA LYS H 50 17.09 33.59 33.07
C LYS H 50 18.48 33.17 33.54
N ASP H 51 18.64 31.95 34.05
CA ASP H 51 19.94 31.46 34.48
C ASP H 51 20.18 30.07 33.90
N GLY H 52 21.44 29.77 33.60
CA GLY H 52 21.75 28.52 32.93
C GLY H 52 21.59 27.30 33.83
N VAL H 53 21.71 27.49 35.14
CA VAL H 53 21.58 26.37 36.07
C VAL H 53 20.16 25.79 36.00
N SER H 54 19.15 26.65 36.11
CA SER H 54 17.77 26.17 36.14
C SER H 54 17.41 25.42 34.88
N VAL H 55 17.78 25.97 33.72
CA VAL H 55 17.47 25.31 32.46
C VAL H 55 18.27 24.03 32.31
N ALA H 56 19.52 24.01 32.78
CA ALA H 56 20.32 22.79 32.76
C ALA H 56 19.67 21.70 33.60
N ARG H 57 18.91 22.10 34.63
CA ARG H 57 18.21 21.10 35.43
C ARG H 57 17.09 20.43 34.67
N GLU H 58 16.56 21.08 33.63
CA GLU H 58 15.30 20.70 33.02
C GLU H 58 15.44 20.11 31.62
N ILE H 59 16.61 19.58 31.26
CA ILE H 59 16.88 19.16 29.89
C ILE H 59 17.09 17.66 29.85
N GLU H 60 16.38 17.00 28.93
CA GLU H 60 16.61 15.60 28.55
C GLU H 60 16.30 15.43 27.07
N LEU H 61 17.06 14.58 26.40
CA LEU H 61 16.95 14.38 24.96
C LEU H 61 16.50 12.96 24.67
N GLU H 62 15.59 12.83 23.70
CA GLU H 62 15.15 11.50 23.27
C GLU H 62 16.30 10.73 22.66
N ASP H 63 17.15 11.39 21.88
CA ASP H 63 18.35 10.75 21.38
C ASP H 63 19.24 10.37 22.55
N LYS H 64 19.47 9.06 22.70
CA LYS H 64 20.25 8.58 23.84
C LYS H 64 21.65 9.16 23.82
N PHE H 65 22.29 9.18 22.64
CA PHE H 65 23.66 9.67 22.54
C PHE H 65 23.74 11.17 22.80
N GLU H 66 22.89 11.96 22.16
CA GLU H 66 22.90 13.39 22.41
C GLU H 66 22.59 13.69 23.87
N ASN H 67 21.62 12.98 24.44
CA ASN H 67 21.27 13.14 25.84
C ASN H 67 22.47 12.84 26.73
N MET H 68 23.16 11.73 26.47
CA MET H 68 24.25 11.31 27.33
C MET H 68 25.49 12.20 27.15
N GLY H 69 25.73 12.72 25.94
CA GLY H 69 26.76 13.72 25.76
C GLY H 69 26.46 15.00 26.53
N ALA H 70 25.20 15.46 26.46
CA ALA H 70 24.78 16.58 27.28
C ALA H 70 24.93 16.27 28.77
N GLN H 71 24.78 15.00 29.16
CA GLN H 71 24.92 14.62 30.56
C GLN H 71 26.35 14.76 31.03
N MET H 72 27.31 14.29 30.22
CA MET H 72 28.71 14.58 30.58
C MET H 72 29.00 16.07 30.61
N VAL H 73 28.46 16.85 29.66
CA VAL H 73 28.72 18.29 29.68
C VAL H 73 28.16 18.92 30.95
N LYS H 74 26.94 18.56 31.32
CA LYS H 74 26.35 19.05 32.57
C LYS H 74 27.19 18.62 33.77
N GLU H 75 27.68 17.38 33.74
CA GLU H 75 28.53 16.87 34.82
C GLU H 75 29.80 17.68 34.95
N VAL H 76 30.46 17.97 33.84
CA VAL H 76 31.73 18.69 33.87
C VAL H 76 31.52 20.15 34.27
N ALA H 77 30.43 20.75 33.80
CA ALA H 77 30.08 22.08 34.26
C ALA H 77 29.83 22.09 35.77
N SER H 78 29.21 21.02 36.29
CA SER H 78 29.05 20.88 37.72
C SER H 78 30.40 20.75 38.41
N LYS H 79 31.32 20.00 37.83
CA LYS H 79 32.66 19.87 38.38
C LYS H 79 33.33 21.24 38.47
N ALA H 80 33.22 22.03 37.41
CA ALA H 80 33.75 23.40 37.44
C ALA H 80 33.10 24.21 38.55
N ASN H 81 31.76 24.22 38.58
CA ASN H 81 31.03 25.03 39.55
C ASN H 81 31.41 24.65 40.98
N ASP H 82 31.68 23.37 41.21
CA ASP H 82 32.16 22.94 42.52
C ASP H 82 33.49 23.60 42.86
N ALA H 83 34.38 23.69 41.88
CA ALA H 83 35.64 24.39 42.05
C ALA H 83 35.57 25.84 41.57
N ALA H 84 34.41 26.30 41.10
CA ALA H 84 34.24 27.69 40.70
C ALA H 84 33.25 28.43 41.59
N GLY H 85 32.00 27.98 41.66
CA GLY H 85 30.97 28.70 42.37
C GLY H 85 30.06 29.54 41.49
N ASP H 86 30.51 29.90 40.29
CA ASP H 86 29.69 30.60 39.30
C ASP H 86 30.33 30.37 37.93
N GLY H 87 29.96 31.20 36.97
CA GLY H 87 30.37 30.94 35.61
C GLY H 87 29.77 29.67 35.07
N THR H 88 28.67 29.21 35.66
CA THR H 88 28.03 27.97 35.23
C THR H 88 27.65 28.06 33.75
N THR H 89 26.96 29.14 33.37
CA THR H 89 26.65 29.33 31.96
C THR H 89 27.92 29.67 31.18
N THR H 90 28.84 30.40 31.81
CA THR H 90 30.14 30.64 31.19
C THR H 90 30.89 29.33 30.97
N ALA H 91 30.86 28.44 31.96
CA ALA H 91 31.49 27.13 31.81
C ALA H 91 30.82 26.32 30.70
N THR H 92 29.50 26.44 30.59
CA THR H 92 28.78 25.73 29.52
C THR H 92 29.19 26.24 28.15
N VAL H 93 29.31 27.57 28.00
CA VAL H 93 29.72 28.13 26.72
C VAL H 93 31.14 27.67 26.36
N LEU H 94 32.05 27.73 27.35
CA LEU H 94 33.42 27.28 27.11
C LEU H 94 33.43 25.81 26.73
N ALA H 95 32.66 24.98 27.43
CA ALA H 95 32.64 23.55 27.15
C ALA H 95 32.14 23.29 25.73
N GLN H 96 31.03 23.92 25.33
CA GLN H 96 30.54 23.72 23.98
C GLN H 96 31.58 24.13 22.95
N ALA H 97 32.15 25.32 23.11
CA ALA H 97 33.08 25.82 22.10
C ALA H 97 34.28 24.89 21.97
N ILE H 98 34.95 24.59 23.09
CA ILE H 98 36.17 23.79 23.02
C ILE H 98 35.86 22.37 22.56
N ILE H 99 34.78 21.77 23.07
CA ILE H 99 34.45 20.39 22.69
C ILE H 99 34.11 20.33 21.21
N THR H 100 33.32 21.28 20.72
CA THR H 100 32.95 21.28 19.31
C THR H 100 34.16 21.45 18.42
N GLU H 101 35.05 22.38 18.78
CA GLU H 101 36.25 22.59 17.98
C GLU H 101 37.14 21.35 18.00
N GLY H 102 37.30 20.73 19.18
CA GLY H 102 38.13 19.54 19.27
C GLY H 102 37.55 18.37 18.50
N LEU H 103 36.23 18.22 18.52
CA LEU H 103 35.61 17.15 17.76
C LEU H 103 35.72 17.38 16.26
N LYS H 104 35.58 18.64 15.83
CA LYS H 104 35.79 18.93 14.41
C LYS H 104 37.24 18.68 14.00
N ALA H 105 38.20 19.03 14.87
CA ALA H 105 39.60 18.78 14.56
C ALA H 105 39.90 17.29 14.54
N VAL H 106 39.30 16.51 15.43
CA VAL H 106 39.45 15.06 15.39
C VAL H 106 38.87 14.51 14.09
N ALA H 107 37.69 15.00 13.70
CA ALA H 107 37.09 14.60 12.44
C ALA H 107 37.93 15.03 11.25
N ALA H 108 38.87 15.98 11.45
CA ALA H 108 39.75 16.41 10.37
C ALA H 108 40.91 15.44 10.14
N GLY H 109 40.85 14.23 10.67
CA GLY H 109 41.90 13.25 10.48
C GLY H 109 43.20 13.59 11.18
N MET H 110 43.16 14.37 12.24
CA MET H 110 44.34 14.93 12.87
C MET H 110 44.49 14.39 14.30
N ASN H 111 45.73 14.42 14.79
CA ASN H 111 46.11 13.66 15.97
C ASN H 111 45.31 14.11 17.19
N PRO H 112 44.61 13.20 17.87
CA PRO H 112 43.84 13.58 19.06
C PRO H 112 44.70 13.79 20.29
N MET H 113 45.72 12.95 20.46
CA MET H 113 46.63 13.11 21.59
C MET H 113 47.30 14.48 21.56
N ASP H 114 47.69 14.95 20.37
CA ASP H 114 48.28 16.27 20.27
C ASP H 114 47.28 17.36 20.59
N LEU H 115 46.02 17.18 20.17
CA LEU H 115 44.97 18.12 20.56
C LEU H 115 44.89 18.22 22.07
N LYS H 116 44.85 17.08 22.75
CA LYS H 116 44.74 17.08 24.20
C LYS H 116 45.95 17.74 24.84
N ARG H 117 47.15 17.44 24.33
CA ARG H 117 48.36 18.04 24.88
C ARG H 117 48.34 19.56 24.74
N GLY H 118 48.02 20.03 23.53
CA GLY H 118 47.98 21.47 23.30
C GLY H 118 46.96 22.16 24.18
N ILE H 119 45.75 21.61 24.26
CA ILE H 119 44.70 22.22 25.07
C ILE H 119 45.11 22.25 26.53
N ASP H 120 45.65 21.15 27.05
CA ASP H 120 45.98 21.08 28.46
C ASP H 120 47.10 22.03 28.83
N LYS H 121 48.17 22.08 28.03
CA LYS H 121 49.27 22.97 28.39
C LYS H 121 48.89 24.43 28.19
N ALA H 122 48.05 24.72 27.19
CA ALA H 122 47.53 26.07 27.05
C ALA H 122 46.72 26.47 28.28
N VAL H 123 45.90 25.55 28.79
CA VAL H 123 45.10 25.85 29.98
C VAL H 123 46.00 26.06 31.20
N THR H 124 47.07 25.27 31.30
CA THR H 124 48.01 25.48 32.42
C THR H 124 48.68 26.85 32.33
N ALA H 125 49.13 27.24 31.13
CA ALA H 125 49.76 28.55 30.96
C ALA H 125 48.76 29.67 31.27
N ALA H 126 47.51 29.49 30.84
CA ALA H 126 46.47 30.48 31.13
C ALA H 126 46.21 30.56 32.63
N VAL H 127 46.24 29.43 33.33
CA VAL H 127 46.07 29.44 34.78
C VAL H 127 47.22 30.22 35.44
N GLU H 128 48.44 30.00 34.95
CA GLU H 128 49.58 30.75 35.48
C GLU H 128 49.41 32.25 35.26
N GLU H 129 48.99 32.64 34.05
CA GLU H 129 48.81 34.06 33.77
C GLU H 129 47.65 34.65 34.55
N LEU H 130 46.59 33.88 34.79
CA LEU H 130 45.50 34.35 35.64
C LEU H 130 45.96 34.57 37.06
N LYS H 131 46.76 33.64 37.59
CA LYS H 131 47.32 33.81 38.92
C LYS H 131 48.23 35.03 38.99
N ALA H 132 48.99 35.28 37.92
CA ALA H 132 49.75 36.52 37.84
C ALA H 132 48.82 37.72 37.85
N LEU H 133 47.71 37.65 37.11
CA LEU H 133 46.69 38.68 37.11
C LEU H 133 45.83 38.65 38.36
N SER H 134 45.85 37.56 39.11
CA SER H 134 44.99 37.40 40.28
C SER H 134 45.41 38.38 41.37
N VAL H 135 44.58 39.38 41.62
CA VAL H 135 44.80 40.29 42.74
C VAL H 135 44.04 39.76 43.95
N PRO H 136 44.61 39.82 45.15
CA PRO H 136 43.97 39.20 46.31
C PRO H 136 42.61 39.80 46.66
N CYS H 137 41.58 38.96 46.65
CA CYS H 137 40.23 39.39 47.04
C CYS H 137 40.03 39.27 48.55
N SER H 138 40.58 40.24 49.29
CA SER H 138 40.54 40.18 50.75
C SER H 138 39.71 41.29 51.39
N ASP H 139 39.56 42.43 50.71
CA ASP H 139 38.85 43.55 51.31
C ASP H 139 37.34 43.29 51.35
N SER H 140 36.66 43.97 52.27
CA SER H 140 35.22 43.83 52.39
C SER H 140 34.49 44.28 51.15
N LYS H 141 35.00 45.31 50.45
CA LYS H 141 34.38 45.74 49.21
C LYS H 141 34.45 44.64 48.15
N ALA H 142 35.63 44.04 47.97
CA ALA H 142 35.77 43.01 46.95
C ALA H 142 34.98 41.76 47.31
N ILE H 143 34.94 41.41 48.60
CA ILE H 143 34.14 40.28 49.04
C ILE H 143 32.65 40.55 48.79
N ALA H 144 32.21 41.77 49.08
CA ALA H 144 30.83 42.13 48.82
C ALA H 144 30.50 42.05 47.34
N GLN H 145 31.42 42.49 46.48
CA GLN H 145 31.17 42.45 45.05
C GLN H 145 31.23 41.03 44.50
N VAL H 146 32.03 40.16 45.12
CA VAL H 146 32.03 38.75 44.74
C VAL H 146 30.70 38.10 45.10
N GLY H 147 30.23 38.32 46.33
CA GLY H 147 28.92 37.84 46.70
C GLY H 147 27.82 38.47 45.85
N THR H 148 28.08 39.65 45.31
CA THR H 148 27.16 40.30 44.39
C THR H 148 27.08 39.53 43.08
N ILE H 149 28.19 39.45 42.35
CA ILE H 149 28.19 38.85 41.02
C ILE H 149 27.81 37.37 41.10
N SER H 150 28.31 36.67 42.12
CA SER H 150 27.99 35.25 42.26
C SER H 150 26.49 35.03 42.43
N ALA H 151 25.85 35.84 43.27
CA ALA H 151 24.41 35.77 43.46
C ALA H 151 23.65 36.57 42.41
N ASN H 152 24.27 36.81 41.25
CA ASN H 152 23.67 37.57 40.16
C ASN H 152 23.26 38.97 40.63
N SER H 153 24.28 39.73 41.05
CA SER H 153 24.12 41.13 41.50
C SER H 153 23.31 41.21 42.79
N ASP H 154 23.90 40.71 43.87
CA ASP H 154 23.35 40.82 45.24
C ASP H 154 24.44 41.32 46.18
N GLU H 155 24.53 42.65 46.32
CA GLU H 155 25.58 43.25 47.15
C GLU H 155 25.42 42.90 48.62
N THR H 156 24.19 42.89 49.12
CA THR H 156 23.96 42.74 50.56
C THR H 156 24.51 41.41 51.06
N VAL H 157 24.40 40.35 50.25
CA VAL H 157 24.88 39.04 50.67
C VAL H 157 26.40 39.07 50.90
N GLY H 158 27.14 39.58 49.93
CA GLY H 158 28.59 39.65 50.09
C GLY H 158 29.01 40.59 51.19
N LYS H 159 28.28 41.70 51.34
CA LYS H 159 28.57 42.64 52.43
C LYS H 159 28.40 41.98 53.79
N LEU H 160 27.31 41.24 53.99
CA LEU H 160 27.10 40.54 55.24
C LEU H 160 28.11 39.44 55.44
N ILE H 161 28.56 38.80 54.34
CA ILE H 161 29.61 37.79 54.45
C ILE H 161 30.90 38.44 54.96
N ALA H 162 31.26 39.60 54.42
CA ALA H 162 32.46 40.30 54.89
C ALA H 162 32.32 40.68 56.35
N GLU H 163 31.15 41.16 56.75
CA GLU H 163 30.93 41.50 58.16
C GLU H 163 31.07 40.27 59.05
N ALA H 164 30.48 39.14 58.65
CA ALA H 164 30.53 37.93 59.47
C ALA H 164 31.96 37.43 59.61
N MET H 165 32.73 37.44 58.52
CA MET H 165 34.12 36.99 58.63
C MET H 165 34.96 37.96 59.42
N ASP H 166 34.68 39.26 59.37
CA ASP H 166 35.41 40.19 60.21
C ASP H 166 35.07 39.99 61.68
N LYS H 167 33.82 39.61 61.97
CA LYS H 167 33.41 39.37 63.35
C LYS H 167 34.00 38.08 63.90
N VAL H 168 34.03 37.03 63.08
CA VAL H 168 34.44 35.71 63.57
C VAL H 168 35.86 35.37 63.19
N GLY H 169 36.20 35.45 61.91
CA GLY H 169 37.57 35.23 61.45
C GLY H 169 37.71 33.91 60.68
N LYS H 170 38.90 33.77 60.10
CA LYS H 170 39.22 32.56 59.34
C LYS H 170 39.22 31.31 60.22
N GLU H 171 39.75 31.42 61.44
CA GLU H 171 39.82 30.26 62.34
C GLU H 171 38.46 29.79 62.81
N GLY H 172 37.42 30.59 62.62
CA GLY H 172 36.06 30.17 62.88
C GLY H 172 35.36 29.73 61.61
N VAL H 173 34.04 29.60 61.71
CA VAL H 173 33.20 29.15 60.60
C VAL H 173 31.96 30.04 60.53
N ILE H 174 31.53 30.35 59.32
CA ILE H 174 30.28 31.07 59.08
C ILE H 174 29.24 30.07 58.58
N THR H 175 28.18 29.90 59.36
CA THR H 175 27.15 28.91 59.06
C THR H 175 25.83 29.61 58.72
N VAL H 176 25.06 28.99 57.82
CA VAL H 176 23.79 29.53 57.38
C VAL H 176 22.69 28.58 57.82
N GLU H 177 21.69 29.11 58.51
CA GLU H 177 20.56 28.32 59.00
C GLU H 177 19.27 29.08 58.72
N ASP H 178 18.14 28.42 58.98
CA ASP H 178 16.84 28.99 58.71
C ASP H 178 16.58 30.16 59.66
N GLY H 179 16.13 31.29 59.10
CA GLY H 179 15.77 32.42 59.91
C GLY H 179 14.41 32.27 60.55
N THR H 180 14.20 33.06 61.61
CA THR H 180 12.94 33.02 62.34
C THR H 180 11.87 33.89 61.70
N GLY H 181 12.11 35.19 61.59
CA GLY H 181 11.13 36.08 60.99
C GLY H 181 11.38 36.27 59.51
N LEU H 182 11.41 37.53 59.07
CA LEU H 182 11.62 37.85 57.67
C LEU H 182 12.96 38.53 57.41
N GLN H 183 13.76 38.74 58.44
CA GLN H 183 15.08 39.34 58.27
C GLN H 183 16.15 38.41 58.82
N ASP H 184 17.26 38.34 58.10
CA ASP H 184 18.38 37.52 58.54
C ASP H 184 18.99 38.10 59.81
N GLU H 185 19.62 37.23 60.60
CA GLU H 185 20.34 37.67 61.78
C GLU H 185 21.66 36.92 61.88
N LEU H 186 22.72 37.65 62.22
CA LEU H 186 24.07 37.12 62.33
C LEU H 186 24.47 37.06 63.80
N ASP H 187 24.97 35.91 64.22
CA ASP H 187 25.38 35.69 65.60
C ASP H 187 26.80 35.15 65.65
N VAL H 188 27.64 35.79 66.47
CA VAL H 188 29.00 35.33 66.72
C VAL H 188 28.94 34.42 67.95
N VAL H 189 28.55 33.16 67.72
CA VAL H 189 28.29 32.25 68.82
C VAL H 189 29.57 31.54 69.25
N GLU H 190 29.51 30.95 70.45
CA GLU H 190 30.65 30.24 71.00
C GLU H 190 30.87 28.94 70.25
N GLY H 191 31.86 28.94 69.37
CA GLY H 191 32.23 27.74 68.65
C GLY H 191 33.71 27.77 68.37
N MET H 192 34.10 27.08 67.31
CA MET H 192 35.51 27.03 66.91
C MET H 192 35.61 26.24 65.62
N GLN H 193 36.82 26.19 65.08
CA GLN H 193 37.12 25.37 63.91
C GLN H 193 38.60 25.06 63.90
N PHE H 194 38.94 23.77 63.89
CA PHE H 194 40.32 23.33 63.77
C PHE H 194 40.45 22.49 62.52
N ASP H 195 41.69 22.33 62.06
CA ASP H 195 41.94 21.76 60.73
C ASP H 195 42.23 20.26 60.85
N ARG H 196 41.28 19.55 61.44
CA ARG H 196 41.32 18.09 61.50
C ARG H 196 39.92 17.57 61.28
N GLY H 197 39.78 16.60 60.35
CA GLY H 197 38.50 16.04 60.01
C GLY H 197 38.43 14.55 60.27
N TYR H 198 37.39 13.92 59.72
CA TYR H 198 37.15 12.52 59.96
C TYR H 198 38.27 11.66 59.40
N LEU H 199 38.61 10.59 60.13
CA LEU H 199 39.59 9.63 59.66
C LEU H 199 39.00 8.60 58.70
N SER H 200 37.68 8.49 58.63
CA SER H 200 37.04 7.58 57.69
C SER H 200 35.75 8.20 57.18
N PRO H 201 35.55 8.24 55.85
CA PRO H 201 34.29 8.76 55.32
C PRO H 201 33.08 7.94 55.71
N TYR H 202 33.28 6.73 56.24
CA TYR H 202 32.16 5.94 56.76
C TYR H 202 31.37 6.69 57.81
N PHE H 203 32.01 7.58 58.56
CA PHE H 203 31.34 8.34 59.61
C PHE H 203 30.38 9.38 59.05
N ILE H 204 30.46 9.71 57.76
CA ILE H 204 29.69 10.80 57.20
C ILE H 204 28.24 10.37 57.08
N ASN H 205 27.39 10.86 57.98
CA ASN H 205 25.95 10.66 57.87
C ASN H 205 25.28 11.68 56.97
N LYS H 206 26.04 12.67 56.48
CA LYS H 206 25.54 13.66 55.52
C LYS H 206 26.48 13.63 54.33
N PRO H 207 26.35 12.61 53.47
CA PRO H 207 27.30 12.46 52.35
C PRO H 207 27.32 13.63 51.40
N GLU H 208 26.21 14.36 51.25
CA GLU H 208 26.20 15.53 50.38
C GLU H 208 27.17 16.59 50.87
N THR H 209 27.26 16.75 52.20
CA THR H 209 28.15 17.75 52.78
C THR H 209 29.62 17.36 52.66
N GLY H 210 29.93 16.08 52.55
CA GLY H 210 31.31 15.67 52.72
C GLY H 210 31.81 15.91 54.12
N ALA H 211 30.91 16.09 55.07
CA ALA H 211 31.22 16.44 56.44
C ALA H 211 30.17 15.81 57.35
N VAL H 212 30.63 15.18 58.43
CA VAL H 212 29.69 14.60 59.39
C VAL H 212 29.05 15.73 60.17
N GLU H 213 27.74 15.83 60.10
CA GLU H 213 27.01 16.89 60.78
C GLU H 213 26.20 16.27 61.92
N LEU H 214 26.55 16.61 63.16
CA LEU H 214 25.90 16.08 64.34
C LEU H 214 25.24 17.20 65.11
N GLU H 215 23.97 17.01 65.47
CA GLU H 215 23.19 18.04 66.15
C GLU H 215 23.09 17.70 67.64
N SER H 216 23.50 18.65 68.48
CA SER H 216 23.55 18.46 69.92
C SER H 216 24.25 17.14 70.28
N PRO H 217 25.55 17.02 70.00
CA PRO H 217 26.24 15.76 70.21
C PRO H 217 26.96 15.66 71.54
N PHE H 218 27.38 14.44 71.85
CA PHE H 218 28.35 14.22 72.92
C PHE H 218 29.74 14.16 72.31
N ILE H 219 30.67 14.91 72.87
CA ILE H 219 31.97 15.14 72.25
C ILE H 219 33.04 14.56 73.18
N LEU H 220 33.47 13.34 72.87
CA LEU H 220 34.64 12.78 73.52
C LEU H 220 35.88 13.56 73.08
N LEU H 221 36.76 13.83 74.04
CA LEU H 221 37.96 14.64 73.80
C LEU H 221 39.16 13.88 74.32
N ALA H 222 39.88 13.23 73.41
CA ALA H 222 41.00 12.35 73.77
C ALA H 222 42.31 12.97 73.28
N ASP H 223 43.26 13.10 74.20
CA ASP H 223 44.63 13.44 73.83
C ASP H 223 45.50 12.19 73.79
N LYS H 224 45.07 11.14 73.09
CA LYS H 224 45.75 9.86 73.19
C LYS H 224 45.51 9.07 71.90
N LYS H 225 46.41 8.11 71.66
CA LYS H 225 46.36 7.26 70.48
C LYS H 225 45.64 5.95 70.82
N ILE H 226 44.40 5.82 70.36
CA ILE H 226 43.51 4.73 70.75
C ILE H 226 43.80 3.53 69.85
N SER H 227 43.62 2.33 70.39
CA SER H 227 43.86 1.10 69.64
C SER H 227 42.79 0.04 69.79
N ASN H 228 41.96 0.09 70.83
CA ASN H 228 41.02 -0.98 71.14
C ASN H 228 39.63 -0.39 71.41
N ILE H 229 38.59 -1.12 70.99
CA ILE H 229 37.22 -0.72 71.31
C ILE H 229 36.78 -1.18 72.69
N ARG H 230 37.53 -2.07 73.33
CA ARG H 230 37.16 -2.52 74.66
C ARG H 230 37.16 -1.35 75.64
N GLU H 231 38.15 -0.47 75.53
CA GLU H 231 38.17 0.72 76.36
C GLU H 231 37.05 1.68 76.00
N MET H 232 36.54 1.58 74.77
CA MET H 232 35.58 2.57 74.28
C MET H 232 34.13 2.16 74.49
N LEU H 233 33.88 0.86 74.72
CA LEU H 233 32.51 0.37 74.79
C LEU H 233 31.66 1.02 75.89
N PRO H 234 32.15 1.23 77.12
CA PRO H 234 31.31 1.94 78.10
C PRO H 234 30.92 3.33 77.66
N VAL H 235 31.81 4.05 76.97
CA VAL H 235 31.47 5.37 76.45
C VAL H 235 30.39 5.26 75.38
N LEU H 236 30.49 4.25 74.52
CA LEU H 236 29.46 4.04 73.49
C LEU H 236 28.11 3.78 74.12
N GLU H 237 28.07 2.94 75.17
CA GLU H 237 26.81 2.69 75.87
C GLU H 237 26.28 3.96 76.51
N ALA H 238 27.16 4.75 77.14
CA ALA H 238 26.72 5.98 77.79
C ALA H 238 26.09 6.94 76.78
N VAL H 239 26.74 7.13 75.62
CA VAL H 239 26.21 8.05 74.62
C VAL H 239 24.92 7.51 74.02
N ALA H 240 24.86 6.20 73.75
CA ALA H 240 23.65 5.62 73.16
C ALA H 240 22.47 5.68 74.13
N LYS H 241 22.73 5.67 75.43
CA LYS H 241 21.65 5.78 76.41
C LYS H 241 20.93 7.11 76.29
N ALA H 242 21.66 8.20 76.08
CA ALA H 242 21.05 9.52 75.94
C ALA H 242 20.64 9.83 74.51
N GLY H 243 20.96 8.97 73.54
CA GLY H 243 20.53 9.17 72.17
C GLY H 243 21.09 10.40 71.49
N LYS H 244 22.34 10.75 71.79
CA LYS H 244 22.97 11.87 71.12
C LYS H 244 24.01 11.36 70.12
N PRO H 245 24.28 12.13 69.07
CA PRO H 245 25.40 11.79 68.18
C PRO H 245 26.73 11.94 68.91
N LEU H 246 27.74 11.23 68.41
CA LEU H 246 29.01 11.11 69.10
C LEU H 246 30.13 11.63 68.21
N LEU H 247 30.96 12.50 68.78
CA LEU H 247 32.12 13.06 68.08
C LEU H 247 33.37 12.81 68.91
N ILE H 248 34.30 12.03 68.37
CA ILE H 248 35.57 11.75 69.02
C ILE H 248 36.62 12.71 68.50
N ILE H 249 37.34 13.35 69.41
CA ILE H 249 38.53 14.12 69.06
C ILE H 249 39.69 13.47 69.80
N ALA H 250 40.42 12.60 69.09
CA ALA H 250 41.49 11.81 69.67
C ALA H 250 42.81 12.11 68.98
N GLU H 251 43.90 11.88 69.71
CA GLU H 251 45.22 11.97 69.09
C GLU H 251 45.37 10.92 68.00
N ASP H 252 44.83 9.72 68.22
CA ASP H 252 44.78 8.69 67.20
C ASP H 252 43.80 7.62 67.63
N VAL H 253 43.13 7.02 66.64
CA VAL H 253 42.29 5.84 66.83
C VAL H 253 42.79 4.78 65.87
N GLU H 254 43.15 3.61 66.39
CA GLU H 254 43.85 2.61 65.60
C GLU H 254 43.19 1.26 65.76
N GLY H 255 43.33 0.44 64.72
CA GLY H 255 43.06 -0.99 64.84
C GLY H 255 41.64 -1.30 65.28
N GLU H 256 41.55 -2.10 66.35
CA GLU H 256 40.27 -2.66 66.77
C GLU H 256 39.28 -1.58 67.17
N ALA H 257 39.78 -0.50 67.77
CA ALA H 257 38.89 0.61 68.15
C ALA H 257 38.16 1.16 66.93
N LEU H 258 38.90 1.54 65.91
CA LEU H 258 38.29 2.09 64.71
C LEU H 258 37.44 1.05 64.00
N ALA H 259 37.91 -0.21 63.97
CA ALA H 259 37.16 -1.25 63.28
C ALA H 259 35.79 -1.46 63.91
N THR H 260 35.74 -1.59 65.24
CA THR H 260 34.46 -1.80 65.89
C THR H 260 33.64 -0.52 65.92
N LEU H 261 34.27 0.65 65.88
CA LEU H 261 33.51 1.88 65.68
C LEU H 261 32.77 1.84 64.35
N VAL H 262 33.47 1.46 63.28
CA VAL H 262 32.84 1.36 61.97
C VAL H 262 31.74 0.31 61.99
N VAL H 263 31.99 -0.81 62.66
CA VAL H 263 30.99 -1.87 62.75
C VAL H 263 29.74 -1.38 63.47
N ASN H 264 29.92 -0.71 64.60
CA ASN H 264 28.77 -0.22 65.38
C ASN H 264 28.01 0.84 64.61
N THR H 265 28.72 1.72 63.90
CA THR H 265 28.04 2.72 63.08
C THR H 265 27.24 2.09 61.96
N MET H 266 27.80 1.07 61.31
CA MET H 266 27.05 0.36 60.27
C MET H 266 25.82 -0.31 60.86
N ARG H 267 25.93 -0.84 62.08
CA ARG H 267 24.76 -1.33 62.78
C ARG H 267 23.85 -0.21 63.26
N GLY H 268 24.30 1.04 63.17
CA GLY H 268 23.50 2.16 63.63
C GLY H 268 23.44 2.31 65.13
N ILE H 269 24.35 1.67 65.87
CA ILE H 269 24.29 1.72 67.32
C ILE H 269 24.55 3.14 67.82
N VAL H 270 25.64 3.75 67.35
CA VAL H 270 26.03 5.09 67.78
C VAL H 270 26.45 5.89 66.55
N LYS H 271 26.11 7.18 66.54
CA LYS H 271 26.53 8.08 65.46
C LYS H 271 27.91 8.61 65.82
N VAL H 272 28.95 7.91 65.38
CA VAL H 272 30.33 8.21 65.76
C VAL H 272 31.04 8.88 64.61
N ALA H 273 31.74 9.98 64.90
CA ALA H 273 32.61 10.65 63.93
C ALA H 273 33.92 10.97 64.64
N ALA H 274 35.00 10.30 64.24
CA ALA H 274 36.30 10.45 64.89
C ALA H 274 37.20 11.33 64.04
N VAL H 275 37.90 12.26 64.70
CA VAL H 275 38.76 13.22 64.01
C VAL H 275 40.14 13.22 64.66
N LYS H 276 41.11 13.77 63.94
CA LYS H 276 42.44 13.98 64.50
C LYS H 276 42.40 15.06 65.57
N ALA H 277 43.31 14.93 66.53
CA ALA H 277 43.53 16.01 67.48
C ALA H 277 44.28 17.14 66.79
N PRO H 278 43.78 18.38 66.87
CA PRO H 278 44.44 19.49 66.16
C PRO H 278 45.87 19.69 66.64
N GLY H 279 46.76 19.96 65.68
CA GLY H 279 48.16 20.18 65.99
C GLY H 279 48.87 18.91 66.46
N PHE H 280 50.00 19.12 67.12
CA PHE H 280 50.78 18.02 67.67
C PHE H 280 51.62 18.55 68.83
N GLY H 281 51.78 17.69 69.83
CA GLY H 281 52.56 18.09 70.99
C GLY H 281 51.68 18.69 72.08
N ASP H 282 52.26 19.59 72.86
CA ASP H 282 51.54 20.22 73.96
C ASP H 282 50.45 21.15 73.45
N ARG H 283 50.65 21.75 72.27
CA ARG H 283 49.64 22.61 71.69
C ARG H 283 48.34 21.85 71.49
N ARG H 284 48.45 20.56 71.12
CA ARG H 284 47.27 19.73 70.95
C ARG H 284 46.50 19.59 72.26
N LYS H 285 47.22 19.36 73.35
CA LYS H 285 46.58 19.25 74.66
C LYS H 285 45.90 20.56 75.05
N ALA H 286 46.57 21.68 74.80
CA ALA H 286 45.96 22.97 75.12
C ALA H 286 44.69 23.20 74.30
N MET H 287 44.70 22.83 73.02
CA MET H 287 43.51 23.01 72.20
C MET H 287 42.38 22.10 72.67
N LEU H 288 42.69 20.84 73.02
CA LEU H 288 41.67 19.99 73.63
C LEU H 288 41.11 20.60 74.90
N GLN H 289 41.94 21.29 75.69
CA GLN H 289 41.43 21.97 76.87
C GLN H 289 40.47 23.09 76.49
N ASP H 290 40.81 23.85 75.44
CA ASP H 290 39.90 24.89 74.97
C ASP H 290 38.56 24.29 74.55
N ILE H 291 38.60 23.17 73.83
CA ILE H 291 37.38 22.52 73.40
C ILE H 291 36.58 22.04 74.61
N ALA H 292 37.27 21.45 75.58
CA ALA H 292 36.62 20.95 76.78
C ALA H 292 35.91 22.08 77.51
N THR H 293 36.55 23.24 77.60
CA THR H 293 35.92 24.37 78.28
C THR H 293 34.74 24.90 77.48
N LEU H 294 34.89 25.03 76.15
CA LEU H 294 33.82 25.62 75.36
C LEU H 294 32.59 24.72 75.26
N THR H 295 32.78 23.40 75.14
CA THR H 295 31.68 22.47 75.07
C THR H 295 31.31 21.89 76.43
N GLY H 296 31.95 22.34 77.50
CA GLY H 296 31.67 21.79 78.81
C GLY H 296 32.21 20.40 79.02
N GLY H 297 33.11 19.94 78.14
CA GLY H 297 33.67 18.61 78.22
C GLY H 297 34.97 18.58 79.00
N THR H 298 35.68 17.46 78.87
CA THR H 298 36.95 17.24 79.54
C THR H 298 37.93 16.61 78.57
N VAL H 299 39.23 16.88 78.78
CA VAL H 299 40.28 16.29 77.97
C VAL H 299 40.63 14.93 78.54
N ILE H 300 40.54 13.89 77.71
CA ILE H 300 40.92 12.54 78.13
C ILE H 300 42.34 12.32 77.63
N SER H 301 43.30 12.64 78.50
CA SER H 301 44.71 12.52 78.21
C SER H 301 45.36 11.59 79.23
N GLU H 302 46.29 10.76 78.76
CA GLU H 302 47.02 9.85 79.64
C GLU H 302 47.94 10.60 80.61
N GLU H 303 48.31 11.85 80.29
CA GLU H 303 49.13 12.63 81.21
C GLU H 303 48.41 12.87 82.53
N ILE H 304 47.07 12.95 82.49
CA ILE H 304 46.29 12.96 83.73
C ILE H 304 46.39 11.60 84.42
N GLY H 305 46.54 10.53 83.66
CA GLY H 305 46.54 9.20 84.21
C GLY H 305 45.18 8.55 84.27
N MET H 306 44.15 9.20 83.74
CA MET H 306 42.79 8.68 83.76
C MET H 306 42.51 7.90 82.49
N GLU H 307 41.64 6.90 82.60
CA GLU H 307 41.37 5.98 81.50
C GLU H 307 40.00 6.27 80.89
N LEU H 308 39.82 5.78 79.66
CA LEU H 308 38.63 6.04 78.87
C LEU H 308 37.43 5.20 79.29
N GLU H 309 37.65 4.08 79.98
CA GLU H 309 36.53 3.26 80.43
C GLU H 309 35.54 4.08 81.22
N LYS H 310 36.04 4.95 82.09
CA LYS H 310 35.19 5.79 82.94
C LYS H 310 34.92 7.16 82.32
N ALA H 311 34.48 7.18 81.06
CA ALA H 311 34.10 8.40 80.38
C ALA H 311 32.59 8.42 80.23
N THR H 312 31.95 9.49 80.69
CA THR H 312 30.51 9.60 80.73
C THR H 312 30.03 10.84 79.98
N LEU H 313 28.71 11.04 80.01
CA LEU H 313 28.09 12.09 79.20
C LEU H 313 28.58 13.47 79.60
N GLU H 314 28.69 13.75 80.90
CA GLU H 314 29.24 15.03 81.33
C GLU H 314 30.69 15.17 80.91
N ASP H 315 31.46 14.07 81.00
CA ASP H 315 32.85 14.11 80.56
C ASP H 315 32.95 14.46 79.08
N LEU H 316 32.08 13.89 78.26
CA LEU H 316 32.07 14.21 76.83
C LEU H 316 31.57 15.63 76.62
N GLY H 317 32.19 16.34 75.69
CA GLY H 317 31.77 17.69 75.40
C GLY H 317 30.38 17.75 74.82
N GLN H 318 29.71 18.88 75.03
CA GLN H 318 28.36 19.09 74.54
C GLN H 318 28.32 20.38 73.73
N ALA H 319 27.85 20.28 72.50
CA ALA H 319 27.63 21.44 71.65
C ALA H 319 26.21 21.34 71.10
N LYS H 320 25.85 22.31 70.26
CA LYS H 320 24.56 22.22 69.59
C LYS H 320 24.71 21.72 68.16
N ARG H 321 25.86 21.96 67.53
CA ARG H 321 26.13 21.42 66.20
C ARG H 321 27.63 21.21 66.06
N VAL H 322 28.00 20.19 65.31
CA VAL H 322 29.38 19.98 64.90
C VAL H 322 29.39 19.55 63.44
N VAL H 323 30.34 20.11 62.67
CA VAL H 323 30.50 19.79 61.26
C VAL H 323 31.94 19.35 61.04
N ILE H 324 32.11 18.09 60.66
CA ILE H 324 33.42 17.46 60.53
C ILE H 324 33.72 17.34 59.04
N ASN H 325 34.55 18.22 58.53
CA ASN H 325 34.90 18.20 57.11
C ASN H 325 35.94 17.12 56.87
N LYS H 326 36.52 17.11 55.66
CA LYS H 326 37.51 16.09 55.32
C LYS H 326 38.70 16.16 56.26
N ASP H 327 39.28 17.35 56.43
CA ASP H 327 40.37 17.58 57.36
C ASP H 327 40.11 18.85 58.15
N THR H 328 38.88 19.01 58.66
CA THR H 328 38.51 20.19 59.43
C THR H 328 37.24 19.86 60.20
N THR H 329 37.17 20.33 61.44
CA THR H 329 35.98 20.16 62.27
C THR H 329 35.66 21.47 62.97
N THR H 330 34.40 21.85 62.96
CA THR H 330 33.93 23.07 63.59
C THR H 330 32.81 22.77 64.58
N ILE H 331 32.81 23.51 65.68
CA ILE H 331 31.84 23.36 66.76
C ILE H 331 31.01 24.62 66.82
N ILE H 332 29.69 24.46 66.83
CA ILE H 332 28.73 25.56 66.74
C ILE H 332 27.86 25.50 67.99
N ASP H 333 27.86 26.58 68.76
CA ASP H 333 27.08 26.70 69.99
C ASP H 333 27.40 25.56 70.96
N GLY H 334 28.64 25.57 71.45
CA GLY H 334 29.03 24.66 72.50
C GLY H 334 28.17 24.84 73.73
N VAL H 335 27.57 23.75 74.22
CA VAL H 335 26.68 23.83 75.36
C VAL H 335 27.44 24.29 76.61
N GLY H 336 28.75 24.12 76.64
CA GLY H 336 29.57 24.53 77.77
C GLY H 336 29.37 25.97 78.17
N GLU H 337 29.46 26.24 79.47
CA GLU H 337 29.11 27.54 80.01
C GLU H 337 30.00 28.64 79.43
N GLU H 338 29.37 29.75 79.03
CA GLU H 338 30.07 30.75 78.24
C GLU H 338 31.10 31.52 79.06
N ALA H 339 30.79 31.84 80.33
CA ALA H 339 31.77 32.51 81.17
C ALA H 339 32.95 31.60 81.46
N ALA H 340 32.71 30.28 81.51
CA ALA H 340 33.83 29.35 81.58
C ALA H 340 34.70 29.45 80.35
N ILE H 341 34.08 29.57 79.17
CA ILE H 341 34.83 29.75 77.93
C ILE H 341 35.63 31.05 78.00
N GLN H 342 35.04 32.08 78.61
CA GLN H 342 35.74 33.35 78.80
C GLN H 342 36.95 33.18 79.72
N GLY H 343 36.80 32.42 80.79
CA GLY H 343 37.95 32.13 81.64
C GLY H 343 39.04 31.39 80.89
N ARG H 344 38.65 30.43 80.04
CA ARG H 344 39.62 29.74 79.21
C ARG H 344 40.30 30.68 78.23
N VAL H 345 39.54 31.63 77.67
CA VAL H 345 40.11 32.61 76.76
C VAL H 345 41.14 33.46 77.49
N ALA H 346 40.82 33.89 78.71
CA ALA H 346 41.77 34.62 79.51
C ALA H 346 43.00 33.78 79.83
N GLN H 347 42.80 32.47 80.02
CA GLN H 347 43.93 31.56 80.22
C GLN H 347 44.83 31.54 79.00
N ILE H 348 44.24 31.46 77.81
CA ILE H 348 45.05 31.47 76.59
C ILE H 348 45.74 32.81 76.43
N ARG H 349 45.08 33.90 76.84
CA ARG H 349 45.70 35.21 76.73
C ARG H 349 46.89 35.35 77.68
N GLN H 350 46.77 34.87 78.91
CA GLN H 350 47.92 34.92 79.80
C GLN H 350 49.03 34.02 79.29
N GLN H 351 48.67 32.89 78.67
CA GLN H 351 49.67 32.11 77.94
C GLN H 351 50.31 32.94 76.84
N ILE H 352 49.54 33.83 76.22
CA ILE H 352 50.08 34.69 75.17
C ILE H 352 51.16 35.61 75.73
N GLU H 353 50.87 36.31 76.83
CA GLU H 353 51.94 37.17 77.33
C GLU H 353 53.05 36.39 78.03
N GLU H 354 52.85 35.10 78.33
CA GLU H 354 53.99 34.31 78.76
C GLU H 354 54.89 33.90 77.60
N ALA H 355 54.33 33.67 76.41
CA ALA H 355 55.15 33.27 75.27
C ALA H 355 55.62 34.50 74.49
N THR H 356 56.68 34.30 73.69
CA THR H 356 57.22 35.36 72.85
C THR H 356 57.62 34.86 71.46
N SER H 357 57.58 33.55 71.21
CA SER H 357 58.03 32.97 69.96
C SER H 357 56.99 33.17 68.88
N ASP H 358 57.44 33.55 67.68
CA ASP H 358 56.52 33.91 66.61
C ASP H 358 55.66 32.72 66.19
N TYR H 359 56.24 31.53 66.12
CA TYR H 359 55.44 30.32 65.96
C TYR H 359 54.35 30.26 67.01
N ASP H 360 54.72 30.41 68.27
CA ASP H 360 53.73 30.44 69.35
C ASP H 360 52.83 31.66 69.24
N ARG H 361 53.36 32.79 68.76
CA ARG H 361 52.53 33.96 68.54
C ARG H 361 51.33 33.63 67.66
N GLU H 362 51.61 33.03 66.50
CA GLU H 362 50.53 32.76 65.56
C GLU H 362 49.66 31.59 66.03
N LYS H 363 50.26 30.59 66.68
CA LYS H 363 49.45 29.50 67.21
C LYS H 363 48.44 30.01 68.23
N LEU H 364 48.88 30.89 69.14
CA LEU H 364 47.96 31.44 70.13
C LEU H 364 46.97 32.41 69.52
N GLN H 365 47.39 33.14 68.47
CA GLN H 365 46.42 33.94 67.72
C GLN H 365 45.32 33.06 67.16
N GLU H 366 45.70 31.92 66.57
CA GLU H 366 44.71 31.00 66.02
C GLU H 366 43.81 30.44 67.12
N ARG H 367 44.40 30.09 68.26
CA ARG H 367 43.60 29.53 69.36
C ARG H 367 42.58 30.54 69.87
N VAL H 368 43.02 31.78 70.11
CA VAL H 368 42.09 32.78 70.60
C VAL H 368 41.03 33.10 69.55
N ALA H 369 41.42 33.09 68.28
CA ALA H 369 40.45 33.30 67.20
C ALA H 369 39.39 32.22 67.22
N LYS H 370 39.82 30.95 67.30
CA LYS H 370 38.87 29.84 67.32
C LYS H 370 37.92 29.95 68.51
N LEU H 371 38.47 30.23 69.70
CA LEU H 371 37.64 30.18 70.89
C LEU H 371 36.71 31.38 70.98
N ALA H 372 37.20 32.58 70.69
CA ALA H 372 36.42 33.81 70.86
C ALA H 372 35.56 34.12 69.65
N GLY H 373 36.14 34.15 68.46
CA GLY H 373 35.34 34.36 67.26
C GLY H 373 34.30 33.29 67.06
N GLY H 374 34.55 32.08 67.55
CA GLY H 374 33.53 31.05 67.54
C GLY H 374 33.06 30.72 66.15
N VAL H 375 31.75 30.78 65.95
CA VAL H 375 31.14 30.48 64.66
C VAL H 375 30.15 31.58 64.32
N ALA H 376 30.22 32.07 63.09
CA ALA H 376 29.18 32.97 62.59
C ALA H 376 28.00 32.13 62.13
N VAL H 377 26.83 32.45 62.68
CA VAL H 377 25.60 31.74 62.34
C VAL H 377 24.66 32.75 61.71
N ILE H 378 24.25 32.50 60.48
CA ILE H 378 23.38 33.39 59.73
C ILE H 378 22.02 32.70 59.62
N LYS H 379 20.99 33.37 60.13
CA LYS H 379 19.62 32.88 60.00
C LYS H 379 18.93 33.70 58.93
N VAL H 380 18.66 33.07 57.79
CA VAL H 380 18.14 33.78 56.63
C VAL H 380 16.66 34.09 56.86
N GLY H 381 16.33 35.37 56.90
CA GLY H 381 14.95 35.80 57.04
C GLY H 381 14.29 35.96 55.68
N ALA H 382 13.24 35.15 55.47
CA ALA H 382 12.50 35.20 54.22
C ALA H 382 11.05 34.81 54.50
N ALA H 383 10.16 35.22 53.61
CA ALA H 383 8.73 35.01 53.84
C ALA H 383 8.31 33.61 53.45
N THR H 384 8.40 33.29 52.16
CA THR H 384 7.95 32.00 51.65
C THR H 384 9.09 31.00 51.73
N GLU H 385 8.72 29.73 51.90
CA GLU H 385 9.70 28.67 52.01
C GLU H 385 10.49 28.51 50.72
N VAL H 386 9.83 28.70 49.57
CA VAL H 386 10.54 28.65 48.30
C VAL H 386 11.55 29.78 48.20
N GLU H 387 11.15 31.01 48.57
CA GLU H 387 12.11 32.10 48.59
C GLU H 387 13.11 31.93 49.71
N MET H 388 12.72 31.27 50.81
CA MET H 388 13.68 30.92 51.85
C MET H 388 14.83 30.09 51.27
N LYS H 389 14.49 29.01 50.57
CA LYS H 389 15.52 28.16 49.98
C LYS H 389 16.29 28.91 48.91
N GLU H 390 15.60 29.71 48.10
CA GLU H 390 16.27 30.52 47.08
C GLU H 390 17.31 31.43 47.69
N LYS H 391 16.93 32.22 48.69
CA LYS H 391 17.84 33.14 49.34
C LYS H 391 18.97 32.41 50.03
N LYS H 392 18.67 31.31 50.73
CA LYS H 392 19.72 30.56 51.40
C LYS H 392 20.73 30.04 50.39
N ALA H 393 20.26 29.34 49.35
CA ALA H 393 21.15 28.81 48.34
C ALA H 393 22.00 29.91 47.72
N ARG H 394 21.41 31.08 47.47
CA ARG H 394 22.21 32.22 47.05
C ARG H 394 23.30 32.52 48.06
N VAL H 395 22.97 32.43 49.35
CA VAL H 395 23.95 32.75 50.39
C VAL H 395 25.12 31.78 50.36
N GLU H 396 24.84 30.48 50.29
CA GLU H 396 25.96 29.53 50.29
C GLU H 396 26.75 29.61 48.98
N ASP H 397 26.08 29.90 47.87
CA ASP H 397 26.81 30.08 46.62
C ASP H 397 27.77 31.26 46.71
N ALA H 398 27.28 32.39 47.24
CA ALA H 398 28.15 33.54 47.41
C ALA H 398 29.25 33.26 48.42
N LEU H 399 28.96 32.44 49.43
CA LEU H 399 29.98 32.10 50.42
C LEU H 399 31.10 31.28 49.81
N HIS H 400 30.74 30.26 49.03
CA HIS H 400 31.75 29.46 48.33
C HIS H 400 32.55 30.34 47.36
N ALA H 401 31.86 31.25 46.67
CA ALA H 401 32.55 32.17 45.77
C ALA H 401 33.52 33.07 46.52
N THR H 402 33.12 33.56 47.70
CA THR H 402 34.01 34.42 48.48
C THR H 402 35.22 33.65 48.98
N ARG H 403 35.02 32.40 49.39
CA ARG H 403 36.17 31.58 49.78
C ARG H 403 37.11 31.37 48.60
N ALA H 404 36.55 31.08 47.43
CA ALA H 404 37.39 30.89 46.24
C ALA H 404 38.14 32.16 45.88
N ALA H 405 37.48 33.32 45.99
CA ALA H 405 38.13 34.59 45.69
C ALA H 405 39.21 34.92 46.70
N VAL H 406 38.96 34.64 47.98
CA VAL H 406 39.97 34.87 49.00
C VAL H 406 41.20 34.00 48.74
N GLU H 407 40.99 32.74 48.38
CA GLU H 407 42.10 31.82 48.19
C GLU H 407 42.75 31.93 46.81
N GLU H 408 42.10 32.62 45.87
CA GLU H 408 42.61 32.71 44.50
C GLU H 408 42.62 34.11 43.91
N GLY H 409 41.89 35.07 44.47
CA GLY H 409 41.82 36.40 43.91
C GLY H 409 40.72 36.53 42.88
N VAL H 410 40.57 37.76 42.39
CA VAL H 410 39.53 38.10 41.42
C VAL H 410 40.21 38.80 40.24
N VAL H 411 39.89 38.36 39.03
CA VAL H 411 40.22 39.12 37.84
C VAL H 411 39.01 39.92 37.39
N ALA H 412 39.24 40.91 36.52
CA ALA H 412 38.17 41.76 36.05
C ALA H 412 37.07 40.94 35.39
N GLY H 413 35.82 41.21 35.77
CA GLY H 413 34.70 40.44 35.29
C GLY H 413 34.19 40.91 33.93
N GLY H 414 33.13 40.24 33.48
CA GLY H 414 32.53 40.54 32.19
C GLY H 414 33.19 39.89 31.00
N GLY H 415 34.28 39.14 31.22
CA GLY H 415 34.98 38.50 30.13
C GLY H 415 36.03 39.37 29.46
N VAL H 416 36.48 40.43 30.10
CA VAL H 416 37.42 41.37 29.48
C VAL H 416 38.86 40.96 29.72
N ALA H 417 39.17 40.41 30.90
CA ALA H 417 40.51 39.87 31.12
C ALA H 417 40.78 38.67 30.23
N LEU H 418 39.71 37.96 29.83
CA LEU H 418 39.86 36.90 28.84
C LEU H 418 40.38 37.48 27.53
N ILE H 419 39.80 38.59 27.09
CA ILE H 419 40.27 39.26 25.88
C ILE H 419 41.70 39.76 26.09
N ARG H 420 42.01 40.22 27.30
CA ARG H 420 43.38 40.62 27.61
C ARG H 420 44.35 39.49 27.36
N VAL H 421 44.07 38.33 27.97
CA VAL H 421 44.99 37.19 27.87
C VAL H 421 45.06 36.70 26.43
N ALA H 422 43.94 36.74 25.71
CA ALA H 422 43.95 36.42 24.29
C ALA H 422 44.91 37.33 23.54
N SER H 423 44.92 38.63 23.89
CA SER H 423 45.93 39.52 23.34
C SER H 423 47.32 39.16 23.86
N LYS H 424 47.40 38.47 25.00
CA LYS H 424 48.69 38.12 25.59
C LYS H 424 49.20 36.79 25.07
N LEU H 425 48.47 35.71 25.32
CA LEU H 425 48.89 34.37 24.93
C LEU H 425 48.54 34.03 23.50
N ALA H 426 48.39 35.03 22.63
CA ALA H 426 48.23 34.75 21.21
C ALA H 426 49.46 34.05 20.63
N ASP H 427 50.59 34.13 21.31
CA ASP H 427 51.85 33.56 20.84
C ASP H 427 52.10 32.14 21.35
N LEU H 428 51.20 31.58 22.16
CA LEU H 428 51.43 30.27 22.74
C LEU H 428 51.37 29.19 21.66
N ARG H 429 52.34 28.27 21.69
CA ARG H 429 52.45 27.22 20.71
C ARG H 429 52.80 25.90 21.40
N GLY H 430 52.45 24.80 20.75
CA GLY H 430 52.72 23.47 21.27
C GLY H 430 53.85 22.77 20.54
N GLN H 431 54.22 21.60 21.08
CA GLN H 431 55.30 20.82 20.49
C GLN H 431 54.98 20.40 19.06
N ASN H 432 53.77 19.94 18.81
CA ASN H 432 53.30 19.64 17.47
C ASN H 432 52.43 20.78 17.00
N GLU H 433 52.38 20.97 15.68
CA GLU H 433 51.50 21.99 15.13
C GLU H 433 50.05 21.67 15.43
N ASP H 434 49.73 20.39 15.66
CA ASP H 434 48.41 20.04 16.16
C ASP H 434 48.17 20.65 17.54
N GLN H 435 49.19 20.61 18.40
CA GLN H 435 49.10 21.26 19.69
C GLN H 435 48.97 22.77 19.54
N ASN H 436 49.65 23.34 18.54
CA ASN H 436 49.47 24.75 18.21
C ASN H 436 48.02 25.04 17.83
N VAL H 437 47.43 24.17 17.02
CA VAL H 437 46.06 24.36 16.58
C VAL H 437 45.10 24.27 17.75
N GLY H 438 45.35 23.33 18.67
CA GLY H 438 44.54 23.24 19.88
C GLY H 438 44.67 24.51 20.71
N ILE H 439 45.87 25.05 20.81
CA ILE H 439 46.08 26.29 21.57
C ILE H 439 45.29 27.43 20.93
N LYS H 440 45.34 27.53 19.61
CA LYS H 440 44.60 28.58 18.91
C LYS H 440 43.09 28.38 19.04
N VAL H 441 42.65 27.11 19.05
CA VAL H 441 41.26 26.79 19.34
C VAL H 441 40.87 27.35 20.70
N ALA H 442 41.72 27.13 21.70
CA ALA H 442 41.45 27.67 23.03
C ALA H 442 41.37 29.19 23.00
N LEU H 443 42.32 29.84 22.32
CA LEU H 443 42.33 31.30 22.26
C LEU H 443 41.05 31.84 21.62
N ARG H 444 40.61 31.20 20.55
CA ARG H 444 39.37 31.58 19.90
C ARG H 444 38.17 31.38 20.82
N ALA H 445 38.03 30.18 21.39
CA ALA H 445 36.85 29.83 22.16
C ALA H 445 36.75 30.61 23.45
N MET H 446 37.86 31.11 23.98
CA MET H 446 37.85 31.74 25.29
C MET H 446 37.38 33.19 25.22
N GLU H 447 37.29 33.78 24.03
CA GLU H 447 36.63 35.06 23.88
C GLU H 447 35.12 34.91 23.74
N ALA H 448 34.64 33.69 23.45
CA ALA H 448 33.21 33.46 23.34
C ALA H 448 32.41 33.81 24.59
N PRO H 449 32.89 33.63 25.84
CA PRO H 449 32.08 34.01 27.00
C PRO H 449 31.59 35.45 26.98
N LEU H 450 32.51 36.40 26.85
CA LEU H 450 32.12 37.80 26.75
C LEU H 450 31.22 38.03 25.53
N ARG H 451 31.52 37.34 24.44
CA ARG H 451 30.72 37.49 23.23
C ARG H 451 29.27 37.11 23.49
N GLN H 452 29.05 35.99 24.17
CA GLN H 452 27.70 35.54 24.48
C GLN H 452 27.05 36.44 25.51
N ILE H 453 27.82 36.97 26.47
CA ILE H 453 27.28 37.92 27.42
C ILE H 453 26.71 39.13 26.69
N VAL H 454 27.50 39.71 25.79
CA VAL H 454 27.05 40.88 25.04
C VAL H 454 25.91 40.51 24.11
N LEU H 455 25.94 39.30 23.54
CA LEU H 455 24.87 38.84 22.68
C LEU H 455 23.55 38.77 23.42
N ASN H 456 23.53 38.11 24.58
CA ASN H 456 22.32 38.00 25.37
C ASN H 456 21.85 39.35 25.88
N CYS H 457 22.80 40.26 26.16
CA CYS H 457 22.42 41.62 26.48
C CYS H 457 21.83 42.35 25.29
N GLY H 458 21.92 41.78 24.09
CA GLY H 458 21.33 42.38 22.92
C GLY H 458 22.27 43.22 22.08
N GLU H 459 23.56 43.19 22.37
CA GLU H 459 24.54 44.04 21.72
C GLU H 459 25.55 43.19 20.96
N GLU H 460 26.58 43.86 20.44
CA GLU H 460 27.49 43.24 19.49
C GLU H 460 28.60 42.49 20.20
N PRO H 461 28.68 41.17 20.09
CA PRO H 461 29.76 40.43 20.74
C PRO H 461 31.15 40.79 20.24
N SER H 462 31.34 40.66 18.92
CA SER H 462 32.68 40.82 18.35
C SER H 462 33.14 42.27 18.38
N VAL H 463 32.22 43.22 18.21
CA VAL H 463 32.60 44.62 18.27
C VAL H 463 33.07 44.99 19.66
N VAL H 464 32.36 44.52 20.69
CA VAL H 464 32.81 44.72 22.06
C VAL H 464 34.16 44.06 22.28
N ALA H 465 34.34 42.84 21.76
CA ALA H 465 35.62 42.16 21.90
C ALA H 465 36.75 42.99 21.29
N ASN H 466 36.52 43.54 20.10
CA ASN H 466 37.54 44.34 19.43
C ASN H 466 37.83 45.63 20.20
N THR H 467 36.79 46.29 20.71
CA THR H 467 37.01 47.53 21.45
C THR H 467 37.79 47.26 22.73
N VAL H 468 37.49 46.15 23.40
CA VAL H 468 38.27 45.76 24.57
C VAL H 468 39.72 45.49 24.17
N LYS H 469 39.92 44.77 23.05
CA LYS H 469 41.26 44.56 22.53
C LYS H 469 41.99 45.88 22.33
N GLY H 470 41.27 46.90 21.89
CA GLY H 470 41.86 48.23 21.78
C GLY H 470 42.36 48.73 23.12
N GLY H 471 41.64 48.43 24.19
CA GLY H 471 42.09 48.73 25.52
C GLY H 471 43.02 47.64 26.05
N ASP H 472 43.37 47.78 27.32
CA ASP H 472 44.27 46.86 27.97
C ASP H 472 43.95 46.80 29.46
N GLY H 473 44.42 45.74 30.12
CA GLY H 473 44.17 45.58 31.53
C GLY H 473 42.68 45.47 31.83
N ASN H 474 42.23 46.24 32.81
CA ASN H 474 40.83 46.21 33.23
C ASN H 474 39.91 47.00 32.31
N TYR H 475 40.44 47.63 31.26
CA TYR H 475 39.57 48.25 30.28
C TYR H 475 38.67 47.18 29.68
N GLY H 476 37.38 47.50 29.61
CA GLY H 476 36.41 46.54 29.16
C GLY H 476 35.04 47.16 29.08
N TYR H 477 34.03 46.31 29.06
CA TYR H 477 32.67 46.69 28.71
C TYR H 477 31.69 46.08 29.70
N ASN H 478 31.15 46.92 30.58
CA ASN H 478 30.00 46.53 31.39
C ASN H 478 28.84 46.25 30.44
N ALA H 479 28.42 44.99 30.40
CA ALA H 479 27.31 44.58 29.55
C ALA H 479 25.95 44.90 30.15
N ALA H 480 25.89 45.21 31.44
CA ALA H 480 24.64 45.68 32.03
C ALA H 480 24.43 47.15 31.74
N THR H 481 25.32 48.01 32.23
CA THR H 481 25.30 49.41 31.84
C THR H 481 25.81 49.63 30.43
N GLU H 482 26.50 48.64 29.86
CA GLU H 482 26.98 48.69 28.49
C GLU H 482 27.92 49.87 28.28
N GLU H 483 28.92 49.98 29.15
CA GLU H 483 29.84 51.12 29.14
C GLU H 483 31.28 50.64 29.21
N TYR H 484 32.16 51.35 28.53
CA TYR H 484 33.58 51.01 28.53
C TYR H 484 34.29 51.72 29.68
N GLY H 485 35.08 50.94 30.42
CA GLY H 485 35.77 51.46 31.59
C GLY H 485 36.50 50.36 32.30
N ASN H 486 36.85 50.64 33.55
CA ASN H 486 37.59 49.71 34.39
C ASN H 486 36.61 48.77 35.09
N MET H 487 36.56 47.51 34.66
CA MET H 487 35.55 46.57 35.14
C MET H 487 35.67 46.32 36.64
N ILE H 488 36.82 46.61 37.24
CA ILE H 488 36.94 46.49 38.69
C ILE H 488 36.07 47.52 39.40
N ASP H 489 35.94 48.71 38.79
CA ASP H 489 35.35 49.84 39.50
C ASP H 489 33.89 49.59 39.86
N MET H 490 33.07 49.20 38.89
CA MET H 490 31.65 49.03 39.14
C MET H 490 31.30 47.64 39.69
N GLY H 491 32.26 46.95 40.29
CA GLY H 491 31.96 45.75 41.03
C GLY H 491 31.83 44.48 40.21
N ILE H 492 32.16 44.51 38.93
CA ILE H 492 32.10 43.32 38.10
C ILE H 492 33.40 42.55 38.36
N LEU H 493 33.37 41.69 39.38
CA LEU H 493 34.54 40.94 39.81
C LEU H 493 34.27 39.45 39.58
N ASP H 494 35.01 38.87 38.66
CA ASP H 494 34.96 37.42 38.47
C ASP H 494 36.19 36.79 39.13
N PRO H 495 36.02 35.95 40.15
CA PRO H 495 37.18 35.40 40.85
C PRO H 495 38.07 34.59 39.92
N THR H 496 39.37 34.59 40.23
CA THR H 496 40.33 33.84 39.44
C THR H 496 40.00 32.35 39.44
N LYS H 497 39.62 31.81 40.60
CA LYS H 497 39.32 30.39 40.69
C LYS H 497 38.11 30.00 39.85
N VAL H 498 37.12 30.89 39.73
CA VAL H 498 35.90 30.54 38.99
C VAL H 498 36.24 30.20 37.55
N THR H 499 36.79 31.17 36.83
CA THR H 499 37.16 30.95 35.44
C THR H 499 38.26 29.90 35.32
N ARG H 500 39.18 29.86 36.28
CA ARG H 500 40.24 28.85 36.25
C ARG H 500 39.65 27.45 36.25
N SER H 501 38.75 27.16 37.19
CA SER H 501 38.12 25.85 37.26
C SER H 501 37.26 25.56 36.05
N ALA H 502 36.49 26.56 35.61
CA ALA H 502 35.64 26.36 34.43
C ALA H 502 36.49 25.96 33.22
N LEU H 503 37.56 26.70 32.97
CA LEU H 503 38.43 26.42 31.84
C LEU H 503 39.13 25.07 32.00
N GLN H 504 39.61 24.76 33.21
CA GLN H 504 40.32 23.51 33.41
C GLN H 504 39.42 22.31 33.17
N TYR H 505 38.19 22.37 33.66
CA TYR H 505 37.26 21.26 33.45
C TYR H 505 36.79 21.20 32.01
N ALA H 506 36.64 22.35 31.36
CA ALA H 506 36.33 22.35 29.93
C ALA H 506 37.45 21.70 29.14
N ALA H 507 38.71 22.01 29.48
CA ALA H 507 39.84 21.37 28.83
C ALA H 507 39.85 19.87 29.09
N SER H 508 39.58 19.47 30.32
CA SER H 508 39.55 18.04 30.66
C SER H 508 38.51 17.30 29.82
N VAL H 509 37.30 17.83 29.77
CA VAL H 509 36.24 17.14 29.04
C VAL H 509 36.51 17.16 27.53
N ALA H 510 37.03 18.28 27.01
CA ALA H 510 37.35 18.35 25.60
C ALA H 510 38.42 17.33 25.22
N GLY H 511 39.49 17.26 26.02
CA GLY H 511 40.54 16.29 25.73
C GLY H 511 40.06 14.86 25.85
N LEU H 512 39.23 14.57 26.85
CA LEU H 512 38.71 13.22 27.01
C LEU H 512 37.85 12.82 25.81
N MET H 513 37.00 13.73 25.36
CA MET H 513 36.18 13.45 24.17
C MET H 513 37.06 13.31 22.93
N ILE H 514 38.12 14.11 22.84
CA ILE H 514 39.05 14.03 21.72
C ILE H 514 39.73 12.67 21.68
N THR H 515 40.04 12.10 22.84
CA THR H 515 40.72 10.82 22.93
C THR H 515 39.77 9.62 22.85
N THR H 516 38.46 9.87 22.93
CA THR H 516 37.47 8.78 22.89
C THR H 516 37.35 8.27 21.46
N GLU H 517 37.35 6.96 21.29
CA GLU H 517 37.22 6.35 19.97
C GLU H 517 36.02 5.43 19.83
N CYS H 518 35.41 4.99 20.93
CA CYS H 518 34.25 4.13 20.87
C CYS H 518 33.45 4.31 22.16
N MET H 519 32.17 3.93 22.09
CA MET H 519 31.31 3.93 23.26
C MET H 519 30.18 2.93 23.05
N VAL H 520 29.54 2.57 24.16
CA VAL H 520 28.47 1.58 24.17
C VAL H 520 27.30 2.15 24.98
N THR H 521 26.11 2.08 24.39
CA THR H 521 24.89 2.50 25.07
C THR H 521 23.87 1.39 24.93
N ASP H 522 22.71 1.56 25.55
CA ASP H 522 21.62 0.62 25.39
C ASP H 522 20.88 0.88 24.08
N LEU H 523 20.25 -0.15 23.56
CA LEU H 523 19.52 -0.02 22.30
C LEU H 523 18.31 0.88 22.49
N PRO H 524 17.95 1.69 21.51
CA PRO H 524 16.86 2.69 21.65
C PRO H 524 15.49 2.08 21.40
N LYS H 525 15.01 1.28 22.35
CA LYS H 525 13.73 0.60 22.18
C LYS H 525 12.84 0.80 23.40
N ALA I 1 12.18 -25.43 23.20
CA ALA I 1 11.85 -24.23 22.44
C ALA I 1 12.41 -24.33 21.02
N ALA I 2 11.63 -23.86 20.05
CA ALA I 2 12.05 -23.91 18.66
C ALA I 2 13.38 -23.20 18.48
N LYS I 3 14.27 -23.83 17.72
CA LYS I 3 15.67 -23.43 17.68
C LYS I 3 16.08 -22.94 16.31
N ASP I 4 16.93 -21.91 16.29
CA ASP I 4 17.65 -21.49 15.10
C ASP I 4 18.95 -22.30 15.03
N VAL I 5 19.07 -23.14 14.01
CA VAL I 5 20.22 -24.03 13.87
C VAL I 5 21.05 -23.53 12.69
N LYS I 6 22.34 -23.37 12.91
CA LYS I 6 23.25 -22.94 11.85
C LYS I 6 24.30 -24.00 11.61
N PHE I 7 24.71 -24.12 10.35
CA PHE I 7 25.71 -25.11 9.94
C PHE I 7 26.86 -24.41 9.25
N GLY I 8 28.07 -24.74 9.69
CA GLY I 8 29.26 -24.29 8.99
C GLY I 8 29.40 -22.78 8.96
N ASN I 9 29.67 -22.26 7.76
CA ASN I 9 29.98 -20.84 7.62
C ASN I 9 28.79 -19.97 8.02
N ASP I 10 27.58 -20.53 7.95
CA ASP I 10 26.41 -19.79 8.42
C ASP I 10 26.59 -19.33 9.85
N ALA I 11 26.99 -20.25 10.73
CA ALA I 11 27.32 -19.88 12.10
C ALA I 11 28.64 -19.12 12.16
N ARG I 12 29.59 -19.50 11.31
CA ARG I 12 30.96 -19.01 11.47
C ARG I 12 31.06 -17.51 11.21
N VAL I 13 30.42 -17.02 10.15
CA VAL I 13 30.46 -15.58 9.88
C VAL I 13 29.71 -14.85 10.99
N LYS I 14 28.63 -15.43 11.48
CA LYS I 14 27.92 -14.90 12.63
C LYS I 14 28.84 -14.78 13.83
N MET I 15 29.64 -15.82 14.08
CA MET I 15 30.55 -15.78 15.21
C MET I 15 31.58 -14.68 15.01
N LEU I 16 32.14 -14.61 13.79
CA LEU I 16 33.27 -13.73 13.52
C LEU I 16 32.87 -12.27 13.63
N ARG I 17 31.68 -11.93 13.17
CA ARG I 17 31.26 -10.53 13.26
C ARG I 17 31.18 -10.08 14.70
N GLY I 18 30.60 -10.91 15.56
CA GLY I 18 30.56 -10.57 16.98
C GLY I 18 31.94 -10.47 17.60
N VAL I 19 32.82 -11.42 17.27
CA VAL I 19 34.17 -11.40 17.83
C VAL I 19 34.90 -10.13 17.41
N ASN I 20 34.79 -9.78 16.13
CA ASN I 20 35.49 -8.63 15.60
C ASN I 20 34.96 -7.33 16.18
N VAL I 21 33.64 -7.24 16.37
CA VAL I 21 33.06 -6.04 16.97
C VAL I 21 33.52 -5.92 18.43
N LEU I 22 33.47 -7.03 19.17
CA LEU I 22 33.96 -7.05 20.54
C LEU I 22 35.39 -6.53 20.62
N ALA I 23 36.26 -7.05 19.76
CA ALA I 23 37.65 -6.63 19.82
C ALA I 23 37.83 -5.21 19.31
N ASP I 24 37.04 -4.78 18.32
CA ASP I 24 37.12 -3.40 17.86
C ASP I 24 36.78 -2.44 18.99
N ALA I 25 35.88 -2.83 19.87
CA ALA I 25 35.57 -2.05 21.06
C ALA I 25 36.63 -2.16 22.15
N VAL I 26 37.27 -3.33 22.29
CA VAL I 26 38.17 -3.59 23.43
C VAL I 26 39.59 -3.10 23.15
N LYS I 27 40.12 -3.38 21.96
CA LYS I 27 41.55 -3.21 21.70
C LYS I 27 41.98 -1.76 21.76
N VAL I 28 41.04 -0.81 21.64
CA VAL I 28 41.41 0.59 21.75
C VAL I 28 41.95 0.93 23.14
N THR I 29 41.70 0.08 24.13
CA THR I 29 42.18 0.30 25.49
C THR I 29 43.51 -0.39 25.78
N LEU I 30 44.07 -1.11 24.82
CA LEU I 30 45.31 -1.83 25.07
C LEU I 30 46.49 -0.87 25.15
N GLY I 31 47.41 -1.16 26.07
CA GLY I 31 48.58 -0.35 26.26
C GLY I 31 48.43 0.60 27.43
N PRO I 32 49.53 1.25 27.81
CA PRO I 32 49.45 2.25 28.89
C PRO I 32 48.61 3.45 28.51
N LYS I 33 48.39 3.68 27.22
CA LYS I 33 47.65 4.84 26.73
C LYS I 33 46.44 4.42 25.92
N GLY I 34 45.65 3.48 26.44
CA GLY I 34 44.48 3.02 25.71
C GLY I 34 43.47 4.13 25.50
N ARG I 35 42.67 3.99 24.45
CA ARG I 35 41.73 5.04 24.07
C ARG I 35 40.55 5.09 25.02
N ASN I 36 39.98 6.29 25.17
CA ASN I 36 38.84 6.48 26.06
C ASN I 36 37.62 5.76 25.53
N VAL I 37 36.88 5.11 26.43
CA VAL I 37 35.59 4.51 26.09
C VAL I 37 34.58 4.93 27.15
N VAL I 38 33.46 5.49 26.71
CA VAL I 38 32.43 5.99 27.62
C VAL I 38 31.30 4.96 27.63
N LEU I 39 31.36 4.04 28.59
CA LEU I 39 30.25 3.14 28.85
C LEU I 39 29.04 3.97 29.25
N ASP I 40 28.05 4.04 28.38
CA ASP I 40 26.83 4.77 28.72
C ASP I 40 26.09 4.01 29.82
N LYS I 41 25.64 4.75 30.82
CA LYS I 41 24.96 4.17 31.96
C LYS I 41 23.45 4.32 31.83
N SER I 42 22.74 3.58 32.68
CA SER I 42 21.28 3.67 32.71
C SER I 42 20.83 5.06 33.10
N PHE I 43 21.50 5.68 34.07
CA PHE I 43 21.11 6.96 34.59
C PHE I 43 22.34 7.80 34.90
N GLY I 44 22.11 9.10 35.09
CA GLY I 44 23.14 10.02 35.54
C GLY I 44 24.32 10.09 34.58
N ALA I 45 25.50 10.14 35.17
CA ALA I 45 26.72 10.30 34.39
C ALA I 45 27.26 8.95 33.95
N PRO I 46 27.43 8.71 32.65
CA PRO I 46 28.05 7.46 32.20
C PRO I 46 29.50 7.33 32.66
N THR I 47 30.11 6.17 32.46
CA THR I 47 31.42 5.86 33.03
C THR I 47 32.49 5.85 31.94
N ILE I 48 33.50 6.69 32.10
CA ILE I 48 34.63 6.74 31.18
C ILE I 48 35.71 5.83 31.71
N THR I 49 36.18 4.90 30.89
CA THR I 49 37.18 3.92 31.28
C THR I 49 38.18 3.73 30.15
N LYS I 50 39.32 3.12 30.53
CA LYS I 50 40.43 2.89 29.61
C LYS I 50 41.04 1.50 29.78
N ASP I 51 40.27 0.51 30.23
CA ASP I 51 40.76 -0.85 30.37
C ASP I 51 39.78 -1.82 29.73
N GLY I 52 40.31 -2.90 29.16
CA GLY I 52 39.46 -3.83 28.42
C GLY I 52 38.52 -4.62 29.29
N VAL I 53 38.86 -4.79 30.57
CA VAL I 53 38.00 -5.53 31.47
C VAL I 53 36.68 -4.81 31.67
N SER I 54 36.73 -3.50 31.95
CA SER I 54 35.50 -2.75 32.22
C SER I 54 34.57 -2.76 31.02
N VAL I 55 35.12 -2.54 29.82
CA VAL I 55 34.28 -2.53 28.63
C VAL I 55 33.78 -3.94 28.33
N ALA I 56 34.60 -4.96 28.58
CA ALA I 56 34.16 -6.34 28.35
C ALA I 56 33.00 -6.69 29.27
N ARG I 57 32.92 -6.04 30.44
CA ARG I 57 31.79 -6.27 31.32
C ARG I 57 30.51 -5.63 30.77
N GLU I 58 30.63 -4.70 29.82
CA GLU I 58 29.52 -3.86 29.39
C GLU I 58 29.08 -4.12 27.95
N ILE I 59 29.09 -5.36 27.49
CA ILE I 59 28.76 -5.66 26.11
C ILE I 59 27.68 -6.74 26.05
N GLU I 60 26.65 -6.49 25.24
CA GLU I 60 25.68 -7.49 24.80
C GLU I 60 25.22 -7.15 23.39
N LEU I 61 25.01 -8.18 22.58
CA LEU I 61 24.64 -8.00 21.18
C LEU I 61 23.23 -8.50 20.94
N GLU I 62 22.46 -7.72 20.18
CA GLU I 62 21.12 -8.15 19.81
C GLU I 62 21.16 -9.39 18.94
N ASP I 63 22.15 -9.47 18.05
CA ASP I 63 22.34 -10.69 17.29
C ASP I 63 22.72 -11.81 18.24
N LYS I 64 21.86 -12.83 18.30
CA LYS I 64 22.08 -13.92 19.24
C LYS I 64 23.38 -14.66 18.95
N PHE I 65 23.65 -14.94 17.67
CA PHE I 65 24.87 -15.64 17.29
C PHE I 65 26.11 -14.84 17.62
N GLU I 66 26.15 -13.57 17.20
CA GLU I 66 27.30 -12.73 17.51
C GLU I 66 27.46 -12.58 19.02
N ASN I 67 26.35 -12.43 19.73
CA ASN I 67 26.40 -12.29 21.19
C ASN I 67 27.01 -13.52 21.83
N MET I 68 26.58 -14.71 21.42
CA MET I 68 27.06 -15.92 22.08
C MET I 68 28.49 -16.25 21.63
N GLY I 69 28.87 -15.87 20.41
CA GLY I 69 30.26 -15.94 20.02
C GLY I 69 31.14 -15.06 20.88
N ALA I 70 30.72 -13.82 21.09
CA ALA I 70 31.40 -12.95 22.03
C ALA I 70 31.40 -13.52 23.43
N GLN I 71 30.39 -14.33 23.77
CA GLN I 71 30.34 -14.95 25.09
C GLN I 71 31.42 -16.01 25.24
N MET I 72 31.59 -16.86 24.22
CA MET I 72 32.76 -17.75 24.25
C MET I 72 34.07 -16.98 24.33
N VAL I 73 34.21 -15.90 23.56
CA VAL I 73 35.46 -15.14 23.56
C VAL I 73 35.72 -14.55 24.94
N LYS I 74 34.68 -13.95 25.55
CA LYS I 74 34.83 -13.40 26.89
C LYS I 74 35.16 -14.49 27.90
N GLU I 75 34.54 -15.67 27.76
CA GLU I 75 34.85 -16.80 28.62
C GLU I 75 36.31 -17.21 28.52
N VAL I 76 36.81 -17.31 27.28
CA VAL I 76 38.19 -17.77 27.09
C VAL I 76 39.19 -16.71 27.53
N ALA I 77 38.85 -15.44 27.34
CA ALA I 77 39.67 -14.38 27.88
C ALA I 77 39.71 -14.45 29.41
N SER I 78 38.58 -14.78 30.03
CA SER I 78 38.56 -15.02 31.47
C SER I 78 39.43 -16.20 31.83
N LYS I 79 39.39 -17.27 31.04
CA LYS I 79 40.26 -18.43 31.27
C LYS I 79 41.72 -18.01 31.25
N ALA I 80 42.10 -17.21 30.26
CA ALA I 80 43.47 -16.70 30.19
C ALA I 80 43.80 -15.89 31.43
N ASN I 81 42.95 -14.91 31.77
CA ASN I 81 43.21 -14.03 32.89
C ASN I 81 43.35 -14.81 34.19
N ASP I 82 42.57 -15.88 34.35
CA ASP I 82 42.71 -16.74 35.51
C ASP I 82 44.10 -17.37 35.55
N ALA I 83 44.60 -17.80 34.40
CA ALA I 83 45.94 -18.33 34.30
C ALA I 83 46.97 -17.28 33.91
N ALA I 84 46.55 -16.03 33.70
CA ALA I 84 47.46 -14.94 33.39
C ALA I 84 47.50 -13.89 34.49
N GLY I 85 46.37 -13.27 34.81
CA GLY I 85 46.34 -12.17 35.74
C GLY I 85 46.32 -10.80 35.10
N ASP I 86 46.76 -10.68 33.85
CA ASP I 86 46.68 -9.45 33.07
C ASP I 86 46.75 -9.84 31.60
N GLY I 87 47.06 -8.86 30.75
CA GLY I 87 46.98 -9.09 29.33
C GLY I 87 45.57 -9.38 28.89
N THR I 88 44.57 -8.98 29.68
CA THR I 88 43.18 -9.21 29.32
C THR I 88 42.86 -8.60 27.97
N THR I 89 43.22 -7.34 27.78
CA THR I 89 43.04 -6.72 26.47
C THR I 89 44.01 -7.30 25.46
N THR I 90 45.22 -7.64 25.90
CA THR I 90 46.16 -8.36 25.04
C THR I 90 45.59 -9.70 24.61
N ALA I 91 45.00 -10.43 25.55
CA ALA I 91 44.36 -11.70 25.22
C ALA I 91 43.20 -11.49 24.25
N THR I 92 42.45 -10.40 24.41
CA THR I 92 41.35 -10.10 23.50
C THR I 92 41.86 -9.84 22.09
N VAL I 93 42.94 -9.07 21.97
CA VAL I 93 43.52 -8.79 20.65
C VAL I 93 43.99 -10.09 20.00
N LEU I 94 44.69 -10.91 20.76
CA LEU I 94 45.15 -12.20 20.24
C LEU I 94 43.98 -13.06 19.81
N ALA I 95 42.93 -13.12 20.63
CA ALA I 95 41.77 -13.94 20.31
C ALA I 95 41.12 -13.47 19.02
N GLN I 96 40.89 -12.17 18.87
CA GLN I 96 40.29 -11.68 17.64
C GLN I 96 41.15 -12.04 16.44
N ALA I 97 42.45 -11.79 16.53
CA ALA I 97 43.31 -12.04 15.38
C ALA I 97 43.28 -13.50 14.98
N ILE I 98 43.50 -14.41 15.94
CA ILE I 98 43.58 -15.83 15.61
C ILE I 98 42.22 -16.35 15.14
N ILE I 99 41.13 -15.93 15.78
CA ILE I 99 39.81 -16.40 15.36
C ILE I 99 39.48 -15.92 13.95
N THR I 100 39.76 -14.64 13.67
CA THR I 100 39.48 -14.10 12.35
C THR I 100 40.30 -14.81 11.28
N GLU I 101 41.58 -15.06 11.57
CA GLU I 101 42.44 -15.78 10.62
C GLU I 101 41.95 -17.21 10.44
N GLY I 102 41.58 -17.88 11.53
CA GLY I 102 41.07 -19.24 11.43
C GLY I 102 39.81 -19.32 10.61
N LEU I 103 38.93 -18.32 10.75
CA LEU I 103 37.68 -18.35 9.99
C LEU I 103 37.91 -18.04 8.52
N LYS I 104 38.81 -17.08 8.21
CA LYS I 104 39.10 -16.83 6.81
C LYS I 104 39.85 -18.00 6.18
N ALA I 105 40.53 -18.80 7.00
CA ALA I 105 41.20 -20.00 6.48
C ALA I 105 40.21 -21.15 6.29
N VAL I 106 39.27 -21.33 7.21
CA VAL I 106 38.25 -22.37 7.05
C VAL I 106 37.36 -22.05 5.86
N ALA I 107 36.98 -20.79 5.71
CA ALA I 107 36.18 -20.38 4.56
C ALA I 107 36.90 -20.63 3.25
N ALA I 108 38.22 -20.79 3.27
CA ALA I 108 38.99 -21.10 2.07
C ALA I 108 38.91 -22.57 1.68
N GLY I 109 37.99 -23.33 2.24
CA GLY I 109 37.86 -24.73 1.91
C GLY I 109 39.00 -25.59 2.36
N MET I 110 39.71 -25.19 3.41
CA MET I 110 40.94 -25.84 3.83
C MET I 110 40.77 -26.50 5.20
N ASN I 111 41.63 -27.48 5.47
CA ASN I 111 41.43 -28.41 6.57
C ASN I 111 41.37 -27.69 7.92
N PRO I 112 40.30 -27.86 8.70
CA PRO I 112 40.22 -27.22 10.01
C PRO I 112 41.12 -27.88 11.04
N MET I 113 41.16 -29.21 11.04
CA MET I 113 41.98 -29.91 12.02
C MET I 113 43.46 -29.62 11.81
N ASP I 114 43.88 -29.46 10.56
CA ASP I 114 45.27 -29.07 10.29
C ASP I 114 45.55 -27.67 10.82
N LEU I 115 44.60 -26.75 10.67
CA LEU I 115 44.73 -25.45 11.32
C LEU I 115 44.93 -25.62 12.81
N LYS I 116 44.11 -26.46 13.44
CA LYS I 116 44.20 -26.69 14.87
C LYS I 116 45.57 -27.25 15.25
N ARG I 117 46.05 -28.23 14.49
CA ARG I 117 47.34 -28.86 14.78
C ARG I 117 48.48 -27.85 14.67
N GLY I 118 48.50 -27.09 13.57
CA GLY I 118 49.53 -26.10 13.40
C GLY I 118 49.53 -25.07 14.51
N ILE I 119 48.34 -24.54 14.83
CA ILE I 119 48.22 -23.53 15.87
C ILE I 119 48.69 -24.07 17.21
N ASP I 120 48.25 -25.29 17.56
CA ASP I 120 48.55 -25.84 18.87
C ASP I 120 50.03 -26.14 19.03
N LYS I 121 50.65 -26.76 18.02
CA LYS I 121 52.07 -27.08 18.17
C LYS I 121 52.92 -25.82 18.09
N ALA I 122 52.49 -24.82 17.31
CA ALA I 122 53.17 -23.53 17.33
C ALA I 122 53.10 -22.90 18.71
N VAL I 123 51.94 -23.00 19.35
CA VAL I 123 51.79 -22.43 20.69
C VAL I 123 52.66 -23.18 21.69
N THR I 124 52.75 -24.50 21.55
CA THR I 124 53.63 -25.26 22.44
C THR I 124 55.09 -24.86 22.26
N ALA I 125 55.54 -24.75 21.00
CA ALA I 125 56.91 -24.33 20.75
C ALA I 125 57.18 -22.93 21.27
N ALA I 126 56.21 -22.03 21.12
CA ALA I 126 56.33 -20.68 21.65
C ALA I 126 56.40 -20.68 23.16
N VAL I 127 55.63 -21.55 23.81
CA VAL I 127 55.69 -21.67 25.27
C VAL I 127 57.07 -22.15 25.70
N GLU I 128 57.62 -23.12 24.97
CA GLU I 128 58.98 -23.59 25.28
C GLU I 128 60.00 -22.47 25.12
N GLU I 129 59.90 -21.71 24.03
CA GLU I 129 60.86 -20.63 23.82
C GLU I 129 60.67 -19.50 24.83
N LEU I 130 59.43 -19.25 25.26
CA LEU I 130 59.20 -18.26 26.30
C LEU I 130 59.81 -18.70 27.62
N LYS I 131 59.66 -19.98 27.95
CA LYS I 131 60.28 -20.52 29.16
C LYS I 131 61.81 -20.43 29.07
N ALA I 132 62.36 -20.68 27.88
CA ALA I 132 63.79 -20.45 27.69
C ALA I 132 64.13 -18.99 27.90
N LEU I 133 63.29 -18.09 27.40
CA LEU I 133 63.44 -16.65 27.62
C LEU I 133 63.02 -16.24 29.01
N SER I 134 62.27 -17.07 29.72
CA SER I 134 61.73 -16.72 31.03
C SER I 134 62.86 -16.59 32.03
N VAL I 135 63.12 -15.38 32.50
CA VAL I 135 64.07 -15.14 33.57
C VAL I 135 63.31 -15.12 34.90
N PRO I 136 63.83 -15.73 35.96
CA PRO I 136 63.06 -15.86 37.21
C PRO I 136 62.73 -14.52 37.85
N CYS I 137 61.43 -14.26 38.02
CA CYS I 137 60.96 -13.05 38.69
C CYS I 137 60.91 -13.22 40.20
N SER I 138 62.07 -13.12 40.85
CA SER I 138 62.16 -13.39 42.28
C SER I 138 62.53 -12.16 43.11
N ASP I 139 63.26 -11.20 42.53
CA ASP I 139 63.73 -10.06 43.32
C ASP I 139 62.59 -9.10 43.64
N SER I 140 62.78 -8.31 44.70
CA SER I 140 61.78 -7.34 45.10
C SER I 140 61.54 -6.29 44.04
N LYS I 141 62.57 -5.90 43.30
CA LYS I 141 62.38 -4.96 42.19
C LYS I 141 61.47 -5.53 41.12
N ALA I 142 61.73 -6.77 40.70
CA ALA I 142 60.91 -7.39 39.66
C ALA I 142 59.50 -7.64 40.14
N ILE I 143 59.34 -8.04 41.40
CA ILE I 143 58.01 -8.24 41.96
C ILE I 143 57.26 -6.91 42.01
N ALA I 144 57.96 -5.84 42.40
CA ALA I 144 57.33 -4.52 42.42
C ALA I 144 56.90 -4.10 41.03
N GLN I 145 57.72 -4.36 40.02
CA GLN I 145 57.37 -3.98 38.65
C GLN I 145 56.24 -4.85 38.10
N VAL I 146 56.15 -6.10 38.54
CA VAL I 146 55.02 -6.95 38.15
C VAL I 146 53.72 -6.41 38.76
N GLY I 147 53.75 -6.10 40.05
CA GLY I 147 52.58 -5.48 40.67
C GLY I 147 52.29 -4.12 40.08
N THR I 148 53.30 -3.49 39.48
CA THR I 148 53.10 -2.23 38.78
C THR I 148 52.31 -2.43 37.49
N ILE I 149 52.88 -3.20 36.56
CA ILE I 149 52.26 -3.36 35.25
C ILE I 149 50.90 -4.05 35.37
N SER I 150 50.80 -5.03 36.26
CA SER I 150 49.54 -5.75 36.45
C SER I 150 48.43 -4.80 36.90
N ALA I 151 48.74 -3.92 37.87
CA ALA I 151 47.78 -2.93 38.34
C ALA I 151 47.81 -1.66 37.48
N ASN I 152 48.25 -1.77 36.23
CA ASN I 152 48.34 -0.64 35.31
C ASN I 152 49.21 0.47 35.89
N SER I 153 50.48 0.15 36.10
CA SER I 153 51.49 1.07 36.60
C SER I 153 51.19 1.51 38.05
N ASP I 154 51.30 0.55 38.97
CA ASP I 154 51.18 0.78 40.40
C ASP I 154 52.37 0.14 41.13
N GLU I 155 53.46 0.89 41.28
CA GLU I 155 54.68 0.35 41.88
C GLU I 155 54.49 -0.01 43.34
N THR I 156 53.78 0.83 44.10
CA THR I 156 53.71 0.65 45.54
C THR I 156 53.07 -0.69 45.90
N VAL I 157 52.10 -1.14 45.11
CA VAL I 157 51.43 -2.41 45.40
C VAL I 157 52.43 -3.56 45.30
N GLY I 158 53.18 -3.63 44.20
CA GLY I 158 54.15 -4.70 44.06
C GLY I 158 55.28 -4.60 45.08
N LYS I 159 55.67 -3.38 45.42
CA LYS I 159 56.70 -3.19 46.44
C LYS I 159 56.25 -3.72 47.79
N LEU I 160 55.01 -3.40 48.18
CA LEU I 160 54.49 -3.92 49.45
C LEU I 160 54.31 -5.43 49.39
N ILE I 161 53.97 -5.97 48.22
CA ILE I 161 53.88 -7.42 48.07
C ILE I 161 55.25 -8.07 48.32
N ALA I 162 56.30 -7.49 47.73
CA ALA I 162 57.65 -8.02 47.95
C ALA I 162 58.03 -7.94 49.43
N GLU I 163 57.70 -6.82 50.09
CA GLU I 163 57.99 -6.71 51.51
C GLU I 163 57.24 -7.76 52.31
N ALA I 164 55.96 -7.98 52.01
CA ALA I 164 55.16 -8.94 52.76
C ALA I 164 55.70 -10.35 52.58
N MET I 165 56.06 -10.72 51.36
CA MET I 165 56.61 -12.06 51.14
C MET I 165 57.98 -12.22 51.77
N ASP I 166 58.78 -11.15 51.82
CA ASP I 166 60.06 -11.24 52.52
C ASP I 166 59.85 -11.40 54.02
N LYS I 167 58.81 -10.76 54.56
CA LYS I 167 58.54 -10.85 55.99
C LYS I 167 57.97 -12.22 56.37
N VAL I 168 57.07 -12.75 55.55
CA VAL I 168 56.37 -13.98 55.92
C VAL I 168 56.96 -15.21 55.23
N GLY I 169 57.08 -15.19 53.91
CA GLY I 169 57.70 -16.28 53.19
C GLY I 169 56.68 -17.11 52.41
N LYS I 170 57.23 -18.01 51.60
CA LYS I 170 56.41 -18.89 50.77
C LYS I 170 55.54 -19.81 51.60
N GLU I 171 56.09 -20.37 52.68
CA GLU I 171 55.38 -21.31 53.53
C GLU I 171 54.21 -20.68 54.27
N GLY I 172 54.15 -19.35 54.32
CA GLY I 172 52.99 -18.65 54.83
C GLY I 172 52.08 -18.19 53.70
N VAL I 173 51.14 -17.32 54.06
CA VAL I 173 50.16 -16.79 53.12
C VAL I 173 50.04 -15.28 53.33
N ILE I 174 49.92 -14.55 52.25
CA ILE I 174 49.68 -13.10 52.28
C ILE I 174 48.22 -12.86 51.98
N THR I 175 47.48 -12.33 52.96
CA THR I 175 46.05 -12.11 52.83
C THR I 175 45.76 -10.61 52.81
N VAL I 176 44.77 -10.21 52.01
CA VAL I 176 44.38 -8.82 51.87
C VAL I 176 42.97 -8.66 52.41
N GLU I 177 42.80 -7.71 53.32
CA GLU I 177 41.52 -7.46 53.95
C GLU I 177 41.26 -5.96 53.99
N ASP I 178 40.07 -5.60 54.48
CA ASP I 178 39.66 -4.20 54.53
C ASP I 178 40.49 -3.44 55.54
N GLY I 179 41.00 -2.27 55.12
CA GLY I 179 41.73 -1.41 56.04
C GLY I 179 40.81 -0.64 56.95
N THR I 180 41.40 -0.17 58.06
CA THR I 180 40.63 0.57 59.05
C THR I 180 40.47 2.04 58.68
N GLY I 181 41.58 2.76 58.57
CA GLY I 181 41.53 4.16 58.22
C GLY I 181 41.66 4.38 56.73
N LEU I 182 42.62 5.22 56.33
CA LEU I 182 42.85 5.51 54.92
C LEU I 182 44.18 4.97 54.41
N GLN I 183 44.94 4.28 55.24
CA GLN I 183 46.21 3.71 54.82
C GLN I 183 46.22 2.21 55.10
N ASP I 184 46.89 1.48 54.20
CA ASP I 184 47.06 0.05 54.39
C ASP I 184 48.01 -0.23 55.54
N GLU I 185 47.88 -1.42 56.12
CA GLU I 185 48.83 -1.89 57.12
C GLU I 185 49.08 -3.37 56.93
N LEU I 186 50.35 -3.75 57.04
CA LEU I 186 50.81 -5.13 56.88
C LEU I 186 51.14 -5.70 58.24
N ASP I 187 50.61 -6.89 58.53
CA ASP I 187 50.87 -7.57 59.80
C ASP I 187 51.35 -8.98 59.54
N VAL I 188 52.46 -9.34 60.16
CA VAL I 188 52.98 -10.71 60.14
C VAL I 188 52.37 -11.43 61.34
N VAL I 189 51.14 -11.92 61.16
CA VAL I 189 50.39 -12.48 62.28
C VAL I 189 50.69 -13.97 62.41
N GLU I 190 50.34 -14.52 63.57
CA GLU I 190 50.57 -15.92 63.87
C GLU I 190 49.63 -16.78 63.04
N GLY I 191 50.17 -17.40 62.01
CA GLY I 191 49.41 -18.31 61.19
C GLY I 191 50.33 -19.36 60.62
N MET I 192 49.92 -19.91 59.47
CA MET I 192 50.68 -20.96 58.82
C MET I 192 50.01 -21.29 57.50
N GLN I 193 50.68 -22.14 56.73
CA GLN I 193 50.11 -22.69 55.51
C GLN I 193 50.81 -24.00 55.20
N PHE I 194 50.03 -25.07 55.03
CA PHE I 194 50.56 -26.36 54.63
C PHE I 194 49.88 -26.78 53.34
N ASP I 195 50.52 -27.71 52.62
CA ASP I 195 50.11 -28.05 51.27
C ASP I 195 49.18 -29.26 51.29
N ARG I 196 48.09 -29.11 52.04
CA ARG I 196 47.00 -30.09 52.05
C ARG I 196 45.69 -29.32 52.12
N GLY I 197 44.74 -29.68 51.25
CA GLY I 197 43.46 -29.01 51.18
C GLY I 197 42.29 -29.95 51.41
N TYR I 198 41.10 -29.44 51.12
CA TYR I 198 39.88 -30.18 51.36
C TYR I 198 39.82 -31.44 50.48
N LEU I 199 39.33 -32.53 51.08
CA LEU I 199 39.15 -33.78 50.37
C LEU I 199 37.87 -33.81 49.55
N SER I 200 36.94 -32.90 49.81
CA SER I 200 35.72 -32.84 49.02
C SER I 200 35.33 -31.39 48.78
N PRO I 201 35.07 -31.00 47.53
CA PRO I 201 34.59 -29.63 47.27
C PRO I 201 33.23 -29.33 47.89
N TYR I 202 32.51 -30.35 48.36
CA TYR I 202 31.26 -30.14 49.07
C TYR I 202 31.44 -29.21 50.26
N PHE I 203 32.62 -29.23 50.89
CA PHE I 203 32.89 -28.40 52.06
C PHE I 203 33.02 -26.93 51.72
N ILE I 204 33.19 -26.58 50.45
CA ILE I 204 33.48 -25.20 50.07
C ILE I 204 32.21 -24.38 50.25
N ASN I 205 32.18 -23.57 51.31
CA ASN I 205 31.10 -22.61 51.50
C ASN I 205 31.35 -21.30 50.77
N LYS I 206 32.53 -21.14 50.16
CA LYS I 206 32.88 -19.99 49.35
C LYS I 206 33.31 -20.50 47.99
N PRO I 207 32.36 -20.92 47.15
CA PRO I 207 32.72 -21.55 45.87
C PRO I 207 33.52 -20.66 44.94
N GLU I 208 33.39 -19.35 45.05
CA GLU I 208 34.18 -18.45 44.22
C GLU I 208 35.67 -18.62 44.49
N THR I 209 36.03 -18.81 45.76
CA THR I 209 37.44 -18.97 46.13
C THR I 209 38.01 -20.31 45.71
N GLY I 210 37.18 -21.34 45.55
CA GLY I 210 37.70 -22.68 45.43
C GLY I 210 38.36 -23.15 46.71
N ALA I 211 38.11 -22.46 47.81
CA ALA I 211 38.71 -22.73 49.10
C ALA I 211 37.67 -22.49 50.18
N VAL I 212 37.62 -23.38 51.16
CA VAL I 212 36.69 -23.22 52.27
C VAL I 212 37.22 -22.13 53.18
N GLU I 213 36.44 -21.09 53.40
CA GLU I 213 36.86 -19.98 54.24
C GLU I 213 36.01 -19.98 55.50
N LEU I 214 36.64 -20.25 56.65
CA LEU I 214 35.95 -20.31 57.93
C LEU I 214 36.49 -19.23 58.85
N GLU I 215 35.59 -18.48 59.48
CA GLU I 215 35.96 -17.35 60.32
C GLU I 215 35.81 -17.74 61.78
N SER I 216 36.89 -17.58 62.55
CA SER I 216 36.94 -17.99 63.95
C SER I 216 36.42 -19.42 64.12
N PRO I 217 37.11 -20.41 63.58
CA PRO I 217 36.60 -21.78 63.62
C PRO I 217 37.14 -22.61 64.77
N PHE I 218 36.49 -23.75 64.99
CA PHE I 218 37.05 -24.79 65.82
C PHE I 218 37.80 -25.78 64.93
N ILE I 219 39.04 -26.09 65.30
CA ILE I 219 39.95 -26.81 64.43
C ILE I 219 40.29 -28.13 65.10
N LEU I 220 39.60 -29.19 64.69
CA LEU I 220 40.00 -30.54 65.08
C LEU I 220 41.33 -30.88 64.43
N LEU I 221 42.22 -31.51 65.18
CA LEU I 221 43.57 -31.83 64.71
C LEU I 221 43.79 -33.32 64.96
N ALA I 222 43.70 -34.12 63.90
CA ALA I 222 43.78 -35.56 64.00
C ALA I 222 45.00 -36.06 63.23
N ASP I 223 45.59 -37.14 63.72
CA ASP I 223 46.71 -37.81 63.05
C ASP I 223 46.34 -39.25 62.70
N LYS I 224 45.08 -39.47 62.32
CA LYS I 224 44.53 -40.82 62.27
C LYS I 224 43.69 -40.98 61.01
N LYS I 225 43.60 -42.23 60.56
CA LYS I 225 42.70 -42.65 59.50
C LYS I 225 41.30 -42.84 60.08
N ILE I 226 40.37 -41.97 59.70
CA ILE I 226 39.02 -41.97 60.26
C ILE I 226 38.11 -42.71 59.28
N SER I 227 37.12 -43.44 59.83
CA SER I 227 36.23 -44.24 59.02
C SER I 227 34.75 -44.09 59.36
N ASN I 228 34.41 -43.57 60.54
CA ASN I 228 33.03 -43.57 61.02
C ASN I 228 32.64 -42.18 61.50
N ILE I 229 31.36 -41.83 61.33
CA ILE I 229 30.82 -40.60 61.90
C ILE I 229 30.51 -40.74 63.39
N ARG I 230 30.43 -41.98 63.89
CA ARG I 230 30.04 -42.19 65.27
C ARG I 230 31.04 -41.54 66.22
N GLU I 231 32.33 -41.63 65.91
CA GLU I 231 33.35 -41.03 66.75
C GLU I 231 33.26 -39.51 66.70
N MET I 232 32.86 -38.94 65.55
CA MET I 232 32.83 -37.48 65.42
C MET I 232 31.53 -36.87 65.91
N LEU I 233 30.48 -37.66 66.10
CA LEU I 233 29.19 -37.11 66.50
C LEU I 233 29.23 -36.28 67.78
N PRO I 234 29.87 -36.73 68.87
CA PRO I 234 30.01 -35.83 70.03
C PRO I 234 30.77 -34.55 69.70
N VAL I 235 31.80 -34.65 68.86
CA VAL I 235 32.55 -33.46 68.46
C VAL I 235 31.68 -32.54 67.62
N LEU I 236 30.88 -33.12 66.72
CA LEU I 236 29.97 -32.32 65.91
C LEU I 236 28.98 -31.56 66.80
N GLU I 237 28.43 -32.24 67.80
CA GLU I 237 27.52 -31.57 68.73
C GLU I 237 28.24 -30.47 69.50
N ALA I 238 29.47 -30.73 69.94
CA ALA I 238 30.23 -29.73 70.68
C ALA I 238 30.46 -28.48 69.84
N VAL I 239 30.86 -28.65 68.58
CA VAL I 239 31.11 -27.50 67.73
C VAL I 239 29.82 -26.77 67.39
N ALA I 240 28.74 -27.51 67.13
CA ALA I 240 27.47 -26.87 66.80
C ALA I 240 26.90 -26.11 67.99
N LYS I 241 27.22 -26.53 69.21
CA LYS I 241 26.74 -25.81 70.39
C LYS I 241 27.30 -24.39 70.44
N ALA I 242 28.57 -24.22 70.10
CA ALA I 242 29.19 -22.90 70.12
C ALA I 242 29.00 -22.13 68.81
N GLY I 243 28.44 -22.75 67.78
CA GLY I 243 28.16 -22.04 66.55
C GLY I 243 29.39 -21.57 65.80
N LYS I 244 30.47 -22.33 65.84
CA LYS I 244 31.67 -21.99 65.09
C LYS I 244 31.81 -22.90 63.88
N PRO I 245 32.46 -22.44 62.82
CA PRO I 245 32.79 -23.34 61.71
C PRO I 245 33.83 -24.35 62.16
N LEU I 246 33.86 -25.47 61.44
CA LEU I 246 34.65 -26.63 61.86
C LEU I 246 35.67 -26.97 60.78
N LEU I 247 36.93 -27.13 61.18
CA LEU I 247 38.01 -27.50 60.28
C LEU I 247 38.69 -28.75 60.83
N ILE I 248 38.62 -29.85 60.08
CA ILE I 248 39.27 -31.10 60.45
C ILE I 248 40.61 -31.18 59.75
N ILE I 249 41.66 -31.47 60.50
CA ILE I 249 42.97 -31.78 59.95
C ILE I 249 43.30 -33.18 60.44
N ALA I 250 43.13 -34.17 59.57
CA ALA I 250 43.27 -35.57 59.93
C ALA I 250 44.21 -36.26 58.96
N GLU I 251 44.79 -37.38 59.42
CA GLU I 251 45.62 -38.18 58.52
C GLU I 251 44.78 -38.79 57.41
N ASP I 252 43.55 -39.21 57.72
CA ASP I 252 42.61 -39.68 56.71
C ASP I 252 41.22 -39.74 57.30
N VAL I 253 40.22 -39.42 56.46
CA VAL I 253 38.81 -39.58 56.77
C VAL I 253 38.21 -40.42 55.66
N GLU I 254 37.55 -41.52 56.03
CA GLU I 254 37.14 -42.52 55.06
C GLU I 254 35.69 -42.92 55.30
N GLY I 255 35.04 -43.33 54.21
CA GLY I 255 33.77 -44.04 54.30
C GLY I 255 32.68 -43.28 55.03
N GLU I 256 32.09 -43.97 56.01
CA GLU I 256 30.91 -43.43 56.70
C GLU I 256 31.22 -42.10 57.38
N ALA I 257 32.44 -41.96 57.89
CA ALA I 257 32.86 -40.70 58.48
C ALA I 257 32.62 -39.53 57.54
N LEU I 258 33.29 -39.55 56.39
CA LEU I 258 33.18 -38.45 55.44
C LEU I 258 31.77 -38.36 54.87
N ALA I 259 31.12 -39.50 54.66
CA ALA I 259 29.79 -39.49 54.08
C ALA I 259 28.79 -38.77 54.99
N THR I 260 28.77 -39.11 56.27
CA THR I 260 27.84 -38.45 57.17
C THR I 260 28.31 -37.05 57.54
N LEU I 261 29.61 -36.76 57.41
CA LEU I 261 30.05 -35.37 57.46
C LEU I 261 29.41 -34.57 56.35
N VAL I 262 29.42 -35.11 55.13
CA VAL I 262 28.78 -34.46 53.99
C VAL I 262 27.29 -34.31 54.24
N VAL I 263 26.66 -35.34 54.81
CA VAL I 263 25.24 -35.29 55.11
C VAL I 263 24.94 -34.17 56.11
N ASN I 264 25.73 -34.08 57.18
CA ASN I 264 25.50 -33.07 58.20
C ASN I 264 25.74 -31.68 57.64
N THR I 265 26.73 -31.52 56.77
CA THR I 265 27.00 -30.22 56.16
C THR I 265 25.88 -29.80 55.22
N MET I 266 25.42 -30.72 54.37
CA MET I 266 24.34 -30.37 53.44
C MET I 266 23.04 -30.12 54.18
N ARG I 267 22.88 -30.73 55.34
CA ARG I 267 21.78 -30.33 56.22
C ARG I 267 22.07 -29.01 56.90
N GLY I 268 23.30 -28.53 56.86
CA GLY I 268 23.67 -27.29 57.51
C GLY I 268 23.90 -27.40 59.00
N ILE I 269 24.07 -28.61 59.52
CA ILE I 269 24.27 -28.78 60.95
C ILE I 269 25.58 -28.14 61.38
N VAL I 270 26.67 -28.47 60.69
CA VAL I 270 28.01 -27.99 61.05
C VAL I 270 28.74 -27.58 59.78
N LYS I 271 29.53 -26.51 59.86
CA LYS I 271 30.37 -26.08 58.75
C LYS I 271 31.68 -26.83 58.82
N VAL I 272 31.75 -27.99 58.17
CA VAL I 272 32.90 -28.89 58.28
C VAL I 272 33.72 -28.80 57.00
N ALA I 273 35.03 -28.66 57.17
CA ALA I 273 35.99 -28.71 56.06
C ALA I 273 37.15 -29.61 56.49
N ALA I 274 37.27 -30.78 55.87
CA ALA I 274 38.28 -31.76 56.24
C ALA I 274 39.43 -31.74 55.24
N VAL I 275 40.67 -31.76 55.75
CA VAL I 275 41.86 -31.69 54.92
C VAL I 275 42.80 -32.84 55.27
N LYS I 276 43.74 -33.09 54.37
CA LYS I 276 44.80 -34.04 54.64
C LYS I 276 45.75 -33.51 55.72
N ALA I 277 46.35 -34.45 56.45
CA ALA I 277 47.42 -34.07 57.36
C ALA I 277 48.69 -33.79 56.55
N PRO I 278 49.34 -32.65 56.76
CA PRO I 278 50.52 -32.32 55.96
C PRO I 278 51.64 -33.33 56.13
N GLY I 279 52.30 -33.64 55.02
CA GLY I 279 53.40 -34.58 55.03
C GLY I 279 52.94 -36.01 55.30
N PHE I 280 53.90 -36.83 55.71
CA PHE I 280 53.64 -38.21 56.06
C PHE I 280 54.70 -38.69 57.05
N GLY I 281 54.27 -39.52 57.98
CA GLY I 281 55.20 -40.05 58.97
C GLY I 281 55.19 -39.22 60.24
N ASP I 282 56.32 -39.23 60.95
CA ASP I 282 56.41 -38.49 62.21
C ASP I 282 56.41 -36.99 61.98
N ARG I 283 56.92 -36.55 60.83
CA ARG I 283 56.87 -35.13 60.50
C ARG I 283 55.44 -34.61 60.53
N ARG I 284 54.51 -35.43 60.07
CA ARG I 284 53.09 -35.05 60.10
C ARG I 284 52.62 -34.81 61.53
N LYS I 285 52.98 -35.72 62.45
CA LYS I 285 52.57 -35.55 63.84
C LYS I 285 53.19 -34.30 64.45
N ALA I 286 54.46 -34.04 64.18
CA ALA I 286 55.09 -32.84 64.70
C ALA I 286 54.43 -31.57 64.14
N MET I 287 54.04 -31.60 62.87
CA MET I 287 53.45 -30.42 62.26
C MET I 287 52.06 -30.18 62.82
N LEU I 288 51.28 -31.25 63.03
CA LEU I 288 50.03 -31.14 63.79
C LEU I 288 50.27 -30.57 65.18
N GLN I 289 51.39 -30.93 65.82
CA GLN I 289 51.69 -30.34 67.12
C GLN I 289 51.92 -28.84 67.00
N ASP I 290 52.62 -28.41 65.95
CA ASP I 290 52.78 -26.99 65.70
C ASP I 290 51.43 -26.30 65.56
N ILE I 291 50.52 -26.93 64.81
CA ILE I 291 49.18 -26.37 64.65
C ILE I 291 48.47 -26.29 66.00
N ALA I 292 48.58 -27.36 66.79
CA ALA I 292 47.91 -27.40 68.08
C ALA I 292 48.40 -26.28 68.98
N THR I 293 49.71 -26.00 68.95
CA THR I 293 50.24 -24.93 69.76
C THR I 293 49.79 -23.57 69.23
N LEU I 294 49.86 -23.36 67.91
CA LEU I 294 49.54 -22.05 67.36
C LEU I 294 48.07 -21.69 67.51
N THR I 295 47.15 -22.64 67.30
CA THR I 295 45.73 -22.39 67.43
C THR I 295 45.20 -22.75 68.80
N GLY I 296 46.07 -23.14 69.73
CA GLY I 296 45.61 -23.54 71.04
C GLY I 296 44.90 -24.87 71.07
N GLY I 297 45.03 -25.67 70.01
CA GLY I 297 44.37 -26.95 69.92
C GLY I 297 45.23 -28.09 70.43
N THR I 298 44.77 -29.31 70.15
CA THR I 298 45.47 -30.53 70.53
C THR I 298 45.48 -31.50 69.35
N VAL I 299 46.55 -32.28 69.26
CA VAL I 299 46.68 -33.29 68.21
C VAL I 299 45.96 -34.55 68.67
N ILE I 300 45.08 -35.08 67.82
CA ILE I 300 44.35 -36.32 68.15
C ILE I 300 45.03 -37.43 67.37
N SER I 301 45.92 -38.14 68.07
CA SER I 301 46.69 -39.24 67.50
C SER I 301 46.58 -40.46 68.41
N GLU I 302 46.60 -41.64 67.82
CA GLU I 302 46.53 -42.88 68.58
C GLU I 302 47.77 -43.13 69.42
N GLU I 303 48.91 -42.53 69.05
CA GLU I 303 50.13 -42.68 69.84
C GLU I 303 49.94 -42.12 71.25
N ILE I 304 49.10 -41.10 71.39
CA ILE I 304 48.70 -40.65 72.72
C ILE I 304 47.83 -41.73 73.39
N GLY I 305 47.03 -42.44 72.61
CA GLY I 305 46.10 -43.39 73.15
C GLY I 305 44.72 -42.83 73.46
N MET I 306 44.45 -41.60 73.06
CA MET I 306 43.19 -40.93 73.35
C MET I 306 42.26 -41.06 72.14
N GLU I 307 40.95 -41.07 72.41
CA GLU I 307 39.95 -41.30 71.39
C GLU I 307 39.26 -39.99 71.00
N LEU I 308 38.69 -39.99 69.79
CA LEU I 308 38.05 -38.82 69.22
C LEU I 308 36.69 -38.51 69.84
N GLU I 309 36.02 -39.51 70.43
CA GLU I 309 34.72 -39.26 71.04
C GLU I 309 34.79 -38.13 72.05
N LYS I 310 35.85 -38.11 72.84
CA LYS I 310 36.04 -37.07 73.86
C LYS I 310 36.86 -35.89 73.35
N ALA I 311 36.47 -35.34 72.21
CA ALA I 311 37.08 -34.13 71.67
C ALA I 311 36.13 -32.97 71.87
N THR I 312 36.61 -31.91 72.52
CA THR I 312 35.79 -30.77 72.88
C THR I 312 36.33 -29.49 72.26
N LEU I 313 35.65 -28.38 72.58
CA LEU I 313 35.96 -27.11 71.94
C LEU I 313 37.38 -26.63 72.25
N GLU I 314 37.81 -26.78 73.51
CA GLU I 314 39.19 -26.44 73.84
C GLU I 314 40.17 -27.36 73.14
N ASP I 315 39.84 -28.64 73.04
CA ASP I 315 40.69 -29.58 72.32
C ASP I 315 40.84 -29.17 70.85
N LEU I 316 39.75 -28.75 70.23
CA LEU I 316 39.82 -28.27 68.85
C LEU I 316 40.57 -26.95 68.78
N GLY I 317 41.39 -26.80 67.75
CA GLY I 317 42.14 -25.57 67.58
C GLY I 317 41.24 -24.39 67.32
N GLN I 318 41.72 -23.21 67.69
CA GLN I 318 40.98 -21.98 67.50
C GLN I 318 41.85 -20.98 66.76
N ALA I 319 41.35 -20.49 65.64
CA ALA I 319 42.00 -19.42 64.88
C ALA I 319 40.96 -18.34 64.62
N LYS I 320 41.37 -17.32 63.89
CA LYS I 320 40.42 -16.30 63.49
C LYS I 320 39.96 -16.48 62.05
N ARG I 321 40.81 -17.04 61.19
CA ARG I 321 40.42 -17.37 59.83
C ARG I 321 41.18 -18.60 59.38
N VAL I 322 40.54 -19.41 58.54
CA VAL I 322 41.22 -20.51 57.86
C VAL I 322 40.73 -20.54 56.42
N VAL I 323 41.67 -20.75 55.50
CA VAL I 323 41.38 -20.84 54.07
C VAL I 323 41.91 -22.16 53.56
N ILE I 324 41.01 -23.01 53.06
CA ILE I 324 41.31 -24.38 52.66
C ILE I 324 41.25 -24.45 51.15
N ASN I 325 42.41 -24.35 50.51
CA ASN I 325 42.50 -24.40 49.06
C ASN I 325 42.35 -25.85 48.60
N LYS I 326 42.54 -26.08 47.30
CA LYS I 326 42.32 -27.41 46.74
C LYS I 326 43.23 -28.43 47.41
N ASP I 327 44.52 -28.12 47.51
CA ASP I 327 45.49 -28.96 48.21
C ASP I 327 46.39 -28.10 49.06
N THR I 328 45.79 -27.15 49.79
CA THR I 328 46.54 -26.23 50.65
C THR I 328 45.58 -25.63 51.65
N THR I 329 46.03 -25.49 52.89
CA THR I 329 45.23 -24.87 53.94
C THR I 329 46.11 -23.93 54.75
N THR I 330 45.60 -22.72 55.00
CA THR I 330 46.31 -21.71 55.75
C THR I 330 45.47 -21.23 56.94
N ILE I 331 46.17 -20.95 58.03
CA ILE I 331 45.56 -20.51 59.28
C ILE I 331 46.03 -19.08 59.55
N ILE I 332 45.07 -18.20 59.83
CA ILE I 332 45.31 -16.77 59.97
C ILE I 332 44.83 -16.37 61.36
N ASP I 333 45.76 -15.82 62.15
CA ASP I 333 45.49 -15.38 63.52
C ASP I 333 44.93 -16.51 64.37
N GLY I 334 45.78 -17.52 64.58
CA GLY I 334 45.45 -18.58 65.51
C GLY I 334 45.20 -18.04 66.90
N VAL I 335 44.03 -18.36 67.46
CA VAL I 335 43.66 -17.83 68.77
C VAL I 335 44.62 -18.33 69.85
N GLY I 336 45.31 -19.44 69.60
CA GLY I 336 46.26 -19.99 70.55
C GLY I 336 47.30 -19.00 71.02
N GLU I 337 47.71 -19.12 72.27
CA GLU I 337 48.55 -18.10 72.90
C GLU I 337 49.88 -17.97 72.18
N GLU I 338 50.27 -16.72 71.93
CA GLU I 338 51.40 -16.44 71.04
C GLU I 338 52.73 -16.86 71.64
N ALA I 339 52.92 -16.64 72.95
CA ALA I 339 54.16 -17.07 73.59
C ALA I 339 54.24 -18.59 73.62
N ALA I 340 53.10 -19.27 73.69
CA ALA I 340 53.10 -20.71 73.52
C ALA I 340 53.58 -21.10 72.13
N ILE I 341 53.15 -20.35 71.11
CA ILE I 341 53.62 -20.59 69.76
C ILE I 341 55.13 -20.35 69.68
N GLN I 342 55.61 -19.36 70.42
CA GLN I 342 57.04 -19.10 70.49
C GLN I 342 57.79 -20.26 71.14
N GLY I 343 57.23 -20.84 72.20
CA GLY I 343 57.82 -22.03 72.79
C GLY I 343 57.86 -23.19 71.81
N ARG I 344 56.79 -23.36 71.03
CA ARG I 344 56.77 -24.39 70.01
C ARG I 344 57.82 -24.12 68.93
N VAL I 345 58.00 -22.86 68.56
CA VAL I 345 59.02 -22.50 67.58
C VAL I 345 60.40 -22.84 68.10
N ALA I 346 60.66 -22.53 69.37
CA ALA I 346 61.93 -22.90 69.99
C ALA I 346 62.09 -24.42 70.03
N GLN I 347 60.99 -25.15 70.23
CA GLN I 347 61.03 -26.60 70.17
C GLN I 347 61.45 -27.08 68.79
N ILE I 348 60.87 -26.50 67.74
CA ILE I 348 61.25 -26.88 66.39
C ILE I 348 62.71 -26.51 66.13
N ARG I 349 63.17 -25.38 66.68
CA ARG I 349 64.56 -24.99 66.48
C ARG I 349 65.52 -25.94 67.16
N GLN I 350 65.21 -26.37 68.39
CA GLN I 350 66.08 -27.35 69.04
C GLN I 350 66.03 -28.67 68.29
N GLN I 351 64.87 -29.03 67.73
CA GLN I 351 64.83 -30.15 66.79
C GLN I 351 65.75 -29.91 65.60
N ILE I 352 65.87 -28.66 65.17
CA ILE I 352 66.75 -28.33 64.05
C ILE I 352 68.19 -28.64 64.41
N GLU I 353 68.67 -28.17 65.55
CA GLU I 353 70.07 -28.50 65.84
C GLU I 353 70.24 -29.95 66.30
N GLU I 354 69.16 -30.67 66.60
CA GLU I 354 69.31 -32.11 66.75
C GLU I 354 69.42 -32.84 65.42
N ALA I 355 68.79 -32.34 64.37
CA ALA I 355 68.84 -33.00 63.06
C ALA I 355 70.02 -32.48 62.24
N THR I 356 70.41 -33.26 61.23
CA THR I 356 71.50 -32.88 60.33
C THR I 356 71.20 -33.20 58.87
N SER I 357 70.21 -34.04 58.59
CA SER I 357 69.93 -34.51 57.24
C SER I 357 69.29 -33.40 56.42
N ASP I 358 69.70 -33.28 55.16
CA ASP I 358 69.27 -32.16 54.33
C ASP I 358 67.76 -32.21 54.08
N TYR I 359 67.21 -33.40 53.87
CA TYR I 359 65.77 -33.55 53.82
C TYR I 359 65.13 -32.95 55.07
N ASP I 360 65.63 -33.35 56.25
CA ASP I 360 65.14 -32.78 57.50
C ASP I 360 65.49 -31.30 57.60
N ARG I 361 66.65 -30.90 57.06
CA ARG I 361 67.00 -29.48 57.05
C ARG I 361 65.88 -28.65 56.42
N GLU I 362 65.47 -29.03 55.20
CA GLU I 362 64.48 -28.23 54.50
C GLU I 362 63.09 -28.42 55.10
N LYS I 363 62.77 -29.61 55.60
CA LYS I 363 61.48 -29.81 56.24
C LYS I 363 61.35 -28.91 57.47
N LEU I 364 62.40 -28.82 58.29
CA LEU I 364 62.35 -27.97 59.47
C LEU I 364 62.40 -26.50 59.09
N GLN I 365 63.11 -26.15 58.01
CA GLN I 365 63.03 -24.78 57.50
C GLN I 365 61.59 -24.42 57.14
N GLU I 366 60.90 -25.34 56.46
CA GLU I 366 59.50 -25.10 56.10
C GLU I 366 58.63 -24.98 57.34
N ARG I 367 58.86 -25.84 58.33
CA ARG I 367 58.04 -25.79 59.54
C ARG I 367 58.22 -24.48 60.29
N VAL I 368 59.47 -24.04 60.46
CA VAL I 368 59.70 -22.79 61.18
C VAL I 368 59.17 -21.62 60.37
N ALA I 369 59.27 -21.69 59.03
CA ALA I 369 58.68 -20.65 58.20
C ALA I 369 57.17 -20.57 58.39
N LYS I 370 56.50 -21.72 58.37
CA LYS I 370 55.05 -21.73 58.55
C LYS I 370 54.66 -21.16 59.91
N LEU I 371 55.36 -21.59 60.97
CA LEU I 371 54.92 -21.21 62.31
C LEU I 371 55.27 -19.76 62.62
N ALA I 372 56.46 -19.29 62.24
CA ALA I 372 56.92 -17.96 62.60
C ALA I 372 56.48 -16.90 61.59
N GLY I 373 56.73 -17.12 60.30
CA GLY I 373 56.25 -16.19 59.30
C GLY I 373 54.75 -16.04 59.30
N GLY I 374 54.03 -17.09 59.70
CA GLY I 374 52.60 -16.97 59.89
C GLY I 374 51.89 -16.57 58.62
N VAL I 375 51.10 -15.51 58.71
CA VAL I 375 50.33 -15.00 57.58
C VAL I 375 50.55 -13.50 57.46
N ALA I 376 50.84 -13.03 56.26
CA ALA I 376 50.84 -11.60 55.99
C ALA I 376 49.41 -11.14 55.74
N VAL I 377 48.95 -10.19 56.55
CA VAL I 377 47.60 -9.68 56.44
C VAL I 377 47.71 -8.21 56.04
N ILE I 378 47.07 -7.86 54.92
CA ILE I 378 47.12 -6.50 54.39
C ILE I 378 45.73 -5.91 54.59
N LYS I 379 45.66 -4.81 55.34
CA LYS I 379 44.43 -4.07 55.51
C LYS I 379 44.51 -2.82 54.64
N VAL I 380 43.75 -2.83 53.55
CA VAL I 380 43.84 -1.75 52.56
C VAL I 380 43.03 -0.56 53.03
N GLY I 381 43.71 0.52 53.39
CA GLY I 381 43.04 1.74 53.78
C GLY I 381 42.75 2.60 52.57
N ALA I 382 41.49 3.00 52.45
CA ALA I 382 41.05 3.84 51.33
C ALA I 382 39.87 4.68 51.79
N ALA I 383 39.58 5.74 51.03
CA ALA I 383 38.57 6.69 51.45
C ALA I 383 37.17 6.16 51.18
N THR I 384 36.81 5.99 49.92
CA THR I 384 35.47 5.56 49.55
C THR I 384 35.42 4.05 49.41
N GLU I 385 34.24 3.49 49.68
CA GLU I 385 34.06 2.04 49.57
C GLU I 385 34.28 1.57 48.15
N VAL I 386 33.87 2.36 47.16
CA VAL I 386 34.15 2.02 45.77
C VAL I 386 35.65 2.00 45.50
N GLU I 387 36.38 3.01 46.01
CA GLU I 387 37.83 2.98 45.86
C GLU I 387 38.45 1.91 46.73
N MET I 388 37.83 1.59 47.87
CA MET I 388 38.29 0.46 48.67
C MET I 388 38.29 -0.82 47.86
N LYS I 389 37.16 -1.12 47.21
CA LYS I 389 37.07 -2.33 46.40
C LYS I 389 38.00 -2.25 45.19
N GLU I 390 38.11 -1.06 44.59
CA GLU I 390 39.04 -0.86 43.48
C GLU I 390 40.47 -1.22 43.90
N LYS I 391 40.91 -0.67 45.02
CA LYS I 391 42.26 -0.93 45.51
C LYS I 391 42.45 -2.40 45.89
N LYS I 392 41.43 -3.01 46.50
CA LYS I 392 41.53 -4.42 46.85
C LYS I 392 41.67 -5.28 45.61
N ALA I 393 40.88 -4.98 44.57
CA ALA I 393 40.98 -5.72 43.31
C ALA I 393 42.36 -5.53 42.69
N ARG I 394 42.87 -4.30 42.69
CA ARG I 394 44.21 -4.06 42.19
C ARG I 394 45.24 -4.90 42.95
N VAL I 395 45.13 -4.92 44.27
CA VAL I 395 46.11 -5.62 45.09
C VAL I 395 46.07 -7.11 44.82
N GLU I 396 44.87 -7.70 44.77
CA GLU I 396 44.77 -9.14 44.55
C GLU I 396 45.21 -9.51 43.14
N ASP I 397 44.90 -8.67 42.15
CA ASP I 397 45.38 -8.93 40.79
C ASP I 397 46.89 -8.90 40.73
N ALA I 398 47.50 -7.90 41.37
CA ALA I 398 48.95 -7.81 41.40
C ALA I 398 49.54 -9.00 42.15
N LEU I 399 48.86 -9.47 43.19
CA LEU I 399 49.34 -10.63 43.95
C LEU I 399 49.34 -11.89 43.08
N HIS I 400 48.23 -12.13 42.37
CA HIS I 400 48.16 -13.27 41.48
C HIS I 400 49.23 -13.17 40.40
N ALA I 401 49.42 -11.96 39.86
CA ALA I 401 50.44 -11.76 38.84
C ALA I 401 51.84 -12.02 39.39
N THR I 402 52.11 -11.60 40.64
CA THR I 402 53.41 -11.84 41.23
C THR I 402 53.65 -13.33 41.46
N ARG I 403 52.62 -14.05 41.88
CA ARG I 403 52.74 -15.50 42.01
C ARG I 403 53.04 -16.13 40.64
N ALA I 404 52.33 -15.69 39.61
CA ALA I 404 52.56 -16.22 38.27
C ALA I 404 53.97 -15.92 37.79
N ALA I 405 54.47 -14.72 38.08
CA ALA I 405 55.82 -14.34 37.66
C ALA I 405 56.89 -15.09 38.46
N VAL I 406 56.64 -15.32 39.74
CA VAL I 406 57.57 -16.11 40.55
C VAL I 406 57.67 -17.52 40.01
N GLU I 407 56.51 -18.12 39.67
CA GLU I 407 56.50 -19.50 39.21
C GLU I 407 56.83 -19.64 37.73
N GLU I 408 56.85 -18.55 36.97
CA GLU I 408 57.07 -18.62 35.53
C GLU I 408 58.08 -17.62 34.98
N GLY I 409 58.42 -16.57 35.71
CA GLY I 409 59.34 -15.56 35.22
C GLY I 409 58.62 -14.49 34.43
N VAL I 410 59.40 -13.47 34.05
CA VAL I 410 58.89 -12.32 33.33
C VAL I 410 59.73 -12.16 32.06
N VAL I 411 59.06 -12.08 30.91
CA VAL I 411 59.70 -11.60 29.70
C VAL I 411 59.51 -10.10 29.58
N ALA I 412 60.31 -9.47 28.71
CA ALA I 412 60.24 -8.03 28.53
C ALA I 412 58.84 -7.62 28.10
N GLY I 413 58.30 -6.58 28.75
CA GLY I 413 56.95 -6.15 28.49
C GLY I 413 56.85 -5.24 27.27
N GLY I 414 55.62 -4.80 27.00
CA GLY I 414 55.35 -3.95 25.87
C GLY I 414 55.11 -4.68 24.56
N GLY I 415 55.23 -6.00 24.54
CA GLY I 415 55.02 -6.76 23.33
C GLY I 415 56.24 -6.88 22.44
N VAL I 416 57.44 -6.67 22.98
CA VAL I 416 58.65 -6.69 22.16
C VAL I 416 59.22 -8.10 22.04
N ALA I 417 59.10 -8.92 23.09
CA ALA I 417 59.55 -10.30 23.00
C ALA I 417 58.71 -11.11 22.02
N LEU I 418 57.46 -10.71 21.81
CA LEU I 418 56.65 -11.32 20.76
C LEU I 418 57.29 -11.07 19.39
N ILE I 419 57.73 -9.84 19.15
CA ILE I 419 58.45 -9.53 17.92
C ILE I 419 59.76 -10.30 17.87
N ARG I 420 60.42 -10.44 19.02
CA ARG I 420 61.64 -11.24 19.08
C ARG I 420 61.38 -12.66 18.60
N VAL I 421 60.36 -13.31 19.13
CA VAL I 421 60.06 -14.69 18.74
C VAL I 421 59.64 -14.75 17.27
N ALA I 422 58.90 -13.75 16.80
CA ALA I 422 58.58 -13.68 15.37
C ALA I 422 59.85 -13.65 14.53
N SER I 423 60.89 -12.96 15.02
CA SER I 423 62.19 -13.08 14.40
C SER I 423 62.77 -14.48 14.59
N LYS I 424 62.38 -15.16 15.67
CA LYS I 424 62.95 -16.46 16.00
C LYS I 424 62.19 -17.60 15.33
N LEU I 425 60.91 -17.76 15.64
CA LEU I 425 60.11 -18.86 15.14
C LEU I 425 59.49 -18.59 13.78
N ALA I 426 60.07 -17.69 12.99
CA ALA I 426 59.60 -17.51 11.62
C ALA I 426 59.76 -18.77 10.80
N ASP I 427 60.62 -19.69 11.22
CA ASP I 427 60.92 -20.91 10.50
C ASP I 427 60.05 -22.09 10.91
N LEU I 428 59.15 -21.92 11.88
CA LEU I 428 58.35 -23.05 12.36
C LEU I 428 57.37 -23.50 11.29
N ARG I 429 57.27 -24.82 11.10
CA ARG I 429 56.41 -25.42 10.09
C ARG I 429 55.70 -26.64 10.67
N GLY I 430 54.55 -26.97 10.08
CA GLY I 430 53.76 -28.11 10.50
C GLY I 430 53.85 -29.27 9.53
N GLN I 431 53.26 -30.39 9.95
CA GLN I 431 53.27 -31.59 9.12
C GLN I 431 52.57 -31.37 7.79
N ASN I 432 51.42 -30.70 7.81
CA ASN I 432 50.72 -30.32 6.60
C ASN I 432 50.99 -28.84 6.34
N GLU I 433 50.94 -28.45 5.07
CA GLU I 433 51.11 -27.05 4.75
C GLU I 433 49.98 -26.21 5.35
N ASP I 434 48.83 -26.81 5.61
CA ASP I 434 47.79 -26.13 6.37
C ASP I 434 48.27 -25.82 7.78
N GLN I 435 48.98 -26.77 8.40
CA GLN I 435 49.59 -26.52 9.70
C GLN I 435 50.65 -25.44 9.60
N ASN I 436 51.39 -25.39 8.49
CA ASN I 436 52.32 -24.31 8.25
C ASN I 436 51.60 -22.97 8.19
N VAL I 437 50.46 -22.92 7.50
CA VAL I 437 49.69 -21.69 7.38
C VAL I 437 49.18 -21.26 8.74
N GLY I 438 48.71 -22.21 9.55
CA GLY I 438 48.31 -21.87 10.91
C GLY I 438 49.45 -21.31 11.73
N ILE I 439 50.65 -21.88 11.57
CA ILE I 439 51.81 -21.38 12.28
C ILE I 439 52.13 -19.95 11.83
N LYS I 440 52.06 -19.68 10.53
CA LYS I 440 52.31 -18.34 10.03
C LYS I 440 51.23 -17.36 10.50
N VAL I 441 50.00 -17.84 10.61
CA VAL I 441 48.92 -17.05 11.21
C VAL I 441 49.29 -16.66 12.63
N ALA I 442 49.79 -17.62 13.40
CA ALA I 442 50.22 -17.33 14.77
C ALA I 442 51.34 -16.30 14.78
N LEU I 443 52.31 -16.43 13.88
CA LEU I 443 53.41 -15.47 13.82
C LEU I 443 52.90 -14.07 13.51
N ARG I 444 52.00 -13.96 12.53
CA ARG I 444 51.45 -12.67 12.16
C ARG I 444 50.68 -12.04 13.30
N ALA I 445 49.76 -12.79 13.90
CA ALA I 445 48.93 -12.26 14.96
C ALA I 445 49.71 -11.96 16.23
N MET I 446 50.86 -12.61 16.42
CA MET I 446 51.66 -12.39 17.60
C MET I 446 52.28 -11.00 17.67
N GLU I 447 52.58 -10.38 16.55
CA GLU I 447 53.02 -9.00 16.64
C GLU I 447 51.87 -8.02 16.79
N ALA I 448 50.63 -8.46 16.55
CA ALA I 448 49.48 -7.57 16.70
C ALA I 448 49.34 -6.94 18.08
N PRO I 449 49.59 -7.62 19.23
CA PRO I 449 49.45 -6.94 20.53
C PRO I 449 50.25 -5.66 20.68
N LEU I 450 51.55 -5.71 20.41
CA LEU I 450 52.36 -4.50 20.43
C LEU I 450 51.84 -3.47 19.44
N ARG I 451 51.38 -3.95 18.28
CA ARG I 451 50.85 -3.04 17.27
C ARG I 451 49.65 -2.27 17.82
N GLN I 452 48.75 -2.96 18.51
CA GLN I 452 47.58 -2.30 19.08
C GLN I 452 47.97 -1.40 20.24
N ILE I 453 48.98 -1.80 21.02
CA ILE I 453 49.46 -0.92 22.10
C ILE I 453 49.92 0.40 21.52
N VAL I 454 50.78 0.34 20.50
CA VAL I 454 51.30 1.55 19.88
C VAL I 454 50.18 2.33 19.19
N LEU I 455 49.22 1.61 18.61
CA LEU I 455 48.08 2.26 17.96
C LEU I 455 47.27 3.07 18.95
N ASN I 456 46.91 2.47 20.09
CA ASN I 456 46.13 3.17 21.09
C ASN I 456 46.92 4.30 21.72
N CYS I 457 48.24 4.13 21.84
CA CYS I 457 49.08 5.23 22.29
C CYS I 457 49.14 6.36 21.28
N GLY I 458 48.64 6.14 20.06
CA GLY I 458 48.61 7.17 19.04
C GLY I 458 49.74 7.15 18.05
N GLU I 459 50.57 6.11 18.07
CA GLU I 459 51.76 6.05 17.24
C GLU I 459 51.67 4.87 16.28
N GLU I 460 52.77 4.62 15.57
CA GLU I 460 52.75 3.71 14.43
C GLU I 460 52.97 2.27 14.88
N PRO I 461 51.98 1.39 14.71
CA PRO I 461 52.16 -0.02 15.11
C PRO I 461 53.27 -0.73 14.35
N SER I 462 53.15 -0.73 13.02
CA SER I 462 54.05 -1.53 12.19
C SER I 462 55.45 -0.96 12.16
N VAL I 463 55.59 0.38 12.21
CA VAL I 463 56.91 0.99 12.23
C VAL I 463 57.64 0.63 13.50
N VAL I 464 56.95 0.68 14.64
CA VAL I 464 57.52 0.23 15.91
C VAL I 464 57.90 -1.24 15.82
N ALA I 465 57.02 -2.07 15.24
CA ALA I 465 57.34 -3.48 15.11
C ALA I 465 58.61 -3.69 14.30
N ASN I 466 58.74 -2.97 13.19
CA ASN I 466 59.94 -3.10 12.35
C ASN I 466 61.19 -2.62 13.07
N THR I 467 61.10 -1.51 13.79
CA THR I 467 62.28 -1.00 14.50
C THR I 467 62.71 -1.96 15.59
N VAL I 468 61.75 -2.57 16.28
CA VAL I 468 62.07 -3.60 17.27
C VAL I 468 62.73 -4.79 16.58
N LYS I 469 62.17 -5.22 15.44
CA LYS I 469 62.80 -6.27 14.65
C LYS I 469 64.25 -5.94 14.33
N GLY I 470 64.53 -4.65 14.06
CA GLY I 470 65.90 -4.23 13.86
C GLY I 470 66.76 -4.51 15.08
N GLY I 471 66.20 -4.33 16.27
CA GLY I 471 66.87 -4.71 17.49
C GLY I 471 66.67 -6.18 17.80
N ASP I 472 67.13 -6.56 18.99
CA ASP I 472 67.06 -7.95 19.43
C ASP I 472 66.97 -7.99 20.94
N GLY I 473 66.52 -9.13 21.46
CA GLY I 473 66.40 -9.29 22.90
C GLY I 473 65.43 -8.30 23.50
N ASN I 474 65.88 -7.59 24.53
CA ASN I 474 65.04 -6.63 25.24
C ASN I 474 64.94 -5.29 24.53
N TYR I 475 65.64 -5.09 23.41
CA TYR I 475 65.45 -3.87 22.65
C TYR I 475 63.99 -3.77 22.21
N GLY I 476 63.41 -2.61 22.45
CA GLY I 476 62.02 -2.43 22.14
C GLY I 476 61.61 -0.98 22.31
N TYR I 477 60.30 -0.78 22.42
CA TYR I 477 59.71 0.55 22.37
C TYR I 477 58.73 0.71 23.51
N ASN I 478 59.13 1.45 24.53
CA ASN I 478 58.19 1.93 25.55
C ASN I 478 57.13 2.77 24.87
N ALA I 479 55.89 2.29 24.89
CA ALA I 479 54.78 3.00 24.26
C ALA I 479 54.23 4.12 25.12
N ALA I 480 54.56 4.14 26.41
CA ALA I 480 54.18 5.28 27.25
C ALA I 480 55.15 6.44 27.05
N THR I 481 56.41 6.25 27.39
CA THR I 481 57.44 7.23 27.08
C THR I 481 57.80 7.23 25.60
N GLU I 482 57.42 6.17 24.88
CA GLU I 482 57.63 6.09 23.43
C GLU I 482 59.11 6.19 23.09
N GLU I 483 59.92 5.33 23.71
CA GLU I 483 61.36 5.38 23.56
C GLU I 483 61.91 3.98 23.30
N TYR I 484 62.96 3.91 22.50
CA TYR I 484 63.60 2.64 22.20
C TYR I 484 64.71 2.36 23.20
N GLY I 485 64.68 1.16 23.77
CA GLY I 485 65.60 0.80 24.82
C GLY I 485 65.25 -0.55 25.40
N ASN I 486 65.73 -0.76 26.63
CA ASN I 486 65.56 -2.03 27.33
C ASN I 486 64.31 -2.00 28.19
N MET I 487 63.33 -2.85 27.86
CA MET I 487 62.10 -2.92 28.65
C MET I 487 62.34 -3.40 30.07
N ILE I 488 63.28 -4.32 30.29
CA ILE I 488 63.54 -4.80 31.64
C ILE I 488 64.02 -3.65 32.52
N ASP I 489 64.90 -2.81 31.99
CA ASP I 489 65.47 -1.72 32.79
C ASP I 489 64.40 -0.71 33.16
N MET I 490 63.55 -0.33 32.22
CA MET I 490 62.52 0.67 32.47
C MET I 490 61.24 0.08 33.06
N GLY I 491 61.32 -1.10 33.67
CA GLY I 491 60.26 -1.57 34.53
C GLY I 491 59.05 -2.18 33.85
N ILE I 492 59.06 -2.30 32.53
CA ILE I 492 57.94 -2.87 31.80
C ILE I 492 58.18 -4.38 31.78
N LEU I 493 57.63 -5.08 32.77
CA LEU I 493 57.80 -6.53 32.90
C LEU I 493 56.45 -7.20 32.66
N ASP I 494 56.39 -8.03 31.62
CA ASP I 494 55.22 -8.86 31.39
C ASP I 494 55.56 -10.30 31.74
N PRO I 495 54.90 -10.90 32.74
CA PRO I 495 55.28 -12.25 33.16
C PRO I 495 55.12 -13.26 32.03
N THR I 496 55.98 -14.28 32.06
CA THR I 496 55.92 -15.34 31.08
C THR I 496 54.57 -16.03 31.09
N LYS I 497 54.04 -16.30 32.30
CA LYS I 497 52.76 -16.99 32.41
C LYS I 497 51.61 -16.18 31.84
N VAL I 498 51.66 -14.86 31.93
CA VAL I 498 50.54 -14.04 31.46
C VAL I 498 50.32 -14.26 29.97
N THR I 499 51.32 -13.93 29.16
CA THR I 499 51.22 -14.11 27.72
C THR I 499 51.11 -15.58 27.35
N ARG I 500 51.79 -16.45 28.10
CA ARG I 500 51.69 -17.89 27.84
C ARG I 500 50.24 -18.37 27.93
N SER I 501 49.56 -18.02 29.03
CA SER I 501 48.16 -18.43 29.22
C SER I 501 47.26 -17.76 28.20
N ALA I 502 47.47 -16.47 27.94
CA ALA I 502 46.63 -15.77 26.97
C ALA I 502 46.71 -16.45 25.61
N LEU I 503 47.94 -16.72 25.15
CA LEU I 503 48.13 -17.37 23.86
C LEU I 503 47.58 -18.79 23.85
N GLN I 504 47.79 -19.54 24.93
CA GLN I 504 47.33 -20.92 24.96
C GLN I 504 45.80 -20.99 24.91
N TYR I 505 45.13 -20.10 25.65
CA TYR I 505 43.67 -20.10 25.62
C TYR I 505 43.14 -19.58 24.29
N ALA I 506 43.82 -18.60 23.70
CA ALA I 506 43.43 -18.15 22.37
C ALA I 506 43.56 -19.29 21.36
N ALA I 507 44.66 -20.05 21.43
CA ALA I 507 44.83 -21.20 20.56
C ALA I 507 43.76 -22.24 20.80
N SER I 508 43.44 -22.51 22.07
CA SER I 508 42.42 -23.50 22.39
C SER I 508 41.07 -23.11 21.80
N VAL I 509 40.64 -21.87 22.04
CA VAL I 509 39.34 -21.45 21.53
C VAL I 509 39.34 -21.43 20.00
N ALA I 510 40.41 -20.94 19.39
CA ALA I 510 40.46 -20.88 17.94
C ALA I 510 40.37 -22.28 17.34
N GLY I 511 41.18 -23.21 17.84
CA GLY I 511 41.14 -24.56 17.32
C GLY I 511 39.78 -25.23 17.52
N LEU I 512 39.17 -25.02 18.69
CA LEU I 512 37.87 -25.63 18.95
C LEU I 512 36.82 -25.11 17.98
N MET I 513 36.75 -23.79 17.80
CA MET I 513 35.66 -23.23 17.00
C MET I 513 35.94 -23.39 15.51
N ILE I 514 37.22 -23.52 15.13
CA ILE I 514 37.56 -23.87 13.75
C ILE I 514 37.01 -25.24 13.38
N THR I 515 37.05 -26.18 14.32
CA THR I 515 36.52 -27.53 14.09
C THR I 515 35.02 -27.62 14.33
N THR I 516 34.37 -26.49 14.65
CA THR I 516 32.92 -26.46 14.82
C THR I 516 32.27 -26.45 13.44
N GLU I 517 31.26 -27.31 13.24
CA GLU I 517 30.55 -27.37 11.96
C GLU I 517 29.09 -27.00 12.06
N CYS I 518 28.51 -26.97 13.26
CA CYS I 518 27.12 -26.60 13.44
C CYS I 518 26.93 -26.14 14.88
N MET I 519 25.85 -25.37 15.10
CA MET I 519 25.47 -24.99 16.45
C MET I 519 23.97 -24.68 16.46
N VAL I 520 23.41 -24.63 17.67
CA VAL I 520 21.99 -24.44 17.89
C VAL I 520 21.80 -23.32 18.90
N THR I 521 20.91 -22.38 18.57
CA THR I 521 20.51 -21.32 19.48
C THR I 521 19.00 -21.25 19.49
N ASP I 522 18.46 -20.38 20.34
CA ASP I 522 17.01 -20.16 20.34
C ASP I 522 16.61 -19.22 19.21
N LEU I 523 15.36 -19.31 18.81
CA LEU I 523 14.86 -18.45 17.75
C LEU I 523 14.80 -17.01 18.22
N PRO I 524 15.05 -16.03 17.34
CA PRO I 524 15.13 -14.61 17.77
C PRO I 524 13.76 -13.94 17.82
N LYS I 525 12.95 -14.33 18.81
CA LYS I 525 11.60 -13.80 18.92
C LYS I 525 11.34 -13.26 20.32
N ALA J 1 -9.39 -29.46 19.69
CA ALA J 1 -8.69 -28.35 19.05
C ALA J 1 -8.62 -28.57 17.54
N ALA J 2 -8.84 -27.50 16.78
CA ALA J 2 -8.81 -27.59 15.33
C ALA J 2 -7.46 -28.14 14.86
N LYS J 3 -7.50 -29.06 13.92
CA LYS J 3 -6.35 -29.87 13.57
C LYS J 3 -5.90 -29.61 12.14
N ASP J 4 -4.60 -29.64 11.94
CA ASP J 4 -3.99 -29.69 10.61
C ASP J 4 -3.79 -31.16 10.24
N VAL J 5 -4.43 -31.59 9.16
CA VAL J 5 -4.40 -32.99 8.73
C VAL J 5 -3.59 -33.08 7.46
N LYS J 6 -2.66 -34.03 7.42
CA LYS J 6 -1.83 -34.25 6.25
C LYS J 6 -2.00 -35.68 5.75
N PHE J 7 -1.91 -35.82 4.44
CA PHE J 7 -2.08 -37.11 3.77
C PHE J 7 -0.87 -37.38 2.88
N GLY J 8 -0.32 -38.58 3.00
CA GLY J 8 0.70 -39.03 2.07
C GLY J 8 1.95 -38.18 2.09
N ASN J 9 2.41 -37.81 0.89
CA ASN J 9 3.69 -37.12 0.75
C ASN J 9 3.68 -35.76 1.44
N ASP J 10 2.51 -35.13 1.54
CA ASP J 10 2.39 -33.89 2.28
C ASP J 10 2.89 -34.06 3.71
N ALA J 11 2.46 -35.14 4.36
CA ALA J 11 2.96 -35.47 5.69
C ALA J 11 4.42 -35.92 5.62
N ARG J 12 4.76 -36.70 4.60
CA ARG J 12 6.01 -37.46 4.62
C ARG J 12 7.22 -36.55 4.40
N VAL J 13 7.14 -35.61 3.46
CA VAL J 13 8.25 -34.70 3.25
C VAL J 13 8.45 -33.83 4.49
N LYS J 14 7.34 -33.51 5.16
CA LYS J 14 7.40 -32.76 6.41
C LYS J 14 8.21 -33.51 7.47
N MET J 15 7.96 -34.81 7.59
CA MET J 15 8.74 -35.62 8.51
C MET J 15 10.20 -35.67 8.07
N LEU J 16 10.42 -35.85 6.78
CA LEU J 16 11.75 -36.12 6.24
C LEU J 16 12.67 -34.93 6.44
N ARG J 17 12.16 -33.72 6.24
CA ARG J 17 13.01 -32.54 6.41
C ARG J 17 13.51 -32.45 7.84
N GLY J 18 12.62 -32.69 8.81
CA GLY J 18 13.06 -32.69 10.20
C GLY J 18 14.05 -33.79 10.50
N VAL J 19 13.82 -34.99 9.96
CA VAL J 19 14.75 -36.10 10.20
C VAL J 19 16.12 -35.75 9.65
N ASN J 20 16.16 -35.24 8.42
CA ASN J 20 17.42 -34.94 7.76
C ASN J 20 18.16 -33.81 8.47
N VAL J 21 17.43 -32.79 8.93
CA VAL J 21 18.08 -31.69 9.65
C VAL J 21 18.63 -32.20 10.98
N LEU J 22 17.83 -33.00 11.70
CA LEU J 22 18.28 -33.61 12.94
C LEU J 22 19.59 -34.35 12.74
N ALA J 23 19.65 -35.19 11.71
CA ALA J 23 20.87 -35.95 11.50
C ALA J 23 21.99 -35.06 10.98
N ASP J 24 21.68 -34.04 10.19
CA ASP J 24 22.72 -33.12 9.75
C ASP J 24 23.40 -32.44 10.93
N ALA J 25 22.63 -32.18 11.98
CA ALA J 25 23.20 -31.65 13.22
C ALA J 25 23.89 -32.70 14.08
N VAL J 26 23.42 -33.94 14.07
CA VAL J 26 23.91 -34.98 14.99
C VAL J 26 25.14 -35.69 14.45
N LYS J 27 25.13 -36.05 13.17
CA LYS J 27 26.13 -36.97 12.63
C LYS J 27 27.53 -36.36 12.64
N VAL J 28 27.65 -35.04 12.77
CA VAL J 28 28.97 -34.43 12.84
C VAL J 28 29.72 -34.87 14.09
N THR J 29 29.01 -35.41 15.09
CA THR J 29 29.63 -35.88 16.33
C THR J 29 29.98 -37.36 16.31
N LEU J 30 29.68 -38.07 15.23
CA LEU J 30 29.94 -39.50 15.18
C LEU J 30 31.44 -39.76 15.06
N GLY J 31 31.89 -40.83 15.71
CA GLY J 31 33.28 -41.20 15.67
C GLY J 31 34.04 -40.69 16.87
N PRO J 32 35.28 -41.15 17.05
CA PRO J 32 36.10 -40.63 18.15
C PRO J 32 36.46 -39.16 17.98
N LYS J 33 36.35 -38.63 16.77
CA LYS J 33 36.71 -37.25 16.47
C LYS J 33 35.52 -36.47 15.95
N GLY J 34 34.39 -36.56 16.64
CA GLY J 34 33.20 -35.84 16.18
C GLY J 34 33.41 -34.33 16.20
N ARG J 35 32.64 -33.64 15.38
CA ARG J 35 32.82 -32.21 15.20
C ARG J 35 32.25 -31.42 16.38
N ASN J 36 32.85 -30.26 16.63
CA ASN J 36 32.41 -29.40 17.71
C ASN J 36 31.02 -28.85 17.44
N VAL J 37 30.16 -28.85 18.46
CA VAL J 37 28.85 -28.20 18.37
C VAL J 37 28.64 -27.36 19.62
N VAL J 38 28.35 -26.07 19.42
CA VAL J 38 28.16 -25.14 20.53
C VAL J 38 26.65 -24.97 20.72
N LEU J 39 26.08 -25.79 21.59
CA LEU J 39 24.72 -25.57 22.05
C LEU J 39 24.64 -24.25 22.76
N ASP J 40 23.98 -23.28 22.14
CA ASP J 40 23.84 -21.96 22.76
C ASP J 40 23.01 -22.08 24.04
N LYS J 41 23.55 -21.52 25.12
CA LYS J 41 22.90 -21.58 26.42
C LYS J 41 21.97 -20.40 26.61
N SER J 42 21.10 -20.52 27.61
CA SER J 42 20.19 -19.43 27.93
C SER J 42 20.95 -18.19 28.39
N PHE J 43 22.02 -18.39 29.15
CA PHE J 43 22.79 -17.27 29.70
C PHE J 43 24.27 -17.57 29.58
N GLY J 44 25.06 -16.50 29.53
CA GLY J 44 26.50 -16.60 29.60
C GLY J 44 27.11 -17.40 28.46
N ALA J 45 28.19 -18.09 28.77
CA ALA J 45 28.93 -18.85 27.78
C ALA J 45 28.16 -20.12 27.42
N PRO J 46 27.86 -20.34 26.15
CA PRO J 46 27.19 -21.58 25.74
C PRO J 46 28.05 -22.82 25.93
N THR J 47 27.49 -23.98 25.63
CA THR J 47 28.09 -25.27 25.97
C THR J 47 28.56 -25.98 24.70
N ILE J 48 29.85 -26.29 24.65
CA ILE J 48 30.43 -26.98 23.50
C ILE J 48 30.51 -28.47 23.81
N THR J 49 29.97 -29.28 22.91
CA THR J 49 29.90 -30.73 23.09
C THR J 49 30.24 -31.42 21.78
N LYS J 50 30.49 -32.73 21.90
CA LYS J 50 30.91 -33.57 20.78
C LYS J 50 30.26 -34.94 20.78
N ASP J 51 29.05 -35.07 21.31
CA ASP J 51 28.33 -36.34 21.30
C ASP J 51 26.91 -36.13 20.78
N GLY J 52 26.38 -37.15 20.11
CA GLY J 52 25.08 -37.02 19.48
C GLY J 52 23.93 -36.93 20.46
N VAL J 53 24.08 -37.54 21.64
CA VAL J 53 23.02 -37.47 22.64
C VAL J 53 22.83 -36.04 23.12
N SER J 54 23.94 -35.33 23.37
CA SER J 54 23.85 -33.97 23.87
C SER J 54 23.08 -33.08 22.92
N VAL J 55 23.42 -33.14 21.63
CA VAL J 55 22.72 -32.31 20.64
C VAL J 55 21.29 -32.79 20.45
N ALA J 56 21.08 -34.12 20.46
CA ALA J 56 19.74 -34.65 20.27
C ALA J 56 18.80 -34.18 21.36
N ARG J 57 19.31 -34.01 22.56
CA ARG J 57 18.46 -33.50 23.64
C ARG J 57 18.10 -32.03 23.44
N GLU J 58 18.95 -31.28 22.75
CA GLU J 58 18.84 -29.82 22.69
C GLU J 58 18.21 -29.33 21.38
N ILE J 59 17.24 -30.05 20.82
CA ILE J 59 16.65 -29.69 19.54
C ILE J 59 15.14 -29.56 19.69
N GLU J 60 14.60 -28.46 19.16
CA GLU J 60 13.18 -28.30 18.92
C GLU J 60 13.00 -27.46 17.65
N LEU J 61 12.03 -27.84 16.84
CA LEU J 61 11.80 -27.21 15.55
C LEU J 61 10.46 -26.48 15.55
N GLU J 62 10.46 -25.26 15.03
CA GLU J 62 9.23 -24.50 14.91
C GLU J 62 8.24 -25.20 14.00
N ASP J 63 8.72 -25.77 12.90
CA ASP J 63 7.88 -26.62 12.08
C ASP J 63 7.46 -27.83 12.89
N LYS J 64 6.17 -27.90 13.21
CA LYS J 64 5.68 -28.96 14.09
C LYS J 64 5.86 -30.33 13.45
N PHE J 65 5.89 -30.38 12.13
CA PHE J 65 6.04 -31.66 11.44
C PHE J 65 7.50 -32.10 11.39
N GLU J 66 8.40 -31.17 11.09
CA GLU J 66 9.82 -31.48 11.18
C GLU J 66 10.20 -31.81 12.61
N ASN J 67 9.65 -31.07 13.57
CA ASN J 67 9.85 -31.39 14.97
C ASN J 67 9.28 -32.76 15.31
N MET J 68 8.15 -33.11 14.70
CA MET J 68 7.58 -34.45 14.82
C MET J 68 8.54 -35.53 14.35
N GLY J 69 9.11 -35.35 13.16
CA GLY J 69 10.08 -36.30 12.65
C GLY J 69 11.29 -36.43 13.56
N ALA J 70 11.78 -35.28 14.04
CA ALA J 70 12.91 -35.29 14.96
C ALA J 70 12.58 -36.04 16.25
N GLN J 71 11.38 -35.83 16.78
CA GLN J 71 10.99 -36.52 18.02
C GLN J 71 10.84 -38.02 17.80
N MET J 72 10.28 -38.41 16.64
CA MET J 72 10.20 -39.83 16.31
C MET J 72 11.58 -40.46 16.22
N VAL J 73 12.52 -39.80 15.56
CA VAL J 73 13.86 -40.35 15.43
C VAL J 73 14.55 -40.41 16.77
N LYS J 74 14.39 -39.37 17.60
CA LYS J 74 14.97 -39.38 18.94
C LYS J 74 14.39 -40.52 19.77
N GLU J 75 13.08 -40.73 19.68
CA GLU J 75 12.43 -41.82 20.39
C GLU J 75 12.97 -43.17 19.97
N VAL J 76 13.10 -43.39 18.67
CA VAL J 76 13.55 -44.70 18.18
C VAL J 76 15.02 -44.91 18.48
N ALA J 77 15.83 -43.85 18.41
CA ALA J 77 17.23 -43.95 18.81
C ALA J 77 17.33 -44.26 20.30
N SER J 78 16.42 -43.71 21.10
CA SER J 78 16.36 -44.07 22.52
C SER J 78 16.02 -45.53 22.68
N LYS J 79 15.07 -46.03 21.87
CA LYS J 79 14.73 -47.45 21.90
C LYS J 79 15.95 -48.30 21.61
N ALA J 80 16.72 -47.91 20.59
CA ALA J 80 17.96 -48.62 20.27
C ALA J 80 18.94 -48.57 21.44
N ASN J 81 19.21 -47.37 21.94
CA ASN J 81 20.19 -47.19 23.00
C ASN J 81 19.83 -48.01 24.23
N ASP J 82 18.53 -48.13 24.53
CA ASP J 82 18.10 -48.99 25.62
C ASP J 82 18.50 -50.44 25.36
N ALA J 83 18.35 -50.90 24.12
CA ALA J 83 18.79 -52.23 23.73
C ALA J 83 20.19 -52.23 23.15
N ALA J 84 20.86 -51.08 23.06
CA ALA J 84 22.23 -51.01 22.57
C ALA J 84 23.20 -50.55 23.66
N GLY J 85 23.01 -49.36 24.22
CA GLY J 85 23.96 -48.78 25.15
C GLY J 85 24.91 -47.77 24.54
N ASP J 86 25.12 -47.81 23.23
CA ASP J 86 25.92 -46.82 22.51
C ASP J 86 25.50 -46.87 21.05
N GLY J 87 26.36 -46.34 20.18
CA GLY J 87 25.96 -46.19 18.80
C GLY J 87 24.79 -45.25 18.63
N THR J 88 24.56 -44.39 19.62
CA THR J 88 23.43 -43.45 19.56
C THR J 88 23.55 -42.56 18.33
N THR J 89 24.74 -41.99 18.11
CA THR J 89 24.94 -41.20 16.89
C THR J 89 24.98 -42.12 15.67
N THR J 90 25.55 -43.32 15.84
CA THR J 90 25.49 -44.32 14.76
C THR J 90 24.05 -44.68 14.44
N ALA J 91 23.22 -44.87 15.48
CA ALA J 91 21.81 -45.15 15.26
C ALA J 91 21.12 -43.98 14.56
N THR J 92 21.50 -42.74 14.91
CA THR J 92 20.93 -41.58 14.26
C THR J 92 21.28 -41.54 12.77
N VAL J 93 22.54 -41.83 12.44
CA VAL J 93 22.96 -41.86 11.04
C VAL J 93 22.18 -42.91 10.28
N LEU J 94 22.09 -44.11 10.86
CA LEU J 94 21.32 -45.18 10.22
C LEU J 94 19.87 -44.78 10.03
N ALA J 95 19.26 -44.17 11.04
CA ALA J 95 17.86 -43.78 10.96
C ALA J 95 17.65 -42.77 9.84
N GLN J 96 18.49 -41.73 9.78
CA GLN J 96 18.34 -40.75 8.71
C GLN J 96 18.47 -41.41 7.35
N ALA J 97 19.50 -42.22 7.17
CA ALA J 97 19.73 -42.82 5.87
C ALA J 97 18.54 -43.67 5.44
N ILE J 98 18.12 -44.61 6.31
CA ILE J 98 17.04 -45.52 5.93
C ILE J 98 15.73 -44.77 5.73
N ILE J 99 15.40 -43.82 6.60
CA ILE J 99 14.14 -43.09 6.47
C ILE J 99 14.14 -42.26 5.19
N THR J 100 15.25 -41.58 4.91
CA THR J 100 15.32 -40.75 3.72
C THR J 100 15.20 -41.61 2.46
N GLU J 101 15.91 -42.74 2.42
CA GLU J 101 15.80 -43.64 1.28
C GLU J 101 14.38 -44.20 1.16
N GLY J 102 13.76 -44.56 2.28
CA GLY J 102 12.41 -45.09 2.23
C GLY J 102 11.40 -44.07 1.73
N LEU J 103 11.59 -42.81 2.10
CA LEU J 103 10.69 -41.77 1.61
C LEU J 103 10.92 -41.46 0.14
N LYS J 104 12.18 -41.50 -0.30
CA LYS J 104 12.45 -41.35 -1.73
C LYS J 104 11.83 -42.50 -2.51
N ALA J 105 11.85 -43.71 -1.96
CA ALA J 105 11.25 -44.85 -2.63
C ALA J 105 9.72 -44.79 -2.61
N VAL J 106 9.14 -44.34 -1.50
CA VAL J 106 7.70 -44.20 -1.41
C VAL J 106 7.21 -43.13 -2.38
N ALA J 107 7.92 -42.01 -2.46
CA ALA J 107 7.57 -40.97 -3.42
C ALA J 107 7.68 -41.48 -4.86
N ALA J 108 8.40 -42.57 -5.08
CA ALA J 108 8.50 -43.15 -6.42
C ALA J 108 7.27 -43.95 -6.81
N GLY J 109 6.16 -43.83 -6.08
CA GLY J 109 4.96 -44.57 -6.40
C GLY J 109 5.06 -46.06 -6.21
N MET J 110 5.92 -46.52 -5.31
CA MET J 110 6.25 -47.92 -5.17
C MET J 110 5.79 -48.46 -3.82
N ASN J 111 5.61 -49.78 -3.77
CA ASN J 111 4.86 -50.42 -2.70
C ASN J 111 5.53 -50.19 -1.34
N PRO J 112 4.80 -49.66 -0.35
CA PRO J 112 5.37 -49.47 0.99
C PRO J 112 5.50 -50.77 1.76
N MET J 113 4.50 -51.64 1.62
CA MET J 113 4.52 -52.92 2.31
C MET J 113 5.72 -53.76 1.88
N ASP J 114 6.03 -53.75 0.58
CA ASP J 114 7.20 -54.46 0.09
C ASP J 114 8.49 -53.83 0.61
N LEU J 115 8.53 -52.50 0.70
CA LEU J 115 9.67 -51.84 1.33
C LEU J 115 9.86 -52.36 2.75
N LYS J 116 8.78 -52.42 3.53
CA LYS J 116 8.87 -52.89 4.90
C LYS J 116 9.34 -54.33 4.96
N ARG J 117 8.80 -55.18 4.09
CA ARG J 117 9.18 -56.59 4.08
C ARG J 117 10.66 -56.75 3.77
N GLY J 118 11.13 -56.08 2.72
CA GLY J 118 12.54 -56.17 2.35
C GLY J 118 13.45 -55.69 3.46
N ILE J 119 13.14 -54.52 4.02
CA ILE J 119 13.97 -53.95 5.07
C ILE J 119 14.01 -54.88 6.28
N ASP J 120 12.86 -55.38 6.69
CA ASP J 120 12.80 -56.20 7.90
C ASP J 120 13.52 -57.51 7.74
N LYS J 121 13.32 -58.21 6.61
CA LYS J 121 13.99 -59.49 6.46
C LYS J 121 15.48 -59.31 6.22
N ALA J 122 15.88 -58.22 5.56
CA ALA J 122 17.30 -57.91 5.44
C ALA J 122 17.91 -57.69 6.82
N VAL J 123 17.20 -56.98 7.70
CA VAL J 123 17.71 -56.72 9.04
C VAL J 123 17.80 -58.03 9.83
N THR J 124 16.84 -58.93 9.65
CA THR J 124 16.90 -60.22 10.34
C THR J 124 18.10 -61.03 9.85
N ALA J 125 18.33 -61.08 8.55
CA ALA J 125 19.48 -61.81 8.01
C ALA J 125 20.78 -61.20 8.49
N ALA J 126 20.84 -59.87 8.55
CA ALA J 126 22.03 -59.20 9.06
C ALA J 126 22.26 -59.51 10.53
N VAL J 127 21.18 -59.59 11.32
CA VAL J 127 21.31 -59.96 12.72
C VAL J 127 21.85 -61.37 12.84
N GLU J 128 21.37 -62.28 12.01
CA GLU J 128 21.89 -63.65 12.02
C GLU J 128 23.38 -63.68 11.68
N GLU J 129 23.78 -62.92 10.65
CA GLU J 129 25.19 -62.91 10.28
C GLU J 129 26.05 -62.24 11.34
N LEU J 130 25.52 -61.22 12.01
CA LEU J 130 26.25 -60.59 13.11
C LEU J 130 26.45 -61.56 14.26
N LYS J 131 25.41 -62.33 14.58
CA LYS J 131 25.52 -63.35 15.62
C LYS J 131 26.53 -64.41 15.23
N ALA J 132 26.56 -64.78 13.95
CA ALA J 132 27.61 -65.66 13.45
C ALA J 132 28.97 -65.04 13.64
N LEU J 133 29.09 -63.74 13.34
CA LEU J 133 30.31 -62.97 13.57
C LEU J 133 30.51 -62.62 15.03
N SER J 134 29.48 -62.73 15.85
CA SER J 134 29.56 -62.33 17.25
C SER J 134 30.50 -63.27 18.00
N VAL J 135 31.68 -62.77 18.37
CA VAL J 135 32.59 -63.52 19.22
C VAL J 135 32.31 -63.14 20.67
N PRO J 136 32.26 -64.10 21.59
CA PRO J 136 31.85 -63.80 22.97
C PRO J 136 32.76 -62.81 23.67
N CYS J 137 32.19 -61.72 24.15
CA CYS J 137 32.92 -60.71 24.91
C CYS J 137 32.98 -61.07 26.40
N SER J 138 33.84 -62.03 26.75
CA SER J 138 33.87 -62.54 28.12
C SER J 138 35.13 -62.16 28.88
N ASP J 139 36.25 -61.96 28.19
CA ASP J 139 37.51 -61.71 28.88
C ASP J 139 37.54 -60.30 29.48
N SER J 140 38.35 -60.13 30.53
CA SER J 140 38.48 -58.82 31.17
C SER J 140 39.03 -57.77 30.24
N LYS J 141 39.92 -58.14 29.32
CA LYS J 141 40.40 -57.20 28.31
C LYS J 141 39.26 -56.69 27.45
N ALA J 142 38.43 -57.60 26.93
CA ALA J 142 37.33 -57.19 26.06
C ALA J 142 36.28 -56.39 26.84
N ILE J 143 36.03 -56.76 28.10
CA ILE J 143 35.10 -56.00 28.92
C ILE J 143 35.64 -54.59 29.15
N ALA J 144 36.94 -54.48 29.42
CA ALA J 144 37.56 -53.17 29.60
C ALA J 144 37.45 -52.34 28.33
N GLN J 145 37.65 -52.95 27.17
CA GLN J 145 37.58 -52.22 25.92
C GLN J 145 36.15 -51.84 25.56
N VAL J 146 35.17 -52.64 25.97
CA VAL J 146 33.77 -52.27 25.79
C VAL J 146 33.41 -51.08 26.67
N GLY J 147 33.81 -51.13 27.95
CA GLY J 147 33.61 -49.97 28.81
C GLY J 147 34.38 -48.76 28.33
N THR J 148 35.46 -48.99 27.56
CA THR J 148 36.21 -47.92 26.94
C THR J 148 35.41 -47.25 25.84
N ILE J 149 35.07 -48.00 24.80
CA ILE J 149 34.40 -47.43 23.64
C ILE J 149 33.03 -46.87 24.02
N SER J 150 32.31 -47.57 24.89
CA SER J 150 31.00 -47.11 25.31
C SER J 150 31.07 -45.75 26.00
N ALA J 151 32.04 -45.58 26.90
CA ALA J 151 32.26 -44.31 27.58
C ALA J 151 33.14 -43.37 26.77
N ASN J 152 33.19 -43.55 25.45
CA ASN J 152 34.01 -42.73 24.56
C ASN J 152 35.48 -42.76 24.98
N SER J 153 36.05 -43.96 24.91
CA SER J 153 37.46 -44.20 25.22
C SER J 153 37.78 -43.96 26.70
N ASP J 154 37.21 -44.81 27.56
CA ASP J 154 37.48 -44.81 29.01
C ASP J 154 37.82 -46.23 29.45
N GLU J 155 39.10 -46.59 29.40
CA GLU J 155 39.54 -47.95 29.71
C GLU J 155 39.30 -48.30 31.18
N THR J 156 39.59 -47.37 32.09
CA THR J 156 39.56 -47.70 33.51
C THR J 156 38.18 -48.14 33.96
N VAL J 157 37.13 -47.55 33.38
CA VAL J 157 35.77 -47.92 33.76
C VAL J 157 35.50 -49.38 33.44
N GLY J 158 35.78 -49.80 32.20
CA GLY J 158 35.57 -51.19 31.83
C GLY J 158 36.47 -52.14 32.59
N LYS J 159 37.70 -51.71 32.87
CA LYS J 159 38.63 -52.53 33.65
C LYS J 159 38.08 -52.78 35.05
N LEU J 160 37.60 -51.73 35.72
CA LEU J 160 37.02 -51.91 37.05
C LEU J 160 35.73 -52.72 36.99
N ILE J 161 34.97 -52.60 35.90
CA ILE J 161 33.78 -53.43 35.73
C ILE J 161 34.16 -54.90 35.68
N ALA J 162 35.19 -55.23 34.89
CA ALA J 162 35.66 -56.61 34.81
C ALA J 162 36.14 -57.11 36.16
N GLU J 163 36.87 -56.28 36.90
CA GLU J 163 37.31 -56.66 38.23
C GLU J 163 36.13 -56.92 39.16
N ALA J 164 35.13 -56.04 39.14
CA ALA J 164 33.98 -56.19 40.04
C ALA J 164 33.20 -57.46 39.72
N MET J 165 32.98 -57.74 38.43
CA MET J 165 32.25 -58.94 38.08
C MET J 165 33.06 -60.20 38.39
N ASP J 166 34.38 -60.15 38.25
CA ASP J 166 35.19 -61.29 38.66
C ASP J 166 35.11 -61.50 40.17
N LYS J 167 35.08 -60.41 40.94
CA LYS J 167 35.02 -60.53 42.40
C LYS J 167 33.67 -61.04 42.86
N VAL J 168 32.59 -60.54 42.29
CA VAL J 168 31.25 -60.87 42.78
C VAL J 168 30.59 -61.97 41.98
N GLY J 169 30.58 -61.88 40.66
CA GLY J 169 30.00 -62.90 39.81
C GLY J 169 28.65 -62.48 39.26
N LYS J 170 28.16 -63.28 38.31
CA LYS J 170 26.89 -63.00 37.65
C LYS J 170 25.73 -63.19 38.60
N GLU J 171 25.81 -64.16 39.51
CA GLU J 171 24.75 -64.41 40.47
C GLU J 171 24.57 -63.26 41.47
N GLY J 172 25.55 -62.36 41.56
CA GLY J 172 25.41 -61.14 42.31
C GLY J 172 25.09 -59.97 41.40
N VAL J 173 25.23 -58.78 41.95
CA VAL J 173 24.94 -57.54 41.24
C VAL J 173 26.06 -56.53 41.50
N ILE J 174 26.37 -55.72 40.50
CA ILE J 174 27.31 -54.62 40.64
C ILE J 174 26.50 -53.33 40.67
N THR J 175 26.58 -52.60 41.79
CA THR J 175 25.79 -51.40 41.99
C THR J 175 26.70 -50.18 42.06
N VAL J 176 26.21 -49.07 41.53
CA VAL J 176 26.95 -47.82 41.46
C VAL J 176 26.29 -46.81 42.38
N GLU J 177 27.08 -46.22 43.27
CA GLU J 177 26.59 -45.21 44.20
C GLU J 177 27.59 -44.07 44.27
N ASP J 178 27.22 -43.02 44.99
CA ASP J 178 28.06 -41.83 45.10
C ASP J 178 29.29 -42.12 45.95
N GLY J 179 30.46 -41.73 45.44
CA GLY J 179 31.67 -41.82 46.22
C GLY J 179 31.79 -40.68 47.20
N THR J 180 32.24 -41.02 48.42
CA THR J 180 32.35 -40.02 49.47
C THR J 180 33.54 -39.09 49.25
N GLY J 181 34.61 -39.59 48.65
CA GLY J 181 35.78 -38.76 48.39
C GLY J 181 35.94 -38.42 46.93
N LEU J 182 37.17 -38.49 46.43
CA LEU J 182 37.46 -38.20 45.04
C LEU J 182 37.89 -39.43 44.25
N GLN J 183 37.98 -40.58 44.89
CA GLN J 183 38.33 -41.81 44.20
C GLN J 183 37.22 -42.84 44.40
N ASP J 184 36.88 -43.51 43.31
CA ASP J 184 35.89 -44.58 43.35
C ASP J 184 36.42 -45.73 44.20
N GLU J 185 35.53 -46.41 44.90
CA GLU J 185 35.90 -47.60 45.65
C GLU J 185 34.89 -48.71 45.42
N LEU J 186 35.42 -49.93 45.28
CA LEU J 186 34.64 -51.12 45.03
C LEU J 186 34.56 -51.95 46.31
N ASP J 187 33.37 -52.41 46.66
CA ASP J 187 33.17 -53.25 47.83
C ASP J 187 32.36 -54.48 47.45
N VAL J 188 32.87 -55.65 47.82
CA VAL J 188 32.15 -56.92 47.65
C VAL J 188 31.35 -57.14 48.93
N VAL J 189 30.17 -56.52 49.00
CA VAL J 189 29.40 -56.52 50.23
C VAL J 189 28.48 -57.74 50.27
N GLU J 190 27.96 -58.03 51.46
CA GLU J 190 27.08 -59.16 51.66
C GLU J 190 25.72 -58.88 51.04
N GLY J 191 25.47 -59.49 49.89
CA GLY J 191 24.19 -59.38 49.24
C GLY J 191 23.91 -60.63 48.45
N MET J 192 23.07 -60.49 47.43
CA MET J 192 22.69 -61.62 46.60
C MET J 192 21.84 -61.11 45.45
N GLN J 193 21.50 -62.02 44.55
CA GLN J 193 20.57 -61.71 43.46
C GLN J 193 19.98 -63.02 42.95
N PHE J 194 18.66 -63.12 43.00
CA PHE J 194 17.97 -64.27 42.43
C PHE J 194 17.05 -63.79 41.32
N ASP J 195 16.63 -64.72 40.47
CA ASP J 195 15.96 -64.37 39.22
C ASP J 195 14.44 -64.43 39.41
N ARG J 196 13.96 -63.65 40.37
CA ARG J 196 12.53 -63.47 40.59
C ARG J 196 12.29 -62.01 40.94
N GLY J 197 11.32 -61.39 40.25
CA GLY J 197 11.01 -59.99 40.45
C GLY J 197 9.57 -59.76 40.90
N TYR J 198 9.16 -58.51 40.82
CA TYR J 198 7.83 -58.14 41.30
C TYR J 198 6.74 -58.81 40.48
N LEU J 199 5.67 -59.21 41.17
CA LEU J 199 4.50 -59.78 40.50
C LEU J 199 3.57 -58.72 39.94
N SER J 200 3.72 -57.47 40.35
CA SER J 200 2.91 -56.39 39.79
C SER J 200 3.74 -55.12 39.68
N PRO J 201 3.73 -54.46 38.53
CA PRO J 201 4.44 -53.18 38.40
C PRO J 201 3.92 -52.09 39.31
N TYR J 202 2.73 -52.29 39.91
CA TYR J 202 2.21 -51.34 40.89
C TYR J 202 3.19 -51.11 42.03
N PHE J 203 3.97 -52.12 42.39
CA PHE J 203 4.92 -52.02 43.50
C PHE J 203 6.08 -51.10 43.17
N ILE J 204 6.32 -50.77 41.91
CA ILE J 204 7.51 -50.04 41.51
C ILE J 204 7.36 -48.60 41.97
N ASN J 205 8.07 -48.24 43.04
CA ASN J 205 8.14 -46.85 43.47
C ASN J 205 9.23 -46.06 42.75
N LYS J 206 10.03 -46.75 41.92
CA LYS J 206 11.05 -46.11 41.09
C LYS J 206 10.77 -46.52 39.65
N PRO J 207 9.76 -45.91 39.02
CA PRO J 207 9.37 -46.35 37.67
C PRO J 207 10.47 -46.20 36.64
N GLU J 208 11.39 -45.25 36.81
CA GLU J 208 12.50 -45.11 35.87
C GLU J 208 13.37 -46.35 35.88
N THR J 209 13.58 -46.95 37.05
CA THR J 209 14.41 -48.14 37.18
C THR J 209 13.75 -49.38 36.58
N GLY J 210 12.42 -49.41 36.50
CA GLY J 210 11.76 -50.67 36.22
C GLY J 210 11.95 -51.68 37.31
N ALA J 211 12.33 -51.24 38.50
CA ALA J 211 12.66 -52.08 39.62
C ALA J 211 12.29 -51.35 40.90
N VAL J 212 11.68 -52.06 41.84
CA VAL J 212 11.33 -51.47 43.12
C VAL J 212 12.61 -51.37 43.94
N GLU J 213 12.96 -50.15 44.34
CA GLU J 213 14.18 -49.91 45.10
C GLU J 213 13.79 -49.49 46.51
N LEU J 214 14.14 -50.31 47.49
CA LEU J 214 13.79 -50.06 48.89
C LEU J 214 15.06 -49.93 49.70
N GLU J 215 15.15 -48.87 50.50
CA GLU J 215 16.34 -48.56 51.28
C GLU J 215 16.11 -48.96 52.74
N SER J 216 17.00 -49.79 53.25
CA SER J 216 16.87 -50.35 54.61
C SER J 216 15.47 -50.92 54.85
N PRO J 217 15.09 -51.97 54.13
CA PRO J 217 13.72 -52.47 54.23
C PRO J 217 13.55 -53.60 55.23
N PHE J 218 12.29 -53.89 55.54
CA PHE J 218 11.94 -55.13 56.21
C PHE J 218 11.56 -56.17 55.17
N ILE J 219 12.16 -57.35 55.27
CA ILE J 219 12.10 -58.35 54.21
C ILE J 219 11.36 -59.57 54.76
N LEU J 220 10.07 -59.66 54.47
CA LEU J 220 9.32 -60.87 54.72
C LEU J 220 9.81 -61.98 53.80
N LEU J 221 9.95 -63.19 54.33
CA LEU J 221 10.50 -64.32 53.59
C LEU J 221 9.55 -65.50 53.72
N ALA J 222 8.69 -65.69 52.72
CA ALA J 222 7.63 -66.68 52.76
C ALA J 222 7.92 -67.79 51.76
N ASP J 223 7.90 -69.04 52.24
CA ASP J 223 7.92 -70.21 51.36
C ASP J 223 6.51 -70.77 51.18
N LYS J 224 5.54 -69.95 50.81
CA LYS J 224 4.15 -70.37 50.91
C LYS J 224 3.30 -69.67 49.86
N LYS J 225 2.16 -70.28 49.55
CA LYS J 225 1.18 -69.76 48.61
C LYS J 225 0.15 -68.92 49.35
N ILE J 226 0.28 -67.60 49.28
CA ILE J 226 -0.55 -66.67 50.06
C ILE J 226 -1.79 -66.37 49.25
N SER J 227 -2.93 -66.22 49.95
CA SER J 227 -4.20 -65.95 49.30
C SER J 227 -5.02 -64.84 49.95
N ASN J 228 -4.76 -64.51 51.22
CA ASN J 228 -5.60 -63.58 51.98
C ASN J 228 -4.73 -62.51 52.64
N ILE J 229 -5.24 -61.28 52.69
CA ILE J 229 -4.54 -60.22 53.39
C ILE J 229 -4.80 -60.23 54.88
N ARG J 230 -5.80 -60.98 55.34
CA ARG J 230 -6.09 -61.02 56.77
C ARG J 230 -4.89 -61.58 57.54
N GLU J 231 -4.25 -62.61 56.99
CA GLU J 231 -3.05 -63.14 57.61
C GLU J 231 -1.89 -62.14 57.52
N MET J 232 -1.96 -61.21 56.56
CA MET J 232 -0.84 -60.33 56.30
C MET J 232 -0.93 -59.02 57.07
N LEU J 233 -2.12 -58.66 57.53
CA LEU J 233 -2.33 -57.35 58.15
C LEU J 233 -1.45 -57.08 59.39
N PRO J 234 -1.28 -58.02 60.33
CA PRO J 234 -0.37 -57.72 61.46
C PRO J 234 1.05 -57.41 61.02
N VAL J 235 1.56 -58.10 59.99
CA VAL J 235 2.89 -57.81 59.48
C VAL J 235 2.94 -56.41 58.88
N LEU J 236 1.89 -56.03 58.15
CA LEU J 236 1.82 -54.69 57.57
C LEU J 236 1.86 -53.63 58.67
N GLU J 237 1.10 -53.84 59.75
CA GLU J 237 1.12 -52.90 60.86
C GLU J 237 2.50 -52.85 61.51
N ALA J 238 3.14 -54.01 61.69
CA ALA J 238 4.47 -54.04 62.30
C ALA J 238 5.48 -53.26 61.47
N VAL J 239 5.47 -53.45 60.15
CA VAL J 239 6.43 -52.75 59.30
C VAL J 239 6.12 -51.27 59.24
N ALA J 240 4.83 -50.90 59.19
CA ALA J 240 4.47 -49.49 59.14
C ALA J 240 4.82 -48.78 60.44
N LYS J 241 4.82 -49.50 61.56
CA LYS J 241 5.20 -48.87 62.83
C LYS J 241 6.64 -48.39 62.80
N ALA J 242 7.54 -49.18 62.22
CA ALA J 242 8.95 -48.78 62.14
C ALA J 242 9.26 -47.93 60.92
N GLY J 243 8.30 -47.74 60.01
CA GLY J 243 8.51 -46.86 58.88
C GLY J 243 9.56 -47.34 57.89
N LYS J 244 9.68 -48.64 57.68
CA LYS J 244 10.60 -49.17 56.71
C LYS J 244 9.86 -49.66 55.47
N PRO J 245 10.50 -49.65 54.31
CA PRO J 245 9.90 -50.29 53.14
C PRO J 245 9.82 -51.80 53.34
N LEU J 246 8.91 -52.42 52.59
CA LEU J 246 8.58 -53.82 52.81
C LEU J 246 8.81 -54.61 51.54
N LEU J 247 9.53 -55.72 51.65
CA LEU J 247 9.82 -56.61 50.54
C LEU J 247 9.37 -58.02 50.89
N ILE J 248 8.39 -58.54 50.16
CA ILE J 248 7.89 -59.89 50.36
C ILE J 248 8.59 -60.82 49.38
N ILE J 249 9.13 -61.91 49.90
CA ILE J 249 9.61 -63.02 49.08
C ILE J 249 8.74 -64.22 49.44
N ALA J 250 7.75 -64.49 48.60
CA ALA J 250 6.76 -65.52 48.87
C ALA J 250 6.76 -66.54 47.72
N GLU J 251 6.38 -67.78 48.06
CA GLU J 251 6.20 -68.79 47.03
C GLU J 251 5.06 -68.43 46.10
N ASP J 252 4.00 -67.82 46.65
CA ASP J 252 2.91 -67.28 45.85
C ASP J 252 2.07 -66.35 46.72
N VAL J 253 1.63 -65.25 46.13
CA VAL J 253 0.65 -64.36 46.72
C VAL J 253 -0.53 -64.28 45.76
N GLU J 254 -1.73 -64.56 46.27
CA GLU J 254 -2.89 -64.75 45.40
C GLU J 254 -4.07 -63.95 45.92
N GLY J 255 -4.92 -63.54 44.99
CA GLY J 255 -6.26 -63.07 45.34
C GLY J 255 -6.27 -61.88 46.28
N GLU J 256 -7.04 -62.04 47.37
CA GLU J 256 -7.34 -60.92 48.25
C GLU J 256 -6.07 -60.36 48.89
N ALA J 257 -5.09 -61.23 49.17
CA ALA J 257 -3.82 -60.76 49.71
C ALA J 257 -3.19 -59.72 48.78
N LEU J 258 -3.02 -60.06 47.51
CA LEU J 258 -2.43 -59.14 46.57
C LEU J 258 -3.31 -57.93 46.35
N ALA J 259 -4.63 -58.12 46.32
CA ALA J 259 -5.54 -57.00 46.10
C ALA J 259 -5.42 -55.96 47.20
N THR J 260 -5.46 -56.39 48.46
CA THR J 260 -5.34 -55.44 49.55
C THR J 260 -3.91 -54.94 49.70
N LEU J 261 -2.92 -55.71 49.24
CA LEU J 261 -1.57 -55.16 49.15
C LEU J 261 -1.54 -53.96 48.23
N VAL J 262 -2.13 -54.10 47.04
CA VAL J 262 -2.18 -53.01 46.08
C VAL J 262 -2.96 -51.84 46.68
N VAL J 263 -4.06 -52.13 47.37
CA VAL J 263 -4.88 -51.08 47.98
C VAL J 263 -4.07 -50.32 49.03
N ASN J 264 -3.38 -51.04 49.91
CA ASN J 264 -2.63 -50.40 50.98
C ASN J 264 -1.46 -49.60 50.43
N THR J 265 -0.82 -50.12 49.36
CA THR J 265 0.28 -49.38 48.75
C THR J 265 -0.20 -48.11 48.07
N MET J 266 -1.32 -48.17 47.35
CA MET J 266 -1.82 -46.96 46.69
C MET J 266 -2.34 -45.96 47.71
N ARG J 267 -2.76 -46.44 48.88
CA ARG J 267 -3.04 -45.53 49.99
C ARG J 267 -1.76 -45.02 50.64
N GLY J 268 -0.60 -45.55 50.25
CA GLY J 268 0.66 -45.13 50.84
C GLY J 268 0.92 -45.69 52.22
N ILE J 269 0.14 -46.68 52.66
CA ILE J 269 0.30 -47.21 54.01
C ILE J 269 1.65 -47.87 54.18
N VAL J 270 1.99 -48.78 53.27
CA VAL J 270 3.24 -49.55 53.35
C VAL J 270 3.86 -49.61 51.97
N LYS J 271 5.19 -49.54 51.91
CA LYS J 271 5.92 -49.70 50.65
C LYS J 271 6.20 -51.18 50.44
N VAL J 272 5.29 -51.87 49.75
CA VAL J 272 5.33 -53.32 49.60
C VAL J 272 5.76 -53.66 48.18
N ALA J 273 6.71 -54.59 48.07
CA ALA J 273 7.14 -55.15 46.79
C ALA J 273 7.21 -56.67 46.95
N ALA J 274 6.31 -57.39 46.29
CA ALA J 274 6.22 -58.85 46.43
C ALA J 274 6.86 -59.51 45.21
N VAL J 275 7.66 -60.55 45.46
CA VAL J 275 8.38 -61.26 44.40
C VAL J 275 8.13 -62.76 44.54
N LYS J 276 8.44 -63.47 43.46
CA LYS J 276 8.41 -64.93 43.49
C LYS J 276 9.55 -65.46 44.35
N ALA J 277 9.31 -66.61 44.96
CA ALA J 277 10.38 -67.33 45.64
C ALA J 277 11.30 -67.96 44.60
N PRO J 278 12.61 -67.75 44.70
CA PRO J 278 13.52 -68.27 43.67
C PRO J 278 13.46 -69.79 43.58
N GLY J 279 13.51 -70.28 42.34
CA GLY J 279 13.49 -71.71 42.09
C GLY J 279 12.14 -72.34 42.42
N PHE J 280 12.18 -73.65 42.59
CA PHE J 280 10.99 -74.42 42.95
C PHE J 280 11.42 -75.68 43.68
N GLY J 281 10.60 -76.08 44.65
CA GLY J 281 10.91 -77.28 45.41
C GLY J 281 11.68 -76.95 46.68
N ASP J 282 12.48 -77.91 47.14
CA ASP J 282 13.25 -77.71 48.37
C ASP J 282 14.36 -76.69 48.17
N ARG J 283 14.87 -76.57 46.94
CA ARG J 283 15.90 -75.57 46.65
C ARG J 283 15.40 -74.17 46.99
N ARG J 284 14.11 -73.92 46.73
CA ARG J 284 13.51 -72.64 47.06
C ARG J 284 13.57 -72.36 48.56
N LYS J 285 13.25 -73.38 49.36
CA LYS J 285 13.30 -73.22 50.81
C LYS J 285 14.73 -72.98 51.30
N ALA J 286 15.70 -73.73 50.75
CA ALA J 286 17.09 -73.52 51.15
C ALA J 286 17.58 -72.13 50.77
N MET J 287 17.20 -71.65 49.59
CA MET J 287 17.64 -70.33 49.16
C MET J 287 16.99 -69.25 50.04
N LEU J 288 15.72 -69.46 50.41
CA LEU J 288 15.07 -68.58 51.37
C LEU J 288 15.81 -68.58 52.70
N GLN J 289 16.35 -69.74 53.11
CA GLN J 289 17.15 -69.77 54.33
C GLN J 289 18.43 -68.96 54.17
N ASP J 290 19.05 -69.03 52.99
CA ASP J 290 20.21 -68.18 52.72
C ASP J 290 19.85 -66.71 52.88
N ILE J 291 18.69 -66.31 52.34
CA ILE J 291 18.25 -64.93 52.48
C ILE J 291 18.04 -64.59 53.96
N ALA J 292 17.40 -65.50 54.69
CA ALA J 292 17.11 -65.26 56.10
C ALA J 292 18.40 -65.05 56.88
N THR J 293 19.43 -65.83 56.56
CA THR J 293 20.70 -65.68 57.27
C THR J 293 21.38 -64.38 56.88
N LEU J 294 21.43 -64.06 55.58
CA LEU J 294 22.14 -62.86 55.14
C LEU J 294 21.48 -61.59 55.63
N THR J 295 20.14 -61.52 55.62
CA THR J 295 19.44 -60.32 56.05
C THR J 295 19.01 -60.39 57.52
N GLY J 296 19.40 -61.45 58.23
CA GLY J 296 18.97 -61.59 59.61
C GLY J 296 17.51 -61.92 59.76
N GLY J 297 16.86 -62.40 58.70
CA GLY J 297 15.46 -62.73 58.72
C GLY J 297 15.20 -64.20 58.99
N THR J 298 13.95 -64.59 58.74
CA THR J 298 13.51 -65.97 58.94
C THR J 298 12.65 -66.41 57.75
N VAL J 299 12.68 -67.69 57.45
CA VAL J 299 11.87 -68.25 56.37
C VAL J 299 10.49 -68.57 56.92
N ILE J 300 9.46 -68.07 56.25
CA ILE J 300 8.07 -68.36 56.65
C ILE J 300 7.57 -69.45 55.71
N SER J 301 7.71 -70.69 56.19
CA SER J 301 7.29 -71.87 55.45
C SER J 301 6.30 -72.66 56.30
N GLU J 302 5.26 -73.20 55.65
CA GLU J 302 4.28 -74.01 56.35
C GLU J 302 4.87 -75.31 56.88
N GLU J 303 6.00 -75.76 56.33
CA GLU J 303 6.65 -76.97 56.83
C GLU J 303 7.11 -76.79 58.27
N ILE J 304 7.49 -75.57 58.64
CA ILE J 304 7.74 -75.27 60.05
C ILE J 304 6.44 -75.36 60.84
N GLY J 305 5.33 -74.97 60.22
CA GLY J 305 4.05 -74.94 60.90
C GLY J 305 3.71 -73.60 61.51
N MET J 306 4.57 -72.60 61.33
CA MET J 306 4.34 -71.27 61.89
C MET J 306 3.50 -70.44 60.92
N GLU J 307 2.73 -69.51 61.47
CA GLU J 307 1.80 -68.72 60.69
C GLU J 307 2.30 -67.28 60.54
N LEU J 308 1.81 -66.62 59.49
CA LEU J 308 2.20 -65.27 59.14
C LEU J 308 1.61 -64.21 60.06
N GLU J 309 0.51 -64.51 60.74
CA GLU J 309 -0.07 -63.55 61.68
C GLU J 309 0.97 -63.08 62.68
N LYS J 310 1.77 -64.01 63.20
CA LYS J 310 2.80 -63.71 64.19
C LYS J 310 4.16 -63.48 63.56
N ALA J 311 4.21 -62.64 62.52
CA ALA J 311 5.47 -62.28 61.87
C ALA J 311 5.78 -60.82 62.20
N THR J 312 6.97 -60.58 62.73
CA THR J 312 7.35 -59.28 63.25
C THR J 312 8.62 -58.78 62.59
N LEU J 313 9.07 -57.60 63.04
CA LEU J 313 10.17 -56.91 62.38
C LEU J 313 11.47 -57.71 62.42
N GLU J 314 11.78 -58.32 63.56
CA GLU J 314 12.96 -59.18 63.63
C GLU J 314 12.81 -60.38 62.72
N ASP J 315 11.61 -60.94 62.64
CA ASP J 315 11.36 -62.07 61.74
C ASP J 315 11.61 -61.67 60.29
N LEU J 316 11.18 -60.47 59.90
CA LEU J 316 11.43 -59.99 58.55
C LEU J 316 12.91 -59.69 58.36
N GLY J 317 13.42 -60.03 57.18
CA GLY J 317 14.82 -59.76 56.89
C GLY J 317 15.10 -58.28 56.84
N GLN J 318 16.36 -57.94 57.13
CA GLN J 318 16.81 -56.55 57.11
C GLN J 318 18.03 -56.42 56.23
N ALA J 319 17.96 -55.53 55.26
CA ALA J 319 19.09 -55.20 54.41
C ALA J 319 19.24 -53.68 54.40
N LYS J 320 20.20 -53.20 53.63
CA LYS J 320 20.34 -51.76 53.47
C LYS J 320 19.74 -51.29 52.16
N ARG J 321 19.72 -52.14 51.13
CA ARG J 321 19.08 -51.81 49.87
C ARG J 321 18.57 -53.10 49.24
N VAL J 322 17.45 -52.99 48.53
CA VAL J 322 16.96 -54.08 47.69
C VAL J 322 16.46 -53.48 46.38
N VAL J 323 16.79 -54.16 45.27
CA VAL J 323 16.37 -53.74 43.93
C VAL J 323 15.63 -54.91 43.29
N ILE J 324 14.36 -54.72 43.01
CA ILE J 324 13.47 -55.77 42.52
C ILE J 324 13.20 -55.48 41.05
N ASN J 325 13.87 -56.21 40.17
CA ASN J 325 13.69 -56.00 38.74
C ASN J 325 12.40 -56.69 38.28
N LYS J 326 12.22 -56.79 36.97
CA LYS J 326 11.00 -57.40 36.44
C LYS J 326 10.87 -58.84 36.89
N ASP J 327 11.93 -59.63 36.70
CA ASP J 327 12.00 -61.00 37.16
C ASP J 327 13.33 -61.27 37.82
N THR J 328 13.76 -60.36 38.69
CA THR J 328 15.03 -60.48 39.39
C THR J 328 15.01 -59.55 40.59
N THR J 329 15.56 -60.02 41.71
CA THR J 329 15.66 -59.23 42.92
C THR J 329 17.04 -59.40 43.53
N THR J 330 17.67 -58.30 43.92
CA THR J 330 18.99 -58.30 44.52
C THR J 330 18.95 -57.57 45.86
N ILE J 331 19.75 -58.10 46.80
CA ILE J 331 19.86 -57.58 48.16
C ILE J 331 21.27 -57.06 48.35
N ILE J 332 21.38 -55.83 48.85
CA ILE J 332 22.63 -55.10 48.97
C ILE J 332 22.80 -54.74 50.44
N ASP J 333 23.91 -55.20 51.03
CA ASP J 333 24.24 -54.96 52.43
C ASP J 333 23.11 -55.41 53.36
N GLY J 334 22.91 -56.73 53.39
CA GLY J 334 22.00 -57.32 54.34
C GLY J 334 22.42 -57.02 55.76
N VAL J 335 21.51 -56.46 56.56
CA VAL J 335 21.83 -56.09 57.93
C VAL J 335 22.19 -57.32 58.77
N GLY J 336 21.76 -58.50 58.35
CA GLY J 336 22.04 -59.73 59.06
C GLY J 336 23.52 -59.95 59.33
N GLU J 337 23.82 -60.55 60.48
CA GLU J 337 25.21 -60.64 60.95
C GLU J 337 26.06 -61.42 59.96
N GLU J 338 27.25 -60.88 59.68
CA GLU J 338 28.07 -61.39 58.58
C GLU J 338 28.66 -62.77 58.90
N ALA J 339 29.10 -62.98 60.14
CA ALA J 339 29.61 -64.30 60.50
C ALA J 339 28.50 -65.35 60.47
N ALA J 340 27.27 -64.94 60.75
CA ALA J 340 26.14 -65.83 60.54
C ALA J 340 26.00 -66.18 59.06
N ILE J 341 26.19 -65.20 58.18
CA ILE J 341 26.15 -65.47 56.75
C ILE J 341 27.27 -66.43 56.36
N GLN J 342 28.44 -66.29 57.02
CA GLN J 342 29.53 -67.22 56.79
C GLN J 342 29.18 -68.63 57.24
N GLY J 343 28.51 -68.76 58.38
CA GLY J 343 28.03 -70.07 58.79
C GLY J 343 27.07 -70.66 57.79
N ARG J 344 26.19 -69.83 57.23
CA ARG J 344 25.27 -70.30 56.21
C ARG J 344 26.01 -70.71 54.95
N VAL J 345 27.08 -69.98 54.61
CA VAL J 345 27.91 -70.37 53.47
C VAL J 345 28.53 -71.73 53.69
N ALA J 346 29.05 -71.96 54.91
CA ALA J 346 29.59 -73.27 55.24
C ALA J 346 28.52 -74.34 55.18
N GLN J 347 27.29 -73.99 55.57
CA GLN J 347 26.16 -74.91 55.47
C GLN J 347 25.90 -75.32 54.02
N ILE J 348 25.88 -74.33 53.12
CA ILE J 348 25.66 -74.64 51.71
C ILE J 348 26.85 -75.44 51.16
N ARG J 349 28.05 -75.16 51.63
CA ARG J 349 29.21 -75.91 51.15
C ARG J 349 29.16 -77.36 51.60
N GLN J 350 28.77 -77.62 52.85
CA GLN J 350 28.63 -79.01 53.27
C GLN J 350 27.50 -79.69 52.51
N GLN J 351 26.43 -78.94 52.20
CA GLN J 351 25.43 -79.45 51.27
C GLN J 351 26.05 -79.78 49.92
N ILE J 352 27.05 -79.01 49.50
CA ILE J 352 27.72 -79.25 48.23
C ILE J 352 28.43 -80.61 48.26
N GLU J 353 29.24 -80.86 49.30
CA GLU J 353 29.89 -82.16 49.29
C GLU J 353 28.94 -83.29 49.64
N GLU J 354 27.74 -83.00 50.15
CA GLU J 354 26.74 -84.07 50.25
C GLU J 354 26.12 -84.41 48.90
N ALA J 355 25.93 -83.43 48.02
CA ALA J 355 25.33 -83.69 46.73
C ALA J 355 26.39 -84.06 45.69
N THR J 356 25.95 -84.71 44.60
CA THR J 356 26.85 -85.10 43.52
C THR J 356 26.22 -84.88 42.14
N SER J 357 24.94 -84.49 42.08
CA SER J 357 24.22 -84.38 40.81
C SER J 357 24.58 -83.05 40.15
N ASP J 358 24.78 -83.08 38.83
CA ASP J 358 25.26 -81.90 38.11
C ASP J 358 24.26 -80.77 38.17
N TYR J 359 22.96 -81.08 38.05
CA TYR J 359 21.94 -80.07 38.31
C TYR J 359 22.14 -79.44 39.68
N ASP J 360 22.28 -80.28 40.71
CA ASP J 360 22.55 -79.77 42.05
C ASP J 360 23.92 -79.10 42.11
N ARG J 361 24.90 -79.61 41.36
CA ARG J 361 26.21 -78.96 41.31
C ARG J 361 26.07 -77.49 40.94
N GLU J 362 25.38 -77.21 39.83
CA GLU J 362 25.27 -75.85 39.36
C GLU J 362 24.33 -75.03 40.24
N LYS J 363 23.27 -75.64 40.76
CA LYS J 363 22.39 -74.89 41.65
C LYS J 363 23.12 -74.45 42.91
N LEU J 364 23.94 -75.32 43.49
CA LEU J 364 24.70 -74.95 44.68
C LEU J 364 25.82 -73.97 44.33
N GLN J 365 26.42 -74.09 43.14
CA GLN J 365 27.34 -73.07 42.68
C GLN J 365 26.68 -71.71 42.64
N GLU J 366 25.46 -71.66 42.10
CA GLU J 366 24.72 -70.40 42.04
C GLU J 366 24.41 -69.88 43.44
N ARG J 367 23.99 -70.77 44.34
CA ARG J 367 23.66 -70.35 45.69
C ARG J 367 24.88 -69.76 46.41
N VAL J 368 26.01 -70.45 46.33
CA VAL J 368 27.20 -69.94 47.01
C VAL J 368 27.67 -68.65 46.35
N ALA J 369 27.55 -68.54 45.03
CA ALA J 369 27.91 -67.30 44.35
C ALA J 369 27.04 -66.15 44.84
N LYS J 370 25.72 -66.35 44.89
CA LYS J 370 24.83 -65.31 45.37
C LYS J 370 25.18 -64.90 46.79
N LEU J 371 25.33 -65.88 47.69
CA LEU J 371 25.42 -65.57 49.10
C LEU J 371 26.77 -64.99 49.47
N ALA J 372 27.86 -65.52 48.89
CA ALA J 372 29.20 -65.07 49.23
C ALA J 372 29.66 -63.90 48.38
N GLY J 373 29.57 -64.01 47.05
CA GLY J 373 29.94 -62.90 46.19
C GLY J 373 29.12 -61.66 46.45
N GLY J 374 27.90 -61.82 46.96
CA GLY J 374 27.12 -60.68 47.40
C GLY J 374 26.84 -59.72 46.28
N VAL J 375 27.14 -58.45 46.54
CA VAL J 375 26.89 -57.37 45.59
C VAL J 375 28.14 -56.51 45.48
N ALA J 376 28.55 -56.21 44.25
CA ALA J 376 29.60 -55.22 44.03
C ALA J 376 28.99 -53.83 44.13
N VAL J 377 29.58 -52.99 44.98
CA VAL J 377 29.09 -51.62 45.17
C VAL J 377 30.24 -50.69 44.77
N ILE J 378 29.96 -49.82 43.81
CA ILE J 378 30.95 -48.88 43.30
C ILE J 378 30.54 -47.49 43.78
N LYS J 379 31.43 -46.84 44.52
CA LYS J 379 31.22 -45.46 44.94
C LYS J 379 32.09 -44.57 44.07
N VAL J 380 31.45 -43.77 43.22
CA VAL J 380 32.15 -42.99 42.22
C VAL J 380 32.76 -41.75 42.88
N GLY J 381 34.09 -41.70 42.90
CA GLY J 381 34.79 -40.55 43.43
C GLY J 381 35.05 -39.51 42.35
N ALA J 382 34.60 -38.30 42.61
CA ALA J 382 34.76 -37.20 41.67
C ALA J 382 34.77 -35.89 42.44
N ALA J 383 35.23 -34.83 41.78
CA ALA J 383 35.38 -33.54 42.46
C ALA J 383 34.05 -32.80 42.54
N THR J 384 33.51 -32.42 41.38
CA THR J 384 32.28 -31.64 41.33
C THR J 384 31.08 -32.57 41.18
N GLU J 385 29.94 -32.08 41.67
CA GLU J 385 28.71 -32.86 41.58
C GLU J 385 28.31 -33.08 40.13
N VAL J 386 28.56 -32.08 39.27
CA VAL J 386 28.35 -32.27 37.84
C VAL J 386 29.26 -33.35 37.29
N GLU J 387 30.53 -33.35 37.69
CA GLU J 387 31.43 -34.42 37.26
C GLU J 387 31.08 -35.73 37.95
N MET J 388 30.57 -35.67 39.18
CA MET J 388 30.02 -36.87 39.81
C MET J 388 28.97 -37.52 38.92
N LYS J 389 27.97 -36.74 38.49
CA LYS J 389 26.91 -37.30 37.65
C LYS J 389 27.45 -37.76 36.31
N GLU J 390 28.36 -36.97 35.72
CA GLU J 390 28.95 -37.34 34.45
C GLU J 390 29.67 -38.68 34.54
N LYS J 391 30.57 -38.81 35.51
CA LYS J 391 31.32 -40.04 35.69
C LYS J 391 30.41 -41.21 36.01
N LYS J 392 29.43 -41.01 36.89
CA LYS J 392 28.51 -42.08 37.22
C LYS J 392 27.76 -42.55 35.99
N ALA J 393 27.11 -41.61 35.26
CA ALA J 393 26.37 -41.98 34.07
C ALA J 393 27.25 -42.72 33.07
N ARG J 394 28.51 -42.28 32.93
CA ARG J 394 29.46 -43.06 32.13
C ARG J 394 29.57 -44.48 32.66
N VAL J 395 29.62 -44.63 33.98
CA VAL J 395 29.79 -45.95 34.57
C VAL J 395 28.60 -46.85 34.26
N GLU J 396 27.38 -46.35 34.44
CA GLU J 396 26.23 -47.21 34.16
C GLU J 396 26.09 -47.49 32.67
N ASP J 397 26.45 -46.51 31.83
CA ASP J 397 26.41 -46.76 30.39
C ASP J 397 27.39 -47.86 30.00
N ALA J 398 28.62 -47.79 30.53
CA ALA J 398 29.60 -48.83 30.24
C ALA J 398 29.18 -50.16 30.84
N LEU J 399 28.49 -50.14 31.98
CA LEU J 399 28.03 -51.37 32.59
C LEU J 399 26.97 -52.05 31.73
N HIS J 400 25.98 -51.28 31.26
CA HIS J 400 24.97 -51.84 30.38
C HIS J 400 25.60 -52.34 29.08
N ALA J 401 26.58 -51.60 28.55
CA ALA J 401 27.26 -52.03 27.34
C ALA J 401 28.04 -53.32 27.56
N THR J 402 28.71 -53.45 28.72
CA THR J 402 29.47 -54.67 29.00
C THR J 402 28.54 -55.85 29.19
N ARG J 403 27.40 -55.64 29.83
CA ARG J 403 26.42 -56.71 29.94
C ARG J 403 25.93 -57.14 28.56
N ALA J 404 25.63 -56.17 27.70
CA ALA J 404 25.17 -56.49 26.35
C ALA J 404 26.24 -57.22 25.56
N ALA J 405 27.51 -56.82 25.72
CA ALA J 405 28.60 -57.49 25.03
C ALA J 405 28.82 -58.90 25.55
N VAL J 406 28.71 -59.11 26.86
CA VAL J 406 28.84 -60.45 27.42
C VAL J 406 27.74 -61.35 26.88
N GLU J 407 26.51 -60.84 26.84
CA GLU J 407 25.38 -61.66 26.40
C GLU J 407 25.26 -61.76 24.89
N GLU J 408 25.98 -60.92 24.13
CA GLU J 408 25.84 -60.88 22.68
C GLU J 408 27.14 -60.89 21.91
N GLY J 409 28.28 -60.62 22.55
CA GLY J 409 29.55 -60.56 21.86
C GLY J 409 29.80 -59.20 21.25
N VAL J 410 31.02 -59.05 20.73
CA VAL J 410 31.49 -57.80 20.14
C VAL J 410 31.97 -58.11 18.73
N VAL J 411 31.48 -57.34 17.75
CA VAL J 411 32.09 -57.33 16.43
C VAL J 411 33.13 -56.21 16.38
N ALA J 412 33.99 -56.27 15.37
CA ALA J 412 35.04 -55.25 15.23
C ALA J 412 34.42 -53.87 15.09
N GLY J 413 34.94 -52.92 15.87
CA GLY J 413 34.39 -51.58 15.89
C GLY J 413 34.86 -50.72 14.75
N GLY J 414 34.41 -49.47 14.77
CA GLY J 414 34.74 -48.51 13.73
C GLY J 414 33.89 -48.58 12.49
N GLY J 415 32.92 -49.49 12.44
CA GLY J 415 32.07 -49.61 11.26
C GLY J 415 32.65 -50.45 10.15
N VAL J 416 33.65 -51.29 10.44
CA VAL J 416 34.32 -52.06 9.41
C VAL J 416 33.61 -53.39 9.15
N ALA J 417 33.04 -54.02 10.18
CA ALA J 417 32.27 -55.24 9.97
C ALA J 417 31.00 -54.95 9.18
N LEU J 418 30.48 -53.72 9.26
CA LEU J 418 29.38 -53.32 8.41
C LEU J 418 29.78 -53.40 6.94
N ILE J 419 30.97 -52.91 6.62
CA ILE J 419 31.50 -53.02 5.26
C ILE J 419 31.75 -54.49 4.93
N ARG J 420 32.20 -55.26 5.90
CA ARG J 420 32.36 -56.70 5.69
C ARG J 420 31.05 -57.33 5.23
N VAL J 421 29.97 -57.08 5.97
CA VAL J 421 28.68 -57.66 5.62
C VAL J 421 28.17 -57.12 4.29
N ALA J 422 28.42 -55.85 4.00
CA ALA J 422 28.08 -55.30 2.68
C ALA J 422 28.80 -56.08 1.59
N SER J 423 30.04 -56.49 1.85
CA SER J 423 30.69 -57.44 0.95
C SER J 423 30.00 -58.80 0.98
N LYS J 424 29.38 -59.14 2.12
CA LYS J 424 28.79 -60.46 2.29
C LYS J 424 27.36 -60.51 1.77
N LEU J 425 26.46 -59.72 2.34
CA LEU J 425 25.05 -59.75 1.99
C LEU J 425 24.70 -58.86 0.80
N ALA J 426 25.66 -58.56 -0.06
CA ALA J 426 25.35 -57.85 -1.29
C ALA J 426 24.39 -58.63 -2.17
N ASP J 427 24.28 -59.94 -1.96
CA ASP J 427 23.44 -60.82 -2.77
C ASP J 427 22.04 -61.01 -2.21
N LEU J 428 21.72 -60.39 -1.07
CA LEU J 428 20.41 -60.60 -0.46
C LEU J 428 19.32 -59.97 -1.30
N ARG J 429 18.22 -60.71 -1.50
CA ARG J 429 17.10 -60.28 -2.32
C ARG J 429 15.79 -60.62 -1.63
N GLY J 430 14.74 -59.88 -1.98
CA GLY J 430 13.41 -60.09 -1.43
C GLY J 430 12.46 -60.73 -2.43
N GLN J 431 11.28 -61.07 -1.91
CA GLN J 431 10.26 -61.70 -2.75
C GLN J 431 9.84 -60.81 -3.90
N ASN J 432 9.61 -59.53 -3.64
CA ASN J 432 9.33 -58.55 -4.67
C ASN J 432 10.61 -57.78 -4.95
N GLU J 433 10.73 -57.27 -6.18
CA GLU J 433 11.88 -56.44 -6.49
C GLU J 433 11.88 -55.17 -5.65
N ASP J 434 10.72 -54.74 -5.17
CA ASP J 434 10.67 -53.66 -4.19
C ASP J 434 11.39 -54.07 -2.91
N GLN J 435 11.19 -55.30 -2.47
CA GLN J 435 11.91 -55.82 -1.32
C GLN J 435 13.41 -55.90 -1.62
N ASN J 436 13.77 -56.24 -2.86
CA ASN J 436 15.16 -56.19 -3.27
C ASN J 436 15.73 -54.79 -3.14
N VAL J 437 14.96 -53.79 -3.58
CA VAL J 437 15.40 -52.41 -3.52
C VAL J 437 15.58 -51.97 -2.07
N GLY J 438 14.65 -52.37 -1.21
CA GLY J 438 14.81 -52.07 0.22
C GLY J 438 16.05 -52.71 0.79
N ILE J 439 16.35 -53.95 0.38
CA ILE J 439 17.56 -54.62 0.85
C ILE J 439 18.80 -53.87 0.37
N LYS J 440 18.80 -53.42 -0.88
CA LYS J 440 19.94 -52.66 -1.39
C LYS J 440 20.07 -51.31 -0.69
N VAL J 441 18.94 -50.70 -0.34
CA VAL J 441 18.95 -49.50 0.47
C VAL J 441 19.63 -49.75 1.80
N ALA J 442 19.29 -50.88 2.44
CA ALA J 442 19.94 -51.25 3.69
C ALA J 442 21.44 -51.43 3.50
N LEU J 443 21.84 -52.10 2.42
CA LEU J 443 23.26 -52.31 2.16
C LEU J 443 23.99 -50.97 2.00
N ARG J 444 23.40 -50.06 1.23
CA ARG J 444 23.99 -48.75 1.01
C ARG J 444 24.13 -47.98 2.32
N ALA J 445 23.04 -47.88 3.06
CA ALA J 445 23.03 -47.10 4.30
C ALA J 445 23.90 -47.72 5.38
N MET J 446 24.15 -49.02 5.31
CA MET J 446 24.96 -49.70 6.31
C MET J 446 26.42 -49.28 6.29
N GLU J 447 26.97 -48.91 5.16
CA GLU J 447 28.32 -48.37 5.19
C GLU J 447 28.36 -46.91 5.59
N ALA J 448 27.21 -46.22 5.59
CA ALA J 448 27.16 -44.83 6.00
C ALA J 448 27.71 -44.56 7.41
N PRO J 449 27.49 -45.41 8.44
CA PRO J 449 28.08 -45.12 9.77
C PRO J 449 29.58 -44.93 9.76
N LEU J 450 30.33 -45.88 9.19
CA LEU J 450 31.78 -45.71 9.06
C LEU J 450 32.10 -44.48 8.24
N ARG J 451 31.31 -44.23 7.19
CA ARG J 451 31.55 -43.06 6.36
C ARG J 451 31.47 -41.78 7.16
N GLN J 452 30.46 -41.67 8.02
CA GLN J 452 30.30 -40.49 8.85
C GLN J 452 31.38 -40.42 9.93
N ILE J 453 31.78 -41.57 10.46
CA ILE J 453 32.89 -41.59 11.41
C ILE J 453 34.13 -40.97 10.79
N VAL J 454 34.48 -41.45 9.59
CA VAL J 454 35.65 -40.93 8.90
C VAL J 454 35.46 -39.47 8.52
N LEU J 455 34.23 -39.11 8.14
CA LEU J 455 33.93 -37.73 7.75
C LEU J 455 34.15 -36.77 8.91
N ASN J 456 33.60 -37.08 10.08
CA ASN J 456 33.81 -36.24 11.24
C ASN J 456 35.25 -36.27 11.70
N CYS J 457 35.91 -37.42 11.55
CA CYS J 457 37.36 -37.48 11.74
C CYS J 457 38.10 -36.75 10.63
N GLY J 458 37.40 -36.31 9.59
CA GLY J 458 37.94 -35.39 8.61
C GLY J 458 38.60 -36.03 7.41
N GLU J 459 38.50 -37.35 7.28
CA GLU J 459 39.13 -38.07 6.19
C GLU J 459 38.07 -38.59 5.23
N GLU J 460 38.52 -39.35 4.25
CA GLU J 460 37.65 -39.73 3.14
C GLU J 460 36.75 -40.89 3.55
N PRO J 461 35.44 -40.71 3.60
CA PRO J 461 34.54 -41.80 3.98
C PRO J 461 34.56 -42.96 2.99
N SER J 462 34.31 -42.64 1.71
CA SER J 462 34.18 -43.68 0.70
C SER J 462 35.51 -44.35 0.40
N VAL J 463 36.61 -43.61 0.45
CA VAL J 463 37.91 -44.21 0.20
C VAL J 463 38.27 -45.20 1.31
N VAL J 464 38.01 -44.81 2.56
CA VAL J 464 38.19 -45.74 3.67
C VAL J 464 37.31 -46.96 3.51
N ALA J 465 36.05 -46.75 3.11
CA ALA J 465 35.15 -47.87 2.89
C ALA J 465 35.70 -48.82 1.82
N ASN J 466 36.21 -48.25 0.73
CA ASN J 466 36.77 -49.07 -0.34
C ASN J 466 38.00 -49.83 0.11
N THR J 467 38.89 -49.17 0.87
CA THR J 467 40.09 -49.85 1.35
C THR J 467 39.74 -50.99 2.30
N VAL J 468 38.73 -50.77 3.15
CA VAL J 468 38.25 -51.85 4.00
C VAL J 468 37.69 -52.99 3.16
N LYS J 469 36.90 -52.65 2.14
CA LYS J 469 36.41 -53.67 1.20
C LYS J 469 37.56 -54.46 0.60
N GLY J 470 38.67 -53.79 0.32
CA GLY J 470 39.85 -54.50 -0.14
C GLY J 470 40.32 -55.53 0.88
N GLY J 471 40.23 -55.19 2.17
CA GLY J 471 40.50 -56.15 3.21
C GLY J 471 39.29 -57.00 3.51
N ASP J 472 39.42 -57.80 4.56
CA ASP J 472 38.36 -58.72 4.96
C ASP J 472 38.44 -58.95 6.47
N GLY J 473 37.34 -59.44 7.03
CA GLY J 473 37.30 -59.69 8.46
C GLY J 473 37.49 -58.42 9.26
N ASN J 474 38.39 -58.48 10.24
CA ASN J 474 38.64 -57.33 11.11
C ASN J 474 39.56 -56.29 10.49
N TYR J 475 40.04 -56.51 9.27
CA TYR J 475 40.77 -55.45 8.59
C TYR J 475 39.88 -54.22 8.46
N GLY J 476 40.43 -53.08 8.84
CA GLY J 476 39.65 -51.86 8.86
C GLY J 476 40.53 -50.69 9.19
N TYR J 477 39.88 -49.59 9.60
CA TYR J 477 40.50 -48.28 9.68
C TYR J 477 40.16 -47.65 11.02
N ASN J 478 41.12 -47.62 11.93
CA ASN J 478 41.02 -46.80 13.13
C ASN J 478 40.92 -45.35 12.70
N ALA J 479 39.77 -44.72 12.95
CA ALA J 479 39.55 -43.34 12.59
C ALA J 479 40.16 -42.37 13.58
N ALA J 480 40.53 -42.83 14.77
CA ALA J 480 41.28 -41.98 15.68
C ALA J 480 42.75 -41.92 15.31
N THR J 481 43.43 -43.07 15.34
CA THR J 481 44.79 -43.14 14.82
C THR J 481 44.82 -43.15 13.31
N GLU J 482 43.69 -43.41 12.66
CA GLU J 482 43.58 -43.37 11.20
C GLU J 482 44.53 -44.36 10.55
N GLU J 483 44.48 -45.62 11.00
CA GLU J 483 45.41 -46.64 10.54
C GLU J 483 44.66 -47.91 10.18
N TYR J 484 45.18 -48.61 9.17
CA TYR J 484 44.57 -49.86 8.73
C TYR J 484 45.16 -51.05 9.46
N GLY J 485 44.28 -51.91 9.94
CA GLY J 485 44.71 -53.07 10.71
C GLY J 485 43.50 -53.80 11.28
N ASN J 486 43.80 -54.72 12.19
CA ASN J 486 42.77 -55.54 12.82
C ASN J 486 42.10 -54.74 13.94
N MET J 487 40.84 -54.37 13.73
CA MET J 487 40.17 -53.43 14.63
C MET J 487 39.99 -54.01 16.03
N ILE J 488 40.08 -55.33 16.19
CA ILE J 488 40.03 -55.93 17.52
C ILE J 488 41.26 -55.52 18.33
N ASP J 489 42.40 -55.40 17.66
CA ASP J 489 43.67 -55.29 18.37
C ASP J 489 43.74 -54.03 19.23
N MET J 490 43.46 -52.86 18.64
CA MET J 490 43.58 -51.61 19.38
C MET J 490 42.32 -51.29 20.20
N GLY J 491 41.50 -52.30 20.49
CA GLY J 491 40.43 -52.11 21.45
C GLY J 491 39.17 -51.47 20.91
N ILE J 492 39.06 -51.26 19.61
CA ILE J 492 37.85 -50.70 19.02
C ILE J 492 36.86 -51.85 18.92
N LEU J 493 36.08 -52.06 19.97
CA LEU J 493 35.13 -53.17 20.05
C LEU J 493 33.72 -52.61 20.12
N ASP J 494 32.94 -52.83 19.07
CA ASP J 494 31.53 -52.49 19.09
C ASP J 494 30.71 -53.74 19.34
N PRO J 495 29.96 -53.82 20.43
CA PRO J 495 29.21 -55.04 20.74
C PRO J 495 28.20 -55.38 19.65
N THR J 496 27.97 -56.68 19.48
CA THR J 496 27.00 -57.14 18.50
C THR J 496 25.62 -56.58 18.80
N LYS J 497 25.22 -56.57 20.08
CA LYS J 497 23.91 -56.09 20.46
C LYS J 497 23.71 -54.62 20.15
N VAL J 498 24.77 -53.81 20.26
CA VAL J 498 24.63 -52.37 20.05
C VAL J 498 24.14 -52.08 18.64
N THR J 499 24.95 -52.49 17.65
CA THR J 499 24.58 -52.27 16.25
C THR J 499 23.33 -53.06 15.88
N ARG J 500 23.16 -54.26 16.45
CA ARG J 500 21.96 -55.04 16.18
C ARG J 500 20.70 -54.27 16.57
N SER J 501 20.66 -53.74 17.79
CA SER J 501 19.51 -52.99 18.26
C SER J 501 19.32 -51.72 17.46
N ALA J 502 20.42 -51.00 17.19
CA ALA J 502 20.31 -49.75 16.44
C ALA J 502 19.69 -50.01 15.07
N LEU J 503 20.20 -51.02 14.36
CA LEU J 503 19.68 -51.35 13.04
C LEU J 503 18.24 -51.84 13.11
N GLN J 504 17.92 -52.67 14.10
CA GLN J 504 16.57 -53.22 14.19
C GLN J 504 15.56 -52.11 14.45
N TYR J 505 15.89 -51.17 15.33
CA TYR J 505 14.97 -50.07 15.61
C TYR J 505 14.89 -49.10 14.43
N ALA J 506 16.00 -48.88 13.74
CA ALA J 506 15.94 -48.08 12.52
C ALA J 506 15.04 -48.73 11.48
N ALA J 507 15.15 -50.04 11.31
CA ALA J 507 14.28 -50.75 10.39
C ALA J 507 12.82 -50.66 10.83
N SER J 508 12.57 -50.82 12.12
CA SER J 508 11.21 -50.74 12.64
C SER J 508 10.59 -49.38 12.34
N VAL J 509 11.30 -48.31 12.68
CA VAL J 509 10.75 -46.97 12.45
C VAL J 509 10.59 -46.70 10.97
N ALA J 510 11.57 -47.08 10.15
CA ALA J 510 11.47 -46.83 8.71
C ALA J 510 10.27 -47.55 8.12
N GLY J 511 10.11 -48.84 8.41
CA GLY J 511 8.97 -49.57 7.89
C GLY J 511 7.66 -49.00 8.37
N LEU J 512 7.59 -48.59 9.64
CA LEU J 512 6.35 -48.04 10.17
C LEU J 512 5.96 -46.75 9.47
N MET J 513 6.88 -45.79 9.36
CA MET J 513 6.50 -44.49 8.80
C MET J 513 6.40 -44.55 7.28
N ILE J 514 7.05 -45.53 6.65
CA ILE J 514 6.81 -45.79 5.23
C ILE J 514 5.36 -46.18 5.00
N THR J 515 4.79 -46.96 5.91
CA THR J 515 3.40 -47.40 5.79
C THR J 515 2.41 -46.37 6.27
N THR J 516 2.87 -45.23 6.77
CA THR J 516 1.99 -44.16 7.22
C THR J 516 1.44 -43.43 6.00
N GLU J 517 0.12 -43.19 5.98
CA GLU J 517 -0.50 -42.50 4.87
C GLU J 517 -1.23 -41.22 5.26
N CYS J 518 -1.56 -41.04 6.53
CA CYS J 518 -2.19 -39.83 7.00
C CYS J 518 -1.77 -39.57 8.44
N MET J 519 -1.86 -38.31 8.84
CA MET J 519 -1.49 -37.91 10.20
C MET J 519 -2.21 -36.62 10.55
N VAL J 520 -2.34 -36.35 11.84
CA VAL J 520 -3.11 -35.23 12.36
C VAL J 520 -2.32 -34.54 13.45
N THR J 521 -2.17 -33.23 13.34
CA THR J 521 -1.49 -32.40 14.31
C THR J 521 -2.38 -31.22 14.66
N ASP J 522 -1.92 -30.38 15.59
CA ASP J 522 -2.64 -29.16 15.89
C ASP J 522 -2.27 -28.07 14.89
N LEU J 523 -3.14 -27.09 14.76
CA LEU J 523 -2.93 -26.01 13.81
C LEU J 523 -1.79 -25.10 14.29
N PRO J 524 -1.01 -24.51 13.38
CA PRO J 524 0.11 -23.63 13.77
C PRO J 524 -0.34 -22.23 14.16
N LYS J 525 -0.88 -22.10 15.36
CA LYS J 525 -1.34 -20.80 15.83
C LYS J 525 -0.92 -20.57 17.29
N ALA K 1 -26.24 -15.12 20.46
CA ALA K 1 -25.03 -14.84 19.70
C ALA K 1 -25.33 -14.82 18.20
N ALA K 2 -24.73 -13.85 17.50
CA ALA K 2 -24.94 -13.71 16.07
C ALA K 2 -24.58 -15.00 15.36
N LYS K 3 -25.44 -15.42 14.43
CA LYS K 3 -25.37 -16.75 13.86
C LYS K 3 -25.08 -16.70 12.37
N ASP K 4 -24.25 -17.64 11.92
CA ASP K 4 -24.06 -17.94 10.51
C ASP K 4 -25.13 -18.94 10.09
N VAL K 5 -26.00 -18.54 9.17
CA VAL K 5 -27.12 -19.37 8.72
C VAL K 5 -26.83 -19.79 7.29
N LYS K 6 -26.99 -21.09 7.02
CA LYS K 6 -26.79 -21.62 5.69
C LYS K 6 -28.04 -22.33 5.22
N PHE K 7 -28.29 -22.26 3.91
CA PHE K 7 -29.46 -22.88 3.31
C PHE K 7 -29.03 -23.81 2.19
N GLY K 8 -29.56 -25.03 2.22
CA GLY K 8 -29.39 -25.94 1.11
C GLY K 8 -27.95 -26.32 0.85
N ASN K 9 -27.55 -26.22 -0.42
CA ASN K 9 -26.24 -26.70 -0.83
C ASN K 9 -25.12 -25.93 -0.13
N ASP K 10 -25.39 -24.67 0.23
CA ASP K 10 -24.41 -23.89 0.99
C ASP K 10 -24.01 -24.63 2.25
N ALA K 11 -25.01 -25.13 3.00
CA ALA K 11 -24.73 -25.95 4.17
C ALA K 11 -24.19 -27.31 3.79
N ARG K 12 -24.71 -27.89 2.70
CA ARG K 12 -24.49 -29.31 2.44
C ARG K 12 -23.07 -29.59 1.95
N VAL K 13 -22.53 -28.73 1.06
CA VAL K 13 -21.15 -28.92 0.63
C VAL K 13 -20.20 -28.71 1.79
N LYS K 14 -20.52 -27.74 2.66
CA LYS K 14 -19.81 -27.55 3.91
C LYS K 14 -19.77 -28.84 4.72
N MET K 15 -20.90 -29.53 4.78
CA MET K 15 -20.96 -30.78 5.52
C MET K 15 -20.09 -31.83 4.86
N LEU K 16 -20.22 -31.95 3.54
CA LEU K 16 -19.63 -33.07 2.80
C LEU K 16 -18.12 -32.99 2.80
N ARG K 17 -17.57 -31.78 2.70
CA ARG K 17 -16.12 -31.66 2.71
C ARG K 17 -15.54 -32.20 4.01
N GLY K 18 -16.15 -31.85 5.14
CA GLY K 18 -15.71 -32.39 6.42
C GLY K 18 -15.91 -33.89 6.51
N VAL K 19 -17.05 -34.39 6.01
CA VAL K 19 -17.30 -35.83 6.05
C VAL K 19 -16.23 -36.59 5.27
N ASN K 20 -15.94 -36.09 4.07
CA ASN K 20 -14.99 -36.77 3.20
C ASN K 20 -13.58 -36.69 3.77
N VAL K 21 -13.21 -35.55 4.37
CA VAL K 21 -11.89 -35.45 4.99
C VAL K 21 -11.77 -36.42 6.16
N LEU K 22 -12.80 -36.44 7.02
CA LEU K 22 -12.85 -37.38 8.13
C LEU K 22 -12.63 -38.81 7.64
N ALA K 23 -13.38 -39.21 6.63
CA ALA K 23 -13.28 -40.58 6.16
C ALA K 23 -11.97 -40.83 5.42
N ASP K 24 -11.44 -39.82 4.73
CA ASP K 24 -10.14 -39.97 4.08
C ASP K 24 -9.06 -40.26 5.11
N ALA K 25 -9.16 -39.64 6.28
CA ALA K 25 -8.25 -39.92 7.37
C ALA K 25 -8.53 -41.25 8.06
N VAL K 26 -9.78 -41.68 8.13
CA VAL K 26 -10.15 -42.87 8.91
C VAL K 26 -9.97 -44.16 8.11
N LYS K 27 -10.40 -44.16 6.84
CA LYS K 27 -10.53 -45.41 6.09
C LYS K 27 -9.19 -46.08 5.84
N VAL K 28 -8.08 -45.34 5.93
CA VAL K 28 -6.77 -45.95 5.75
C VAL K 28 -6.49 -46.99 6.81
N THR K 29 -7.21 -46.97 7.94
CA THR K 29 -7.03 -47.94 9.00
C THR K 29 -7.95 -49.15 8.90
N LEU K 30 -8.81 -49.20 7.89
CA LEU K 30 -9.76 -50.30 7.77
C LEU K 30 -9.05 -51.57 7.35
N GLY K 31 -9.49 -52.70 7.88
CA GLY K 31 -8.92 -53.98 7.56
C GLY K 31 -7.92 -54.43 8.61
N PRO K 32 -7.48 -55.69 8.53
CA PRO K 32 -6.44 -56.16 9.45
C PRO K 32 -5.10 -55.48 9.22
N LYS K 33 -4.90 -54.85 8.06
CA LYS K 33 -3.64 -54.21 7.72
C LYS K 33 -3.85 -52.73 7.43
N GLY K 34 -4.59 -52.04 8.31
CA GLY K 34 -4.85 -50.63 8.09
C GLY K 34 -3.56 -49.81 8.10
N ARG K 35 -3.60 -48.70 7.37
CA ARG K 35 -2.41 -47.87 7.22
C ARG K 35 -2.06 -47.15 8.52
N ASN K 36 -0.76 -46.94 8.72
CA ASN K 36 -0.29 -46.27 9.93
C ASN K 36 -0.79 -44.83 9.97
N VAL K 37 -1.27 -44.40 11.13
CA VAL K 37 -1.63 -43.01 11.36
C VAL K 37 -1.02 -42.57 12.68
N VAL K 38 -0.23 -41.51 12.64
CA VAL K 38 0.54 -41.08 13.81
C VAL K 38 -0.14 -39.83 14.37
N LEU K 39 -1.02 -40.05 15.34
CA LEU K 39 -1.68 -38.96 16.04
C LEU K 39 -0.64 -38.13 16.79
N ASP K 40 -0.61 -36.84 16.52
CA ASP K 40 0.27 -35.94 17.25
C ASP K 40 -0.23 -35.75 18.68
N LYS K 41 0.72 -35.46 19.57
CA LYS K 41 0.46 -35.21 20.98
C LYS K 41 0.83 -33.77 21.33
N SER K 42 0.41 -33.36 22.51
CA SER K 42 0.81 -32.05 23.02
C SER K 42 2.31 -31.98 23.27
N PHE K 43 2.91 -33.09 23.70
CA PHE K 43 4.30 -33.12 24.09
C PHE K 43 4.90 -34.49 23.78
N GLY K 44 6.21 -34.58 23.94
CA GLY K 44 6.91 -35.85 23.85
C GLY K 44 6.83 -36.44 22.45
N ALA K 45 6.93 -37.76 22.41
CA ALA K 45 6.78 -38.48 21.15
C ALA K 45 5.33 -38.89 20.98
N PRO K 46 4.62 -38.37 19.99
CA PRO K 46 3.21 -38.74 19.80
C PRO K 46 2.98 -40.19 19.39
N THR K 47 1.72 -40.56 19.18
CA THR K 47 1.29 -41.95 19.25
C THR K 47 0.88 -42.46 17.87
N ILE K 48 1.47 -43.58 17.46
CA ILE K 48 1.12 -44.25 16.21
C ILE K 48 0.02 -45.25 16.51
N THR K 49 -1.01 -45.28 15.66
CA THR K 49 -2.13 -46.17 15.81
C THR K 49 -2.61 -46.64 14.44
N LYS K 50 -3.43 -47.69 14.45
CA LYS K 50 -3.91 -48.34 13.25
C LYS K 50 -5.40 -48.71 13.32
N ASP K 51 -6.19 -47.99 14.11
CA ASP K 51 -7.62 -48.25 14.21
C ASP K 51 -8.39 -46.94 14.06
N GLY K 52 -9.59 -47.04 13.47
CA GLY K 52 -10.34 -45.83 13.16
C GLY K 52 -10.91 -45.14 14.39
N VAL K 53 -11.11 -45.90 15.47
CA VAL K 53 -11.64 -45.30 16.69
C VAL K 53 -10.65 -44.27 17.25
N SER K 54 -9.38 -44.67 17.38
CA SER K 54 -8.39 -43.78 17.98
C SER K 54 -8.25 -42.50 17.18
N VAL K 55 -8.18 -42.61 15.85
CA VAL K 55 -8.03 -41.42 15.02
C VAL K 55 -9.30 -40.58 15.06
N ALA K 56 -10.47 -41.23 15.13
CA ALA K 56 -11.72 -40.48 15.24
C ALA K 56 -11.78 -39.71 16.55
N ARG K 57 -11.06 -40.18 17.57
CA ARG K 57 -11.02 -39.43 18.83
C ARG K 57 -10.18 -38.16 18.71
N GLU K 58 -9.35 -38.05 17.68
CA GLU K 58 -8.31 -37.03 17.61
C GLU K 58 -8.54 -35.99 16.51
N ILE K 59 -9.79 -35.80 16.07
CA ILE K 59 -10.06 -34.96 14.91
C ILE K 59 -10.95 -33.79 15.32
N GLU K 60 -10.52 -32.58 14.95
CA GLU K 60 -11.34 -31.38 14.99
C GLU K 60 -10.94 -30.47 13.84
N LEU K 61 -11.92 -29.80 13.24
CA LEU K 61 -11.71 -28.96 12.08
C LEU K 61 -11.96 -27.50 12.43
N GLU K 62 -11.07 -26.63 11.92
CA GLU K 62 -11.27 -25.20 12.12
C GLU K 62 -12.54 -24.72 11.43
N ASP K 63 -12.82 -25.23 10.23
CA ASP K 63 -14.10 -24.97 9.61
C ASP K 63 -15.20 -25.58 10.46
N LYS K 64 -16.05 -24.71 11.02
CA LYS K 64 -17.06 -25.19 11.95
C LYS K 64 -18.06 -26.11 11.25
N PHE K 65 -18.42 -25.79 10.01
CA PHE K 65 -19.41 -26.59 9.31
C PHE K 65 -18.88 -27.99 9.01
N GLU K 66 -17.69 -28.07 8.42
CA GLU K 66 -17.07 -29.36 8.18
C GLU K 66 -16.86 -30.11 9.49
N ASN K 67 -16.45 -29.40 10.53
CA ASN K 67 -16.20 -30.02 11.82
C ASN K 67 -17.47 -30.64 12.39
N MET K 68 -18.60 -29.93 12.32
CA MET K 68 -19.81 -30.45 12.93
C MET K 68 -20.48 -31.49 12.04
N GLY K 69 -20.24 -31.43 10.72
CA GLY K 69 -20.63 -32.56 9.88
C GLY K 69 -19.85 -33.81 10.24
N ALA K 70 -18.54 -33.66 10.46
CA ALA K 70 -17.76 -34.78 10.97
C ALA K 70 -18.25 -35.23 12.34
N GLN K 71 -18.79 -34.29 13.13
CA GLN K 71 -19.35 -34.67 14.43
C GLN K 71 -20.61 -35.50 14.27
N MET K 72 -21.48 -35.12 13.34
CA MET K 72 -22.59 -35.99 12.93
C MET K 72 -22.12 -37.37 12.52
N VAL K 73 -21.09 -37.46 11.68
CA VAL K 73 -20.64 -38.77 11.22
C VAL K 73 -20.07 -39.57 12.39
N LYS K 74 -19.31 -38.91 13.26
CA LYS K 74 -18.75 -39.58 14.44
C LYS K 74 -19.87 -40.07 15.36
N GLU K 75 -20.89 -39.24 15.57
CA GLU K 75 -22.02 -39.62 16.39
C GLU K 75 -22.74 -40.83 15.83
N VAL K 76 -22.98 -40.84 14.52
CA VAL K 76 -23.73 -41.93 13.91
C VAL K 76 -22.89 -43.22 13.90
N ALA K 77 -21.58 -43.09 13.68
CA ALA K 77 -20.70 -44.24 13.79
C ALA K 77 -20.71 -44.79 15.21
N SER K 78 -20.75 -43.90 16.20
CA SER K 78 -20.89 -44.33 17.59
C SER K 78 -22.21 -45.05 17.81
N LYS K 79 -23.29 -44.53 17.21
CA LYS K 79 -24.58 -45.19 17.29
C LYS K 79 -24.50 -46.60 16.73
N ALA K 80 -23.86 -46.75 15.57
CA ALA K 80 -23.66 -48.07 14.99
C ALA K 80 -22.88 -48.96 15.95
N ASN K 81 -21.72 -48.48 16.40
CA ASN K 81 -20.85 -49.28 17.26
C ASN K 81 -21.58 -49.73 18.52
N ASP K 82 -22.46 -48.87 19.05
CA ASP K 82 -23.28 -49.27 20.19
C ASP K 82 -24.16 -50.46 19.82
N ALA K 83 -24.76 -50.44 18.63
CA ALA K 83 -25.55 -51.55 18.15
C ALA K 83 -24.74 -52.52 17.28
N ALA K 84 -23.45 -52.26 17.08
CA ALA K 84 -22.59 -53.18 16.34
C ALA K 84 -21.51 -53.79 17.22
N GLY K 85 -20.65 -52.98 17.84
CA GLY K 85 -19.50 -53.48 18.57
C GLY K 85 -18.20 -53.44 17.81
N ASP K 86 -18.25 -53.40 16.48
CA ASP K 86 -17.07 -53.23 15.63
C ASP K 86 -17.54 -52.69 14.29
N GLY K 87 -16.70 -52.81 13.28
CA GLY K 87 -17.00 -52.17 12.02
C GLY K 87 -17.02 -50.66 12.13
N THR K 88 -16.38 -50.12 13.15
CA THR K 88 -16.34 -48.68 13.35
C THR K 88 -15.75 -47.98 12.13
N THR K 89 -14.59 -48.45 11.68
CA THR K 89 -14.02 -47.91 10.45
C THR K 89 -14.84 -48.33 9.24
N THR K 90 -15.39 -49.55 9.28
CA THR K 90 -16.31 -49.98 8.24
C THR K 90 -17.54 -49.08 8.20
N ALA K 91 -18.10 -48.76 9.36
CA ALA K 91 -19.23 -47.84 9.42
C ALA K 91 -18.85 -46.47 8.90
N THR K 92 -17.62 -46.02 9.19
CA THR K 92 -17.16 -44.73 8.68
C THR K 92 -17.08 -44.73 7.16
N VAL K 93 -16.55 -45.81 6.57
CA VAL K 93 -16.47 -45.90 5.11
C VAL K 93 -17.87 -45.89 4.50
N LEU K 94 -18.78 -46.67 5.08
CA LEU K 94 -20.15 -46.69 4.59
C LEU K 94 -20.79 -45.30 4.69
N ALA K 95 -20.59 -44.62 5.81
CA ALA K 95 -21.18 -43.30 6.00
C ALA K 95 -20.64 -42.31 4.96
N GLN K 96 -19.32 -42.32 4.75
CA GLN K 96 -18.76 -41.43 3.73
C GLN K 96 -19.37 -41.70 2.37
N ALA K 97 -19.39 -42.98 1.97
CA ALA K 97 -19.89 -43.32 0.65
C ALA K 97 -21.34 -42.86 0.48
N ILE K 98 -22.21 -43.25 1.42
CA ILE K 98 -23.63 -42.94 1.26
C ILE K 98 -23.89 -41.45 1.33
N ILE K 99 -23.22 -40.75 2.27
CA ILE K 99 -23.44 -39.31 2.41
C ILE K 99 -22.95 -38.58 1.17
N THR K 100 -21.77 -38.92 0.68
CA THR K 100 -21.23 -38.24 -0.50
C THR K 100 -22.11 -38.48 -1.71
N GLU K 101 -22.55 -39.73 -1.91
CA GLU K 101 -23.43 -40.03 -3.04
C GLU K 101 -24.76 -39.31 -2.90
N GLY K 102 -25.32 -39.28 -1.69
CA GLY K 102 -26.59 -38.62 -1.48
C GLY K 102 -26.50 -37.13 -1.71
N LEU K 103 -25.35 -36.53 -1.36
CA LEU K 103 -25.20 -35.10 -1.59
C LEU K 103 -24.96 -34.79 -3.06
N LYS K 104 -24.25 -35.67 -3.78
CA LYS K 104 -24.14 -35.48 -5.22
C LYS K 104 -25.50 -35.61 -5.88
N ALA K 105 -26.35 -36.53 -5.39
CA ALA K 105 -27.67 -36.70 -5.96
C ALA K 105 -28.59 -35.53 -5.61
N VAL K 106 -28.52 -35.03 -4.38
CA VAL K 106 -29.34 -33.89 -3.97
C VAL K 106 -28.93 -32.65 -4.75
N ALA K 107 -27.62 -32.42 -4.89
CA ALA K 107 -27.15 -31.29 -5.67
C ALA K 107 -27.54 -31.41 -7.13
N ALA K 108 -27.92 -32.60 -7.59
CA ALA K 108 -28.40 -32.78 -8.96
C ALA K 108 -29.84 -32.31 -9.15
N GLY K 109 -30.39 -31.57 -8.19
CA GLY K 109 -31.76 -31.08 -8.32
C GLY K 109 -32.82 -32.14 -8.25
N MET K 110 -32.54 -33.26 -7.59
CA MET K 110 -33.40 -34.44 -7.61
C MET K 110 -33.99 -34.69 -6.23
N ASN K 111 -35.07 -35.48 -6.22
CA ASN K 111 -35.94 -35.59 -5.04
C ASN K 111 -35.18 -36.11 -3.82
N PRO K 112 -35.19 -35.35 -2.71
CA PRO K 112 -34.47 -35.79 -1.50
C PRO K 112 -35.13 -36.93 -0.75
N MET K 113 -36.44 -36.81 -0.50
CA MET K 113 -37.12 -37.85 0.28
C MET K 113 -37.39 -39.09 -0.55
N ASP K 114 -37.39 -38.98 -1.88
CA ASP K 114 -37.31 -40.20 -2.68
C ASP K 114 -35.98 -40.92 -2.47
N LEU K 115 -34.88 -40.16 -2.40
CA LEU K 115 -33.61 -40.75 -2.02
C LEU K 115 -33.70 -41.43 -0.67
N LYS K 116 -34.34 -40.77 0.29
CA LYS K 116 -34.48 -41.34 1.63
C LYS K 116 -35.27 -42.63 1.60
N ARG K 117 -36.38 -42.65 0.86
CA ARG K 117 -37.21 -43.85 0.74
C ARG K 117 -36.43 -44.99 0.13
N GLY K 118 -35.73 -44.71 -0.99
CA GLY K 118 -34.95 -45.76 -1.64
C GLY K 118 -33.89 -46.33 -0.72
N ILE K 119 -33.13 -45.45 -0.08
CA ILE K 119 -32.06 -45.89 0.81
C ILE K 119 -32.62 -46.71 1.96
N ASP K 120 -33.70 -46.25 2.57
CA ASP K 120 -34.23 -46.91 3.76
C ASP K 120 -34.80 -48.29 3.42
N LYS K 121 -35.57 -48.39 2.33
CA LYS K 121 -36.15 -49.69 2.01
C LYS K 121 -35.09 -50.64 1.49
N ALA K 122 -34.07 -50.12 0.80
CA ALA K 122 -32.96 -50.97 0.41
C ALA K 122 -32.25 -51.51 1.65
N VAL K 123 -32.08 -50.68 2.67
CA VAL K 123 -31.44 -51.13 3.90
C VAL K 123 -32.29 -52.17 4.61
N THR K 124 -33.60 -52.00 4.60
CA THR K 124 -34.48 -53.00 5.22
C THR K 124 -34.39 -54.34 4.48
N ALA K 125 -34.44 -54.31 3.14
CA ALA K 125 -34.32 -55.54 2.37
C ALA K 125 -32.97 -56.21 2.60
N ALA K 126 -31.91 -55.41 2.68
CA ALA K 126 -30.58 -55.94 2.96
C ALA K 126 -30.51 -56.57 4.35
N VAL K 127 -31.17 -55.95 5.33
CA VAL K 127 -31.21 -56.52 6.67
C VAL K 127 -31.93 -57.86 6.65
N GLU K 128 -33.04 -57.94 5.91
CA GLU K 128 -33.75 -59.21 5.78
C GLU K 128 -32.87 -60.28 5.14
N GLU K 129 -32.16 -59.92 4.08
CA GLU K 129 -31.29 -60.90 3.42
C GLU K 129 -30.11 -61.29 4.29
N LEU K 130 -29.59 -60.36 5.09
CA LEU K 130 -28.52 -60.68 6.02
C LEU K 130 -29.01 -61.65 7.08
N LYS K 131 -30.22 -61.42 7.61
CA LYS K 131 -30.79 -62.34 8.57
C LYS K 131 -31.01 -63.71 7.96
N ALA K 132 -31.44 -63.75 6.69
CA ALA K 132 -31.49 -65.02 5.98
C ALA K 132 -30.11 -65.66 5.89
N LEU K 133 -29.09 -64.85 5.62
CA LEU K 133 -27.70 -65.30 5.61
C LEU K 133 -27.15 -65.48 7.01
N SER K 134 -27.81 -64.93 8.02
CA SER K 134 -27.30 -64.98 9.38
C SER K 134 -27.36 -66.40 9.91
N VAL K 135 -26.20 -67.04 10.02
CA VAL K 135 -26.11 -68.35 10.64
C VAL K 135 -25.85 -68.14 12.14
N PRO K 136 -26.51 -68.91 13.01
CA PRO K 136 -26.41 -68.65 14.45
C PRO K 136 -24.99 -68.81 14.99
N CYS K 137 -24.46 -67.74 15.58
CA CYS K 137 -23.14 -67.75 16.20
C CYS K 137 -23.22 -68.24 17.65
N SER K 138 -23.32 -69.56 17.83
CA SER K 138 -23.54 -70.11 19.16
C SER K 138 -22.38 -70.96 19.66
N ASP K 139 -21.60 -71.57 18.77
CA ASP K 139 -20.55 -72.48 19.20
C ASP K 139 -19.37 -71.71 19.80
N SER K 140 -18.60 -72.41 20.63
CA SER K 140 -17.42 -71.80 21.25
C SER K 140 -16.39 -71.37 20.23
N LYS K 141 -16.25 -72.12 19.13
CA LYS K 141 -15.35 -71.69 18.06
C LYS K 141 -15.78 -70.36 17.46
N ALA K 142 -17.06 -70.24 17.13
CA ALA K 142 -17.55 -69.00 16.50
C ALA K 142 -17.48 -67.84 17.48
N ILE K 143 -17.79 -68.08 18.76
CA ILE K 143 -17.69 -67.04 19.76
C ILE K 143 -16.24 -66.59 19.92
N ALA K 144 -15.31 -67.56 19.93
CA ALA K 144 -13.90 -67.22 20.01
C ALA K 144 -13.46 -66.39 18.82
N GLN K 145 -13.93 -66.73 17.62
CA GLN K 145 -13.55 -66.00 16.43
C GLN K 145 -14.19 -64.60 16.38
N VAL K 146 -15.38 -64.47 16.97
CA VAL K 146 -16.00 -63.15 17.07
C VAL K 146 -15.21 -62.26 18.03
N GLY K 147 -14.86 -62.80 19.21
CA GLY K 147 -13.99 -62.06 20.12
C GLY K 147 -12.63 -61.80 19.53
N THR K 148 -12.22 -62.63 18.56
CA THR K 148 -10.99 -62.40 17.82
C THR K 148 -11.10 -61.17 16.92
N ILE K 149 -12.00 -61.22 15.95
CA ILE K 149 -12.11 -60.16 14.96
C ILE K 149 -12.50 -58.84 15.63
N SER K 150 -13.39 -58.89 16.62
CA SER K 150 -13.80 -57.67 17.31
C SER K 150 -12.63 -56.99 18.00
N ALA K 151 -11.79 -57.77 18.67
CA ALA K 151 -10.59 -57.24 19.32
C ALA K 151 -9.41 -57.17 18.37
N ASN K 152 -9.67 -57.09 17.06
CA ASN K 152 -8.63 -57.03 16.03
C ASN K 152 -7.69 -58.22 16.14
N SER K 153 -8.27 -59.41 15.93
CA SER K 153 -7.54 -60.68 15.93
C SER K 153 -6.97 -61.00 17.31
N ASP K 154 -7.88 -61.26 18.26
CA ASP K 154 -7.54 -61.72 19.61
C ASP K 154 -8.37 -62.96 19.95
N GLU K 155 -7.84 -64.14 19.62
CA GLU K 155 -8.57 -65.38 19.82
C GLU K 155 -8.82 -65.68 21.29
N THR K 156 -7.81 -65.45 22.14
CA THR K 156 -7.91 -65.86 23.53
C THR K 156 -9.08 -65.19 24.24
N VAL K 157 -9.37 -63.94 23.89
CA VAL K 157 -10.48 -63.23 24.53
C VAL K 157 -11.80 -63.92 24.24
N GLY K 158 -12.08 -64.20 22.97
CA GLY K 158 -13.32 -64.88 22.64
C GLY K 158 -13.38 -66.29 23.19
N LYS K 159 -12.23 -66.98 23.21
CA LYS K 159 -12.18 -68.32 23.79
C LYS K 159 -12.55 -68.30 25.27
N LEU K 160 -11.99 -67.36 26.03
CA LEU K 160 -12.34 -67.24 27.44
C LEU K 160 -13.80 -66.82 27.62
N ILE K 161 -14.32 -66.01 26.70
CA ILE K 161 -15.73 -65.63 26.75
C ILE K 161 -16.62 -66.87 26.59
N ALA K 162 -16.28 -67.74 25.63
CA ALA K 162 -17.03 -68.97 25.44
C ALA K 162 -16.94 -69.86 26.67
N GLU K 163 -15.74 -69.97 27.26
CA GLU K 163 -15.61 -70.76 28.48
C GLU K 163 -16.47 -70.20 29.60
N ALA K 164 -16.46 -68.88 29.79
CA ALA K 164 -17.23 -68.27 30.86
C ALA K 164 -18.72 -68.48 30.68
N MET K 165 -19.21 -68.31 29.44
CA MET K 165 -20.64 -68.51 29.22
C MET K 165 -21.04 -69.96 29.33
N ASP K 166 -20.15 -70.89 28.99
CA ASP K 166 -20.46 -72.30 29.20
C ASP K 166 -20.48 -72.64 30.68
N LYS K 167 -19.60 -72.00 31.47
CA LYS K 167 -19.56 -72.28 32.91
C LYS K 167 -20.76 -71.68 33.63
N VAL K 168 -21.10 -70.43 33.32
CA VAL K 168 -22.13 -69.73 34.06
C VAL K 168 -23.49 -69.78 33.37
N GLY K 169 -23.55 -69.46 32.08
CA GLY K 169 -24.78 -69.51 31.33
C GLY K 169 -25.34 -68.12 31.04
N LYS K 170 -26.31 -68.09 30.14
CA LYS K 170 -26.94 -66.84 29.75
C LYS K 170 -27.80 -66.27 30.87
N GLU K 171 -28.42 -67.14 31.66
CA GLU K 171 -29.27 -66.71 32.77
C GLU K 171 -28.49 -65.95 33.84
N GLY K 172 -27.17 -66.12 33.90
CA GLY K 172 -26.32 -65.30 34.72
C GLY K 172 -25.70 -64.16 33.94
N VAL K 173 -24.63 -63.60 34.51
CA VAL K 173 -23.93 -62.48 33.91
C VAL K 173 -22.44 -62.73 33.99
N ILE K 174 -21.72 -62.36 32.92
CA ILE K 174 -20.26 -62.40 32.90
C ILE K 174 -19.74 -60.99 33.09
N THR K 175 -19.03 -60.76 34.19
CA THR K 175 -18.51 -59.45 34.53
C THR K 175 -16.99 -59.44 34.46
N VAL K 176 -16.43 -58.31 34.07
CA VAL K 176 -14.99 -58.15 33.93
C VAL K 176 -14.53 -57.03 34.86
N GLU K 177 -13.50 -57.32 35.66
CA GLU K 177 -12.97 -56.37 36.62
C GLU K 177 -11.46 -56.40 36.58
N ASP K 178 -10.85 -55.56 37.41
CA ASP K 178 -9.39 -55.41 37.44
C ASP K 178 -8.75 -56.71 37.93
N GLY K 179 -7.74 -57.17 37.19
CA GLY K 179 -6.99 -58.34 37.61
C GLY K 179 -6.01 -58.01 38.72
N THR K 180 -5.69 -59.05 39.50
CA THR K 180 -4.78 -58.89 40.61
C THR K 180 -3.33 -58.88 40.18
N GLY K 181 -2.84 -59.99 39.60
CA GLY K 181 -1.47 -60.05 39.14
C GLY K 181 -1.36 -59.67 37.68
N LEU K 182 -0.72 -60.53 36.89
CA LEU K 182 -0.53 -60.27 35.47
C LEU K 182 -1.32 -61.23 34.59
N GLN K 183 -2.13 -62.11 35.18
CA GLN K 183 -2.96 -63.02 34.41
C GLN K 183 -4.41 -62.87 34.83
N ASP K 184 -5.29 -62.99 33.85
CA ASP K 184 -6.73 -62.96 34.12
C ASP K 184 -7.15 -64.21 34.88
N GLU K 185 -8.24 -64.10 35.62
CA GLU K 185 -8.84 -65.26 36.26
C GLU K 185 -10.36 -65.17 36.19
N LEU K 186 -10.98 -66.31 35.90
CA LEU K 186 -12.43 -66.44 35.77
C LEU K 186 -12.98 -67.14 36.99
N ASP K 187 -13.99 -66.55 37.60
CA ASP K 187 -14.64 -67.13 38.77
C ASP K 187 -16.13 -67.25 38.55
N VAL K 188 -16.67 -68.44 38.81
CA VAL K 188 -18.11 -68.69 38.78
C VAL K 188 -18.64 -68.43 40.20
N VAL K 189 -18.90 -67.15 40.49
CA VAL K 189 -19.25 -66.76 41.84
C VAL K 189 -20.76 -66.84 42.03
N GLU K 190 -21.17 -66.83 43.30
CA GLU K 190 -22.58 -66.93 43.65
C GLU K 190 -23.29 -65.63 43.32
N GLY K 191 -24.06 -65.65 42.24
CA GLY K 191 -24.86 -64.51 41.86
C GLY K 191 -26.07 -64.99 41.09
N MET K 192 -26.59 -64.09 40.25
CA MET K 192 -27.75 -64.43 39.42
C MET K 192 -28.01 -63.26 38.49
N GLN K 193 -29.01 -63.43 37.64
CA GLN K 193 -29.50 -62.36 36.78
C GLN K 193 -30.93 -62.65 36.39
N PHE K 194 -31.82 -61.71 36.65
CA PHE K 194 -33.21 -61.84 36.22
C PHE K 194 -33.58 -60.66 35.34
N ASP K 195 -34.69 -60.81 34.61
CA ASP K 195 -35.05 -59.89 33.54
C ASP K 195 -35.96 -58.78 34.04
N ARG K 196 -35.52 -58.12 35.12
CA ARG K 196 -36.25 -56.97 35.65
C ARG K 196 -35.23 -55.92 36.07
N GLY K 197 -35.42 -54.68 35.62
CA GLY K 197 -34.53 -53.59 35.92
C GLY K 197 -35.23 -52.45 36.65
N TYR K 198 -34.57 -51.30 36.67
CA TYR K 198 -35.08 -50.16 37.41
C TYR K 198 -36.39 -49.66 36.81
N LEU K 199 -37.30 -49.24 37.69
CA LEU K 199 -38.54 -48.62 37.26
C LEU K 199 -38.38 -47.14 36.91
N SER K 200 -37.28 -46.52 37.32
CA SER K 200 -37.02 -45.14 36.97
C SER K 200 -35.54 -44.93 36.74
N PRO K 201 -35.15 -44.28 35.63
CA PRO K 201 -33.74 -43.98 35.40
C PRO K 201 -33.15 -43.03 36.43
N TYR K 202 -33.99 -42.38 37.23
CA TYR K 202 -33.49 -41.53 38.31
C TYR K 202 -32.55 -42.27 39.24
N PHE K 203 -32.76 -43.58 39.42
CA PHE K 203 -31.95 -44.38 40.33
C PHE K 203 -30.55 -44.63 39.79
N ILE K 204 -30.30 -44.38 38.51
CA ILE K 204 -29.04 -44.75 37.90
C ILE K 204 -27.96 -43.81 38.41
N ASN K 205 -27.13 -44.28 39.32
CA ASN K 205 -25.95 -43.54 39.76
C ASN K 205 -24.76 -43.74 38.86
N LYS K 206 -24.87 -44.61 37.86
CA LYS K 206 -23.83 -44.83 36.85
C LYS K 206 -24.49 -44.64 35.50
N PRO K 207 -24.75 -43.38 35.10
CA PRO K 207 -25.50 -43.14 33.85
C PRO K 207 -24.82 -43.70 32.61
N GLU K 208 -23.49 -43.81 32.62
CA GLU K 208 -22.80 -44.38 31.46
C GLU K 208 -23.20 -45.83 31.24
N THR K 209 -23.36 -46.59 32.33
CA THR K 209 -23.75 -47.99 32.23
C THR K 209 -25.19 -48.17 31.77
N GLY K 210 -26.06 -47.17 31.98
CA GLY K 210 -27.47 -47.42 31.82
C GLY K 210 -28.00 -48.41 32.82
N ALA K 211 -27.27 -48.60 33.92
CA ALA K 211 -27.59 -49.58 34.94
C ALA K 211 -27.11 -49.07 36.28
N VAL K 212 -27.93 -49.22 37.31
CA VAL K 212 -27.55 -48.80 38.65
C VAL K 212 -26.57 -49.84 39.19
N GLU K 213 -25.37 -49.39 39.52
CA GLU K 213 -24.33 -50.28 40.03
C GLU K 213 -24.09 -49.95 41.50
N LEU K 214 -24.40 -50.91 42.37
CA LEU K 214 -24.27 -50.73 43.82
C LEU K 214 -23.26 -51.74 44.35
N GLU K 215 -22.31 -51.26 45.15
CA GLU K 215 -21.23 -52.08 45.67
C GLU K 215 -21.51 -52.42 47.12
N SER K 216 -21.54 -53.71 47.45
CA SER K 216 -21.88 -54.20 48.77
C SER K 216 -23.17 -53.55 49.28
N PRO K 217 -24.30 -53.82 48.64
CA PRO K 217 -25.55 -53.14 49.02
C PRO K 217 -26.41 -53.92 49.99
N PHE K 218 -27.39 -53.22 50.55
CA PHE K 218 -28.48 -53.87 51.25
C PHE K 218 -29.64 -54.06 50.28
N ILE K 219 -30.18 -55.28 50.24
CA ILE K 219 -31.12 -55.68 49.20
C ILE K 219 -32.45 -56.01 49.87
N LEU K 220 -33.37 -55.05 49.85
CA LEU K 220 -34.74 -55.33 50.23
C LEU K 220 -35.39 -56.22 49.19
N LEU K 221 -36.18 -57.19 49.65
CA LEU K 221 -36.81 -58.18 48.78
C LEU K 221 -38.30 -58.21 49.09
N ALA K 222 -39.09 -57.55 48.26
CA ALA K 222 -40.53 -57.38 48.49
C ALA K 222 -41.31 -58.16 47.44
N ASP K 223 -42.22 -59.01 47.90
CA ASP K 223 -43.22 -59.63 47.02
C ASP K 223 -44.56 -58.90 47.10
N LYS K 224 -44.56 -57.58 46.95
CA LYS K 224 -45.77 -56.82 47.26
C LYS K 224 -45.84 -55.57 46.38
N LYS K 225 -47.07 -55.11 46.17
CA LYS K 225 -47.36 -53.82 45.58
C LYS K 225 -47.23 -52.74 46.65
N ILE K 226 -46.32 -51.80 46.44
CA ILE K 226 -46.00 -50.77 47.44
C ILE K 226 -46.60 -49.45 46.97
N SER K 227 -47.12 -48.67 47.91
CA SER K 227 -47.80 -47.41 47.60
C SER K 227 -47.34 -46.21 48.41
N ASN K 228 -46.70 -46.41 49.56
CA ASN K 228 -46.40 -45.33 50.49
C ASN K 228 -44.93 -45.38 50.91
N ILE K 229 -44.34 -44.20 51.14
CA ILE K 229 -42.99 -44.13 51.71
C ILE K 229 -42.99 -44.30 53.22
N ARG K 230 -44.14 -44.17 53.87
CA ARG K 230 -44.20 -44.27 55.32
C ARG K 230 -43.71 -45.64 55.78
N GLU K 231 -44.08 -46.69 55.05
CA GLU K 231 -43.71 -48.03 55.45
C GLU K 231 -42.21 -48.28 55.25
N MET K 232 -41.60 -47.59 54.28
CA MET K 232 -40.19 -47.80 53.98
C MET K 232 -39.27 -46.88 54.76
N LEU K 233 -39.80 -45.81 55.37
CA LEU K 233 -38.94 -44.87 56.08
C LEU K 233 -38.06 -45.52 57.15
N PRO K 234 -38.55 -46.42 58.02
CA PRO K 234 -37.63 -47.11 58.93
C PRO K 234 -36.54 -47.90 58.20
N VAL K 235 -36.88 -48.52 57.07
CA VAL K 235 -35.89 -49.27 56.30
C VAL K 235 -34.86 -48.31 55.70
N LEU K 236 -35.32 -47.15 55.21
CA LEU K 236 -34.39 -46.16 54.68
C LEU K 236 -33.43 -45.69 55.76
N GLU K 237 -33.93 -45.43 56.97
CA GLU K 237 -33.07 -45.04 58.07
C GLU K 237 -32.09 -46.15 58.41
N ALA K 238 -32.55 -47.41 58.43
CA ALA K 238 -31.67 -48.53 58.75
C ALA K 238 -30.53 -48.65 57.75
N VAL K 239 -30.85 -48.54 56.45
CA VAL K 239 -29.80 -48.65 55.43
C VAL K 239 -28.85 -47.46 55.50
N ALA K 240 -29.39 -46.25 55.70
CA ALA K 240 -28.53 -45.07 55.78
C ALA K 240 -27.61 -45.11 56.99
N LYS K 241 -28.04 -45.80 58.06
CA LYS K 241 -27.18 -45.91 59.24
C LYS K 241 -25.90 -46.67 58.92
N ALA K 242 -25.99 -47.74 58.14
CA ALA K 242 -24.82 -48.52 57.77
C ALA K 242 -24.10 -48.00 56.54
N GLY K 243 -24.65 -47.00 55.86
CA GLY K 243 -23.98 -46.40 54.72
C GLY K 243 -23.79 -47.33 53.54
N LYS K 244 -24.74 -48.21 53.28
CA LYS K 244 -24.66 -49.09 52.14
C LYS K 244 -25.66 -48.64 51.07
N PRO K 245 -25.38 -48.94 49.80
CA PRO K 245 -26.39 -48.70 48.76
C PRO K 245 -27.57 -49.64 48.94
N LEU K 246 -28.71 -49.23 48.37
CA LEU K 246 -29.98 -49.91 48.63
C LEU K 246 -30.58 -50.37 47.31
N LEU K 247 -30.97 -51.65 47.27
CA LEU K 247 -31.60 -52.23 46.10
C LEU K 247 -32.93 -52.86 46.52
N ILE K 248 -34.03 -52.35 45.99
CA ILE K 248 -35.37 -52.88 46.26
C ILE K 248 -35.75 -53.83 45.14
N ILE K 249 -36.21 -55.02 45.50
CA ILE K 249 -36.81 -55.96 44.57
C ILE K 249 -38.25 -56.15 45.04
N ALA K 250 -39.17 -55.42 44.42
CA ALA K 250 -40.55 -55.39 44.85
C ALA K 250 -41.47 -55.85 43.72
N GLU K 251 -42.64 -56.37 44.10
CA GLU K 251 -43.64 -56.69 43.10
C GLU K 251 -44.15 -55.43 42.42
N ASP K 252 -44.30 -54.35 43.17
CA ASP K 252 -44.63 -53.04 42.62
C ASP K 252 -44.41 -51.97 43.67
N VAL K 253 -43.90 -50.82 43.23
CA VAL K 253 -43.79 -49.61 44.04
C VAL K 253 -44.56 -48.51 43.32
N GLU K 254 -45.50 -47.88 44.03
CA GLU K 254 -46.44 -46.98 43.39
C GLU K 254 -46.57 -45.69 44.18
N GLY K 255 -46.92 -44.63 43.48
CA GLY K 255 -47.38 -43.40 44.12
C GLY K 255 -46.37 -42.79 45.05
N GLU K 256 -46.83 -42.49 46.27
CA GLU K 256 -46.02 -41.74 47.22
C GLU K 256 -44.75 -42.48 47.60
N ALA K 257 -44.82 -43.82 47.63
CA ALA K 257 -43.63 -44.61 47.89
C ALA K 257 -42.50 -44.25 46.95
N LEU K 258 -42.73 -44.44 45.65
CA LEU K 258 -41.71 -44.12 44.66
C LEU K 258 -41.38 -42.63 44.66
N ALA K 259 -42.40 -41.78 44.87
CA ALA K 259 -42.16 -40.34 44.83
C ALA K 259 -41.15 -39.92 45.89
N THR K 260 -41.39 -40.30 47.15
CA THR K 260 -40.46 -39.91 48.19
C THR K 260 -39.19 -40.73 48.16
N LEU K 261 -39.22 -41.92 47.56
CA LEU K 261 -37.96 -42.61 47.28
C LEU K 261 -37.10 -41.76 46.36
N VAL K 262 -37.67 -41.24 45.29
CA VAL K 262 -36.93 -40.40 44.34
C VAL K 262 -36.48 -39.12 45.03
N VAL K 263 -37.34 -38.57 45.90
CA VAL K 263 -36.99 -37.39 46.68
C VAL K 263 -35.75 -37.65 47.53
N ASN K 264 -35.77 -38.75 48.27
CA ASN K 264 -34.63 -39.08 49.11
C ASN K 264 -33.40 -39.40 48.28
N THR K 265 -33.60 -39.85 47.03
CA THR K 265 -32.44 -40.15 46.19
C THR K 265 -31.73 -38.87 45.77
N MET K 266 -32.46 -37.87 45.25
CA MET K 266 -31.69 -36.69 44.81
C MET K 266 -31.28 -35.85 46.00
N ARG K 267 -31.91 -36.07 47.17
CA ARG K 267 -31.35 -35.48 48.37
C ARG K 267 -30.09 -36.21 48.83
N GLY K 268 -29.74 -37.33 48.21
CA GLY K 268 -28.57 -38.08 48.59
C GLY K 268 -28.70 -38.85 49.88
N ILE K 269 -29.93 -38.97 50.40
CA ILE K 269 -30.13 -39.65 51.68
C ILE K 269 -29.77 -41.13 51.56
N VAL K 270 -30.33 -41.81 50.57
CA VAL K 270 -30.13 -43.24 50.37
C VAL K 270 -29.92 -43.51 48.89
N LYS K 271 -29.03 -44.45 48.57
CA LYS K 271 -28.80 -44.88 47.19
C LYS K 271 -29.80 -45.99 46.89
N VAL K 272 -30.96 -45.63 46.36
CA VAL K 272 -32.07 -46.55 46.17
C VAL K 272 -32.19 -46.89 44.69
N ALA K 273 -32.31 -48.18 44.39
CA ALA K 273 -32.58 -48.67 43.04
C ALA K 273 -33.68 -49.72 43.12
N ALA K 274 -34.87 -49.40 42.64
CA ALA K 274 -36.02 -50.30 42.74
C ALA K 274 -36.27 -51.00 41.42
N VAL K 275 -36.54 -52.30 41.47
CA VAL K 275 -36.73 -53.13 40.29
C VAL K 275 -38.03 -53.92 40.43
N LYS K 276 -38.52 -54.41 39.29
CA LYS K 276 -39.66 -55.31 39.30
C LYS K 276 -39.27 -56.66 39.90
N ALA K 277 -40.26 -57.30 40.52
CA ALA K 277 -40.06 -58.68 40.94
C ALA K 277 -40.08 -59.59 39.73
N PRO K 278 -39.06 -60.42 39.53
CA PRO K 278 -39.00 -61.26 38.32
C PRO K 278 -40.19 -62.20 38.22
N GLY K 279 -40.69 -62.36 37.00
CA GLY K 279 -41.82 -63.24 36.76
C GLY K 279 -43.12 -62.67 37.33
N PHE K 280 -44.09 -63.56 37.46
CA PHE K 280 -45.39 -63.20 38.03
C PHE K 280 -46.02 -64.44 38.62
N GLY K 281 -46.73 -64.25 39.74
CA GLY K 281 -47.37 -65.37 40.40
C GLY K 281 -46.48 -65.96 41.48
N ASP K 282 -46.67 -67.26 41.73
CA ASP K 282 -45.91 -67.94 42.76
C ASP K 282 -44.44 -68.08 42.38
N ARG K 283 -44.15 -68.17 41.08
CA ARG K 283 -42.77 -68.24 40.61
C ARG K 283 -41.98 -67.03 41.09
N ARG K 284 -42.63 -65.87 41.12
CA ARG K 284 -41.98 -64.66 41.60
C ARG K 284 -41.58 -64.80 43.07
N LYS K 285 -42.48 -65.34 43.89
CA LYS K 285 -42.17 -65.55 45.30
C LYS K 285 -41.02 -66.54 45.46
N ALA K 286 -41.02 -67.61 44.66
CA ALA K 286 -39.93 -68.57 44.72
C ALA K 286 -38.59 -67.93 44.36
N MET K 287 -38.59 -67.07 43.33
CA MET K 287 -37.34 -66.40 42.96
C MET K 287 -36.88 -65.43 44.04
N LEU K 288 -37.82 -64.68 44.66
CA LEU K 288 -37.44 -63.87 45.82
C LEU K 288 -36.83 -64.72 46.91
N GLN K 289 -37.33 -65.94 47.12
CA GLN K 289 -36.72 -66.82 48.11
C GLN K 289 -35.30 -67.21 47.71
N ASP K 290 -35.09 -67.49 46.42
CA ASP K 290 -33.74 -67.79 45.95
C ASP K 290 -32.80 -66.63 46.20
N ILE K 291 -33.26 -65.42 45.91
CA ILE K 291 -32.43 -64.22 46.13
C ILE K 291 -32.15 -64.06 47.62
N ALA K 292 -33.17 -64.27 48.45
CA ALA K 292 -33.00 -64.15 49.89
C ALA K 292 -31.94 -65.12 50.41
N THR K 293 -31.95 -66.35 49.88
CA THR K 293 -30.97 -67.33 50.31
C THR K 293 -29.58 -66.97 49.81
N LEU K 294 -29.47 -66.56 48.54
CA LEU K 294 -28.16 -66.29 47.97
C LEU K 294 -27.51 -65.05 48.58
N THR K 295 -28.26 -63.99 48.82
CA THR K 295 -27.72 -62.78 49.42
C THR K 295 -27.87 -62.75 50.93
N GLY K 296 -28.38 -63.82 51.53
CA GLY K 296 -28.58 -63.84 52.97
C GLY K 296 -29.74 -63.00 53.44
N GLY K 297 -30.60 -62.56 52.52
CA GLY K 297 -31.74 -61.73 52.86
C GLY K 297 -32.98 -62.54 53.16
N THR K 298 -34.11 -61.83 53.18
CA THR K 298 -35.41 -62.43 53.44
C THR K 298 -36.44 -61.89 52.47
N VAL K 299 -37.47 -62.68 52.20
CA VAL K 299 -38.55 -62.27 51.31
C VAL K 299 -39.59 -61.52 52.13
N ILE K 300 -39.92 -60.31 51.69
CA ILE K 300 -40.98 -59.52 52.34
C ILE K 300 -42.23 -59.69 51.47
N SER K 301 -43.03 -60.69 51.83
CA SER K 301 -44.24 -61.03 51.10
C SER K 301 -45.43 -60.94 52.03
N GLU K 302 -46.56 -60.47 51.50
CA GLU K 302 -47.78 -60.36 52.28
C GLU K 302 -48.32 -61.72 52.71
N GLU K 303 -47.95 -62.79 52.01
CA GLU K 303 -48.40 -64.13 52.39
C GLU K 303 -47.85 -64.53 53.75
N ILE K 304 -46.64 -64.07 54.09
CA ILE K 304 -46.13 -64.27 55.44
C ILE K 304 -46.97 -63.49 56.44
N GLY K 305 -47.46 -62.32 56.06
CA GLY K 305 -48.17 -61.46 56.98
C GLY K 305 -47.29 -60.48 57.73
N MET K 306 -45.99 -60.48 57.45
CA MET K 306 -45.04 -59.57 58.10
C MET K 306 -45.04 -58.23 57.36
N GLU K 307 -44.74 -57.17 58.10
CA GLU K 307 -44.81 -55.81 57.56
C GLU K 307 -43.43 -55.25 57.31
N LEU K 308 -43.36 -54.31 56.38
CA LEU K 308 -42.13 -53.69 55.92
C LEU K 308 -41.56 -52.67 56.89
N GLU K 309 -42.38 -52.12 57.79
CA GLU K 309 -41.88 -51.18 58.79
C GLU K 309 -40.72 -51.80 59.58
N LYS K 310 -40.80 -53.10 59.84
CA LYS K 310 -39.86 -53.78 60.73
C LYS K 310 -38.78 -54.53 59.96
N ALA K 311 -38.36 -54.01 58.81
CA ALA K 311 -37.34 -54.63 57.98
C ALA K 311 -36.01 -53.96 58.27
N THR K 312 -34.99 -54.76 58.60
CA THR K 312 -33.70 -54.27 59.03
C THR K 312 -32.59 -54.75 58.09
N LEU K 313 -31.36 -54.42 58.47
CA LEU K 313 -30.21 -54.68 57.62
C LEU K 313 -30.00 -56.16 57.35
N GLU K 314 -30.15 -57.00 58.38
CA GLU K 314 -30.07 -58.43 58.17
C GLU K 314 -31.20 -58.93 57.29
N ASP K 315 -32.40 -58.37 57.47
CA ASP K 315 -33.53 -58.73 56.63
C ASP K 315 -33.25 -58.41 55.17
N LEU K 316 -32.64 -57.25 54.91
CA LEU K 316 -32.27 -56.90 53.54
C LEU K 316 -31.13 -57.77 53.05
N GLY K 317 -31.20 -58.18 51.79
CA GLY K 317 -30.16 -59.02 51.24
C GLY K 317 -28.84 -58.29 51.15
N GLN K 318 -27.75 -59.07 51.20
CA GLN K 318 -26.41 -58.52 51.13
C GLN K 318 -25.65 -59.22 50.01
N ALA K 319 -25.13 -58.43 49.08
CA ALA K 319 -24.27 -58.92 48.02
C ALA K 319 -23.01 -58.06 48.02
N LYS K 320 -22.11 -58.35 47.08
CA LYS K 320 -20.93 -57.51 46.94
C LYS K 320 -21.09 -56.54 45.77
N ARG K 321 -21.87 -56.91 44.76
CA ARG K 321 -22.17 -55.99 43.66
C ARG K 321 -23.55 -56.33 43.11
N VAL K 322 -24.26 -55.30 42.65
CA VAL K 322 -25.49 -55.49 41.90
C VAL K 322 -25.49 -54.50 40.74
N VAL K 323 -25.94 -54.98 39.57
CA VAL K 323 -26.04 -54.17 38.37
C VAL K 323 -27.47 -54.26 37.87
N ILE K 324 -28.16 -53.13 37.86
CA ILE K 324 -29.58 -53.05 37.53
C ILE K 324 -29.68 -52.41 36.16
N ASN K 325 -29.91 -53.22 35.13
CA ASN K 325 -30.01 -52.72 33.77
C ASN K 325 -31.40 -52.13 33.57
N LYS K 326 -31.74 -51.83 32.32
CA LYS K 326 -33.03 -51.22 32.02
C LYS K 326 -34.18 -52.13 32.45
N ASP K 327 -34.13 -53.38 32.03
CA ASP K 327 -35.09 -54.40 32.44
C ASP K 327 -34.37 -55.68 32.81
N THR K 328 -33.30 -55.57 33.60
CA THR K 328 -32.51 -56.72 34.02
C THR K 328 -31.68 -56.32 35.22
N THR K 329 -31.56 -57.22 36.19
CA THR K 329 -30.74 -56.99 37.37
C THR K 329 -29.96 -58.25 37.68
N THR K 330 -28.66 -58.06 37.96
CA THR K 330 -27.77 -59.16 38.28
C THR K 330 -27.08 -58.91 39.62
N ILE K 331 -26.89 -60.00 40.36
CA ILE K 331 -26.28 -59.99 41.68
C ILE K 331 -24.96 -60.75 41.61
N ILE K 332 -23.90 -60.11 42.09
CA ILE K 332 -22.53 -60.61 41.97
C ILE K 332 -21.98 -60.76 43.38
N ASP K 333 -21.57 -61.97 43.73
CA ASP K 333 -21.02 -62.30 45.04
C ASP K 333 -21.98 -61.91 46.16
N GLY K 334 -23.12 -62.59 46.18
CA GLY K 334 -24.05 -62.45 47.28
C GLY K 334 -23.39 -62.82 48.60
N VAL K 335 -23.45 -61.91 49.57
CA VAL K 335 -22.79 -62.13 50.85
C VAL K 335 -23.40 -63.32 51.58
N GLY K 336 -24.63 -63.70 51.23
CA GLY K 336 -25.31 -64.82 51.84
C GLY K 336 -24.52 -66.11 51.80
N GLU K 337 -24.66 -66.93 52.84
CA GLU K 337 -23.80 -68.09 53.00
C GLU K 337 -23.98 -69.06 51.85
N GLU K 338 -22.84 -69.55 51.33
CA GLU K 338 -22.85 -70.29 50.07
C GLU K 338 -23.49 -71.67 50.22
N ALA K 339 -23.24 -72.35 51.33
CA ALA K 339 -23.88 -73.65 51.54
C ALA K 339 -25.38 -73.49 51.73
N ALA K 340 -25.81 -72.34 52.28
CA ALA K 340 -27.24 -72.05 52.30
C ALA K 340 -27.78 -71.91 50.88
N ILE K 341 -27.03 -71.26 50.00
CA ILE K 341 -27.42 -71.16 48.60
C ILE K 341 -27.50 -72.55 47.98
N GLN K 342 -26.58 -73.43 48.38
CA GLN K 342 -26.61 -74.81 47.90
C GLN K 342 -27.87 -75.53 48.38
N GLY K 343 -28.25 -75.32 49.64
CA GLY K 343 -29.51 -75.88 50.12
C GLY K 343 -30.69 -75.35 49.33
N ARG K 344 -30.69 -74.07 49.01
CA ARG K 344 -31.76 -73.50 48.18
C ARG K 344 -31.75 -74.10 46.78
N VAL K 345 -30.57 -74.36 46.23
CA VAL K 345 -30.47 -74.99 44.92
C VAL K 345 -31.07 -76.39 44.97
N ALA K 346 -30.75 -77.14 46.02
CA ALA K 346 -31.35 -78.45 46.19
C ALA K 346 -32.86 -78.36 46.36
N GLN K 347 -33.34 -77.29 47.01
CA GLN K 347 -34.77 -77.06 47.13
C GLN K 347 -35.40 -76.86 45.76
N ILE K 348 -34.76 -76.05 44.91
CA ILE K 348 -35.29 -75.84 43.57
C ILE K 348 -35.22 -77.14 42.77
N ARG K 349 -34.19 -77.95 42.98
CA ARG K 349 -34.09 -79.22 42.27
C ARG K 349 -35.20 -80.18 42.68
N GLN K 350 -35.49 -80.27 43.98
CA GLN K 350 -36.60 -81.14 44.39
C GLN K 350 -37.92 -80.60 43.87
N GLN K 351 -38.05 -79.27 43.79
CA GLN K 351 -39.18 -78.69 43.09
C GLN K 351 -39.21 -79.13 41.63
N ILE K 352 -38.02 -79.31 41.03
CA ILE K 352 -37.93 -79.75 39.65
C ILE K 352 -38.53 -81.15 39.50
N GLU K 353 -38.09 -82.10 40.35
CA GLU K 353 -38.68 -83.43 40.18
C GLU K 353 -40.11 -83.50 40.71
N GLU K 354 -40.59 -82.49 41.44
CA GLU K 354 -42.02 -82.45 41.71
C GLU K 354 -42.83 -81.97 40.51
N ALA K 355 -42.28 -81.07 39.69
CA ALA K 355 -43.01 -80.56 38.54
C ALA K 355 -42.76 -81.41 37.30
N THR K 356 -43.65 -81.28 36.32
CA THR K 356 -43.52 -82.01 35.06
C THR K 356 -43.85 -81.15 33.84
N SER K 357 -44.49 -80.00 34.03
CA SER K 357 -44.98 -79.18 32.92
C SER K 357 -43.81 -78.47 32.27
N ASP K 358 -43.84 -78.39 30.93
CA ASP K 358 -42.69 -77.88 30.19
C ASP K 358 -42.44 -76.40 30.49
N TYR K 359 -43.52 -75.61 30.63
CA TYR K 359 -43.37 -74.25 31.12
C TYR K 359 -42.59 -74.24 32.43
N ASP K 360 -43.02 -75.05 33.40
CA ASP K 360 -42.29 -75.16 34.67
C ASP K 360 -40.92 -75.77 34.46
N ARG K 361 -40.78 -76.70 33.50
CA ARG K 361 -39.47 -77.25 33.18
C ARG K 361 -38.47 -76.15 32.89
N GLU K 362 -38.82 -75.25 31.95
CA GLU K 362 -37.88 -74.22 31.55
C GLU K 362 -37.74 -73.14 32.62
N LYS K 363 -38.83 -72.83 33.33
CA LYS K 363 -38.71 -71.85 34.41
C LYS K 363 -37.74 -72.33 35.48
N LEU K 364 -37.84 -73.60 35.88
CA LEU K 364 -36.93 -74.14 36.88
C LEU K 364 -35.52 -74.30 36.33
N GLN K 365 -35.38 -74.61 35.04
CA GLN K 365 -34.06 -74.59 34.42
C GLN K 365 -33.43 -73.21 34.55
N GLU K 366 -34.20 -72.16 34.26
CA GLU K 366 -33.70 -70.80 34.39
C GLU K 366 -33.34 -70.48 35.83
N ARG K 367 -34.19 -70.90 36.78
CA ARG K 367 -33.91 -70.61 38.18
C ARG K 367 -32.63 -71.28 38.65
N VAL K 368 -32.45 -72.56 38.33
CA VAL K 368 -31.25 -73.25 38.77
C VAL K 368 -30.03 -72.69 38.06
N ALA K 369 -30.17 -72.29 36.80
CA ALA K 369 -29.06 -71.66 36.10
C ALA K 369 -28.65 -70.36 36.78
N LYS K 370 -29.62 -69.51 37.10
CA LYS K 370 -29.33 -68.24 37.74
C LYS K 370 -28.67 -68.45 39.09
N LEU K 371 -29.18 -69.39 39.89
CA LEU K 371 -28.67 -69.55 41.25
C LEU K 371 -27.29 -70.22 41.26
N ALA K 372 -27.09 -71.25 40.43
CA ALA K 372 -25.86 -72.02 40.47
C ALA K 372 -24.76 -71.43 39.60
N GLY K 373 -25.06 -71.15 38.33
CA GLY K 373 -24.09 -70.49 37.48
C GLY K 373 -23.67 -69.13 38.00
N GLY K 374 -24.58 -68.45 38.70
CA GLY K 374 -24.20 -67.22 39.36
C GLY K 374 -23.73 -66.16 38.37
N VAL K 375 -22.53 -65.64 38.61
CA VAL K 375 -21.94 -64.62 37.78
C VAL K 375 -20.52 -65.02 37.43
N ALA K 376 -20.18 -64.92 36.15
CA ALA K 376 -18.79 -65.07 35.74
C ALA K 376 -18.07 -63.74 35.95
N VAL K 377 -16.98 -63.77 36.72
CA VAL K 377 -16.21 -62.57 37.02
C VAL K 377 -14.82 -62.77 36.44
N ILE K 378 -14.40 -61.84 35.60
CA ILE K 378 -13.12 -61.91 34.91
C ILE K 378 -12.24 -60.81 35.50
N LYS K 379 -11.08 -61.20 36.03
CA LYS K 379 -10.10 -60.25 36.52
C LYS K 379 -8.95 -60.23 35.54
N VAL K 380 -8.82 -59.13 34.79
CA VAL K 380 -7.87 -59.06 33.69
C VAL K 380 -6.49 -58.71 34.24
N GLY K 381 -5.57 -59.66 34.15
CA GLY K 381 -4.20 -59.42 34.57
C GLY K 381 -3.38 -58.82 33.45
N ALA K 382 -2.73 -57.71 33.74
CA ALA K 382 -1.88 -57.01 32.79
C ALA K 382 -0.80 -56.26 33.55
N ALA K 383 0.23 -55.82 32.81
CA ALA K 383 1.38 -55.19 33.46
C ALA K 383 1.08 -53.75 33.83
N THR K 384 0.87 -52.90 32.83
CA THR K 384 0.69 -51.48 33.04
C THR K 384 -0.79 -51.13 33.14
N GLU K 385 -1.06 -50.02 33.83
CA GLU K 385 -2.44 -49.56 33.96
C GLU K 385 -3.00 -49.17 32.61
N VAL K 386 -2.17 -48.61 31.73
CA VAL K 386 -2.60 -48.32 30.37
C VAL K 386 -2.95 -49.63 29.64
N GLU K 387 -2.12 -50.67 29.80
CA GLU K 387 -2.47 -51.95 29.22
C GLU K 387 -3.61 -52.61 29.97
N MET K 388 -3.74 -52.35 31.27
CA MET K 388 -4.95 -52.75 31.98
C MET K 388 -6.20 -52.26 31.26
N LYS K 389 -6.27 -50.94 31.03
CA LYS K 389 -7.46 -50.39 30.39
C LYS K 389 -7.60 -50.87 28.95
N GLU K 390 -6.48 -50.98 28.24
CA GLU K 390 -6.51 -51.49 26.87
C GLU K 390 -7.10 -52.89 26.81
N LYS K 391 -6.55 -53.80 27.61
CA LYS K 391 -7.02 -55.18 27.62
C LYS K 391 -8.46 -55.27 28.08
N LYS K 392 -8.83 -54.50 29.11
CA LYS K 392 -10.22 -54.49 29.54
C LYS K 392 -11.13 -54.05 28.41
N ALA K 393 -10.94 -52.84 27.89
CA ALA K 393 -11.79 -52.33 26.83
C ALA K 393 -11.89 -53.33 25.69
N ARG K 394 -10.78 -53.98 25.33
CA ARG K 394 -10.85 -55.08 24.37
C ARG K 394 -11.82 -56.15 24.82
N VAL K 395 -11.75 -56.52 26.10
CA VAL K 395 -12.56 -57.63 26.60
C VAL K 395 -14.05 -57.29 26.55
N GLU K 396 -14.43 -56.11 27.05
CA GLU K 396 -15.85 -55.75 27.00
C GLU K 396 -16.34 -55.52 25.58
N ASP K 397 -15.49 -54.98 24.69
CA ASP K 397 -15.90 -54.84 23.30
C ASP K 397 -16.15 -56.20 22.67
N ALA K 398 -15.25 -57.15 22.90
CA ALA K 398 -15.44 -58.49 22.35
C ALA K 398 -16.64 -59.17 22.99
N LEU K 399 -16.93 -58.86 24.26
CA LEU K 399 -18.09 -59.45 24.92
C LEU K 399 -19.39 -58.93 24.31
N HIS K 400 -19.46 -57.63 24.09
CA HIS K 400 -20.63 -57.06 23.42
C HIS K 400 -20.78 -57.62 22.01
N ALA K 401 -19.66 -57.77 21.30
CA ALA K 401 -19.71 -58.35 19.96
C ALA K 401 -20.18 -59.80 19.98
N THR K 402 -19.71 -60.58 20.96
CA THR K 402 -20.13 -61.98 21.04
C THR K 402 -21.60 -62.08 21.39
N ARG K 403 -22.09 -61.21 22.28
CA ARG K 403 -23.52 -61.19 22.55
C ARG K 403 -24.32 -60.85 21.31
N ALA K 404 -23.85 -59.85 20.55
CA ALA K 404 -24.54 -59.47 19.31
C ALA K 404 -24.53 -60.61 18.30
N ALA K 405 -23.42 -61.33 18.21
CA ALA K 405 -23.32 -62.45 17.28
C ALA K 405 -24.22 -63.60 17.72
N VAL K 406 -24.29 -63.87 19.02
CA VAL K 406 -25.18 -64.93 19.52
C VAL K 406 -26.63 -64.59 19.20
N GLU K 407 -27.01 -63.32 19.41
CA GLU K 407 -28.39 -62.93 19.20
C GLU K 407 -28.72 -62.65 17.74
N GLU K 408 -27.72 -62.52 16.87
CA GLU K 408 -27.95 -62.15 15.47
C GLU K 408 -27.21 -63.00 14.46
N GLY K 409 -26.22 -63.79 14.85
CA GLY K 409 -25.46 -64.59 13.92
C GLY K 409 -24.32 -63.81 13.30
N VAL K 410 -23.50 -64.54 12.54
CA VAL K 410 -22.32 -63.99 11.89
C VAL K 410 -22.40 -64.32 10.40
N VAL K 411 -22.26 -63.29 9.57
CA VAL K 411 -22.01 -63.51 8.15
C VAL K 411 -20.50 -63.54 7.91
N ALA K 412 -20.11 -64.05 6.75
CA ALA K 412 -18.70 -64.15 6.42
C ALA K 412 -18.04 -62.78 6.44
N GLY K 413 -16.88 -62.69 7.10
CA GLY K 413 -16.20 -61.43 7.26
C GLY K 413 -15.35 -61.05 6.07
N GLY K 414 -14.66 -59.92 6.21
CA GLY K 414 -13.82 -59.39 5.16
C GLY K 414 -14.55 -58.56 4.12
N GLY K 415 -15.85 -58.38 4.25
CA GLY K 415 -16.62 -57.63 3.27
C GLY K 415 -17.02 -58.41 2.05
N VAL K 416 -17.02 -59.73 2.11
CA VAL K 416 -17.33 -60.55 0.95
C VAL K 416 -18.83 -60.81 0.81
N ALA K 417 -19.54 -60.91 1.94
CA ALA K 417 -20.99 -61.07 1.88
C ALA K 417 -21.67 -59.82 1.33
N LEU K 418 -21.06 -58.65 1.52
CA LEU K 418 -21.60 -57.44 0.92
C LEU K 418 -21.56 -57.53 -0.60
N ILE K 419 -20.46 -58.04 -1.13
CA ILE K 419 -20.34 -58.30 -2.56
C ILE K 419 -21.33 -59.39 -2.99
N ARG K 420 -21.53 -60.39 -2.14
CA ARG K 420 -22.53 -61.41 -2.42
C ARG K 420 -23.90 -60.78 -2.62
N VAL K 421 -24.32 -59.94 -1.68
CA VAL K 421 -25.63 -59.29 -1.78
C VAL K 421 -25.67 -58.34 -2.98
N ALA K 422 -24.55 -57.70 -3.30
CA ALA K 422 -24.49 -56.91 -4.54
C ALA K 422 -24.80 -57.77 -5.75
N SER K 423 -24.28 -58.99 -5.76
CA SER K 423 -24.69 -59.94 -6.77
C SER K 423 -26.16 -60.33 -6.61
N LYS K 424 -26.68 -60.23 -5.40
CA LYS K 424 -28.06 -60.66 -5.12
C LYS K 424 -29.05 -59.53 -5.33
N LEU K 425 -28.94 -58.45 -4.54
CA LEU K 425 -29.90 -57.35 -4.60
C LEU K 425 -29.58 -56.32 -5.67
N ALA K 426 -28.85 -56.71 -6.71
CA ALA K 426 -28.64 -55.81 -7.84
C ALA K 426 -29.95 -55.42 -8.50
N ASP K 427 -31.00 -56.22 -8.31
CA ASP K 427 -32.29 -56.01 -8.95
C ASP K 427 -33.26 -55.17 -8.11
N LEU K 428 -32.85 -54.70 -6.93
CA LEU K 428 -33.77 -53.97 -6.07
C LEU K 428 -34.08 -52.60 -6.67
N ARG K 429 -35.35 -52.22 -6.64
CA ARG K 429 -35.82 -50.97 -7.21
C ARG K 429 -36.84 -50.32 -6.26
N GLY K 430 -36.98 -49.00 -6.38
CA GLY K 430 -37.91 -48.24 -5.58
C GLY K 430 -39.12 -47.76 -6.37
N GLN K 431 -40.06 -47.17 -5.62
CA GLN K 431 -41.30 -46.69 -6.25
C GLN K 431 -41.02 -45.60 -7.27
N ASN K 432 -40.12 -44.67 -6.95
CA ASN K 432 -39.68 -43.65 -7.89
C ASN K 432 -38.31 -44.06 -8.41
N GLU K 433 -37.99 -43.62 -9.62
CA GLU K 433 -36.66 -43.89 -10.16
C GLU K 433 -35.58 -43.23 -9.31
N ASP K 434 -35.94 -42.16 -8.60
CA ASP K 434 -35.03 -41.60 -7.61
C ASP K 434 -34.74 -42.59 -6.49
N GLN K 435 -35.77 -43.30 -6.04
CA GLN K 435 -35.58 -44.38 -5.08
C GLN K 435 -34.73 -45.49 -5.67
N ASN K 436 -34.90 -45.77 -6.97
CA ASN K 436 -34.04 -46.72 -7.65
C ASN K 436 -32.59 -46.27 -7.62
N VAL K 437 -32.35 -44.98 -7.86
CA VAL K 437 -30.99 -44.44 -7.87
C VAL K 437 -30.38 -44.54 -6.48
N GLY K 438 -31.17 -44.23 -5.45
CA GLY K 438 -30.68 -44.41 -4.09
C GLY K 438 -30.32 -45.85 -3.80
N ILE K 439 -31.14 -46.78 -4.28
CA ILE K 439 -30.86 -48.20 -4.07
C ILE K 439 -29.56 -48.60 -4.77
N LYS K 440 -29.36 -48.10 -6.00
CA LYS K 440 -28.12 -48.39 -6.72
C LYS K 440 -26.91 -47.77 -6.04
N VAL K 441 -27.09 -46.58 -5.47
CA VAL K 441 -26.06 -45.97 -4.64
C VAL K 441 -25.68 -46.90 -3.49
N ALA K 442 -26.69 -47.45 -2.82
CA ALA K 442 -26.43 -48.38 -1.73
C ALA K 442 -25.69 -49.62 -2.22
N LEU K 443 -26.09 -50.16 -3.37
CA LEU K 443 -25.40 -51.33 -3.92
C LEU K 443 -23.94 -51.02 -4.19
N ARG K 444 -23.67 -49.87 -4.79
CA ARG K 444 -22.30 -49.46 -5.09
C ARG K 444 -21.48 -49.30 -3.83
N ALA K 445 -22.04 -48.61 -2.83
CA ALA K 445 -21.29 -48.23 -1.64
C ALA K 445 -20.91 -49.41 -0.76
N MET K 446 -21.70 -50.47 -0.77
CA MET K 446 -21.43 -51.59 0.13
C MET K 446 -20.27 -52.46 -0.34
N GLU K 447 -19.87 -52.37 -1.60
CA GLU K 447 -18.60 -52.98 -1.98
C GLU K 447 -17.40 -52.17 -1.54
N ALA K 448 -17.59 -50.88 -1.26
CA ALA K 448 -16.48 -50.04 -0.80
C ALA K 448 -15.79 -50.53 0.47
N PRO K 449 -16.48 -51.09 1.49
CA PRO K 449 -15.77 -51.58 2.67
C PRO K 449 -14.67 -52.59 2.36
N LEU K 450 -15.01 -53.66 1.63
CA LEU K 450 -13.97 -54.62 1.23
C LEU K 450 -12.91 -53.95 0.39
N ARG K 451 -13.33 -53.02 -0.47
CA ARG K 451 -12.38 -52.31 -1.32
C ARG K 451 -11.35 -51.57 -0.48
N GLN K 452 -11.80 -50.87 0.56
CA GLN K 452 -10.90 -50.12 1.42
C GLN K 452 -10.05 -51.06 2.27
N ILE K 453 -10.61 -52.19 2.69
CA ILE K 453 -9.82 -53.17 3.41
C ILE K 453 -8.64 -53.62 2.57
N VAL K 454 -8.92 -54.01 1.32
CA VAL K 454 -7.86 -54.49 0.43
C VAL K 454 -6.91 -53.34 0.10
N LEU K 455 -7.44 -52.13 -0.03
CA LEU K 455 -6.59 -50.96 -0.31
C LEU K 455 -5.60 -50.72 0.81
N ASN K 456 -6.07 -50.70 2.05
CA ASN K 456 -5.19 -50.48 3.19
C ASN K 456 -4.21 -51.64 3.36
N CYS K 457 -4.63 -52.85 3.02
CA CYS K 457 -3.70 -53.97 2.99
C CYS K 457 -2.66 -53.81 1.88
N GLY K 458 -2.85 -52.87 0.97
CA GLY K 458 -1.89 -52.61 -0.09
C GLY K 458 -2.18 -53.29 -1.40
N GLU K 459 -3.36 -53.90 -1.55
CA GLU K 459 -3.70 -54.67 -2.73
C GLU K 459 -4.88 -54.05 -3.45
N GLU K 460 -5.38 -54.77 -4.45
CA GLU K 460 -6.33 -54.19 -5.41
C GLU K 460 -7.75 -54.30 -4.88
N PRO K 461 -8.42 -53.18 -4.61
CA PRO K 461 -9.82 -53.25 -4.14
C PRO K 461 -10.77 -53.85 -5.16
N SER K 462 -10.80 -53.27 -6.36
CA SER K 462 -11.81 -53.64 -7.35
C SER K 462 -11.54 -55.02 -7.92
N VAL K 463 -10.27 -55.38 -8.09
CA VAL K 463 -9.94 -56.71 -8.62
C VAL K 463 -10.38 -57.79 -7.64
N VAL K 464 -10.12 -57.58 -6.34
CA VAL K 464 -10.61 -58.50 -5.32
C VAL K 464 -12.13 -58.57 -5.34
N ALA K 465 -12.78 -57.40 -5.45
CA ALA K 465 -14.24 -57.40 -5.51
C ALA K 465 -14.74 -58.22 -6.69
N ASN K 466 -14.13 -58.07 -7.85
CA ASN K 466 -14.55 -58.82 -9.03
C ASN K 466 -14.30 -60.32 -8.86
N THR K 467 -13.15 -60.69 -8.30
CA THR K 467 -12.86 -62.10 -8.11
C THR K 467 -13.85 -62.73 -7.13
N VAL K 468 -14.20 -62.00 -6.07
CA VAL K 468 -15.23 -62.48 -5.16
C VAL K 468 -16.56 -62.63 -5.88
N LYS K 469 -16.92 -61.64 -6.71
CA LYS K 469 -18.12 -61.74 -7.54
C LYS K 469 -18.10 -63.00 -8.39
N GLY K 470 -16.91 -63.38 -8.88
CA GLY K 470 -16.79 -64.63 -9.59
C GLY K 470 -17.18 -65.82 -8.73
N GLY K 471 -16.82 -65.77 -7.45
CA GLY K 471 -17.29 -66.76 -6.51
C GLY K 471 -18.67 -66.43 -5.98
N ASP K 472 -19.09 -67.22 -5.00
CA ASP K 472 -20.41 -67.08 -4.42
C ASP K 472 -20.37 -67.53 -2.96
N GLY K 473 -21.37 -67.11 -2.20
CA GLY K 473 -21.44 -67.49 -0.79
C GLY K 473 -20.24 -67.00 -0.02
N ASN K 474 -19.63 -67.89 0.75
CA ASN K 474 -18.49 -67.53 1.58
C ASN K 474 -17.19 -67.45 0.81
N TYR K 475 -17.20 -67.72 -0.50
CA TYR K 475 -16.00 -67.47 -1.29
C TYR K 475 -15.63 -66.00 -1.20
N GLY K 476 -14.36 -65.76 -0.94
CA GLY K 476 -13.91 -64.40 -0.72
C GLY K 476 -12.42 -64.37 -0.54
N TYR K 477 -11.95 -63.27 0.05
CA TYR K 477 -10.53 -62.91 0.04
C TYR K 477 -10.11 -62.48 1.44
N ASN K 478 -9.38 -63.35 2.13
CA ASN K 478 -8.67 -62.95 3.34
C ASN K 478 -7.66 -61.87 2.97
N ALA K 479 -7.89 -60.66 3.47
CA ALA K 479 -7.00 -59.54 3.19
C ALA K 479 -5.75 -59.56 4.06
N ALA K 480 -5.74 -60.34 5.15
CA ALA K 480 -4.52 -60.51 5.92
C ALA K 480 -3.59 -61.50 5.24
N THR K 481 -4.04 -62.75 5.08
CA THR K 481 -3.28 -63.72 4.30
C THR K 481 -3.43 -63.48 2.80
N GLU K 482 -4.42 -62.68 2.40
CA GLU K 482 -4.62 -62.31 1.01
C GLU K 482 -4.85 -63.54 0.14
N GLU K 483 -5.80 -64.39 0.55
CA GLU K 483 -6.04 -65.66 -0.12
C GLU K 483 -7.53 -65.84 -0.36
N TYR K 484 -7.86 -66.50 -1.47
CA TYR K 484 -9.25 -66.75 -1.81
C TYR K 484 -9.70 -68.08 -1.25
N GLY K 485 -10.85 -68.07 -0.60
CA GLY K 485 -11.37 -69.26 0.06
C GLY K 485 -12.64 -68.94 0.82
N ASN K 486 -12.98 -69.84 1.74
CA ASN K 486 -14.20 -69.71 2.54
C ASN K 486 -13.90 -68.90 3.79
N MET K 487 -14.39 -67.65 3.81
CA MET K 487 -14.03 -66.72 4.89
C MET K 487 -14.48 -67.22 6.26
N ILE K 488 -15.43 -68.14 6.33
CA ILE K 488 -15.81 -68.72 7.61
C ILE K 488 -14.66 -69.55 8.18
N ASP K 489 -13.89 -70.21 7.30
CA ASP K 489 -12.94 -71.22 7.76
C ASP K 489 -11.85 -70.62 8.63
N MET K 490 -11.18 -69.56 8.16
CA MET K 490 -10.06 -69.00 8.90
C MET K 490 -10.50 -67.97 9.94
N GLY K 491 -11.74 -68.02 10.38
CA GLY K 491 -12.16 -67.24 11.53
C GLY K 491 -12.51 -65.79 11.26
N ILE K 492 -12.60 -65.39 9.99
CA ILE K 492 -12.99 -64.02 9.66
C ILE K 492 -14.51 -64.00 9.73
N LEU K 493 -15.05 -63.73 10.91
CA LEU K 493 -16.49 -63.75 11.17
C LEU K 493 -16.93 -62.33 11.53
N ASP K 494 -17.72 -61.73 10.66
CA ASP K 494 -18.33 -60.44 10.97
C ASP K 494 -19.80 -60.68 11.36
N PRO K 495 -20.20 -60.34 12.58
CA PRO K 495 -21.58 -60.63 12.99
C PRO K 495 -22.60 -59.89 12.13
N THR K 496 -23.76 -60.52 11.97
CA THR K 496 -24.85 -59.92 11.21
C THR K 496 -25.25 -58.57 11.81
N LYS K 497 -25.33 -58.50 13.14
CA LYS K 497 -25.76 -57.27 13.79
C LYS K 497 -24.79 -56.13 13.56
N VAL K 498 -23.48 -56.42 13.46
CA VAL K 498 -22.48 -55.36 13.32
C VAL K 498 -22.74 -54.56 12.04
N THR K 499 -22.67 -55.25 10.90
CA THR K 499 -22.89 -54.59 9.63
C THR K 499 -24.33 -54.09 9.50
N ARG K 500 -25.28 -54.84 10.08
CA ARG K 500 -26.67 -54.40 10.05
C ARG K 500 -26.82 -53.03 10.71
N SER K 501 -26.28 -52.88 11.91
CA SER K 501 -26.37 -51.60 12.63
C SER K 501 -25.60 -50.51 11.90
N ALA K 502 -24.39 -50.83 11.41
CA ALA K 502 -23.61 -49.82 10.71
C ALA K 502 -24.37 -49.29 9.50
N LEU K 503 -24.92 -50.20 8.69
CA LEU K 503 -25.66 -49.80 7.51
C LEU K 503 -26.93 -49.04 7.89
N GLN K 504 -27.66 -49.49 8.90
CA GLN K 504 -28.90 -48.83 9.27
C GLN K 504 -28.64 -47.42 9.76
N TYR K 505 -27.59 -47.21 10.57
CA TYR K 505 -27.29 -45.88 11.05
C TYR K 505 -26.75 -44.99 9.94
N ALA K 506 -25.96 -45.56 9.02
CA ALA K 506 -25.53 -44.79 7.86
C ALA K 506 -26.71 -44.36 7.02
N ALA K 507 -27.67 -45.25 6.81
CA ALA K 507 -28.88 -44.91 6.07
C ALA K 507 -29.66 -43.83 6.79
N SER K 508 -29.80 -43.95 8.11
CA SER K 508 -30.55 -42.97 8.88
C SER K 508 -29.92 -41.59 8.75
N VAL K 509 -28.60 -41.50 8.95
CA VAL K 509 -27.94 -40.20 8.87
C VAL K 509 -28.01 -39.64 7.46
N ALA K 510 -27.79 -40.48 6.44
CA ALA K 510 -27.82 -40.00 5.07
C ALA K 510 -29.20 -39.47 4.70
N GLY K 511 -30.25 -40.22 5.06
CA GLY K 511 -31.60 -39.75 4.77
C GLY K 511 -31.94 -38.47 5.50
N LEU K 512 -31.56 -38.37 6.77
CA LEU K 512 -31.85 -37.16 7.53
C LEU K 512 -31.15 -35.95 6.93
N MET K 513 -29.86 -36.06 6.62
CA MET K 513 -29.12 -34.91 6.15
C MET K 513 -29.46 -34.57 4.71
N ILE K 514 -29.92 -35.56 3.95
CA ILE K 514 -30.42 -35.31 2.60
C ILE K 514 -31.64 -34.39 2.65
N THR K 515 -32.52 -34.60 3.62
CA THR K 515 -33.73 -33.80 3.77
C THR K 515 -33.47 -32.50 4.54
N THR K 516 -32.23 -32.25 4.96
CA THR K 516 -31.88 -31.00 5.61
C THR K 516 -31.80 -29.91 4.56
N GLU K 517 -32.46 -28.77 4.81
CA GLU K 517 -32.45 -27.67 3.86
C GLU K 517 -31.83 -26.40 4.43
N CYS K 518 -31.59 -26.34 5.73
CA CYS K 518 -30.98 -25.18 6.35
C CYS K 518 -30.33 -25.60 7.66
N MET K 519 -29.39 -24.78 8.12
CA MET K 519 -28.76 -24.98 9.42
C MET K 519 -28.30 -23.64 9.95
N VAL K 520 -28.11 -23.57 11.26
CA VAL K 520 -27.69 -22.36 11.95
C VAL K 520 -26.53 -22.72 12.87
N THR K 521 -25.45 -21.95 12.77
CA THR K 521 -24.26 -22.13 13.59
C THR K 521 -23.83 -20.77 14.12
N ASP K 522 -22.79 -20.76 14.94
CA ASP K 522 -22.23 -19.50 15.41
C ASP K 522 -21.31 -18.90 14.35
N LEU K 523 -21.10 -17.59 14.44
CA LEU K 523 -20.25 -16.90 13.48
C LEU K 523 -18.78 -17.24 13.76
N PRO K 524 -17.93 -17.28 12.73
CA PRO K 524 -16.49 -17.61 12.92
C PRO K 524 -15.67 -16.41 13.41
N LYS K 525 -15.80 -16.09 14.68
CA LYS K 525 -15.07 -14.96 15.24
C LYS K 525 -14.45 -15.33 16.59
N ALA L 1 -26.09 6.25 25.15
CA ALA L 1 -25.08 5.79 24.21
C ALA L 1 -25.38 6.30 22.80
N ALA L 2 -24.33 6.63 22.06
CA ALA L 2 -24.50 7.13 20.70
C ALA L 2 -25.28 6.13 19.85
N LYS L 3 -26.22 6.64 19.07
CA LYS L 3 -27.24 5.82 18.44
C LYS L 3 -27.15 5.89 16.92
N ASP L 4 -27.43 4.76 16.29
CA ASP L 4 -27.68 4.70 14.85
C ASP L 4 -29.17 4.90 14.62
N VAL L 5 -29.53 5.98 13.94
CA VAL L 5 -30.92 6.37 13.72
C VAL L 5 -31.23 6.18 12.25
N LYS L 6 -32.34 5.50 11.97
CA LYS L 6 -32.77 5.26 10.59
C LYS L 6 -34.17 5.80 10.38
N PHE L 7 -34.43 6.26 9.16
CA PHE L 7 -35.70 6.84 8.78
C PHE L 7 -36.24 6.14 7.54
N GLY L 8 -37.54 5.85 7.57
CA GLY L 8 -38.21 5.34 6.38
C GLY L 8 -37.66 4.02 5.89
N ASN L 9 -37.44 3.95 4.57
CA ASN L 9 -37.05 2.69 3.95
C ASN L 9 -35.70 2.22 4.45
N ASP L 10 -34.83 3.15 4.87
CA ASP L 10 -33.56 2.76 5.45
C ASP L 10 -33.76 1.82 6.63
N ALA L 11 -34.65 2.20 7.55
CA ALA L 11 -35.01 1.32 8.66
C ALA L 11 -35.78 0.11 8.17
N ARG L 12 -36.68 0.32 7.20
CA ARG L 12 -37.65 -0.72 6.85
C ARG L 12 -37.00 -1.93 6.20
N VAL L 13 -36.16 -1.69 5.18
CA VAL L 13 -35.49 -2.81 4.53
C VAL L 13 -34.57 -3.53 5.52
N LYS L 14 -34.01 -2.77 6.46
CA LYS L 14 -33.17 -3.33 7.50
C LYS L 14 -33.92 -4.34 8.34
N MET L 15 -35.14 -3.99 8.76
CA MET L 15 -35.98 -4.96 9.46
C MET L 15 -36.33 -6.12 8.54
N LEU L 16 -36.69 -5.80 7.30
CA LEU L 16 -37.35 -6.77 6.42
C LEU L 16 -36.40 -7.88 6.01
N ARG L 17 -35.12 -7.56 5.79
CA ARG L 17 -34.17 -8.61 5.42
C ARG L 17 -34.04 -9.63 6.54
N GLY L 18 -33.95 -9.15 7.79
CA GLY L 18 -33.93 -10.07 8.91
C GLY L 18 -35.20 -10.88 9.04
N VAL L 19 -36.35 -10.24 8.82
CA VAL L 19 -37.63 -10.96 8.90
C VAL L 19 -37.66 -12.07 7.85
N ASN L 20 -37.27 -11.73 6.63
CA ASN L 20 -37.33 -12.69 5.53
C ASN L 20 -36.37 -13.84 5.76
N VAL L 21 -35.16 -13.54 6.25
CA VAL L 21 -34.20 -14.61 6.54
C VAL L 21 -34.72 -15.51 7.65
N LEU L 22 -35.25 -14.90 8.71
CA LEU L 22 -35.84 -15.64 9.82
C LEU L 22 -36.87 -16.63 9.31
N ALA L 23 -37.81 -16.15 8.49
CA ALA L 23 -38.86 -17.05 8.03
C ALA L 23 -38.37 -18.00 6.96
N ASP L 24 -37.33 -17.63 6.20
CA ASP L 24 -36.73 -18.56 5.26
C ASP L 24 -36.14 -19.76 5.99
N ALA L 25 -35.57 -19.52 7.17
CA ALA L 25 -35.08 -20.60 8.01
C ALA L 25 -36.21 -21.35 8.73
N VAL L 26 -37.29 -20.68 9.09
CA VAL L 26 -38.36 -21.29 9.89
C VAL L 26 -39.32 -22.12 9.04
N LYS L 27 -39.69 -21.62 7.86
CA LYS L 27 -40.81 -22.18 7.12
C LYS L 27 -40.51 -23.59 6.59
N VAL L 28 -39.22 -23.96 6.51
CA VAL L 28 -38.89 -25.31 6.04
C VAL L 28 -39.41 -26.37 6.99
N THR L 29 -39.75 -26.00 8.24
CA THR L 29 -40.28 -26.94 9.21
C THR L 29 -41.79 -27.00 9.25
N LEU L 30 -42.48 -26.19 8.46
CA LEU L 30 -43.93 -26.17 8.49
C LEU L 30 -44.50 -27.44 7.88
N GLY L 31 -45.60 -27.91 8.48
CA GLY L 31 -46.25 -29.12 7.99
C GLY L 31 -45.84 -30.33 8.81
N PRO L 32 -46.54 -31.45 8.60
CA PRO L 32 -46.16 -32.69 9.28
C PRO L 32 -44.81 -33.21 8.82
N LYS L 33 -44.33 -32.77 7.66
CA LYS L 33 -43.08 -33.24 7.10
C LYS L 33 -42.09 -32.10 6.90
N GLY L 34 -41.91 -31.28 7.94
CA GLY L 34 -41.00 -30.16 7.83
C GLY L 34 -39.57 -30.61 7.57
N ARG L 35 -38.79 -29.74 6.95
CA ARG L 35 -37.44 -30.07 6.56
C ARG L 35 -36.50 -30.11 7.77
N ASN L 36 -35.48 -30.97 7.67
CA ASN L 36 -34.53 -31.13 8.76
C ASN L 36 -33.71 -29.86 8.94
N VAL L 37 -33.48 -29.47 10.20
CA VAL L 37 -32.58 -28.36 10.51
C VAL L 37 -31.66 -28.78 11.64
N VAL L 38 -30.35 -28.67 11.42
CA VAL L 38 -29.36 -28.99 12.44
C VAL L 38 -28.95 -27.67 13.10
N LEU L 39 -29.66 -27.32 14.16
CA LEU L 39 -29.26 -26.22 15.02
C LEU L 39 -27.92 -26.54 15.66
N ASP L 40 -26.87 -25.83 15.24
CA ASP L 40 -25.54 -26.13 15.73
C ASP L 40 -25.44 -25.81 17.21
N LYS L 41 -24.80 -26.71 17.96
CA LYS L 41 -24.62 -26.58 19.39
C LYS L 41 -23.21 -26.11 19.71
N SER L 42 -23.00 -25.75 20.98
CA SER L 42 -21.70 -25.28 21.42
C SER L 42 -20.65 -26.37 21.30
N PHE L 43 -21.00 -27.61 21.64
CA PHE L 43 -20.05 -28.70 21.66
C PHE L 43 -20.71 -29.98 21.16
N GLY L 44 -19.86 -30.91 20.72
CA GLY L 44 -20.33 -32.22 20.34
C GLY L 44 -21.34 -32.20 19.22
N ALA L 45 -22.35 -33.04 19.35
CA ALA L 45 -23.37 -33.19 18.32
C ALA L 45 -24.41 -32.08 18.44
N PRO L 46 -24.60 -31.25 17.41
CA PRO L 46 -25.75 -30.33 17.39
C PRO L 46 -27.10 -31.02 17.28
N THR L 47 -28.17 -30.22 17.28
CA THR L 47 -29.53 -30.72 17.46
C THR L 47 -30.26 -30.72 16.13
N ILE L 48 -30.74 -31.88 15.71
CA ILE L 48 -31.55 -32.00 14.51
C ILE L 48 -33.02 -31.92 14.91
N THR L 49 -33.71 -30.92 14.38
CA THR L 49 -35.10 -30.64 14.75
C THR L 49 -35.90 -30.32 13.51
N LYS L 50 -37.24 -30.35 13.68
CA LYS L 50 -38.18 -30.15 12.59
C LYS L 50 -39.38 -29.29 12.99
N ASP L 51 -39.23 -28.42 13.99
CA ASP L 51 -40.30 -27.53 14.39
C ASP L 51 -39.81 -26.08 14.38
N GLY L 52 -40.72 -25.16 14.06
CA GLY L 52 -40.31 -23.78 13.89
C GLY L 52 -39.93 -23.09 15.18
N VAL L 53 -40.49 -23.53 16.31
CA VAL L 53 -40.15 -22.91 17.58
C VAL L 53 -38.71 -23.19 17.96
N SER L 54 -38.27 -24.43 17.76
CA SER L 54 -36.91 -24.82 18.12
C SER L 54 -35.88 -23.95 17.41
N VAL L 55 -36.05 -23.79 16.10
CA VAL L 55 -35.11 -22.96 15.35
C VAL L 55 -35.30 -21.49 15.69
N ALA L 56 -36.57 -21.04 15.84
CA ALA L 56 -36.84 -19.64 16.10
C ALA L 56 -36.18 -19.17 17.38
N ARG L 57 -36.06 -20.06 18.36
CA ARG L 57 -35.36 -19.71 19.59
C ARG L 57 -33.87 -19.50 19.35
N GLU L 58 -33.30 -20.16 18.35
CA GLU L 58 -31.86 -20.22 18.14
C GLU L 58 -31.37 -19.24 17.08
N ILE L 59 -32.03 -18.10 16.92
CA ILE L 59 -31.72 -17.18 15.82
C ILE L 59 -31.27 -15.84 16.40
N GLU L 60 -30.05 -15.44 16.06
CA GLU L 60 -29.54 -14.10 16.33
C GLU L 60 -28.71 -13.64 15.15
N LEU L 61 -28.87 -12.37 14.78
CA LEU L 61 -28.22 -11.81 13.60
C LEU L 61 -27.22 -10.74 14.02
N GLU L 62 -26.06 -10.75 13.36
CA GLU L 62 -25.05 -9.73 13.62
C GLU L 62 -25.57 -8.35 13.24
N ASP L 63 -26.28 -8.24 12.13
CA ASP L 63 -26.94 -6.99 11.79
C ASP L 63 -27.98 -6.68 12.84
N LYS L 64 -27.77 -5.58 13.57
CA LYS L 64 -28.66 -5.26 14.68
C LYS L 64 -30.08 -4.98 14.20
N PHE L 65 -30.21 -4.41 13.00
CA PHE L 65 -31.54 -4.12 12.47
C PHE L 65 -32.26 -5.39 12.01
N GLU L 66 -31.56 -6.26 11.29
CA GLU L 66 -32.18 -7.52 10.87
C GLU L 66 -32.53 -8.38 12.08
N ASN L 67 -31.62 -8.46 13.05
CA ASN L 67 -31.91 -9.16 14.29
C ASN L 67 -33.07 -8.51 15.02
N MET L 68 -33.16 -7.18 14.95
CA MET L 68 -34.26 -6.45 15.57
C MET L 68 -35.61 -6.84 14.96
N GLY L 69 -35.68 -6.83 13.63
CA GLY L 69 -36.91 -7.27 12.97
C GLY L 69 -37.24 -8.71 13.31
N ALA L 70 -36.23 -9.57 13.35
CA ALA L 70 -36.44 -10.94 13.78
C ALA L 70 -37.01 -11.00 15.20
N GLN L 71 -36.56 -10.09 16.07
CA GLN L 71 -37.05 -10.09 17.45
C GLN L 71 -38.50 -9.67 17.52
N MET L 72 -38.89 -8.63 16.78
CA MET L 72 -40.32 -8.30 16.74
C MET L 72 -41.15 -9.44 16.18
N VAL L 73 -40.67 -10.11 15.12
CA VAL L 73 -41.44 -11.18 14.54
C VAL L 73 -41.58 -12.35 15.52
N LYS L 74 -40.49 -12.69 16.22
CA LYS L 74 -40.56 -13.75 17.22
C LYS L 74 -41.52 -13.36 18.34
N GLU L 75 -41.48 -12.10 18.76
CA GLU L 75 -42.42 -11.60 19.76
C GLU L 75 -43.86 -11.77 19.32
N VAL L 76 -44.18 -11.38 18.10
CA VAL L 76 -45.56 -11.41 17.64
C VAL L 76 -46.00 -12.85 17.42
N ALA L 77 -45.10 -13.71 16.94
CA ALA L 77 -45.42 -15.14 16.85
C ALA L 77 -45.70 -15.72 18.22
N SER L 78 -44.95 -15.29 19.23
CA SER L 78 -45.24 -15.69 20.60
C SER L 78 -46.61 -15.20 21.04
N LYS L 79 -46.95 -13.96 20.68
CA LYS L 79 -48.28 -13.42 20.98
C LYS L 79 -49.36 -14.30 20.38
N ALA L 80 -49.18 -14.68 19.10
CA ALA L 80 -50.13 -15.58 18.46
C ALA L 80 -50.23 -16.91 19.19
N ASN L 81 -49.07 -17.55 19.43
CA ASN L 81 -49.05 -18.86 20.05
C ASN L 81 -49.72 -18.84 21.42
N ASP L 82 -49.55 -17.75 22.16
CA ASP L 82 -50.25 -17.60 23.44
C ASP L 82 -51.76 -17.62 23.23
N ALA L 83 -52.23 -16.94 22.19
CA ALA L 83 -53.65 -16.95 21.85
C ALA L 83 -53.99 -18.01 20.82
N ALA L 84 -53.02 -18.79 20.34
CA ALA L 84 -53.28 -19.88 19.41
C ALA L 84 -52.98 -21.24 20.03
N GLY L 85 -51.74 -21.48 20.47
CA GLY L 85 -51.33 -22.79 20.92
C GLY L 85 -50.57 -23.62 19.90
N ASP L 86 -50.74 -23.32 18.61
CA ASP L 86 -49.98 -23.95 17.55
C ASP L 86 -50.02 -23.02 16.33
N GLY L 87 -49.70 -23.55 15.16
CA GLY L 87 -49.52 -22.69 14.02
C GLY L 87 -48.38 -21.74 14.18
N THR L 88 -47.44 -22.06 15.08
CA THR L 88 -46.29 -21.19 15.33
C THR L 88 -45.50 -20.98 14.04
N THR L 89 -45.17 -22.06 13.35
CA THR L 89 -44.51 -21.92 12.07
C THR L 89 -45.47 -21.35 11.03
N THR L 90 -46.76 -21.71 11.13
CA THR L 90 -47.76 -21.10 10.27
C THR L 90 -47.86 -19.61 10.54
N ALA L 91 -47.84 -19.21 11.82
CA ALA L 91 -47.85 -17.78 12.15
C ALA L 91 -46.61 -17.09 11.62
N THR L 92 -45.46 -17.77 11.67
CA THR L 92 -44.23 -17.19 11.14
C THR L 92 -44.32 -16.97 9.63
N VAL L 93 -44.87 -17.94 8.91
CA VAL L 93 -45.02 -17.81 7.45
C VAL L 93 -45.96 -16.65 7.14
N LEU L 94 -47.09 -16.58 7.86
CA LEU L 94 -48.02 -15.48 7.66
C LEU L 94 -47.36 -14.13 7.95
N ALA L 95 -46.61 -14.05 9.04
CA ALA L 95 -45.95 -12.80 9.40
C ALA L 95 -44.98 -12.37 8.32
N GLN L 96 -44.13 -13.30 7.85
CA GLN L 96 -43.18 -12.95 6.79
C GLN L 96 -43.91 -12.44 5.56
N ALA L 97 -44.90 -13.21 5.09
CA ALA L 97 -45.57 -12.84 3.85
C ALA L 97 -46.23 -11.47 3.96
N ILE L 98 -47.05 -11.27 4.98
CA ILE L 98 -47.80 -10.03 5.10
C ILE L 98 -46.85 -8.85 5.36
N ILE L 99 -45.87 -9.02 6.24
CA ILE L 99 -44.94 -7.93 6.55
C ILE L 99 -44.14 -7.55 5.32
N THR L 100 -43.63 -8.55 4.59
CA THR L 100 -42.83 -8.26 3.42
C THR L 100 -43.66 -7.55 2.36
N GLU L 101 -44.88 -8.03 2.12
CA GLU L 101 -45.74 -7.39 1.13
C GLU L 101 -46.08 -5.96 1.56
N GLY L 102 -46.39 -5.76 2.84
CA GLY L 102 -46.73 -4.42 3.30
C GLY L 102 -45.55 -3.47 3.22
N LEU L 103 -44.35 -3.96 3.51
CA LEU L 103 -43.16 -3.11 3.42
C LEU L 103 -42.84 -2.77 1.98
N LYS L 104 -43.03 -3.73 1.06
CA LYS L 104 -42.86 -3.42 -0.34
C LYS L 104 -43.88 -2.41 -0.83
N ALA L 105 -45.14 -2.54 -0.37
CA ALA L 105 -46.17 -1.59 -0.75
C ALA L 105 -45.89 -0.20 -0.18
N VAL L 106 -45.36 -0.13 1.05
CA VAL L 106 -44.95 1.15 1.61
C VAL L 106 -43.82 1.74 0.79
N ALA L 107 -42.85 0.91 0.40
CA ALA L 107 -41.77 1.37 -0.47
C ALA L 107 -42.29 1.79 -1.84
N ALA L 108 -43.51 1.40 -2.20
CA ALA L 108 -44.10 1.82 -3.48
C ALA L 108 -44.67 3.23 -3.42
N GLY L 109 -44.34 4.02 -2.40
CA GLY L 109 -44.85 5.37 -2.30
C GLY L 109 -46.32 5.48 -2.00
N MET L 110 -46.92 4.46 -1.39
CA MET L 110 -48.35 4.34 -1.22
C MET L 110 -48.72 4.37 0.27
N ASN L 111 -49.98 4.75 0.52
CA ASN L 111 -50.40 5.16 1.86
C ASN L 111 -50.24 4.03 2.87
N PRO L 112 -49.52 4.25 3.98
CA PRO L 112 -49.38 3.21 5.00
C PRO L 112 -50.63 3.01 5.83
N MET L 113 -51.29 4.11 6.20
CA MET L 113 -52.50 4.02 7.00
C MET L 113 -53.59 3.26 6.27
N ASP L 114 -53.72 3.47 4.96
CA ASP L 114 -54.69 2.71 4.19
C ASP L 114 -54.32 1.23 4.13
N LEU L 115 -53.03 0.93 4.01
CA LEU L 115 -52.59 -0.46 4.11
C LEU L 115 -53.05 -1.09 5.41
N LYS L 116 -52.82 -0.40 6.53
CA LYS L 116 -53.21 -0.93 7.83
C LYS L 116 -54.71 -1.11 7.92
N ARG L 117 -55.47 -0.13 7.43
CA ARG L 117 -56.93 -0.22 7.47
C ARG L 117 -57.43 -1.42 6.68
N GLY L 118 -56.94 -1.57 5.45
CA GLY L 118 -57.36 -2.70 4.63
C GLY L 118 -57.02 -4.03 5.27
N ILE L 119 -55.78 -4.16 5.75
CA ILE L 119 -55.35 -5.42 6.35
C ILE L 119 -56.19 -5.74 7.58
N ASP L 120 -56.42 -4.74 8.43
CA ASP L 120 -57.12 -4.99 9.69
C ASP L 120 -58.59 -5.36 9.44
N LYS L 121 -59.28 -4.65 8.55
CA LYS L 121 -60.68 -4.97 8.34
C LYS L 121 -60.83 -6.29 7.58
N ALA L 122 -59.87 -6.59 6.69
CA ALA L 122 -59.87 -7.91 6.05
C ALA L 122 -59.71 -9.01 7.08
N VAL L 123 -58.82 -8.80 8.07
CA VAL L 123 -58.61 -9.80 9.10
C VAL L 123 -59.86 -9.95 9.97
N THR L 124 -60.55 -8.84 10.26
CA THR L 124 -61.78 -8.93 11.01
C THR L 124 -62.85 -9.72 10.26
N ALA L 125 -63.00 -9.44 8.96
CA ALA L 125 -63.98 -10.17 8.15
C ALA L 125 -63.63 -11.65 8.07
N ALA L 126 -62.33 -11.96 7.94
CA ALA L 126 -61.89 -13.34 7.91
C ALA L 126 -62.17 -14.04 9.25
N VAL L 127 -61.98 -13.32 10.36
CA VAL L 127 -62.29 -13.89 11.66
C VAL L 127 -63.78 -14.20 11.77
N GLU L 128 -64.62 -13.29 11.27
CA GLU L 128 -66.06 -13.53 11.26
C GLU L 128 -66.41 -14.75 10.44
N GLU L 129 -65.82 -14.88 9.25
CA GLU L 129 -66.11 -16.04 8.41
C GLU L 129 -65.57 -17.33 8.99
N LEU L 130 -64.44 -17.26 9.69
CA LEU L 130 -63.92 -18.44 10.38
C LEU L 130 -64.86 -18.87 11.49
N LYS L 131 -65.37 -17.90 12.26
CA LYS L 131 -66.34 -18.21 13.29
C LYS L 131 -67.60 -18.81 12.71
N ALA L 132 -68.03 -18.31 11.54
CA ALA L 132 -69.14 -18.94 10.83
C ALA L 132 -68.77 -20.37 10.44
N LEU L 133 -67.54 -20.58 9.98
CA LEU L 133 -67.01 -21.91 9.68
C LEU L 133 -66.65 -22.69 10.93
N SER L 134 -66.51 -22.02 12.07
CA SER L 134 -66.08 -22.67 13.30
C SER L 134 -67.16 -23.63 13.78
N VAL L 135 -66.88 -24.92 13.69
CA VAL L 135 -67.78 -25.94 14.25
C VAL L 135 -67.28 -26.29 15.64
N PRO L 136 -68.17 -26.46 16.62
CA PRO L 136 -67.71 -26.64 18.01
C PRO L 136 -66.89 -27.90 18.21
N CYS L 137 -65.68 -27.74 18.74
CA CYS L 137 -64.81 -28.85 19.07
C CYS L 137 -65.10 -29.40 20.47
N SER L 138 -66.21 -30.14 20.60
CA SER L 138 -66.65 -30.58 21.91
C SER L 138 -66.51 -32.09 22.13
N ASP L 139 -66.57 -32.88 21.07
CA ASP L 139 -66.52 -34.33 21.23
C ASP L 139 -65.13 -34.80 21.60
N SER L 140 -65.06 -35.95 22.27
CA SER L 140 -63.77 -36.52 22.68
C SER L 140 -62.90 -36.87 21.48
N LYS L 141 -63.50 -37.26 20.35
CA LYS L 141 -62.72 -37.49 19.15
C LYS L 141 -62.04 -36.22 18.67
N ALA L 142 -62.79 -35.11 18.59
CA ALA L 142 -62.22 -33.87 18.12
C ALA L 142 -61.19 -33.32 19.10
N ILE L 143 -61.44 -33.49 20.41
CA ILE L 143 -60.46 -33.08 21.41
C ILE L 143 -59.19 -33.90 21.27
N ALA L 144 -59.33 -35.21 21.04
CA ALA L 144 -58.17 -36.06 20.84
C ALA L 144 -57.38 -35.64 19.61
N GLN L 145 -58.08 -35.30 18.52
CA GLN L 145 -57.38 -34.89 17.31
C GLN L 145 -56.74 -33.52 17.45
N VAL L 146 -57.32 -32.63 18.26
CA VAL L 146 -56.69 -31.35 18.55
C VAL L 146 -55.41 -31.55 19.34
N GLY L 147 -55.48 -32.37 20.40
CA GLY L 147 -54.27 -32.71 21.13
C GLY L 147 -53.27 -33.45 20.27
N THR L 148 -53.75 -34.12 19.23
CA THR L 148 -52.88 -34.78 18.27
C THR L 148 -52.09 -33.76 17.45
N ILE L 149 -52.80 -32.94 16.68
CA ILE L 149 -52.14 -32.00 15.78
C ILE L 149 -51.30 -30.99 16.56
N SER L 150 -51.80 -30.55 17.72
CA SER L 150 -51.05 -29.60 18.53
C SER L 150 -49.71 -30.15 18.97
N ALA L 151 -49.69 -31.41 19.43
CA ALA L 151 -48.46 -32.07 19.81
C ALA L 151 -47.78 -32.74 18.62
N ASN L 152 -48.05 -32.26 17.40
CA ASN L 152 -47.47 -32.81 16.17
C ASN L 152 -47.79 -34.30 16.04
N SER L 153 -49.09 -34.58 15.94
CA SER L 153 -49.61 -35.94 15.76
C SER L 153 -49.36 -36.82 16.99
N ASP L 154 -50.01 -36.47 18.09
CA ASP L 154 -50.01 -37.26 19.33
C ASP L 154 -51.45 -37.48 19.80
N GLU L 155 -52.07 -38.57 19.33
CA GLU L 155 -53.47 -38.83 19.65
C GLU L 155 -53.69 -39.08 21.13
N THR L 156 -52.80 -39.85 21.76
CA THR L 156 -53.04 -40.29 23.13
C THR L 156 -53.17 -39.12 24.09
N VAL L 157 -52.41 -38.04 23.83
CA VAL L 157 -52.47 -36.88 24.72
C VAL L 157 -53.86 -36.26 24.69
N GLY L 158 -54.39 -36.00 23.49
CA GLY L 158 -55.72 -35.42 23.39
C GLY L 158 -56.80 -36.36 23.90
N LYS L 159 -56.63 -37.66 23.67
CA LYS L 159 -57.57 -38.65 24.18
C LYS L 159 -57.63 -38.62 25.70
N LEU L 160 -56.46 -38.60 26.35
CA LEU L 160 -56.43 -38.53 27.82
C LEU L 160 -56.98 -37.20 28.31
N ILE L 161 -56.77 -36.11 27.56
CA ILE L 161 -57.35 -34.82 27.94
C ILE L 161 -58.87 -34.91 27.93
N ALA L 162 -59.44 -35.51 26.87
CA ALA L 162 -60.89 -35.67 26.80
C ALA L 162 -61.40 -36.53 27.96
N GLU L 163 -60.68 -37.61 28.27
CA GLU L 163 -61.08 -38.43 29.41
C GLU L 163 -61.04 -37.66 30.71
N ALA L 164 -59.98 -36.87 30.94
CA ALA L 164 -59.85 -36.11 32.18
C ALA L 164 -60.96 -35.08 32.32
N MET L 165 -61.27 -34.36 31.23
CA MET L 165 -62.34 -33.38 31.30
C MET L 165 -63.70 -34.03 31.48
N ASP L 166 -63.91 -35.21 30.90
CA ASP L 166 -65.16 -35.91 31.14
C ASP L 166 -65.28 -36.38 32.58
N LYS L 167 -64.16 -36.79 33.17
CA LYS L 167 -64.17 -37.26 34.55
C LYS L 167 -64.38 -36.11 35.54
N VAL L 168 -63.68 -35.01 35.33
CA VAL L 168 -63.69 -33.92 36.30
C VAL L 168 -64.71 -32.83 35.96
N GLY L 169 -64.72 -32.36 34.72
CA GLY L 169 -65.66 -31.34 34.29
C GLY L 169 -65.00 -29.97 34.15
N LYS L 170 -65.76 -29.06 33.56
CA LYS L 170 -65.25 -27.71 33.30
C LYS L 170 -65.13 -26.90 34.59
N GLU L 171 -66.04 -27.13 35.55
CA GLU L 171 -65.99 -26.42 36.81
C GLU L 171 -64.78 -26.78 37.66
N GLY L 172 -64.09 -27.88 37.33
CA GLY L 172 -62.82 -28.21 37.93
C GLY L 172 -61.67 -27.77 37.06
N VAL L 173 -60.49 -28.31 37.36
CA VAL L 173 -59.27 -27.98 36.64
C VAL L 173 -58.49 -29.26 36.39
N ILE L 174 -57.84 -29.34 35.22
CA ILE L 174 -56.94 -30.43 34.89
C ILE L 174 -55.52 -29.94 35.05
N THR L 175 -54.76 -30.57 35.94
CA THR L 175 -53.40 -30.14 36.26
C THR L 175 -52.39 -31.21 35.86
N VAL L 176 -51.20 -30.76 35.47
CA VAL L 176 -50.14 -31.63 35.00
C VAL L 176 -48.97 -31.52 35.97
N GLU L 177 -48.50 -32.66 36.46
CA GLU L 177 -47.39 -32.72 37.38
C GLU L 177 -46.46 -33.86 36.98
N ASP L 178 -45.33 -33.95 37.68
CA ASP L 178 -44.31 -34.94 37.36
C ASP L 178 -44.82 -36.34 37.68
N GLY L 179 -44.66 -37.26 36.74
CA GLY L 179 -45.04 -38.63 36.96
C GLY L 179 -44.03 -39.37 37.82
N THR L 180 -44.51 -40.42 38.48
CA THR L 180 -43.68 -41.21 39.38
C THR L 180 -42.80 -42.20 38.62
N GLY L 181 -43.42 -43.17 37.93
CA GLY L 181 -42.66 -44.14 37.19
C GLY L 181 -42.44 -43.71 35.75
N LEU L 182 -42.87 -44.55 34.82
CA LEU L 182 -42.72 -44.26 33.39
C LEU L 182 -44.05 -44.09 32.68
N GLN L 183 -45.17 -44.21 33.39
CA GLN L 183 -46.48 -44.05 32.79
C GLN L 183 -47.24 -42.94 33.50
N ASP L 184 -47.94 -42.14 32.72
CA ASP L 184 -48.78 -41.09 33.27
C ASP L 184 -49.92 -41.69 34.06
N GLU L 185 -50.41 -40.97 35.05
CA GLU L 185 -51.60 -41.37 35.78
C GLU L 185 -52.49 -40.18 36.03
N LEU L 186 -53.79 -40.39 35.85
CA LEU L 186 -54.82 -39.37 36.02
C LEU L 186 -55.56 -39.62 37.32
N ASP L 187 -55.71 -38.58 38.13
CA ASP L 187 -56.43 -38.67 39.40
C ASP L 187 -57.48 -37.59 39.48
N VAL L 188 -58.71 -37.99 39.80
CA VAL L 188 -59.81 -37.06 40.06
C VAL L 188 -59.79 -36.75 41.56
N VAL L 189 -58.94 -35.78 41.94
CA VAL L 189 -58.71 -35.51 43.35
C VAL L 189 -59.72 -34.49 43.86
N GLU L 190 -59.80 -34.39 45.18
CA GLU L 190 -60.72 -33.47 45.84
C GLU L 190 -60.21 -32.04 45.70
N GLY L 191 -60.79 -31.31 44.76
CA GLY L 191 -60.48 -29.92 44.60
C GLY L 191 -61.69 -29.21 44.03
N MET L 192 -61.43 -28.06 43.39
CA MET L 192 -62.50 -27.30 42.76
C MET L 192 -61.86 -26.15 41.98
N GLN L 193 -62.72 -25.36 41.36
CA GLN L 193 -62.31 -24.14 40.68
C GLN L 193 -63.48 -23.18 40.62
N PHE L 194 -63.29 -21.96 41.11
CA PHE L 194 -64.30 -20.92 40.99
C PHE L 194 -63.72 -19.77 40.18
N ASP L 195 -64.60 -18.93 39.65
CA ASP L 195 -64.21 -17.91 38.69
C ASP L 195 -63.97 -16.57 39.38
N ARG L 196 -63.06 -16.61 40.36
CA ARG L 196 -62.57 -15.39 41.01
C ARG L 196 -61.08 -15.56 41.25
N GLY L 197 -60.30 -14.54 40.88
CA GLY L 197 -58.86 -14.57 41.01
C GLY L 197 -58.33 -13.47 41.91
N TYR L 198 -57.03 -13.26 41.83
CA TYR L 198 -56.38 -12.28 42.69
C TYR L 198 -56.88 -10.87 42.39
N LEU L 199 -57.03 -10.07 43.45
CA LEU L 199 -57.40 -8.68 43.30
C LEU L 199 -56.21 -7.80 42.96
N SER L 200 -54.99 -8.29 43.15
CA SER L 200 -53.80 -7.52 42.80
C SER L 200 -52.73 -8.46 42.25
N PRO L 201 -52.14 -8.13 41.10
CA PRO L 201 -51.05 -8.97 40.58
C PRO L 201 -49.83 -9.00 41.48
N TYR L 202 -49.76 -8.10 42.48
CA TYR L 202 -48.65 -8.10 43.42
C TYR L 202 -48.52 -9.45 44.12
N PHE L 203 -49.63 -10.15 44.34
CA PHE L 203 -49.63 -11.42 45.05
C PHE L 203 -49.00 -12.55 44.23
N ILE L 204 -48.81 -12.35 42.94
CA ILE L 204 -48.37 -13.44 42.06
C ILE L 204 -46.90 -13.72 42.36
N ASN L 205 -46.62 -14.81 43.07
CA ASN L 205 -45.26 -15.27 43.28
C ASN L 205 -44.77 -16.14 42.13
N LYS L 206 -45.64 -16.46 41.17
CA LYS L 206 -45.27 -17.19 39.97
C LYS L 206 -45.69 -16.35 38.78
N PRO L 207 -44.95 -15.29 38.47
CA PRO L 207 -45.36 -14.38 37.39
C PRO L 207 -45.50 -15.03 36.03
N GLU L 208 -44.74 -16.10 35.77
CA GLU L 208 -44.87 -16.79 34.49
C GLU L 208 -46.26 -17.38 34.32
N THR L 209 -46.81 -17.93 35.41
CA THR L 209 -48.15 -18.52 35.36
C THR L 209 -49.25 -17.48 35.20
N GLY L 210 -49.00 -16.23 35.60
CA GLY L 210 -50.08 -15.29 35.74
C GLY L 210 -51.07 -15.70 36.81
N ALA L 211 -50.64 -16.56 37.73
CA ALA L 211 -51.49 -17.14 38.75
C ALA L 211 -50.64 -17.41 39.98
N VAL L 212 -51.15 -17.03 41.15
CA VAL L 212 -50.44 -17.28 42.39
C VAL L 212 -50.55 -18.77 42.69
N GLU L 213 -49.41 -19.45 42.78
CA GLU L 213 -49.39 -20.88 43.05
C GLU L 213 -48.83 -21.11 44.44
N LEU L 214 -49.65 -21.65 45.33
CA LEU L 214 -49.26 -21.89 46.72
C LEU L 214 -49.36 -23.39 47.01
N GLU L 215 -48.30 -23.93 47.59
CA GLU L 215 -48.20 -25.37 47.87
C GLU L 215 -48.48 -25.62 49.34
N SER L 216 -49.46 -26.48 49.62
CA SER L 216 -49.91 -26.76 50.98
C SER L 216 -50.16 -25.47 51.76
N PRO L 217 -51.14 -24.68 51.36
CA PRO L 217 -51.35 -23.37 52.00
C PRO L 217 -52.38 -23.40 53.11
N PHE L 218 -52.40 -22.31 53.87
CA PHE L 218 -53.50 -22.03 54.78
C PHE L 218 -54.50 -21.13 54.07
N ILE L 219 -55.77 -21.51 54.09
CA ILE L 219 -56.79 -20.89 53.26
C ILE L 219 -57.80 -20.22 54.17
N LEU L 220 -57.65 -18.92 54.36
CA LEU L 220 -58.69 -18.13 55.02
C LEU L 220 -59.91 -18.02 54.12
N LEU L 221 -61.09 -18.11 54.72
CA LEU L 221 -62.35 -18.12 53.99
C LEU L 221 -63.27 -17.07 54.60
N ALA L 222 -63.35 -15.91 53.96
CA ALA L 222 -64.10 -14.76 54.47
C ALA L 222 -65.30 -14.48 53.58
N ASP L 223 -66.48 -14.43 54.18
CA ASP L 223 -67.68 -13.93 53.51
C ASP L 223 -67.97 -12.48 53.89
N LYS L 224 -66.99 -11.59 53.75
CA LYS L 224 -67.17 -10.25 54.32
C LYS L 224 -66.30 -9.25 53.55
N LYS L 225 -66.66 -7.98 53.69
CA LYS L 225 -65.96 -6.85 53.09
C LYS L 225 -64.90 -6.33 54.07
N ILE L 226 -63.65 -6.74 53.86
CA ILE L 226 -62.55 -6.42 54.77
C ILE L 226 -62.05 -5.02 54.43
N SER L 227 -61.64 -4.26 55.45
CA SER L 227 -61.15 -2.91 55.27
C SER L 227 -59.88 -2.59 56.04
N ASN L 228 -59.55 -3.34 57.09
CA ASN L 228 -58.44 -3.01 57.98
C ASN L 228 -57.54 -4.22 58.18
N ILE L 229 -56.23 -3.99 58.27
CA ILE L 229 -55.29 -5.08 58.54
C ILE L 229 -55.17 -5.37 60.03
N ARG L 230 -55.69 -4.49 60.89
CA ARG L 230 -55.60 -4.76 62.33
C ARG L 230 -56.35 -6.03 62.69
N GLU L 231 -57.50 -6.24 62.08
CA GLU L 231 -58.24 -7.48 62.30
C GLU L 231 -57.50 -8.67 61.71
N MET L 232 -56.62 -8.42 60.74
CA MET L 232 -55.99 -9.52 60.00
C MET L 232 -54.64 -9.92 60.58
N LEU L 233 -54.01 -9.05 61.36
CA LEU L 233 -52.65 -9.31 61.84
C LEU L 233 -52.51 -10.59 62.66
N PRO L 234 -53.40 -10.95 63.60
CA PRO L 234 -53.25 -12.24 64.28
C PRO L 234 -53.27 -13.42 63.33
N VAL L 235 -54.09 -13.37 62.27
CA VAL L 235 -54.11 -14.44 61.28
C VAL L 235 -52.78 -14.52 60.55
N LEU L 236 -52.22 -13.35 60.20
CA LEU L 236 -50.92 -13.32 59.53
C LEU L 236 -49.84 -13.95 60.41
N GLU L 237 -49.85 -13.61 61.70
CA GLU L 237 -48.87 -14.21 62.62
C GLU L 237 -49.08 -15.71 62.73
N ALA L 238 -50.33 -16.16 62.81
CA ALA L 238 -50.61 -17.59 62.91
C ALA L 238 -50.09 -18.34 61.70
N VAL L 239 -50.34 -17.81 60.50
CA VAL L 239 -49.90 -18.50 59.28
C VAL L 239 -48.38 -18.46 59.16
N ALA L 240 -47.76 -17.32 59.52
CA ALA L 240 -46.32 -17.22 59.44
C ALA L 240 -45.62 -18.14 60.43
N LYS L 241 -46.28 -18.44 61.56
CA LYS L 241 -45.68 -19.35 62.53
C LYS L 241 -45.49 -20.75 61.95
N ALA L 242 -46.46 -21.23 61.16
CA ALA L 242 -46.36 -22.55 60.56
C ALA L 242 -45.65 -22.53 59.21
N GLY L 243 -45.31 -21.35 58.68
CA GLY L 243 -44.56 -21.27 57.45
C GLY L 243 -45.28 -21.80 56.23
N LYS L 244 -46.59 -21.60 56.16
CA LYS L 244 -47.34 -22.01 54.98
C LYS L 244 -47.74 -20.79 54.16
N PRO L 245 -47.93 -20.95 52.85
CA PRO L 245 -48.49 -19.87 52.05
C PRO L 245 -49.94 -19.61 52.45
N LEU L 246 -50.41 -18.40 52.14
CA LEU L 246 -51.69 -17.93 52.64
C LEU L 246 -52.58 -17.54 51.46
N LEU L 247 -53.81 -18.06 51.46
CA LEU L 247 -54.79 -17.75 50.43
C LEU L 247 -56.06 -17.24 51.09
N ILE L 248 -56.41 -15.99 50.82
CA ILE L 248 -57.62 -15.38 51.35
C ILE L 248 -58.74 -15.50 50.31
N ILE L 249 -59.89 -15.98 50.74
CA ILE L 249 -61.11 -15.94 49.93
C ILE L 249 -62.08 -15.05 50.71
N ALA L 250 -62.18 -13.79 50.30
CA ALA L 250 -62.97 -12.80 50.99
C ALA L 250 -64.02 -12.21 50.06
N GLU L 251 -65.14 -11.79 50.64
CA GLU L 251 -66.15 -11.09 49.85
C GLU L 251 -65.60 -9.76 49.34
N ASP L 252 -64.76 -9.11 50.13
CA ASP L 252 -64.01 -7.93 49.69
C ASP L 252 -62.92 -7.64 50.70
N VAL L 253 -61.78 -7.18 50.18
CA VAL L 253 -60.68 -6.64 50.98
C VAL L 253 -60.41 -5.24 50.49
N GLU L 254 -60.43 -4.27 51.40
CA GLU L 254 -60.40 -2.87 51.02
C GLU L 254 -59.37 -2.11 51.85
N GLY L 255 -58.83 -1.06 51.25
CA GLY L 255 -58.10 -0.05 52.00
C GLY L 255 -56.89 -0.60 52.75
N GLU L 256 -56.86 -0.29 54.05
CA GLU L 256 -55.66 -0.54 54.85
C GLU L 256 -55.33 -2.02 54.92
N ALA L 257 -56.36 -2.88 54.94
CA ALA L 257 -56.10 -4.31 54.93
C ALA L 257 -55.27 -4.73 53.73
N LEU L 258 -55.73 -4.35 52.53
CA LEU L 258 -55.00 -4.71 51.31
C LEU L 258 -53.65 -4.02 51.26
N ALA L 259 -53.58 -2.77 51.70
CA ALA L 259 -52.31 -2.05 51.68
C ALA L 259 -51.26 -2.73 52.53
N THR L 260 -51.61 -3.09 53.77
CA THR L 260 -50.66 -3.76 54.63
C THR L 260 -50.42 -5.20 54.19
N LEU L 261 -51.38 -5.82 53.53
CA LEU L 261 -51.10 -7.12 52.91
C LEU L 261 -50.00 -7.00 51.88
N VAL L 262 -50.11 -5.99 51.00
CA VAL L 262 -49.08 -5.77 49.99
C VAL L 262 -47.75 -5.46 50.65
N VAL L 263 -47.79 -4.66 51.72
CA VAL L 263 -46.56 -4.30 52.44
C VAL L 263 -45.91 -5.54 53.05
N ASN L 264 -46.69 -6.39 53.70
CA ASN L 264 -46.14 -7.57 54.35
C ASN L 264 -45.62 -8.57 53.33
N THR L 265 -46.30 -8.66 52.17
CA THR L 265 -45.82 -9.56 51.12
C THR L 265 -44.52 -9.07 50.51
N MET L 266 -44.41 -7.76 50.25
CA MET L 266 -43.18 -7.23 49.68
C MET L 266 -42.04 -7.31 50.69
N ARG L 267 -42.36 -7.27 51.98
CA ARG L 267 -41.37 -7.61 52.99
C ARG L 267 -41.11 -9.11 53.07
N GLY L 268 -41.91 -9.92 52.38
CA GLY L 268 -41.75 -11.36 52.42
C GLY L 268 -42.25 -12.02 53.68
N ILE L 269 -43.03 -11.30 54.50
CA ILE L 269 -43.48 -11.86 55.77
C ILE L 269 -44.40 -13.06 55.55
N VAL L 270 -45.41 -12.89 54.70
CA VAL L 270 -46.42 -13.93 54.45
C VAL L 270 -46.69 -14.00 52.96
N LYS L 271 -46.88 -15.21 52.44
CA LYS L 271 -47.25 -15.41 51.04
C LYS L 271 -48.77 -15.30 50.94
N VAL L 272 -49.27 -14.09 50.71
CA VAL L 272 -50.71 -13.80 50.74
C VAL L 272 -51.20 -13.65 49.31
N ALA L 273 -52.30 -14.34 49.00
CA ALA L 273 -53.01 -14.17 47.73
C ALA L 273 -54.50 -14.05 48.02
N ALA L 274 -55.06 -12.86 47.80
CA ALA L 274 -56.45 -12.58 48.12
C ALA L 274 -57.30 -12.62 46.85
N VAL L 275 -58.47 -13.27 46.93
CA VAL L 275 -59.36 -13.42 45.79
C VAL L 275 -60.76 -12.99 46.17
N LYS L 276 -61.57 -12.75 45.15
CA LYS L 276 -62.99 -12.50 45.36
C LYS L 276 -63.70 -13.76 45.82
N ALA L 277 -64.74 -13.56 46.62
CA ALA L 277 -65.62 -14.66 46.96
C ALA L 277 -66.48 -15.01 45.75
N PRO L 278 -66.56 -16.28 45.35
CA PRO L 278 -67.31 -16.64 44.15
C PRO L 278 -68.77 -16.27 44.27
N GLY L 279 -69.33 -15.78 43.16
CA GLY L 279 -70.73 -15.42 43.12
C GLY L 279 -71.06 -14.19 43.97
N PHE L 280 -72.33 -14.06 44.29
CA PHE L 280 -72.80 -12.96 45.13
C PHE L 280 -74.09 -13.38 45.81
N GLY L 281 -74.25 -12.95 47.06
CA GLY L 281 -75.45 -13.30 47.81
C GLY L 281 -75.23 -14.53 48.66
N ASP L 282 -76.32 -15.26 48.90
CA ASP L 282 -76.25 -16.46 49.73
C ASP L 282 -75.48 -17.58 49.05
N ARG L 283 -75.51 -17.60 47.71
CA ARG L 283 -74.75 -18.60 46.97
C ARG L 283 -73.26 -18.51 47.30
N ARG L 284 -72.77 -17.28 47.49
CA ARG L 284 -71.38 -17.07 47.86
C ARG L 284 -71.08 -17.73 49.20
N LYS L 285 -71.96 -17.55 50.19
CA LYS L 285 -71.76 -18.16 51.50
C LYS L 285 -71.80 -19.69 51.41
N ALA L 286 -72.74 -20.23 50.63
CA ALA L 286 -72.84 -21.68 50.49
C ALA L 286 -71.59 -22.26 49.84
N MET L 287 -71.07 -21.58 48.80
CA MET L 287 -69.88 -22.11 48.16
C MET L 287 -68.65 -21.95 49.06
N LEU L 288 -68.59 -20.88 49.85
CA LEU L 288 -67.56 -20.77 50.87
C LEU L 288 -67.64 -21.95 51.83
N GLN L 289 -68.85 -22.39 52.17
CA GLN L 289 -68.99 -23.57 53.02
C GLN L 289 -68.47 -24.82 52.32
N ASP L 290 -68.76 -24.95 51.03
CA ASP L 290 -68.22 -26.09 50.28
C ASP L 290 -66.71 -26.10 50.32
N ILE L 291 -66.08 -24.93 50.12
CA ILE L 291 -64.62 -24.84 50.19
C ILE L 291 -64.13 -25.19 51.60
N ALA L 292 -64.83 -24.69 52.62
CA ALA L 292 -64.43 -24.95 54.00
C ALA L 292 -64.46 -26.44 54.29
N THR L 293 -65.47 -27.14 53.78
CA THR L 293 -65.54 -28.58 53.99
C THR L 293 -64.45 -29.31 53.20
N LEU L 294 -64.23 -28.89 51.94
CA LEU L 294 -63.24 -29.54 51.11
C LEU L 294 -61.83 -29.41 51.66
N THR L 295 -61.45 -28.22 52.12
CA THR L 295 -60.11 -27.98 52.64
C THR L 295 -60.03 -28.13 54.14
N GLY L 296 -61.12 -28.53 54.80
CA GLY L 296 -61.11 -28.64 56.24
C GLY L 296 -61.14 -27.32 56.96
N GLY L 297 -61.45 -26.24 56.25
CA GLY L 297 -61.50 -24.91 56.84
C GLY L 297 -62.89 -24.53 57.31
N THR L 298 -63.05 -23.24 57.59
CA THR L 298 -64.30 -22.68 58.07
C THR L 298 -64.58 -21.38 57.34
N VAL L 299 -65.86 -21.04 57.22
CA VAL L 299 -66.27 -19.78 56.60
C VAL L 299 -66.27 -18.70 57.68
N ILE L 300 -65.54 -17.61 57.42
CA ILE L 300 -65.51 -16.47 58.36
C ILE L 300 -66.49 -15.45 57.79
N SER L 301 -67.73 -15.52 58.27
CA SER L 301 -68.81 -14.64 57.85
C SER L 301 -69.37 -13.91 59.06
N GLU L 302 -69.72 -12.64 58.87
CA GLU L 302 -70.30 -11.85 59.95
C GLU L 302 -71.68 -12.35 60.35
N GLU L 303 -72.36 -13.11 59.49
CA GLU L 303 -73.66 -13.67 59.85
C GLU L 303 -73.53 -14.64 61.02
N ILE L 304 -72.39 -15.32 61.13
CA ILE L 304 -72.10 -16.11 62.32
C ILE L 304 -71.92 -15.19 63.53
N GLY L 305 -71.45 -13.96 63.29
CA GLY L 305 -71.12 -13.05 64.37
C GLY L 305 -69.70 -13.18 64.88
N MET L 306 -68.91 -14.07 64.31
CA MET L 306 -67.54 -14.29 64.73
C MET L 306 -66.60 -13.38 63.94
N GLU L 307 -65.51 -12.96 64.57
CA GLU L 307 -64.59 -12.00 64.01
C GLU L 307 -63.30 -12.68 63.56
N LEU L 308 -62.54 -11.97 62.71
CA LEU L 308 -61.33 -12.49 62.11
C LEU L 308 -60.13 -12.46 63.04
N GLU L 309 -60.16 -11.66 64.11
CA GLU L 309 -59.04 -11.63 65.04
C GLU L 309 -58.72 -13.03 65.55
N LYS L 310 -59.74 -13.80 65.86
CA LYS L 310 -59.58 -15.17 66.37
C LYS L 310 -59.63 -16.21 65.25
N ALA L 311 -58.85 -16.01 64.20
CA ALA L 311 -58.74 -16.96 63.11
C ALA L 311 -57.39 -17.65 63.21
N THR L 312 -57.40 -18.98 63.25
CA THR L 312 -56.19 -19.77 63.45
C THR L 312 -55.98 -20.74 62.29
N LEU L 313 -54.91 -21.54 62.42
CA LEU L 313 -54.50 -22.41 61.33
C LEU L 313 -55.56 -23.46 61.01
N GLU L 314 -56.17 -24.07 62.03
CA GLU L 314 -57.24 -25.01 61.78
C GLU L 314 -58.44 -24.32 61.16
N ASP L 315 -58.75 -23.10 61.58
CA ASP L 315 -59.84 -22.34 60.97
C ASP L 315 -59.59 -22.10 59.50
N LEU L 316 -58.35 -21.77 59.13
CA LEU L 316 -58.01 -21.58 57.73
C LEU L 316 -58.02 -22.92 57.00
N GLY L 317 -58.53 -22.90 55.77
CA GLY L 317 -58.57 -24.12 54.98
C GLY L 317 -57.18 -24.61 54.64
N GLN L 318 -57.09 -25.93 54.44
CA GLN L 318 -55.83 -26.56 54.11
C GLN L 318 -56.00 -27.39 52.84
N ALA L 319 -55.17 -27.12 51.85
CA ALA L 319 -55.11 -27.90 50.63
C ALA L 319 -53.66 -28.28 50.39
N LYS L 320 -53.42 -28.96 49.27
CA LYS L 320 -52.04 -29.27 48.91
C LYS L 320 -51.53 -28.32 47.83
N ARG L 321 -52.42 -27.78 47.00
CA ARG L 321 -52.03 -26.79 46.01
C ARG L 321 -53.21 -25.86 45.75
N VAL L 322 -52.91 -24.60 45.46
CA VAL L 322 -53.91 -23.65 44.98
C VAL L 322 -53.29 -22.83 43.86
N VAL L 323 -54.06 -22.60 42.81
CA VAL L 323 -53.64 -21.80 41.67
C VAL L 323 -54.67 -20.69 41.46
N ILE L 324 -54.24 -19.45 41.64
CA ILE L 324 -55.10 -18.29 41.61
C ILE L 324 -54.84 -17.56 40.29
N ASN L 325 -55.72 -17.73 39.33
CA ASN L 325 -55.56 -17.10 38.03
C ASN L 325 -56.00 -15.64 38.14
N LYS L 326 -56.13 -14.98 36.99
CA LYS L 326 -56.50 -13.56 36.98
C LYS L 326 -57.87 -13.36 37.61
N ASP L 327 -58.87 -14.11 37.15
CA ASP L 327 -60.21 -14.10 37.72
C ASP L 327 -60.70 -15.52 37.92
N THR L 328 -59.85 -16.38 38.47
CA THR L 328 -60.19 -17.79 38.69
C THR L 328 -59.21 -18.36 39.69
N THR L 329 -59.70 -19.20 40.60
CA THR L 329 -58.87 -19.88 41.57
C THR L 329 -59.30 -21.33 41.69
N THR L 330 -58.33 -22.24 41.68
CA THR L 330 -58.58 -23.67 41.80
C THR L 330 -57.81 -24.24 42.98
N ILE L 331 -58.44 -25.21 43.64
CA ILE L 331 -57.90 -25.88 44.81
C ILE L 331 -57.67 -27.33 44.46
N ILE L 332 -56.46 -27.82 44.72
CA ILE L 332 -56.00 -29.15 44.30
C ILE L 332 -55.61 -29.91 45.56
N ASP L 333 -56.26 -31.05 45.78
CA ASP L 333 -56.01 -31.91 46.94
C ASP L 333 -56.20 -31.15 48.25
N GLY L 334 -57.45 -30.75 48.49
CA GLY L 334 -57.79 -30.17 49.77
C GLY L 334 -57.51 -31.12 50.91
N VAL L 335 -56.74 -30.67 51.90
CA VAL L 335 -56.37 -31.53 53.01
C VAL L 335 -57.59 -31.94 53.81
N GLY L 336 -58.69 -31.20 53.71
CA GLY L 336 -59.91 -31.51 54.42
C GLY L 336 -60.42 -32.92 54.18
N GLU L 337 -61.01 -33.52 55.20
CA GLU L 337 -61.36 -34.94 55.17
C GLU L 337 -62.34 -35.22 54.04
N GLU L 338 -62.06 -36.29 53.30
CA GLU L 338 -62.79 -36.54 52.06
C GLU L 338 -64.23 -36.95 52.31
N ALA L 339 -64.49 -37.78 53.33
CA ALA L 339 -65.87 -38.15 53.64
C ALA L 339 -66.66 -36.94 54.13
N ALA L 340 -65.98 -35.98 54.78
CA ALA L 340 -66.64 -34.73 55.11
C ALA L 340 -67.05 -33.99 53.84
N ILE L 341 -66.16 -33.98 52.84
CA ILE L 341 -66.49 -33.37 51.56
C ILE L 341 -67.67 -34.09 50.93
N GLN L 342 -67.73 -35.41 51.09
CA GLN L 342 -68.87 -36.19 50.61
C GLN L 342 -70.16 -35.79 51.30
N GLY L 343 -70.10 -35.60 52.62
CA GLY L 343 -71.27 -35.10 53.34
C GLY L 343 -71.71 -33.74 52.84
N ARG L 344 -70.74 -32.87 52.56
CA ARG L 344 -71.07 -31.56 52.01
C ARG L 344 -71.69 -31.69 50.61
N VAL L 345 -71.20 -32.63 49.82
CA VAL L 345 -71.77 -32.87 48.49
C VAL L 345 -73.21 -33.33 48.62
N ALA L 346 -73.47 -34.24 49.56
CA ALA L 346 -74.85 -34.66 49.81
C ALA L 346 -75.71 -33.50 50.30
N GLN L 347 -75.12 -32.58 51.06
CA GLN L 347 -75.82 -31.37 51.48
C GLN L 347 -76.22 -30.54 50.27
N ILE L 348 -75.28 -30.35 49.34
CA ILE L 348 -75.61 -29.58 48.13
C ILE L 348 -76.65 -30.32 47.31
N ARG L 349 -76.61 -31.65 47.29
CA ARG L 349 -77.61 -32.40 46.54
C ARG L 349 -78.99 -32.27 47.14
N GLN L 350 -79.10 -32.33 48.47
CA GLN L 350 -80.41 -32.13 49.08
C GLN L 350 -80.88 -30.70 48.85
N GLN L 351 -79.96 -29.74 48.85
CA GLN L 351 -80.31 -28.39 48.39
C GLN L 351 -80.82 -28.41 46.96
N ILE L 352 -80.28 -29.30 46.14
CA ILE L 352 -80.72 -29.41 44.75
C ILE L 352 -82.18 -29.84 44.69
N GLU L 353 -82.54 -30.91 45.40
CA GLU L 353 -83.96 -31.28 45.31
C GLU L 353 -84.85 -30.35 46.13
N GLU L 354 -84.29 -29.49 46.98
CA GLU L 354 -85.12 -28.42 47.54
C GLU L 354 -85.40 -27.30 46.55
N ALA L 355 -84.44 -26.99 45.67
CA ALA L 355 -84.63 -25.92 44.70
C ALA L 355 -85.27 -26.46 43.42
N THR L 356 -85.88 -25.55 42.65
CA THR L 356 -86.49 -25.91 41.37
C THR L 356 -86.22 -24.86 40.29
N SER L 357 -85.55 -23.76 40.62
CA SER L 357 -85.35 -22.65 39.69
C SER L 357 -84.17 -22.94 38.80
N ASP L 358 -84.32 -22.65 37.50
CA ASP L 358 -83.31 -23.02 36.52
C ASP L 358 -81.98 -22.32 36.79
N TYR L 359 -82.03 -21.04 37.17
CA TYR L 359 -80.81 -20.37 37.64
C TYR L 359 -80.18 -21.17 38.76
N ASP L 360 -80.97 -21.53 39.78
CA ASP L 360 -80.46 -22.35 40.86
C ASP L 360 -80.09 -23.74 40.37
N ARG L 361 -80.82 -24.27 39.38
CA ARG L 361 -80.47 -25.56 38.80
C ARG L 361 -79.01 -25.55 38.33
N GLU L 362 -78.66 -24.56 37.51
CA GLU L 362 -77.32 -24.55 36.94
C GLU L 362 -76.28 -24.15 37.98
N LYS L 363 -76.63 -23.26 38.91
CA LYS L 363 -75.68 -22.91 39.96
C LYS L 363 -75.33 -24.12 40.82
N LEU L 364 -76.33 -24.92 41.20
CA LEU L 364 -76.06 -26.11 41.98
C LEU L 364 -75.36 -27.18 41.16
N GLN L 365 -75.66 -27.27 39.86
CA GLN L 365 -74.87 -28.13 38.98
C GLN L 365 -73.40 -27.75 39.02
N GLU L 366 -73.12 -26.45 38.94
CA GLU L 366 -71.75 -25.97 38.99
C GLU L 366 -71.11 -26.27 40.34
N ARG L 367 -71.86 -26.09 41.42
CA ARG L 367 -71.31 -26.35 42.76
C ARG L 367 -70.96 -27.82 42.92
N VAL L 368 -71.87 -28.72 42.53
CA VAL L 368 -71.59 -30.14 42.69
C VAL L 368 -70.46 -30.56 41.76
N ALA L 369 -70.39 -29.96 40.57
CA ALA L 369 -69.27 -30.24 39.67
C ALA L 369 -67.94 -29.84 40.31
N LYS L 370 -67.89 -28.63 40.87
CA LYS L 370 -66.65 -28.18 41.52
C LYS L 370 -66.26 -29.11 42.66
N LEU L 371 -67.22 -29.45 43.53
CA LEU L 371 -66.86 -30.20 44.72
C LEU L 371 -66.53 -31.65 44.43
N ALA L 372 -67.30 -32.30 43.53
CA ALA L 372 -67.12 -33.72 43.28
C ALA L 372 -66.10 -33.99 42.18
N GLY L 373 -66.22 -33.34 41.02
CA GLY L 373 -65.22 -33.50 39.98
C GLY L 373 -63.84 -33.09 40.42
N GLY L 374 -63.75 -32.17 41.39
CA GLY L 374 -62.46 -31.84 41.98
C GLY L 374 -61.50 -31.27 40.94
N VAL L 375 -60.31 -31.86 40.91
CA VAL L 375 -59.26 -31.46 39.99
C VAL L 375 -58.69 -32.69 39.32
N ALA L 376 -58.54 -32.64 38.00
CA ALA L 376 -57.81 -33.69 37.30
C ALA L 376 -56.32 -33.42 37.43
N VAL L 377 -55.58 -34.40 37.93
CA VAL L 377 -54.14 -34.28 38.11
C VAL L 377 -53.49 -35.33 37.23
N ILE L 378 -52.63 -34.89 36.32
CA ILE L 378 -51.94 -35.77 35.39
C ILE L 378 -50.48 -35.81 35.81
N LYS L 379 -50.00 -37.00 36.16
CA LYS L 379 -48.60 -37.21 36.45
C LYS L 379 -47.96 -37.85 35.23
N VAL L 380 -47.13 -37.07 34.53
CA VAL L 380 -46.56 -37.51 33.26
C VAL L 380 -45.42 -38.48 33.53
N GLY L 381 -45.64 -39.75 33.20
CA GLY L 381 -44.60 -40.76 33.36
C GLY L 381 -43.70 -40.81 32.15
N ALA L 382 -42.40 -40.68 32.41
CA ALA L 382 -41.39 -40.70 31.35
C ALA L 382 -40.07 -41.17 31.95
N ALA L 383 -39.17 -41.58 31.07
CA ALA L 383 -37.90 -42.16 31.52
C ALA L 383 -36.89 -41.09 31.89
N THR L 384 -36.45 -40.31 30.91
CA THR L 384 -35.42 -39.31 31.11
C THR L 384 -36.06 -37.97 31.45
N GLU L 385 -35.31 -37.17 32.21
CA GLU L 385 -35.82 -35.87 32.62
C GLU L 385 -36.02 -34.95 31.42
N VAL L 386 -35.15 -35.06 30.41
CA VAL L 386 -35.33 -34.30 29.18
C VAL L 386 -36.61 -34.74 28.47
N GLU L 387 -36.84 -36.04 28.36
CA GLU L 387 -38.09 -36.51 27.78
C GLU L 387 -39.26 -36.24 28.71
N MET L 388 -39.03 -36.23 30.03
CA MET L 388 -40.06 -35.80 30.96
C MET L 388 -40.55 -34.40 30.61
N LYS L 389 -39.63 -33.46 30.46
CA LYS L 389 -40.00 -32.08 30.15
C LYS L 389 -40.62 -32.00 28.75
N GLU L 390 -40.05 -32.73 27.79
CA GLU L 390 -40.61 -32.75 26.44
C GLU L 390 -42.06 -33.19 26.44
N LYS L 391 -42.33 -34.34 27.06
CA LYS L 391 -43.69 -34.88 27.11
C LYS L 391 -44.62 -33.94 27.87
N LYS L 392 -44.17 -33.40 29.01
CA LYS L 392 -45.02 -32.50 29.76
C LYS L 392 -45.35 -31.26 28.95
N ALA L 393 -44.35 -30.70 28.26
CA ALA L 393 -44.58 -29.52 27.43
C ALA L 393 -45.58 -29.81 26.33
N ARG L 394 -45.43 -30.96 25.67
CA ARG L 394 -46.46 -31.41 24.73
C ARG L 394 -47.82 -31.43 25.40
N VAL L 395 -47.86 -31.86 26.67
CA VAL L 395 -49.13 -31.99 27.36
C VAL L 395 -49.80 -30.64 27.55
N GLU L 396 -49.07 -29.64 28.06
CA GLU L 396 -49.77 -28.37 28.28
C GLU L 396 -50.06 -27.68 26.96
N ASP L 397 -49.22 -27.90 25.94
CA ASP L 397 -49.52 -27.32 24.63
C ASP L 397 -50.82 -27.89 24.08
N ALA L 398 -50.97 -29.21 24.13
CA ALA L 398 -52.22 -29.83 23.68
C ALA L 398 -53.39 -29.42 24.55
N LEU L 399 -53.15 -29.20 25.84
CA LEU L 399 -54.22 -28.78 26.74
C LEU L 399 -54.74 -27.39 26.39
N HIS L 400 -53.82 -26.45 26.19
CA HIS L 400 -54.21 -25.11 25.78
C HIS L 400 -54.89 -25.14 24.43
N ALA L 401 -54.39 -25.97 23.51
CA ALA L 401 -55.03 -26.09 22.20
C ALA L 401 -56.44 -26.65 22.30
N THR L 402 -56.64 -27.65 23.15
CA THR L 402 -57.97 -28.22 23.33
C THR L 402 -58.92 -27.22 23.97
N ARG L 403 -58.43 -26.45 24.94
CA ARG L 403 -59.24 -25.38 25.51
C ARG L 403 -59.64 -24.38 24.44
N ALA L 404 -58.70 -23.96 23.61
CA ALA L 404 -58.99 -22.99 22.55
C ALA L 404 -59.98 -23.57 21.55
N ALA L 405 -59.84 -24.86 21.21
CA ALA L 405 -60.75 -25.49 20.27
C ALA L 405 -62.15 -25.62 20.84
N VAL L 406 -62.26 -25.96 22.14
CA VAL L 406 -63.57 -26.05 22.76
C VAL L 406 -64.24 -24.69 22.78
N GLU L 407 -63.49 -23.64 23.11
CA GLU L 407 -64.06 -22.31 23.21
C GLU L 407 -64.24 -21.61 21.86
N GLU L 408 -63.62 -22.14 20.80
CA GLU L 408 -63.65 -21.48 19.50
C GLU L 408 -63.98 -22.38 18.33
N GLY L 409 -63.89 -23.69 18.47
CA GLY L 409 -64.15 -24.60 17.38
C GLY L 409 -62.90 -24.86 16.56
N VAL L 410 -63.06 -25.81 15.63
CA VAL L 410 -61.96 -26.24 14.76
C VAL L 410 -62.42 -26.12 13.31
N VAL L 411 -61.59 -25.52 12.48
CA VAL L 411 -61.78 -25.60 11.04
C VAL L 411 -60.83 -26.66 10.47
N ALA L 412 -61.09 -27.06 9.23
CA ALA L 412 -60.29 -28.11 8.61
C ALA L 412 -58.82 -27.70 8.55
N GLY L 413 -57.95 -28.62 8.97
CA GLY L 413 -56.53 -28.35 9.03
C GLY L 413 -55.83 -28.52 7.70
N GLY L 414 -54.51 -28.32 7.73
CA GLY L 414 -53.69 -28.43 6.55
C GLY L 414 -53.65 -27.19 5.68
N GLY L 415 -54.39 -26.14 6.05
CA GLY L 415 -54.43 -24.93 5.25
C GLY L 415 -55.44 -24.94 4.12
N VAL L 416 -56.43 -25.82 4.17
CA VAL L 416 -57.39 -25.96 3.08
C VAL L 416 -58.57 -25.01 3.26
N ALA L 417 -59.01 -24.78 4.50
CA ALA L 417 -60.07 -23.80 4.72
C ALA L 417 -59.58 -22.38 4.44
N LEU L 418 -58.27 -22.15 4.55
CA LEU L 418 -57.72 -20.88 4.11
C LEU L 418 -57.94 -20.69 2.62
N ILE L 419 -57.69 -21.74 1.83
CA ILE L 419 -57.96 -21.68 0.40
C ILE L 419 -59.45 -21.52 0.14
N ARG L 420 -60.28 -22.16 0.97
CA ARG L 420 -61.72 -21.99 0.85
C ARG L 420 -62.11 -20.53 0.99
N VAL L 421 -61.66 -19.90 2.07
CA VAL L 421 -62.03 -18.50 2.33
C VAL L 421 -61.44 -17.59 1.25
N ALA L 422 -60.24 -17.91 0.76
CA ALA L 422 -59.68 -17.16 -0.35
C ALA L 422 -60.60 -17.23 -1.56
N SER L 423 -61.16 -18.41 -1.82
CA SER L 423 -62.20 -18.51 -2.85
C SER L 423 -63.45 -17.74 -2.45
N LYS L 424 -63.65 -17.54 -1.14
CA LYS L 424 -64.85 -16.85 -0.67
C LYS L 424 -64.65 -15.34 -0.62
N LEU L 425 -63.67 -14.87 0.16
CA LEU L 425 -63.43 -13.45 0.34
C LEU L 425 -62.53 -12.85 -0.74
N ALA L 426 -62.48 -13.47 -1.92
CA ALA L 426 -61.75 -12.85 -3.03
C ALA L 426 -62.36 -11.50 -3.42
N ASP L 427 -63.60 -11.24 -3.03
CA ASP L 427 -64.31 -10.04 -3.39
C ASP L 427 -64.19 -8.92 -2.36
N LEU L 428 -63.45 -9.13 -1.28
CA LEU L 428 -63.36 -8.13 -0.22
C LEU L 428 -62.58 -6.92 -0.70
N ARG L 429 -63.09 -5.73 -0.40
CA ARG L 429 -62.49 -4.47 -0.83
C ARG L 429 -62.51 -3.47 0.32
N GLY L 430 -61.60 -2.51 0.27
CA GLY L 430 -61.51 -1.46 1.25
C GLY L 430 -62.01 -0.12 0.75
N GLN L 431 -62.07 0.84 1.69
CA GLN L 431 -62.54 2.18 1.34
C GLN L 431 -61.65 2.85 0.32
N ASN L 432 -60.34 2.74 0.49
CA ASN L 432 -59.38 3.23 -0.49
C ASN L 432 -58.88 2.03 -1.28
N GLU L 433 -58.47 2.30 -2.52
CA GLU L 433 -57.90 1.22 -3.33
C GLU L 433 -56.61 0.72 -2.71
N ASP L 434 -55.94 1.54 -1.90
CA ASP L 434 -54.82 1.04 -1.10
C ASP L 434 -55.29 -0.03 -0.11
N GLN L 435 -56.45 0.21 0.51
CA GLN L 435 -57.04 -0.80 1.38
C GLN L 435 -57.41 -2.05 0.59
N ASN L 436 -57.89 -1.86 -0.65
CA ASN L 436 -58.15 -2.99 -1.53
C ASN L 436 -56.87 -3.79 -1.78
N VAL L 437 -55.76 -3.09 -2.02
CA VAL L 437 -54.49 -3.74 -2.30
C VAL L 437 -54.01 -4.50 -1.07
N GLY L 438 -54.19 -3.91 0.11
CA GLY L 438 -53.86 -4.63 1.34
C GLY L 438 -54.69 -5.88 1.50
N ILE L 439 -55.98 -5.79 1.17
CA ILE L 439 -56.85 -6.96 1.26
C ILE L 439 -56.39 -8.05 0.30
N LYS L 440 -56.02 -7.66 -0.92
CA LYS L 440 -55.53 -8.63 -1.90
C LYS L 440 -54.19 -9.23 -1.47
N VAL L 441 -53.34 -8.42 -0.85
CA VAL L 441 -52.11 -8.92 -0.24
C VAL L 441 -52.44 -10.00 0.77
N ALA L 442 -53.43 -9.75 1.62
CA ALA L 442 -53.83 -10.75 2.60
C ALA L 442 -54.33 -12.02 1.92
N LEU L 443 -55.17 -11.88 0.89
CA LEU L 443 -55.70 -13.05 0.19
C LEU L 443 -54.58 -13.88 -0.41
N ARG L 444 -53.60 -13.22 -1.02
CA ARG L 444 -52.44 -13.91 -1.59
C ARG L 444 -51.64 -14.63 -0.51
N ALA L 445 -51.25 -13.90 0.54
CA ALA L 445 -50.37 -14.45 1.57
C ALA L 445 -51.01 -15.57 2.36
N MET L 446 -52.34 -15.57 2.49
CA MET L 446 -52.99 -16.52 3.39
C MET L 446 -53.11 -17.90 2.78
N GLU L 447 -52.86 -18.06 1.48
CA GLU L 447 -52.70 -19.39 0.91
C GLU L 447 -51.28 -19.91 1.05
N ALA L 448 -50.32 -19.03 1.36
CA ALA L 448 -48.94 -19.47 1.54
C ALA L 448 -48.75 -20.48 2.68
N PRO L 449 -49.54 -20.49 3.77
CA PRO L 449 -49.35 -21.55 4.77
C PRO L 449 -49.44 -22.96 4.21
N LEU L 450 -50.55 -23.28 3.54
CA LEU L 450 -50.66 -24.59 2.90
C LEU L 450 -49.56 -24.79 1.86
N ARG L 451 -49.21 -23.72 1.16
CA ARG L 451 -48.18 -23.83 0.13
C ARG L 451 -46.85 -24.27 0.74
N GLN L 452 -46.49 -23.68 1.88
CA GLN L 452 -45.25 -24.05 2.54
C GLN L 452 -45.35 -25.43 3.17
N ILE L 453 -46.53 -25.80 3.66
CA ILE L 453 -46.73 -27.15 4.18
C ILE L 453 -46.42 -28.17 3.09
N VAL L 454 -47.02 -27.99 1.92
CA VAL L 454 -46.81 -28.91 0.81
C VAL L 454 -45.37 -28.85 0.32
N LEU L 455 -44.78 -27.65 0.34
CA LEU L 455 -43.40 -27.49 -0.07
C LEU L 455 -42.45 -28.29 0.82
N ASN L 456 -42.57 -28.13 2.13
CA ASN L 456 -41.73 -28.87 3.06
C ASN L 456 -42.00 -30.36 2.98
N CYS L 457 -43.25 -30.75 2.70
CA CYS L 457 -43.53 -32.16 2.44
C CYS L 457 -42.93 -32.62 1.12
N GLY L 458 -42.41 -31.70 0.30
CA GLY L 458 -41.74 -32.05 -0.94
C GLY L 458 -42.60 -32.04 -2.18
N GLU L 459 -43.83 -31.57 -2.09
CA GLU L 459 -44.76 -31.60 -3.21
C GLU L 459 -45.11 -30.18 -3.64
N GLU L 460 -46.04 -30.09 -4.59
CA GLU L 460 -46.30 -28.83 -5.28
C GLU L 460 -47.22 -27.94 -4.45
N PRO L 461 -46.76 -26.78 -4.00
CA PRO L 461 -47.63 -25.88 -3.25
C PRO L 461 -48.82 -25.37 -4.04
N SER L 462 -48.53 -24.75 -5.19
CA SER L 462 -49.57 -24.07 -5.96
C SER L 462 -50.53 -25.04 -6.62
N VAL L 463 -50.02 -26.20 -7.06
CA VAL L 463 -50.90 -27.19 -7.68
C VAL L 463 -51.87 -27.76 -6.65
N VAL L 464 -51.39 -28.04 -5.46
CA VAL L 464 -52.27 -28.45 -4.37
C VAL L 464 -53.29 -27.35 -4.06
N ALA L 465 -52.84 -26.10 -4.03
CA ALA L 465 -53.76 -25.00 -3.78
C ALA L 465 -54.86 -24.95 -4.84
N ASN L 466 -54.48 -25.11 -6.11
CA ASN L 466 -55.46 -25.09 -7.19
C ASN L 466 -56.42 -26.25 -7.11
N THR L 467 -55.92 -27.46 -6.80
CA THR L 467 -56.80 -28.62 -6.71
C THR L 467 -57.79 -28.46 -5.56
N VAL L 468 -57.33 -27.90 -4.43
CA VAL L 468 -58.24 -27.60 -3.34
C VAL L 468 -59.28 -26.59 -3.79
N LYS L 469 -58.85 -25.53 -4.49
CA LYS L 469 -59.79 -24.56 -5.04
C LYS L 469 -60.84 -25.24 -5.91
N GLY L 470 -60.43 -26.27 -6.65
CA GLY L 470 -61.39 -27.05 -7.40
C GLY L 470 -62.44 -27.67 -6.51
N GLY L 471 -62.02 -28.14 -5.33
CA GLY L 471 -62.96 -28.61 -4.34
C GLY L 471 -63.54 -27.47 -3.52
N ASP L 472 -64.29 -27.85 -2.49
CA ASP L 472 -64.94 -26.88 -1.63
C ASP L 472 -65.09 -27.47 -0.24
N GLY L 473 -65.31 -26.60 0.75
CA GLY L 473 -65.47 -27.04 2.11
C GLY L 473 -64.23 -27.74 2.63
N ASN L 474 -64.42 -28.89 3.26
CA ASN L 474 -63.32 -29.63 3.85
C ASN L 474 -62.51 -30.43 2.83
N TYR L 475 -62.89 -30.40 1.55
CA TYR L 475 -62.03 -30.99 0.54
C TYR L 475 -60.68 -30.33 0.56
N GLY L 476 -59.64 -31.15 0.56
CA GLY L 476 -58.29 -30.63 0.65
C GLY L 476 -57.29 -31.74 0.49
N TYR L 477 -56.08 -31.47 0.95
CA TYR L 477 -54.91 -32.31 0.67
C TYR L 477 -54.15 -32.58 1.95
N ASN L 478 -54.29 -33.79 2.47
CA ASN L 478 -53.42 -34.27 3.54
C ASN L 478 -51.99 -34.29 3.00
N ALA L 479 -51.15 -33.43 3.56
CA ALA L 479 -49.75 -33.34 3.14
C ALA L 479 -48.89 -34.44 3.76
N ALA L 480 -49.38 -35.12 4.79
CA ALA L 480 -48.65 -36.29 5.31
C ALA L 480 -48.92 -37.51 4.45
N THR L 481 -50.18 -37.95 4.37
CA THR L 481 -50.55 -38.99 3.43
C THR L 481 -50.62 -38.48 2.00
N GLU L 482 -50.65 -37.16 1.82
CA GLU L 482 -50.65 -36.54 0.50
C GLU L 482 -51.84 -37.01 -0.33
N GLU L 483 -53.04 -36.92 0.24
CA GLU L 483 -54.25 -37.43 -0.38
C GLU L 483 -55.35 -36.38 -0.32
N TYR L 484 -56.17 -36.35 -1.37
CA TYR L 484 -57.28 -35.42 -1.42
C TYR L 484 -58.52 -36.03 -0.79
N GLY L 485 -59.14 -35.27 0.10
CA GLY L 485 -60.29 -35.75 0.84
C GLY L 485 -60.69 -34.76 1.91
N ASN L 486 -61.50 -35.26 2.85
CA ASN L 486 -62.06 -34.43 3.91
C ASN L 486 -61.10 -34.39 5.09
N MET L 487 -60.54 -33.21 5.36
CA MET L 487 -59.53 -33.08 6.41
C MET L 487 -60.07 -33.46 7.78
N ILE L 488 -61.37 -33.21 8.02
CA ILE L 488 -61.96 -33.55 9.30
C ILE L 488 -61.93 -35.06 9.52
N ASP L 489 -62.25 -35.82 8.48
CA ASP L 489 -62.35 -37.27 8.62
C ASP L 489 -61.00 -37.89 8.99
N MET L 490 -59.93 -37.46 8.33
CA MET L 490 -58.59 -37.93 8.67
C MET L 490 -57.92 -37.10 9.75
N GLY L 491 -58.70 -36.40 10.57
CA GLY L 491 -58.23 -35.91 11.85
C GLY L 491 -57.33 -34.69 11.81
N ILE L 492 -57.18 -34.04 10.66
CA ILE L 492 -56.36 -32.84 10.55
C ILE L 492 -57.24 -31.68 10.99
N LEU L 493 -57.26 -31.40 12.29
CA LEU L 493 -58.11 -30.36 12.86
C LEU L 493 -57.24 -29.20 13.32
N ASP L 494 -57.42 -28.05 12.69
CA ASP L 494 -56.79 -26.82 13.16
C ASP L 494 -57.85 -25.95 13.83
N PRO L 495 -57.72 -25.66 15.12
CA PRO L 495 -58.77 -24.88 15.80
C PRO L 495 -58.93 -23.50 15.20
N THR L 496 -60.17 -23.00 15.26
CA THR L 496 -60.47 -21.67 14.74
C THR L 496 -59.62 -20.61 15.44
N LYS L 497 -59.49 -20.71 16.76
CA LYS L 497 -58.72 -19.72 17.52
C LYS L 497 -57.26 -19.70 17.11
N VAL L 498 -56.69 -20.86 16.74
CA VAL L 498 -55.26 -20.91 16.41
C VAL L 498 -54.95 -19.99 15.25
N THR L 499 -55.56 -20.29 14.09
CA THR L 499 -55.34 -19.48 12.90
C THR L 499 -55.87 -18.06 13.09
N ARG L 500 -56.96 -17.91 13.84
CA ARG L 500 -57.50 -16.58 14.10
C ARG L 500 -56.46 -15.70 14.79
N SER L 501 -55.88 -16.20 15.89
CA SER L 501 -54.87 -15.45 16.62
C SER L 501 -53.63 -15.23 15.78
N ALA L 502 -53.18 -16.26 15.07
CA ALA L 502 -51.99 -16.11 14.23
C ALA L 502 -52.17 -15.01 13.22
N LEU L 503 -53.31 -15.03 12.51
CA LEU L 503 -53.59 -14.01 11.50
C LEU L 503 -53.75 -12.63 12.13
N GLN L 504 -54.44 -12.54 13.26
CA GLN L 504 -54.66 -11.24 13.88
C GLN L 504 -53.35 -10.61 14.32
N TYR L 505 -52.46 -11.41 14.91
CA TYR L 505 -51.17 -10.86 15.34
C TYR L 505 -50.27 -10.56 14.15
N ALA L 506 -50.36 -11.37 13.09
CA ALA L 506 -49.62 -11.06 11.87
C ALA L 506 -50.10 -9.74 11.28
N ALA L 507 -51.41 -9.51 11.27
CA ALA L 507 -51.95 -8.25 10.79
C ALA L 507 -51.49 -7.09 11.67
N SER L 508 -51.51 -7.29 12.99
CA SER L 508 -51.07 -6.24 13.90
C SER L 508 -49.62 -5.84 13.63
N VAL L 509 -48.73 -6.83 13.54
CA VAL L 509 -47.32 -6.52 13.34
C VAL L 509 -47.08 -5.93 11.95
N ALA L 510 -47.79 -6.44 10.93
CA ALA L 510 -47.63 -5.90 9.59
C ALA L 510 -48.07 -4.44 9.54
N GLY L 511 -49.22 -4.12 10.11
CA GLY L 511 -49.68 -2.75 10.11
C GLY L 511 -48.78 -1.83 10.91
N LEU L 512 -48.26 -2.32 12.05
CA LEU L 512 -47.35 -1.50 12.84
C LEU L 512 -46.07 -1.19 12.07
N MET L 513 -45.51 -2.20 11.39
CA MET L 513 -44.29 -1.96 10.62
C MET L 513 -44.58 -1.07 9.41
N ILE L 514 -45.79 -1.19 8.85
CA ILE L 514 -46.18 -0.34 7.74
C ILE L 514 -46.24 1.12 8.15
N THR L 515 -46.69 1.40 9.37
CA THR L 515 -46.83 2.77 9.86
C THR L 515 -45.59 3.29 10.56
N THR L 516 -44.52 2.50 10.63
CA THR L 516 -43.28 2.95 11.25
C THR L 516 -42.49 3.78 10.24
N GLU L 517 -42.00 4.95 10.67
CA GLU L 517 -41.26 5.83 9.77
C GLU L 517 -39.82 6.07 10.21
N CYS L 518 -39.49 5.76 11.46
CA CYS L 518 -38.13 5.93 11.95
C CYS L 518 -37.91 4.98 13.11
N MET L 519 -36.65 4.71 13.41
CA MET L 519 -36.29 3.94 14.59
C MET L 519 -34.87 4.28 15.00
N VAL L 520 -34.53 3.94 16.24
CA VAL L 520 -33.24 4.26 16.84
C VAL L 520 -32.68 2.99 17.46
N THR L 521 -31.43 2.68 17.16
CA THR L 521 -30.72 1.54 17.72
C THR L 521 -29.37 2.01 18.23
N ASP L 522 -28.65 1.12 18.88
CA ASP L 522 -27.29 1.43 19.29
C ASP L 522 -26.34 1.32 18.11
N LEU L 523 -25.23 2.05 18.19
CA LEU L 523 -24.23 2.02 17.13
C LEU L 523 -23.57 0.65 17.06
N PRO L 524 -23.24 0.14 15.87
CA PRO L 524 -22.69 -1.22 15.72
C PRO L 524 -21.19 -1.27 15.98
N LYS L 525 -20.81 -1.14 17.25
CA LYS L 525 -19.40 -1.13 17.62
C LYS L 525 -19.12 -2.10 18.76
N ALA M 1 -8.63 19.06 30.02
CA ALA M 1 -8.57 18.18 28.87
C ALA M 1 -8.51 18.99 27.58
N ALA M 2 -7.70 18.54 26.63
CA ALA M 2 -7.56 19.24 25.36
C ALA M 2 -8.91 19.38 24.68
N LYS M 3 -9.19 20.59 24.19
CA LYS M 3 -10.53 20.98 23.79
C LYS M 3 -10.61 21.22 22.29
N ASP M 4 -11.73 20.79 21.71
CA ASP M 4 -12.11 21.17 20.36
C ASP M 4 -12.90 22.48 20.44
N VAL M 5 -12.36 23.53 19.84
CA VAL M 5 -12.97 24.87 19.91
C VAL M 5 -13.50 25.22 18.53
N LYS M 6 -14.73 25.70 18.48
CA LYS M 6 -15.37 26.10 17.24
C LYS M 6 -15.82 27.55 17.32
N PHE M 7 -15.85 28.20 16.17
CA PHE M 7 -16.25 29.60 16.08
C PHE M 7 -17.28 29.77 14.98
N GLY M 8 -18.34 30.50 15.30
CA GLY M 8 -19.32 30.89 14.30
C GLY M 8 -20.01 29.70 13.65
N ASN M 9 -20.06 29.74 12.31
CA ASN M 9 -20.82 28.74 11.56
C ASN M 9 -20.24 27.34 11.76
N ASP M 10 -18.95 27.25 12.06
CA ASP M 10 -18.36 25.96 12.38
C ASP M 10 -19.11 25.29 13.51
N ALA M 11 -19.34 26.02 14.60
CA ALA M 11 -20.17 25.52 15.69
C ALA M 11 -21.62 25.40 15.26
N ARG M 12 -22.11 26.36 14.47
CA ARG M 12 -23.55 26.50 14.27
C ARG M 12 -24.12 25.36 13.44
N VAL M 13 -23.48 25.03 12.31
CA VAL M 13 -23.97 23.94 11.48
C VAL M 13 -23.87 22.63 12.24
N LYS M 14 -22.83 22.49 13.06
CA LYS M 14 -22.67 21.33 13.92
C LYS M 14 -23.86 21.15 14.84
N MET M 15 -24.29 22.24 15.48
CA MET M 15 -25.45 22.16 16.35
C MET M 15 -26.70 21.85 15.53
N LEU M 16 -26.84 22.52 14.38
CA LEU M 16 -28.10 22.53 13.66
C LEU M 16 -28.38 21.17 13.03
N ARG M 17 -27.35 20.47 12.58
CA ARG M 17 -27.57 19.14 12.02
C ARG M 17 -28.16 18.22 13.07
N GLY M 18 -27.62 18.26 14.28
CA GLY M 18 -28.18 17.46 15.37
C GLY M 18 -29.59 17.89 15.73
N VAL M 19 -29.84 19.19 15.77
CA VAL M 19 -31.18 19.69 16.09
C VAL M 19 -32.19 19.17 15.06
N ASN M 20 -31.83 19.30 13.78
CA ASN M 20 -32.73 18.90 12.71
C ASN M 20 -32.97 17.40 12.71
N VAL M 21 -31.93 16.61 12.99
CA VAL M 21 -32.11 15.16 13.06
C VAL M 21 -32.99 14.80 14.24
N LEU M 22 -32.75 15.43 15.39
CA LEU M 22 -33.58 15.23 16.57
C LEU M 22 -35.05 15.45 16.23
N ALA M 23 -35.36 16.56 15.59
CA ALA M 23 -36.75 16.85 15.29
C ALA M 23 -37.27 15.98 14.16
N ASP M 24 -36.42 15.58 13.22
CA ASP M 24 -36.85 14.66 12.18
C ASP M 24 -37.31 13.34 12.79
N ALA M 25 -36.65 12.92 13.86
CA ALA M 25 -37.08 11.73 14.60
C ALA M 25 -38.28 11.96 15.49
N VAL M 26 -38.43 13.16 16.06
CA VAL M 26 -39.47 13.42 17.06
C VAL M 26 -40.81 13.78 16.41
N LYS M 27 -40.78 14.62 15.37
CA LYS M 27 -42.00 15.23 14.86
C LYS M 27 -42.94 14.19 14.24
N VAL M 28 -42.43 13.02 13.87
CA VAL M 28 -43.30 11.99 13.29
C VAL M 28 -44.34 11.52 14.30
N THR M 29 -44.12 11.78 15.60
CA THR M 29 -45.07 11.39 16.64
C THR M 29 -46.06 12.47 17.00
N LEU M 30 -45.98 13.65 16.37
CA LEU M 30 -46.88 14.73 16.71
C LEU M 30 -48.28 14.45 16.19
N GLY M 31 -49.28 14.88 16.96
CA GLY M 31 -50.65 14.67 16.60
C GLY M 31 -51.24 13.45 17.25
N PRO M 32 -52.56 13.29 17.16
CA PRO M 32 -53.20 12.08 17.71
C PRO M 32 -52.80 10.82 16.97
N LYS M 33 -52.28 10.95 15.75
CA LYS M 33 -51.91 9.80 14.93
C LYS M 33 -50.43 9.84 14.58
N GLY M 34 -49.57 10.06 15.58
CA GLY M 34 -48.15 10.14 15.30
C GLY M 34 -47.60 8.82 14.76
N ARG M 35 -46.49 8.92 14.03
CA ARG M 35 -45.93 7.76 13.35
C ARG M 35 -45.24 6.82 14.35
N ASN M 36 -45.26 5.53 14.02
CA ASN M 36 -44.65 4.52 14.88
C ASN M 36 -43.14 4.70 14.91
N VAL M 37 -42.55 4.58 16.10
CA VAL M 37 -41.10 4.54 16.24
C VAL M 37 -40.74 3.39 17.16
N VAL M 38 -39.83 2.52 16.71
CA VAL M 38 -39.46 1.32 17.46
C VAL M 38 -38.12 1.63 18.13
N LEU M 39 -38.19 2.16 19.34
CA LEU M 39 -37.00 2.36 20.17
C LEU M 39 -36.35 1.01 20.44
N ASP M 40 -35.14 0.82 19.94
CA ASP M 40 -34.48 -0.47 20.08
C ASP M 40 -34.13 -0.73 21.55
N LYS M 41 -34.32 -1.97 21.97
CA LYS M 41 -34.01 -2.40 23.32
C LYS M 41 -32.65 -3.08 23.36
N SER M 42 -32.08 -3.11 24.56
CA SER M 42 -30.81 -3.81 24.77
C SER M 42 -30.98 -5.31 24.55
N PHE M 43 -32.17 -5.85 24.84
CA PHE M 43 -32.44 -7.26 24.67
C PHE M 43 -33.90 -7.45 24.24
N GLY M 44 -34.18 -8.62 23.67
CA GLY M 44 -35.54 -8.96 23.33
C GLY M 44 -36.10 -8.08 22.22
N ALA M 45 -37.42 -8.01 22.18
CA ALA M 45 -38.09 -7.21 21.17
C ALA M 45 -38.11 -5.75 21.60
N PRO M 46 -37.64 -4.82 20.76
CA PRO M 46 -37.68 -3.40 21.11
C PRO M 46 -39.08 -2.86 21.38
N THR M 47 -39.14 -1.60 21.82
CA THR M 47 -40.38 -0.99 22.31
C THR M 47 -40.90 0.01 21.28
N ILE M 48 -42.13 -0.21 20.82
CA ILE M 48 -42.76 0.68 19.85
C ILE M 48 -43.54 1.74 20.61
N THR M 49 -43.29 3.01 20.27
CA THR M 49 -43.92 4.14 20.93
C THR M 49 -44.33 5.17 19.88
N LYS M 50 -45.17 6.11 20.33
CA LYS M 50 -45.76 7.13 19.45
C LYS M 50 -45.83 8.50 20.11
N ASP M 51 -44.92 8.81 21.03
CA ASP M 51 -44.87 10.12 21.66
C ASP M 51 -43.47 10.69 21.59
N GLY M 52 -43.38 12.02 21.49
CA GLY M 52 -42.09 12.66 21.28
C GLY M 52 -41.18 12.55 22.48
N VAL M 53 -41.74 12.51 23.69
CA VAL M 53 -40.91 12.42 24.89
C VAL M 53 -40.16 11.10 24.94
N SER M 54 -40.84 10.01 24.59
CA SER M 54 -40.22 8.69 24.64
C SER M 54 -38.98 8.63 23.77
N VAL M 55 -39.09 9.08 22.52
CA VAL M 55 -37.94 9.06 21.63
C VAL M 55 -36.91 10.10 22.04
N ALA M 56 -37.36 11.27 22.51
CA ALA M 56 -36.44 12.33 22.90
C ALA M 56 -35.55 11.88 24.04
N ARG M 57 -36.07 11.01 24.91
CA ARG M 57 -35.25 10.49 25.99
C ARG M 57 -34.18 9.53 25.48
N GLU M 58 -34.44 8.84 24.36
CA GLU M 58 -33.62 7.74 23.89
C GLU M 58 -32.65 8.11 22.78
N ILE M 59 -32.19 9.36 22.74
CA ILE M 59 -31.36 9.84 21.63
C ILE M 59 -30.00 10.26 22.17
N GLU M 60 -28.95 9.73 21.53
CA GLU M 60 -27.59 10.21 21.71
C GLU M 60 -26.85 10.09 20.37
N LEU M 61 -26.03 11.09 20.07
CA LEU M 61 -25.31 11.16 18.80
C LEU M 61 -23.82 11.02 19.04
N GLU M 62 -23.18 10.23 18.17
CA GLU M 62 -21.73 10.08 18.25
C GLU M 62 -21.03 11.41 18.01
N ASP M 63 -21.52 12.19 17.04
CA ASP M 63 -21.03 13.54 16.86
C ASP M 63 -21.35 14.36 18.10
N LYS M 64 -20.30 14.75 18.83
CA LYS M 64 -20.50 15.44 20.10
C LYS M 64 -21.21 16.76 19.89
N PHE M 65 -21.03 17.38 18.72
CA PHE M 65 -21.61 18.70 18.48
C PHE M 65 -23.10 18.59 18.17
N GLU M 66 -23.46 17.71 17.23
CA GLU M 66 -24.86 17.46 16.97
C GLU M 66 -25.57 16.95 18.22
N ASN M 67 -24.90 16.07 18.97
CA ASN M 67 -25.45 15.58 20.22
C ASN M 67 -25.67 16.71 21.21
N MET M 68 -24.71 17.62 21.33
CA MET M 68 -24.84 18.72 22.27
C MET M 68 -25.96 19.65 21.88
N GLY M 69 -26.10 19.95 20.59
CA GLY M 69 -27.24 20.73 20.14
C GLY M 69 -28.56 20.05 20.48
N ALA M 70 -28.63 18.74 20.24
CA ALA M 70 -29.82 18.00 20.65
C ALA M 70 -30.04 18.09 22.16
N GLN M 71 -28.96 18.16 22.93
CA GLN M 71 -29.09 18.25 24.38
C GLN M 71 -29.67 19.58 24.82
N MET M 72 -29.18 20.68 24.24
CA MET M 72 -29.81 21.96 24.55
C MET M 72 -31.26 22.00 24.11
N VAL M 73 -31.58 21.43 22.94
CA VAL M 73 -32.96 21.46 22.48
C VAL M 73 -33.85 20.64 23.42
N LYS M 74 -33.37 19.48 23.86
CA LYS M 74 -34.12 18.68 24.82
C LYS M 74 -34.29 19.43 26.14
N GLU M 75 -33.23 20.12 26.57
CA GLU M 75 -33.32 20.95 27.78
C GLU M 75 -34.41 22.00 27.65
N VAL M 76 -34.44 22.72 26.54
CA VAL M 76 -35.38 23.82 26.38
C VAL M 76 -36.80 23.28 26.20
N ALA M 77 -36.94 22.13 25.54
CA ALA M 77 -38.24 21.48 25.46
C ALA M 77 -38.72 21.07 26.85
N SER M 78 -37.79 20.60 27.69
CA SER M 78 -38.14 20.30 29.08
C SER M 78 -38.57 21.57 29.82
N LYS M 79 -37.88 22.68 29.56
CA LYS M 79 -38.27 23.96 30.14
C LYS M 79 -39.69 24.32 29.76
N ALA M 80 -40.02 24.16 28.47
CA ALA M 80 -41.37 24.42 28.01
C ALA M 80 -42.36 23.51 28.71
N ASN M 81 -42.10 22.20 28.70
CA ASN M 81 -43.02 21.22 29.27
C ASN M 81 -43.27 21.51 30.75
N ASP M 82 -42.24 21.97 31.46
CA ASP M 82 -42.42 22.36 32.85
C ASP M 82 -43.41 23.51 32.96
N ALA M 83 -43.31 24.49 32.06
CA ALA M 83 -44.26 25.59 32.01
C ALA M 83 -45.41 25.34 31.06
N ALA M 84 -45.45 24.19 30.38
CA ALA M 84 -46.56 23.84 29.50
C ALA M 84 -47.33 22.63 30.00
N GLY M 85 -46.67 21.48 30.16
CA GLY M 85 -47.36 20.25 30.50
C GLY M 85 -47.64 19.33 29.32
N ASP M 86 -47.69 19.86 28.11
CA ASP M 86 -47.84 19.07 26.90
C ASP M 86 -47.30 19.91 25.74
N GLY M 87 -47.66 19.52 24.52
CA GLY M 87 -47.04 20.15 23.37
C GLY M 87 -45.56 19.89 23.30
N THR M 88 -45.09 18.84 23.99
CA THR M 88 -43.67 18.51 23.99
C THR M 88 -43.17 18.27 22.58
N THR M 89 -43.90 17.46 21.81
CA THR M 89 -43.54 17.27 20.41
C THR M 89 -43.82 18.54 19.62
N THR M 90 -44.89 19.25 19.96
CA THR M 90 -45.14 20.55 19.35
C THR M 90 -44.02 21.53 19.67
N ALA M 91 -43.55 21.53 20.92
CA ALA M 91 -42.42 22.37 21.30
C ALA M 91 -41.17 21.98 20.52
N THR M 92 -40.96 20.69 20.31
CA THR M 92 -39.81 20.24 19.53
C THR M 92 -39.88 20.71 18.09
N VAL M 93 -41.06 20.63 17.48
CA VAL M 93 -41.23 21.09 16.10
C VAL M 93 -40.95 22.59 16.02
N LEU M 94 -41.52 23.36 16.95
CA LEU M 94 -41.27 24.80 16.98
C LEU M 94 -39.79 25.10 17.17
N ALA M 95 -39.13 24.39 18.08
CA ALA M 95 -37.72 24.63 18.33
C ALA M 95 -36.89 24.36 17.09
N GLN M 96 -37.14 23.22 16.42
CA GLN M 96 -36.39 22.93 15.20
C GLN M 96 -36.60 24.02 14.17
N ALA M 97 -37.86 24.36 13.89
CA ALA M 97 -38.13 25.32 12.82
C ALA M 97 -37.48 26.67 13.11
N ILE M 98 -37.74 27.22 14.29
CA ILE M 98 -37.23 28.56 14.59
C ILE M 98 -35.71 28.55 14.67
N ILE M 99 -35.12 27.55 15.33
CA ILE M 99 -33.67 27.50 15.47
C ILE M 99 -33.00 27.36 14.11
N THR M 100 -33.54 26.47 13.27
CA THR M 100 -32.96 26.24 11.95
C THR M 100 -33.04 27.50 11.11
N GLU M 101 -34.20 28.17 11.12
CA GLU M 101 -34.34 29.40 10.34
C GLU M 101 -33.42 30.49 10.87
N GLY M 102 -33.31 30.62 12.19
CA GLY M 102 -32.45 31.64 12.75
C GLY M 102 -30.98 31.39 12.45
N LEU M 103 -30.57 30.12 12.48
CA LEU M 103 -29.18 29.79 12.16
C LEU M 103 -28.89 30.02 10.68
N LYS M 104 -29.84 29.69 9.81
CA LYS M 104 -29.66 29.98 8.39
C LYS M 104 -29.58 31.49 8.14
N ALA M 105 -30.40 32.26 8.84
CA ALA M 105 -30.32 33.71 8.72
C ALA M 105 -29.00 34.25 9.24
N VAL M 106 -28.51 33.72 10.36
CA VAL M 106 -27.21 34.12 10.87
C VAL M 106 -26.12 33.82 9.84
N ALA M 107 -26.21 32.64 9.20
CA ALA M 107 -25.29 32.31 8.13
C ALA M 107 -25.44 33.25 6.94
N ALA M 108 -26.54 33.99 6.84
CA ALA M 108 -26.75 34.91 5.73
C ALA M 108 -26.05 36.25 5.92
N GLY M 109 -25.21 36.40 6.94
CA GLY M 109 -24.47 37.63 7.14
C GLY M 109 -25.28 38.79 7.68
N MET M 110 -26.43 38.52 8.29
CA MET M 110 -27.32 39.55 8.79
C MET M 110 -27.35 39.56 10.31
N ASN M 111 -27.85 40.66 10.87
CA ASN M 111 -27.64 40.97 12.28
C ASN M 111 -28.30 39.92 13.17
N PRO M 112 -27.55 39.29 14.07
CA PRO M 112 -28.14 38.29 14.98
C PRO M 112 -28.91 38.92 16.13
N MET M 113 -28.40 40.03 16.65
CA MET M 113 -29.11 40.75 17.70
C MET M 113 -30.49 41.18 17.23
N ASP M 114 -30.59 41.62 15.97
CA ASP M 114 -31.88 41.99 15.41
C ASP M 114 -32.78 40.77 15.25
N LEU M 115 -32.21 39.62 14.87
CA LEU M 115 -32.99 38.40 14.85
C LEU M 115 -33.61 38.13 16.21
N LYS M 116 -32.81 38.21 17.26
CA LYS M 116 -33.30 37.93 18.59
C LYS M 116 -34.37 38.93 19.00
N ARG M 117 -34.15 40.22 18.69
CA ARG M 117 -35.14 41.25 19.02
C ARG M 117 -36.47 40.97 18.33
N GLY M 118 -36.42 40.71 17.02
CA GLY M 118 -37.64 40.45 16.28
C GLY M 118 -38.38 39.23 16.80
N ILE M 119 -37.64 38.13 17.01
CA ILE M 119 -38.27 36.91 17.48
C ILE M 119 -38.90 37.12 18.85
N ASP M 120 -38.18 37.78 19.75
CA ASP M 120 -38.68 37.93 21.12
C ASP M 120 -39.91 38.82 21.17
N LYS M 121 -39.89 39.96 20.46
CA LYS M 121 -41.06 40.83 20.53
C LYS M 121 -42.24 40.23 19.79
N ALA M 122 -41.99 39.48 18.71
CA ALA M 122 -43.07 38.76 18.06
C ALA M 122 -43.69 37.74 19.01
N VAL M 123 -42.86 37.05 19.79
CA VAL M 123 -43.38 36.07 20.74
C VAL M 123 -44.17 36.76 21.84
N THR M 124 -43.73 37.93 22.28
CA THR M 124 -44.49 38.67 23.29
C THR M 124 -45.85 39.10 22.74
N ALA M 125 -45.88 39.63 21.51
CA ALA M 125 -47.15 40.02 20.90
C ALA M 125 -48.08 38.82 20.72
N ALA M 126 -47.51 37.68 20.32
CA ALA M 126 -48.30 36.46 20.18
C ALA M 126 -48.85 36.01 21.52
N VAL M 127 -48.06 36.14 22.59
CA VAL M 127 -48.54 35.79 23.93
C VAL M 127 -49.70 36.69 24.32
N GLU M 128 -49.59 37.99 24.02
CA GLU M 128 -50.69 38.91 24.31
C GLU M 128 -51.94 38.53 23.54
N GLU M 129 -51.79 38.19 22.26
CA GLU M 129 -52.96 37.82 21.46
C GLU M 129 -53.55 36.49 21.90
N LEU M 130 -52.71 35.55 22.35
CA LEU M 130 -53.21 34.30 22.89
C LEU M 130 -54.00 34.53 24.16
N LYS M 131 -53.49 35.40 25.04
CA LYS M 131 -54.22 35.75 26.26
C LYS M 131 -55.55 36.43 25.92
N ALA M 132 -55.56 37.28 24.89
CA ALA M 132 -56.81 37.83 24.41
C ALA M 132 -57.74 36.71 23.92
N LEU M 133 -57.18 35.74 23.21
CA LEU M 133 -57.92 34.57 22.77
C LEU M 133 -58.17 33.58 23.90
N SER M 134 -57.42 33.69 24.99
CA SER M 134 -57.52 32.73 26.09
C SER M 134 -58.89 32.84 26.76
N VAL M 135 -59.70 31.80 26.62
CA VAL M 135 -60.97 31.72 27.32
C VAL M 135 -60.77 30.91 28.59
N PRO M 136 -61.34 31.30 29.72
CA PRO M 136 -61.04 30.63 30.99
C PRO M 136 -61.45 29.16 31.02
N CYS M 137 -60.48 28.28 31.21
CA CYS M 137 -60.73 26.84 31.34
C CYS M 137 -61.10 26.46 32.77
N SER M 138 -62.33 26.75 33.17
CA SER M 138 -62.75 26.55 34.55
C SER M 138 -63.80 25.45 34.71
N ASP M 139 -64.61 25.19 33.68
CA ASP M 139 -65.69 24.24 33.83
C ASP M 139 -65.17 22.80 33.87
N SER M 140 -65.98 21.91 34.44
CA SER M 140 -65.60 20.50 34.53
C SER M 140 -65.43 19.87 33.15
N LYS M 141 -66.25 20.27 32.17
CA LYS M 141 -66.07 19.76 30.82
C LYS M 141 -64.72 20.15 30.25
N ALA M 142 -64.35 21.43 30.37
CA ALA M 142 -63.08 21.88 29.80
C ALA M 142 -61.90 21.27 30.54
N ILE M 143 -62.01 21.14 31.87
CA ILE M 143 -60.94 20.49 32.63
C ILE M 143 -60.82 19.02 32.22
N ALA M 144 -61.94 18.35 32.02
CA ALA M 144 -61.91 16.96 31.55
C ALA M 144 -61.25 16.85 30.19
N GLN M 145 -61.55 17.78 29.29
CA GLN M 145 -60.96 17.73 27.95
C GLN M 145 -59.48 18.10 27.98
N VAL M 146 -59.06 18.94 28.92
CA VAL M 146 -57.63 19.24 29.07
C VAL M 146 -56.89 18.01 29.58
N GLY M 147 -57.43 17.36 30.62
CA GLY M 147 -56.85 16.10 31.07
C GLY M 147 -56.90 15.02 30.00
N THR M 148 -57.84 15.16 29.07
CA THR M 148 -57.93 14.25 27.93
C THR M 148 -56.74 14.46 26.98
N ILE M 149 -56.65 15.66 26.40
CA ILE M 149 -55.63 15.91 25.38
C ILE M 149 -54.23 15.79 25.98
N SER M 150 -54.05 16.25 27.23
CA SER M 150 -52.75 16.16 27.87
C SER M 150 -52.28 14.72 28.01
N ALA M 151 -53.18 13.83 28.43
CA ALA M 151 -52.88 12.42 28.55
C ALA M 151 -53.10 11.67 27.24
N ASN M 152 -53.04 12.38 26.11
CA ASN M 152 -53.25 11.82 24.78
C ASN M 152 -54.60 11.13 24.69
N SER M 153 -55.65 11.94 24.85
CA SER M 153 -57.04 11.51 24.75
C SER M 153 -57.42 10.54 25.88
N ASP M 154 -57.44 11.06 27.10
CA ASP M 154 -57.89 10.33 28.30
C ASP M 154 -58.92 11.17 29.06
N GLU M 155 -60.20 11.02 28.70
CA GLU M 155 -61.25 11.84 29.30
C GLU M 155 -61.41 11.57 30.79
N THR M 156 -61.34 10.31 31.19
CA THR M 156 -61.67 9.94 32.57
C THR M 156 -60.74 10.64 33.56
N VAL M 157 -59.47 10.81 33.18
CA VAL M 157 -58.51 11.44 34.09
C VAL M 157 -58.92 12.89 34.36
N GLY M 158 -59.18 13.66 33.31
CA GLY M 158 -59.59 15.04 33.50
C GLY M 158 -60.94 15.15 34.20
N LYS M 159 -61.85 14.23 33.91
CA LYS M 159 -63.14 14.23 34.58
C LYS M 159 -63.00 14.02 36.08
N LEU M 160 -62.16 13.05 36.48
CA LEU M 160 -61.93 12.82 37.91
C LEU M 160 -61.18 13.99 38.53
N ILE M 161 -60.32 14.66 37.76
CA ILE M 161 -59.65 15.87 38.27
C ILE M 161 -60.68 16.95 38.57
N ALA M 162 -61.63 17.16 37.66
CA ALA M 162 -62.68 18.15 37.89
C ALA M 162 -63.52 17.79 39.10
N GLU M 163 -63.85 16.50 39.25
CA GLU M 163 -64.60 16.07 40.43
C GLU M 163 -63.81 16.33 41.71
N ALA M 164 -62.52 16.01 41.72
CA ALA M 164 -61.70 16.19 42.92
C ALA M 164 -61.60 17.66 43.30
N MET M 165 -61.38 18.54 42.31
CA MET M 165 -61.29 19.95 42.62
C MET M 165 -62.64 20.53 43.05
N ASP M 166 -63.73 20.01 42.52
CA ASP M 166 -65.04 20.47 42.98
C ASP M 166 -65.30 20.00 44.42
N LYS M 167 -64.82 18.81 44.76
CA LYS M 167 -65.01 18.29 46.12
C LYS M 167 -64.15 19.03 47.13
N VAL M 168 -62.88 19.29 46.79
CA VAL M 168 -61.94 19.84 47.76
C VAL M 168 -61.77 21.35 47.60
N GLY M 169 -61.51 21.82 46.40
CA GLY M 169 -61.34 23.25 46.15
C GLY M 169 -59.90 23.64 45.97
N LYS M 170 -59.70 24.89 45.56
CA LYS M 170 -58.36 25.41 45.29
C LYS M 170 -57.57 25.58 46.58
N GLU M 171 -58.22 25.96 47.67
CA GLU M 171 -57.55 26.16 48.95
C GLU M 171 -56.98 24.87 49.52
N GLY M 172 -57.45 23.72 49.06
CA GLY M 172 -56.83 22.45 49.39
C GLY M 172 -55.85 22.02 48.31
N VAL M 173 -55.50 20.74 48.34
CA VAL M 173 -54.57 20.15 47.39
C VAL M 173 -55.11 18.80 46.95
N ILE M 174 -54.92 18.48 45.68
CA ILE M 174 -55.26 17.17 45.13
C ILE M 174 -53.96 16.38 44.98
N THR M 175 -53.86 15.26 45.69
CA THR M 175 -52.64 14.46 45.72
C THR M 175 -52.87 13.11 45.08
N VAL M 176 -51.83 12.57 44.46
CA VAL M 176 -51.89 11.29 43.78
C VAL M 176 -50.95 10.31 44.48
N GLU M 177 -51.48 9.16 44.85
CA GLU M 177 -50.71 8.13 45.52
C GLU M 177 -51.05 6.77 44.92
N ASP M 178 -50.32 5.75 45.36
CA ASP M 178 -50.49 4.41 44.81
C ASP M 178 -51.84 3.85 45.21
N GLY M 179 -52.55 3.28 44.23
CA GLY M 179 -53.81 2.63 44.52
C GLY M 179 -53.62 1.27 45.14
N THR M 180 -54.68 0.82 45.84
CA THR M 180 -54.64 -0.46 46.52
C THR M 180 -54.98 -1.62 45.59
N GLY M 181 -56.18 -1.60 45.03
CA GLY M 181 -56.59 -2.65 44.12
C GLY M 181 -56.28 -2.30 42.68
N LEU M 182 -57.28 -2.41 41.81
CA LEU M 182 -57.10 -2.11 40.40
C LEU M 182 -57.89 -0.88 39.96
N GLN M 183 -58.62 -0.23 40.87
CA GLN M 183 -59.38 0.96 40.54
C GLN M 183 -58.92 2.10 41.44
N ASP M 184 -58.90 3.30 40.86
CA ASP M 184 -58.55 4.49 41.60
C ASP M 184 -59.61 4.81 42.64
N GLU M 185 -59.22 5.52 43.69
CA GLU M 185 -60.18 6.02 44.66
C GLU M 185 -59.78 7.42 45.10
N LEU M 186 -60.79 8.30 45.18
CA LEU M 186 -60.63 9.69 45.57
C LEU M 186 -61.15 9.86 46.99
N ASP M 187 -60.35 10.48 47.85
CA ASP M 187 -60.73 10.72 49.23
C ASP M 187 -60.56 12.20 49.56
N VAL M 188 -61.61 12.81 50.09
CA VAL M 188 -61.54 14.19 50.60
C VAL M 188 -61.13 14.10 52.07
N VAL M 189 -59.81 14.00 52.29
CA VAL M 189 -59.31 13.76 53.63
C VAL M 189 -59.10 15.08 54.37
N GLU M 190 -58.96 14.97 55.69
CA GLU M 190 -58.74 16.13 56.53
C GLU M 190 -57.34 16.67 56.32
N GLY M 191 -57.23 17.74 55.55
CA GLY M 191 -55.98 18.43 55.37
C GLY M 191 -56.24 19.89 55.08
N MET M 192 -55.27 20.53 54.45
CA MET M 192 -55.42 21.93 54.07
C MET M 192 -54.23 22.32 53.21
N GLN M 193 -54.21 23.58 52.80
CA GLN M 193 -53.08 24.16 52.09
C GLN M 193 -53.10 25.67 52.29
N PHE M 194 -51.99 26.23 52.78
CA PHE M 194 -51.86 27.67 52.89
C PHE M 194 -50.71 28.11 51.99
N ASP M 195 -50.68 29.40 51.66
CA ASP M 195 -49.77 29.91 50.65
C ASP M 195 -48.51 30.47 51.32
N ARG M 196 -47.85 29.61 52.08
CA ARG M 196 -46.54 29.91 52.65
C ARG M 196 -45.70 28.64 52.59
N GLY M 197 -44.46 28.76 52.10
CA GLY M 197 -43.57 27.64 51.95
C GLY M 197 -42.27 27.83 52.72
N TYR M 198 -41.29 27.00 52.37
CA TYR M 198 -40.01 27.04 53.06
C TYR M 198 -39.30 28.36 52.81
N LEU M 199 -38.63 28.87 53.85
CA LEU M 199 -37.83 30.07 53.72
C LEU M 199 -36.40 29.78 53.29
N SER M 200 -36.03 28.51 53.20
CA SER M 200 -34.71 28.12 52.72
C SER M 200 -34.82 26.80 51.97
N PRO M 201 -34.33 26.73 50.73
CA PRO M 201 -34.37 25.46 49.99
C PRO M 201 -33.51 24.37 50.62
N TYR M 202 -32.67 24.71 51.60
CA TYR M 202 -31.88 23.70 52.30
C TYR M 202 -32.76 22.63 52.93
N PHE M 203 -33.97 22.99 53.34
CA PHE M 203 -34.87 22.04 54.00
C PHE M 203 -35.43 21.01 53.05
N ILE M 204 -35.28 21.20 51.74
CA ILE M 204 -35.93 20.33 50.77
C ILE M 204 -35.19 18.99 50.74
N ASN M 205 -35.79 17.97 51.35
CA ASN M 205 -35.27 16.62 51.26
C ASN M 205 -35.75 15.89 50.01
N LYS M 206 -36.64 16.51 49.24
CA LYS M 206 -37.11 15.97 47.96
C LYS M 206 -36.86 17.04 46.90
N PRO M 207 -35.61 17.18 46.47
CA PRO M 207 -35.28 18.28 45.53
C PRO M 207 -36.02 18.21 44.22
N GLU M 208 -36.40 17.01 43.76
CA GLU M 208 -37.17 16.89 42.52
C GLU M 208 -38.52 17.60 42.65
N THR M 209 -39.17 17.47 43.81
CA THR M 209 -40.46 18.09 44.04
C THR M 209 -40.37 19.61 44.14
N GLY M 210 -39.22 20.16 44.53
CA GLY M 210 -39.18 21.55 44.91
C GLY M 210 -40.00 21.83 46.14
N ALA M 211 -40.31 20.80 46.92
CA ALA M 211 -41.16 20.89 48.09
C ALA M 211 -40.70 19.85 49.09
N VAL M 212 -40.59 20.25 50.36
CA VAL M 212 -40.19 19.34 51.41
C VAL M 212 -41.37 18.42 51.70
N GLU M 213 -41.17 17.12 51.52
CA GLU M 213 -42.23 16.14 51.75
C GLU M 213 -41.89 15.33 52.99
N LEU M 214 -42.70 15.46 54.02
CA LEU M 214 -42.48 14.78 55.30
C LEU M 214 -43.66 13.85 55.57
N GLU M 215 -43.34 12.59 55.91
CA GLU M 215 -44.35 11.56 56.13
C GLU M 215 -44.55 11.36 57.63
N SER M 216 -45.80 11.49 58.07
CA SER M 216 -46.15 11.41 59.48
C SER M 216 -45.23 12.29 60.33
N PRO M 217 -45.28 13.60 60.17
CA PRO M 217 -44.35 14.49 60.85
C PRO M 217 -44.89 15.06 62.16
N PHE M 218 -43.96 15.59 62.96
CA PHE M 218 -44.33 16.45 64.07
C PHE M 218 -44.33 17.89 63.60
N ILE M 219 -45.43 18.60 63.89
CA ILE M 219 -45.69 19.90 63.29
C ILE M 219 -45.71 20.94 64.42
N LEU M 220 -44.58 21.61 64.60
CA LEU M 220 -44.55 22.78 65.47
C LEU M 220 -45.36 23.91 64.84
N LEU M 221 -46.12 24.62 65.68
CA LEU M 221 -47.03 25.68 65.22
C LEU M 221 -46.74 26.94 66.03
N ALA M 222 -45.98 27.86 65.46
CA ALA M 222 -45.52 29.04 66.17
C ALA M 222 -46.15 30.29 65.56
N ASP M 223 -46.76 31.12 66.40
CA ASP M 223 -47.19 32.46 66.01
C ASP M 223 -46.19 33.51 66.47
N LYS M 224 -44.91 33.36 66.15
CA LYS M 224 -43.90 34.22 66.77
C LYS M 224 -42.71 34.40 65.82
N LYS M 225 -42.00 35.50 66.04
CA LYS M 225 -40.69 35.74 65.43
C LYS M 225 -39.63 35.04 66.26
N ILE M 226 -38.89 34.12 65.64
CA ILE M 226 -37.89 33.31 66.33
C ILE M 226 -36.52 33.82 65.93
N SER M 227 -35.58 33.85 66.89
CA SER M 227 -34.24 34.36 66.63
C SER M 227 -33.12 33.46 67.14
N ASN M 228 -33.40 32.54 68.07
CA ASN M 228 -32.35 31.75 68.73
C ASN M 228 -32.72 30.28 68.68
N ILE M 229 -31.71 29.42 68.47
CA ILE M 229 -31.94 27.98 68.46
C ILE M 229 -31.97 27.42 69.87
N ARG M 230 -31.50 28.19 70.85
CA ARG M 230 -31.49 27.72 72.23
C ARG M 230 -32.88 27.39 72.71
N GLU M 231 -33.85 28.25 72.38
CA GLU M 231 -35.24 27.96 72.72
C GLU M 231 -35.77 26.75 71.96
N MET M 232 -35.15 26.44 70.82
CA MET M 232 -35.68 25.39 69.94
C MET M 232 -35.06 24.03 70.23
N LEU M 233 -33.93 23.99 70.90
CA LEU M 233 -33.20 22.73 71.09
C LEU M 233 -33.99 21.65 71.82
N PRO M 234 -34.71 21.92 72.91
CA PRO M 234 -35.53 20.86 73.51
C PRO M 234 -36.56 20.29 72.56
N VAL M 235 -37.16 21.13 71.70
CA VAL M 235 -38.11 20.63 70.71
C VAL M 235 -37.42 19.72 69.71
N LEU M 236 -36.22 20.10 69.28
CA LEU M 236 -35.45 19.26 68.36
C LEU M 236 -35.16 17.90 68.97
N GLU M 237 -34.74 17.89 70.25
CA GLU M 237 -34.49 16.62 70.93
C GLU M 237 -35.76 15.80 71.04
N ALA M 238 -36.89 16.44 71.37
CA ALA M 238 -38.14 15.71 71.50
C ALA M 238 -38.54 15.05 70.19
N VAL M 239 -38.43 15.79 69.08
CA VAL M 239 -38.82 15.23 67.78
C VAL M 239 -37.84 14.14 67.36
N ALA M 240 -36.54 14.34 67.59
CA ALA M 240 -35.56 13.34 67.19
C ALA M 240 -35.70 12.06 68.02
N LYS M 241 -36.20 12.16 69.24
CA LYS M 241 -36.41 10.97 70.05
C LYS M 241 -37.43 10.04 69.42
N ALA M 242 -38.50 10.59 68.87
CA ALA M 242 -39.53 9.78 68.21
C ALA M 242 -39.23 9.49 66.75
N GLY M 243 -38.18 10.09 66.19
CA GLY M 243 -37.79 9.79 64.83
C GLY M 243 -38.80 10.20 63.77
N LYS M 244 -39.50 11.31 63.99
CA LYS M 244 -40.42 11.81 62.98
C LYS M 244 -39.83 13.03 62.28
N PRO M 245 -40.23 13.30 61.04
CA PRO M 245 -39.83 14.56 60.40
C PRO M 245 -40.49 15.73 61.10
N LEU M 246 -39.88 16.90 60.94
CA LEU M 246 -40.27 18.08 61.69
C LEU M 246 -40.68 19.19 60.73
N LEU M 247 -41.84 19.78 60.98
CA LEU M 247 -42.36 20.90 60.18
C LEU M 247 -42.68 22.05 61.12
N ILE M 248 -41.98 23.17 60.93
CA ILE M 248 -42.19 24.38 61.72
C ILE M 248 -43.11 25.32 60.95
N ILE M 249 -44.15 25.81 61.61
CA ILE M 249 -44.98 26.89 61.08
C ILE M 249 -44.84 28.05 62.07
N ALA M 250 -43.98 29.00 61.74
CA ALA M 250 -43.67 30.11 62.61
C ALA M 250 -43.97 31.43 61.91
N GLU M 251 -44.27 32.44 62.73
CA GLU M 251 -44.45 33.78 62.17
C GLU M 251 -43.15 34.29 61.57
N ASP M 252 -42.02 33.96 62.21
CA ASP M 252 -40.70 34.23 61.63
C ASP M 252 -39.65 33.45 62.40
N VAL M 253 -38.64 32.98 61.66
CA VAL M 253 -37.45 32.38 62.24
C VAL M 253 -36.26 33.17 61.71
N GLU M 254 -35.41 33.64 62.62
CA GLU M 254 -34.37 34.59 62.26
C GLU M 254 -33.03 34.17 62.86
N GLY M 255 -31.95 34.55 62.19
CA GLY M 255 -30.63 34.50 62.78
C GLY M 255 -30.21 33.12 63.26
N GLU M 256 -29.77 33.08 64.51
CA GLU M 256 -29.10 31.89 65.03
C GLU M 256 -30.02 30.68 65.06
N ALA M 257 -31.32 30.91 65.27
CA ALA M 257 -32.27 29.81 65.24
C ALA M 257 -32.23 29.09 63.90
N LEU M 258 -32.39 29.85 62.81
CA LEU M 258 -32.35 29.26 61.47
C LEU M 258 -30.97 28.71 61.16
N ALA M 259 -29.92 29.39 61.63
CA ALA M 259 -28.56 28.93 61.35
C ALA M 259 -28.32 27.54 61.93
N THR M 260 -28.61 27.36 63.22
CA THR M 260 -28.39 26.06 63.83
C THR M 260 -29.43 25.05 63.36
N LEU M 261 -30.61 25.51 62.92
CA LEU M 261 -31.53 24.60 62.25
C LEU M 261 -30.89 24.01 61.02
N VAL M 262 -30.30 24.86 60.17
CA VAL M 262 -29.66 24.39 58.95
C VAL M 262 -28.48 23.48 59.30
N VAL M 263 -27.74 23.84 60.35
CA VAL M 263 -26.63 23.02 60.81
C VAL M 263 -27.12 21.62 61.18
N ASN M 264 -28.16 21.56 62.00
CA ASN M 264 -28.70 20.28 62.43
C ASN M 264 -29.26 19.51 61.24
N THR M 265 -29.73 20.22 60.21
CA THR M 265 -30.29 19.53 59.06
C THR M 265 -29.21 18.82 58.26
N MET M 266 -28.10 19.50 57.92
CA MET M 266 -27.13 18.76 57.12
C MET M 266 -26.36 17.77 57.99
N ARG M 267 -26.38 17.97 59.31
CA ARG M 267 -25.90 16.91 60.18
C ARG M 267 -26.86 15.74 60.26
N GLY M 268 -28.06 15.88 59.69
CA GLY M 268 -29.03 14.80 59.72
C GLY M 268 -29.71 14.59 61.05
N ILE M 269 -29.54 15.52 61.99
CA ILE M 269 -30.10 15.34 63.32
C ILE M 269 -31.62 15.31 63.28
N VAL M 270 -32.23 16.32 62.63
CA VAL M 270 -33.68 16.43 62.55
C VAL M 270 -34.05 16.83 61.12
N LYS M 271 -35.15 16.28 60.62
CA LYS M 271 -35.69 16.66 59.31
C LYS M 271 -36.59 17.88 59.52
N VAL M 272 -36.01 19.07 59.41
CA VAL M 272 -36.69 20.31 59.72
C VAL M 272 -37.06 21.02 58.43
N ALA M 273 -38.32 21.44 58.33
CA ALA M 273 -38.81 22.28 57.24
C ALA M 273 -39.63 23.41 57.84
N ALA M 274 -39.11 24.63 57.80
CA ALA M 274 -39.78 25.78 58.41
C ALA M 274 -40.45 26.63 57.33
N VAL M 275 -41.66 27.12 57.63
CA VAL M 275 -42.45 27.89 56.68
C VAL M 275 -42.94 29.16 57.36
N LYS M 276 -43.37 30.12 56.53
CA LYS M 276 -44.03 31.30 57.04
C LYS M 276 -45.40 30.95 57.61
N ALA M 277 -45.81 31.72 58.61
CA ALA M 277 -47.18 31.61 59.09
C ALA M 277 -48.12 32.25 58.09
N PRO M 278 -49.20 31.57 57.69
CA PRO M 278 -50.08 32.12 56.65
C PRO M 278 -50.69 33.45 57.08
N GLY M 279 -50.78 34.38 56.13
CA GLY M 279 -51.37 35.67 56.39
C GLY M 279 -50.54 36.52 57.34
N PHE M 280 -51.20 37.52 57.92
CA PHE M 280 -50.57 38.41 58.87
C PHE M 280 -51.63 38.97 59.80
N GLY M 281 -51.25 39.15 61.06
CA GLY M 281 -52.19 39.70 62.03
C GLY M 281 -52.91 38.59 62.79
N ASP M 282 -54.13 38.90 63.23
CA ASP M 282 -54.91 37.94 64.00
C ASP M 282 -55.36 36.78 63.14
N ARG M 283 -55.55 37.02 61.83
CA ARG M 283 -55.92 35.94 60.92
C ARG M 283 -54.88 34.82 60.95
N ARG M 284 -53.61 35.20 61.07
CA ARG M 284 -52.53 34.22 61.15
C ARG M 284 -52.69 33.34 62.38
N LYS M 285 -53.00 33.95 63.52
CA LYS M 285 -53.21 33.18 64.75
C LYS M 285 -54.41 32.25 64.63
N ALA M 286 -55.51 32.75 64.06
CA ALA M 286 -56.70 31.92 63.90
C ALA M 286 -56.44 30.74 62.99
N MET M 287 -55.72 30.96 61.88
CA MET M 287 -55.45 29.84 60.98
C MET M 287 -54.46 28.86 61.61
N LEU M 288 -53.51 29.37 62.41
CA LEU M 288 -52.66 28.48 63.18
C LEU M 288 -53.50 27.61 64.12
N GLN M 289 -54.56 28.18 64.70
CA GLN M 289 -55.46 27.38 65.53
C GLN M 289 -56.19 26.32 64.69
N ASP M 290 -56.61 26.68 63.49
CA ASP M 290 -57.23 25.69 62.61
C ASP M 290 -56.28 24.53 62.35
N ILE M 291 -55.02 24.83 62.05
CA ILE M 291 -54.02 23.79 61.82
C ILE M 291 -53.82 22.96 63.08
N ALA M 292 -53.75 23.64 64.23
CA ALA M 292 -53.55 22.94 65.49
C ALA M 292 -54.67 21.94 65.76
N THR M 293 -55.90 22.34 65.47
CA THR M 293 -57.02 21.43 65.66
C THR M 293 -57.00 20.30 64.63
N LEU M 294 -56.68 20.62 63.38
CA LEU M 294 -56.66 19.60 62.34
C LEU M 294 -55.61 18.53 62.59
N THR M 295 -54.40 18.92 62.98
CA THR M 295 -53.32 17.98 63.20
C THR M 295 -53.18 17.58 64.67
N GLY M 296 -54.10 18.01 65.52
CA GLY M 296 -53.99 17.70 66.93
C GLY M 296 -52.90 18.46 67.63
N GLY M 297 -52.38 19.53 67.02
CA GLY M 297 -51.31 20.32 67.59
C GLY M 297 -51.82 21.49 68.40
N THR M 298 -50.90 22.39 68.74
CA THR M 298 -51.19 23.58 69.51
C THR M 298 -50.46 24.77 68.91
N VAL M 299 -51.05 25.94 69.04
CA VAL M 299 -50.43 27.17 68.54
C VAL M 299 -49.47 27.69 69.60
N ILE M 300 -48.22 27.91 69.21
CA ILE M 300 -47.23 28.49 70.12
C ILE M 300 -47.17 29.98 69.79
N SER M 301 -47.97 30.75 70.52
CA SER M 301 -48.10 32.19 70.33
C SER M 301 -47.70 32.91 71.61
N GLU M 302 -47.03 34.05 71.46
CA GLU M 302 -46.63 34.86 72.59
C GLU M 302 -47.81 35.44 73.36
N GLU M 303 -48.98 35.55 72.72
CA GLU M 303 -50.16 36.06 73.40
C GLU M 303 -50.59 35.12 74.52
N ILE M 304 -50.39 33.81 74.34
CA ILE M 304 -50.60 32.87 75.43
C ILE M 304 -49.57 33.11 76.53
N GLY M 305 -48.39 33.59 76.18
CA GLY M 305 -47.31 33.76 77.13
C GLY M 305 -46.50 32.52 77.37
N MET M 306 -46.78 31.42 76.68
CA MET M 306 -46.06 30.18 76.84
C MET M 306 -44.82 30.16 75.96
N GLU M 307 -43.78 29.48 76.41
CA GLU M 307 -42.49 29.50 75.76
C GLU M 307 -42.25 28.20 74.97
N LEU M 308 -41.35 28.29 73.99
CA LEU M 308 -41.05 27.18 73.10
C LEU M 308 -40.15 26.12 73.73
N GLU M 309 -39.42 26.46 74.79
CA GLU M 309 -38.59 25.46 75.46
C GLU M 309 -39.42 24.25 75.85
N LYS M 310 -40.63 24.48 76.37
CA LYS M 310 -41.52 23.40 76.80
C LYS M 310 -42.50 22.98 75.71
N ALA M 311 -41.99 22.70 74.52
CA ALA M 311 -42.79 22.21 73.42
C ALA M 311 -42.44 20.74 73.16
N THR M 312 -43.44 19.88 73.18
CA THR M 312 -43.24 18.44 73.10
C THR M 312 -44.02 17.85 71.93
N LEU M 313 -43.93 16.52 71.81
CA LEU M 313 -44.48 15.83 70.65
C LEU M 313 -45.99 16.01 70.54
N GLU M 314 -46.71 15.89 71.66
CA GLU M 314 -48.15 16.13 71.63
C GLU M 314 -48.45 17.58 71.26
N ASP M 315 -47.65 18.52 71.77
CA ASP M 315 -47.84 19.93 71.42
C ASP M 315 -47.65 20.14 69.92
N LEU M 316 -46.65 19.50 69.33
CA LEU M 316 -46.45 19.61 67.88
C LEU M 316 -47.57 18.88 67.15
N GLY M 317 -48.03 19.48 66.05
CA GLY M 317 -49.08 18.87 65.26
C GLY M 317 -48.63 17.57 64.63
N GLN M 318 -49.60 16.70 64.38
CA GLN M 318 -49.33 15.41 63.77
C GLN M 318 -50.23 15.24 62.55
N ALA M 319 -49.61 14.97 61.40
CA ALA M 319 -50.33 14.64 60.19
C ALA M 319 -49.74 13.34 59.64
N LYS M 320 -50.24 12.93 58.49
CA LYS M 320 -49.66 11.77 57.84
C LYS M 320 -48.72 12.17 56.70
N ARG M 321 -48.97 13.33 56.08
CA ARG M 321 -48.07 13.84 55.06
C ARG M 321 -48.13 15.35 55.07
N VAL M 322 -47.01 15.99 54.77
CA VAL M 322 -46.97 17.43 54.53
C VAL M 322 -46.07 17.69 53.32
N VAL M 323 -46.51 18.62 52.46
CA VAL M 323 -45.76 19.01 51.27
C VAL M 323 -45.56 20.51 51.32
N ILE M 324 -44.32 20.95 51.43
CA ILE M 324 -43.95 22.35 51.62
C ILE M 324 -43.39 22.85 50.29
N ASN M 325 -44.20 23.58 49.54
CA ASN M 325 -43.74 24.09 48.26
C ASN M 325 -42.90 25.34 48.49
N LYS M 326 -42.58 26.07 47.41
CA LYS M 326 -41.73 27.24 47.52
C LYS M 326 -42.36 28.28 48.43
N ASP M 327 -43.62 28.63 48.17
CA ASP M 327 -44.40 29.55 48.99
C ASP M 327 -45.78 28.97 49.25
N THR M 328 -45.83 27.69 49.60
CA THR M 328 -47.10 27.00 49.84
C THR M 328 -46.82 25.73 50.60
N THR M 329 -47.68 25.40 51.56
CA THR M 329 -47.56 24.17 52.33
C THR M 329 -48.94 23.55 52.51
N THR M 330 -49.03 22.25 52.27
CA THR M 330 -50.28 21.50 52.41
C THR M 330 -50.09 20.35 53.39
N ILE M 331 -51.15 20.07 54.13
CA ILE M 331 -51.19 19.02 55.15
C ILE M 331 -52.21 17.99 54.72
N ILE M 332 -51.80 16.73 54.71
CA ILE M 332 -52.58 15.62 54.18
C ILE M 332 -52.78 14.61 55.30
N ASP M 333 -54.03 14.33 55.64
CA ASP M 333 -54.41 13.41 56.69
C ASP M 333 -53.79 13.79 58.03
N GLY M 334 -54.23 14.93 58.54
CA GLY M 334 -53.85 15.35 59.88
C GLY M 334 -54.28 14.33 60.90
N VAL M 335 -53.33 13.86 61.72
CA VAL M 335 -53.63 12.84 62.71
C VAL M 335 -54.62 13.35 63.75
N GLY M 336 -54.74 14.67 63.90
CA GLY M 336 -55.68 15.26 64.84
C GLY M 336 -57.10 14.78 64.67
N GLU M 337 -57.82 14.66 65.79
CA GLU M 337 -59.13 14.03 65.78
C GLU M 337 -60.10 14.78 64.88
N GLU M 338 -60.83 14.02 64.06
CA GLU M 338 -61.62 14.62 62.99
C GLU M 338 -62.82 15.40 63.53
N ALA M 339 -63.50 14.88 64.55
CA ALA M 339 -64.62 15.62 65.13
C ALA M 339 -64.13 16.89 65.81
N ALA M 340 -62.90 16.88 66.33
CA ALA M 340 -62.31 18.12 66.83
C ALA M 340 -62.13 19.11 65.69
N ILE M 341 -61.69 18.64 64.52
CA ILE M 341 -61.57 19.50 63.35
C ILE M 341 -62.94 20.04 62.97
N GLN M 342 -63.97 19.21 63.11
CA GLN M 342 -65.34 19.66 62.85
C GLN M 342 -65.77 20.75 63.81
N GLY M 343 -65.42 20.61 65.10
CA GLY M 343 -65.69 21.67 66.05
C GLY M 343 -64.97 22.96 65.68
N ARG M 344 -63.73 22.84 65.22
CA ARG M 344 -63.00 24.02 64.77
C ARG M 344 -63.64 24.64 63.54
N VAL M 345 -64.15 23.81 62.64
CA VAL M 345 -64.85 24.32 61.46
C VAL M 345 -66.09 25.08 61.87
N ALA M 346 -66.85 24.54 62.82
CA ALA M 346 -68.01 25.25 63.35
C ALA M 346 -67.60 26.55 64.03
N GLN M 347 -66.42 26.56 64.68
CA GLN M 347 -65.90 27.79 65.25
C GLN M 347 -65.64 28.83 64.18
N ILE M 348 -65.01 28.41 63.07
CA ILE M 348 -64.77 29.35 61.98
C ILE M 348 -66.09 29.81 61.37
N ARG M 349 -67.08 28.93 61.32
CA ARG M 349 -68.38 29.33 60.77
C ARG M 349 -69.08 30.35 61.66
N GLN M 350 -69.04 30.16 62.98
CA GLN M 350 -69.64 31.16 63.85
C GLN M 350 -68.86 32.47 63.77
N GLN M 351 -67.54 32.38 63.58
CA GLN M 351 -66.78 33.59 63.24
C GLN M 351 -67.29 34.22 61.95
N ILE M 352 -67.73 33.38 61.01
CA ILE M 352 -68.25 33.90 59.74
C ILE M 352 -69.51 34.72 59.98
N GLU M 353 -70.47 34.18 60.73
CA GLU M 353 -71.66 35.02 60.94
C GLU M 353 -71.40 36.14 61.94
N GLU M 354 -70.30 36.12 62.68
CA GLU M 354 -69.94 37.31 63.44
C GLU M 354 -69.34 38.40 62.56
N ALA M 355 -68.60 38.04 61.52
CA ALA M 355 -68.01 39.03 60.63
C ALA M 355 -68.96 39.40 59.50
N THR M 356 -68.73 40.56 58.89
CA THR M 356 -69.52 41.01 57.76
C THR M 356 -68.67 41.70 56.69
N SER M 357 -67.35 41.78 56.90
CA SER M 357 -66.46 42.50 56.00
C SER M 357 -66.08 41.61 54.82
N ASP M 358 -66.11 42.18 53.62
CA ASP M 358 -65.89 41.40 52.41
C ASP M 358 -64.48 40.80 52.37
N TYR M 359 -63.47 41.59 52.77
CA TYR M 359 -62.15 41.02 53.01
C TYR M 359 -62.23 39.83 53.95
N ASP M 360 -62.90 40.02 55.10
CA ASP M 360 -63.08 38.93 56.04
C ASP M 360 -63.97 37.84 55.45
N ARG M 361 -64.95 38.22 54.63
CA ARG M 361 -65.78 37.23 53.95
C ARG M 361 -64.92 36.24 53.19
N GLU M 362 -64.03 36.75 52.34
CA GLU M 362 -63.22 35.86 51.51
C GLU M 362 -62.15 35.15 52.34
N LYS M 363 -61.59 35.82 53.34
CA LYS M 363 -60.61 35.16 54.19
C LYS M 363 -61.23 33.96 54.91
N LEU M 364 -62.43 34.13 55.45
CA LEU M 364 -63.09 33.02 56.13
C LEU M 364 -63.56 31.96 55.14
N GLN M 365 -63.95 32.36 53.93
CA GLN M 365 -64.22 31.38 52.90
C GLN M 365 -62.99 30.51 52.64
N GLU M 366 -61.83 31.14 52.53
CA GLU M 366 -60.59 30.42 52.32
C GLU M 366 -60.28 29.49 53.49
N ARG M 367 -60.48 29.99 54.71
CA ARG M 367 -60.19 29.17 55.89
C ARG M 367 -61.09 27.94 55.95
N VAL M 368 -62.39 28.12 55.74
CA VAL M 368 -63.29 26.98 55.79
C VAL M 368 -63.00 26.03 54.63
N ALA M 369 -62.62 26.56 53.47
CA ALA M 369 -62.25 25.71 52.36
C ALA M 369 -61.04 24.86 52.70
N LYS M 370 -60.00 25.47 53.27
CA LYS M 370 -58.81 24.74 53.66
C LYS M 370 -59.14 23.65 54.67
N LEU M 371 -59.91 23.99 55.70
CA LEU M 371 -60.12 23.04 56.80
C LEU M 371 -61.06 21.92 56.40
N ALA M 372 -62.15 22.23 55.69
CA ALA M 372 -63.17 21.24 55.36
C ALA M 372 -62.87 20.49 54.08
N GLY M 373 -62.58 21.20 52.99
CA GLY M 373 -62.20 20.53 51.75
C GLY M 373 -60.96 19.69 51.90
N GLY M 374 -60.09 20.03 52.86
CA GLY M 374 -58.97 19.18 53.16
C GLY M 374 -58.05 18.98 51.97
N VAL M 375 -57.76 17.72 51.68
CA VAL M 375 -56.89 17.35 50.58
C VAL M 375 -57.57 16.24 49.77
N ALA M 376 -57.59 16.39 48.45
CA ALA M 376 -58.01 15.30 47.59
C ALA M 376 -56.85 14.35 47.41
N VAL M 377 -57.07 13.08 47.75
CA VAL M 377 -56.05 12.06 47.63
C VAL M 377 -56.54 11.04 46.62
N ILE M 378 -55.76 10.84 45.56
CA ILE M 378 -56.11 9.94 44.48
C ILE M 378 -55.18 8.73 44.59
N LYS M 379 -55.78 7.56 44.76
CA LYS M 379 -55.03 6.31 44.75
C LYS M 379 -55.26 5.65 43.40
N VAL M 380 -54.22 5.63 42.57
CA VAL M 380 -54.36 5.16 41.19
C VAL M 380 -54.40 3.64 41.18
N GLY M 381 -55.53 3.09 40.77
CA GLY M 381 -55.68 1.64 40.67
C GLY M 381 -55.22 1.15 39.31
N ALA M 382 -54.27 0.22 39.34
CA ALA M 382 -53.70 -0.35 38.11
C ALA M 382 -53.21 -1.75 38.43
N ALA M 383 -53.04 -2.54 37.37
CA ALA M 383 -52.66 -3.94 37.54
C ALA M 383 -51.16 -4.09 37.78
N THR M 384 -50.35 -3.73 36.78
CA THR M 384 -48.92 -3.90 36.84
C THR M 384 -48.25 -2.63 37.35
N GLU M 385 -47.06 -2.82 37.94
CA GLU M 385 -46.29 -1.67 38.42
C GLU M 385 -45.88 -0.76 37.28
N VAL M 386 -45.57 -1.34 36.11
CA VAL M 386 -45.26 -0.51 34.95
C VAL M 386 -46.48 0.31 34.53
N GLU M 387 -47.66 -0.32 34.47
CA GLU M 387 -48.86 0.44 34.17
C GLU M 387 -49.27 1.31 35.34
N MET M 388 -48.93 0.89 36.57
CA MET M 388 -49.12 1.77 37.72
C MET M 388 -48.42 3.10 37.50
N LYS M 389 -47.13 3.06 37.17
CA LYS M 389 -46.38 4.29 36.97
C LYS M 389 -46.86 5.03 35.74
N GLU M 390 -47.18 4.30 34.67
CA GLU M 390 -47.70 4.92 33.45
C GLU M 390 -48.95 5.72 33.75
N LYS M 391 -49.94 5.09 34.37
CA LYS M 391 -51.20 5.75 34.69
C LYS M 391 -50.99 6.90 35.66
N LYS M 392 -50.16 6.70 36.68
CA LYS M 392 -49.92 7.78 37.63
C LYS M 392 -49.31 8.98 36.94
N ALA M 393 -48.23 8.76 36.18
CA ALA M 393 -47.57 9.86 35.48
C ALA M 393 -48.55 10.57 34.55
N ARG M 394 -49.40 9.81 33.85
CA ARG M 394 -50.48 10.44 33.09
C ARG M 394 -51.32 11.34 33.99
N VAL M 395 -51.61 10.88 35.20
CA VAL M 395 -52.46 11.64 36.11
C VAL M 395 -51.80 12.97 36.49
N GLU M 396 -50.53 12.93 36.89
CA GLU M 396 -49.90 14.19 37.28
C GLU M 396 -49.70 15.10 36.09
N ASP M 397 -49.42 14.54 34.90
CA ASP M 397 -49.30 15.39 33.72
C ASP M 397 -50.61 16.09 33.42
N ALA M 398 -51.72 15.34 33.46
CA ALA M 398 -53.02 15.95 33.22
C ALA M 398 -53.36 16.95 34.32
N LEU M 399 -52.92 16.69 35.55
CA LEU M 399 -53.17 17.62 36.64
C LEU M 399 -52.45 18.94 36.44
N HIS M 400 -51.16 18.87 36.09
CA HIS M 400 -50.42 20.09 35.79
C HIS M 400 -51.02 20.83 34.61
N ALA M 401 -51.43 20.09 33.58
CA ALA M 401 -52.07 20.72 32.43
C ALA M 401 -53.38 21.40 32.79
N THR M 402 -54.19 20.75 33.63
CA THR M 402 -55.46 21.34 34.03
C THR M 402 -55.25 22.57 34.89
N ARG M 403 -54.25 22.54 35.76
CA ARG M 403 -53.93 23.74 36.53
C ARG M 403 -53.49 24.87 35.61
N ALA M 404 -52.65 24.57 34.62
CA ALA M 404 -52.20 25.57 33.68
C ALA M 404 -53.37 26.14 32.88
N ALA M 405 -54.31 25.28 32.48
CA ALA M 405 -55.47 25.73 31.73
C ALA M 405 -56.40 26.59 32.60
N VAL M 406 -56.56 26.21 33.87
CA VAL M 406 -57.37 27.01 34.78
C VAL M 406 -56.76 28.40 34.95
N GLU M 407 -55.43 28.46 35.11
CA GLU M 407 -54.77 29.73 35.36
C GLU M 407 -54.49 30.52 34.08
N GLU M 408 -54.65 29.92 32.91
CA GLU M 408 -54.32 30.57 31.65
C GLU M 408 -55.37 30.43 30.56
N GLY M 409 -56.29 29.49 30.66
CA GLY M 409 -57.29 29.28 29.63
C GLY M 409 -56.80 28.33 28.56
N VAL M 410 -57.72 27.99 27.67
CA VAL M 410 -57.47 27.05 26.57
C VAL M 410 -57.84 27.75 25.26
N VAL M 411 -56.92 27.74 24.31
CA VAL M 411 -57.25 28.05 22.93
C VAL M 411 -57.61 26.76 22.20
N ALA M 412 -58.26 26.91 21.04
CA ALA M 412 -58.69 25.75 20.27
C ALA M 412 -57.49 24.89 19.89
N GLY M 413 -57.62 23.58 20.10
CA GLY M 413 -56.53 22.66 19.86
C GLY M 413 -56.40 22.27 18.41
N GLY M 414 -55.41 21.42 18.15
CA GLY M 414 -55.11 20.98 16.81
C GLY M 414 -54.18 21.88 16.03
N GLY M 415 -53.79 23.02 16.58
CA GLY M 415 -52.92 23.95 15.88
C GLY M 415 -53.61 24.91 14.97
N VAL M 416 -54.91 25.13 15.16
CA VAL M 416 -55.68 25.98 14.25
C VAL M 416 -55.63 27.45 14.68
N ALA M 417 -55.57 27.72 15.99
CA ALA M 417 -55.42 29.09 16.44
C ALA M 417 -54.08 29.67 16.05
N LEU M 418 -53.07 28.81 15.86
CA LEU M 418 -51.80 29.27 15.31
C LEU M 418 -52.01 29.81 13.90
N ILE M 419 -52.79 29.09 13.09
CA ILE M 419 -53.14 29.59 11.76
C ILE M 419 -53.97 30.86 11.87
N ARG M 420 -54.85 30.92 12.86
CA ARG M 420 -55.62 32.13 13.09
C ARG M 420 -54.71 33.33 13.30
N VAL M 421 -53.74 33.19 14.21
CA VAL M 421 -52.82 34.30 14.50
C VAL M 421 -51.96 34.62 13.28
N ALA M 422 -51.55 33.60 12.53
CA ALA M 422 -50.84 33.85 11.27
C ALA M 422 -51.69 34.70 10.33
N SER M 423 -53.00 34.48 10.32
CA SER M 423 -53.89 35.39 9.64
C SER M 423 -53.92 36.76 10.33
N LYS M 424 -53.66 36.78 11.64
CA LYS M 424 -53.78 38.01 12.41
C LYS M 424 -52.47 38.79 12.42
N LEU M 425 -51.40 38.21 12.97
CA LEU M 425 -50.12 38.90 13.12
C LEU M 425 -49.25 38.82 11.89
N ALA M 426 -49.83 38.58 10.71
CA ALA M 426 -49.06 38.64 9.49
C ALA M 426 -48.47 40.02 9.24
N ASP M 427 -49.02 41.05 9.89
CA ASP M 427 -48.58 42.43 9.72
C ASP M 427 -47.54 42.86 10.75
N LEU M 428 -47.13 41.98 11.66
CA LEU M 428 -46.18 42.37 12.68
C LEU M 428 -44.81 42.62 12.08
N ARG M 429 -44.17 43.72 12.50
CA ARG M 429 -42.88 44.13 11.98
C ARG M 429 -41.99 44.60 13.13
N GLY M 430 -40.68 44.54 12.92
CA GLY M 430 -39.71 44.97 13.89
C GLY M 430 -39.04 46.28 13.51
N GLN M 431 -38.23 46.79 14.45
CA GLN M 431 -37.53 48.05 14.23
C GLN M 431 -36.58 47.97 13.06
N ASN M 432 -35.82 46.88 12.95
CA ASN M 432 -34.96 46.63 11.81
C ASN M 432 -35.66 45.62 10.90
N GLU M 433 -35.34 45.68 9.62
CA GLU M 433 -35.91 44.70 8.70
C GLU M 433 -35.43 43.30 9.04
N ASP M 434 -34.28 43.18 9.71
CA ASP M 434 -33.88 41.88 10.26
C ASP M 434 -34.89 41.39 11.29
N GLN M 435 -35.36 42.30 12.14
CA GLN M 435 -36.41 41.96 13.10
C GLN M 435 -37.69 41.59 12.38
N ASN M 436 -38.00 42.28 11.27
CA ASN M 436 -39.14 41.90 10.44
C ASN M 436 -38.98 40.48 9.91
N VAL M 437 -37.77 40.14 9.45
CA VAL M 437 -37.52 38.80 8.91
C VAL M 437 -37.67 37.76 9.99
N GLY M 438 -37.18 38.05 11.19
CA GLY M 438 -37.38 37.14 12.31
C GLY M 438 -38.85 36.95 12.63
N ILE M 439 -39.63 38.03 12.56
CA ILE M 439 -41.06 37.92 12.81
C ILE M 439 -41.72 37.05 11.76
N LYS M 440 -41.33 37.22 10.49
CA LYS M 440 -41.90 36.40 9.42
C LYS M 440 -41.46 34.95 9.55
N VAL M 441 -40.25 34.72 10.03
CA VAL M 441 -39.80 33.36 10.35
C VAL M 441 -40.71 32.74 11.40
N ALA M 442 -41.03 33.50 12.44
CA ALA M 442 -41.95 33.02 13.46
C ALA M 442 -43.31 32.69 12.88
N LEU M 443 -43.83 33.57 12.01
CA LEU M 443 -45.12 33.32 11.38
C LEU M 443 -45.10 32.04 10.57
N ARG M 444 -44.05 31.84 9.78
CA ARG M 444 -43.92 30.63 8.97
C ARG M 444 -43.87 29.39 9.85
N ALA M 445 -42.99 29.40 10.84
CA ALA M 445 -42.80 28.23 11.69
C ALA M 445 -43.99 27.95 12.57
N MET M 446 -44.82 28.95 12.83
CA MET M 446 -45.99 28.78 13.68
C MET M 446 -47.06 27.90 13.06
N GLU M 447 -47.21 27.89 11.75
CA GLU M 447 -48.13 26.93 11.18
C GLU M 447 -47.54 25.54 11.04
N ALA M 448 -46.22 25.41 11.19
CA ALA M 448 -45.58 24.10 11.12
C ALA M 448 -46.13 23.06 12.09
N PRO M 449 -46.47 23.38 13.37
CA PRO M 449 -47.03 22.35 14.26
C PRO M 449 -48.26 21.63 13.72
N LEU M 450 -49.28 22.39 13.31
CA LEU M 450 -50.45 21.77 12.68
C LEU M 450 -50.05 21.00 11.43
N ARG M 451 -49.12 21.55 10.67
CA ARG M 451 -48.66 20.87 9.46
C ARG M 451 -48.11 19.50 9.79
N GLN M 452 -47.29 19.41 10.84
CA GLN M 452 -46.72 18.13 11.22
C GLN M 452 -47.77 17.21 11.82
N ILE M 453 -48.74 17.76 12.54
CA ILE M 453 -49.84 16.93 13.04
C ILE M 453 -50.56 16.25 11.88
N VAL M 454 -50.93 17.03 10.87
CA VAL M 454 -51.64 16.49 9.72
C VAL M 454 -50.73 15.54 8.94
N LEU M 455 -49.43 15.86 8.87
CA LEU M 455 -48.48 14.99 8.18
C LEU M 455 -48.40 13.62 8.84
N ASN M 456 -48.23 13.59 10.15
CA ASN M 456 -48.15 12.31 10.86
C ASN M 456 -49.46 11.56 10.81
N CYS M 457 -50.59 12.28 10.81
CA CYS M 457 -51.87 11.63 10.59
C CYS M 457 -52.01 11.09 9.17
N GLY M 458 -51.10 11.45 8.27
CA GLY M 458 -51.10 10.92 6.93
C GLY M 458 -51.78 11.78 5.90
N GLU M 459 -52.14 13.01 6.25
CA GLU M 459 -52.89 13.90 5.36
C GLU M 459 -52.04 15.12 5.00
N GLU M 460 -52.67 16.06 4.31
CA GLU M 460 -51.94 17.17 3.70
C GLU M 460 -51.75 18.30 4.70
N PRO M 461 -50.52 18.61 5.08
CA PRO M 461 -50.29 19.72 6.03
C PRO M 461 -50.74 21.08 5.49
N SER M 462 -50.21 21.45 4.33
CA SER M 462 -50.42 22.80 3.82
C SER M 462 -51.86 23.00 3.35
N VAL M 463 -52.47 21.96 2.79
CA VAL M 463 -53.86 22.09 2.35
C VAL M 463 -54.78 22.30 3.53
N VAL M 464 -54.56 21.55 4.62
CA VAL M 464 -55.31 21.76 5.84
C VAL M 464 -55.08 23.17 6.37
N ALA M 465 -53.82 23.63 6.35
CA ALA M 465 -53.52 24.98 6.80
C ALA M 465 -54.29 26.02 6.00
N ASN M 466 -54.32 25.85 4.67
CA ASN M 466 -55.04 26.79 3.82
C ASN M 466 -56.54 26.76 4.07
N THR M 467 -57.11 25.56 4.24
CA THR M 467 -58.54 25.48 4.49
C THR M 467 -58.90 26.11 5.82
N VAL M 468 -58.06 25.93 6.84
CA VAL M 468 -58.28 26.61 8.11
C VAL M 468 -58.18 28.12 7.93
N LYS M 469 -57.19 28.58 7.17
CA LYS M 469 -57.09 30.00 6.84
C LYS M 469 -58.38 30.50 6.20
N GLY M 470 -59.00 29.67 5.37
CA GLY M 470 -60.29 30.02 4.81
C GLY M 470 -61.33 30.25 5.90
N GLY M 471 -61.28 29.45 6.95
CA GLY M 471 -62.10 29.67 8.11
C GLY M 471 -61.48 30.68 9.06
N ASP M 472 -62.12 30.83 10.21
CA ASP M 472 -61.69 31.79 11.21
C ASP M 472 -62.08 31.29 12.59
N GLY M 473 -61.43 31.85 13.61
CA GLY M 473 -61.72 31.45 14.97
C GLY M 473 -61.42 29.99 15.21
N ASN M 474 -62.39 29.27 15.78
CA ASN M 474 -62.21 27.86 16.10
C ASN M 474 -62.44 26.95 14.92
N TYR M 475 -62.77 27.48 13.74
CA TYR M 475 -62.82 26.64 12.56
C TYR M 475 -61.45 26.01 12.33
N GLY M 476 -61.45 24.71 12.11
CA GLY M 476 -60.20 23.99 11.96
C GLY M 476 -60.45 22.56 11.58
N TYR M 477 -59.43 21.74 11.78
CA TYR M 477 -59.38 20.39 11.24
C TYR M 477 -58.96 19.41 12.32
N ASN M 478 -59.91 18.63 12.82
CA ASN M 478 -59.60 17.48 13.65
C ASN M 478 -58.77 16.50 12.82
N ALA M 479 -57.51 16.32 13.22
CA ALA M 479 -56.62 15.42 12.52
C ALA M 479 -56.84 13.95 12.88
N ALA M 480 -57.57 13.69 13.97
CA ALA M 480 -57.95 12.31 14.28
C ALA M 480 -59.14 11.88 13.45
N THR M 481 -60.29 12.54 13.65
CA THR M 481 -61.44 12.32 12.78
C THR M 481 -61.25 12.98 11.42
N GLU M 482 -60.30 13.89 11.30
CA GLU M 482 -59.96 14.54 10.03
C GLU M 482 -61.18 15.28 9.46
N GLU M 483 -61.77 16.15 10.28
CA GLU M 483 -63.00 16.84 9.91
C GLU M 483 -62.89 18.32 10.23
N TYR M 484 -63.51 19.14 9.41
CA TYR M 484 -63.51 20.59 9.61
C TYR M 484 -64.68 21.01 10.48
N GLY M 485 -64.39 21.81 11.49
CA GLY M 485 -65.40 22.25 12.43
C GLY M 485 -64.78 23.01 13.58
N ASN M 486 -65.56 23.14 14.65
CA ASN M 486 -65.15 23.91 15.82
C ASN M 486 -64.39 23.01 16.79
N MET M 487 -63.09 23.28 16.95
CA MET M 487 -62.25 22.42 17.77
C MET M 487 -62.71 22.37 19.22
N ILE M 488 -63.28 23.47 19.73
CA ILE M 488 -63.79 23.46 21.09
C ILE M 488 -64.92 22.44 21.24
N ASP M 489 -65.80 22.36 20.23
CA ASP M 489 -66.95 21.47 20.32
C ASP M 489 -66.50 20.01 20.38
N MET M 490 -65.55 19.62 19.54
CA MET M 490 -65.04 18.26 19.57
C MET M 490 -63.93 18.06 20.60
N GLY M 491 -63.85 18.95 21.60
CA GLY M 491 -63.07 18.69 22.78
C GLY M 491 -61.57 18.78 22.64
N ILE M 492 -61.06 19.23 21.50
CA ILE M 492 -59.64 19.37 21.29
C ILE M 492 -59.25 20.72 21.89
N LEU M 493 -58.85 20.70 23.16
CA LEU M 493 -58.51 21.92 23.90
C LEU M 493 -57.01 21.93 24.16
N ASP M 494 -56.33 22.93 23.63
CA ASP M 494 -54.92 23.15 23.93
C ASP M 494 -54.79 24.38 24.83
N PRO M 495 -54.32 24.24 26.07
CA PRO M 495 -54.28 25.38 26.97
C PRO M 495 -53.39 26.50 26.44
N THR M 496 -53.79 27.73 26.78
CA THR M 496 -53.01 28.90 26.38
C THR M 496 -51.59 28.83 26.92
N LYS M 497 -51.43 28.42 28.17
CA LYS M 497 -50.10 28.34 28.78
C LYS M 497 -49.21 27.33 28.07
N VAL M 498 -49.78 26.22 27.57
CA VAL M 498 -48.95 25.19 26.95
C VAL M 498 -48.20 25.75 25.76
N THR M 499 -48.94 26.21 24.76
CA THR M 499 -48.32 26.77 23.57
C THR M 499 -47.55 28.04 23.89
N ARG M 500 -48.03 28.84 24.84
CA ARG M 500 -47.31 30.05 25.23
C ARG M 500 -45.91 29.72 25.73
N SER M 501 -45.81 28.76 26.66
CA SER M 501 -44.51 28.38 27.19
C SER M 501 -43.65 27.72 26.12
N ALA M 502 -44.24 26.84 25.31
CA ALA M 502 -43.46 26.19 24.27
C ALA M 502 -42.86 27.21 23.32
N LEU M 503 -43.66 28.16 22.87
CA LEU M 503 -43.17 29.20 21.95
C LEU M 503 -42.16 30.10 22.62
N GLN M 504 -42.39 30.48 23.88
CA GLN M 504 -41.46 31.38 24.55
C GLN M 504 -40.09 30.71 24.73
N TYR M 505 -40.07 29.44 25.11
CA TYR M 505 -38.80 28.75 25.28
C TYR M 505 -38.14 28.48 23.94
N ALA M 506 -38.94 28.20 22.90
CA ALA M 506 -38.37 28.06 21.56
C ALA M 506 -37.73 29.37 21.11
N ALA M 507 -38.39 30.49 21.37
CA ALA M 507 -37.82 31.80 21.04
C ALA M 507 -36.53 32.04 21.82
N SER M 508 -36.54 31.70 23.12
CA SER M 508 -35.36 31.90 23.94
C SER M 508 -34.18 31.11 23.40
N VAL M 509 -34.38 29.82 23.10
CA VAL M 509 -33.28 29.00 22.62
C VAL M 509 -32.83 29.44 21.23
N ALA M 510 -33.78 29.81 20.37
CA ALA M 510 -33.42 30.27 19.03
C ALA M 510 -32.59 31.54 19.10
N GLY M 511 -33.00 32.51 19.91
CA GLY M 511 -32.24 33.73 20.04
C GLY M 511 -30.87 33.51 20.65
N LEU M 512 -30.79 32.63 21.65
CA LEU M 512 -29.50 32.33 22.27
C LEU M 512 -28.55 31.71 21.26
N MET M 513 -29.04 30.76 20.45
CA MET M 513 -28.19 30.15 19.44
C MET M 513 -27.82 31.14 18.35
N ILE M 514 -28.73 32.07 18.05
CA ILE M 514 -28.45 33.12 17.07
C ILE M 514 -27.32 34.01 17.55
N THR M 515 -27.25 34.27 18.85
CA THR M 515 -26.24 35.15 19.41
C THR M 515 -24.97 34.43 19.83
N THR M 516 -24.90 33.11 19.64
CA THR M 516 -23.71 32.33 20.00
C THR M 516 -22.69 32.45 18.88
N GLU M 517 -21.44 32.73 19.23
CA GLU M 517 -20.40 32.91 18.23
C GLU M 517 -19.23 31.95 18.39
N CYS M 518 -19.16 31.21 19.49
CA CYS M 518 -18.07 30.27 19.72
C CYS M 518 -18.53 29.22 20.71
N MET M 519 -17.80 28.09 20.73
CA MET M 519 -18.07 27.04 21.69
C MET M 519 -16.79 26.26 21.94
N VAL M 520 -16.74 25.57 23.08
CA VAL M 520 -15.64 24.71 23.46
C VAL M 520 -16.21 23.38 23.91
N THR M 521 -15.68 22.29 23.37
CA THR M 521 -16.04 20.94 23.76
C THR M 521 -14.76 20.14 23.94
N ASP M 522 -14.90 18.87 24.28
CA ASP M 522 -13.74 18.01 24.37
C ASP M 522 -13.37 17.45 23.00
N LEU M 523 -12.14 16.99 22.88
CA LEU M 523 -11.67 16.44 21.62
C LEU M 523 -12.26 15.06 21.38
N PRO M 524 -12.50 14.65 20.13
CA PRO M 524 -13.09 13.33 19.83
C PRO M 524 -12.07 12.19 19.87
N LYS M 525 -11.70 11.79 21.09
CA LYS M 525 -10.72 10.72 21.24
C LYS M 525 -11.17 9.73 22.33
N ALA N 1 12.59 13.53 31.69
CA ALA N 1 11.92 13.02 30.51
C ALA N 1 12.41 13.74 29.26
N ALA N 2 12.51 13.00 28.15
CA ALA N 2 12.99 13.57 26.90
C ALA N 2 12.15 14.78 26.50
N LYS N 3 12.83 15.84 26.06
CA LYS N 3 12.21 17.15 25.93
C LYS N 3 12.22 17.61 24.48
N ASP N 4 11.12 18.25 24.08
CA ASP N 4 11.06 19.02 22.85
C ASP N 4 11.57 20.42 23.14
N VAL N 5 12.64 20.82 22.47
CA VAL N 5 13.28 22.12 22.70
C VAL N 5 13.04 22.98 21.48
N LYS N 6 12.56 24.19 21.70
CA LYS N 6 12.31 25.13 20.62
C LYS N 6 13.15 26.38 20.81
N PHE N 7 13.53 26.99 19.69
CA PHE N 7 14.35 28.19 19.70
C PHE N 7 13.68 29.27 18.87
N GLY N 8 13.56 30.46 19.47
CA GLY N 8 13.11 31.62 18.74
C GLY N 8 11.71 31.47 18.17
N ASN N 9 11.57 31.78 16.88
CA ASN N 9 10.26 31.84 16.26
C ASN N 9 9.55 30.49 16.30
N ASP N 10 10.33 29.40 16.34
CA ASP N 10 9.74 28.08 16.48
C ASP N 10 8.82 28.02 17.69
N ALA N 11 9.31 28.48 18.84
CA ALA N 11 8.47 28.58 20.03
C ALA N 11 7.48 29.72 19.89
N ARG N 12 7.89 30.82 19.26
CA ARG N 12 7.09 32.05 19.32
C ARG N 12 5.77 31.90 18.58
N VAL N 13 5.80 31.37 17.36
CA VAL N 13 4.55 31.15 16.63
C VAL N 13 3.70 30.12 17.37
N LYS N 14 4.37 29.13 17.98
CA LYS N 14 3.68 28.12 18.78
C LYS N 14 2.92 28.76 19.93
N MET N 15 3.56 29.68 20.65
CA MET N 15 2.86 30.42 21.70
C MET N 15 1.73 31.25 21.11
N LEU N 16 2.00 31.94 20.02
CA LEU N 16 1.12 33.00 19.54
C LEU N 16 -0.18 32.43 18.99
N ARG N 17 -0.11 31.28 18.33
CA ARG N 17 -1.34 30.68 17.80
C ARG N 17 -2.29 30.34 18.95
N GLY N 18 -1.76 29.76 20.03
CA GLY N 18 -2.59 29.50 21.19
C GLY N 18 -3.12 30.76 21.84
N VAL N 19 -2.28 31.80 21.94
CA VAL N 19 -2.71 33.06 22.53
C VAL N 19 -3.86 33.65 21.73
N ASN N 20 -3.70 33.66 20.40
CA ASN N 20 -4.70 34.26 19.54
C ASN N 20 -5.99 33.47 19.56
N VAL N 21 -5.90 32.13 19.58
CA VAL N 21 -7.12 31.32 19.66
C VAL N 21 -7.83 31.55 20.99
N LEU N 22 -7.06 31.57 22.08
CA LEU N 22 -7.61 31.85 23.40
C LEU N 22 -8.38 33.15 23.40
N ALA N 23 -7.77 34.22 22.89
CA ALA N 23 -8.45 35.51 22.93
C ALA N 23 -9.57 35.57 21.90
N ASP N 24 -9.47 34.85 20.80
CA ASP N 24 -10.56 34.79 19.85
C ASP N 24 -11.80 34.18 20.50
N ALA N 25 -11.59 33.20 21.38
CA ALA N 25 -12.68 32.64 22.15
C ALA N 25 -13.15 33.54 23.29
N VAL N 26 -12.26 34.31 23.90
CA VAL N 26 -12.59 35.10 25.09
C VAL N 26 -13.24 36.42 24.74
N LYS N 27 -12.70 37.13 23.74
CA LYS N 27 -13.07 38.52 23.50
C LYS N 27 -14.53 38.67 23.07
N VAL N 28 -15.15 37.59 22.58
CA VAL N 28 -16.55 37.69 22.18
C VAL N 28 -17.45 37.98 23.38
N THR N 29 -16.96 37.76 24.61
CA THR N 29 -17.73 38.03 25.81
C THR N 29 -17.47 39.42 26.39
N LEU N 30 -16.60 40.21 25.78
CA LEU N 30 -16.28 41.53 26.31
C LEU N 30 -17.44 42.48 26.10
N GLY N 31 -17.65 43.36 27.08
CA GLY N 31 -18.71 44.33 27.02
C GLY N 31 -19.95 43.87 27.76
N PRO N 32 -20.91 44.79 27.94
CA PRO N 32 -22.17 44.40 28.58
C PRO N 32 -22.98 43.41 27.76
N LYS N 33 -22.71 43.31 26.46
CA LYS N 33 -23.45 42.43 25.57
C LYS N 33 -22.53 41.40 24.90
N GLY N 34 -21.69 40.75 25.71
CA GLY N 34 -20.77 39.78 25.16
C GLY N 34 -21.50 38.62 24.49
N ARG N 35 -20.84 38.01 23.51
CA ARG N 35 -21.46 36.97 22.71
C ARG N 35 -21.61 35.68 23.50
N ASN N 36 -22.67 34.93 23.19
CA ASN N 36 -22.96 33.68 23.87
C ASN N 36 -21.88 32.64 23.58
N VAL N 37 -21.44 31.92 24.62
CA VAL N 37 -20.54 30.80 24.44
C VAL N 37 -21.07 29.62 25.25
N VAL N 38 -21.25 28.48 24.59
CA VAL N 38 -21.81 27.29 25.24
C VAL N 38 -20.63 26.40 25.61
N LEU N 39 -20.14 26.57 26.85
CA LEU N 39 -19.18 25.64 27.41
C LEU N 39 -19.80 24.26 27.49
N ASP N 40 -19.20 23.31 26.78
CA ASP N 40 -19.72 21.94 26.78
C ASP N 40 -19.52 21.29 28.14
N LYS N 41 -20.54 20.59 28.59
CA LYS N 41 -20.51 19.83 29.82
C LYS N 41 -20.17 18.36 29.54
N SER N 42 -19.65 17.70 30.56
CA SER N 42 -19.38 16.27 30.44
C SER N 42 -20.66 15.48 30.22
N PHE N 43 -21.77 15.97 30.76
CA PHE N 43 -23.06 15.29 30.66
C PHE N 43 -24.17 16.32 30.61
N GLY N 44 -25.34 15.88 30.13
CA GLY N 44 -26.53 16.72 30.14
C GLY N 44 -26.40 17.90 29.20
N ALA N 45 -27.24 18.90 29.44
CA ALA N 45 -27.22 20.11 28.62
C ALA N 45 -26.10 21.03 29.10
N PRO N 46 -25.15 21.39 28.24
CA PRO N 46 -24.03 22.23 28.66
C PRO N 46 -24.41 23.64 29.09
N THR N 47 -23.40 24.41 29.52
CA THR N 47 -23.62 25.68 30.21
C THR N 47 -23.30 26.83 29.26
N ILE N 48 -24.27 27.72 29.08
CA ILE N 48 -24.09 28.92 28.28
C ILE N 48 -23.67 30.06 29.19
N THR N 49 -22.59 30.74 28.81
CA THR N 49 -22.03 31.82 29.61
C THR N 49 -21.63 32.97 28.70
N LYS N 50 -21.38 34.13 29.33
CA LYS N 50 -21.08 35.37 28.62
C LYS N 50 -19.97 36.17 29.30
N ASP N 51 -19.07 35.52 30.02
CA ASP N 51 -17.97 36.22 30.66
C ASP N 51 -16.65 35.53 30.32
N GLY N 52 -15.58 36.33 30.23
CA GLY N 52 -14.30 35.80 29.79
C GLY N 52 -13.69 34.82 30.77
N VAL N 53 -13.91 35.03 32.07
CA VAL N 53 -13.31 34.15 33.06
C VAL N 53 -13.87 32.74 32.94
N SER N 54 -15.18 32.63 32.72
CA SER N 54 -15.82 31.32 32.65
C SER N 54 -15.21 30.47 31.54
N VAL N 55 -15.08 31.05 30.34
CA VAL N 55 -14.49 30.31 29.23
C VAL N 55 -13.00 30.11 29.45
N ALA N 56 -12.31 31.11 29.98
CA ALA N 56 -10.87 31.02 30.19
C ALA N 56 -10.53 29.87 31.15
N ARG N 57 -11.44 29.57 32.07
CA ARG N 57 -11.20 28.44 32.96
C ARG N 57 -11.36 27.11 32.25
N GLU N 58 -12.11 27.09 31.14
CA GLU N 58 -12.52 25.84 30.49
C GLU N 58 -11.71 25.54 29.23
N ILE N 59 -10.47 26.00 29.16
CA ILE N 59 -9.67 25.91 27.94
C ILE N 59 -8.45 25.03 28.19
N GLU N 60 -8.25 24.05 27.31
CA GLU N 60 -6.99 23.30 27.20
C GLU N 60 -6.78 22.93 25.74
N LEU N 61 -5.53 23.03 25.30
CA LEU N 61 -5.16 22.79 23.91
C LEU N 61 -4.29 21.55 23.81
N GLU N 62 -4.58 20.72 22.81
CA GLU N 62 -3.76 19.52 22.58
C GLU N 62 -2.34 19.91 22.22
N ASP N 63 -2.18 20.95 21.40
CA ASP N 63 -0.85 21.50 21.16
C ASP N 63 -0.29 22.04 22.47
N LYS N 64 0.77 21.40 22.96
CA LYS N 64 1.31 21.77 24.26
C LYS N 64 1.83 23.21 24.25
N PHE N 65 2.40 23.64 23.13
CA PHE N 65 2.96 24.99 23.05
C PHE N 65 1.85 26.04 23.06
N GLU N 66 0.84 25.85 22.21
CA GLU N 66 -0.30 26.75 22.22
C GLU N 66 -1.00 26.73 23.56
N ASN N 67 -1.13 25.53 24.14
CA ASN N 67 -1.75 25.39 25.44
C ASN N 67 -0.99 26.17 26.51
N MET N 68 0.35 26.07 26.49
CA MET N 68 1.10 26.74 27.55
C MET N 68 1.15 28.24 27.30
N GLY N 69 1.15 28.69 26.04
CA GLY N 69 0.98 30.11 25.77
C GLY N 69 -0.32 30.65 26.31
N ALA N 70 -1.41 29.91 26.09
CA ALA N 70 -2.67 30.24 26.74
C ALA N 70 -2.55 30.22 28.26
N GLN N 71 -1.72 29.33 28.81
CA GLN N 71 -1.56 29.25 30.26
C GLN N 71 -0.88 30.49 30.82
N MET N 72 0.20 30.95 30.16
CA MET N 72 0.80 32.21 30.57
C MET N 72 -0.14 33.39 30.40
N VAL N 73 -0.92 33.43 29.32
CA VAL N 73 -1.87 34.54 29.15
C VAL N 73 -2.90 34.53 30.26
N LYS N 74 -3.44 33.35 30.58
CA LYS N 74 -4.39 33.24 31.69
C LYS N 74 -3.74 33.63 33.01
N GLU N 75 -2.49 33.23 33.21
CA GLU N 75 -1.75 33.59 34.42
C GLU N 75 -1.63 35.10 34.56
N VAL N 76 -1.24 35.78 33.47
CA VAL N 76 -1.03 37.22 33.53
C VAL N 76 -2.36 37.95 33.66
N ALA N 77 -3.41 37.44 33.03
CA ALA N 77 -4.74 38.01 33.23
C ALA N 77 -5.17 37.86 34.68
N SER N 78 -4.84 36.72 35.31
CA SER N 78 -5.10 36.54 36.73
C SER N 78 -4.31 37.53 37.56
N LYS N 79 -3.04 37.76 37.19
CA LYS N 79 -2.22 38.76 37.88
C LYS N 79 -2.88 40.13 37.82
N ALA N 80 -3.35 40.51 36.63
CA ALA N 80 -4.07 41.76 36.48
C ALA N 80 -5.31 41.80 37.37
N ASN N 81 -6.16 40.77 37.26
CA ASN N 81 -7.41 40.73 38.00
C ASN N 81 -7.17 40.83 39.50
N ASP N 82 -6.08 40.23 39.98
CA ASP N 82 -5.71 40.38 41.39
C ASP N 82 -5.46 41.83 41.73
N ALA N 83 -4.77 42.56 40.85
CA ALA N 83 -4.55 43.98 41.02
C ALA N 83 -5.58 44.84 40.29
N ALA N 84 -6.55 44.22 39.62
CA ALA N 84 -7.62 44.97 38.96
C ALA N 84 -8.98 44.70 39.59
N GLY N 85 -9.44 43.46 39.61
CA GLY N 85 -10.77 43.13 40.06
C GLY N 85 -11.79 42.95 38.95
N ASP N 86 -11.55 43.51 37.77
CA ASP N 86 -12.38 43.32 36.59
C ASP N 86 -11.53 43.63 35.37
N GLY N 87 -12.19 43.86 34.24
CA GLY N 87 -11.45 43.98 33.00
C GLY N 87 -10.74 42.71 32.63
N THR N 88 -11.17 41.59 33.18
CA THR N 88 -10.53 40.30 32.89
C THR N 88 -10.57 40.01 31.40
N THR N 89 -11.74 40.16 30.78
CA THR N 89 -11.82 40.02 29.33
C THR N 89 -11.12 41.18 28.64
N THR N 90 -11.21 42.38 29.22
CA THR N 90 -10.45 43.52 28.71
C THR N 90 -8.95 43.25 28.81
N ALA N 91 -8.52 42.68 29.93
CA ALA N 91 -7.11 42.32 30.08
C ALA N 91 -6.71 41.27 29.04
N THR N 92 -7.61 40.31 28.76
CA THR N 92 -7.31 39.31 27.75
C THR N 92 -7.18 39.92 26.36
N VAL N 93 -8.05 40.86 26.02
CA VAL N 93 -7.98 41.51 24.72
C VAL N 93 -6.68 42.29 24.58
N LEU N 94 -6.33 43.06 25.63
CA LEU N 94 -5.08 43.80 25.61
C LEU N 94 -3.89 42.85 25.49
N ALA N 95 -3.92 41.74 26.24
CA ALA N 95 -2.84 40.77 26.18
C ALA N 95 -2.67 40.21 24.79
N GLN N 96 -3.77 39.79 24.15
CA GLN N 96 -3.65 39.24 22.81
C GLN N 96 -3.09 40.26 21.85
N ALA N 97 -3.63 41.49 21.88
CA ALA N 97 -3.18 42.49 20.93
C ALA N 97 -1.69 42.77 21.09
N ILE N 98 -1.26 43.09 22.30
CA ILE N 98 0.15 43.45 22.51
C ILE N 98 1.05 42.25 22.27
N ILE N 99 0.64 41.07 22.71
CA ILE N 99 1.43 39.85 22.50
C ILE N 99 1.63 39.58 21.02
N THR N 100 0.54 39.62 20.26
CA THR N 100 0.62 39.32 18.83
C THR N 100 1.48 40.34 18.11
N GLU N 101 1.27 41.62 18.42
CA GLU N 101 2.07 42.67 17.78
C GLU N 101 3.54 42.54 18.15
N GLY N 102 3.84 42.23 19.42
CA GLY N 102 5.22 42.09 19.84
C GLY N 102 5.90 40.91 19.19
N LEU N 103 5.19 39.79 19.05
CA LEU N 103 5.79 38.64 18.38
C LEU N 103 5.99 38.90 16.90
N LYS N 104 5.06 39.61 16.26
CA LYS N 104 5.25 39.95 14.86
C LYS N 104 6.44 40.90 14.69
N ALA N 105 6.59 41.86 15.60
CA ALA N 105 7.76 42.74 15.55
C ALA N 105 9.05 41.97 15.78
N VAL N 106 9.05 41.03 16.73
CA VAL N 106 10.24 40.22 16.97
C VAL N 106 10.59 39.44 15.71
N ALA N 107 9.59 38.87 15.04
CA ALA N 107 9.83 38.18 13.78
C ALA N 107 10.32 39.11 12.70
N ALA N 108 10.19 40.42 12.87
CA ALA N 108 10.64 41.38 11.87
C ALA N 108 12.14 41.66 11.95
N GLY N 109 12.89 40.94 12.76
CA GLY N 109 14.31 41.12 12.84
C GLY N 109 14.77 42.36 13.58
N MET N 110 13.89 42.97 14.37
CA MET N 110 14.17 44.21 15.08
C MET N 110 14.32 43.95 16.58
N ASN N 111 14.89 44.92 17.28
CA ASN N 111 15.44 44.69 18.62
C ASN N 111 14.33 44.33 19.60
N PRO N 112 14.46 43.21 20.32
CA PRO N 112 13.46 42.85 21.33
C PRO N 112 13.56 43.68 22.60
N MET N 113 14.80 43.92 23.04
CA MET N 113 15.01 44.75 24.23
C MET N 113 14.42 46.14 24.04
N ASP N 114 14.56 46.70 22.83
CA ASP N 114 13.97 48.00 22.55
C ASP N 114 12.45 47.92 22.55
N LEU N 115 11.88 46.82 22.03
CA LEU N 115 10.43 46.63 22.15
C LEU N 115 10.00 46.69 23.60
N LYS N 116 10.71 45.96 24.47
CA LYS N 116 10.35 45.93 25.88
C LYS N 116 10.48 47.31 26.50
N ARG N 117 11.57 48.02 26.19
CA ARG N 117 11.77 49.36 26.73
C ARG N 117 10.64 50.31 26.32
N GLY N 118 10.33 50.32 25.03
CA GLY N 118 9.27 51.19 24.55
C GLY N 118 7.93 50.87 25.19
N ILE N 119 7.58 49.58 25.23
CA ILE N 119 6.30 49.18 25.79
C ILE N 119 6.23 49.57 27.27
N ASP N 120 7.30 49.31 28.02
CA ASP N 120 7.27 49.55 29.46
C ASP N 120 7.18 51.04 29.77
N LYS N 121 7.97 51.86 29.09
CA LYS N 121 7.92 53.29 29.41
C LYS N 121 6.62 53.91 28.91
N ALA N 122 6.08 53.41 27.80
CA ALA N 122 4.76 53.85 27.37
C ALA N 122 3.70 53.52 28.41
N VAL N 123 3.79 52.32 29.00
CA VAL N 123 2.83 51.93 30.01
C VAL N 123 2.98 52.79 31.27
N THR N 124 4.22 53.13 31.63
CA THR N 124 4.42 54.01 32.78
C THR N 124 3.83 55.39 32.52
N ALA N 125 4.07 55.95 31.33
CA ALA N 125 3.50 57.25 31.01
C ALA N 125 1.97 57.20 31.00
N ALA N 126 1.41 56.11 30.48
CA ALA N 126 -0.04 55.95 30.48
C ALA N 126 -0.58 55.85 31.90
N VAL N 127 0.14 55.16 32.78
CA VAL N 127 -0.28 55.08 34.18
C VAL N 127 -0.27 56.46 34.82
N GLU N 128 0.76 57.26 34.52
CA GLU N 128 0.80 58.62 35.03
C GLU N 128 -0.38 59.45 34.53
N GLU N 129 -0.69 59.33 33.24
CA GLU N 129 -1.81 60.10 32.70
C GLU N 129 -3.15 59.60 33.23
N LEU N 130 -3.28 58.30 33.49
CA LEU N 130 -4.48 57.78 34.10
C LEU N 130 -4.65 58.31 35.52
N LYS N 131 -3.55 58.36 36.28
CA LYS N 131 -3.61 58.93 37.62
C LYS N 131 -3.97 60.40 37.56
N ALA N 132 -3.46 61.12 36.56
CA ALA N 132 -3.91 62.49 36.35
C ALA N 132 -5.40 62.53 36.05
N LEU N 133 -5.88 61.61 35.22
CA LEU N 133 -7.30 61.47 34.93
C LEU N 133 -8.06 60.82 36.06
N SER N 134 -7.37 60.16 36.99
CA SER N 134 -8.03 59.43 38.08
C SER N 134 -8.72 60.42 39.01
N VAL N 135 -10.05 60.41 38.99
CA VAL N 135 -10.84 61.20 39.94
C VAL N 135 -11.19 60.30 41.12
N PRO N 136 -11.13 60.80 42.35
CA PRO N 136 -11.33 59.92 43.51
C PRO N 136 -12.72 59.30 43.57
N CYS N 137 -12.76 57.96 43.60
CA CYS N 137 -14.01 57.22 43.74
C CYS N 137 -14.41 57.07 45.20
N SER N 138 -14.93 58.14 45.79
CA SER N 138 -15.20 58.15 47.22
C SER N 138 -16.69 58.19 47.56
N ASP N 139 -17.52 58.77 46.69
CA ASP N 139 -18.94 58.93 47.01
C ASP N 139 -19.67 57.59 46.92
N SER N 140 -20.76 57.49 47.67
CA SER N 140 -21.56 56.26 47.67
C SER N 140 -22.14 55.95 46.28
N LYS N 141 -22.45 56.98 45.50
CA LYS N 141 -22.90 56.76 44.13
C LYS N 141 -21.82 56.09 43.29
N ALA N 142 -20.59 56.62 43.36
CA ALA N 142 -19.51 56.05 42.58
C ALA N 142 -19.15 54.66 43.06
N ILE N 143 -19.19 54.43 44.38
CA ILE N 143 -18.93 53.11 44.91
C ILE N 143 -20.00 52.12 44.43
N ALA N 144 -21.27 52.57 44.43
CA ALA N 144 -22.35 51.72 43.94
C ALA N 144 -22.15 51.38 42.47
N GLN N 145 -21.73 52.37 41.67
CA GLN N 145 -21.54 52.11 40.25
C GLN N 145 -20.32 51.23 39.98
N VAL N 146 -19.30 51.32 40.83
CA VAL N 146 -18.15 50.41 40.71
C VAL N 146 -18.57 48.98 41.04
N GLY N 147 -19.29 48.80 42.14
CA GLY N 147 -19.83 47.48 42.44
C GLY N 147 -20.82 47.00 41.39
N THR N 148 -21.41 47.95 40.66
CA THR N 148 -22.29 47.61 39.55
C THR N 148 -21.50 47.01 38.39
N ILE N 149 -20.59 47.80 37.82
CA ILE N 149 -19.86 47.38 36.63
C ILE N 149 -19.00 46.16 36.94
N SER N 150 -18.40 46.13 38.14
CA SER N 150 -17.56 44.98 38.51
C SER N 150 -18.37 43.69 38.52
N ALA N 151 -19.56 43.72 39.11
CA ALA N 151 -20.44 42.56 39.13
C ALA N 151 -21.30 42.47 37.88
N ASN N 152 -20.85 43.07 36.77
CA ASN N 152 -21.57 43.07 35.51
C ASN N 152 -22.97 43.67 35.68
N SER N 153 -23.00 44.94 36.06
CA SER N 153 -24.23 45.72 36.24
C SER N 153 -25.08 45.18 37.40
N ASP N 154 -24.54 45.34 38.61
CA ASP N 154 -25.25 45.01 39.86
C ASP N 154 -25.15 46.20 40.82
N GLU N 155 -26.11 47.12 40.72
CA GLU N 155 -26.07 48.34 41.54
C GLU N 155 -26.22 48.05 43.03
N THR N 156 -27.12 47.13 43.38
CA THR N 156 -27.44 46.93 44.79
C THR N 156 -26.22 46.50 45.58
N VAL N 157 -25.33 45.70 44.97
CA VAL N 157 -24.14 45.24 45.67
C VAL N 157 -23.25 46.42 46.05
N GLY N 158 -22.94 47.28 45.08
CA GLY N 158 -22.12 48.45 45.39
C GLY N 158 -22.78 49.41 46.35
N LYS N 159 -24.10 49.57 46.23
CA LYS N 159 -24.84 50.42 47.15
C LYS N 159 -24.73 49.92 48.59
N LEU N 160 -24.92 48.61 48.78
CA LEU N 160 -24.80 48.04 50.12
C LEU N 160 -23.35 48.11 50.62
N ILE N 161 -22.38 48.00 49.71
CA ILE N 161 -20.98 48.16 50.11
C ILE N 161 -20.74 49.58 50.64
N ALA N 162 -21.26 50.58 49.93
CA ALA N 162 -21.12 51.97 50.37
C ALA N 162 -21.79 52.16 51.73
N GLU N 163 -22.98 51.59 51.91
CA GLU N 163 -23.65 51.70 53.21
C GLU N 163 -22.83 51.05 54.32
N ALA N 164 -22.29 49.86 54.06
CA ALA N 164 -21.51 49.15 55.09
C ALA N 164 -20.26 49.93 55.46
N MET N 165 -19.55 50.48 54.48
CA MET N 165 -18.35 51.25 54.79
C MET N 165 -18.69 52.55 55.49
N ASP N 166 -19.83 53.17 55.17
CA ASP N 166 -20.25 54.36 55.90
C ASP N 166 -20.58 54.02 57.35
N LYS N 167 -21.20 52.86 57.57
CA LYS N 167 -21.57 52.46 58.92
C LYS N 167 -20.34 52.10 59.76
N VAL N 168 -19.39 51.38 59.16
CA VAL N 168 -18.27 50.87 59.93
C VAL N 168 -17.02 51.73 59.80
N GLY N 169 -16.62 52.07 58.58
CA GLY N 169 -15.45 52.90 58.34
C GLY N 169 -14.25 52.09 57.90
N LYS N 170 -13.20 52.83 57.52
CA LYS N 170 -11.99 52.20 57.00
C LYS N 170 -11.20 51.49 58.10
N GLU N 171 -11.22 52.03 59.32
CA GLU N 171 -10.52 51.41 60.44
C GLU N 171 -11.11 50.07 60.84
N GLY N 172 -12.32 49.75 60.38
CA GLY N 172 -12.89 48.43 60.53
C GLY N 172 -12.72 47.61 59.27
N VAL N 173 -13.48 46.53 59.20
CA VAL N 173 -13.44 45.61 58.07
C VAL N 173 -14.86 45.20 57.71
N ILE N 174 -15.12 45.04 56.41
CA ILE N 174 -16.38 44.52 55.92
C ILE N 174 -16.17 43.06 55.54
N THR N 175 -16.90 42.16 56.18
CA THR N 175 -16.75 40.72 55.98
C THR N 175 -18.05 40.14 55.43
N VAL N 176 -17.90 39.13 54.56
CA VAL N 176 -19.02 38.51 53.89
C VAL N 176 -19.06 37.04 54.31
N GLU N 177 -20.23 36.59 54.76
CA GLU N 177 -20.40 35.23 55.24
C GLU N 177 -21.72 34.67 54.74
N ASP N 178 -22.00 33.42 55.10
CA ASP N 178 -23.18 32.73 54.61
C ASP N 178 -24.43 33.35 55.21
N GLY N 179 -25.39 33.70 54.34
CA GLY N 179 -26.65 34.22 54.79
C GLY N 179 -27.58 33.14 55.31
N THR N 180 -28.49 33.56 56.19
CA THR N 180 -29.41 32.63 56.82
C THR N 180 -30.61 32.31 55.92
N GLY N 181 -31.41 33.31 55.60
CA GLY N 181 -32.56 33.10 54.75
C GLY N 181 -32.25 33.34 53.29
N LEU N 182 -33.09 34.13 52.63
CA LEU N 182 -32.90 34.44 51.23
C LEU N 182 -32.52 35.90 51.00
N GLN N 183 -32.33 36.67 52.06
CA GLN N 183 -31.93 38.06 51.94
C GLN N 183 -30.66 38.30 52.74
N ASP N 184 -29.79 39.13 52.19
CA ASP N 184 -28.57 39.50 52.88
C ASP N 184 -28.88 40.33 54.11
N GLU N 185 -27.98 40.29 55.09
CA GLU N 185 -28.10 41.16 56.24
C GLU N 185 -26.73 41.70 56.64
N LEU N 186 -26.70 42.99 56.95
CA LEU N 186 -25.49 43.71 57.36
C LEU N 186 -25.52 43.95 58.86
N ASP N 187 -24.42 43.63 59.52
CA ASP N 187 -24.29 43.85 60.95
C ASP N 187 -23.01 44.62 61.25
N VAL N 188 -23.14 45.71 62.00
CA VAL N 188 -21.98 46.47 62.49
C VAL N 188 -21.61 45.86 63.85
N VAL N 189 -20.84 44.77 63.80
CA VAL N 189 -20.55 44.01 65.00
C VAL N 189 -19.32 44.59 65.71
N GLU N 190 -19.15 44.18 66.97
CA GLU N 190 -18.02 44.62 67.77
C GLU N 190 -16.75 43.95 67.28
N GLY N 191 -15.93 44.70 66.56
CA GLY N 191 -14.66 44.21 66.10
C GLY N 191 -13.69 45.36 65.97
N MET N 192 -12.70 45.18 65.11
CA MET N 192 -11.69 46.20 64.90
C MET N 192 -10.77 45.74 63.78
N GLN N 193 -9.87 46.63 63.37
CA GLN N 193 -8.82 46.30 62.43
C GLN N 193 -7.65 47.24 62.64
N PHE N 194 -6.47 46.69 62.86
CA PHE N 194 -5.26 47.48 62.97
C PHE N 194 -4.28 47.03 61.90
N ASP N 195 -3.31 47.90 61.62
CA ASP N 195 -2.44 47.71 60.46
C ASP N 195 -1.14 47.00 60.87
N ARG N 196 -1.32 45.84 61.48
CA ARG N 196 -0.21 44.94 61.79
C ARG N 196 -0.67 43.52 61.51
N GLY N 197 0.17 42.76 60.80
CA GLY N 197 -0.16 41.40 60.42
C GLY N 197 0.87 40.39 60.91
N TYR N 198 0.71 39.16 60.42
CA TYR N 198 1.58 38.07 60.85
C TYR N 198 3.03 38.34 60.49
N LEU N 199 3.93 37.99 61.41
CA LEU N 199 5.36 38.12 61.19
C LEU N 199 5.93 37.02 60.32
N SER N 200 5.23 35.89 60.20
CA SER N 200 5.73 34.81 59.37
C SER N 200 4.57 34.18 58.60
N PRO N 201 4.73 33.95 57.30
CA PRO N 201 3.69 33.26 56.53
C PRO N 201 3.46 31.83 56.98
N TYR N 202 4.38 31.26 57.76
CA TYR N 202 4.20 29.93 58.32
C TYR N 202 2.90 29.83 59.12
N PHE N 203 2.46 30.92 59.74
CA PHE N 203 1.26 30.93 60.56
C PHE N 203 -0.01 30.85 59.72
N ILE N 204 0.08 31.03 58.41
CA ILE N 204 -1.12 31.13 57.58
C ILE N 204 -1.69 29.72 57.38
N ASN N 205 -2.80 29.43 58.07
CA ASN N 205 -3.53 28.19 57.82
C ASN N 205 -4.52 28.31 56.67
N LYS N 206 -4.68 29.51 56.11
CA LYS N 206 -5.52 29.74 54.94
C LYS N 206 -4.65 30.43 53.88
N PRO N 207 -3.77 29.67 53.23
CA PRO N 207 -2.82 30.29 52.29
C PRO N 207 -3.49 31.00 51.13
N GLU N 208 -4.69 30.60 50.73
CA GLU N 208 -5.37 31.26 49.63
C GLU N 208 -5.66 32.72 49.96
N THR N 209 -6.05 32.98 51.20
CA THR N 209 -6.37 34.34 51.64
C THR N 209 -5.12 35.20 51.80
N GLY N 210 -3.96 34.59 52.06
CA GLY N 210 -2.81 35.37 52.47
C GLY N 210 -2.97 35.97 53.85
N ALA N 211 -3.95 35.48 54.61
CA ALA N 211 -4.25 35.96 55.95
C ALA N 211 -4.64 34.77 56.80
N VAL N 212 -4.12 34.72 58.02
CA VAL N 212 -4.47 33.65 58.95
C VAL N 212 -5.90 33.87 59.40
N GLU N 213 -6.74 32.87 59.25
CA GLU N 213 -8.15 33.00 59.64
C GLU N 213 -8.41 32.02 60.78
N LEU N 214 -8.74 32.56 61.96
CA LEU N 214 -9.00 31.75 63.14
C LEU N 214 -10.42 31.99 63.62
N GLU N 215 -11.14 30.91 63.94
CA GLU N 215 -12.53 30.98 64.34
C GLU N 215 -12.62 30.73 65.84
N SER N 216 -13.25 31.67 66.55
CA SER N 216 -13.35 31.63 68.00
C SER N 216 -11.99 31.34 68.65
N PRO N 217 -11.05 32.28 68.55
CA PRO N 217 -9.69 32.03 69.05
C PRO N 217 -9.46 32.55 70.45
N PHE N 218 -8.32 32.13 71.01
CA PHE N 218 -7.78 32.77 72.21
C PHE N 218 -6.72 33.79 71.79
N ILE N 219 -6.84 35.00 72.32
CA ILE N 219 -6.08 36.14 71.83
C ILE N 219 -5.17 36.62 72.96
N LEU N 220 -3.92 36.15 72.95
CA LEU N 220 -2.90 36.71 73.81
C LEU N 220 -2.59 38.14 73.37
N LEU N 221 -2.45 39.04 74.34
CA LEU N 221 -2.24 40.46 74.08
C LEU N 221 -1.01 40.91 74.86
N ALA N 222 0.11 41.02 74.17
CA ALA N 222 1.39 41.35 74.79
C ALA N 222 1.84 42.73 74.31
N ASP N 223 2.16 43.60 75.25
CA ASP N 223 2.84 44.86 74.94
C ASP N 223 4.34 44.75 75.22
N LYS N 224 5.00 43.73 74.68
CA LYS N 224 6.34 43.39 75.14
C LYS N 224 7.14 42.74 74.02
N LYS N 225 8.46 42.83 74.14
CA LYS N 225 9.40 42.14 73.27
C LYS N 225 9.63 40.74 73.81
N ILE N 226 9.38 39.73 72.98
CA ILE N 226 9.45 38.33 73.39
C ILE N 226 10.65 37.69 72.71
N SER N 227 11.37 36.85 73.46
CA SER N 227 12.57 36.20 72.93
C SER N 227 12.63 34.69 73.16
N ASN N 228 11.86 34.16 74.13
CA ASN N 228 11.99 32.77 74.54
C ASN N 228 10.62 32.10 74.54
N ILE N 229 10.59 30.83 74.12
CA ILE N 229 9.34 30.06 74.19
C ILE N 229 9.10 29.46 75.56
N ARG N 230 10.11 29.46 76.43
CA ARG N 230 9.93 28.90 77.77
C ARG N 230 8.85 29.67 78.53
N GLU N 231 8.85 30.99 78.39
CA GLU N 231 7.80 31.80 79.01
C GLU N 231 6.45 31.52 78.34
N MET N 232 6.47 31.07 77.08
CA MET N 232 5.23 30.94 76.32
C MET N 232 4.59 29.56 76.45
N LEU N 233 5.36 28.57 76.88
CA LEU N 233 4.85 27.19 76.91
C LEU N 233 3.61 26.99 77.77
N PRO N 234 3.50 27.53 78.99
CA PRO N 234 2.24 27.36 79.73
C PRO N 234 1.03 27.93 79.00
N VAL N 235 1.20 29.06 78.31
CA VAL N 235 0.11 29.63 77.53
C VAL N 235 -0.28 28.70 76.39
N LEU N 236 0.71 28.11 75.72
CA LEU N 236 0.44 27.16 74.65
C LEU N 236 -0.34 25.96 75.16
N GLU N 237 0.06 25.43 76.33
CA GLU N 237 -0.68 24.31 76.92
C GLU N 237 -2.11 24.71 77.28
N ALA N 238 -2.27 25.91 77.85
CA ALA N 238 -3.60 26.38 78.22
C ALA N 238 -4.52 26.48 77.00
N VAL N 239 -4.01 27.06 75.91
CA VAL N 239 -4.83 27.22 74.71
C VAL N 239 -5.12 25.86 74.08
N ALA N 240 -4.12 24.98 74.04
CA ALA N 240 -4.33 23.66 73.43
C ALA N 240 -5.32 22.83 74.24
N LYS N 241 -5.41 23.06 75.55
CA LYS N 241 -6.37 22.31 76.36
C LYS N 241 -7.80 22.60 75.94
N ALA N 242 -8.11 23.86 75.62
CA ALA N 242 -9.46 24.22 75.18
C ALA N 242 -9.66 24.04 73.68
N GLY N 243 -8.61 23.73 72.93
CA GLY N 243 -8.76 23.46 71.51
C GLY N 243 -9.19 24.66 70.69
N LYS N 244 -8.73 25.85 71.05
CA LYS N 244 -9.04 27.04 70.26
C LYS N 244 -7.82 27.50 69.48
N PRO N 245 -8.01 28.17 68.35
CA PRO N 245 -6.87 28.79 67.66
C PRO N 245 -6.30 29.92 68.50
N LEU N 246 -5.05 30.25 68.22
CA LEU N 246 -4.28 31.16 69.07
C LEU N 246 -3.78 32.34 68.25
N LEU N 247 -4.00 33.54 68.76
CA LEU N 247 -3.52 34.78 68.14
C LEU N 247 -2.70 35.54 69.16
N ILE N 248 -1.45 35.84 68.82
CA ILE N 248 -0.57 36.64 69.66
C ILE N 248 -0.48 38.05 69.11
N ILE N 249 -0.70 39.04 69.96
CA ILE N 249 -0.35 40.42 69.65
C ILE N 249 0.75 40.80 70.62
N ALA N 250 1.96 41.02 70.09
CA ALA N 250 3.12 41.34 70.91
C ALA N 250 3.84 42.55 70.34
N GLU N 251 4.54 43.26 71.22
CA GLU N 251 5.41 44.34 70.75
C GLU N 251 6.54 43.78 69.90
N ASP N 252 7.03 42.59 70.23
CA ASP N 252 7.98 41.86 69.41
C ASP N 252 8.08 40.42 69.91
N VAL N 253 8.23 39.50 68.97
CA VAL N 253 8.55 38.10 69.27
C VAL N 253 9.85 37.78 68.53
N GLU N 254 10.84 37.28 69.27
CA GLU N 254 12.19 37.16 68.73
C GLU N 254 12.74 35.78 69.03
N GLY N 255 13.63 35.32 68.14
CA GLY N 255 14.49 34.20 68.44
C GLY N 255 13.75 32.92 68.79
N GLU N 256 14.11 32.37 69.96
CA GLU N 256 13.67 31.03 70.33
C GLU N 256 12.16 30.95 70.47
N ALA N 257 11.53 32.03 70.95
CA ALA N 257 10.08 32.05 71.05
C ALA N 257 9.43 31.79 69.69
N LEU N 258 9.82 32.58 68.69
CA LEU N 258 9.25 32.41 67.35
C LEU N 258 9.64 31.07 66.75
N ALA N 259 10.87 30.62 66.99
CA ALA N 259 11.32 29.35 66.42
C ALA N 259 10.49 28.19 66.95
N THR N 260 10.31 28.12 68.26
CA THR N 260 9.51 27.03 68.81
C THR N 260 8.03 27.22 68.54
N LEU N 261 7.58 28.46 68.33
CA LEU N 261 6.23 28.66 67.84
C LEU N 261 6.05 27.99 66.48
N VAL N 262 7.00 28.22 65.57
CA VAL N 262 6.95 27.60 64.26
C VAL N 262 6.99 26.09 64.39
N VAL N 263 7.85 25.59 65.29
CA VAL N 263 7.99 24.16 65.49
C VAL N 263 6.67 23.56 65.99
N ASN N 264 6.06 24.19 66.99
CA ASN N 264 4.82 23.67 67.56
C ASN N 264 3.68 23.74 66.54
N THR N 265 3.65 24.79 65.73
CA THR N 265 2.62 24.90 64.71
C THR N 265 2.78 23.83 63.63
N MET N 266 4.01 23.60 63.17
CA MET N 266 4.22 22.58 62.14
C MET N 266 3.97 21.19 62.70
N ARG N 267 4.15 21.01 64.01
CA ARG N 267 3.69 19.79 64.64
C ARG N 267 2.18 19.74 64.82
N GLY N 268 1.48 20.84 64.53
CA GLY N 268 0.05 20.90 64.70
C GLY N 268 -0.42 21.04 66.13
N ILE N 269 0.50 21.35 67.06
CA ILE N 269 0.14 21.43 68.47
C ILE N 269 -0.85 22.57 68.71
N VAL N 270 -0.51 23.78 68.22
CA VAL N 270 -1.32 24.97 68.46
C VAL N 270 -1.42 25.75 67.15
N LYS N 271 -2.58 26.34 66.90
CA LYS N 271 -2.77 27.22 65.74
C LYS N 271 -2.40 28.63 66.16
N VAL N 272 -1.15 29.01 65.95
CA VAL N 272 -0.60 30.27 66.43
C VAL N 272 -0.43 31.22 65.25
N ALA N 273 -0.90 32.46 65.42
CA ALA N 273 -0.67 33.55 64.48
C ALA N 273 -0.22 34.77 65.27
N ALA N 274 1.03 35.18 65.09
CA ALA N 274 1.60 36.28 65.86
C ALA N 274 1.74 37.52 64.98
N VAL N 275 1.33 38.68 65.51
CA VAL N 275 1.34 39.93 64.76
C VAL N 275 2.06 40.99 65.57
N LYS N 276 2.42 42.07 64.87
CA LYS N 276 2.99 43.24 65.53
C LYS N 276 1.94 43.94 66.39
N ALA N 277 2.41 44.60 67.44
CA ALA N 277 1.55 45.47 68.22
C ALA N 277 1.30 46.76 67.45
N PRO N 278 0.05 47.15 67.23
CA PRO N 278 -0.23 48.35 66.41
C PRO N 278 0.39 49.60 67.03
N GLY N 279 0.92 50.46 66.15
CA GLY N 279 1.53 51.69 66.59
C GLY N 279 2.86 51.46 67.32
N PHE N 280 3.28 52.50 68.02
CA PHE N 280 4.50 52.44 68.82
C PHE N 280 4.39 53.44 69.95
N GLY N 281 4.90 53.03 71.12
CA GLY N 281 4.85 53.91 72.28
C GLY N 281 3.63 53.61 73.14
N ASP N 282 3.15 54.64 73.84
CA ASP N 282 1.99 54.47 74.72
C ASP N 282 0.72 54.21 73.94
N ARG N 283 0.62 54.76 72.72
CA ARG N 283 -0.54 54.50 71.88
C ARG N 283 -0.73 53.01 71.67
N ARG N 284 0.37 52.28 71.52
CA ARG N 284 0.31 50.83 71.36
C ARG N 284 -0.33 50.18 72.58
N LYS N 285 0.10 50.60 73.77
CA LYS N 285 -0.47 50.03 75.00
C LYS N 285 -1.96 50.34 75.12
N ALA N 286 -2.36 51.57 74.80
CA ALA N 286 -3.78 51.92 74.87
C ALA N 286 -4.59 51.11 73.86
N MET N 287 -4.04 50.90 72.66
CA MET N 287 -4.77 50.15 71.65
C MET N 287 -4.91 48.68 72.06
N LEU N 288 -3.84 48.10 72.64
CA LEU N 288 -3.95 46.79 73.26
C LEU N 288 -5.02 46.75 74.34
N GLN N 289 -5.16 47.84 75.10
CA GLN N 289 -6.23 47.88 76.10
C GLN N 289 -7.61 47.86 75.44
N ASP N 290 -7.77 48.58 74.34
CA ASP N 290 -9.01 48.50 73.58
C ASP N 290 -9.29 47.08 73.13
N ILE N 291 -8.26 46.39 72.65
CA ILE N 291 -8.43 44.99 72.23
C ILE N 291 -8.85 44.13 73.42
N ALA N 292 -8.18 44.34 74.55
CA ALA N 292 -8.45 43.55 75.74
C ALA N 292 -9.89 43.73 76.19
N THR N 293 -10.40 44.96 76.12
CA THR N 293 -11.78 45.19 76.51
C THR N 293 -12.75 44.59 75.51
N LEU N 294 -12.49 44.76 74.21
CA LEU N 294 -13.44 44.29 73.20
C LEU N 294 -13.51 42.77 73.15
N THR N 295 -12.39 42.08 73.24
CA THR N 295 -12.37 40.63 73.21
C THR N 295 -12.42 40.00 74.59
N GLY N 296 -12.58 40.81 75.64
CA GLY N 296 -12.56 40.28 76.98
C GLY N 296 -11.19 39.82 77.44
N GLY N 297 -10.13 40.28 76.77
CA GLY N 297 -8.78 39.88 77.10
C GLY N 297 -8.11 40.84 78.07
N THR N 298 -6.78 40.72 78.13
CA THR N 298 -5.96 41.54 79.01
C THR N 298 -4.63 41.83 78.32
N VAL N 299 -4.13 43.04 78.52
CA VAL N 299 -2.85 43.45 77.97
C VAL N 299 -1.74 42.87 78.83
N ILE N 300 -0.81 42.14 78.21
CA ILE N 300 0.36 41.61 78.93
C ILE N 300 1.52 42.55 78.63
N SER N 301 1.69 43.52 79.53
CA SER N 301 2.72 44.53 79.40
C SER N 301 3.62 44.50 80.63
N GLU N 302 4.93 44.70 80.39
CA GLU N 302 5.90 44.73 81.48
C GLU N 302 5.67 45.89 82.43
N GLU N 303 4.99 46.96 81.98
CA GLU N 303 4.69 48.08 82.86
C GLU N 303 3.78 47.66 84.00
N ILE N 304 2.91 46.67 83.75
CA ILE N 304 2.17 46.05 84.84
C ILE N 304 3.11 45.29 85.77
N GLY N 305 4.17 44.70 85.23
CA GLY N 305 5.06 43.86 85.99
C GLY N 305 4.65 42.41 86.06
N MET N 306 3.60 42.02 85.35
CA MET N 306 3.11 40.65 85.34
C MET N 306 3.78 39.88 84.20
N GLU N 307 3.99 38.59 84.41
CA GLU N 307 4.74 37.75 83.48
C GLU N 307 3.80 36.88 82.66
N LEU N 308 4.31 36.40 81.53
CA LEU N 308 3.55 35.61 80.57
C LEU N 308 3.33 34.17 81.00
N GLU N 309 4.17 33.64 81.90
CA GLU N 309 4.00 32.27 82.36
C GLU N 309 2.59 32.05 82.90
N LYS N 310 2.09 33.00 83.67
CA LYS N 310 0.77 32.90 84.30
C LYS N 310 -0.33 33.56 83.46
N ALA N 311 -0.37 33.25 82.16
CA ALA N 311 -1.40 33.76 81.27
C ALA N 311 -2.31 32.60 80.88
N THR N 312 -3.61 32.77 81.10
CA THR N 312 -4.59 31.72 80.93
C THR N 312 -5.66 32.12 79.92
N LEU N 313 -6.62 31.21 79.74
CA LEU N 313 -7.62 31.36 78.68
C LEU N 313 -8.46 32.62 78.87
N GLU N 314 -8.89 32.90 80.11
CA GLU N 314 -9.62 34.14 80.36
C GLU N 314 -8.74 35.35 80.09
N ASP N 315 -7.45 35.27 80.46
CA ASP N 315 -6.54 36.37 80.18
C ASP N 315 -6.41 36.62 78.68
N LEU N 316 -6.35 35.55 77.89
CA LEU N 316 -6.30 35.70 76.44
C LEU N 316 -7.63 36.20 75.91
N GLY N 317 -7.58 37.12 74.95
CA GLY N 317 -8.81 37.65 74.39
C GLY N 317 -9.60 36.59 73.64
N GLN N 318 -10.91 36.80 73.57
CA GLN N 318 -11.80 35.88 72.89
C GLN N 318 -12.63 36.64 71.88
N ALA N 319 -12.60 36.18 70.64
CA ALA N 319 -13.43 36.71 69.57
C ALA N 319 -14.12 35.55 68.89
N LYS N 320 -14.85 35.85 67.83
CA LYS N 320 -15.48 34.79 67.05
C LYS N 320 -14.73 34.54 65.74
N ARG N 321 -14.12 35.56 65.16
CA ARG N 321 -13.28 35.38 64.00
C ARG N 321 -12.15 36.40 64.05
N VAL N 322 -11.00 36.02 63.51
CA VAL N 322 -9.88 36.94 63.32
C VAL N 322 -9.23 36.64 61.98
N VAL N 323 -8.88 37.72 61.27
CA VAL N 323 -8.24 37.62 59.96
C VAL N 323 -6.94 38.42 60.03
N ILE N 324 -5.82 37.74 59.78
CA ILE N 324 -4.48 38.28 59.98
C ILE N 324 -3.86 38.45 58.60
N ASN N 325 -3.96 39.65 58.05
CA ASN N 325 -3.42 39.93 56.72
C ASN N 325 -1.90 40.08 56.83
N LYS N 326 -1.27 40.45 55.72
CA LYS N 326 0.19 40.54 55.68
C LYS N 326 0.70 41.52 56.73
N ASP N 327 0.15 42.72 56.74
CA ASP N 327 0.46 43.73 57.74
C ASP N 327 -0.83 44.36 58.26
N THR N 328 -1.82 43.53 58.57
CA THR N 328 -3.11 44.00 59.06
C THR N 328 -3.82 42.83 59.72
N THR N 329 -4.50 43.10 60.83
CA THR N 329 -5.29 42.10 61.52
C THR N 329 -6.60 42.69 61.98
N THR N 330 -7.69 41.96 61.76
CA THR N 330 -9.02 42.39 62.13
C THR N 330 -9.70 41.34 63.01
N ILE N 331 -10.46 41.84 63.97
CA ILE N 331 -11.18 41.03 64.96
C ILE N 331 -12.67 41.21 64.70
N ILE N 332 -13.39 40.10 64.59
CA ILE N 332 -14.79 40.06 64.20
C ILE N 332 -15.56 39.38 65.33
N ASP N 333 -16.53 40.09 65.90
CA ASP N 333 -17.35 39.60 67.00
C ASP N 333 -16.50 39.16 68.18
N GLY N 334 -15.83 40.13 68.79
CA GLY N 334 -15.11 39.88 70.02
C GLY N 334 -16.05 39.38 71.11
N VAL N 335 -15.72 38.23 71.69
CA VAL N 335 -16.59 37.62 72.70
C VAL N 335 -16.72 38.51 73.93
N GLY N 336 -15.75 39.39 74.16
CA GLY N 336 -15.77 40.31 75.28
C GLY N 336 -17.06 41.09 75.41
N GLU N 337 -17.46 41.40 76.64
CA GLU N 337 -18.77 41.96 76.90
C GLU N 337 -18.92 43.33 76.23
N GLU N 338 -20.06 43.53 75.58
CA GLU N 338 -20.24 44.68 74.70
C GLU N 338 -20.34 45.99 75.48
N ALA N 339 -21.03 45.97 76.62
CA ALA N 339 -21.11 47.19 77.43
C ALA N 339 -19.75 47.54 78.01
N ALA N 340 -18.92 46.53 78.26
CA ALA N 340 -17.53 46.80 78.64
C ALA N 340 -16.80 47.51 77.50
N ILE N 341 -17.04 47.07 76.26
CA ILE N 341 -16.45 47.72 75.09
C ILE N 341 -16.94 49.16 75.02
N GLN N 342 -18.21 49.39 75.36
CA GLN N 342 -18.76 50.75 75.39
C GLN N 342 -18.07 51.60 76.46
N GLY N 343 -17.81 51.03 77.63
CA GLY N 343 -17.05 51.74 78.64
C GLY N 343 -15.66 52.10 78.15
N ARG N 344 -15.01 51.17 77.45
CA ARG N 344 -13.70 51.46 76.88
C ARG N 344 -13.79 52.55 75.81
N VAL N 345 -14.86 52.55 75.02
CA VAL N 345 -15.05 53.59 74.01
C VAL N 345 -15.20 54.95 74.69
N ALA N 346 -15.98 54.99 75.78
CA ALA N 346 -16.09 56.24 76.54
C ALA N 346 -14.75 56.64 77.14
N GLN N 347 -13.94 55.67 77.53
CA GLN N 347 -12.59 55.96 78.02
C GLN N 347 -11.75 56.61 76.92
N ILE N 348 -11.81 56.08 75.71
CA ILE N 348 -11.07 56.67 74.61
C ILE N 348 -11.61 58.05 74.29
N ARG N 349 -12.92 58.25 74.42
CA ARG N 349 -13.50 59.56 74.15
C ARG N 349 -13.05 60.59 75.18
N GLN N 350 -13.02 60.22 76.46
CA GLN N 350 -12.52 61.16 77.46
C GLN N 350 -11.04 61.44 77.24
N GLN N 351 -10.29 60.42 76.78
CA GLN N 351 -8.93 60.67 76.33
C GLN N 351 -8.91 61.67 75.17
N ILE N 352 -9.94 61.62 74.32
CA ILE N 352 -10.02 62.55 73.20
C ILE N 352 -10.15 63.98 73.70
N GLU N 353 -11.08 64.24 74.62
CA GLU N 353 -11.15 65.63 75.07
C GLU N 353 -10.01 66.00 76.02
N GLU N 354 -9.24 65.02 76.53
CA GLU N 354 -8.01 65.40 77.22
C GLU N 354 -6.90 65.80 76.27
N ALA N 355 -6.80 65.16 75.10
CA ALA N 355 -5.75 65.51 74.15
C ALA N 355 -6.22 66.62 73.22
N THR N 356 -5.25 67.29 72.58
CA THR N 356 -5.53 68.37 71.64
C THR N 356 -4.65 68.28 70.38
N SER N 357 -3.63 67.44 70.39
CA SER N 357 -2.65 67.39 69.31
C SER N 357 -3.26 66.72 68.08
N ASP N 358 -2.98 67.30 66.91
CA ASP N 358 -3.62 66.83 65.68
C ASP N 358 -3.21 65.40 65.35
N TYR N 359 -1.92 65.07 65.53
CA TYR N 359 -1.50 63.67 65.47
C TYR N 359 -2.35 62.83 66.41
N ASP N 360 -2.48 63.27 67.66
CA ASP N 360 -3.33 62.57 68.62
C ASP N 360 -4.80 62.62 68.19
N ARG N 361 -5.22 63.75 67.59
CA ARG N 361 -6.59 63.83 67.09
C ARG N 361 -6.90 62.67 66.16
N GLU N 362 -6.05 62.48 65.14
CA GLU N 362 -6.33 61.45 64.16
C GLU N 362 -6.10 60.05 64.73
N LYS N 363 -5.11 59.89 65.62
CA LYS N 363 -4.90 58.58 66.23
C LYS N 363 -6.11 58.16 67.05
N LEU N 364 -6.68 59.09 67.83
CA LEU N 364 -7.86 58.77 68.62
C LEU N 364 -9.09 58.59 67.73
N GLN N 365 -9.18 59.34 66.63
CA GLN N 365 -10.23 59.07 65.65
C GLN N 365 -10.14 57.65 65.14
N GLU N 366 -8.93 57.21 64.81
CA GLU N 366 -8.73 55.85 64.33
C GLU N 366 -9.10 54.82 65.40
N ARG N 367 -8.71 55.08 66.66
CA ARG N 367 -9.00 54.15 67.73
C ARG N 367 -10.51 54.01 67.95
N VAL N 368 -11.22 55.15 68.01
CA VAL N 368 -12.66 55.08 68.23
C VAL N 368 -13.34 54.44 67.03
N ALA N 369 -12.84 54.69 65.82
CA ALA N 369 -13.40 54.05 64.64
C ALA N 369 -13.23 52.53 64.72
N LYS N 370 -12.03 52.07 65.08
CA LYS N 370 -11.78 50.64 65.20
C LYS N 370 -12.71 50.01 66.23
N LEU N 371 -12.83 50.64 67.41
CA LEU N 371 -13.57 49.99 68.49
C LEU N 371 -15.08 50.05 68.25
N ALA N 372 -15.60 51.19 67.79
CA ALA N 372 -17.04 51.37 67.65
C ALA N 372 -17.56 50.86 66.31
N GLY N 373 -16.96 51.29 65.19
CA GLY N 373 -17.37 50.78 63.90
C GLY N 373 -17.21 49.28 63.79
N GLY N 374 -16.26 48.71 64.53
CA GLY N 374 -16.15 47.26 64.59
C GLY N 374 -15.88 46.65 63.24
N VAL N 375 -16.71 45.69 62.87
CA VAL N 375 -16.60 44.98 61.60
C VAL N 375 -17.97 44.94 60.94
N ALA N 376 -18.02 45.27 59.65
CA ALA N 376 -19.23 45.03 58.88
C ALA N 376 -19.26 43.57 58.45
N VAL N 377 -20.36 42.90 58.76
CA VAL N 377 -20.52 41.48 58.44
C VAL N 377 -21.73 41.38 57.52
N ILE N 378 -21.53 40.85 56.33
CA ILE N 378 -22.57 40.70 55.33
C ILE N 378 -22.89 39.22 55.21
N LYS N 379 -24.13 38.86 55.45
CA LYS N 379 -24.60 37.49 55.26
C LYS N 379 -25.42 37.46 53.98
N VAL N 380 -24.89 36.79 52.96
CA VAL N 380 -25.51 36.80 51.65
C VAL N 380 -26.71 35.85 51.64
N GLY N 381 -27.90 36.41 51.45
CA GLY N 381 -29.10 35.60 51.39
C GLY N 381 -29.40 35.20 49.95
N ALA N 382 -29.46 33.88 49.73
CA ALA N 382 -29.71 33.35 48.40
C ALA N 382 -30.43 32.03 48.54
N ALA N 383 -31.07 31.61 47.44
CA ALA N 383 -31.91 30.41 47.47
C ALA N 383 -31.07 29.15 47.31
N THR N 384 -30.45 28.98 46.14
CA THR N 384 -29.65 27.79 45.84
C THR N 384 -28.21 28.04 46.25
N GLU N 385 -27.56 26.95 46.68
CA GLU N 385 -26.17 27.05 47.11
C GLU N 385 -25.27 27.47 45.96
N VAL N 386 -25.59 27.06 44.74
CA VAL N 386 -24.85 27.54 43.58
C VAL N 386 -25.04 29.04 43.41
N GLU N 387 -26.27 29.53 43.54
CA GLU N 387 -26.48 30.97 43.49
C GLU N 387 -25.92 31.65 44.74
N MET N 388 -25.91 30.95 45.87
CA MET N 388 -25.21 31.48 47.05
C MET N 388 -23.77 31.80 46.72
N LYS N 389 -23.04 30.84 46.16
CA LYS N 389 -21.64 31.05 45.82
C LYS N 389 -21.50 32.11 44.73
N GLU N 390 -22.38 32.07 43.73
CA GLU N 390 -22.36 33.07 42.68
C GLU N 390 -22.48 34.48 43.24
N LYS N 391 -23.50 34.70 44.06
CA LYS N 391 -23.74 36.01 44.65
C LYS N 391 -22.59 36.42 45.56
N LYS N 392 -22.09 35.50 46.38
CA LYS N 392 -20.98 35.84 47.27
C LYS N 392 -19.75 36.23 46.47
N ALA N 393 -19.45 35.48 45.41
CA ALA N 393 -18.30 35.80 44.56
C ALA N 393 -18.47 37.17 43.93
N ARG N 394 -19.66 37.47 43.41
CA ARG N 394 -19.94 38.81 42.94
C ARG N 394 -19.66 39.84 44.02
N VAL N 395 -20.03 39.52 45.26
CA VAL N 395 -19.89 40.48 46.35
C VAL N 395 -18.43 40.77 46.63
N GLU N 396 -17.59 39.74 46.75
CA GLU N 396 -16.19 40.04 47.07
C GLU N 396 -15.49 40.67 45.87
N ASP N 397 -15.88 40.30 44.65
CA ASP N 397 -15.30 40.95 43.48
C ASP N 397 -15.63 42.45 43.49
N ALA N 398 -16.89 42.78 43.75
CA ALA N 398 -17.28 44.19 43.82
C ALA N 398 -16.58 44.89 44.97
N LEU N 399 -16.36 44.18 46.09
CA LEU N 399 -15.68 44.78 47.23
C LEU N 399 -14.23 45.12 46.88
N HIS N 400 -13.51 44.17 46.28
CA HIS N 400 -12.15 44.43 45.86
C HIS N 400 -12.10 45.56 44.84
N ALA N 401 -13.05 45.58 43.91
CA ALA N 401 -13.10 46.64 42.91
C ALA N 401 -13.35 48.00 43.57
N THR N 402 -14.24 48.05 44.55
CA THR N 402 -14.52 49.31 45.23
C THR N 402 -13.31 49.79 46.02
N ARG N 403 -12.59 48.86 46.66
CA ARG N 403 -11.35 49.25 47.33
C ARG N 403 -10.35 49.81 46.34
N ALA N 404 -10.20 49.15 45.18
CA ALA N 404 -9.26 49.62 44.17
C ALA N 404 -9.67 50.99 43.64
N ALA N 405 -10.97 51.20 43.44
CA ALA N 405 -11.46 52.49 42.96
C ALA N 405 -11.26 53.58 44.00
N VAL N 406 -11.47 53.27 45.27
CA VAL N 406 -11.23 54.25 46.32
C VAL N 406 -9.77 54.64 46.37
N GLU N 407 -8.88 53.65 46.28
CA GLU N 407 -7.45 53.92 46.41
C GLU N 407 -6.82 54.43 45.12
N GLU N 408 -7.51 54.33 43.99
CA GLU N 408 -6.96 54.72 42.70
C GLU N 408 -7.85 55.60 41.84
N GLY N 409 -9.14 55.69 42.14
CA GLY N 409 -10.05 56.49 41.34
C GLY N 409 -10.64 55.68 40.19
N VAL N 410 -11.57 56.33 39.50
CA VAL N 410 -12.30 55.73 38.38
C VAL N 410 -12.17 56.66 37.18
N VAL N 411 -11.82 56.10 36.03
CA VAL N 411 -11.94 56.83 34.78
C VAL N 411 -13.23 56.39 34.07
N ALA N 412 -13.65 57.16 33.08
CA ALA N 412 -14.87 56.86 32.36
C ALA N 412 -14.81 55.48 31.73
N GLY N 413 -15.86 54.69 31.92
CA GLY N 413 -15.89 53.32 31.45
C GLY N 413 -16.29 53.21 30.00
N GLY N 414 -16.34 51.95 29.54
CA GLY N 414 -16.66 51.65 28.16
C GLY N 414 -15.48 51.70 27.21
N GLY N 415 -14.29 52.05 27.69
CA GLY N 415 -13.13 52.14 26.83
C GLY N 415 -12.96 53.46 26.11
N VAL N 416 -13.57 54.53 26.62
CA VAL N 416 -13.54 55.82 25.93
C VAL N 416 -12.38 56.68 26.39
N ALA N 417 -12.00 56.59 27.67
CA ALA N 417 -10.81 57.30 28.15
C ALA N 417 -9.56 56.72 27.50
N LEU N 418 -9.60 55.45 27.11
CA LEU N 418 -8.51 54.89 26.33
C LEU N 418 -8.36 55.61 25.00
N ILE N 419 -9.50 55.87 24.33
CA ILE N 419 -9.46 56.64 23.10
C ILE N 419 -8.98 58.07 23.38
N ARG N 420 -9.37 58.62 24.52
CA ARG N 420 -8.90 59.95 24.91
C ARG N 420 -7.38 59.97 24.98
N VAL N 421 -6.80 59.04 25.73
CA VAL N 421 -5.35 59.02 25.92
C VAL N 421 -4.65 58.74 24.60
N ALA N 422 -5.24 57.89 23.76
CA ALA N 422 -4.70 57.67 22.42
C ALA N 422 -4.64 58.97 21.65
N SER N 423 -5.68 59.80 21.78
CA SER N 423 -5.63 61.15 21.21
C SER N 423 -4.58 62.00 21.92
N LYS N 424 -4.25 61.64 23.17
CA LYS N 424 -3.29 62.42 23.94
C LYS N 424 -1.87 61.94 23.72
N LEU N 425 -1.58 60.69 24.07
CA LEU N 425 -0.23 60.14 23.99
C LEU N 425 0.12 59.61 22.60
N ALA N 426 -0.55 60.11 21.56
CA ALA N 426 -0.14 59.76 20.20
C ALA N 426 1.28 60.23 19.91
N ASP N 427 1.79 61.18 20.68
CA ASP N 427 3.10 61.77 20.47
C ASP N 427 4.21 61.09 21.25
N LEU N 428 3.91 60.04 22.01
CA LEU N 428 4.93 59.40 22.84
C LEU N 428 5.92 58.64 21.96
N ARG N 429 7.20 58.81 22.26
CA ARG N 429 8.29 58.20 21.50
C ARG N 429 9.35 57.66 22.44
N GLY N 430 10.11 56.67 21.95
CA GLY N 430 11.17 56.06 22.71
C GLY N 430 12.56 56.44 22.21
N GLN N 431 13.56 56.00 22.98
CA GLN N 431 14.94 56.32 22.64
C GLN N 431 15.35 55.74 21.29
N ASN N 432 14.98 54.49 21.02
CA ASN N 432 15.18 53.88 19.73
C ASN N 432 13.87 53.92 18.97
N GLU N 433 13.97 53.94 17.64
CA GLU N 433 12.75 53.89 16.85
C GLU N 433 12.01 52.57 17.05
N ASP N 434 12.73 51.52 17.46
CA ASP N 434 12.06 50.31 17.89
C ASP N 434 11.17 50.57 19.10
N GLN N 435 11.66 51.37 20.05
CA GLN N 435 10.85 51.77 21.19
C GLN N 435 9.67 52.62 20.74
N ASN N 436 9.87 53.47 19.73
CA ASN N 436 8.77 54.22 19.15
C ASN N 436 7.72 53.29 18.57
N VAL N 437 8.17 52.25 17.85
CA VAL N 437 7.25 51.30 17.25
C VAL N 437 6.48 50.54 18.30
N GLY N 438 7.15 50.15 19.39
CA GLY N 438 6.45 49.52 20.50
C GLY N 438 5.41 50.44 21.11
N ILE N 439 5.74 51.73 21.24
CA ILE N 439 4.78 52.70 21.79
C ILE N 439 3.56 52.81 20.87
N LYS N 440 3.80 52.87 19.56
CA LYS N 440 2.68 52.94 18.62
C LYS N 440 1.86 51.66 18.61
N VAL N 441 2.53 50.51 18.78
CA VAL N 441 1.84 49.25 18.98
C VAL N 441 0.89 49.33 20.16
N ALA N 442 1.39 49.89 21.27
CA ALA N 442 0.54 50.05 22.44
C ALA N 442 -0.64 50.96 22.14
N LEU N 443 -0.39 52.09 21.47
CA LEU N 443 -1.46 53.04 21.16
C LEU N 443 -2.54 52.37 20.31
N ARG N 444 -2.13 51.60 19.30
CA ARG N 444 -3.08 50.86 18.48
C ARG N 444 -3.85 49.84 19.31
N ALA N 445 -3.14 49.01 20.06
CA ALA N 445 -3.77 47.90 20.78
C ALA N 445 -4.70 48.38 21.88
N MET N 446 -4.48 49.57 22.41
CA MET N 446 -5.24 50.02 23.57
C MET N 446 -6.60 50.59 23.20
N GLU N 447 -6.84 50.85 21.91
CA GLU N 447 -8.19 51.13 21.47
C GLU N 447 -8.99 49.88 21.19
N ALA N 448 -8.32 48.73 21.08
CA ALA N 448 -9.02 47.47 20.86
C ALA N 448 -10.06 47.12 21.92
N PRO N 449 -9.87 47.41 23.23
CA PRO N 449 -10.91 47.03 24.22
C PRO N 449 -12.30 47.57 23.89
N LEU N 450 -12.42 48.89 23.69
CA LEU N 450 -13.70 49.46 23.30
C LEU N 450 -14.17 48.86 21.98
N ARG N 451 -13.24 48.63 21.06
CA ARG N 451 -13.61 48.07 19.76
C ARG N 451 -14.28 46.72 19.93
N GLN N 452 -13.70 45.86 20.77
CA GLN N 452 -14.27 44.54 21.01
C GLN N 452 -15.57 44.63 21.79
N ILE N 453 -15.68 45.59 22.71
CA ILE N 453 -16.94 45.79 23.42
C ILE N 453 -18.05 46.08 22.42
N VAL N 454 -17.81 47.04 21.52
CA VAL N 454 -18.82 47.41 20.54
C VAL N 454 -19.07 46.26 19.57
N LEU N 455 -18.02 45.52 19.23
CA LEU N 455 -18.15 44.37 18.35
C LEU N 455 -19.08 43.32 18.94
N ASN N 456 -18.83 42.92 20.19
CA ASN N 456 -19.66 41.92 20.84
C ASN N 456 -21.07 42.43 21.05
N CYS N 457 -21.23 43.73 21.30
CA CYS N 457 -22.57 44.30 21.35
C CYS N 457 -23.25 44.30 19.99
N GLY N 458 -22.53 44.00 18.92
CA GLY N 458 -23.11 43.89 17.60
C GLY N 458 -22.97 45.12 16.74
N GLU N 459 -22.20 46.11 17.16
CA GLU N 459 -22.10 47.38 16.47
C GLU N 459 -20.66 47.61 16.00
N GLU N 460 -20.41 48.81 15.48
CA GLU N 460 -19.18 49.08 14.75
C GLU N 460 -18.07 49.48 15.71
N PRO N 461 -17.00 48.70 15.83
CA PRO N 461 -15.88 49.07 16.71
C PRO N 461 -15.20 50.37 16.31
N SER N 462 -14.71 50.41 15.07
CA SER N 462 -13.87 51.52 14.64
C SER N 462 -14.67 52.79 14.45
N VAL N 463 -15.93 52.68 14.02
CA VAL N 463 -16.76 53.87 13.86
C VAL N 463 -17.03 54.51 15.22
N VAL N 464 -17.34 53.69 16.22
CA VAL N 464 -17.49 54.19 17.58
C VAL N 464 -16.19 54.81 18.07
N ALA N 465 -15.06 54.17 17.78
CA ALA N 465 -13.78 54.72 18.19
C ALA N 465 -13.57 56.11 17.57
N ASN N 466 -13.88 56.25 16.28
CA ASN N 466 -13.71 57.53 15.61
C ASN N 466 -14.65 58.59 16.16
N THR N 467 -15.91 58.23 16.43
CA THR N 467 -16.85 59.20 16.96
C THR N 467 -16.42 59.67 18.34
N VAL N 468 -15.91 58.75 19.17
CA VAL N 468 -15.38 59.13 20.47
C VAL N 468 -14.18 60.05 20.29
N LYS N 469 -13.29 59.71 19.36
CA LYS N 469 -12.18 60.61 19.03
C LYS N 469 -12.67 62.01 18.68
N GLY N 470 -13.81 62.09 17.98
CA GLY N 470 -14.41 63.38 17.72
C GLY N 470 -14.76 64.12 18.99
N GLY N 471 -15.22 63.38 20.01
CA GLY N 471 -15.44 63.96 21.31
C GLY N 471 -14.16 64.00 22.13
N ASP N 472 -14.32 64.40 23.39
CA ASP N 472 -13.20 64.54 24.29
C ASP N 472 -13.66 64.29 25.71
N GLY N 473 -12.71 64.01 26.59
CA GLY N 473 -13.04 63.75 27.99
C GLY N 473 -13.93 62.53 28.12
N ASN N 474 -14.99 62.66 28.91
CA ASN N 474 -15.90 61.56 29.15
C ASN N 474 -16.92 61.33 28.04
N TYR N 475 -16.85 62.11 26.95
CA TYR N 475 -17.67 61.80 25.79
C TYR N 475 -17.33 60.41 25.30
N GLY N 476 -18.36 59.62 25.06
CA GLY N 476 -18.15 58.24 24.67
C GLY N 476 -19.45 57.58 24.32
N TYR N 477 -19.41 56.25 24.26
CA TYR N 477 -20.48 55.45 23.68
C TYR N 477 -20.83 54.31 24.63
N ASN N 478 -21.97 54.43 25.30
CA ASN N 478 -22.55 53.32 26.03
C ASN N 478 -22.89 52.23 25.03
N ALA N 479 -22.19 51.10 25.12
CA ALA N 479 -22.41 49.99 24.22
C ALA N 479 -23.62 49.15 24.61
N ALA N 480 -24.15 49.32 25.82
CA ALA N 480 -25.40 48.67 26.18
C ALA N 480 -26.59 49.45 25.63
N THR N 481 -26.75 50.70 26.07
CA THR N 481 -27.75 51.57 25.47
C THR N 481 -27.31 52.10 24.12
N GLU N 482 -26.02 51.98 23.80
CA GLU N 482 -25.48 52.37 22.50
C GLU N 482 -25.73 53.85 22.23
N GLU N 483 -25.35 54.70 23.18
CA GLU N 483 -25.64 56.13 23.09
C GLU N 483 -24.39 56.94 23.42
N TYR N 484 -24.24 58.08 22.77
CA TYR N 484 -23.11 58.96 23.01
C TYR N 484 -23.43 59.97 24.09
N GLY N 485 -22.50 60.11 25.04
CA GLY N 485 -22.69 60.98 26.17
C GLY N 485 -21.56 60.83 27.16
N ASN N 486 -21.79 61.37 28.36
CA ASN N 486 -20.79 61.36 29.43
C ASN N 486 -20.90 60.06 30.21
N MET N 487 -19.90 59.18 30.06
CA MET N 487 -19.97 57.85 30.67
C MET N 487 -20.13 57.91 32.17
N ILE N 488 -19.62 58.95 32.82
CA ILE N 488 -19.81 59.09 34.26
C ILE N 488 -21.29 59.25 34.58
N ASP N 489 -22.03 59.95 33.73
CA ASP N 489 -23.44 60.19 33.99
C ASP N 489 -24.25 58.89 33.96
N MET N 490 -24.02 58.06 32.96
CA MET N 490 -24.70 56.77 32.90
C MET N 490 -23.99 55.69 33.70
N GLY N 491 -23.12 56.07 34.63
CA GLY N 491 -22.65 55.16 35.66
C GLY N 491 -21.64 54.14 35.22
N ILE N 492 -21.14 54.22 33.98
CA ILE N 492 -20.16 53.27 33.50
C ILE N 492 -18.81 53.75 34.03
N LEU N 493 -18.43 53.22 35.19
CA LEU N 493 -17.20 53.65 35.88
C LEU N 493 -16.22 52.47 35.87
N ASP N 494 -15.14 52.63 35.11
CA ASP N 494 -14.05 51.68 35.17
C ASP N 494 -12.93 52.24 36.05
N PRO N 495 -12.59 51.60 37.16
CA PRO N 495 -11.59 52.16 38.06
C PRO N 495 -10.23 52.31 37.39
N THR N 496 -9.49 53.33 37.84
CA THR N 496 -8.15 53.56 37.32
C THR N 496 -7.26 52.34 37.53
N LYS N 497 -7.33 51.73 38.72
CA LYS N 497 -6.48 50.59 39.03
C LYS N 497 -6.76 49.40 38.14
N VAL N 498 -8.03 49.19 37.76
CA VAL N 498 -8.38 48.01 36.96
C VAL N 498 -7.61 48.01 35.65
N THR N 499 -7.83 49.04 34.84
CA THR N 499 -7.15 49.15 33.56
C THR N 499 -5.64 49.32 33.75
N ARG N 500 -5.23 50.04 34.79
CA ARG N 500 -3.81 50.21 35.06
C ARG N 500 -3.12 48.87 35.24
N SER N 501 -3.67 48.02 36.11
CA SER N 501 -3.09 46.70 36.36
C SER N 501 -3.15 45.82 35.13
N ALA N 502 -4.30 45.84 34.43
CA ALA N 502 -4.43 45.01 33.23
C ALA N 502 -3.35 45.38 32.21
N LEU N 503 -3.20 46.67 31.94
CA LEU N 503 -2.20 47.13 30.98
C LEU N 503 -0.79 46.82 31.44
N GLN N 504 -0.51 47.03 32.73
CA GLN N 504 0.85 46.79 33.23
C GLN N 504 1.23 45.33 33.10
N TYR N 505 0.30 44.42 33.44
CA TYR N 505 0.62 43.01 33.32
C TYR N 505 0.68 42.57 31.87
N ALA N 506 -0.16 43.15 31.01
CA ALA N 506 -0.05 42.86 29.58
C ALA N 506 1.31 43.29 29.04
N ALA N 507 1.77 44.48 29.45
CA ALA N 507 3.10 44.93 29.05
C ALA N 507 4.18 44.01 29.58
N SER N 508 4.05 43.57 30.83
CA SER N 508 5.03 42.67 31.41
C SER N 508 5.14 41.38 30.61
N VAL N 509 4.00 40.75 30.33
CA VAL N 509 4.03 39.48 29.61
C VAL N 509 4.52 39.67 28.19
N ALA N 510 4.10 40.75 27.53
CA ALA N 510 4.55 40.99 26.16
C ALA N 510 6.05 41.19 26.11
N GLY N 511 6.61 42.01 27.01
CA GLY N 511 8.04 42.24 27.01
C GLY N 511 8.82 40.98 27.35
N LEU N 512 8.34 40.22 28.32
CA LEU N 512 9.05 38.99 28.71
C LEU N 512 9.10 38.01 27.55
N MET N 513 7.99 37.85 26.83
CA MET N 513 7.97 36.92 25.71
C MET N 513 8.73 37.47 24.52
N ILE N 514 8.77 38.79 24.37
CA ILE N 514 9.57 39.41 23.31
C ILE N 514 11.05 39.11 23.53
N THR N 515 11.47 39.02 24.79
CA THR N 515 12.86 38.73 25.11
C THR N 515 13.15 37.24 25.23
N THR N 516 12.14 36.40 25.01
CA THR N 516 12.31 34.95 25.09
C THR N 516 12.92 34.45 23.78
N GLU N 517 13.95 33.61 23.87
CA GLU N 517 14.63 33.10 22.69
C GLU N 517 14.63 31.59 22.57
N CYS N 518 14.31 30.87 23.65
CA CYS N 518 14.29 29.42 23.62
C CYS N 518 13.37 28.92 24.72
N MET N 519 12.96 27.65 24.60
CA MET N 519 12.11 27.03 25.61
C MET N 519 12.27 25.53 25.53
N VAL N 520 11.88 24.86 26.62
CA VAL N 520 11.93 23.41 26.74
C VAL N 520 10.56 22.94 27.24
N THR N 521 10.03 21.90 26.59
CA THR N 521 8.78 21.28 26.98
C THR N 521 8.94 19.78 26.87
N ASP N 522 7.90 19.03 27.26
CA ASP N 522 7.95 17.59 27.12
C ASP N 522 7.60 17.18 25.68
N LEU N 523 8.00 15.96 25.33
CA LEU N 523 7.74 15.47 23.98
C LEU N 523 6.27 15.09 23.84
N PRO N 524 5.67 15.21 22.64
CA PRO N 524 4.25 14.86 22.42
C PRO N 524 4.02 13.36 22.25
N LYS N 525 4.11 12.63 23.36
CA LYS N 525 3.90 11.19 23.31
C LYS N 525 3.01 10.72 24.46
PG ATP O . 50.79 3.29 -17.63
O1G ATP O . 50.80 1.87 -18.06
O2G ATP O . 50.79 4.29 -18.79
O3G ATP O . 49.66 3.64 -16.68
PB ATP O . 53.47 2.95 -16.32
O1B ATP O . 54.60 3.22 -17.22
O2B ATP O . 53.66 3.36 -14.86
O3B ATP O . 52.13 3.65 -16.83
PA ATP O . 53.38 0.12 -17.19
O1A ATP O . 52.16 -0.63 -17.53
O2A ATP O . 54.21 0.57 -18.37
O3A ATP O . 53.05 1.42 -16.32
O5' ATP O . 54.31 -0.73 -16.24
C5' ATP O . 55.73 -0.50 -16.19
C4' ATP O . 56.01 0.61 -15.21
O4' ATP O . 56.67 0.07 -14.04
C3' ATP O . 56.95 1.70 -15.71
O3' ATP O . 56.74 2.93 -15.02
C2' ATP O . 58.32 1.10 -15.41
O2' ATP O . 59.31 2.11 -15.19
C1' ATP O . 58.06 0.31 -14.12
N9 ATP O . 58.75 -0.98 -14.08
C8 ATP O . 58.63 -2.01 -14.96
N7 ATP O . 59.36 -3.06 -14.68
C5 ATP O . 60.02 -2.69 -13.51
C6 ATP O . 60.95 -3.35 -12.70
N6 ATP O . 61.41 -4.59 -12.94
N1 ATP O . 61.41 -2.70 -11.60
C2 ATP O . 60.97 -1.46 -11.36
N3 ATP O . 60.09 -0.74 -12.06
C4 ATP O . 59.66 -1.40 -13.13
MG MG P . 52.71 1.99 -18.30
K K Q . 50.29 0.53 -15.68
PG ATP R . 33.19 40.81 -11.96
O1G ATP R . 34.35 39.89 -12.16
O2G ATP R . 32.69 41.46 -13.25
O3G ATP R . 32.01 40.16 -11.24
PB ATP R . 34.89 42.64 -10.30
O1B ATP R . 35.57 43.64 -11.15
O2B ATP R . 34.43 43.14 -8.94
O3B ATP R . 33.61 42.04 -11.03
PA ATP R . 37.11 40.71 -10.67
O1A ATP R . 36.94 39.28 -10.98
O2A ATP R . 37.52 41.58 -11.85
O3A ATP R . 35.77 41.34 -10.06
O5' ATP R . 38.16 40.92 -9.51
C5' ATP R . 38.87 42.16 -9.36
C4' ATP R . 38.02 43.11 -8.54
O4' ATP R . 38.63 43.30 -7.25
C3' ATP R . 37.88 44.51 -9.12
O3' ATP R . 36.68 45.14 -8.66
C2' ATP R . 39.13 45.21 -8.57
O2' ATP R . 38.92 46.62 -8.43
C1' ATP R . 39.30 44.55 -7.20
N9 ATP R . 40.69 44.30 -6.84
C8 ATP R . 41.61 43.57 -7.54
N7 ATP R . 42.79 43.53 -6.98
C5 ATP R . 42.65 44.28 -5.83
C6 ATP R . 43.54 44.63 -4.79
N6 ATP R . 44.81 44.23 -4.75
N1 ATP R . 43.06 45.40 -3.79
C2 ATP R . 41.80 45.79 -3.83
N3 ATP R . 40.86 45.54 -4.74
C4 ATP R . 41.35 44.77 -5.73
MG MG S . 35.52 41.43 -12.18
K K T . 34.49 38.72 -9.62
PG ATP U . -7.25 51.33 -14.94
O1G ATP U . -5.79 51.64 -14.84
O2G ATP U . -7.79 51.33 -16.36
O3G ATP U . -7.65 50.02 -14.25
PB ATP U . -7.90 53.85 -13.45
O1B ATP U . -8.05 54.98 -14.39
O2B ATP U . -8.83 53.86 -12.24
O3B ATP U . -8.10 52.45 -14.19
PA ATP U . -4.99 54.34 -13.24
O1A ATP U . -3.95 53.29 -13.36
O2A ATP U . -5.15 55.21 -14.48
O3A ATP U . -6.41 53.72 -12.91
O5' ATP U . -4.70 55.28 -12.01
C5' ATP U . -5.22 56.62 -11.95
C4' ATP U . -6.64 56.57 -11.44
O4' ATP U . -6.69 57.18 -10.13
C3' ATP U . -7.65 57.35 -12.26
O3' ATP U . -8.97 56.83 -12.06
C2' ATP U . -7.52 58.77 -11.71
O2' ATP U . -8.72 59.50 -11.83
C1' ATP U . -7.18 58.51 -10.23
N9 ATP U . -6.17 59.42 -9.69
C8 ATP U . -4.89 59.60 -10.16
N7 ATP U . -4.20 60.48 -9.48
C5 ATP U . -5.08 60.91 -8.51
C6 ATP U . -4.96 61.85 -7.46
N6 ATP U . -3.85 62.55 -7.22
N1 ATP U . -6.03 62.04 -6.66
C2 ATP U . -7.15 61.34 -6.89
N3 ATP U . -7.38 60.43 -7.84
C4 ATP U . -6.30 60.26 -8.63
MG MG V . -6.20 53.53 -15.00
K K W . -5.28 51.05 -12.16
PG ATP X . -39.86 26.90 -24.32
O1G ATP X . -39.20 28.21 -24.07
O2G ATP X . -39.82 26.47 -25.79
O3G ATP X . -39.32 25.77 -23.45
PB ATP X . -42.48 28.02 -23.40
O1B ATP X . -43.27 28.61 -24.49
O2B ATP X . -43.30 27.29 -22.33
O3B ATP X . -41.41 26.98 -23.96
PA ATP X . -41.08 30.58 -22.92
O1A ATP X . -39.62 30.72 -22.69
O2A ATP X . -41.56 30.97 -24.32
O3A ATP X . -41.56 29.08 -22.66
O5' ATP X . -41.91 31.41 -21.87
C5' ATP X . -43.25 31.86 -22.16
C4' ATP X . -44.21 30.76 -21.79
O4' ATP X . -44.95 31.14 -20.61
C3' ATP X . -45.28 30.46 -22.84
O3' ATP X . -45.76 29.13 -22.71
C2' ATP X . -46.35 31.50 -22.51
O2' ATP X . -47.66 31.05 -22.88
C1' ATP X . -46.24 31.61 -20.98
N9 ATP X . -46.40 32.97 -20.47
C8 ATP X . -45.63 34.06 -20.79
N7 ATP X . -45.99 35.16 -20.20
C5 ATP X . -47.09 34.77 -19.43
C6 ATP X . -47.92 35.49 -18.55
N6 ATP X . -47.80 36.79 -18.29
N1 ATP X . -48.92 34.80 -17.94
C2 ATP X . -49.05 33.49 -18.20
N3 ATP X . -48.31 32.72 -19.00
C4 ATP X . -47.34 33.42 -19.59
MG MG Y . -40.83 29.08 -24.65
K K Z . -39.02 28.28 -21.30
PG ATP AA . -40.16 -14.03 -33.01
O1G ATP AA . -40.77 -12.67 -32.91
O2G ATP AA . -39.54 -14.31 -34.38
O3G ATP AA . -39.13 -14.34 -31.92
PB ATP AA . -42.84 -15.30 -32.61
O1B ATP AA . -43.56 -15.55 -33.87
O2B ATP AA . -43.04 -16.35 -31.53
O3B ATP AA . -41.27 -15.16 -32.84
PA ATP AA . -43.96 -12.57 -32.44
O1A ATP AA . -43.19 -11.35 -32.10
O2A ATP AA . -44.28 -12.73 -33.93
O3A ATP AA . -43.21 -13.89 -31.97
O5' ATP AA . -45.33 -12.62 -31.64
C5' ATP AA . -46.45 -13.37 -32.13
C4' ATP AA . -46.30 -14.81 -31.71
O4' ATP AA . -47.27 -15.12 -30.70
C3' ATP AA . -46.53 -15.83 -32.80
O3' ATP AA . -45.87 -17.06 -32.52
C2' ATP AA . -48.05 -16.00 -32.78
O2' ATP AA . -48.45 -17.29 -33.20
C1' ATP AA . -48.37 -15.80 -31.28
N9 ATP AA . -49.57 -15.01 -31.04
C8 ATP AA . -49.85 -13.76 -31.54
N7 ATP AA . -51.00 -13.27 -31.16
C5 ATP AA . -51.53 -14.27 -30.35
C6 ATP AA . -52.73 -14.38 -29.64
N6 ATP AA . -53.67 -13.43 -29.62
N1 ATP AA . -52.95 -15.51 -28.93
C2 ATP AA . -52.01 -16.46 -28.95
N3 ATP AA . -50.84 -16.48 -29.58
C4 ATP AA . -50.65 -15.35 -30.27
MG MG BA . -42.33 -13.37 -33.82
K K CA . -41.30 -12.34 -30.19
PG ATP DA . -7.95 -40.62 -34.50
O1G ATP DA . -9.38 -40.21 -34.73
O2G ATP DA . -7.04 -40.38 -35.70
O3G ATP DA . -7.33 -39.98 -33.26
PB ATP DA . -8.78 -43.48 -34.19
O1B ATP DA . -8.77 -44.20 -35.47
O2B ATP DA . -8.36 -44.30 -32.98
O3B ATP DA . -7.85 -42.19 -34.23
PA ATP DA . -11.57 -42.59 -34.63
O1A ATP DA . -12.04 -41.19 -34.46
O2A ATP DA . -11.35 -43.00 -36.09
O3A ATP DA . -10.20 -42.85 -33.86
O5' ATP DA . -12.57 -43.61 -33.97
C5' ATP DA . -12.66 -44.97 -34.43
C4' ATP DA . -11.56 -45.78 -33.77
O4' ATP DA . -12.15 -46.73 -32.86
C3' ATP DA . -10.72 -46.62 -34.71
O3' ATP DA . -9.44 -46.88 -34.15
C2' ATP DA . -11.55 -47.88 -34.85
O2' ATP DA . -10.74 -49.03 -35.12
C1' ATP DA . -12.20 -48.01 -33.47
N9 ATP DA . -13.61 -48.43 -33.51
C8 ATP DA . -14.63 -47.82 -34.21
N7 ATP DA . -15.78 -48.42 -34.07
C5 ATP DA . -15.50 -49.50 -33.23
C6 ATP DA . -16.31 -50.52 -32.69
N6 ATP DA . -17.62 -50.63 -32.94
N1 ATP DA . -15.72 -51.43 -31.89
C2 ATP DA . -14.42 -51.32 -31.65
N3 ATP DA . -13.55 -50.40 -32.09
C4 ATP DA . -14.16 -49.51 -32.88
MG MG EA . -9.64 -41.90 -35.66
K K FA . -10.50 -40.29 -32.18
PG ATP GA . 32.51 -32.89 -27.60
O1G ATP GA . 31.37 -33.73 -28.05
O2G ATP GA . 33.14 -32.06 -28.73
O3G ATP GA . 32.18 -31.97 -26.43
PB ATP GA . 34.08 -35.34 -26.89
O1B ATP GA . 34.90 -35.84 -28.01
O2B ATP GA . 34.69 -35.49 -25.50
O3B ATP GA . 33.70 -33.81 -27.08
PA ATP GA . 31.75 -36.94 -27.81
O1A ATP GA . 30.37 -36.44 -27.91
O2A ATP GA . 32.50 -37.04 -29.14
O3A ATP GA . 32.63 -36.02 -26.85
O5' ATP GA . 31.81 -38.35 -27.11
C5' ATP GA . 32.89 -39.27 -27.34
C4' ATP GA . 34.02 -38.93 -26.40
O4' ATP GA . 34.14 -39.97 -25.41
C3' ATP GA . 35.39 -38.84 -27.04
O3' ATP GA . 36.26 -38.01 -26.26
C2' ATP GA . 35.85 -40.31 -27.03
O2' ATP GA . 37.27 -40.42 -26.97
C1' ATP GA . 35.21 -40.84 -25.74
N9 ATP GA . 34.68 -42.18 -25.87
C8 ATP GA . 33.73 -42.63 -26.76
N7 ATP GA . 33.45 -43.90 -26.66
C5 ATP GA . 34.25 -44.33 -25.61
C6 ATP GA . 34.43 -45.59 -25.00
N6 ATP GA . 33.75 -46.69 -25.37
N1 ATP GA . 35.31 -45.68 -23.99
C2 ATP GA . 35.99 -44.58 -23.62
N3 ATP GA . 35.90 -43.35 -24.12
C4 ATP GA . 35.03 -43.29 -25.12
MG MG HA . 32.63 -35.04 -28.70
K K IA . 30.36 -34.70 -25.64
PB ADP JA . 26.35 31.96 35.50
O1B ADP JA . 27.16 30.95 34.72
O2B ADP JA . 27.15 33.14 35.98
O3B ADP JA . 25.42 31.36 36.53
PA ADP JA . 24.43 33.80 34.71
O1A ADP JA . 23.09 33.63 34.04
O2A ADP JA . 24.52 34.07 36.20
O3A ADP JA . 25.37 32.56 34.38
O5' ADP JA . 25.24 34.97 33.98
C5' ADP JA . 25.66 36.10 34.74
C4' ADP JA . 27.09 36.41 34.33
O4' ADP JA . 27.17 37.74 33.85
C3' ADP JA . 28.05 36.28 35.50
O3' ADP JA . 28.90 35.15 35.31
C2' ADP JA . 28.86 37.57 35.51
O2' ADP JA . 30.24 37.28 35.32
C1' ADP JA . 28.33 38.39 34.34
N9 ADP JA . 27.96 39.75 34.78
C8 ADP JA . 27.32 40.07 35.92
N7 ADP JA . 27.12 41.41 36.01
C5 ADP JA . 27.65 41.97 34.91
C6 ADP JA . 27.80 43.34 34.36
N6 ADP JA . 27.33 44.42 35.04
N1 ADP JA . 28.43 43.49 33.18
C2 ADP JA . 28.91 42.44 32.49
N3 ADP JA . 28.80 41.17 32.92
C4 ADP JA . 28.21 40.87 34.10
MG MG KA . 26.02 33.71 37.53
K K LA . 22.42 36.25 34.94
PB ADP MA . 45.23 -5.43 30.11
O1B ADP MA . 44.82 -6.56 29.22
O2B ADP MA . 46.72 -5.38 30.39
O3B ADP MA . 44.37 -5.23 31.33
PA ADP MA . 45.42 -2.69 29.69
O1A ADP MA . 44.37 -1.67 29.31
O2A ADP MA . 45.90 -2.80 31.11
O3A ADP MA . 44.94 -4.14 29.20
O5' ADP MA . 46.70 -2.50 28.77
C5' ADP MA . 47.94 -2.18 29.39
C4' ADP MA . 49.02 -3.04 28.74
O4' ADP MA . 50.05 -2.20 28.23
C3' ADP MA . 49.63 -4.00 29.72
O3' ADP MA . 49.29 -5.35 29.38
C2' ADP MA . 51.13 -3.79 29.63
O2' ADP MA . 51.77 -5.00 29.21
C1' ADP MA . 51.34 -2.70 28.59
N9 ADP MA . 52.12 -1.59 29.15
C8 ADP MA . 52.02 -1.10 30.42
N7 ADP MA . 52.89 -0.08 30.61
C5 ADP MA . 53.56 0.12 29.45
C6 ADP MA . 54.60 1.04 28.97
N6 ADP MA . 55.13 1.98 29.78
N1 ADP MA . 55.03 0.90 27.70
C2 ADP MA . 54.51 -0.04 26.88
N3 ADP MA . 53.56 -0.91 27.25
C4 ADP MA . 53.05 -0.88 28.51
MG MG NA . 46.55 -4.41 32.14
K K OA . 45.99 0.36 30.43
PB ADP PA . 27.70 -42.64 20.05
O1B ADP PA . 26.49 -42.92 19.20
O2B ADP PA . 28.75 -43.73 20.02
O3B ADP PA . 27.40 -42.08 21.42
PA ADP PA . 29.84 -40.89 19.73
O1A ADP PA . 29.90 -39.39 19.60
O2A ADP PA . 30.20 -41.57 21.02
O3A ADP PA . 28.40 -41.41 19.28
O5' ADP PA . 30.74 -41.56 18.58
C5' ADP PA . 31.83 -42.37 18.95
C4' ADP PA . 31.82 -43.59 18.05
O4' ADP PA . 33.09 -43.71 17.41
C3' ADP PA . 31.58 -44.87 18.83
O3' ADP PA . 30.30 -45.40 18.49
C2' ADP PA . 32.68 -45.83 18.42
O2' ADP PA . 32.11 -46.99 17.82
C1' ADP PA . 33.52 -45.07 17.41
N9 ADP PA . 34.96 -45.10 17.78
C8 ADP PA . 35.46 -44.97 19.03
N7 ADP PA . 36.81 -45.03 19.02
C5 ADP PA . 37.20 -45.21 17.75
C6 ADP PA . 38.49 -45.35 17.04
N6 ADP PA . 39.66 -45.33 17.71
N1 ADP PA . 38.45 -45.53 15.69
C2 ADP PA . 37.29 -45.55 15.02
N3 ADP PA . 36.08 -45.42 15.60
C4 ADP PA . 35.97 -45.26 16.94
MG MG QA . 29.71 -43.40 21.74
K K RA . 32.64 -39.51 20.30
PB ADP SA . -13.02 -51.46 12.87
O1B ADP SA . -14.09 -50.59 12.29
O2B ADP SA . -13.23 -52.94 12.65
O3B ADP SA . -12.59 -51.09 14.27
PA ADP SA . -10.38 -51.93 12.13
O1A ADP SA . -9.21 -50.98 12.02
O2A ADP SA . -10.53 -52.85 13.31
O3A ADP SA . -11.75 -51.11 11.96
O5' ADP SA . -10.46 -52.84 10.82
C5' ADP SA . -10.40 -54.25 10.97
C4' ADP SA . -11.47 -54.85 10.06
O4' ADP SA . -10.86 -55.76 9.16
C3' ADP SA . -12.52 -55.59 10.85
O3' ADP SA . -13.76 -54.91 10.78
C2' ADP SA . -12.63 -56.97 10.19
O2' ADP SA . -13.95 -57.15 9.68
C1' ADP SA . -11.62 -56.96 9.06
N9 ADP SA . -10.70 -58.10 9.16
C8 ADP SA . -10.17 -58.59 10.29
N7 ADP SA . -9.36 -59.65 10.04
C5 ADP SA . -9.37 -59.85 8.70
C6 ADP SA . -8.73 -60.79 7.76
N6 ADP SA . -7.90 -61.77 8.20
N1 ADP SA . -9.00 -60.65 6.44
C2 ADP SA . -9.82 -59.69 5.98
N3 ADP SA . -10.44 -58.80 6.79
C4 ADP SA . -10.25 -58.83 8.13
MG MG TA . -12.14 -53.73 14.13
K K UA . -7.47 -53.20 12.25
PB ADP VA . -46.34 -25.37 14.12
O1B ADP VA . -46.44 -23.91 13.76
O2B ADP VA . -47.61 -26.14 13.89
O3B ADP VA . -45.66 -25.64 15.44
PA ADP VA . -45.07 -27.51 12.90
O1A ADP VA . -43.61 -27.76 12.56
O2A ADP VA . -45.72 -28.18 14.06
O3A ADP VA . -45.32 -25.92 13.02
O5' ADP VA . -45.96 -27.81 11.60
C5' ADP VA . -46.98 -28.79 11.69
C4' ADP VA . -48.21 -28.26 10.98
O4' ADP VA . -48.61 -29.18 9.97
C3' ADP VA . -49.37 -28.08 11.93
O3' ADP VA . -49.64 -26.69 12.12
C2' ADP VA . -50.56 -28.77 11.28
O2' ADP VA . -51.60 -27.83 11.03
C1' ADP VA . -50.02 -29.32 9.97
N9 ADP VA . -50.34 -30.77 9.83
C8 ADP VA . -50.28 -31.68 10.81
N7 ADP VA . -50.63 -32.91 10.35
C5 ADP VA . -50.91 -32.78 9.05
C6 ADP VA . -51.35 -33.69 7.95
N6 ADP VA . -51.55 -35.00 8.18
N1 ADP VA . -51.54 -33.15 6.72
C2 ADP VA . -51.35 -31.84 6.49
N3 ADP VA . -50.95 -30.97 7.43
C4 ADP VA . -50.73 -31.37 8.70
MG MG WA . -47.37 -27.72 15.13
K K XA . -44.26 -30.52 12.34
PB ADP YA . -47.09 16.02 22.81
O1B ADP YA . -46.01 17.05 22.58
O2B ADP YA . -48.48 16.58 22.77
O3B ADP YA . -46.81 15.07 23.95
PA ADP YA . -48.09 13.98 21.21
O1A ADP YA . -47.43 12.78 20.59
O2A ADP YA . -48.95 13.85 22.44
O3A ADP YA . -46.98 15.11 21.50
O5' ADP YA . -48.95 14.74 20.12
C5' ADP YA . -50.36 14.82 20.28
C4' ADP YA . -50.79 16.23 19.93
O4' ADP YA . -51.86 16.17 18.98
C3' ADP YA . -51.30 16.99 21.14
O3' ADP YA . -50.39 18.04 21.46
C2' ADP YA . -52.65 17.54 20.76
O2' ADP YA . -52.62 18.98 20.82
C1' ADP YA . -52.89 17.10 19.32
N9 ADP YA . -54.18 16.39 19.20
C8 ADP YA . -54.72 15.54 20.11
N7 ADP YA . -55.92 15.07 19.70
C5 ADP YA . -56.17 15.62 18.49
C6 ADP YA . -57.26 15.54 17.49
N6 ADP YA . -58.36 14.78 17.71
N1 ADP YA . -57.13 16.28 16.37
C2 ADP YA . -56.06 17.06 16.14
N3 ADP YA . -55.03 17.17 17.00
C4 ADP YA . -55.03 16.49 18.18
MG MG ZA . -49.20 15.12 23.97
K K AB . -49.95 11.54 20.37
PB ADP BB . -14.71 41.50 32.34
O1B ADP BB . -13.28 41.43 31.89
O2B ADP BB . -15.20 42.89 32.63
O3B ADP BB . -15.10 40.46 33.37
PA ADP BB . -17.11 41.18 30.98
O1A ADP BB . -17.68 40.01 30.21
O2A ADP BB . -17.59 41.51 32.36
O3A ADP BB . -15.51 41.06 31.02
O5' ADP BB . -17.24 42.51 30.11
C5' ADP BB . -18.01 43.60 30.61
C4' ADP BB . -17.25 44.88 30.35
O4' ADP BB . -18.08 45.78 29.64
C3' ADP BB . -16.82 45.55 31.64
O3' ADP BB . -15.40 45.49 31.77
C2' ADP BB . -17.29 46.99 31.53
O2' ADP BB . -16.16 47.87 31.58
C1' ADP BB . -17.97 47.10 30.18
N9 ADP BB . -19.34 47.65 30.32
C8 ADP BB . -20.19 47.37 31.32
N7 ADP BB . -21.37 48.03 31.15
C5 ADP BB . -21.26 48.75 30.02
C6 ADP BB . -22.12 49.67 29.26
N6 ADP BB . -23.38 49.98 29.69
N1 ADP BB . -21.63 50.21 28.12
C2 ADP BB . -20.40 49.93 27.68
N3 ADP BB . -19.55 49.10 28.33
C4 ADP BB . -19.92 48.50 29.48
MG MG CB . -16.69 42.44 33.91
K K DB . -20.25 41.17 30.52
#